data_6UOV
#
_entry.id   6UOV
#
_cell.length_a   1.00
_cell.length_b   1.00
_cell.length_c   1.00
_cell.angle_alpha   90.00
_cell.angle_beta   90.00
_cell.angle_gamma   90.00
#
_symmetry.space_group_name_H-M   'P 1'
#
loop_
_entity.id
_entity.type
_entity.pdbx_description
1 polymer 'Lipoprotein PrgK'
2 polymer 'Protein PrgH'
#
loop_
_entity_poly.entity_id
_entity_poly.type
_entity_poly.pdbx_seq_one_letter_code
_entity_poly.pdbx_strand_id
1 'polypeptide(L)'
;MIRRYLYTFLLVMTLAGCKDKDLLKGLDQEQANEVIAVLQMHNIEANKIDSGKLGYSITVAEPDFTAAVYWIKTYQLPPR
PRVEIAQMFPADSLVSSPRAEKARLYSAIEQRLEQSLQTMEGVLSARVHISYDIDAGENGRPPKPVHLSALAVYERGSPL
AHQISDIKRFLKNSFADVDYDNISVVLSERSDAQLQAPGTPVKRNSFATSWIVLIILLSVMSAGFGVWYYKNHYARNKKG
ITADDKAKSSNE
;
A,C,E,G,I,K,M,O,Q,S,U,W,Y,a,c,e,g,i,k,m,o,q,s
2 'polypeptide(L)'
;METSKEKTITSPGPYIVRLLNSSLNGCEFPLLTGRTLFVVGQSDALTASGQLPDIPADSFFIPLDHGGVNFEIQVDTDAT
EIILHELKEGNSESRSVQLNTPIQVGELLILIRPESEPWVPEQPEKLETSAKKNEPRFKNGIVAALAGFFILGIGTVGTL
WILNSPQRQAAELDSLLGQEKERFQVLPGRDKMLYVAAQNERDTLWARQVLARGDYDKNARVINENEENKRISIWLDTYY
PQLAYYRIHFDEPRKPVFWLSRQRNTMSKKELEVLSQKLRALMPYADSVNITLMDDVTAAGQAEAGLKQQALPYSRRNHK
GGVTFVIQGALDDVEILRARQFVDSYYRTWGGRYVQFAIELKDDWLKGRSFQYGAEGYIKMSPGHWYFPSPL
;
B,D,F,H,J,L,N,P,R,T,V,X,Z,b,d,f,h,j,l,n,p,r,t
#
# COMPACT_ATOMS: atom_id res chain seq x y z
N ASP A 20 -20.76 -55.98 -52.77
CA ASP A 20 -22.19 -55.79 -52.93
C ASP A 20 -22.78 -55.29 -51.63
N LYS A 21 -22.58 -56.03 -50.54
CA LYS A 21 -23.10 -55.66 -49.24
C LYS A 21 -22.10 -54.79 -48.49
N ASP A 22 -22.59 -53.71 -47.92
CA ASP A 22 -21.74 -52.76 -47.20
C ASP A 22 -21.26 -53.34 -45.89
N LEU A 23 -19.99 -53.13 -45.59
CA LEU A 23 -19.38 -53.73 -44.42
C LEU A 23 -18.67 -52.75 -43.52
N LEU A 24 -17.98 -51.76 -44.09
CA LEU A 24 -17.36 -50.70 -43.31
C LEU A 24 -17.46 -49.41 -44.11
N LYS A 25 -17.71 -48.31 -43.41
CA LYS A 25 -17.81 -47.00 -44.04
C LYS A 25 -16.97 -46.01 -43.25
N GLY A 26 -16.58 -44.93 -43.93
CA GLY A 26 -15.93 -43.83 -43.25
C GLY A 26 -14.54 -44.11 -42.77
N LEU A 27 -13.87 -45.15 -43.28
CA LEU A 27 -12.51 -45.42 -42.89
C LEU A 27 -11.56 -44.41 -43.50
N ASP A 28 -10.48 -44.11 -42.80
CA ASP A 28 -9.42 -43.39 -43.45
C ASP A 28 -8.51 -44.39 -44.16
N GLN A 29 -7.35 -43.92 -44.62
CA GLN A 29 -6.59 -44.64 -45.64
C GLN A 29 -5.89 -45.87 -45.09
N GLU A 30 -5.03 -45.68 -44.10
CA GLU A 30 -4.25 -46.78 -43.55
C GLU A 30 -5.08 -47.76 -42.74
N GLN A 31 -6.29 -47.39 -42.31
CA GLN A 31 -7.20 -48.39 -41.77
C GLN A 31 -7.84 -49.23 -42.86
N ALA A 32 -8.15 -48.63 -44.01
CA ALA A 32 -8.83 -49.37 -45.06
C ALA A 32 -7.89 -50.33 -45.77
N ASN A 33 -6.61 -49.99 -45.87
CA ASN A 33 -5.66 -50.88 -46.52
C ASN A 33 -5.30 -52.06 -45.64
N GLU A 34 -5.53 -51.94 -44.33
CA GLU A 34 -5.21 -53.04 -43.43
C GLU A 34 -6.33 -54.07 -43.43
N VAL A 35 -7.58 -53.62 -43.54
CA VAL A 35 -8.73 -54.53 -43.48
C VAL A 35 -8.73 -55.46 -44.68
N ILE A 36 -8.50 -54.91 -45.88
CA ILE A 36 -8.45 -55.72 -47.09
C ILE A 36 -7.29 -56.70 -47.05
N ALA A 37 -6.20 -56.33 -46.38
CA ALA A 37 -5.08 -57.24 -46.20
C ALA A 37 -5.46 -58.40 -45.32
N VAL A 38 -6.33 -58.17 -44.35
CA VAL A 38 -6.80 -59.27 -43.51
C VAL A 38 -7.80 -60.11 -44.27
N LEU A 39 -8.68 -59.47 -45.03
CA LEU A 39 -9.76 -60.19 -45.69
C LEU A 39 -9.25 -61.07 -46.83
N GLN A 40 -8.38 -60.52 -47.68
CA GLN A 40 -7.82 -61.34 -48.76
C GLN A 40 -6.86 -62.39 -48.26
N MET A 41 -6.40 -62.29 -47.02
CA MET A 41 -5.71 -63.43 -46.42
C MET A 41 -6.67 -64.60 -46.25
N HIS A 42 -7.92 -64.31 -45.87
CA HIS A 42 -8.90 -65.33 -45.59
C HIS A 42 -9.86 -65.52 -46.76
N ASN A 43 -9.35 -65.33 -47.97
CA ASN A 43 -9.94 -65.81 -49.23
C ASN A 43 -11.28 -65.15 -49.53
N ILE A 44 -11.50 -63.90 -49.14
CA ILE A 44 -12.68 -63.19 -49.62
C ILE A 44 -12.22 -61.86 -50.19
N GLU A 45 -12.70 -61.51 -51.37
CA GLU A 45 -12.24 -60.27 -51.99
C GLU A 45 -13.05 -59.09 -51.46
N ALA A 46 -12.41 -57.93 -51.42
CA ALA A 46 -13.06 -56.71 -51.02
C ALA A 46 -12.88 -55.66 -52.11
N ASN A 47 -13.53 -54.52 -51.93
CA ASN A 47 -13.49 -53.44 -52.91
C ASN A 47 -13.36 -52.13 -52.16
N LYS A 48 -12.17 -51.53 -52.16
CA LYS A 48 -12.00 -50.26 -51.48
C LYS A 48 -12.68 -49.16 -52.28
N ILE A 49 -13.92 -48.86 -51.94
CA ILE A 49 -14.68 -47.83 -52.61
C ILE A 49 -14.46 -46.52 -51.86
N ASP A 50 -13.79 -45.57 -52.50
CA ASP A 50 -13.68 -44.25 -51.91
C ASP A 50 -15.02 -43.53 -52.00
N SER A 51 -15.37 -42.81 -50.94
CA SER A 51 -16.57 -42.00 -50.92
C SER A 51 -16.22 -40.52 -50.74
N GLY A 52 -15.11 -40.09 -51.32
CA GLY A 52 -14.73 -38.70 -51.23
C GLY A 52 -14.15 -38.28 -49.89
N LYS A 53 -14.70 -37.20 -49.34
CA LYS A 53 -14.29 -36.66 -48.05
C LYS A 53 -14.94 -37.41 -46.88
N LEU A 54 -15.90 -38.29 -47.17
CA LEU A 54 -16.51 -39.14 -46.16
C LEU A 54 -15.74 -40.44 -45.95
N GLY A 55 -14.46 -40.49 -46.30
CA GLY A 55 -13.66 -41.67 -46.09
C GLY A 55 -13.95 -42.77 -47.07
N TYR A 56 -13.13 -43.82 -46.98
CA TYR A 56 -13.27 -44.99 -47.84
C TYR A 56 -14.45 -45.86 -47.41
N SER A 57 -14.67 -46.94 -48.14
CA SER A 57 -15.72 -47.89 -47.81
C SER A 57 -15.32 -49.24 -48.38
N ILE A 58 -15.65 -50.29 -47.65
CA ILE A 58 -15.28 -51.65 -48.04
C ILE A 58 -16.56 -52.45 -48.19
N THR A 59 -16.76 -53.02 -49.37
CA THR A 59 -17.94 -53.82 -49.64
C THR A 59 -17.51 -55.21 -50.07
N VAL A 60 -18.14 -56.23 -49.53
CA VAL A 60 -17.89 -57.60 -49.91
C VAL A 60 -19.12 -58.16 -50.61
N ALA A 61 -18.96 -59.32 -51.23
CA ALA A 61 -20.08 -59.94 -51.90
C ALA A 61 -21.00 -60.59 -50.88
N GLU A 62 -22.21 -60.90 -51.33
CA GLU A 62 -23.26 -61.41 -50.45
C GLU A 62 -22.98 -62.78 -49.85
N PRO A 63 -22.43 -63.80 -50.54
CA PRO A 63 -22.13 -65.05 -49.83
C PRO A 63 -20.97 -64.93 -48.85
N ASP A 64 -20.11 -63.93 -48.98
CA ASP A 64 -19.02 -63.75 -48.04
C ASP A 64 -19.24 -62.64 -47.03
N PHE A 65 -20.41 -62.01 -46.99
CA PHE A 65 -20.65 -61.06 -45.92
C PHE A 65 -20.73 -61.75 -44.58
N THR A 66 -21.15 -63.03 -44.58
CA THR A 66 -21.17 -63.80 -43.36
C THR A 66 -19.77 -64.04 -42.82
N ALA A 67 -18.89 -64.53 -43.68
CA ALA A 67 -17.55 -64.87 -43.24
C ALA A 67 -16.71 -63.64 -42.96
N ALA A 68 -16.93 -62.55 -43.67
CA ALA A 68 -16.09 -61.38 -43.50
C ALA A 68 -16.39 -60.66 -42.20
N VAL A 69 -17.64 -60.67 -41.75
CA VAL A 69 -17.96 -60.01 -40.49
C VAL A 69 -17.50 -60.83 -39.31
N TYR A 70 -17.16 -62.10 -39.52
CA TYR A 70 -16.44 -62.83 -38.48
C TYR A 70 -15.02 -62.32 -38.35
N TRP A 71 -14.32 -62.11 -39.46
CA TRP A 71 -12.94 -61.68 -39.35
C TRP A 71 -12.80 -60.21 -39.01
N ILE A 72 -13.88 -59.43 -39.09
CA ILE A 72 -13.84 -58.11 -38.49
C ILE A 72 -13.84 -58.25 -36.98
N LYS A 73 -14.50 -59.27 -36.46
CA LYS A 73 -14.62 -59.40 -35.01
C LYS A 73 -13.33 -59.89 -34.39
N THR A 74 -12.73 -60.94 -34.96
CA THR A 74 -11.57 -61.56 -34.32
C THR A 74 -10.35 -60.67 -34.38
N TYR A 75 -10.12 -60.01 -35.49
CA TYR A 75 -8.99 -59.11 -35.61
C TYR A 75 -9.26 -57.74 -35.06
N GLN A 76 -10.51 -57.49 -34.64
CA GLN A 76 -10.96 -56.19 -34.12
C GLN A 76 -10.71 -55.06 -35.11
N LEU A 77 -10.96 -55.35 -36.37
CA LEU A 77 -10.86 -54.34 -37.40
C LEU A 77 -12.02 -53.37 -37.28
N PRO A 78 -11.85 -52.10 -37.70
CA PRO A 78 -10.68 -51.39 -38.21
C PRO A 78 -9.68 -51.13 -37.11
N PRO A 79 -8.40 -51.09 -37.45
CA PRO A 79 -7.37 -50.93 -36.42
C PRO A 79 -7.44 -49.55 -35.79
N ARG A 80 -7.25 -49.52 -34.49
CA ARG A 80 -7.11 -48.27 -33.77
C ARG A 80 -5.84 -47.57 -34.24
N PRO A 81 -5.78 -46.23 -34.17
CA PRO A 81 -4.57 -45.53 -34.59
C PRO A 81 -3.42 -45.86 -33.65
N ARG A 82 -2.27 -46.16 -34.25
CA ARG A 82 -1.12 -46.68 -33.51
C ARG A 82 -0.57 -45.60 -32.59
N VAL A 83 -0.66 -45.85 -31.29
CA VAL A 83 -0.44 -44.84 -30.27
C VAL A 83 0.97 -44.97 -29.73
N GLU A 84 1.66 -43.84 -29.66
CA GLU A 84 2.86 -43.71 -28.86
C GLU A 84 2.57 -42.79 -27.69
N ILE A 85 3.51 -42.76 -26.75
CA ILE A 85 3.25 -42.20 -25.44
C ILE A 85 3.15 -40.69 -25.52
N ALA A 86 3.85 -40.08 -26.48
CA ALA A 86 3.91 -38.63 -26.54
C ALA A 86 2.70 -37.99 -27.15
N GLN A 87 1.71 -38.76 -27.62
CA GLN A 87 0.48 -38.16 -28.10
C GLN A 87 -0.38 -37.65 -26.97
N MET A 88 -0.11 -38.05 -25.74
CA MET A 88 -0.92 -37.64 -24.60
C MET A 88 -0.18 -36.65 -23.72
N PHE A 89 0.84 -36.01 -24.25
CA PHE A 89 1.51 -34.88 -23.61
C PHE A 89 1.83 -33.88 -24.69
N PRO A 90 0.84 -33.12 -25.17
CA PRO A 90 1.07 -32.32 -26.38
C PRO A 90 1.86 -31.06 -26.13
N ALA A 91 1.71 -30.46 -24.94
CA ALA A 91 2.36 -29.21 -24.53
C ALA A 91 2.10 -28.06 -25.50
N ASP A 92 0.83 -27.69 -25.64
CA ASP A 92 0.49 -26.58 -26.51
C ASP A 92 0.85 -25.23 -25.88
N SER A 93 0.30 -24.94 -24.70
CA SER A 93 0.62 -23.70 -24.00
C SER A 93 0.65 -23.92 -22.49
N LEU A 94 0.57 -25.17 -22.05
CA LEU A 94 0.59 -25.50 -20.63
C LEU A 94 2.02 -25.52 -20.14
N VAL A 95 2.19 -25.31 -18.83
CA VAL A 95 3.51 -25.13 -18.23
C VAL A 95 4.35 -26.41 -18.28
N SER A 96 3.71 -27.58 -18.38
CA SER A 96 4.33 -28.86 -18.72
C SER A 96 5.40 -29.27 -17.70
N SER A 97 4.90 -29.68 -16.53
CA SER A 97 5.60 -30.25 -15.38
C SER A 97 6.66 -31.27 -15.79
N PRO A 98 7.77 -31.38 -15.03
CA PRO A 98 8.92 -32.17 -15.49
C PRO A 98 8.69 -33.65 -15.71
N ARG A 99 7.56 -34.19 -15.26
CA ARG A 99 7.15 -35.51 -15.70
C ARG A 99 6.75 -35.52 -17.17
N ALA A 100 6.22 -34.41 -17.68
CA ALA A 100 5.74 -34.41 -19.05
C ALA A 100 6.90 -34.32 -20.03
N GLU A 101 8.03 -33.74 -19.62
CA GLU A 101 9.19 -33.71 -20.49
C GLU A 101 9.80 -35.09 -20.68
N LYS A 102 9.98 -35.87 -19.61
CA LYS A 102 10.53 -37.21 -19.80
C LYS A 102 9.54 -38.15 -20.43
N ALA A 103 8.25 -37.83 -20.38
CA ALA A 103 7.28 -38.66 -21.05
C ALA A 103 7.44 -38.57 -22.56
N ARG A 104 7.49 -37.36 -23.10
CA ARG A 104 7.65 -37.25 -24.55
C ARG A 104 9.10 -37.34 -24.97
N LEU A 105 10.04 -37.29 -24.01
CA LEU A 105 11.43 -37.53 -24.38
C LEU A 105 11.65 -38.98 -24.73
N TYR A 106 11.35 -39.88 -23.78
CA TYR A 106 11.54 -41.31 -24.02
C TYR A 106 10.62 -41.84 -25.10
N SER A 107 9.45 -41.23 -25.27
CA SER A 107 8.53 -41.68 -26.30
C SER A 107 9.07 -41.41 -27.69
N ALA A 108 9.74 -40.27 -27.86
CA ALA A 108 10.40 -40.01 -29.14
C ALA A 108 11.59 -40.92 -29.33
N ILE A 109 12.20 -41.39 -28.26
CA ILE A 109 13.28 -42.35 -28.40
C ILE A 109 12.73 -43.72 -28.74
N GLU A 110 11.53 -44.07 -28.24
CA GLU A 110 10.88 -45.31 -28.63
C GLU A 110 10.58 -45.33 -30.11
N GLN A 111 10.16 -44.19 -30.66
CA GLN A 111 9.84 -44.13 -32.08
C GLN A 111 11.10 -44.19 -32.91
N ARG A 112 12.16 -43.51 -32.46
CA ARG A 112 13.33 -43.35 -33.31
C ARG A 112 14.16 -44.63 -33.37
N LEU A 113 14.21 -45.38 -32.28
CA LEU A 113 14.84 -46.70 -32.34
C LEU A 113 14.03 -47.67 -33.18
N GLU A 114 12.71 -47.51 -33.17
CA GLU A 114 11.85 -48.29 -34.05
C GLU A 114 12.11 -47.98 -35.51
N GLN A 115 12.32 -46.69 -35.83
CA GLN A 115 12.64 -46.30 -37.20
C GLN A 115 13.99 -46.81 -37.66
N SER A 116 14.89 -47.12 -36.72
CA SER A 116 16.25 -47.50 -37.07
C SER A 116 16.42 -49.00 -37.20
N LEU A 117 15.75 -49.78 -36.35
CA LEU A 117 15.76 -51.23 -36.53
C LEU A 117 15.12 -51.62 -37.83
N GLN A 118 14.13 -50.85 -38.28
CA GLN A 118 13.44 -51.13 -39.52
C GLN A 118 14.36 -50.97 -40.73
N THR A 119 15.46 -50.22 -40.60
CA THR A 119 16.45 -50.09 -41.65
C THR A 119 17.70 -50.92 -41.38
N MET A 120 17.57 -52.06 -40.73
CA MET A 120 18.66 -53.02 -40.68
C MET A 120 18.55 -53.96 -41.87
N GLU A 121 19.34 -55.03 -41.86
CA GLU A 121 19.34 -55.97 -42.97
C GLU A 121 18.23 -56.99 -42.75
N GLY A 122 17.12 -56.82 -43.45
CA GLY A 122 16.08 -57.81 -43.45
C GLY A 122 14.93 -57.55 -42.48
N VAL A 123 15.05 -56.58 -41.59
CA VAL A 123 13.95 -56.30 -40.68
C VAL A 123 12.84 -55.61 -41.46
N LEU A 124 11.67 -56.23 -41.53
CA LEU A 124 10.55 -55.60 -42.18
C LEU A 124 9.93 -54.53 -41.29
N SER A 125 9.63 -54.90 -40.04
CA SER A 125 8.98 -54.01 -39.10
C SER A 125 9.57 -54.21 -37.73
N ALA A 126 9.37 -53.23 -36.86
CA ALA A 126 9.95 -53.30 -35.53
C ALA A 126 9.09 -52.52 -34.55
N ARG A 127 9.16 -52.92 -33.29
CA ARG A 127 8.55 -52.20 -32.17
C ARG A 127 9.53 -52.19 -31.03
N VAL A 128 9.66 -51.05 -30.35
CA VAL A 128 10.60 -50.89 -29.25
C VAL A 128 9.86 -50.24 -28.10
N HIS A 129 9.97 -50.83 -26.91
CA HIS A 129 9.43 -50.25 -25.69
C HIS A 129 10.57 -49.94 -24.74
N ILE A 130 10.40 -48.89 -23.94
CA ILE A 130 11.38 -48.47 -22.96
C ILE A 130 10.71 -48.52 -21.59
N SER A 131 11.41 -49.07 -20.61
CA SER A 131 10.93 -48.98 -19.24
C SER A 131 10.96 -47.54 -18.77
N TYR A 132 9.84 -47.06 -18.26
CA TYR A 132 9.73 -45.66 -17.84
C TYR A 132 9.91 -45.60 -16.33
N ASP A 133 11.15 -45.45 -15.90
CA ASP A 133 11.45 -45.01 -14.54
C ASP A 133 11.33 -43.49 -14.56
N ILE A 134 10.24 -42.99 -14.02
CA ILE A 134 9.94 -41.58 -14.12
C ILE A 134 10.05 -40.88 -12.78
N ASP A 135 9.59 -41.52 -11.69
CA ASP A 135 9.52 -40.87 -10.40
C ASP A 135 10.79 -41.04 -9.58
N ALA A 136 11.95 -41.12 -10.25
CA ALA A 136 13.22 -41.29 -9.55
C ALA A 136 13.59 -40.06 -8.74
N GLY A 137 13.37 -38.86 -9.32
CA GLY A 137 13.65 -37.63 -8.61
C GLY A 137 12.64 -37.28 -7.53
N GLU A 138 11.39 -37.72 -7.70
CA GLU A 138 10.35 -37.40 -6.73
C GLU A 138 10.45 -38.26 -5.48
N ASN A 139 10.95 -39.49 -5.60
CA ASN A 139 11.18 -40.33 -4.43
C ASN A 139 12.51 -40.02 -3.74
N GLY A 140 13.39 -39.26 -4.37
CA GLY A 140 14.70 -39.02 -3.78
C GLY A 140 15.59 -40.23 -3.82
N ARG A 141 15.63 -40.94 -4.94
CA ARG A 141 16.34 -42.18 -5.09
C ARG A 141 17.17 -42.16 -6.39
N PRO A 142 18.22 -42.98 -6.45
CA PRO A 142 18.88 -43.19 -7.74
C PRO A 142 17.97 -43.98 -8.67
N PRO A 143 18.01 -43.70 -9.96
CA PRO A 143 17.05 -44.32 -10.88
C PRO A 143 17.38 -45.78 -11.14
N LYS A 144 16.37 -46.47 -11.66
CA LYS A 144 16.49 -47.88 -11.94
C LYS A 144 17.24 -48.07 -13.26
N PRO A 145 17.79 -49.26 -13.49
CA PRO A 145 18.36 -49.54 -14.81
C PRO A 145 17.28 -49.53 -15.87
N VAL A 146 17.65 -49.11 -17.07
CA VAL A 146 16.71 -49.04 -18.16
C VAL A 146 16.53 -50.44 -18.75
N HIS A 147 15.29 -50.86 -18.87
CA HIS A 147 14.93 -52.11 -19.51
C HIS A 147 14.24 -51.78 -20.83
N LEU A 148 14.40 -52.66 -21.81
CA LEU A 148 13.77 -52.40 -23.09
C LEU A 148 13.48 -53.67 -23.84
N SER A 149 12.41 -53.64 -24.63
CA SER A 149 11.94 -54.79 -25.37
C SER A 149 11.90 -54.46 -26.85
N ALA A 150 12.02 -55.48 -27.68
CA ALA A 150 12.03 -55.26 -29.11
C ALA A 150 11.36 -56.40 -29.85
N LEU A 151 10.59 -56.04 -30.87
CA LEU A 151 9.99 -56.99 -31.80
C LEU A 151 10.55 -56.73 -33.19
N ALA A 152 10.56 -57.76 -34.02
CA ALA A 152 11.22 -57.66 -35.31
C ALA A 152 10.70 -58.73 -36.23
N VAL A 153 10.35 -58.35 -37.45
CA VAL A 153 9.79 -59.26 -38.43
C VAL A 153 10.79 -59.41 -39.56
N TYR A 154 11.41 -60.57 -39.66
CA TYR A 154 12.41 -60.83 -40.68
C TYR A 154 11.81 -61.47 -41.92
N GLU A 155 12.64 -61.68 -42.93
CA GLU A 155 12.19 -62.38 -44.11
C GLU A 155 12.05 -63.86 -43.84
N ARG A 156 11.49 -64.56 -44.82
CA ARG A 156 11.70 -66.00 -44.88
C ARG A 156 13.17 -66.30 -45.14
N GLY A 157 13.60 -67.49 -44.72
CA GLY A 157 14.92 -67.98 -45.04
C GLY A 157 16.06 -67.42 -44.22
N SER A 158 15.82 -66.37 -43.43
CA SER A 158 16.90 -65.85 -42.61
C SER A 158 17.13 -66.76 -41.41
N PRO A 159 18.36 -67.00 -41.03
CA PRO A 159 18.63 -67.78 -39.82
C PRO A 159 18.45 -66.95 -38.54
N LEU A 160 17.21 -66.91 -38.02
CA LEU A 160 16.80 -65.99 -36.96
C LEU A 160 17.59 -66.10 -35.66
N ALA A 161 18.29 -67.21 -35.44
CA ALA A 161 19.04 -67.36 -34.20
C ALA A 161 20.35 -66.58 -34.18
N HIS A 162 20.67 -65.82 -35.22
CA HIS A 162 21.91 -65.07 -35.27
C HIS A 162 21.71 -63.58 -35.46
N GLN A 163 20.58 -63.14 -35.98
CA GLN A 163 20.28 -61.71 -35.97
C GLN A 163 19.78 -61.25 -34.62
N ILE A 164 19.60 -62.16 -33.68
CA ILE A 164 19.24 -61.80 -32.31
C ILE A 164 20.40 -61.09 -31.63
N SER A 165 21.63 -61.37 -32.05
CA SER A 165 22.79 -60.76 -31.43
C SER A 165 23.05 -59.35 -31.94
N ASP A 166 22.68 -59.08 -33.20
CA ASP A 166 22.90 -57.76 -33.78
C ASP A 166 22.03 -56.71 -33.12
N ILE A 167 20.74 -57.01 -32.97
CA ILE A 167 19.83 -56.08 -32.33
C ILE A 167 20.23 -55.86 -30.89
N LYS A 168 20.48 -56.95 -30.17
CA LYS A 168 20.81 -56.90 -28.76
C LYS A 168 22.15 -56.21 -28.51
N ARG A 169 23.05 -56.20 -29.49
CA ARG A 169 24.24 -55.38 -29.41
C ARG A 169 23.94 -53.93 -29.77
N PHE A 170 23.03 -53.73 -30.73
CA PHE A 170 22.75 -52.38 -31.23
C PHE A 170 22.16 -51.50 -30.16
N LEU A 171 21.04 -51.90 -29.58
CA LEU A 171 20.35 -50.97 -28.69
C LEU A 171 20.70 -51.19 -27.24
N LYS A 172 21.76 -51.95 -26.95
CA LYS A 172 22.43 -51.80 -25.67
C LYS A 172 22.96 -50.40 -25.51
N ASN A 173 23.87 -50.00 -26.38
CA ASN A 173 24.52 -48.72 -26.26
C ASN A 173 23.70 -47.58 -26.80
N SER A 174 22.41 -47.77 -27.02
CA SER A 174 21.52 -46.66 -27.30
C SER A 174 20.99 -46.04 -26.02
N PHE A 175 21.35 -46.58 -24.87
CA PHE A 175 20.97 -46.02 -23.58
C PHE A 175 22.11 -46.09 -22.60
N ALA A 176 21.90 -45.46 -21.45
CA ALA A 176 23.01 -45.15 -20.55
C ALA A 176 23.42 -46.38 -19.75
N ASP A 177 22.53 -46.94 -18.95
CA ASP A 177 22.88 -48.05 -18.06
C ASP A 177 21.96 -49.24 -18.31
N VAL A 178 22.26 -50.01 -19.35
CA VAL A 178 21.52 -51.24 -19.61
C VAL A 178 22.51 -52.40 -19.64
N ASP A 179 21.97 -53.61 -19.61
CA ASP A 179 22.80 -54.79 -19.69
C ASP A 179 22.33 -55.65 -20.85
N TYR A 180 22.85 -56.86 -20.94
CA TYR A 180 22.35 -57.86 -21.87
C TYR A 180 21.28 -58.72 -21.24
N ASP A 181 20.80 -58.33 -20.07
CA ASP A 181 19.68 -59.00 -19.43
C ASP A 181 18.45 -58.13 -19.36
N ASN A 182 18.60 -56.83 -19.54
CA ASN A 182 17.47 -55.92 -19.57
C ASN A 182 16.92 -55.73 -20.97
N ILE A 183 17.43 -56.48 -21.95
CA ILE A 183 17.02 -56.37 -23.33
C ILE A 183 16.31 -57.65 -23.70
N SER A 184 15.05 -57.54 -24.11
CA SER A 184 14.23 -58.70 -24.44
C SER A 184 13.76 -58.59 -25.87
N VAL A 185 14.40 -59.32 -26.78
CA VAL A 185 14.10 -59.25 -28.19
C VAL A 185 13.52 -60.58 -28.62
N VAL A 186 12.28 -60.58 -29.05
CA VAL A 186 11.59 -61.78 -29.52
C VAL A 186 11.23 -61.54 -30.98
N LEU A 187 12.09 -61.98 -31.88
CA LEU A 187 11.94 -61.72 -33.30
C LEU A 187 11.41 -62.95 -34.02
N SER A 188 10.52 -62.72 -34.97
CA SER A 188 9.75 -63.76 -35.62
C SER A 188 9.69 -63.49 -37.10
N GLU A 189 9.93 -64.50 -37.92
CA GLU A 189 9.92 -64.31 -39.37
C GLU A 189 8.49 -64.09 -39.85
N ARG A 190 8.38 -63.48 -41.03
CA ARG A 190 7.06 -63.10 -41.51
C ARG A 190 6.27 -64.31 -41.97
N SER A 191 5.00 -64.08 -42.23
CA SER A 191 4.10 -65.15 -42.63
C SER A 191 4.35 -65.51 -44.10
N ASP A 192 3.55 -66.45 -44.59
CA ASP A 192 3.60 -66.79 -46.00
C ASP A 192 3.06 -65.62 -46.81
N ALA A 193 3.60 -65.45 -48.01
CA ALA A 193 3.23 -64.32 -48.84
C ALA A 193 1.86 -64.54 -49.45
N GLN A 194 0.99 -63.55 -49.31
CA GLN A 194 -0.32 -63.56 -49.96
C GLN A 194 -0.17 -62.85 -51.28
N LEU A 195 0.06 -63.63 -52.34
CA LEU A 195 0.26 -63.11 -53.68
C LEU A 195 -0.84 -63.56 -54.62
N GLN A 196 -1.86 -64.21 -54.10
CA GLN A 196 -2.74 -65.08 -54.87
C GLN A 196 -4.15 -64.54 -54.82
N ALA A 197 -4.80 -64.48 -55.97
CA ALA A 197 -6.11 -63.84 -56.07
C ALA A 197 -7.16 -64.66 -55.33
N PRO A 198 -7.99 -64.03 -54.50
CA PRO A 198 -9.02 -64.76 -53.75
C PRO A 198 -10.07 -65.42 -54.61
N GLY A 199 -10.74 -64.63 -55.45
CA GLY A 199 -11.73 -65.18 -56.33
C GLY A 199 -13.14 -64.73 -56.04
N THR A 200 -13.84 -64.30 -57.08
CA THR A 200 -15.25 -63.98 -56.97
C THR A 200 -16.06 -65.27 -56.75
N PRO A 201 -17.14 -65.20 -55.99
CA PRO A 201 -17.98 -66.39 -55.79
C PRO A 201 -18.69 -66.81 -57.08
N VAL A 202 -19.17 -68.06 -57.07
CA VAL A 202 -19.86 -68.61 -58.22
C VAL A 202 -21.33 -68.20 -58.14
N LYS A 203 -21.99 -68.25 -59.28
CA LYS A 203 -23.39 -67.83 -59.37
C LYS A 203 -24.34 -69.02 -59.46
N ALA B 171 3.23 -68.43 -73.06
CA ALA B 171 4.45 -67.79 -73.54
C ALA B 171 5.68 -68.42 -72.90
N GLU B 172 6.86 -67.96 -73.32
CA GLU B 172 8.10 -68.46 -72.75
C GLU B 172 8.32 -67.89 -71.36
N LEU B 173 8.54 -68.78 -70.39
CA LEU B 173 8.69 -68.35 -69.00
C LEU B 173 9.99 -67.60 -68.78
N ASP B 174 11.00 -67.83 -69.63
CA ASP B 174 12.22 -67.03 -69.59
C ASP B 174 11.98 -65.57 -69.91
N SER B 175 10.90 -65.25 -70.61
CA SER B 175 10.52 -63.87 -70.86
C SER B 175 9.34 -63.40 -70.03
N LEU B 176 8.54 -64.33 -69.48
CA LEU B 176 7.51 -63.93 -68.52
C LEU B 176 8.11 -63.46 -67.22
N LEU B 177 9.30 -63.93 -66.89
CA LEU B 177 10.07 -63.41 -65.77
C LEU B 177 10.76 -62.13 -66.21
N GLY B 178 11.72 -61.66 -65.42
CA GLY B 178 12.34 -60.38 -65.70
C GLY B 178 13.24 -60.38 -66.92
N GLN B 179 13.87 -59.23 -67.14
CA GLN B 179 14.73 -59.02 -68.31
C GLN B 179 16.00 -59.87 -68.25
N GLU B 180 16.51 -60.12 -67.05
CA GLU B 180 17.77 -60.83 -66.89
C GLU B 180 17.54 -62.33 -66.93
N LYS B 181 18.15 -63.00 -67.89
CA LYS B 181 17.93 -64.43 -68.04
C LYS B 181 18.76 -65.23 -67.04
N GLU B 182 19.90 -64.69 -66.61
CA GLU B 182 20.83 -65.45 -65.79
C GLU B 182 20.35 -65.61 -64.36
N ARG B 183 19.35 -64.85 -63.92
CA ARG B 183 18.94 -64.90 -62.53
C ARG B 183 18.12 -66.14 -62.22
N PHE B 184 17.33 -66.61 -63.18
CA PHE B 184 16.50 -67.79 -62.97
C PHE B 184 16.96 -68.89 -63.92
N GLN B 185 16.51 -70.11 -63.63
CA GLN B 185 16.84 -71.24 -64.48
C GLN B 185 15.65 -72.19 -64.47
N VAL B 186 14.91 -72.25 -65.58
CA VAL B 186 13.72 -73.07 -65.64
C VAL B 186 14.11 -74.55 -65.71
N LEU B 187 13.25 -75.40 -65.19
CA LEU B 187 13.56 -76.82 -65.06
C LEU B 187 12.35 -77.65 -65.48
N PRO B 188 12.40 -78.29 -66.63
CA PRO B 188 11.27 -79.14 -67.04
C PRO B 188 11.22 -80.46 -66.29
N GLY B 189 10.50 -80.46 -65.16
CA GLY B 189 10.37 -81.65 -64.35
C GLY B 189 9.63 -82.77 -65.05
N ARG B 190 9.70 -83.95 -64.42
CA ARG B 190 9.22 -85.18 -65.04
C ARG B 190 7.72 -85.39 -64.87
N ASP B 191 7.07 -84.71 -63.92
CA ASP B 191 5.66 -84.96 -63.61
C ASP B 191 4.74 -83.88 -64.18
N LYS B 192 5.06 -83.39 -65.38
CA LYS B 192 4.34 -82.44 -66.24
C LYS B 192 4.39 -81.01 -65.73
N MET B 193 4.90 -80.79 -64.52
CA MET B 193 4.99 -79.46 -63.95
C MET B 193 6.38 -78.90 -64.21
N LEU B 194 6.44 -77.63 -64.59
CA LEU B 194 7.69 -76.95 -64.83
C LEU B 194 8.12 -76.24 -63.55
N TYR B 195 9.42 -76.13 -63.35
CA TYR B 195 9.98 -75.53 -62.15
C TYR B 195 10.96 -74.43 -62.51
N VAL B 196 11.02 -73.39 -61.69
CA VAL B 196 11.96 -72.29 -61.87
C VAL B 196 12.73 -72.07 -60.58
N ALA B 197 14.05 -72.13 -60.68
CA ALA B 197 14.93 -72.17 -59.53
C ALA B 197 15.43 -70.77 -59.21
N ALA B 198 14.89 -70.16 -58.16
CA ALA B 198 15.41 -68.88 -57.73
C ALA B 198 16.70 -69.07 -56.96
N GLN B 199 17.33 -67.95 -56.62
CA GLN B 199 18.60 -68.00 -55.89
C GLN B 199 18.47 -67.58 -54.44
N ASN B 200 17.57 -66.66 -54.11
CA ASN B 200 17.35 -66.25 -52.74
C ASN B 200 15.88 -65.87 -52.57
N GLU B 201 15.56 -65.21 -51.47
CA GLU B 201 14.17 -64.89 -51.18
C GLU B 201 13.70 -63.58 -51.77
N ARG B 202 14.56 -62.85 -52.50
CA ARG B 202 14.02 -61.79 -53.32
C ARG B 202 13.61 -62.32 -54.69
N ASP B 203 14.43 -63.19 -55.27
CA ASP B 203 14.09 -63.79 -56.54
C ASP B 203 12.93 -64.75 -56.44
N THR B 204 12.73 -65.36 -55.27
CA THR B 204 11.59 -66.23 -55.09
C THR B 204 10.29 -65.43 -55.09
N LEU B 205 10.27 -64.30 -54.39
CA LEU B 205 9.12 -63.41 -54.46
C LEU B 205 9.04 -62.68 -55.79
N TRP B 206 10.14 -62.64 -56.55
CA TRP B 206 10.06 -62.15 -57.91
C TRP B 206 9.35 -63.16 -58.81
N ALA B 207 9.62 -64.43 -58.62
CA ALA B 207 9.06 -65.46 -59.49
C ALA B 207 7.76 -66.04 -58.98
N ARG B 208 7.53 -66.03 -57.66
CA ARG B 208 6.21 -66.38 -57.16
C ARG B 208 5.21 -65.25 -57.36
N GLN B 209 5.66 -64.07 -57.79
CA GLN B 209 4.70 -63.04 -58.12
C GLN B 209 4.13 -63.26 -59.49
N VAL B 210 4.97 -63.66 -60.46
CA VAL B 210 4.53 -63.87 -61.84
C VAL B 210 3.53 -65.01 -61.93
N LEU B 211 3.84 -66.14 -61.30
CA LEU B 211 3.04 -67.33 -61.47
C LEU B 211 1.71 -67.27 -60.74
N ALA B 212 1.56 -66.39 -59.75
CA ALA B 212 0.32 -66.28 -59.01
C ALA B 212 -0.54 -65.13 -59.48
N ARG B 213 0.06 -64.15 -60.15
CA ARG B 213 -0.68 -63.02 -60.70
C ARG B 213 -1.46 -63.43 -61.94
N GLY B 214 -0.91 -64.31 -62.75
CA GLY B 214 -1.44 -64.47 -64.08
C GLY B 214 -1.33 -65.87 -64.60
N ASP B 215 -0.91 -66.01 -65.85
CA ASP B 215 -1.02 -67.28 -66.55
C ASP B 215 0.34 -67.73 -67.10
N TYR B 216 0.64 -69.00 -66.85
CA TYR B 216 1.50 -69.81 -67.69
C TYR B 216 0.62 -70.97 -68.12
N ASP B 217 0.72 -71.40 -69.38
CA ASP B 217 -0.23 -72.39 -69.89
C ASP B 217 0.15 -73.82 -69.50
N LYS B 218 0.49 -74.02 -68.23
CA LYS B 218 0.85 -75.27 -67.56
C LYS B 218 1.10 -74.87 -66.12
N ASN B 219 1.25 -75.86 -65.25
CA ASN B 219 1.56 -75.58 -63.85
C ASN B 219 3.03 -75.20 -63.71
N ALA B 220 3.31 -74.26 -62.81
CA ALA B 220 4.67 -73.81 -62.60
C ALA B 220 4.86 -73.50 -61.12
N ARG B 221 6.05 -73.81 -60.60
CA ARG B 221 6.28 -73.86 -59.16
C ARG B 221 7.71 -73.46 -58.86
N VAL B 222 7.88 -72.40 -58.07
CA VAL B 222 9.20 -71.87 -57.77
C VAL B 222 9.82 -72.70 -56.65
N ILE B 223 11.03 -73.18 -56.86
CA ILE B 223 11.77 -73.87 -55.82
C ILE B 223 12.97 -73.01 -55.44
N ASN B 224 13.35 -73.10 -54.17
CA ASN B 224 14.46 -72.33 -53.65
C ASN B 224 15.55 -73.29 -53.20
N GLU B 225 16.71 -72.77 -52.86
CA GLU B 225 17.79 -73.63 -52.41
C GLU B 225 17.64 -73.90 -50.93
N ASN B 226 17.24 -72.90 -50.16
CA ASN B 226 17.15 -73.04 -48.72
C ASN B 226 15.74 -73.38 -48.24
N GLU B 227 14.78 -73.53 -49.14
CA GLU B 227 13.45 -73.93 -48.71
C GLU B 227 13.14 -75.35 -49.16
N GLU B 228 13.52 -75.71 -50.39
CA GLU B 228 13.35 -77.08 -50.85
C GLU B 228 14.26 -78.03 -50.08
N ASN B 229 15.40 -77.53 -49.62
CA ASN B 229 16.22 -78.25 -48.65
C ASN B 229 15.43 -78.55 -47.39
N LYS B 230 14.67 -77.57 -46.91
CA LYS B 230 13.91 -77.76 -45.69
C LYS B 230 12.66 -78.60 -45.97
N ARG B 231 12.14 -78.56 -47.19
CA ARG B 231 10.94 -79.32 -47.51
C ARG B 231 11.22 -80.82 -47.53
N ILE B 232 12.41 -81.21 -47.99
CA ILE B 232 12.79 -82.62 -48.04
C ILE B 232 12.94 -83.17 -46.64
N SER B 233 13.49 -82.36 -45.72
CA SER B 233 13.67 -82.79 -44.34
C SER B 233 12.36 -82.98 -43.60
N ILE B 234 11.27 -82.37 -44.07
CA ILE B 234 9.96 -82.66 -43.51
C ILE B 234 9.48 -84.03 -43.99
N TRP B 235 9.88 -84.42 -45.19
CA TRP B 235 9.63 -85.77 -45.66
C TRP B 235 10.64 -86.75 -45.09
N LEU B 236 11.88 -86.31 -44.90
CA LEU B 236 12.96 -87.24 -44.65
C LEU B 236 13.00 -87.69 -43.20
N ASP B 237 12.49 -86.88 -42.27
CA ASP B 237 12.53 -87.32 -40.88
C ASP B 237 11.47 -88.37 -40.56
N THR B 238 10.44 -88.49 -41.39
CA THR B 238 9.47 -89.57 -41.22
C THR B 238 9.97 -90.86 -41.84
N TYR B 239 10.33 -90.82 -43.12
CA TYR B 239 10.67 -92.04 -43.83
C TYR B 239 12.11 -92.47 -43.62
N TYR B 240 12.96 -91.59 -43.12
CA TYR B 240 14.30 -91.97 -42.65
C TYR B 240 14.69 -91.19 -41.41
N PRO B 241 14.13 -91.54 -40.25
CA PRO B 241 14.67 -91.00 -39.01
C PRO B 241 15.98 -91.70 -38.69
N GLN B 242 16.73 -91.10 -37.75
CA GLN B 242 18.11 -91.48 -37.45
C GLN B 242 19.01 -91.48 -38.69
N LEU B 243 18.75 -90.56 -39.61
CA LEU B 243 19.61 -90.37 -40.77
C LEU B 243 20.50 -89.18 -40.50
N ALA B 244 21.80 -89.37 -40.68
CA ALA B 244 22.78 -88.32 -40.47
C ALA B 244 23.18 -87.75 -41.82
N TYR B 245 22.72 -86.54 -42.09
CA TYR B 245 22.98 -85.86 -43.35
C TYR B 245 23.18 -84.40 -43.03
N TYR B 246 23.81 -83.69 -43.95
CA TYR B 246 24.11 -82.28 -43.72
C TYR B 246 23.12 -81.36 -44.41
N ARG B 247 23.05 -81.43 -45.74
CA ARG B 247 22.46 -80.40 -46.56
C ARG B 247 22.41 -80.89 -47.99
N ILE B 248 21.35 -80.55 -48.70
CA ILE B 248 21.28 -80.81 -50.13
C ILE B 248 21.67 -79.53 -50.85
N HIS B 249 22.23 -79.66 -52.05
CA HIS B 249 22.86 -78.53 -52.73
C HIS B 249 22.36 -78.41 -54.15
N PHE B 250 21.92 -77.20 -54.51
CA PHE B 250 21.24 -76.93 -55.76
C PHE B 250 22.05 -75.96 -56.63
N ASP B 251 23.36 -76.15 -56.69
CA ASP B 251 24.19 -75.29 -57.53
C ASP B 251 23.96 -75.62 -59.00
N GLU B 252 24.00 -76.90 -59.34
CA GLU B 252 23.49 -77.39 -60.62
C GLU B 252 22.17 -78.07 -60.32
N PRO B 253 21.03 -77.39 -60.49
CA PRO B 253 19.75 -77.94 -60.02
C PRO B 253 19.23 -79.11 -60.83
N ARG B 254 19.86 -79.43 -61.97
CA ARG B 254 19.51 -80.65 -62.67
C ARG B 254 19.89 -81.89 -61.87
N LYS B 255 20.97 -81.84 -61.11
CA LYS B 255 21.27 -82.95 -60.21
C LYS B 255 21.88 -82.45 -58.90
N PRO B 256 21.21 -82.68 -57.79
CA PRO B 256 21.71 -82.17 -56.51
C PRO B 256 22.72 -83.11 -55.86
N VAL B 257 23.58 -82.50 -55.04
CA VAL B 257 24.59 -83.22 -54.28
C VAL B 257 24.14 -83.20 -52.84
N PHE B 258 23.79 -84.37 -52.33
CA PHE B 258 23.19 -84.52 -51.02
C PHE B 258 24.20 -85.19 -50.09
N TRP B 259 24.82 -84.39 -49.23
CA TRP B 259 25.88 -84.88 -48.36
C TRP B 259 25.31 -85.75 -47.26
N LEU B 260 26.08 -86.75 -46.85
CA LEU B 260 25.75 -87.56 -45.69
C LEU B 260 26.97 -87.70 -44.80
N SER B 261 26.72 -88.10 -43.56
CA SER B 261 27.79 -88.46 -42.65
C SER B 261 28.33 -89.82 -43.05
N ARG B 262 29.63 -89.90 -43.34
CA ARG B 262 30.25 -91.19 -43.55
C ARG B 262 30.29 -92.00 -42.27
N GLN B 263 30.44 -91.31 -41.13
CA GLN B 263 30.65 -92.01 -39.87
C GLN B 263 29.34 -92.51 -39.27
N ARG B 264 28.30 -91.67 -39.25
CA ARG B 264 27.10 -91.97 -38.51
C ARG B 264 26.01 -92.61 -39.37
N ASN B 265 26.36 -93.17 -40.52
CA ASN B 265 25.38 -93.83 -41.38
C ASN B 265 25.76 -95.29 -41.53
N THR B 266 24.87 -96.17 -41.08
CA THR B 266 25.02 -97.61 -41.19
C THR B 266 24.31 -98.16 -42.41
N MET B 267 23.83 -97.29 -43.30
CA MET B 267 23.17 -97.73 -44.52
C MET B 267 24.18 -98.36 -45.47
N SER B 268 23.80 -99.48 -46.06
CA SER B 268 24.65 -100.15 -47.02
C SER B 268 24.46 -99.50 -48.38
N LYS B 269 25.27 -99.91 -49.37
CA LYS B 269 25.24 -99.28 -50.68
C LYS B 269 24.04 -99.74 -51.50
N LYS B 270 23.34 -100.78 -51.05
CA LYS B 270 22.12 -101.20 -51.70
C LYS B 270 21.01 -100.16 -51.55
N GLU B 271 20.58 -99.92 -50.31
CA GLU B 271 19.49 -99.00 -50.06
C GLU B 271 19.91 -97.53 -50.16
N LEU B 272 21.21 -97.24 -50.21
CA LEU B 272 21.63 -95.88 -50.50
C LEU B 272 21.32 -95.50 -51.94
N GLU B 273 21.33 -96.47 -52.85
CA GLU B 273 20.86 -96.23 -54.20
C GLU B 273 19.34 -96.16 -54.25
N VAL B 274 18.67 -96.84 -53.33
CA VAL B 274 17.24 -96.64 -53.15
C VAL B 274 16.98 -95.23 -52.63
N LEU B 275 17.85 -94.74 -51.75
CA LEU B 275 17.73 -93.38 -51.24
C LEU B 275 18.01 -92.33 -52.31
N SER B 276 18.80 -92.66 -53.32
CA SER B 276 18.93 -91.79 -54.48
C SER B 276 17.73 -91.87 -55.41
N GLN B 277 16.80 -92.80 -55.17
CA GLN B 277 15.57 -92.88 -55.94
C GLN B 277 14.33 -92.44 -55.16
N LYS B 278 14.38 -92.49 -53.82
CA LYS B 278 13.29 -91.92 -53.04
C LYS B 278 13.28 -90.40 -53.13
N LEU B 279 14.47 -89.78 -53.23
CA LEU B 279 14.53 -88.33 -53.31
C LEU B 279 14.09 -87.82 -54.67
N ARG B 280 14.26 -88.61 -55.72
CA ARG B 280 13.83 -88.20 -57.05
C ARG B 280 12.31 -88.15 -57.16
N ALA B 281 11.59 -88.87 -56.30
CA ALA B 281 10.15 -88.72 -56.26
C ALA B 281 9.72 -87.39 -55.64
N LEU B 282 10.61 -86.75 -54.89
CA LEU B 282 10.34 -85.43 -54.33
C LEU B 282 10.83 -84.30 -55.21
N MET B 283 11.85 -84.54 -56.02
CA MET B 283 12.44 -83.52 -56.89
C MET B 283 12.28 -84.00 -58.33
N PRO B 284 11.15 -83.71 -58.98
CA PRO B 284 10.95 -84.19 -60.36
C PRO B 284 11.87 -83.50 -61.34
N TYR B 285 12.27 -82.26 -61.06
CA TYR B 285 13.22 -81.54 -61.87
C TYR B 285 14.61 -82.16 -61.81
N ALA B 286 14.91 -82.94 -60.78
CA ALA B 286 16.24 -83.51 -60.61
C ALA B 286 16.46 -84.67 -61.57
N ASP B 287 17.69 -84.81 -62.03
CA ASP B 287 18.04 -85.95 -62.85
C ASP B 287 18.32 -87.17 -61.99
N SER B 288 19.36 -87.10 -61.16
CA SER B 288 19.72 -88.19 -60.25
C SER B 288 20.55 -87.59 -59.12
N VAL B 289 20.22 -87.96 -57.89
CA VAL B 289 20.87 -87.36 -56.73
C VAL B 289 22.28 -87.93 -56.59
N ASN B 290 23.25 -87.04 -56.44
CA ASN B 290 24.66 -87.42 -56.27
C ASN B 290 24.93 -87.50 -54.78
N ILE B 291 24.67 -88.65 -54.19
CA ILE B 291 24.91 -88.86 -52.77
C ILE B 291 26.39 -89.08 -52.54
N THR B 292 27.01 -88.21 -51.74
CA THR B 292 28.38 -88.41 -51.31
C THR B 292 28.44 -88.39 -49.80
N LEU B 293 29.63 -88.64 -49.27
CA LEU B 293 29.85 -88.81 -47.85
C LEU B 293 30.91 -87.81 -47.40
N MET B 294 30.70 -87.21 -46.23
CA MET B 294 31.68 -86.30 -45.66
C MET B 294 31.97 -86.75 -44.23
N ASP B 295 33.24 -86.72 -43.85
CA ASP B 295 33.59 -87.12 -42.50
C ASP B 295 33.20 -86.05 -41.50
N ASP B 296 32.70 -86.49 -40.35
CA ASP B 296 32.24 -85.56 -39.33
C ASP B 296 33.37 -84.80 -38.67
N VAL B 297 34.59 -85.35 -38.69
CA VAL B 297 35.72 -84.62 -38.13
C VAL B 297 36.15 -83.49 -39.05
N THR B 298 35.88 -83.61 -40.35
CA THR B 298 36.17 -82.51 -41.26
C THR B 298 35.15 -81.40 -41.13
N ALA B 299 33.90 -81.74 -40.81
CA ALA B 299 32.86 -80.73 -40.64
C ALA B 299 33.13 -79.90 -39.39
N ALA B 300 33.38 -80.55 -38.27
CA ALA B 300 33.69 -79.82 -37.05
C ALA B 300 35.09 -79.24 -37.08
N GLY B 301 35.96 -79.73 -37.97
CA GLY B 301 37.29 -79.18 -38.08
C GLY B 301 37.29 -77.79 -38.64
N GLN B 302 36.71 -77.63 -39.85
CA GLN B 302 36.70 -76.33 -40.51
C GLN B 302 35.84 -75.32 -39.77
N ALA B 303 34.84 -75.78 -39.02
CA ALA B 303 34.11 -74.88 -38.16
C ALA B 303 34.98 -74.40 -37.01
N GLU B 304 35.81 -75.28 -36.46
CA GLU B 304 36.72 -74.86 -35.41
C GLU B 304 37.92 -74.12 -36.00
N ALA B 305 38.46 -74.60 -37.12
CA ALA B 305 39.62 -73.97 -37.74
C ALA B 305 39.30 -72.66 -38.42
N GLY B 306 38.03 -72.26 -38.46
CA GLY B 306 37.70 -70.92 -38.90
C GLY B 306 37.39 -70.03 -37.73
N LEU B 307 36.76 -70.59 -36.71
CA LEU B 307 36.28 -69.77 -35.61
C LEU B 307 37.42 -69.33 -34.69
N LYS B 308 38.51 -70.07 -34.67
CA LYS B 308 39.72 -69.56 -34.05
C LYS B 308 40.60 -68.82 -35.03
N GLN B 309 40.32 -68.94 -36.32
CA GLN B 309 41.02 -68.14 -37.32
C GLN B 309 40.43 -66.74 -37.40
N GLN B 310 39.20 -66.56 -36.93
CA GLN B 310 38.61 -65.24 -36.74
C GLN B 310 38.96 -64.63 -35.40
N ALA B 311 39.74 -65.35 -34.58
CA ALA B 311 40.13 -64.96 -33.22
C ALA B 311 38.90 -64.69 -32.35
N LEU B 312 38.14 -65.75 -32.11
CA LEU B 312 36.94 -65.66 -31.32
C LEU B 312 37.01 -66.59 -30.12
N PRO B 313 36.61 -66.12 -28.94
CA PRO B 313 36.57 -67.02 -27.77
C PRO B 313 35.43 -68.00 -27.88
N TYR B 314 35.69 -69.25 -27.53
CA TYR B 314 34.66 -70.28 -27.66
C TYR B 314 34.97 -71.40 -26.69
N SER B 315 34.16 -72.46 -26.76
CA SER B 315 34.46 -73.71 -26.08
C SER B 315 33.76 -74.82 -26.83
N ARG B 316 34.54 -75.67 -27.49
CA ARG B 316 33.98 -76.82 -28.20
C ARG B 316 33.50 -77.85 -27.21
N ARG B 317 32.18 -78.04 -27.14
CA ARG B 317 31.62 -79.15 -26.40
C ARG B 317 31.09 -80.17 -27.41
N ASN B 318 31.50 -81.42 -27.23
CA ASN B 318 31.10 -82.46 -28.15
C ASN B 318 29.89 -83.20 -27.59
N HIS B 319 29.18 -83.89 -28.48
CA HIS B 319 28.10 -84.75 -28.07
C HIS B 319 28.10 -85.98 -28.97
N LYS B 320 27.24 -86.92 -28.62
CA LYS B 320 27.05 -88.12 -29.42
C LYS B 320 26.13 -87.74 -30.57
N GLY B 321 26.72 -87.30 -31.68
CA GLY B 321 25.94 -86.92 -32.83
C GLY B 321 25.80 -85.43 -33.01
N GLY B 322 26.89 -84.71 -32.83
CA GLY B 322 26.92 -83.27 -33.06
C GLY B 322 27.86 -82.58 -32.09
N VAL B 323 28.34 -81.41 -32.51
CA VAL B 323 29.18 -80.58 -31.66
C VAL B 323 28.46 -79.25 -31.46
N THR B 324 29.03 -78.41 -30.60
CA THR B 324 28.40 -77.14 -30.27
C THR B 324 29.48 -76.14 -29.89
N PHE B 325 29.49 -75.00 -30.56
CA PHE B 325 30.48 -73.95 -30.32
C PHE B 325 29.77 -72.79 -29.64
N VAL B 326 29.71 -72.80 -28.32
CA VAL B 326 29.14 -71.66 -27.63
C VAL B 326 30.20 -70.56 -27.57
N ILE B 327 29.78 -69.34 -27.90
CA ILE B 327 30.65 -68.18 -27.97
C ILE B 327 30.11 -67.16 -27.00
N GLN B 328 30.89 -66.82 -25.98
CA GLN B 328 30.37 -65.88 -25.00
C GLN B 328 31.41 -64.83 -24.63
N GLY B 329 31.02 -63.93 -23.73
CA GLY B 329 31.80 -62.75 -23.42
C GLY B 329 31.16 -61.50 -23.98
N ALA B 330 31.72 -60.36 -23.58
CA ALA B 330 31.25 -59.07 -24.08
C ALA B 330 31.95 -58.80 -25.40
N LEU B 331 31.45 -59.44 -26.45
CA LEU B 331 32.02 -59.28 -27.77
C LEU B 331 31.63 -57.92 -28.33
N ASP B 332 32.60 -57.13 -28.74
CA ASP B 332 32.31 -55.86 -29.37
C ASP B 332 32.11 -56.05 -30.87
N ASP B 333 32.07 -54.94 -31.60
CA ASP B 333 31.45 -54.95 -32.93
C ASP B 333 32.34 -55.58 -33.98
N VAL B 334 33.65 -55.53 -33.81
CA VAL B 334 34.55 -56.04 -34.83
C VAL B 334 34.48 -57.55 -34.88
N GLU B 335 34.31 -58.18 -33.72
CA GLU B 335 34.25 -59.63 -33.64
C GLU B 335 32.82 -60.16 -33.72
N ILE B 336 31.80 -59.33 -33.47
CA ILE B 336 30.43 -59.78 -33.62
C ILE B 336 30.05 -59.85 -35.09
N LEU B 337 30.80 -59.18 -35.95
CA LEU B 337 30.54 -59.16 -37.39
C LEU B 337 31.48 -60.09 -38.14
N ARG B 338 32.64 -60.39 -37.59
CA ARG B 338 33.40 -61.51 -38.13
C ARG B 338 32.74 -62.84 -37.78
N ALA B 339 31.93 -62.86 -36.73
CA ALA B 339 31.23 -64.10 -36.36
C ALA B 339 30.13 -64.43 -37.36
N ARG B 340 29.32 -63.43 -37.72
CA ARG B 340 28.13 -63.71 -38.51
C ARG B 340 28.46 -64.00 -39.96
N GLN B 341 29.49 -63.37 -40.50
CA GLN B 341 29.89 -63.77 -41.85
C GLN B 341 30.78 -64.99 -41.88
N PHE B 342 31.05 -65.60 -40.74
CA PHE B 342 31.53 -66.97 -40.74
C PHE B 342 30.42 -67.98 -40.57
N VAL B 343 29.47 -67.69 -39.68
CA VAL B 343 28.36 -68.60 -39.42
C VAL B 343 27.48 -68.75 -40.66
N ASP B 344 27.09 -67.62 -41.23
CA ASP B 344 26.30 -67.63 -42.45
C ASP B 344 27.07 -68.13 -43.65
N SER B 345 28.40 -68.09 -43.60
CA SER B 345 29.20 -68.75 -44.60
C SER B 345 29.45 -70.21 -44.28
N TYR B 346 29.06 -70.65 -43.10
CA TYR B 346 29.17 -72.06 -42.76
C TYR B 346 27.87 -72.79 -43.03
N TYR B 347 26.75 -72.21 -42.60
CA TYR B 347 25.44 -72.82 -42.81
C TYR B 347 25.04 -72.81 -44.27
N ARG B 348 25.61 -71.91 -45.07
CA ARG B 348 25.45 -72.00 -46.51
C ARG B 348 26.22 -73.19 -47.06
N THR B 349 27.30 -73.58 -46.41
CA THR B 349 28.11 -74.68 -46.92
C THR B 349 27.69 -76.02 -46.36
N TRP B 350 27.57 -76.13 -45.04
CA TRP B 350 27.37 -77.42 -44.39
C TRP B 350 25.98 -77.63 -43.85
N GLY B 351 25.14 -76.61 -43.82
CA GLY B 351 23.88 -76.72 -43.13
C GLY B 351 24.07 -76.65 -41.64
N GLY B 352 22.96 -76.78 -40.91
CA GLY B 352 23.05 -76.62 -39.48
C GLY B 352 22.59 -77.83 -38.69
N ARG B 353 22.88 -79.03 -39.19
CA ARG B 353 22.41 -80.24 -38.55
C ARG B 353 23.49 -80.99 -37.80
N TYR B 354 24.73 -80.51 -37.81
CA TYR B 354 25.77 -81.19 -37.07
C TYR B 354 26.50 -80.24 -36.13
N VAL B 355 26.62 -78.98 -36.53
CA VAL B 355 27.33 -77.97 -35.75
C VAL B 355 26.35 -76.84 -35.44
N GLN B 356 26.22 -76.51 -34.17
CA GLN B 356 25.39 -75.39 -33.74
C GLN B 356 26.29 -74.33 -33.13
N PHE B 357 26.18 -73.10 -33.63
CA PHE B 357 26.93 -71.98 -33.09
C PHE B 357 26.02 -71.23 -32.13
N ALA B 358 26.49 -71.07 -30.89
CA ALA B 358 25.74 -70.36 -29.87
C ALA B 358 26.47 -69.05 -29.58
N ILE B 359 26.13 -68.02 -30.34
CA ILE B 359 26.67 -66.70 -30.00
C ILE B 359 25.78 -66.11 -28.90
N GLU B 360 26.09 -66.49 -27.67
CA GLU B 360 25.34 -66.09 -26.49
C GLU B 360 26.15 -64.95 -25.89
N LEU B 361 25.57 -63.76 -25.88
CA LEU B 361 26.32 -62.54 -25.63
C LEU B 361 25.86 -61.90 -24.33
N LYS B 362 26.70 -62.00 -23.30
CA LYS B 362 26.40 -61.46 -21.98
C LYS B 362 27.56 -60.63 -21.48
N ASP B 363 27.43 -60.14 -20.25
CA ASP B 363 28.45 -59.34 -19.61
C ASP B 363 29.53 -60.22 -19.02
N ASP B 364 30.38 -59.65 -18.17
CA ASP B 364 31.39 -60.41 -17.46
C ASP B 364 30.91 -60.75 -16.06
N ASP C 20 -36.87 -57.58 -40.75
CA ASP C 20 -38.24 -57.12 -40.83
C ASP C 20 -38.58 -56.33 -39.57
N LYS C 21 -38.40 -56.95 -38.41
CA LYS C 21 -38.68 -56.30 -37.14
C LYS C 21 -37.46 -55.55 -36.62
N ASP C 22 -37.68 -54.32 -36.18
CA ASP C 22 -36.59 -53.47 -35.71
C ASP C 22 -36.07 -53.95 -34.37
N LEU C 23 -34.76 -53.97 -34.21
CA LEU C 23 -34.15 -54.51 -33.01
C LEU C 23 -33.16 -53.56 -32.36
N LEU C 24 -32.38 -52.83 -33.12
CA LEU C 24 -31.49 -51.82 -32.58
C LEU C 24 -31.43 -50.66 -33.56
N LYS C 25 -31.38 -49.44 -33.04
CA LYS C 25 -31.31 -48.24 -33.85
C LYS C 25 -30.22 -47.34 -33.31
N GLY C 26 -29.72 -46.47 -34.18
CA GLY C 26 -28.80 -45.44 -33.73
C GLY C 26 -27.43 -45.92 -33.34
N LEU C 27 -27.05 -47.13 -33.73
CA LEU C 27 -25.72 -47.62 -33.42
C LEU C 27 -24.68 -46.91 -34.26
N ASP C 28 -23.48 -46.75 -33.71
CA ASP C 28 -22.38 -46.35 -34.56
C ASP C 28 -21.77 -47.61 -35.18
N GLN C 29 -20.60 -47.45 -35.79
CA GLN C 29 -20.11 -48.44 -36.74
C GLN C 29 -19.60 -49.69 -36.06
N GLU C 30 -18.61 -49.55 -35.20
CA GLU C 30 -17.99 -50.70 -34.55
C GLU C 30 -18.90 -51.37 -33.52
N GLN C 31 -19.95 -50.70 -33.07
CA GLN C 31 -20.95 -51.41 -32.30
C GLN C 31 -21.87 -52.25 -33.17
N ALA C 32 -22.19 -51.76 -34.38
CA ALA C 32 -23.10 -52.49 -35.24
C ALA C 32 -22.45 -53.71 -35.86
N ASN C 33 -21.14 -53.65 -36.12
CA ASN C 33 -20.46 -54.79 -36.70
C ASN C 33 -20.24 -55.89 -35.67
N GLU C 34 -20.28 -55.54 -34.38
CA GLU C 34 -20.08 -56.55 -33.36
C GLU C 34 -21.35 -57.33 -33.09
N VAL C 35 -22.51 -56.65 -33.17
CA VAL C 35 -23.79 -57.29 -32.88
C VAL C 35 -24.10 -58.36 -33.90
N ILE C 36 -23.91 -58.05 -35.19
CA ILE C 36 -24.15 -59.01 -36.25
C ILE C 36 -23.20 -60.18 -36.16
N ALA C 37 -21.99 -59.94 -35.66
CA ALA C 37 -21.04 -61.03 -35.43
C ALA C 37 -21.53 -61.96 -34.34
N VAL C 38 -22.22 -61.43 -33.35
CA VAL C 38 -22.80 -62.27 -32.31
C VAL C 38 -24.01 -63.01 -32.83
N LEU C 39 -24.84 -62.31 -33.61
CA LEU C 39 -26.11 -62.88 -34.06
C LEU C 39 -25.90 -64.00 -35.07
N GLN C 40 -25.05 -63.76 -36.08
CA GLN C 40 -24.78 -64.80 -37.06
C GLN C 40 -23.97 -65.96 -36.48
N MET C 41 -23.37 -65.79 -35.31
CA MET C 41 -22.85 -66.94 -34.60
C MET C 41 -23.99 -67.85 -34.16
N HIS C 42 -25.09 -67.27 -33.74
CA HIS C 42 -26.22 -68.03 -33.22
C HIS C 42 -27.31 -68.18 -34.25
N ASN C 43 -26.92 -68.26 -35.53
CA ASN C 43 -27.73 -68.78 -36.63
C ASN C 43 -28.96 -67.92 -36.91
N ILE C 44 -28.89 -66.61 -36.71
CA ILE C 44 -29.96 -65.75 -37.19
C ILE C 44 -29.33 -64.63 -38.01
N GLU C 45 -29.87 -64.36 -39.18
CA GLU C 45 -29.27 -63.33 -40.02
C GLU C 45 -29.77 -61.96 -39.63
N ALA C 46 -28.93 -60.96 -39.82
CA ALA C 46 -29.29 -59.58 -39.57
C ALA C 46 -29.04 -58.75 -40.83
N ASN C 47 -29.45 -57.49 -40.78
CA ASN C 47 -29.32 -56.59 -41.91
C ASN C 47 -28.85 -55.24 -41.39
N LYS C 48 -27.58 -54.90 -41.60
CA LYS C 48 -27.11 -53.61 -41.14
C LYS C 48 -27.65 -52.52 -42.05
N ILE C 49 -28.77 -51.93 -41.64
CA ILE C 49 -29.40 -50.87 -42.41
C ILE C 49 -28.85 -49.54 -41.91
N ASP C 50 -28.09 -48.85 -42.73
CA ASP C 50 -27.68 -47.50 -42.37
C ASP C 50 -28.85 -46.56 -42.46
N SER C 51 -28.94 -45.64 -41.51
CA SER C 51 -29.96 -44.60 -41.51
C SER C 51 -29.32 -43.21 -41.60
N GLY C 52 -28.22 -43.10 -42.33
CA GLY C 52 -27.58 -41.81 -42.51
C GLY C 52 -26.79 -41.34 -41.31
N LYS C 53 -27.05 -40.11 -40.89
CA LYS C 53 -26.41 -39.49 -39.73
C LYS C 53 -27.05 -39.92 -38.42
N LEU C 54 -28.18 -40.62 -38.47
CA LEU C 54 -28.82 -41.18 -37.28
C LEU C 54 -28.30 -42.57 -36.94
N GLY C 55 -27.09 -42.92 -37.40
CA GLY C 55 -26.50 -44.19 -37.06
C GLY C 55 -27.10 -45.35 -37.82
N TYR C 56 -26.50 -46.51 -37.64
CA TYR C 56 -26.94 -47.73 -38.29
C TYR C 56 -28.20 -48.28 -37.63
N SER C 57 -28.71 -49.39 -38.15
CA SER C 57 -29.87 -50.05 -37.60
C SER C 57 -29.80 -51.51 -37.97
N ILE C 58 -30.24 -52.37 -37.07
CA ILE C 58 -30.17 -53.81 -37.26
C ILE C 58 -31.58 -54.36 -37.17
N THR C 59 -32.02 -55.03 -38.22
CA THR C 59 -33.36 -55.60 -38.26
C THR C 59 -33.24 -57.10 -38.50
N VAL C 60 -33.99 -57.88 -37.74
CA VAL C 60 -34.03 -59.32 -37.93
C VAL C 60 -35.41 -59.71 -38.42
N ALA C 61 -35.55 -60.95 -38.86
CA ALA C 61 -36.84 -61.43 -39.33
C ALA C 61 -37.75 -61.73 -38.15
N GLU C 62 -39.03 -61.85 -38.44
CA GLU C 62 -40.05 -62.00 -37.40
C GLU C 62 -39.96 -63.31 -36.61
N PRO C 63 -39.69 -64.49 -37.18
CA PRO C 63 -39.55 -65.68 -36.30
C PRO C 63 -38.29 -65.67 -35.46
N ASP C 64 -37.29 -64.87 -35.82
CA ASP C 64 -36.08 -64.79 -35.02
C ASP C 64 -35.97 -63.54 -34.19
N PHE C 65 -36.99 -62.68 -34.14
CA PHE C 65 -36.92 -61.56 -33.22
C PHE C 65 -36.98 -62.04 -31.78
N THR C 66 -37.61 -63.18 -31.55
CA THR C 66 -37.65 -63.75 -30.21
C THR C 66 -36.26 -64.20 -29.77
N ALA C 67 -35.60 -64.97 -30.62
CA ALA C 67 -34.30 -65.51 -30.24
C ALA C 67 -33.22 -64.45 -30.23
N ALA C 68 -33.32 -63.44 -31.09
CA ALA C 68 -32.26 -62.46 -31.17
C ALA C 68 -32.26 -61.51 -29.99
N VAL C 69 -33.44 -61.21 -29.44
CA VAL C 69 -33.48 -60.32 -28.28
C VAL C 69 -33.05 -61.05 -27.02
N TYR C 70 -32.97 -62.38 -27.05
CA TYR C 70 -32.29 -63.09 -25.98
C TYR C 70 -30.79 -62.86 -26.05
N TRP C 71 -30.21 -62.96 -27.23
CA TRP C 71 -28.76 -62.80 -27.31
C TRP C 71 -28.33 -61.35 -27.23
N ILE C 72 -29.23 -60.40 -27.33
CA ILE C 72 -28.88 -59.04 -26.96
C ILE C 72 -28.73 -58.96 -25.45
N LYS C 73 -29.51 -59.75 -24.72
CA LYS C 73 -29.49 -59.64 -23.27
C LYS C 73 -28.24 -60.30 -22.68
N THR C 74 -27.92 -61.52 -23.12
CA THR C 74 -26.83 -62.26 -22.49
C THR C 74 -25.47 -61.65 -22.80
N TYR C 75 -25.25 -61.21 -24.03
CA TYR C 75 -24.00 -60.58 -24.38
C TYR C 75 -23.94 -59.12 -24.03
N GLN C 76 -25.07 -58.56 -23.55
CA GLN C 76 -25.21 -57.15 -23.20
C GLN C 76 -24.87 -56.24 -24.38
N LEU C 77 -25.30 -56.64 -25.55
CA LEU C 77 -25.14 -55.84 -26.75
C LEU C 77 -26.08 -54.64 -26.68
N PRO C 78 -25.74 -53.50 -27.30
CA PRO C 78 -24.52 -53.12 -28.01
C PRO C 78 -23.36 -52.92 -27.06
N PRO C 79 -22.14 -53.19 -27.52
CA PRO C 79 -21.00 -53.09 -26.61
C PRO C 79 -20.73 -51.65 -26.21
N ARG C 80 -20.39 -51.48 -24.95
CA ARG C 80 -19.94 -50.19 -24.45
C ARG C 80 -18.62 -49.84 -25.14
N PRO C 81 -18.31 -48.54 -25.28
CA PRO C 81 -17.04 -48.17 -25.90
C PRO C 81 -15.88 -48.59 -25.03
N ARG C 82 -14.88 -49.20 -25.67
CA ARG C 82 -13.77 -49.82 -24.95
C ARG C 82 -12.93 -48.76 -24.27
N VAL C 83 -12.91 -48.81 -22.95
CA VAL C 83 -12.40 -47.73 -22.12
C VAL C 83 -10.97 -48.05 -21.69
N GLU C 84 -10.09 -47.09 -21.85
CA GLU C 84 -8.80 -47.09 -21.19
C GLU C 84 -8.78 -45.99 -20.16
N ILE C 85 -7.75 -46.02 -19.32
CA ILE C 85 -7.75 -45.23 -18.09
C ILE C 85 -7.57 -43.76 -18.42
N ALA C 86 -6.89 -43.45 -19.50
CA ALA C 86 -6.56 -42.07 -19.81
C ALA C 86 -7.70 -41.28 -20.41
N GLN C 87 -8.85 -41.91 -20.66
CA GLN C 87 -10.00 -41.14 -21.12
C GLN C 87 -10.62 -40.31 -20.02
N MET C 88 -10.29 -40.58 -18.76
CA MET C 88 -10.87 -39.86 -17.64
C MET C 88 -9.87 -38.92 -16.99
N PHE C 89 -8.81 -38.58 -17.72
CA PHE C 89 -7.87 -37.53 -17.31
C PHE C 89 -7.49 -36.77 -18.56
N PRO C 90 -8.37 -35.90 -19.07
CA PRO C 90 -8.14 -35.35 -20.40
C PRO C 90 -7.11 -34.25 -20.43
N ALA C 91 -7.01 -33.46 -19.35
CA ALA C 91 -6.09 -32.33 -19.19
C ALA C 91 -6.24 -31.31 -20.32
N ASP C 92 -7.43 -30.71 -20.39
CA ASP C 92 -7.66 -29.69 -21.41
C ASP C 92 -6.98 -28.37 -21.03
N SER C 93 -7.33 -27.81 -19.87
CA SER C 93 -6.71 -26.58 -19.39
C SER C 93 -6.55 -26.58 -17.87
N LEU C 94 -6.79 -27.72 -17.25
CA LEU C 94 -6.69 -27.84 -15.80
C LEU C 94 -5.23 -28.08 -15.44
N VAL C 95 -4.88 -27.73 -14.19
CA VAL C 95 -3.49 -27.73 -13.74
C VAL C 95 -2.92 -29.15 -13.67
N SER C 96 -3.77 -30.17 -13.52
CA SER C 96 -3.44 -31.59 -13.71
C SER C 96 -2.36 -32.05 -12.73
N SER C 97 -2.79 -32.19 -11.47
CA SER C 97 -2.09 -32.73 -10.31
C SER C 97 -1.27 -33.98 -10.63
N PRO C 98 -0.14 -34.21 -9.96
CA PRO C 98 0.80 -35.27 -10.38
C PRO C 98 0.27 -36.69 -10.36
N ARG C 99 -0.88 -36.92 -9.73
CA ARG C 99 -1.58 -38.18 -9.92
C ARG C 99 -2.13 -38.31 -11.33
N ALA C 100 -2.53 -37.21 -11.95
CA ALA C 100 -3.13 -37.29 -13.28
C ALA C 100 -2.09 -37.58 -14.34
N GLU C 101 -0.84 -37.18 -14.12
CA GLU C 101 0.19 -37.51 -15.08
C GLU C 101 0.51 -38.99 -15.10
N LYS C 102 0.66 -39.65 -13.94
CA LYS C 102 0.94 -41.07 -13.95
C LYS C 102 -0.28 -41.88 -14.35
N ALA C 103 -1.48 -41.30 -14.24
CA ALA C 103 -2.66 -42.00 -14.69
C ALA C 103 -2.66 -42.15 -16.20
N ARG C 104 -2.44 -41.07 -16.93
CA ARG C 104 -2.43 -41.19 -18.38
C ARG C 104 -1.07 -41.64 -18.90
N LEU C 105 -0.04 -41.65 -18.05
CA LEU C 105 1.24 -42.21 -18.49
C LEU C 105 1.14 -43.71 -18.62
N TYR C 106 0.78 -44.39 -17.52
CA TYR C 106 0.67 -45.85 -17.54
C TYR C 106 -0.45 -46.33 -18.45
N SER C 107 -1.50 -45.53 -18.61
CA SER C 107 -2.60 -45.92 -19.47
C SER C 107 -2.18 -45.95 -20.93
N ALA C 108 -1.33 -45.02 -21.34
CA ALA C 108 -0.79 -45.07 -22.69
C ALA C 108 0.19 -46.22 -22.84
N ILE C 109 0.82 -46.65 -21.75
CA ILE C 109 1.68 -47.81 -21.84
C ILE C 109 0.84 -49.09 -21.91
N GLU C 110 -0.33 -49.10 -21.25
CA GLU C 110 -1.24 -50.24 -21.38
C GLU C 110 -1.71 -50.40 -22.82
N GLN C 111 -1.98 -49.29 -23.51
CA GLN C 111 -2.44 -49.36 -24.88
C GLN C 111 -1.30 -49.79 -25.79
N ARG C 112 -0.10 -49.28 -25.56
CA ARG C 112 0.98 -49.49 -26.52
C ARG C 112 1.55 -50.89 -26.43
N LEU C 113 1.58 -51.49 -25.25
CA LEU C 113 1.94 -52.90 -25.16
C LEU C 113 0.87 -53.78 -25.75
N GLU C 114 -0.39 -53.36 -25.67
CA GLU C 114 -1.47 -54.07 -26.32
C GLU C 114 -1.32 -54.02 -27.84
N GLN C 115 -0.92 -52.87 -28.38
CA GLN C 115 -0.69 -52.73 -29.81
C GLN C 115 0.49 -53.57 -30.29
N SER C 116 1.40 -53.93 -29.40
CA SER C 116 2.62 -54.62 -29.80
C SER C 116 2.50 -56.12 -29.69
N LEU C 117 1.79 -56.62 -28.68
CA LEU C 117 1.52 -58.05 -28.62
C LEU C 117 0.66 -58.49 -29.79
N GLN C 118 -0.20 -57.60 -30.27
CA GLN C 118 -1.07 -57.91 -31.40
C GLN C 118 -0.29 -58.12 -32.68
N THR C 119 0.94 -57.59 -32.76
CA THR C 119 1.81 -57.81 -33.91
C THR C 119 2.91 -58.83 -33.61
N MET C 120 2.64 -59.82 -32.78
CA MET C 120 3.53 -60.95 -32.67
C MET C 120 3.12 -62.02 -33.69
N GLU C 121 3.68 -63.21 -33.58
CA GLU C 121 3.39 -64.28 -34.52
C GLU C 121 2.15 -65.01 -34.03
N GLY C 122 1.01 -64.72 -34.66
CA GLY C 122 -0.20 -65.46 -34.41
C GLY C 122 -1.15 -64.86 -33.40
N VAL C 123 -0.75 -63.81 -32.69
CA VAL C 123 -1.67 -63.19 -31.75
C VAL C 123 -2.71 -62.41 -32.54
N LEU C 124 -3.98 -62.78 -32.40
CA LEU C 124 -5.04 -62.02 -33.05
C LEU C 124 -5.34 -60.75 -32.29
N SER C 125 -5.55 -60.87 -30.98
CA SER C 125 -5.91 -59.75 -30.15
C SER C 125 -5.22 -59.87 -28.81
N ALA C 126 -5.14 -58.75 -28.10
CA ALA C 126 -4.44 -58.75 -26.82
C ALA C 126 -5.01 -57.68 -25.92
N ARG C 127 -4.88 -57.92 -24.62
CA ARG C 127 -5.22 -56.94 -23.59
C ARG C 127 -4.12 -56.97 -22.54
N VAL C 128 -3.71 -55.80 -22.07
CA VAL C 128 -2.63 -55.68 -21.09
C VAL C 128 -3.10 -54.74 -19.99
N HIS C 129 -2.97 -55.16 -18.74
CA HIS C 129 -3.24 -54.32 -17.59
C HIS C 129 -1.97 -54.12 -16.79
N ILE C 130 -1.85 -52.96 -16.17
CA ILE C 130 -0.70 -52.61 -15.35
C ILE C 130 -1.21 -52.33 -13.94
N SER C 131 -0.52 -52.86 -12.94
CA SER C 131 -0.80 -52.49 -11.58
C SER C 131 -0.46 -51.03 -11.34
N TYR C 132 -1.40 -50.27 -10.82
CA TYR C 132 -1.20 -48.84 -10.62
C TYR C 132 -0.85 -48.60 -9.16
N ASP C 133 0.45 -48.65 -8.87
CA ASP C 133 0.97 -48.09 -7.62
C ASP C 133 1.14 -46.61 -7.88
N ILE C 134 0.23 -45.81 -7.34
CA ILE C 134 0.19 -44.39 -7.63
C ILE C 134 0.58 -43.56 -6.42
N ASP C 135 0.14 -43.93 -5.23
CA ASP C 135 0.34 -43.11 -4.05
C ASP C 135 1.64 -43.42 -3.33
N ALA C 136 2.67 -43.83 -4.06
CA ALA C 136 3.96 -44.16 -3.45
C ALA C 136 4.65 -42.91 -2.89
N GLY C 137 4.58 -41.80 -3.62
CA GLY C 137 5.18 -40.56 -3.15
C GLY C 137 4.38 -39.88 -2.06
N GLU C 138 3.06 -40.06 -2.05
CA GLU C 138 2.21 -39.40 -1.06
C GLU C 138 2.29 -40.08 0.31
N ASN C 139 2.54 -41.39 0.33
CA ASN C 139 2.75 -42.09 1.59
C ASN C 139 4.17 -41.97 2.12
N GLY C 140 5.11 -41.50 1.31
CA GLY C 140 6.48 -41.44 1.73
C GLY C 140 7.13 -42.80 1.81
N ARG C 141 6.91 -43.64 0.82
CA ARG C 141 7.35 -45.03 0.81
C ARG C 141 8.02 -45.35 -0.54
N PRO C 142 8.88 -46.37 -0.57
CA PRO C 142 9.33 -46.87 -1.86
C PRO C 142 8.20 -47.60 -2.56
N PRO C 143 8.14 -47.51 -3.88
CA PRO C 143 6.99 -48.04 -4.61
C PRO C 143 7.00 -49.56 -4.67
N LYS C 144 5.84 -50.10 -4.97
CA LYS C 144 5.64 -51.53 -5.04
C LYS C 144 6.20 -52.05 -6.36
N PRO C 145 6.49 -53.35 -6.46
CA PRO C 145 6.84 -53.91 -7.76
C PRO C 145 5.67 -53.84 -8.71
N VAL C 146 5.98 -53.68 -9.98
CA VAL C 146 4.94 -53.56 -11.00
C VAL C 146 4.44 -54.96 -11.34
N HIS C 147 3.14 -55.14 -11.28
CA HIS C 147 2.48 -56.37 -11.69
C HIS C 147 1.72 -56.10 -12.97
N LEU C 148 1.60 -57.11 -13.81
CA LEU C 148 0.89 -56.91 -15.06
C LEU C 148 0.27 -58.20 -15.56
N SER C 149 -0.85 -58.06 -16.26
CA SER C 149 -1.61 -59.18 -16.77
C SER C 149 -1.75 -59.07 -18.27
N ALA C 150 -1.92 -60.20 -18.93
CA ALA C 150 -2.03 -60.18 -20.38
C ALA C 150 -2.98 -61.25 -20.88
N LEU C 151 -3.79 -60.90 -21.86
CA LEU C 151 -4.65 -61.82 -22.57
C LEU C 151 -4.22 -61.88 -24.02
N ALA C 152 -4.49 -63.00 -24.68
CA ALA C 152 -3.97 -63.21 -26.03
C ALA C 152 -4.80 -64.28 -26.71
N VAL C 153 -5.20 -64.00 -27.95
CA VAL C 153 -6.03 -64.91 -28.71
C VAL C 153 -5.21 -65.41 -29.90
N TYR C 154 -4.83 -66.67 -29.86
CA TYR C 154 -4.01 -67.27 -30.90
C TYR C 154 -4.87 -67.94 -31.96
N GLU C 155 -4.21 -68.45 -33.00
CA GLU C 155 -4.92 -69.20 -34.02
C GLU C 155 -5.31 -70.58 -33.50
N ARG C 156 -6.08 -71.28 -34.30
CA ARG C 156 -6.16 -72.73 -34.15
C ARG C 156 -4.80 -73.35 -34.47
N GLY C 157 -4.57 -74.53 -33.92
CA GLY C 157 -3.40 -75.32 -34.26
C GLY C 157 -2.09 -74.88 -33.64
N SER C 158 -2.03 -73.72 -33.01
CA SER C 158 -0.79 -73.31 -32.39
C SER C 158 -0.60 -74.07 -31.07
N PRO C 159 0.60 -74.50 -30.77
CA PRO C 159 0.85 -75.14 -29.47
C PRO C 159 0.97 -74.12 -28.34
N LEU C 160 -0.17 -73.76 -27.73
CA LEU C 160 -0.27 -72.63 -26.80
C LEU C 160 0.63 -72.72 -25.57
N ALA C 161 1.13 -73.90 -25.23
CA ALA C 161 1.98 -74.03 -24.05
C ALA C 161 3.40 -73.54 -24.27
N HIS C 162 3.73 -73.00 -25.44
CA HIS C 162 5.08 -72.54 -25.72
C HIS C 162 5.14 -71.07 -26.10
N GLN C 163 4.06 -70.49 -26.60
CA GLN C 163 4.03 -69.05 -26.80
C GLN C 163 3.77 -68.31 -25.50
N ILE C 164 3.54 -69.03 -24.41
CA ILE C 164 3.41 -68.42 -23.10
C ILE C 164 4.76 -67.88 -22.64
N SER C 165 5.86 -68.45 -23.11
CA SER C 165 7.18 -68.00 -22.69
C SER C 165 7.63 -66.76 -23.44
N ASP C 166 7.18 -66.60 -24.69
CA ASP C 166 7.59 -65.45 -25.48
C ASP C 166 7.00 -64.17 -24.94
N ILE C 167 5.70 -64.17 -24.64
CA ILE C 167 5.05 -63.01 -24.07
C ILE C 167 5.65 -62.66 -22.72
N LYS C 168 5.78 -63.67 -21.87
CA LYS C 168 6.27 -63.50 -20.51
C LYS C 168 7.73 -63.06 -20.49
N ARG C 169 8.50 -63.37 -21.54
CA ARG C 169 9.83 -62.80 -21.69
C ARG C 169 9.77 -61.38 -22.24
N PHE C 170 8.81 -61.13 -23.14
CA PHE C 170 8.72 -59.85 -23.82
C PHE C 170 8.43 -58.71 -22.86
N LEU C 171 7.33 -58.80 -22.13
CA LEU C 171 6.93 -57.65 -21.36
C LEU C 171 7.40 -57.73 -19.92
N LYS C 172 8.33 -58.63 -19.60
CA LYS C 172 9.15 -58.44 -18.42
C LYS C 172 9.95 -57.16 -18.54
N ASN C 173 10.81 -57.08 -19.53
CA ASN C 173 11.71 -55.95 -19.67
C ASN C 173 11.05 -54.77 -20.31
N SER C 174 9.73 -54.71 -20.39
CA SER C 174 9.04 -53.50 -20.76
C SER C 174 8.78 -52.61 -19.56
N PHE C 175 9.17 -53.04 -18.37
CA PHE C 175 9.04 -52.25 -17.16
C PHE C 175 10.26 -52.41 -16.28
N ALA C 176 10.31 -51.59 -15.24
CA ALA C 176 11.53 -51.40 -14.48
C ALA C 176 11.81 -52.57 -13.54
N ASP C 177 10.92 -52.81 -12.59
CA ASP C 177 11.16 -53.84 -11.57
C ASP C 177 10.01 -54.83 -11.56
N VAL C 178 10.04 -55.80 -12.48
CA VAL C 178 9.06 -56.87 -12.46
C VAL C 178 9.82 -58.19 -12.41
N ASP C 179 9.06 -59.25 -12.14
CA ASP C 179 9.65 -60.58 -12.11
C ASP C 179 8.89 -61.48 -13.06
N TYR C 180 9.16 -62.77 -13.00
CA TYR C 180 8.38 -63.77 -13.72
C TYR C 180 7.24 -64.30 -12.87
N ASP C 181 6.98 -63.66 -11.74
CA ASP C 181 5.84 -64.00 -10.91
C ASP C 181 4.81 -62.90 -10.87
N ASN C 182 5.18 -61.69 -11.27
CA ASN C 182 4.24 -60.59 -11.35
C ASN C 182 3.58 -60.49 -12.71
N ILE C 183 3.83 -61.45 -13.59
CA ILE C 183 3.28 -61.44 -14.94
C ILE C 183 2.31 -62.61 -15.04
N SER C 184 1.06 -62.30 -15.35
CA SER C 184 0.01 -63.32 -15.41
C SER C 184 -0.59 -63.29 -16.81
N VAL C 185 -0.21 -64.27 -17.63
CA VAL C 185 -0.66 -64.33 -19.02
C VAL C 185 -1.51 -65.57 -19.17
N VAL C 186 -2.77 -65.38 -19.49
CA VAL C 186 -3.71 -66.47 -19.70
C VAL C 186 -4.19 -66.36 -21.14
N LEU C 187 -3.54 -67.09 -22.03
CA LEU C 187 -3.81 -67.01 -23.46
C LEU C 187 -4.63 -68.20 -23.93
N SER C 188 -5.56 -67.92 -24.82
CA SER C 188 -6.58 -68.88 -25.23
C SER C 188 -6.76 -68.80 -26.74
N GLU C 189 -6.81 -69.95 -27.40
CA GLU C 189 -6.95 -69.96 -28.84
C GLU C 189 -8.35 -69.52 -29.23
N ARG C 190 -8.49 -69.08 -30.48
CA ARG C 190 -9.76 -68.51 -30.90
C ARG C 190 -10.80 -69.58 -31.09
N SER C 191 -12.04 -69.14 -31.28
CA SER C 191 -13.15 -70.05 -31.43
C SER C 191 -13.15 -70.66 -32.83
N ASP C 192 -14.16 -71.49 -33.10
CA ASP C 192 -14.34 -72.01 -34.44
C ASP C 192 -14.74 -70.89 -35.38
N ALA C 193 -14.31 -71.01 -36.63
CA ALA C 193 -14.56 -69.95 -37.60
C ALA C 193 -16.01 -69.97 -38.05
N GLN C 194 -16.65 -68.81 -37.99
CA GLN C 194 -18.00 -68.65 -38.52
C GLN C 194 -17.88 -68.18 -39.94
N LEU C 195 -17.92 -69.12 -40.87
CA LEU C 195 -17.78 -68.85 -42.29
C LEU C 195 -19.05 -69.19 -43.06
N GLN C 196 -20.11 -69.55 -42.35
CA GLN C 196 -21.21 -70.31 -42.90
C GLN C 196 -22.48 -69.49 -42.82
N ALA C 197 -23.24 -69.48 -43.90
CA ALA C 197 -24.40 -68.60 -43.99
C ALA C 197 -25.50 -69.08 -43.04
N PRO C 198 -26.11 -68.17 -42.26
CA PRO C 198 -27.15 -68.58 -41.32
C PRO C 198 -28.40 -69.13 -41.97
N GLY C 199 -29.00 -68.35 -42.86
CA GLY C 199 -30.17 -68.81 -43.56
C GLY C 199 -31.43 -68.04 -43.23
N THR C 200 -32.16 -67.63 -44.26
CA THR C 200 -33.46 -67.03 -44.08
C THR C 200 -34.46 -68.07 -43.59
N PRO C 201 -35.42 -67.69 -42.76
CA PRO C 201 -36.44 -68.64 -42.31
C PRO C 201 -37.35 -69.10 -43.45
N VAL C 202 -38.05 -70.19 -43.20
CA VAL C 202 -38.97 -70.76 -44.18
C VAL C 202 -40.30 -70.05 -44.05
N LYS C 203 -41.10 -70.13 -45.11
CA LYS C 203 -42.40 -69.45 -45.15
C LYS C 203 -43.54 -70.43 -44.96
N ALA D 171 -18.15 -77.76 -60.69
CA ALA D 171 -16.89 -77.46 -61.37
C ALA D 171 -15.75 -78.22 -60.74
N GLU D 172 -14.55 -78.07 -61.32
CA GLU D 172 -13.38 -78.73 -60.78
C GLU D 172 -12.89 -78.03 -59.52
N LEU D 173 -12.73 -78.78 -58.44
CA LEU D 173 -12.35 -78.19 -57.17
C LEU D 173 -10.92 -77.70 -57.18
N ASP D 174 -10.08 -78.25 -58.06
CA ASP D 174 -8.73 -77.73 -58.25
C ASP D 174 -8.72 -76.30 -58.78
N SER D 175 -9.80 -75.87 -59.44
CA SER D 175 -9.94 -74.50 -59.88
C SER D 175 -10.91 -73.69 -59.04
N LEU D 176 -11.81 -74.34 -58.29
CA LEU D 176 -12.63 -73.62 -57.33
C LEU D 176 -11.81 -73.08 -56.17
N LEU D 177 -10.69 -73.73 -55.87
CA LEU D 177 -9.72 -73.22 -54.92
C LEU D 177 -8.85 -72.18 -55.61
N GLY D 178 -7.74 -71.80 -55.00
CA GLY D 178 -6.93 -70.74 -55.54
C GLY D 178 -6.19 -71.10 -56.82
N GLN D 179 -5.39 -70.14 -57.28
CA GLN D 179 -4.64 -70.28 -58.53
C GLN D 179 -3.56 -71.35 -58.43
N GLU D 180 -2.96 -71.52 -57.25
CA GLU D 180 -1.85 -72.45 -57.08
C GLU D 180 -2.37 -73.85 -56.85
N LYS D 181 -1.99 -74.77 -57.74
CA LYS D 181 -2.49 -76.13 -57.63
C LYS D 181 -1.73 -76.93 -56.59
N GLU D 182 -0.46 -76.57 -56.35
CA GLU D 182 0.40 -77.37 -55.49
C GLU D 182 0.06 -77.24 -54.01
N ARG D 183 -0.71 -76.22 -53.63
CA ARG D 183 -0.97 -75.99 -52.22
C ARG D 183 -1.97 -76.97 -51.65
N PHE D 184 -2.94 -77.41 -52.43
CA PHE D 184 -3.94 -78.35 -51.97
C PHE D 184 -3.81 -79.64 -52.75
N GLN D 185 -4.43 -80.70 -52.25
CA GLN D 185 -4.44 -81.99 -52.92
C GLN D 185 -5.76 -82.66 -52.65
N VAL D 186 -6.62 -82.73 -53.66
CA VAL D 186 -7.94 -83.30 -53.49
C VAL D 186 -7.85 -84.81 -53.35
N LEU D 187 -8.80 -85.39 -52.62
CA LEU D 187 -8.74 -86.80 -52.29
C LEU D 187 -10.12 -87.43 -52.46
N PRO D 188 -10.33 -88.22 -53.48
CA PRO D 188 -11.63 -88.87 -53.66
C PRO D 188 -11.85 -90.03 -52.70
N GLY D 189 -12.42 -89.72 -51.53
CA GLY D 189 -12.67 -90.74 -50.52
C GLY D 189 -13.68 -91.78 -50.96
N ARG D 190 -13.77 -92.84 -50.16
CA ARG D 190 -14.54 -94.02 -50.52
C ARG D 190 -16.02 -93.90 -50.20
N ASP D 191 -16.42 -92.97 -49.33
CA ASP D 191 -17.81 -92.87 -48.86
C ASP D 191 -18.57 -91.73 -49.52
N LYS D 192 -18.30 -91.50 -50.81
CA LYS D 192 -18.93 -90.56 -51.76
C LYS D 192 -18.54 -89.10 -51.49
N MET D 193 -17.87 -88.82 -50.39
CA MET D 193 -17.47 -87.47 -50.06
C MET D 193 -16.04 -87.25 -50.51
N LEU D 194 -15.79 -86.08 -51.11
CA LEU D 194 -14.46 -85.71 -51.55
C LEU D 194 -13.76 -84.92 -50.45
N TYR D 195 -12.45 -85.05 -50.38
CA TYR D 195 -11.66 -84.40 -49.34
C TYR D 195 -10.54 -83.60 -49.97
N VAL D 196 -10.19 -82.48 -49.33
CA VAL D 196 -9.10 -81.63 -49.78
C VAL D 196 -8.15 -81.38 -48.61
N ALA D 197 -6.88 -81.72 -48.81
CA ALA D 197 -5.90 -81.77 -47.73
C ALA D 197 -5.12 -80.48 -47.70
N ALA D 198 -5.41 -79.62 -46.72
CA ALA D 198 -4.63 -78.42 -46.56
C ALA D 198 -3.30 -78.75 -45.87
N GLN D 199 -2.44 -77.75 -45.77
CA GLN D 199 -1.14 -77.95 -45.15
C GLN D 199 -1.02 -77.30 -43.78
N ASN D 200 -1.68 -76.18 -43.54
CA ASN D 200 -1.67 -75.54 -42.25
C ASN D 200 -3.01 -74.85 -42.03
N GLU D 201 -3.08 -73.98 -41.02
CA GLU D 201 -4.35 -73.36 -40.68
C GLU D 201 -4.61 -72.07 -41.43
N ARG D 202 -3.73 -71.65 -42.33
CA ARG D 202 -4.15 -70.63 -43.28
C ARG D 202 -4.80 -71.26 -44.50
N ASP D 203 -4.23 -72.36 -44.99
CA ASP D 203 -4.82 -73.05 -46.13
C ASP D 203 -6.12 -73.73 -45.76
N THR D 204 -6.30 -74.11 -44.51
CA THR D 204 -7.56 -74.69 -44.08
C THR D 204 -8.66 -73.65 -44.11
N LEU D 205 -8.40 -72.46 -43.61
CA LEU D 205 -9.36 -71.37 -43.73
C LEU D 205 -9.45 -70.85 -45.14
N TRP D 206 -8.46 -71.14 -45.99
CA TRP D 206 -8.61 -70.85 -47.41
C TRP D 206 -9.59 -71.80 -48.06
N ALA D 207 -9.54 -73.07 -47.69
CA ALA D 207 -10.38 -74.07 -48.33
C ALA D 207 -11.69 -74.31 -47.61
N ARG D 208 -11.76 -74.05 -46.31
CA ARG D 208 -13.06 -74.05 -45.66
C ARG D 208 -13.85 -72.78 -45.95
N GLN D 209 -13.24 -71.80 -46.60
CA GLN D 209 -14.02 -70.65 -47.03
C GLN D 209 -14.78 -70.95 -48.30
N VAL D 210 -14.15 -71.65 -49.23
CA VAL D 210 -14.76 -71.97 -50.52
C VAL D 210 -15.96 -72.88 -50.34
N LEU D 211 -15.80 -73.94 -49.55
CA LEU D 211 -16.83 -74.97 -49.46
C LEU D 211 -18.03 -74.53 -48.64
N ALA D 212 -17.89 -73.50 -47.81
CA ALA D 212 -19.01 -73.04 -47.00
C ALA D 212 -19.69 -71.81 -47.57
N ARG D 213 -18.99 -71.08 -48.45
CA ARG D 213 -19.56 -69.93 -49.12
C ARG D 213 -20.54 -70.34 -50.20
N GLY D 214 -20.25 -71.42 -50.90
CA GLY D 214 -20.96 -71.66 -52.14
C GLY D 214 -21.18 -73.12 -52.43
N ASP D 215 -20.92 -73.53 -53.66
CA ASP D 215 -21.34 -74.84 -54.13
C ASP D 215 -20.18 -75.63 -54.71
N TYR D 216 -20.09 -76.87 -54.28
CA TYR D 216 -19.50 -77.95 -55.05
C TYR D 216 -20.62 -78.97 -55.20
N ASP D 217 -20.74 -79.59 -56.37
CA ASP D 217 -21.90 -80.43 -56.63
C ASP D 217 -21.77 -81.84 -56.04
N LYS D 218 -21.32 -81.91 -54.79
CA LYS D 218 -21.14 -83.10 -53.95
C LYS D 218 -20.65 -82.55 -52.61
N ASN D 219 -20.59 -83.41 -51.61
CA ASN D 219 -20.08 -83.00 -50.32
C ASN D 219 -18.56 -82.91 -50.37
N ALA D 220 -18.01 -81.93 -49.66
CA ALA D 220 -16.57 -81.73 -49.63
C ALA D 220 -16.16 -81.26 -48.25
N ARG D 221 -15.00 -81.72 -47.79
CA ARG D 221 -14.62 -81.61 -46.39
C ARG D 221 -13.11 -81.46 -46.27
N VAL D 222 -12.66 -80.36 -45.68
CA VAL D 222 -11.23 -80.06 -45.58
C VAL D 222 -10.67 -80.82 -44.40
N ILE D 223 -9.59 -81.57 -44.62
CA ILE D 223 -8.88 -82.24 -43.55
C ILE D 223 -7.51 -81.60 -43.41
N ASN D 224 -7.01 -81.56 -42.19
CA ASN D 224 -5.73 -80.97 -41.89
C ASN D 224 -4.80 -82.06 -41.38
N GLU D 225 -3.52 -81.74 -41.23
CA GLU D 225 -2.58 -82.73 -40.73
C GLU D 225 -2.61 -82.74 -39.21
N ASN D 226 -2.73 -81.57 -38.60
CA ASN D 226 -2.69 -81.48 -37.15
C ASN D 226 -4.06 -81.45 -36.51
N GLU D 227 -5.13 -81.54 -37.29
CA GLU D 227 -6.45 -81.59 -36.69
C GLU D 227 -7.08 -82.97 -36.87
N GLU D 228 -6.91 -83.58 -38.05
CA GLU D 228 -7.38 -84.94 -38.26
C GLU D 228 -6.58 -85.93 -37.42
N ASN D 229 -5.33 -85.61 -37.15
CA ASN D 229 -4.56 -86.33 -36.15
C ASN D 229 -5.24 -86.27 -34.79
N LYS D 230 -5.73 -85.10 -34.41
CA LYS D 230 -6.38 -84.96 -33.12
C LYS D 230 -7.79 -85.55 -33.15
N ARG D 231 -8.43 -85.58 -34.32
CA ARG D 231 -9.78 -86.13 -34.41
C ARG D 231 -9.78 -87.63 -34.20
N ILE D 232 -8.75 -88.32 -34.69
CA ILE D 232 -8.64 -89.77 -34.54
C ILE D 232 -8.44 -90.12 -33.08
N SER D 233 -7.65 -89.33 -32.36
CA SER D 233 -7.40 -89.58 -30.94
C SER D 233 -8.63 -89.38 -30.08
N ILE D 234 -9.64 -88.64 -30.55
CA ILE D 234 -10.90 -88.58 -29.84
C ILE D 234 -11.68 -89.87 -30.05
N TRP D 235 -11.49 -90.51 -31.20
CA TRP D 235 -12.05 -91.85 -31.41
C TRP D 235 -11.18 -92.92 -30.77
N LEU D 236 -9.87 -92.70 -30.76
CA LEU D 236 -8.96 -93.79 -30.45
C LEU D 236 -8.84 -94.02 -28.96
N ASP D 237 -9.09 -93.00 -28.13
CA ASP D 237 -8.97 -93.23 -26.70
C ASP D 237 -10.16 -93.99 -26.12
N THR D 238 -11.29 -94.02 -26.83
CA THR D 238 -12.41 -94.84 -26.41
C THR D 238 -12.24 -96.29 -26.85
N TYR D 239 -12.02 -96.50 -28.13
CA TYR D 239 -11.99 -97.85 -28.66
C TYR D 239 -10.65 -98.53 -28.51
N TYR D 240 -9.60 -97.78 -28.23
CA TYR D 240 -8.31 -98.35 -27.82
C TYR D 240 -7.65 -97.48 -26.75
N PRO D 241 -8.12 -97.54 -25.51
CA PRO D 241 -7.36 -96.95 -24.43
C PRO D 241 -6.17 -97.84 -24.10
N GLN D 242 -5.22 -97.28 -23.35
CA GLN D 242 -3.91 -97.89 -23.10
C GLN D 242 -3.18 -98.24 -24.39
N LEU D 243 -3.36 -97.43 -25.43
CA LEU D 243 -2.63 -97.60 -26.67
C LEU D 243 -1.49 -96.59 -26.69
N ALA D 244 -0.29 -97.07 -26.93
CA ALA D 244 0.89 -96.21 -26.97
C ALA D 244 1.23 -95.94 -28.43
N TYR D 245 0.98 -94.72 -28.85
CA TYR D 245 1.22 -94.29 -30.22
C TYR D 245 1.73 -92.87 -30.17
N TYR D 246 2.37 -92.44 -31.25
CA TYR D 246 2.95 -91.11 -31.28
C TYR D 246 2.08 -90.12 -32.03
N ARG D 247 1.86 -90.37 -33.32
CA ARG D 247 1.36 -89.36 -34.25
C ARG D 247 1.07 -90.04 -35.57
N ILE D 248 0.01 -89.61 -36.23
CA ILE D 248 -0.26 -90.05 -37.59
C ILE D 248 0.28 -88.99 -38.55
N HIS D 249 0.66 -89.41 -39.75
CA HIS D 249 1.41 -88.54 -40.64
C HIS D 249 0.78 -88.53 -42.03
N PHE D 250 0.54 -87.33 -42.54
CA PHE D 250 -0.21 -87.10 -43.77
C PHE D 250 0.67 -86.46 -44.84
N ASP D 251 1.91 -86.92 -44.98
CA ASP D 251 2.76 -86.38 -46.02
C ASP D 251 2.32 -86.87 -47.39
N GLU D 252 2.08 -88.16 -47.51
CA GLU D 252 1.35 -88.72 -48.64
C GLU D 252 -0.04 -89.08 -48.12
N PRO D 253 -1.04 -88.21 -48.31
CA PRO D 253 -2.34 -88.41 -47.65
C PRO D 253 -3.15 -89.55 -48.22
N ARG D 254 -2.73 -90.16 -49.33
CA ARG D 254 -3.37 -91.38 -49.79
C ARG D 254 -3.15 -92.53 -48.83
N LYS D 255 -1.99 -92.59 -48.18
CA LYS D 255 -1.82 -93.60 -47.15
C LYS D 255 -0.97 -93.04 -45.99
N PRO D 256 -1.54 -92.97 -44.79
CA PRO D 256 -0.82 -92.40 -43.67
C PRO D 256 0.07 -93.41 -42.96
N VAL D 257 1.11 -92.87 -42.33
CA VAL D 257 2.05 -93.66 -41.54
C VAL D 257 1.78 -93.34 -40.08
N PHE D 258 1.27 -94.33 -39.36
CA PHE D 258 0.81 -94.15 -37.99
C PHE D 258 1.77 -94.88 -37.06
N TRP D 259 2.63 -94.10 -36.41
CA TRP D 259 3.67 -94.66 -35.56
C TRP D 259 3.07 -95.23 -34.28
N LEU D 260 3.69 -96.29 -33.78
CA LEU D 260 3.34 -96.84 -32.47
C LEU D 260 4.60 -97.09 -31.68
N SER D 261 4.42 -97.25 -30.37
CA SER D 261 5.51 -97.68 -29.51
C SER D 261 5.73 -99.17 -29.71
N ARG D 262 6.96 -99.54 -30.09
CA ARG D 262 7.30 -100.95 -30.14
C ARG D 262 7.34 -101.55 -28.74
N GLN D 263 7.74 -100.76 -27.76
CA GLN D 263 7.95 -101.28 -26.42
C GLN D 263 6.64 -101.42 -25.64
N ARG D 264 5.79 -100.40 -25.68
CA ARG D 264 4.64 -100.34 -24.79
C ARG D 264 3.37 -100.86 -25.44
N ASN D 265 3.47 -101.63 -26.52
CA ASN D 265 2.30 -102.20 -27.16
C ASN D 265 2.38 -103.72 -27.10
N THR D 266 1.39 -104.32 -26.44
CA THR D 266 1.27 -105.76 -26.33
C THR D 266 0.32 -106.33 -27.38
N MET D 267 -0.07 -105.53 -28.35
CA MET D 267 -0.94 -106.00 -29.42
C MET D 267 -0.19 -106.95 -30.34
N SER D 268 -0.84 -108.04 -30.69
CA SER D 268 -0.23 -109.01 -31.60
C SER D 268 -0.46 -108.54 -33.04
N LYS D 269 0.15 -109.25 -34.00
CA LYS D 269 0.08 -108.82 -35.39
C LYS D 269 -1.26 -109.13 -36.03
N LYS D 270 -2.09 -109.93 -35.34
CA LYS D 270 -3.44 -110.19 -35.83
C LYS D 270 -4.30 -108.94 -35.75
N GLU D 271 -4.54 -108.43 -34.54
CA GLU D 271 -5.41 -107.28 -34.36
C GLU D 271 -4.74 -105.97 -34.73
N LEU D 272 -3.41 -105.96 -34.95
CA LEU D 272 -2.78 -104.77 -35.49
C LEU D 272 -3.18 -104.54 -36.93
N GLU D 273 -3.45 -105.62 -37.67
CA GLU D 273 -4.01 -105.49 -39.01
C GLU D 273 -5.49 -105.12 -38.93
N VAL D 274 -6.17 -105.51 -37.85
CA VAL D 274 -7.51 -104.99 -37.60
C VAL D 274 -7.44 -103.50 -37.31
N LEU D 275 -6.39 -103.08 -36.60
CA LEU D 275 -6.20 -101.66 -36.30
C LEU D 275 -5.85 -100.86 -37.55
N SER D 276 -5.26 -101.50 -38.56
CA SER D 276 -5.10 -100.84 -39.85
C SER D 276 -6.39 -100.81 -40.65
N GLN D 277 -7.45 -101.48 -40.19
CA GLN D 277 -8.75 -101.43 -40.83
C GLN D 277 -9.78 -100.64 -40.03
N LYS D 278 -9.60 -100.50 -38.72
CA LYS D 278 -10.46 -99.61 -37.96
C LYS D 278 -10.19 -98.16 -38.29
N LEU D 279 -8.94 -97.81 -38.58
CA LEU D 279 -8.61 -96.43 -38.91
C LEU D 279 -9.10 -96.04 -40.29
N ARG D 280 -9.20 -97.00 -41.21
CA ARG D 280 -9.70 -96.72 -42.55
C ARG D 280 -11.18 -96.37 -42.54
N ALA D 281 -11.92 -96.79 -41.52
CA ALA D 281 -13.31 -96.35 -41.38
C ALA D 281 -13.39 -94.89 -40.97
N LEU D 282 -12.32 -94.33 -40.41
CA LEU D 282 -12.28 -92.92 -40.06
C LEU D 282 -11.69 -92.05 -41.14
N MET D 283 -10.83 -92.61 -41.99
CA MET D 283 -10.16 -91.88 -43.06
C MET D 283 -10.56 -92.52 -44.38
N PRO D 284 -11.68 -92.10 -44.96
CA PRO D 284 -12.12 -92.72 -46.23
C PRO D 284 -11.22 -92.39 -47.38
N TYR D 285 -10.57 -91.23 -47.34
CA TYR D 285 -9.58 -90.84 -48.33
C TYR D 285 -8.34 -91.72 -48.29
N ALA D 286 -8.08 -92.39 -47.17
CA ALA D 286 -6.87 -93.17 -47.03
C ALA D 286 -6.98 -94.49 -47.79
N ASP D 287 -5.85 -94.94 -48.32
CA ASP D 287 -5.82 -96.24 -48.97
C ASP D 287 -5.69 -97.35 -47.95
N SER D 288 -4.57 -97.37 -47.22
CA SER D 288 -4.31 -98.36 -46.18
C SER D 288 -3.26 -97.79 -45.24
N VAL D 289 -3.51 -97.89 -43.94
CA VAL D 289 -2.64 -97.28 -42.95
C VAL D 289 -1.35 -98.09 -42.83
N ASN D 290 -0.21 -97.41 -42.92
CA ASN D 290 1.10 -98.04 -42.81
C ASN D 290 1.53 -97.94 -41.34
N ILE D 291 1.12 -98.91 -40.56
CA ILE D 291 1.48 -98.97 -39.14
C ILE D 291 2.91 -99.45 -39.00
N THR D 292 3.76 -98.61 -38.42
CA THR D 292 5.11 -99.02 -38.07
C THR D 292 5.35 -98.79 -36.59
N LEU D 293 6.52 -99.20 -36.13
CA LEU D 293 6.87 -99.20 -34.72
C LEU D 293 8.14 -98.38 -34.54
N MET D 294 8.18 -97.58 -33.47
CA MET D 294 9.37 -96.82 -33.14
C MET D 294 9.73 -97.09 -31.70
N ASP D 295 11.01 -97.27 -31.42
CA ASP D 295 11.45 -97.54 -30.06
C ASP D 295 11.37 -96.27 -29.21
N ASP D 296 10.93 -96.43 -27.97
CA ASP D 296 10.76 -95.29 -27.09
C ASP D 296 12.09 -94.69 -26.65
N VAL D 297 13.17 -95.46 -26.69
CA VAL D 297 14.47 -94.91 -26.34
C VAL D 297 15.01 -94.04 -27.48
N THR D 298 14.57 -94.28 -28.71
CA THR D 298 14.95 -93.42 -29.82
C THR D 298 14.18 -92.11 -29.79
N ALA D 299 12.93 -92.14 -29.32
CA ALA D 299 12.14 -90.93 -29.22
C ALA D 299 12.69 -89.99 -28.16
N ALA D 300 12.93 -90.51 -26.97
CA ALA D 300 13.52 -89.69 -25.92
C ALA D 300 14.99 -89.41 -26.16
N GLY D 301 15.64 -90.20 -27.02
CA GLY D 301 17.03 -89.96 -27.33
C GLY D 301 17.23 -88.69 -28.12
N GLN D 302 16.57 -88.59 -29.28
CA GLN D 302 16.71 -87.42 -30.15
C GLN D 302 16.16 -86.16 -29.51
N ALA D 303 15.17 -86.29 -28.62
CA ALA D 303 14.72 -85.14 -27.86
C ALA D 303 15.79 -84.69 -26.88
N GLU D 304 16.49 -85.64 -26.27
CA GLU D 304 17.59 -85.25 -25.38
C GLU D 304 18.83 -84.87 -26.18
N ALA D 305 19.14 -85.61 -27.25
CA ALA D 305 20.32 -85.33 -28.05
C ALA D 305 20.17 -84.09 -28.91
N GLY D 306 19.00 -83.45 -28.91
CA GLY D 306 18.88 -82.16 -29.56
C GLY D 306 18.88 -81.06 -28.52
N LEU D 307 18.27 -81.32 -27.37
CA LEU D 307 18.09 -80.27 -26.38
C LEU D 307 19.38 -79.94 -25.66
N LYS D 308 20.32 -80.89 -25.59
CA LYS D 308 21.66 -80.55 -25.16
C LYS D 308 22.54 -80.14 -26.33
N GLN D 309 22.11 -80.39 -27.57
CA GLN D 309 22.82 -79.89 -28.73
C GLN D 309 22.50 -78.44 -28.99
N GLN D 310 21.38 -77.95 -28.46
CA GLN D 310 21.08 -76.52 -28.44
C GLN D 310 21.69 -75.81 -27.25
N ALA D 311 22.41 -76.55 -26.39
CA ALA D 311 23.02 -76.05 -25.15
C ALA D 311 21.96 -75.41 -24.24
N LEU D 312 21.05 -76.25 -23.77
CA LEU D 312 19.98 -75.80 -22.91
C LEU D 312 20.01 -76.53 -21.58
N PRO D 313 19.84 -75.83 -20.46
CA PRO D 313 19.78 -76.52 -19.16
C PRO D 313 18.46 -77.26 -19.02
N TYR D 314 18.52 -78.47 -18.48
CA TYR D 314 17.32 -79.28 -18.35
C TYR D 314 17.51 -80.29 -17.24
N SER D 315 16.52 -81.14 -17.07
CA SER D 315 16.66 -82.32 -16.21
C SER D 315 15.68 -83.37 -16.72
N ARG D 316 16.20 -84.45 -17.29
CA ARG D 316 15.36 -85.54 -17.74
C ARG D 316 14.81 -86.31 -16.56
N ARG D 317 13.49 -86.22 -16.36
CA ARG D 317 12.83 -87.06 -15.39
C ARG D 317 12.01 -88.10 -16.17
N ASN D 318 12.20 -89.36 -15.83
CA ASN D 318 11.51 -90.42 -16.52
C ASN D 318 10.25 -90.80 -15.76
N HIS D 319 9.33 -91.46 -16.46
CA HIS D 319 8.15 -92.01 -15.82
C HIS D 319 7.83 -93.33 -16.49
N LYS D 320 6.85 -94.03 -15.93
CA LYS D 320 6.35 -95.26 -16.51
C LYS D 320 5.39 -94.88 -17.63
N GLY D 321 5.92 -94.74 -18.83
CA GLY D 321 5.09 -94.38 -19.97
C GLY D 321 5.23 -92.93 -20.37
N GLY D 322 6.45 -92.42 -20.41
CA GLY D 322 6.71 -91.08 -20.87
C GLY D 322 7.87 -90.46 -20.11
N VAL D 323 8.51 -89.48 -20.75
CA VAL D 323 9.58 -88.72 -20.14
C VAL D 323 9.16 -87.26 -20.10
N THR D 324 9.96 -86.44 -19.43
CA THR D 324 9.62 -85.04 -19.26
C THR D 324 10.91 -84.23 -19.15
N PHE D 325 11.06 -83.22 -20.00
CA PHE D 325 12.24 -82.37 -20.01
C PHE D 325 11.85 -81.00 -19.49
N VAL D 326 11.93 -80.82 -18.19
CA VAL D 326 11.68 -79.48 -17.65
C VAL D 326 12.92 -78.62 -17.85
N ILE D 327 12.70 -77.40 -18.34
CA ILE D 327 13.76 -76.47 -18.69
C ILE D 327 13.53 -75.24 -17.85
N GLN D 328 14.47 -74.92 -16.96
CA GLN D 328 14.25 -73.75 -16.12
C GLN D 328 15.50 -72.89 -16.01
N GLY D 329 15.40 -71.81 -15.25
CA GLY D 329 16.41 -70.78 -15.20
C GLY D 329 15.95 -69.53 -15.90
N ALA D 330 16.75 -68.48 -15.75
CA ALA D 330 16.48 -67.21 -16.41
C ALA D 330 17.07 -67.28 -17.82
N LEU D 331 16.35 -67.96 -18.70
CA LEU D 331 16.78 -68.11 -20.07
C LEU D 331 16.58 -66.79 -20.81
N ASP D 332 17.64 -66.29 -21.43
CA ASP D 332 17.53 -65.09 -22.23
C ASP D 332 17.12 -65.45 -23.65
N ASP D 333 17.20 -64.47 -24.56
CA ASP D 333 16.45 -64.55 -25.80
C ASP D 333 17.07 -65.50 -26.81
N VAL D 334 18.39 -65.69 -26.75
CA VAL D 334 19.05 -66.52 -27.76
C VAL D 334 18.69 -67.97 -27.54
N GLU D 335 18.54 -68.37 -26.29
CA GLU D 335 18.21 -69.74 -25.96
C GLU D 335 16.72 -69.99 -25.83
N ILE D 336 15.92 -68.94 -25.64
CA ILE D 336 14.47 -69.12 -25.60
C ILE D 336 13.92 -69.32 -27.00
N LEU D 337 14.68 -68.95 -28.03
CA LEU D 337 14.27 -69.11 -29.42
C LEU D 337 14.93 -70.30 -30.08
N ARG D 338 16.06 -70.75 -29.58
CA ARG D 338 16.53 -72.06 -29.98
C ARG D 338 15.67 -73.16 -29.38
N ALA D 339 15.00 -72.87 -28.26
CA ALA D 339 14.14 -73.87 -27.65
C ALA D 339 12.89 -74.10 -28.49
N ARG D 340 12.24 -73.03 -28.93
CA ARG D 340 10.94 -73.18 -29.57
C ARG D 340 11.04 -73.74 -30.98
N GLN D 341 12.10 -73.42 -31.70
CA GLN D 341 12.26 -74.08 -32.99
C GLN D 341 12.89 -75.45 -32.89
N PHE D 342 13.17 -75.93 -31.68
CA PHE D 342 13.40 -77.35 -31.50
C PHE D 342 12.14 -78.08 -31.07
N VAL D 343 11.37 -77.47 -30.16
CA VAL D 343 10.14 -78.10 -29.67
C VAL D 343 9.13 -78.24 -30.78
N ASP D 344 8.88 -77.15 -31.51
CA ASP D 344 7.97 -77.18 -32.64
C ASP D 344 8.50 -77.99 -33.80
N SER D 345 9.81 -78.21 -33.87
CA SER D 345 10.36 -79.17 -34.82
C SER D 345 10.36 -80.58 -34.26
N TYR D 346 10.03 -80.77 -32.99
CA TYR D 346 9.91 -82.10 -32.44
C TYR D 346 8.46 -82.58 -32.49
N TYR D 347 7.54 -81.73 -32.05
CA TYR D 347 6.12 -82.08 -32.06
C TYR D 347 5.57 -82.21 -33.46
N ARG D 348 6.21 -81.56 -34.44
CA ARG D 348 5.87 -81.83 -35.83
C ARG D 348 6.33 -83.22 -36.24
N THR D 349 7.39 -83.73 -35.62
CA THR D 349 7.92 -85.02 -36.01
C THR D 349 7.32 -86.17 -35.20
N TRP D 350 7.33 -86.05 -33.88
CA TRP D 350 6.97 -87.16 -33.01
C TRP D 350 5.63 -87.01 -32.33
N GLY D 351 5.01 -85.85 -32.40
CA GLY D 351 3.83 -85.59 -31.60
C GLY D 351 4.20 -85.34 -30.16
N GLY D 352 3.18 -85.14 -29.34
CA GLY D 352 3.45 -84.79 -27.96
C GLY D 352 2.87 -85.76 -26.96
N ARG D 353 2.87 -87.04 -27.26
CA ARG D 353 2.26 -88.03 -26.40
C ARG D 353 3.26 -88.86 -25.62
N TYR D 354 4.56 -88.66 -25.82
CA TYR D 354 5.54 -89.43 -25.06
C TYR D 354 6.52 -88.50 -24.36
N VAL D 355 6.83 -87.36 -24.97
CA VAL D 355 7.80 -86.42 -24.43
C VAL D 355 7.09 -85.09 -24.23
N GLN D 356 7.17 -84.55 -23.02
CA GLN D 356 6.61 -83.23 -22.72
C GLN D 356 7.76 -82.30 -22.37
N PHE D 357 7.83 -81.17 -23.05
CA PHE D 357 8.83 -80.15 -22.78
C PHE D 357 8.20 -79.11 -21.87
N ALA D 358 8.83 -78.86 -20.73
CA ALA D 358 8.34 -77.87 -19.78
C ALA D 358 9.33 -76.71 -19.77
N ILE D 359 9.11 -75.75 -20.66
CA ILE D 359 9.92 -74.54 -20.58
C ILE D 359 9.29 -73.62 -19.53
N GLU D 360 9.65 -73.87 -18.28
CA GLU D 360 9.13 -73.16 -17.13
C GLU D 360 10.20 -72.14 -16.79
N LEU D 361 9.86 -70.86 -16.94
CA LEU D 361 10.85 -69.78 -16.95
C LEU D 361 10.67 -68.89 -15.74
N LYS D 362 11.58 -69.00 -14.78
CA LYS D 362 11.54 -68.23 -13.56
C LYS D 362 12.89 -67.59 -13.30
N ASP D 363 12.98 -66.91 -12.15
CA ASP D 363 14.21 -66.24 -11.74
C ASP D 363 15.17 -67.24 -11.11
N ASP D 364 16.20 -66.72 -10.43
CA ASP D 364 17.12 -67.56 -9.70
C ASP D 364 16.75 -67.59 -8.22
N ASP E 20 -4.55 -49.34 -62.32
CA ASP E 20 -5.98 -49.37 -62.61
C ASP E 20 -6.77 -49.22 -61.32
N LYS E 21 -6.50 -50.08 -60.35
CA LYS E 21 -7.19 -50.05 -59.07
C LYS E 21 -6.45 -49.15 -58.09
N ASP E 22 -7.21 -48.28 -57.42
CA ASP E 22 -6.62 -47.32 -56.49
C ASP E 22 -6.14 -48.02 -55.23
N LEU E 23 -4.97 -47.62 -54.76
CA LEU E 23 -4.35 -48.29 -53.62
C LEU E 23 -3.94 -47.35 -52.52
N LEU E 24 -3.41 -46.18 -52.85
CA LEU E 24 -3.09 -45.17 -51.86
C LEU E 24 -3.37 -43.81 -52.46
N LYS E 25 -3.88 -42.90 -51.64
CA LYS E 25 -4.20 -41.55 -52.08
C LYS E 25 -3.65 -40.56 -51.06
N GLY E 26 -3.43 -39.34 -51.53
CA GLY E 26 -3.07 -38.27 -50.61
C GLY E 26 -1.69 -38.35 -50.02
N LEU E 27 -0.81 -39.14 -50.61
CA LEU E 27 0.56 -39.24 -50.11
C LEU E 27 1.32 -37.97 -50.46
N ASP E 28 2.26 -37.60 -49.61
CA ASP E 28 3.22 -36.59 -50.01
C ASP E 28 4.36 -37.27 -50.75
N GLN E 29 5.44 -36.53 -51.00
CA GLN E 29 6.40 -36.90 -52.03
C GLN E 29 7.29 -38.06 -51.58
N GLU E 30 8.00 -37.89 -50.49
CA GLU E 30 8.94 -38.90 -50.02
C GLU E 30 8.26 -40.14 -49.47
N GLN E 31 6.98 -40.08 -49.13
CA GLN E 31 6.26 -41.31 -48.85
C GLN E 31 5.87 -42.05 -50.11
N ALA E 32 5.55 -41.33 -51.19
CA ALA E 32 5.14 -41.99 -52.42
C ALA E 32 6.29 -42.64 -53.14
N ASN E 33 7.48 -42.04 -53.05
CA ASN E 33 8.64 -42.62 -53.71
C ASN E 33 9.16 -43.84 -52.97
N GLU E 34 8.81 -43.99 -51.70
CA GLU E 34 9.26 -45.16 -50.95
C GLU E 34 8.38 -46.36 -51.22
N VAL E 35 7.08 -46.14 -51.41
CA VAL E 35 6.14 -47.24 -51.62
C VAL E 35 6.42 -47.94 -52.93
N ILE E 36 6.62 -47.17 -54.00
CA ILE E 36 6.95 -47.74 -55.31
C ILE E 36 8.27 -48.48 -55.28
N ALA E 37 9.20 -48.02 -54.44
CA ALA E 37 10.46 -48.73 -54.28
C ALA E 37 10.26 -50.08 -53.63
N VAL E 38 9.28 -50.18 -52.74
CA VAL E 38 8.98 -51.46 -52.13
C VAL E 38 8.23 -52.34 -53.12
N LEU E 39 7.30 -51.76 -53.87
CA LEU E 39 6.45 -52.54 -54.75
C LEU E 39 7.22 -53.11 -55.93
N GLN E 40 8.03 -52.28 -56.59
CA GLN E 40 8.82 -52.77 -57.71
C GLN E 40 9.94 -53.70 -57.27
N MET E 41 10.26 -53.73 -55.98
CA MET E 41 11.11 -54.81 -55.48
C MET E 41 10.39 -56.14 -55.59
N HIS E 42 9.09 -56.15 -55.33
CA HIS E 42 8.32 -57.38 -55.32
C HIS E 42 7.53 -57.54 -56.60
N ASN E 43 8.08 -57.06 -57.71
CA ASN E 43 7.70 -57.42 -59.08
C ASN E 43 6.28 -56.98 -59.42
N ILE E 44 5.78 -55.88 -58.88
CA ILE E 44 4.52 -55.33 -59.38
C ILE E 44 4.77 -53.86 -59.69
N GLU E 45 4.31 -53.41 -60.85
CA GLU E 45 4.56 -52.02 -61.22
C GLU E 45 3.50 -51.12 -60.62
N ALA E 46 3.88 -49.88 -60.34
CA ALA E 46 2.97 -48.89 -59.84
C ALA E 46 3.02 -47.66 -60.74
N ASN E 47 2.14 -46.70 -60.46
CA ASN E 47 2.04 -45.49 -61.26
C ASN E 47 1.84 -44.32 -60.31
N LYS E 48 2.88 -43.52 -60.10
CA LYS E 48 2.73 -42.38 -59.21
C LYS E 48 1.91 -41.30 -59.91
N ILE E 49 0.62 -41.30 -59.66
CA ILE E 49 -0.29 -40.33 -60.27
C ILE E 49 -0.39 -39.15 -59.31
N ASP E 50 0.13 -38.00 -59.71
CA ASP E 50 -0.08 -36.80 -58.93
C ASP E 50 -1.52 -36.33 -59.06
N SER E 51 -2.10 -35.88 -57.95
CA SER E 51 -3.44 -35.31 -57.95
C SER E 51 -3.41 -33.86 -57.51
N GLY E 52 -2.36 -33.13 -57.89
CA GLY E 52 -2.28 -31.72 -57.56
C GLY E 52 -1.91 -31.44 -56.12
N LYS E 53 -2.70 -30.58 -55.48
CA LYS E 53 -2.53 -30.21 -54.07
C LYS E 53 -3.10 -31.25 -53.12
N LEU E 54 -3.83 -32.23 -53.63
CA LEU E 54 -4.34 -33.34 -52.84
C LEU E 54 -3.35 -34.49 -52.74
N GLY E 55 -2.06 -34.23 -52.95
CA GLY E 55 -1.06 -35.27 -52.83
C GLY E 55 -1.03 -36.23 -53.98
N TYR E 56 -0.05 -37.11 -53.96
CA TYR E 56 0.14 -38.12 -54.99
C TYR E 56 -0.87 -39.25 -54.83
N SER E 57 -0.81 -40.22 -55.74
CA SER E 57 -1.68 -41.38 -55.68
C SER E 57 -0.97 -42.52 -56.39
N ILE E 58 -1.14 -43.73 -55.87
CA ILE E 58 -0.48 -44.90 -56.41
C ILE E 58 -1.54 -45.89 -56.82
N THR E 59 -1.54 -46.28 -58.08
CA THR E 59 -2.50 -47.23 -58.61
C THR E 59 -1.76 -48.43 -59.19
N VAL E 60 -2.22 -49.62 -58.87
CA VAL E 60 -1.66 -50.83 -59.43
C VAL E 60 -2.69 -51.48 -60.33
N ALA E 61 -2.25 -52.47 -61.09
CA ALA E 61 -3.16 -53.18 -61.98
C ALA E 61 -4.02 -54.14 -61.17
N GLU E 62 -5.10 -54.60 -61.80
CA GLU E 62 -6.09 -55.43 -61.13
C GLU E 62 -5.59 -56.82 -60.71
N PRO E 63 -4.79 -57.57 -61.48
CA PRO E 63 -4.30 -58.85 -60.93
C PRO E 63 -3.27 -58.69 -59.83
N ASP E 64 -2.64 -57.53 -59.70
CA ASP E 64 -1.68 -57.31 -58.64
C ASP E 64 -2.20 -56.45 -57.50
N PHE E 65 -3.47 -56.07 -57.51
CA PHE E 65 -3.99 -55.36 -56.34
C PHE E 65 -4.04 -56.28 -55.13
N THR E 66 -4.18 -57.59 -55.36
CA THR E 66 -4.15 -58.55 -54.27
C THR E 66 -2.79 -58.61 -53.64
N ALA E 67 -1.75 -58.78 -54.45
CA ALA E 67 -0.41 -58.93 -53.92
C ALA E 67 0.14 -57.64 -53.36
N ALA E 68 -0.25 -56.50 -53.92
CA ALA E 68 0.33 -55.24 -53.48
C ALA E 68 -0.21 -54.81 -52.14
N VAL E 69 -1.47 -55.14 -51.84
CA VAL E 69 -2.02 -54.76 -50.54
C VAL E 69 -1.50 -55.66 -49.44
N TYR E 70 -0.90 -56.80 -49.80
CA TYR E 70 -0.13 -57.54 -48.82
C TYR E 70 1.14 -56.81 -48.44
N TRP E 71 1.87 -56.30 -49.42
CA TRP E 71 3.12 -55.63 -49.10
C TRP E 71 2.94 -54.25 -48.53
N ILE E 72 1.73 -53.68 -48.62
CA ILE E 72 1.45 -52.50 -47.83
C ILE E 72 1.35 -52.88 -46.36
N LYS E 73 0.87 -54.08 -46.08
CA LYS E 73 0.67 -54.48 -44.69
C LYS E 73 1.98 -54.82 -44.01
N THR E 74 2.82 -55.62 -44.64
CA THR E 74 4.02 -56.12 -43.98
C THR E 74 5.04 -55.01 -43.77
N TYR E 75 5.22 -54.14 -44.74
CA TYR E 75 6.16 -53.04 -44.60
C TYR E 75 5.57 -51.86 -43.88
N GLN E 76 4.27 -51.91 -43.57
CA GLN E 76 3.52 -50.83 -42.92
C GLN E 76 3.61 -49.53 -43.69
N LEU E 77 3.55 -49.64 -45.00
CA LEU E 77 3.53 -48.48 -45.86
C LEU E 77 2.18 -47.77 -45.72
N PRO E 78 2.12 -46.45 -45.92
CA PRO E 78 3.16 -45.45 -46.18
C PRO E 78 3.99 -45.19 -44.96
N PRO E 79 5.27 -44.86 -45.14
CA PRO E 79 6.14 -44.69 -43.99
C PRO E 79 5.75 -43.47 -43.18
N ARG E 80 5.83 -43.63 -41.87
CA ARG E 80 5.65 -42.51 -40.97
C ARG E 80 6.79 -41.51 -41.18
N PRO E 81 6.57 -40.23 -40.90
CA PRO E 81 7.64 -39.25 -41.06
C PRO E 81 8.76 -39.51 -40.08
N ARG E 82 9.99 -39.49 -40.58
CA ARG E 82 11.15 -39.90 -39.79
C ARG E 82 11.40 -38.91 -38.67
N VAL E 83 11.26 -39.38 -37.44
CA VAL E 83 11.18 -38.54 -36.26
C VAL E 83 12.54 -38.49 -35.59
N GLU E 84 12.98 -37.28 -35.27
CA GLU E 84 14.06 -37.07 -34.32
C GLU E 84 13.49 -36.43 -33.08
N ILE E 85 14.33 -36.38 -32.04
CA ILE E 85 13.85 -36.11 -30.70
C ILE E 85 13.45 -34.64 -30.57
N ALA E 86 14.09 -33.77 -31.34
CA ALA E 86 13.88 -32.34 -31.18
C ALA E 86 12.61 -31.84 -31.82
N GLN E 87 11.85 -32.70 -32.51
CA GLN E 87 10.55 -32.27 -33.03
C GLN E 87 9.51 -32.12 -31.94
N MET E 88 9.76 -32.67 -30.76
CA MET E 88 8.80 -32.61 -29.67
C MET E 88 9.24 -31.66 -28.57
N PHE E 89 10.16 -30.75 -28.89
CA PHE E 89 10.53 -29.65 -28.01
C PHE E 89 10.73 -28.43 -28.89
N PRO E 90 9.65 -27.81 -29.36
CA PRO E 90 9.81 -26.79 -30.41
C PRO E 90 10.31 -25.46 -29.88
N ALA E 91 9.94 -25.10 -28.65
CA ALA E 91 10.30 -23.84 -27.97
C ALA E 91 9.89 -22.62 -28.80
N ASP E 92 8.58 -22.47 -29.01
CA ASP E 92 8.09 -21.31 -29.75
C ASP E 92 8.13 -20.05 -28.89
N SER E 93 7.43 -20.07 -27.75
CA SER E 93 7.43 -18.94 -26.83
C SER E 93 7.38 -19.39 -25.39
N LEU E 94 7.53 -20.69 -25.15
CA LEU E 94 7.48 -21.23 -23.80
C LEU E 94 8.86 -21.08 -23.15
N VAL E 95 8.87 -21.06 -21.82
CA VAL E 95 10.08 -20.74 -21.05
C VAL E 95 11.16 -21.81 -21.20
N SER E 96 10.77 -23.05 -21.54
CA SER E 96 11.67 -24.12 -22.00
C SER E 96 12.71 -24.48 -20.94
N SER E 97 12.20 -25.17 -19.91
CA SER E 97 12.91 -25.79 -18.79
C SER E 97 14.19 -26.50 -19.21
N PRO E 98 15.22 -26.54 -18.36
CA PRO E 98 16.56 -27.01 -18.79
C PRO E 98 16.64 -28.45 -19.26
N ARG E 99 15.62 -29.25 -19.02
CA ARG E 99 15.51 -30.54 -19.71
C ARG E 99 15.25 -30.37 -21.20
N ALA E 100 14.53 -29.32 -21.58
CA ALA E 100 14.19 -29.17 -22.99
C ALA E 100 15.39 -28.70 -23.80
N GLU E 101 16.34 -28.00 -23.18
CA GLU E 101 17.53 -27.61 -23.91
C GLU E 101 18.42 -28.80 -24.23
N LYS E 102 18.67 -29.71 -23.27
CA LYS E 102 19.49 -30.86 -23.59
C LYS E 102 18.76 -31.86 -24.47
N ALA E 103 17.43 -31.79 -24.51
CA ALA E 103 16.71 -32.67 -25.41
C ALA E 103 16.96 -32.29 -26.86
N ARG E 104 16.82 -31.02 -27.20
CA ARG E 104 17.07 -30.63 -28.58
C ARG E 104 18.55 -30.39 -28.86
N LEU E 105 19.37 -30.33 -27.81
CA LEU E 105 20.82 -30.24 -28.04
C LEU E 105 21.35 -31.55 -28.58
N TYR E 106 21.16 -32.63 -27.81
CA TYR E 106 21.65 -33.94 -28.23
C TYR E 106 20.95 -34.44 -29.48
N SER E 107 19.69 -34.04 -29.69
CA SER E 107 18.97 -34.48 -30.88
C SER E 107 19.56 -33.87 -32.13
N ALA E 108 19.99 -32.62 -32.06
CA ALA E 108 20.69 -32.04 -33.20
C ALA E 108 22.06 -32.66 -33.39
N ILE E 109 22.66 -33.19 -32.33
CA ILE E 109 23.92 -33.89 -32.50
C ILE E 109 23.69 -35.26 -33.10
N GLU E 110 22.54 -35.90 -32.79
CA GLU E 110 22.18 -37.16 -33.43
C GLU E 110 22.02 -36.99 -34.93
N GLN E 111 21.43 -35.88 -35.34
CA GLN E 111 21.22 -35.64 -36.76
C GLN E 111 22.54 -35.32 -37.44
N ARG E 112 23.39 -34.55 -36.79
CA ARG E 112 24.57 -34.03 -37.46
C ARG E 112 25.64 -35.09 -37.62
N LEU E 113 25.76 -36.00 -36.66
CA LEU E 113 26.65 -37.15 -36.84
C LEU E 113 26.12 -38.10 -37.89
N GLU E 114 24.79 -38.19 -38.02
CA GLU E 114 24.19 -38.96 -39.09
C GLU E 114 24.50 -38.35 -40.44
N GLN E 115 24.46 -37.03 -40.55
CA GLN E 115 24.80 -36.35 -41.80
C GLN E 115 26.28 -36.52 -42.16
N SER E 116 27.13 -36.81 -41.19
CA SER E 116 28.56 -36.87 -41.44
C SER E 116 29.05 -38.26 -41.77
N LEU E 117 28.48 -39.28 -41.12
CA LEU E 117 28.80 -40.66 -41.51
C LEU E 117 28.35 -40.94 -42.92
N GLN E 118 27.28 -40.30 -43.36
CA GLN E 118 26.76 -40.49 -44.71
C GLN E 118 27.73 -39.97 -45.77
N THR E 119 28.63 -39.06 -45.40
CA THR E 119 29.66 -38.57 -46.30
C THR E 119 31.03 -39.18 -46.02
N MET E 120 31.07 -40.43 -45.56
CA MET E 120 32.33 -41.16 -45.54
C MET E 120 32.51 -41.88 -46.86
N GLU E 121 33.49 -42.77 -46.92
CA GLU E 121 33.78 -43.50 -48.14
C GLU E 121 32.89 -44.73 -48.20
N GLY E 122 31.83 -44.66 -49.00
CA GLY E 122 30.99 -45.81 -49.26
C GLY E 122 29.76 -45.94 -48.40
N VAL E 123 29.60 -45.12 -47.36
CA VAL E 123 28.39 -45.22 -46.56
C VAL E 123 27.24 -44.61 -47.35
N LEU E 124 26.22 -45.42 -47.63
CA LEU E 124 25.04 -44.91 -48.31
C LEU E 124 24.16 -44.15 -47.34
N SER E 125 23.85 -44.76 -46.21
CA SER E 125 22.95 -44.18 -45.24
C SER E 125 23.46 -44.49 -43.85
N ALA E 126 22.98 -43.73 -42.87
CA ALA E 126 23.45 -43.91 -41.51
C ALA E 126 22.38 -43.48 -40.53
N ARG E 127 22.43 -44.07 -39.34
CA ARG E 127 21.60 -43.68 -38.21
C ARG E 127 22.46 -43.68 -36.97
N VAL E 128 22.29 -42.66 -36.12
CA VAL E 128 23.09 -42.52 -34.90
C VAL E 128 22.14 -42.21 -33.75
N HIS E 129 22.27 -42.97 -32.67
CA HIS E 129 21.53 -42.70 -31.44
C HIS E 129 22.50 -42.36 -30.33
N ILE E 130 22.05 -41.50 -29.42
CA ILE E 130 22.85 -41.09 -28.27
C ILE E 130 22.09 -41.49 -27.02
N SER E 131 22.81 -42.04 -26.05
CA SER E 131 22.21 -42.28 -24.75
C SER E 131 21.91 -40.96 -24.07
N TYR E 132 20.67 -40.79 -23.62
CA TYR E 132 20.25 -39.53 -23.02
C TYR E 132 20.29 -39.68 -21.50
N ASP E 133 21.44 -39.39 -20.91
CA ASP E 133 21.53 -39.14 -19.49
C ASP E 133 21.11 -37.69 -19.30
N ILE E 134 19.89 -37.48 -18.80
CA ILE E 134 19.32 -36.15 -18.73
C ILE E 134 19.18 -35.68 -17.29
N ASP E 135 18.77 -36.56 -16.38
CA ASP E 135 18.46 -36.18 -15.02
C ASP E 135 19.68 -36.24 -14.09
N ALA E 136 20.87 -35.99 -14.63
CA ALA E 136 22.09 -36.04 -13.82
C ALA E 136 22.14 -34.90 -12.80
N GLY E 137 21.73 -33.70 -13.22
CA GLY E 137 21.71 -32.57 -12.31
C GLY E 137 20.56 -32.61 -11.31
N GLU E 138 19.43 -33.23 -11.68
CA GLU E 138 18.27 -33.28 -10.80
C GLU E 138 18.45 -34.31 -9.69
N ASN E 139 19.19 -35.38 -9.93
CA ASN E 139 19.50 -36.34 -8.88
C ASN E 139 20.66 -35.92 -8.01
N GLY E 140 21.43 -34.91 -8.41
CA GLY E 140 22.61 -34.53 -7.64
C GLY E 140 23.73 -35.54 -7.76
N ARG E 141 24.00 -36.02 -8.97
CA ARG E 141 24.95 -37.07 -9.22
C ARG E 141 25.87 -36.68 -10.40
N PRO E 142 27.06 -37.27 -10.47
CA PRO E 142 27.85 -37.13 -11.69
C PRO E 142 27.20 -37.91 -12.82
N PRO E 143 27.29 -37.41 -14.05
CA PRO E 143 26.55 -38.03 -15.15
C PRO E 143 27.18 -39.34 -15.58
N LYS E 144 26.39 -40.11 -16.31
CA LYS E 144 26.80 -41.41 -16.79
C LYS E 144 27.69 -41.23 -18.01
N PRO E 145 28.49 -42.24 -18.36
CA PRO E 145 29.21 -42.19 -19.64
C PRO E 145 28.24 -42.20 -20.79
N VAL E 146 28.62 -41.53 -21.87
CA VAL E 146 27.77 -41.45 -23.05
C VAL E 146 27.93 -42.72 -23.85
N HIS E 147 26.81 -43.35 -24.17
CA HIS E 147 26.76 -44.52 -25.02
C HIS E 147 26.14 -44.12 -26.35
N LEU E 148 26.55 -44.77 -27.42
CA LEU E 148 25.98 -44.42 -28.71
C LEU E 148 26.02 -45.59 -29.68
N SER E 149 25.03 -45.61 -30.57
CA SER E 149 24.87 -46.70 -31.52
C SER E 149 24.89 -46.13 -32.92
N ALA E 150 25.27 -46.96 -33.89
CA ALA E 150 25.36 -46.50 -35.26
C ALA E 150 25.00 -47.60 -36.23
N LEU E 151 24.25 -47.24 -37.26
CA LEU E 151 23.94 -48.11 -38.38
C LEU E 151 24.55 -47.52 -39.64
N ALA E 152 24.84 -48.37 -40.61
CA ALA E 152 25.56 -47.93 -41.79
C ALA E 152 25.34 -48.92 -42.92
N VAL E 153 25.03 -48.41 -44.10
CA VAL E 153 24.74 -49.23 -45.26
C VAL E 153 25.84 -49.00 -46.29
N TYR E 154 26.70 -49.99 -46.47
CA TYR E 154 27.81 -49.89 -47.40
C TYR E 154 27.44 -50.41 -48.78
N GLU E 155 28.38 -50.28 -49.71
CA GLU E 155 28.18 -50.84 -51.03
C GLU E 155 28.31 -52.36 -50.99
N ARG E 156 28.01 -52.97 -52.13
CA ARG E 156 28.50 -54.31 -52.38
C ARG E 156 30.02 -54.28 -52.50
N GLY E 157 30.65 -55.43 -52.23
CA GLY E 157 32.06 -55.60 -52.46
C GLY E 157 32.99 -54.99 -51.44
N SER E 158 32.49 -54.15 -50.54
CA SER E 158 33.36 -53.58 -49.54
C SER E 158 33.66 -54.62 -48.46
N PRO E 159 34.89 -54.68 -47.99
CA PRO E 159 35.20 -55.59 -46.88
C PRO E 159 34.76 -55.04 -45.52
N LEU E 160 33.50 -55.32 -45.15
CA LEU E 160 32.82 -54.68 -44.02
C LEU E 160 33.51 -54.87 -42.68
N ALA E 161 34.40 -55.84 -42.53
CA ALA E 161 35.05 -56.06 -41.25
C ALA E 161 36.18 -55.06 -40.97
N HIS E 162 36.42 -54.09 -41.85
CA HIS E 162 37.48 -53.12 -41.64
C HIS E 162 37.00 -51.69 -41.62
N GLN E 163 35.86 -51.38 -42.20
CA GLN E 163 35.27 -50.07 -42.01
C GLN E 163 34.57 -49.92 -40.67
N ILE E 164 34.50 -51.01 -39.90
CA ILE E 164 33.97 -50.95 -38.55
C ILE E 164 34.91 -50.17 -37.65
N SER E 165 36.20 -50.14 -37.96
CA SER E 165 37.16 -49.43 -37.12
C SER E 165 37.16 -47.94 -37.40
N ASP E 166 36.86 -47.54 -38.63
CA ASP E 166 36.86 -46.12 -38.98
C ASP E 166 35.75 -45.37 -38.28
N ILE E 167 34.53 -45.93 -38.32
CA ILE E 167 33.40 -45.31 -37.66
C ILE E 167 33.63 -45.26 -36.16
N LYS E 168 34.03 -46.39 -35.59
CA LYS E 168 34.24 -46.52 -34.16
C LYS E 168 35.38 -45.65 -33.65
N ARG E 169 36.33 -45.29 -34.52
CA ARG E 169 37.33 -44.29 -34.19
C ARG E 169 36.78 -42.89 -34.35
N PHE E 170 35.93 -42.70 -35.36
CA PHE E 170 35.41 -41.37 -35.69
C PHE E 170 34.56 -40.80 -34.57
N LEU E 171 33.51 -41.50 -34.19
CA LEU E 171 32.58 -40.88 -33.26
C LEU E 171 32.85 -41.27 -31.83
N LYS E 172 34.02 -41.85 -31.54
CA LYS E 172 34.53 -41.80 -30.18
C LYS E 172 34.75 -40.37 -29.75
N ASN E 173 35.63 -39.66 -30.45
CA ASN E 173 36.00 -38.32 -30.06
C ASN E 173 35.00 -37.29 -30.52
N SER E 174 33.80 -37.68 -30.91
CA SER E 174 32.74 -36.71 -31.12
C SER E 174 31.99 -36.42 -29.84
N PHE E 175 32.35 -37.08 -28.73
CA PHE E 175 31.76 -36.82 -27.43
C PHE E 175 32.81 -36.84 -26.35
N ALA E 176 32.39 -36.45 -25.15
CA ALA E 176 33.33 -36.11 -24.09
C ALA E 176 33.92 -37.36 -23.44
N ASP E 177 33.09 -38.20 -22.84
CA ASP E 177 33.59 -39.36 -22.10
C ASP E 177 32.95 -40.64 -22.63
N VAL E 178 33.48 -41.16 -23.73
CA VAL E 178 33.03 -42.45 -24.24
C VAL E 178 34.23 -43.37 -24.34
N ASP E 179 33.95 -44.64 -24.55
CA ASP E 179 35.01 -45.62 -24.71
C ASP E 179 34.81 -46.35 -26.03
N TYR E 180 35.57 -47.41 -26.24
CA TYR E 180 35.36 -48.31 -27.36
C TYR E 180 34.44 -49.45 -26.99
N ASP E 181 33.78 -49.37 -25.84
CA ASP E 181 32.79 -50.32 -25.43
C ASP E 181 31.40 -49.73 -25.37
N ASN E 182 31.29 -48.40 -25.34
CA ASN E 182 30.02 -47.73 -25.36
C ASN E 182 29.56 -47.41 -26.77
N ILE E 183 30.29 -47.88 -27.78
CA ILE E 183 29.97 -47.61 -29.18
C ILE E 183 29.57 -48.92 -29.81
N SER E 184 28.36 -48.99 -30.33
CA SER E 184 27.82 -50.21 -30.92
C SER E 184 27.45 -49.94 -32.36
N VAL E 185 28.29 -50.38 -33.29
CA VAL E 185 28.09 -50.13 -34.71
C VAL E 185 27.85 -51.46 -35.38
N VAL E 186 26.67 -51.61 -35.96
CA VAL E 186 26.29 -52.82 -36.67
C VAL E 186 26.00 -52.41 -38.10
N LEU E 187 27.00 -52.53 -38.96
CA LEU E 187 26.92 -52.08 -40.34
C LEU E 187 26.71 -53.24 -41.29
N SER E 188 25.87 -53.02 -42.29
CA SER E 188 25.38 -54.07 -43.17
C SER E 188 25.39 -53.56 -44.59
N GLU E 189 25.90 -54.36 -45.52
CA GLU E 189 25.96 -53.93 -46.91
C GLU E 189 24.57 -53.91 -47.52
N ARG E 190 24.43 -53.14 -48.60
CA ARG E 190 23.11 -52.93 -49.16
C ARG E 190 22.62 -54.18 -49.88
N SER E 191 21.35 -54.15 -50.25
CA SER E 191 20.72 -55.27 -50.90
C SER E 191 21.16 -55.34 -52.36
N ASP E 192 20.61 -56.31 -53.09
CA ASP E 192 20.84 -56.39 -54.51
C ASP E 192 20.14 -55.22 -55.20
N ALA E 193 20.75 -54.77 -56.29
CA ALA E 193 20.22 -53.60 -56.98
C ALA E 193 18.97 -53.96 -57.77
N GLN E 194 17.91 -53.19 -57.58
CA GLN E 194 16.69 -53.33 -58.36
C GLN E 194 16.81 -52.39 -59.55
N LEU E 195 17.28 -52.93 -60.67
CA LEU E 195 17.48 -52.16 -61.89
C LEU E 195 16.57 -52.64 -63.01
N GLN E 196 15.66 -53.56 -62.71
CA GLN E 196 15.05 -54.43 -63.69
C GLN E 196 13.55 -54.17 -63.72
N ALA E 197 13.00 -54.05 -64.92
CA ALA E 197 11.61 -53.65 -65.06
C ALA E 197 10.68 -54.77 -64.58
N PRO E 198 9.67 -54.44 -63.77
CA PRO E 198 8.76 -55.47 -63.26
C PRO E 198 7.93 -56.16 -64.33
N GLY E 199 7.19 -55.39 -65.09
CA GLY E 199 6.41 -55.95 -66.17
C GLY E 199 4.91 -55.82 -65.97
N THR E 200 4.23 -55.36 -67.00
CA THR E 200 2.78 -55.34 -67.01
C THR E 200 2.24 -56.78 -67.07
N PRO E 201 1.09 -57.04 -66.43
CA PRO E 201 0.50 -58.37 -66.52
C PRO E 201 0.01 -58.70 -67.93
N VAL E 202 -0.21 -59.99 -68.16
CA VAL E 202 -0.68 -60.46 -69.45
C VAL E 202 -2.20 -60.35 -69.47
N LYS E 203 -2.76 -60.34 -70.68
CA LYS E 203 -4.20 -60.17 -70.87
C LYS E 203 -4.86 -61.49 -71.23
N ALA F 171 23.36 -53.56 -81.67
CA ALA F 171 24.44 -52.63 -81.91
C ALA F 171 25.71 -53.11 -81.22
N GLU F 172 26.81 -52.36 -81.41
CA GLU F 172 28.07 -52.71 -80.79
C GLU F 172 28.05 -52.35 -79.31
N LEU F 173 28.36 -53.32 -78.45
CA LEU F 173 28.29 -53.11 -77.01
C LEU F 173 29.39 -52.18 -76.53
N ASP F 174 30.48 -52.06 -77.27
CA ASP F 174 31.51 -51.07 -76.98
C ASP F 174 31.00 -49.64 -77.11
N SER F 175 29.94 -49.42 -77.88
CA SER F 175 29.30 -48.12 -77.96
C SER F 175 27.98 -48.03 -77.23
N LEU F 176 27.34 -49.17 -76.93
CA LEU F 176 26.18 -49.15 -76.05
C LEU F 176 26.54 -48.79 -74.63
N LEU F 177 27.78 -49.07 -74.23
CA LEU F 177 28.31 -48.60 -72.96
C LEU F 177 28.76 -47.16 -73.12
N GLY F 178 29.52 -46.65 -72.16
CA GLY F 178 29.89 -45.25 -72.19
C GLY F 178 30.88 -44.88 -73.28
N GLN F 179 31.26 -43.60 -73.25
CA GLN F 179 32.16 -43.04 -74.26
C GLN F 179 33.56 -43.63 -74.17
N GLU F 180 34.01 -43.96 -72.97
CA GLU F 180 35.38 -44.44 -72.76
C GLU F 180 35.47 -45.93 -73.04
N LYS F 181 36.29 -46.30 -74.01
CA LYS F 181 36.38 -47.71 -74.39
C LYS F 181 37.27 -48.49 -73.42
N GLU F 182 38.22 -47.82 -72.79
CA GLU F 182 39.22 -48.50 -71.98
C GLU F 182 38.66 -49.00 -70.65
N ARG F 183 37.49 -48.52 -70.24
CA ARG F 183 36.98 -48.88 -68.92
C ARG F 183 36.42 -50.29 -68.90
N PHE F 184 35.82 -50.73 -69.99
CA PHE F 184 35.25 -52.07 -70.07
C PHE F 184 36.00 -52.89 -71.10
N GLN F 185 35.80 -54.20 -71.05
CA GLN F 185 36.43 -55.10 -72.01
C GLN F 185 35.46 -56.25 -72.28
N VAL F 186 34.86 -56.25 -73.46
CA VAL F 186 33.88 -57.27 -73.78
C VAL F 186 34.57 -58.61 -74.03
N LEU F 187 33.86 -59.69 -73.74
CA LEU F 187 34.45 -61.02 -73.79
C LEU F 187 33.48 -62.00 -74.46
N PRO F 188 33.77 -62.41 -75.67
CA PRO F 188 32.88 -63.37 -76.34
C PRO F 188 33.03 -64.79 -75.79
N GLY F 189 32.24 -65.11 -74.77
CA GLY F 189 32.29 -66.42 -74.16
C GLY F 189 31.86 -67.55 -75.10
N ARG F 190 32.12 -68.77 -74.65
CA ARG F 190 31.95 -69.94 -75.49
C ARG F 190 30.53 -70.47 -75.54
N ASP F 191 29.67 -70.09 -74.59
CA ASP F 191 28.32 -70.65 -74.49
C ASP F 191 27.25 -69.69 -75.00
N LYS F 192 27.57 -68.96 -76.07
CA LYS F 192 26.75 -68.04 -76.86
C LYS F 192 26.45 -66.72 -76.15
N MET F 193 26.79 -66.62 -74.87
CA MET F 193 26.55 -65.41 -74.11
C MET F 193 27.81 -64.56 -74.11
N LEU F 194 27.64 -63.25 -74.30
CA LEU F 194 28.73 -62.31 -74.28
C LEU F 194 28.90 -61.76 -72.87
N TYR F 195 30.13 -61.43 -72.49
CA TYR F 195 30.43 -60.94 -71.16
C TYR F 195 31.19 -59.64 -71.25
N VAL F 196 30.96 -58.75 -70.27
CA VAL F 196 31.66 -57.48 -70.19
C VAL F 196 32.25 -57.32 -68.80
N ALA F 197 33.56 -57.11 -68.75
CA ALA F 197 34.32 -57.18 -67.50
C ALA F 197 34.49 -55.78 -66.93
N ALA F 198 33.74 -55.47 -65.88
CA ALA F 198 33.93 -54.20 -65.21
C ALA F 198 35.16 -54.27 -64.32
N GLN F 199 35.52 -53.12 -63.75
CA GLN F 199 36.70 -53.04 -62.89
C GLN F 199 36.35 -52.91 -61.41
N ASN F 200 35.26 -52.24 -61.08
CA ASN F 200 34.83 -52.11 -59.69
C ASN F 200 33.31 -52.05 -59.65
N GLU F 201 32.76 -51.66 -58.51
CA GLU F 201 31.31 -51.68 -58.35
C GLU F 201 30.65 -50.39 -58.80
N ARG F 202 31.39 -49.40 -59.30
CA ARG F 202 30.71 -48.34 -60.03
C ARG F 202 30.55 -48.70 -61.49
N ASP F 203 31.58 -49.30 -62.08
CA ASP F 203 31.49 -49.73 -63.47
C ASP F 203 30.54 -50.90 -63.65
N THR F 204 30.38 -51.72 -62.61
CA THR F 204 29.42 -52.81 -62.70
C THR F 204 28.00 -52.28 -62.75
N LEU F 205 27.68 -51.32 -61.89
CA LEU F 205 26.38 -50.66 -61.97
C LEU F 205 26.27 -49.75 -63.18
N TRP F 206 27.40 -49.37 -63.78
CA TRP F 206 27.34 -48.70 -65.07
C TRP F 206 26.93 -49.65 -66.18
N ALA F 207 27.45 -50.87 -66.14
CA ALA F 207 27.20 -51.81 -67.22
C ALA F 207 26.01 -52.72 -66.95
N ARG F 208 25.67 -52.96 -65.69
CA ARG F 208 24.40 -53.63 -65.40
C ARG F 208 23.22 -52.71 -65.55
N GLN F 209 23.44 -51.42 -65.75
CA GLN F 209 22.33 -50.54 -66.05
C GLN F 209 21.94 -50.64 -67.50
N VAL F 210 22.92 -50.71 -68.40
CA VAL F 210 22.67 -50.76 -69.83
C VAL F 210 21.94 -52.04 -70.21
N LEU F 211 22.42 -53.18 -69.71
CA LEU F 211 21.90 -54.47 -70.15
C LEU F 211 20.53 -54.78 -69.58
N ALA F 212 20.12 -54.11 -68.51
CA ALA F 212 18.81 -54.38 -67.91
C ALA F 212 17.77 -53.34 -68.31
N ARG F 213 18.22 -52.18 -68.76
CA ARG F 213 17.31 -51.13 -69.23
C ARG F 213 16.75 -51.46 -70.59
N GLY F 214 17.54 -52.08 -71.46
CA GLY F 214 17.18 -52.11 -72.84
C GLY F 214 17.61 -53.37 -73.54
N ASP F 215 18.18 -53.22 -74.74
CA ASP F 215 18.40 -54.34 -75.62
C ASP F 215 19.85 -54.44 -76.06
N TYR F 216 20.39 -55.64 -75.96
CA TYR F 216 21.47 -56.12 -76.82
C TYR F 216 20.89 -57.34 -77.51
N ASP F 217 21.20 -57.53 -78.79
CA ASP F 217 20.53 -58.58 -79.55
C ASP F 217 21.16 -59.96 -79.33
N LYS F 218 21.42 -60.30 -78.07
CA LYS F 218 21.97 -61.55 -77.54
C LYS F 218 22.00 -61.36 -76.04
N ASN F 219 22.28 -62.43 -75.31
CA ASN F 219 22.39 -62.32 -73.87
C ASN F 219 23.73 -61.70 -73.50
N ALA F 220 23.73 -60.89 -72.44
CA ALA F 220 24.94 -60.22 -71.99
C ALA F 220 24.94 -60.14 -70.48
N ARG F 221 26.11 -60.29 -69.87
CA ARG F 221 26.22 -60.54 -68.45
C ARG F 221 27.50 -59.92 -67.91
N VAL F 222 27.38 -59.00 -66.96
CA VAL F 222 28.52 -58.28 -66.42
C VAL F 222 29.19 -59.14 -65.37
N ILE F 223 30.49 -59.35 -65.51
CA ILE F 223 31.27 -60.05 -64.50
C ILE F 223 32.22 -59.05 -63.85
N ASN F 224 32.49 -59.27 -62.57
CA ASN F 224 33.38 -58.39 -61.81
C ASN F 224 34.60 -59.20 -61.38
N GLU F 225 35.59 -58.52 -60.84
CA GLU F 225 36.77 -59.23 -60.39
C GLU F 225 36.56 -59.76 -58.99
N ASN F 226 35.89 -58.99 -58.14
CA ASN F 226 35.69 -59.38 -56.75
C ASN F 226 34.36 -60.06 -56.50
N GLU F 227 33.53 -60.25 -57.52
CA GLU F 227 32.28 -60.95 -57.32
C GLU F 227 32.31 -62.32 -58.00
N GLU F 228 32.87 -62.39 -59.22
CA GLU F 228 33.04 -63.67 -59.89
C GLU F 228 34.05 -64.54 -59.16
N ASN F 229 35.02 -63.92 -58.50
CA ASN F 229 35.88 -64.62 -57.55
C ASN F 229 35.05 -65.27 -56.45
N LYS F 230 34.07 -64.54 -55.92
CA LYS F 230 33.25 -65.08 -54.85
C LYS F 230 32.24 -66.07 -55.39
N ARG F 231 31.83 -65.94 -56.65
CA ARG F 231 30.85 -66.86 -57.23
C ARG F 231 31.44 -68.24 -57.41
N ILE F 232 32.72 -68.31 -57.79
CA ILE F 232 33.39 -69.60 -57.99
C ILE F 232 33.53 -70.33 -56.67
N SER F 233 33.82 -69.61 -55.59
CA SER F 233 33.96 -70.21 -54.28
C SER F 233 32.65 -70.77 -53.73
N ILE F 234 31.50 -70.30 -54.24
CA ILE F 234 30.24 -70.93 -53.89
C ILE F 234 30.10 -72.27 -54.61
N TRP F 235 30.68 -72.37 -55.81
CA TRP F 235 30.77 -73.66 -56.49
C TRP F 235 31.90 -74.50 -55.95
N LEU F 236 32.99 -73.87 -55.55
CA LEU F 236 34.22 -74.61 -55.31
C LEU F 236 34.22 -75.26 -53.95
N ASP F 237 33.47 -74.74 -52.98
CA ASP F 237 33.47 -75.38 -51.67
C ASP F 237 32.65 -76.66 -51.64
N THR F 238 31.73 -76.84 -52.60
CA THR F 238 31.00 -78.10 -52.69
C THR F 238 31.81 -79.15 -53.44
N TYR F 239 32.27 -78.83 -54.64
CA TYR F 239 32.92 -79.82 -55.47
C TYR F 239 34.39 -80.00 -55.16
N TYR F 240 35.00 -79.07 -54.43
CA TYR F 240 36.34 -79.25 -53.87
C TYR F 240 36.43 -78.62 -52.49
N PRO F 241 35.86 -79.26 -51.47
CA PRO F 241 36.16 -78.84 -50.10
C PRO F 241 37.55 -79.33 -49.74
N GLN F 242 38.08 -78.75 -48.64
CA GLN F 242 39.48 -78.91 -48.23
C GLN F 242 40.45 -78.52 -49.34
N LEU F 243 40.10 -77.53 -50.14
CA LEU F 243 41.00 -76.99 -51.15
C LEU F 243 41.60 -75.71 -50.61
N ALA F 244 42.92 -75.63 -50.66
CA ALA F 244 43.63 -74.46 -50.17
C ALA F 244 44.03 -73.61 -51.37
N TYR F 245 43.36 -72.48 -51.52
CA TYR F 245 43.57 -71.57 -52.62
C TYR F 245 43.43 -70.16 -52.07
N TYR F 246 43.98 -69.19 -52.81
CA TYR F 246 43.95 -67.82 -52.34
C TYR F 246 42.86 -67.00 -53.00
N ARG F 247 42.93 -66.87 -54.32
CA ARG F 247 42.20 -65.84 -55.06
C ARG F 247 42.39 -66.09 -56.53
N ILE F 248 41.36 -65.85 -57.31
CA ILE F 248 41.46 -65.88 -58.76
C ILE F 248 41.65 -64.44 -59.23
N HIS F 249 42.32 -64.26 -60.37
CA HIS F 249 42.76 -62.94 -60.79
C HIS F 249 42.38 -62.68 -62.24
N PHE F 250 41.73 -61.54 -62.46
CA PHE F 250 41.12 -61.19 -63.74
C PHE F 250 41.79 -59.96 -64.35
N ASP F 251 43.11 -59.87 -64.28
CA ASP F 251 43.80 -58.75 -64.88
C ASP F 251 43.78 -58.87 -66.39
N GLU F 252 44.13 -60.05 -66.91
CA GLU F 252 43.84 -60.41 -68.30
C GLU F 252 42.67 -61.37 -68.26
N PRO F 253 41.43 -60.90 -68.47
CA PRO F 253 40.26 -61.75 -68.24
C PRO F 253 40.07 -62.85 -69.28
N ARG F 254 40.85 -62.84 -70.35
CA ARG F 254 40.84 -63.99 -71.27
C ARG F 254 41.38 -65.24 -70.61
N LYS F 255 42.37 -65.10 -69.72
CA LYS F 255 42.80 -66.27 -68.98
C LYS F 255 43.17 -65.89 -67.54
N PRO F 256 42.47 -66.43 -66.56
CA PRO F 256 42.75 -66.06 -65.17
C PRO F 256 43.86 -66.87 -64.54
N VAL F 257 44.50 -66.25 -63.56
CA VAL F 257 45.56 -66.88 -62.79
C VAL F 257 45.00 -67.19 -61.42
N PHE F 258 44.85 -68.48 -61.13
CA PHE F 258 44.18 -68.95 -59.93
C PHE F 258 45.21 -69.56 -59.00
N TRP F 259 45.58 -68.80 -57.97
CA TRP F 259 46.64 -69.22 -57.06
C TRP F 259 46.17 -70.35 -56.16
N LEU F 260 47.09 -71.24 -55.81
CA LEU F 260 46.83 -72.28 -54.84
C LEU F 260 47.97 -72.33 -53.84
N SER F 261 47.70 -72.97 -52.70
CA SER F 261 48.74 -73.26 -51.74
C SER F 261 49.59 -74.41 -52.26
N ARG F 262 50.89 -74.19 -52.39
CA ARG F 262 51.79 -75.28 -52.71
C ARG F 262 51.88 -76.27 -51.56
N GLN F 263 51.78 -75.77 -50.34
CA GLN F 263 52.01 -76.60 -49.17
C GLN F 263 50.79 -77.44 -48.81
N ARG F 264 49.61 -76.84 -48.79
CA ARG F 264 48.42 -77.49 -48.26
C ARG F 264 47.58 -78.17 -49.32
N ASN F 265 48.13 -78.45 -50.49
CA ASN F 265 47.40 -79.13 -51.55
C ASN F 265 48.09 -80.45 -51.86
N THR F 266 47.36 -81.54 -51.65
CA THR F 266 47.82 -82.89 -51.95
C THR F 266 47.35 -83.36 -53.32
N MET F 267 46.78 -82.46 -54.12
CA MET F 267 46.34 -82.81 -55.45
C MET F 267 47.53 -83.07 -56.36
N SER F 268 47.45 -84.12 -57.15
CA SER F 268 48.51 -84.45 -58.09
C SER F 268 48.30 -83.64 -59.36
N LYS F 269 49.27 -83.71 -60.29
CA LYS F 269 49.22 -82.89 -61.49
C LYS F 269 48.23 -83.42 -62.51
N LYS F 270 47.72 -84.63 -62.30
CA LYS F 270 46.68 -85.18 -63.15
C LYS F 270 45.37 -84.41 -62.98
N GLU F 271 44.79 -84.47 -61.78
CA GLU F 271 43.51 -83.82 -61.54
C GLU F 271 43.62 -82.31 -61.38
N LEU F 272 44.84 -81.77 -61.23
CA LEU F 272 44.99 -80.32 -61.25
C LEU F 272 44.73 -79.78 -62.66
N GLU F 273 45.03 -80.57 -63.69
CA GLU F 273 44.64 -80.19 -65.04
C GLU F 273 43.15 -80.42 -65.26
N VAL F 274 42.55 -81.36 -64.52
CA VAL F 274 41.10 -81.46 -64.50
C VAL F 274 40.51 -80.23 -63.82
N LEU F 275 41.18 -79.73 -62.77
CA LEU F 275 40.73 -78.53 -62.09
C LEU F 275 40.88 -77.29 -62.96
N SER F 276 41.81 -77.30 -63.91
CA SER F 276 41.86 -76.23 -64.91
C SER F 276 40.79 -76.38 -65.98
N GLN F 277 40.05 -77.50 -65.99
CA GLN F 277 38.94 -77.68 -66.90
C GLN F 277 37.58 -77.62 -66.21
N LYS F 278 37.51 -77.88 -64.91
CA LYS F 278 36.26 -77.67 -64.19
C LYS F 278 35.95 -76.19 -64.06
N LEU F 279 36.97 -75.34 -63.92
CA LEU F 279 36.75 -73.92 -63.77
C LEU F 279 36.33 -73.28 -65.10
N ARG F 280 36.76 -73.84 -66.22
CA ARG F 280 36.36 -73.32 -67.53
C ARG F 280 34.90 -73.53 -67.81
N ALA F 281 34.26 -74.51 -67.16
CA ALA F 281 32.82 -74.65 -67.27
C ALA F 281 32.08 -73.54 -66.53
N LEU F 282 32.75 -72.88 -65.58
CA LEU F 282 32.14 -71.75 -64.87
C LEU F 282 32.46 -70.41 -65.51
N MET F 283 33.58 -70.31 -66.22
CA MET F 283 34.02 -69.08 -66.86
C MET F 283 34.10 -69.33 -68.36
N PRO F 284 33.00 -69.16 -69.09
CA PRO F 284 33.03 -69.43 -70.53
C PRO F 284 33.87 -68.42 -71.30
N TYR F 285 33.96 -67.20 -70.79
CA TYR F 285 34.82 -66.18 -71.37
C TYR F 285 36.30 -66.52 -71.23
N ALA F 286 36.66 -67.40 -70.30
CA ALA F 286 38.05 -67.71 -70.05
C ALA F 286 38.59 -68.64 -71.13
N ASP F 287 39.87 -68.46 -71.45
CA ASP F 287 40.52 -69.36 -72.40
C ASP F 287 40.97 -70.63 -71.68
N SER F 288 41.89 -70.51 -70.73
CA SER F 288 42.39 -71.63 -69.95
C SER F 288 42.98 -71.09 -68.67
N VAL F 289 42.62 -71.71 -67.54
CA VAL F 289 43.02 -71.20 -66.24
C VAL F 289 44.49 -71.50 -66.00
N ASN F 290 45.25 -70.48 -65.62
CA ASN F 290 46.68 -70.61 -65.33
C ASN F 290 46.84 -70.87 -63.85
N ILE F 291 46.76 -72.14 -63.46
CA ILE F 291 46.92 -72.54 -62.07
C ILE F 291 48.39 -72.49 -61.70
N THR F 292 48.74 -71.66 -60.72
CA THR F 292 50.07 -71.68 -60.16
C THR F 292 49.98 -71.89 -58.66
N LEU F 293 51.16 -71.99 -58.04
CA LEU F 293 51.28 -72.35 -56.64
C LEU F 293 52.07 -71.25 -55.93
N MET F 294 51.64 -70.90 -54.72
CA MET F 294 52.34 -69.93 -53.90
C MET F 294 52.59 -70.54 -52.53
N ASP F 295 53.78 -70.33 -51.99
CA ASP F 295 54.10 -70.88 -50.69
C ASP F 295 53.40 -70.08 -49.60
N ASP F 296 52.90 -70.80 -48.59
CA ASP F 296 52.17 -70.16 -47.51
C ASP F 296 53.06 -69.32 -46.61
N VAL F 297 54.36 -69.60 -46.57
CA VAL F 297 55.25 -68.78 -45.77
C VAL F 297 55.53 -67.46 -46.47
N THR F 298 55.40 -67.40 -47.79
CA THR F 298 55.53 -66.13 -48.50
C THR F 298 54.29 -65.27 -48.33
N ALA F 299 53.12 -65.91 -48.22
CA ALA F 299 51.89 -65.15 -48.03
C ALA F 299 51.86 -64.50 -46.66
N ALA F 300 52.14 -65.27 -45.61
CA ALA F 300 52.19 -64.70 -44.27
C ALA F 300 53.42 -63.86 -44.05
N GLY F 301 54.45 -64.03 -44.88
CA GLY F 301 55.65 -63.23 -44.75
C GLY F 301 55.40 -61.78 -45.10
N GLN F 302 54.92 -61.54 -46.33
CA GLN F 302 54.69 -60.17 -46.80
C GLN F 302 53.58 -59.48 -46.03
N ALA F 303 52.64 -60.25 -45.49
CA ALA F 303 51.66 -59.65 -44.59
C ALA F 303 52.30 -59.22 -43.30
N GLU F 304 53.25 -60.01 -42.78
CA GLU F 304 53.96 -59.59 -41.59
C GLU F 304 55.02 -58.54 -41.91
N ALA F 305 55.74 -58.73 -43.01
CA ALA F 305 56.79 -57.80 -43.38
C ALA F 305 56.27 -56.47 -43.90
N GLY F 306 54.96 -56.31 -44.04
CA GLY F 306 54.39 -55.02 -44.33
C GLY F 306 53.81 -54.41 -43.08
N LEU F 307 53.21 -55.24 -42.23
CA LEU F 307 52.48 -54.72 -41.09
C LEU F 307 53.42 -54.23 -40.00
N LYS F 308 54.64 -54.75 -39.95
CA LYS F 308 55.65 -54.13 -39.11
C LYS F 308 56.44 -53.07 -39.87
N GLN F 309 56.32 -53.02 -41.19
CA GLN F 309 56.90 -51.95 -41.97
C GLN F 309 56.05 -50.69 -41.91
N GLN F 310 54.77 -50.84 -41.57
CA GLN F 310 53.91 -49.71 -41.27
C GLN F 310 54.01 -49.27 -39.81
N ALA F 311 54.84 -49.96 -39.02
CA ALA F 311 55.02 -49.74 -37.59
C ALA F 311 53.69 -49.85 -36.84
N LEU F 312 53.14 -51.06 -36.85
CA LEU F 312 51.88 -51.33 -36.21
C LEU F 312 52.04 -52.41 -35.15
N PRO F 313 51.44 -52.24 -33.97
CA PRO F 313 51.49 -53.30 -32.96
C PRO F 313 50.59 -54.46 -33.35
N TYR F 314 51.08 -55.67 -33.15
CA TYR F 314 50.31 -56.84 -33.55
C TYR F 314 50.75 -58.04 -32.73
N SER F 315 50.18 -59.19 -33.04
CA SER F 315 50.68 -60.46 -32.53
C SER F 315 50.30 -61.55 -33.50
N ARG F 316 51.29 -62.11 -34.18
CA ARG F 316 51.05 -63.21 -35.10
C ARG F 316 50.70 -64.47 -34.35
N ARG F 317 49.46 -64.91 -34.47
CA ARG F 317 49.07 -66.22 -33.97
C ARG F 317 48.87 -67.13 -35.16
N ASN F 318 49.51 -68.30 -35.13
CA ASN F 318 49.42 -69.24 -36.23
C ASN F 318 48.35 -70.27 -35.93
N HIS F 319 47.87 -70.91 -36.99
CA HIS F 319 46.97 -72.04 -36.84
C HIS F 319 47.30 -73.07 -37.89
N LYS F 320 46.63 -74.21 -37.79
CA LYS F 320 46.76 -75.27 -38.78
C LYS F 320 45.90 -74.89 -39.98
N GLY F 321 46.47 -74.17 -40.92
CA GLY F 321 45.73 -73.76 -42.09
C GLY F 321 45.31 -72.32 -42.07
N GLY F 322 46.20 -71.43 -41.66
CA GLY F 322 45.95 -70.01 -41.67
C GLY F 322 46.65 -69.32 -40.51
N VAL F 323 46.91 -68.03 -40.69
CA VAL F 323 47.46 -67.19 -39.63
C VAL F 323 46.48 -66.08 -39.33
N THR F 324 46.77 -65.31 -38.30
CA THR F 324 45.86 -64.25 -37.87
C THR F 324 46.68 -63.14 -37.22
N PHE F 325 46.51 -61.92 -37.71
CA PHE F 325 47.23 -60.76 -37.20
C PHE F 325 46.24 -59.88 -36.45
N VAL F 326 46.06 -60.13 -35.18
CA VAL F 326 45.21 -59.24 -34.40
C VAL F 326 46.00 -57.98 -34.04
N ILE F 327 45.37 -56.83 -34.24
CA ILE F 327 45.99 -55.52 -34.05
C ILE F 327 45.16 -54.81 -33.00
N GLN F 328 45.76 -54.51 -31.85
CA GLN F 328 44.97 -53.85 -30.83
C GLN F 328 45.73 -52.69 -30.18
N GLY F 329 45.08 -52.05 -29.22
CA GLY F 329 45.56 -50.82 -28.65
C GLY F 329 44.73 -49.64 -29.09
N ALA F 330 45.00 -48.50 -28.47
CA ALA F 330 44.32 -47.25 -28.84
C ALA F 330 45.06 -46.64 -30.01
N LEU F 331 44.80 -47.19 -31.19
CA LEU F 331 45.45 -46.69 -32.40
C LEU F 331 44.83 -45.36 -32.80
N ASP F 332 45.66 -44.35 -32.97
CA ASP F 332 45.15 -43.07 -33.43
C ASP F 332 45.14 -43.03 -34.96
N ASP F 333 44.93 -41.85 -35.53
CA ASP F 333 44.45 -41.76 -36.90
C ASP F 333 45.53 -42.03 -37.92
N VAL F 334 46.79 -41.75 -37.58
CA VAL F 334 47.86 -41.91 -38.55
C VAL F 334 48.12 -43.37 -38.83
N GLU F 335 47.97 -44.20 -37.81
CA GLU F 335 48.20 -45.63 -37.94
C GLU F 335 46.94 -46.41 -38.27
N ILE F 336 45.76 -45.83 -38.03
CA ILE F 336 44.52 -46.52 -38.40
C ILE F 336 44.29 -46.40 -39.90
N LEU F 337 44.97 -45.47 -40.57
CA LEU F 337 44.84 -45.27 -42.00
C LEU F 337 46.00 -45.86 -42.76
N ARG F 338 47.16 -46.03 -42.12
CA ARG F 338 48.17 -46.88 -42.72
C ARG F 338 47.77 -48.33 -42.66
N ALA F 339 46.90 -48.70 -41.71
CA ALA F 339 46.45 -50.08 -41.63
C ALA F 339 45.53 -50.44 -42.78
N ARG F 340 44.57 -49.58 -43.09
CA ARG F 340 43.54 -49.95 -44.05
C ARG F 340 44.05 -49.92 -45.49
N GLN F 341 44.97 -49.03 -45.80
CA GLN F 341 45.56 -49.11 -47.13
C GLN F 341 46.68 -50.12 -47.23
N PHE F 342 46.97 -50.85 -46.15
CA PHE F 342 47.73 -52.08 -46.30
C PHE F 342 46.84 -53.31 -46.40
N VAL F 343 45.77 -53.35 -45.60
CA VAL F 343 44.86 -54.48 -45.62
C VAL F 343 44.15 -54.58 -46.95
N ASP F 344 43.58 -53.47 -47.41
CA ASP F 344 42.92 -53.44 -48.71
C ASP F 344 43.89 -53.57 -49.87
N SER F 345 45.16 -53.29 -49.65
CA SER F 345 46.18 -53.61 -50.64
C SER F 345 46.69 -55.03 -50.50
N TYR F 346 46.30 -55.72 -49.44
CA TYR F 346 46.67 -57.12 -49.31
C TYR F 346 45.57 -58.03 -49.84
N TYR F 347 44.32 -57.76 -49.46
CA TYR F 347 43.20 -58.56 -49.91
C TYR F 347 42.94 -58.39 -51.39
N ARG F 348 43.37 -57.27 -51.97
CA ARG F 348 43.37 -57.16 -53.42
C ARG F 348 44.41 -58.07 -54.05
N THR F 349 45.50 -58.35 -53.33
CA THR F 349 46.56 -59.16 -53.90
C THR F 349 46.38 -60.64 -53.59
N TRP F 350 46.16 -60.99 -52.33
CA TRP F 350 46.18 -62.38 -51.90
C TRP F 350 44.82 -62.94 -51.57
N GLY F 351 43.79 -62.12 -51.49
CA GLY F 351 42.52 -62.59 -50.98
C GLY F 351 42.56 -62.72 -49.48
N GLY F 352 41.45 -63.18 -48.92
CA GLY F 352 41.37 -63.25 -47.48
C GLY F 352 41.11 -64.63 -46.94
N ARG F 353 41.67 -65.66 -47.57
CA ARG F 353 41.41 -67.03 -47.17
C ARG F 353 42.56 -67.67 -46.40
N TYR F 354 43.67 -66.96 -46.21
CA TYR F 354 44.76 -67.54 -45.45
C TYR F 354 45.18 -66.65 -44.30
N VAL F 355 45.07 -65.33 -44.49
CA VAL F 355 45.47 -64.35 -43.50
C VAL F 355 44.27 -63.50 -43.15
N GLN F 356 43.96 -63.41 -41.87
CA GLN F 356 42.88 -62.56 -41.39
C GLN F 356 43.48 -61.46 -40.53
N PHE F 357 43.16 -60.22 -40.85
CA PHE F 357 43.60 -59.08 -40.07
C PHE F 357 42.50 -58.69 -39.12
N ALA F 358 42.80 -58.65 -37.83
CA ALA F 358 41.83 -58.27 -36.82
C ALA F 358 42.24 -56.92 -36.25
N ILE F 359 41.77 -55.85 -36.88
CA ILE F 359 41.98 -54.54 -36.30
C ILE F 359 40.90 -54.32 -35.25
N GLU F 360 41.15 -54.82 -34.06
CA GLU F 360 40.24 -54.77 -32.92
C GLU F 360 40.74 -53.62 -32.07
N LEU F 361 39.94 -52.58 -31.96
CA LEU F 361 40.38 -51.29 -31.45
C LEU F 361 39.69 -50.98 -30.13
N LYS F 362 40.43 -51.09 -29.04
CA LYS F 362 39.90 -50.84 -27.70
C LYS F 362 40.83 -49.90 -26.95
N ASP F 363 40.48 -49.66 -25.69
CA ASP F 363 41.25 -48.79 -24.81
C ASP F 363 42.44 -49.55 -24.24
N ASP F 364 43.06 -48.96 -23.21
CA ASP F 364 44.15 -49.61 -22.50
C ASP F 364 43.63 -50.28 -21.24
N ASP G 20 10.88 -38.51 -69.12
CA ASP G 20 9.53 -38.78 -69.58
C ASP G 20 8.62 -38.99 -68.38
N LYS G 21 8.98 -39.93 -67.51
CA LYS G 21 8.19 -40.24 -66.33
C LYS G 21 8.63 -39.37 -65.16
N ASP G 22 7.66 -38.80 -64.46
CA ASP G 22 7.95 -37.91 -63.34
C ASP G 22 8.46 -38.69 -62.15
N LEU G 23 9.47 -38.16 -61.50
CA LEU G 23 10.12 -38.86 -60.40
C LEU G 23 10.23 -38.04 -59.14
N LEU G 24 10.52 -36.75 -59.24
CA LEU G 24 10.54 -35.87 -58.08
C LEU G 24 10.02 -34.52 -58.51
N LYS G 25 9.25 -33.87 -57.65
CA LYS G 25 8.71 -32.55 -57.91
C LYS G 25 8.94 -31.65 -56.72
N GLY G 26 8.93 -30.36 -56.97
CA GLY G 26 8.97 -29.39 -55.89
C GLY G 26 10.29 -29.30 -55.16
N LEU G 27 11.37 -29.80 -55.75
CA LEU G 27 12.67 -29.70 -55.11
C LEU G 27 13.18 -28.26 -55.18
N ASP G 28 13.94 -27.87 -54.18
CA ASP G 28 14.69 -26.62 -54.33
C ASP G 28 16.01 -26.94 -55.03
N GLN G 29 16.92 -25.97 -55.04
CA GLN G 29 18.02 -25.99 -55.99
C GLN G 29 19.09 -27.00 -55.62
N GLU G 30 19.67 -26.86 -54.43
CA GLU G 30 20.76 -27.73 -54.01
C GLU G 30 20.31 -29.15 -53.71
N GLN G 31 19.02 -29.40 -53.52
CA GLN G 31 18.55 -30.77 -53.50
C GLN G 31 18.44 -31.36 -54.89
N ALA G 32 18.08 -30.56 -55.89
CA ALA G 32 17.90 -31.09 -57.23
C ALA G 32 19.24 -31.37 -57.90
N ASN G 33 20.26 -30.58 -57.59
CA ASN G 33 21.56 -30.80 -58.19
C ASN G 33 22.27 -31.99 -57.57
N GLU G 34 21.85 -32.42 -56.39
CA GLU G 34 22.48 -33.56 -55.75
C GLU G 34 21.90 -34.87 -56.29
N VAL G 35 20.59 -34.87 -56.60
CA VAL G 35 19.94 -36.09 -57.07
C VAL G 35 20.46 -36.50 -58.43
N ILE G 36 20.60 -35.54 -59.35
CA ILE G 36 21.14 -35.81 -60.68
C ILE G 36 22.58 -36.28 -60.59
N ALA G 37 23.32 -35.79 -59.61
CA ALA G 37 24.68 -36.24 -59.39
C ALA G 37 24.72 -37.70 -58.97
N VAL G 38 23.71 -38.12 -58.21
CA VAL G 38 23.65 -39.53 -57.83
C VAL G 38 23.19 -40.37 -59.01
N LEU G 39 22.22 -39.87 -59.78
CA LEU G 39 21.63 -40.65 -60.85
C LEU G 39 22.60 -40.85 -62.01
N GLN G 40 23.28 -39.79 -62.44
CA GLN G 40 24.24 -39.92 -63.52
C GLN G 40 25.49 -40.67 -63.09
N MET G 41 25.70 -40.85 -61.78
CA MET G 41 26.72 -41.80 -61.35
C MET G 41 26.31 -43.21 -61.73
N HIS G 42 25.02 -43.52 -61.62
CA HIS G 42 24.54 -44.87 -61.88
C HIS G 42 23.90 -44.98 -63.25
N ASN G 43 24.43 -44.21 -64.21
CA ASN G 43 24.25 -44.42 -65.64
C ASN G 43 22.81 -44.23 -66.09
N ILE G 44 22.05 -43.34 -65.46
CA ILE G 44 20.75 -42.98 -66.02
C ILE G 44 20.69 -41.46 -66.09
N GLU G 45 20.25 -40.93 -67.22
CA GLU G 45 20.23 -39.49 -67.37
C GLU G 45 18.95 -38.92 -66.77
N ALA G 46 19.04 -37.69 -66.27
CA ALA G 46 17.89 -36.99 -65.74
C ALA G 46 17.76 -35.64 -66.45
N ASN G 47 16.67 -34.94 -66.14
CA ASN G 47 16.38 -33.66 -66.78
C ASN G 47 15.86 -32.72 -65.69
N LYS G 48 16.69 -31.78 -65.26
CA LYS G 48 16.23 -30.84 -64.25
C LYS G 48 15.26 -29.84 -64.87
N ILE G 49 13.97 -30.14 -64.79
CA ILE G 49 12.94 -29.29 -65.35
C ILE G 49 12.51 -28.32 -64.25
N ASP G 50 12.80 -27.04 -64.43
CA ASP G 50 12.27 -26.05 -63.51
C ASP G 50 10.78 -25.86 -63.75
N SER G 51 10.04 -25.71 -62.66
CA SER G 51 8.61 -25.43 -62.73
C SER G 51 8.29 -24.08 -62.09
N GLY G 52 9.18 -23.12 -62.24
CA GLY G 52 8.94 -21.80 -61.71
C GLY G 52 9.12 -21.68 -60.21
N LYS G 53 8.11 -21.11 -59.54
CA LYS G 53 8.08 -20.95 -58.10
C LYS G 53 7.67 -22.21 -57.37
N LEU G 54 7.21 -23.23 -58.11
CA LEU G 54 6.88 -24.53 -57.53
C LEU G 54 8.07 -25.46 -57.48
N GLY G 55 9.30 -24.92 -57.51
CA GLY G 55 10.48 -25.74 -57.40
C GLY G 55 10.81 -26.48 -58.68
N TYR G 56 11.96 -27.14 -58.67
CA TYR G 56 12.44 -27.92 -59.80
C TYR G 56 11.68 -29.24 -59.92
N SER G 57 12.02 -30.01 -60.93
CA SER G 57 11.42 -31.32 -61.14
C SER G 57 12.41 -32.17 -61.91
N ILE G 58 12.46 -33.45 -61.60
CA ILE G 58 13.41 -34.37 -62.21
C ILE G 58 12.61 -35.47 -62.88
N THR G 59 12.81 -35.64 -64.18
CA THR G 59 12.12 -36.67 -64.94
C THR G 59 13.14 -37.58 -65.59
N VAL G 60 12.92 -38.88 -65.50
CA VAL G 60 13.77 -39.86 -66.16
C VAL G 60 12.98 -40.54 -67.25
N ALA G 61 13.69 -41.28 -68.09
CA ALA G 61 13.03 -42.00 -69.16
C ALA G 61 12.32 -43.24 -68.61
N GLU G 62 11.43 -43.78 -69.42
CA GLU G 62 10.58 -44.89 -68.99
C GLU G 62 11.33 -46.21 -68.71
N PRO G 63 12.34 -46.66 -69.48
CA PRO G 63 13.03 -47.87 -69.06
C PRO G 63 13.91 -47.71 -67.83
N ASP G 64 14.27 -46.47 -67.48
CA ASP G 64 15.07 -46.25 -66.29
C ASP G 64 14.28 -45.70 -65.11
N PHE G 65 12.95 -45.58 -65.20
CA PHE G 65 12.21 -45.19 -64.01
C PHE G 65 12.25 -46.28 -62.97
N THR G 66 12.41 -47.53 -63.39
CA THR G 66 12.55 -48.63 -62.46
C THR G 66 13.84 -48.52 -61.68
N ALA G 67 14.96 -48.35 -62.38
CA ALA G 67 16.25 -48.32 -61.72
C ALA G 67 16.46 -47.05 -60.93
N ALA G 68 15.89 -45.94 -61.37
CA ALA G 68 16.14 -44.68 -60.69
C ALA G 68 15.41 -44.58 -59.38
N VAL G 69 14.24 -45.20 -59.27
CA VAL G 69 13.51 -45.15 -58.02
C VAL G 69 14.12 -46.11 -57.00
N TYR G 70 14.97 -47.02 -57.44
CA TYR G 70 15.80 -47.75 -56.48
C TYR G 70 16.84 -46.85 -55.86
N TRP G 71 17.53 -46.05 -56.67
CA TRP G 71 18.58 -45.22 -56.11
C TRP G 71 18.05 -44.00 -55.38
N ILE G 72 16.77 -43.67 -55.53
CA ILE G 72 16.18 -42.71 -54.61
C ILE G 72 16.04 -43.34 -53.24
N LYS G 73 15.81 -44.65 -53.19
CA LYS G 73 15.57 -45.28 -51.90
C LYS G 73 16.86 -45.46 -51.13
N THR G 74 17.91 -45.98 -51.78
CA THR G 74 19.13 -46.32 -51.04
C THR G 74 19.87 -45.09 -50.56
N TYR G 75 19.93 -44.05 -51.38
CA TYR G 75 20.60 -42.83 -50.98
C TYR G 75 19.71 -41.91 -50.17
N GLN G 76 18.44 -42.28 -50.02
CA GLN G 76 17.42 -41.49 -49.31
C GLN G 76 17.30 -40.07 -49.88
N LEU G 77 17.36 -39.99 -51.20
CA LEU G 77 17.17 -38.73 -51.88
C LEU G 77 15.70 -38.33 -51.80
N PRO G 78 15.37 -37.03 -51.83
CA PRO G 78 16.19 -35.82 -51.82
C PRO G 78 16.85 -35.61 -50.48
N PRO G 79 18.04 -35.01 -50.47
CA PRO G 79 18.76 -34.85 -49.21
C PRO G 79 18.05 -33.88 -48.29
N ARG G 80 18.04 -34.22 -47.01
CA ARG G 80 17.56 -33.33 -45.98
C ARG G 80 18.47 -32.10 -45.92
N PRO G 81 17.95 -30.95 -45.50
CA PRO G 81 18.81 -29.76 -45.39
C PRO G 81 19.87 -29.96 -44.33
N ARG G 82 21.11 -29.61 -44.68
CA ARG G 82 22.25 -29.90 -43.83
C ARG G 82 22.19 -29.08 -42.56
N VAL G 83 22.05 -29.76 -41.43
CA VAL G 83 21.70 -29.16 -40.16
C VAL G 83 22.95 -28.94 -39.33
N GLU G 84 23.10 -27.74 -38.80
CA GLU G 84 24.02 -27.47 -37.72
C GLU G 84 23.24 -27.17 -36.47
N ILE G 85 23.95 -27.12 -35.34
CA ILE G 85 23.31 -27.17 -34.05
C ILE G 85 22.60 -25.86 -33.76
N ALA G 86 23.10 -24.76 -34.31
CA ALA G 86 22.58 -23.45 -33.98
C ALA G 86 21.29 -23.12 -34.70
N GLN G 87 20.78 -23.98 -35.57
CA GLN G 87 19.48 -23.73 -36.17
C GLN G 87 18.34 -23.98 -35.21
N MET G 88 18.61 -24.65 -34.09
CA MET G 88 17.56 -24.96 -33.13
C MET G 88 17.70 -24.13 -31.86
N PHE G 89 18.43 -23.03 -31.94
CA PHE G 89 18.47 -22.02 -30.87
C PHE G 89 18.49 -20.66 -31.55
N PRO G 90 17.34 -20.19 -32.05
CA PRO G 90 17.37 -19.01 -32.91
C PRO G 90 17.52 -17.71 -32.16
N ALA G 91 16.98 -17.64 -30.93
CA ALA G 91 17.00 -16.46 -30.06
C ALA G 91 16.42 -15.23 -30.75
N ASP G 92 15.14 -15.30 -31.08
CA ASP G 92 14.47 -14.16 -31.70
C ASP G 92 14.17 -13.08 -30.67
N SER G 93 13.40 -13.41 -29.63
CA SER G 93 13.08 -12.45 -28.57
C SER G 93 13.01 -13.15 -27.22
N LEU G 94 13.41 -14.41 -27.15
CA LEU G 94 13.36 -15.16 -25.92
C LEU G 94 14.62 -14.84 -25.09
N VAL G 95 14.51 -15.04 -23.78
CA VAL G 95 15.55 -14.62 -22.84
C VAL G 95 16.84 -15.41 -23.02
N SER G 96 16.76 -16.64 -23.57
CA SER G 96 17.90 -17.41 -24.06
C SER G 96 18.90 -17.73 -22.95
N SER G 97 18.47 -18.67 -22.09
CA SER G 97 19.20 -19.31 -20.99
C SER G 97 20.63 -19.67 -21.36
N PRO G 98 21.57 -19.64 -20.41
CA PRO G 98 23.00 -19.76 -20.74
C PRO G 98 23.44 -21.06 -21.39
N ARG G 99 22.59 -22.07 -21.39
CA ARG G 99 22.82 -23.23 -22.26
C ARG G 99 22.65 -22.88 -23.74
N ALA G 100 21.76 -21.94 -24.04
CA ALA G 100 21.52 -21.63 -25.45
C ALA G 100 22.65 -20.82 -26.05
N GLU G 101 23.37 -20.05 -25.23
CA GLU G 101 24.51 -19.33 -25.75
C GLU G 101 25.66 -20.25 -26.13
N LYS G 102 26.00 -21.23 -25.29
CA LYS G 102 27.08 -22.13 -25.66
C LYS G 102 26.66 -23.09 -26.75
N ALA G 103 25.36 -23.29 -26.94
CA ALA G 103 24.92 -24.13 -28.03
C ALA G 103 25.21 -23.48 -29.37
N ARG G 104 24.83 -22.22 -29.55
CA ARG G 104 25.10 -21.59 -30.82
C ARG G 104 26.51 -21.01 -30.88
N LEU G 105 27.22 -20.96 -29.75
CA LEU G 105 28.61 -20.55 -29.79
C LEU G 105 29.46 -21.63 -30.45
N TYR G 106 29.45 -22.84 -29.88
CA TYR G 106 30.24 -23.93 -30.41
C TYR G 106 29.77 -24.35 -31.79
N SER G 107 28.48 -24.18 -32.08
CA SER G 107 27.96 -24.55 -33.40
C SER G 107 28.51 -23.65 -34.48
N ALA G 108 28.67 -22.37 -34.18
CA ALA G 108 29.31 -21.49 -35.14
C ALA G 108 30.79 -21.78 -35.26
N ILE G 109 31.40 -22.34 -34.21
CA ILE G 109 32.78 -22.74 -34.33
C ILE G 109 32.91 -24.02 -35.15
N GLU G 110 31.90 -24.91 -35.06
CA GLU G 110 31.88 -26.11 -35.91
C GLU G 110 31.81 -25.73 -37.38
N GLN G 111 31.02 -24.70 -37.69
CA GLN G 111 30.90 -24.29 -39.09
C GLN G 111 32.16 -23.60 -39.56
N ARG G 112 32.78 -22.79 -38.71
CA ARG G 112 33.87 -21.95 -39.16
C ARG G 112 35.16 -22.75 -39.34
N LEU G 113 35.38 -23.76 -38.51
CA LEU G 113 36.51 -24.67 -38.74
C LEU G 113 36.28 -25.51 -39.98
N GLU G 114 35.01 -25.84 -40.27
CA GLU G 114 34.68 -26.53 -41.50
C GLU G 114 34.97 -25.67 -42.71
N GLN G 115 34.67 -24.37 -42.63
CA GLN G 115 34.96 -23.45 -43.73
C GLN G 115 36.45 -23.27 -43.94
N SER G 116 37.27 -23.54 -42.93
CA SER G 116 38.69 -23.27 -43.01
C SER G 116 39.50 -24.47 -43.48
N LEU G 117 39.10 -25.67 -43.05
CA LEU G 117 39.73 -26.87 -43.59
C LEU G 117 39.49 -27.01 -45.06
N GLN G 118 38.34 -26.53 -45.53
CA GLN G 118 37.99 -26.59 -46.94
C GLN G 118 38.91 -25.73 -47.80
N THR G 119 39.57 -24.73 -47.20
CA THR G 119 40.53 -23.91 -47.90
C THR G 119 41.97 -24.27 -47.55
N MET G 120 42.24 -25.55 -47.28
CA MET G 120 43.62 -26.01 -47.21
C MET G 120 44.07 -26.46 -48.58
N GLU G 121 45.22 -27.12 -48.65
CA GLU G 121 45.75 -27.57 -49.92
C GLU G 121 45.15 -28.93 -50.26
N GLY G 122 44.17 -28.94 -51.15
CA GLY G 122 43.64 -30.17 -51.66
C GLY G 122 42.38 -30.69 -50.98
N VAL G 123 41.96 -30.09 -49.87
CA VAL G 123 40.74 -30.55 -49.23
C VAL G 123 39.56 -30.06 -50.06
N LEU G 124 38.77 -31.00 -50.57
CA LEU G 124 37.56 -30.63 -51.30
C LEU G 124 36.46 -30.23 -50.34
N SER G 125 36.20 -31.06 -49.35
CA SER G 125 35.11 -30.84 -48.42
C SER G 125 35.55 -31.26 -47.03
N ALA G 126 34.85 -30.78 -46.01
CA ALA G 126 35.23 -31.08 -44.65
C ALA G 126 34.02 -31.03 -43.75
N ARG G 127 34.09 -31.78 -42.66
CA ARG G 127 33.09 -31.74 -41.59
C ARG G 127 33.82 -31.78 -40.27
N VAL G 128 33.39 -30.96 -39.32
CA VAL G 128 34.02 -30.87 -38.01
C VAL G 128 32.95 -30.94 -36.95
N HIS G 129 33.14 -31.82 -35.96
CA HIS G 129 32.26 -31.91 -34.81
C HIS G 129 33.03 -31.56 -33.56
N ILE G 130 32.34 -30.97 -32.59
CA ILE G 130 32.93 -30.60 -31.32
C ILE G 130 32.17 -31.33 -30.22
N SER G 131 32.90 -31.89 -29.27
CA SER G 131 32.26 -32.44 -28.09
C SER G 131 31.63 -31.34 -27.27
N TYR G 132 30.35 -31.49 -26.95
CA TYR G 132 29.63 -30.46 -26.23
C TYR G 132 29.57 -30.84 -24.76
N ASP G 133 30.57 -30.42 -24.01
CA ASP G 133 30.48 -30.39 -22.55
C ASP G 133 29.75 -29.10 -22.21
N ILE G 134 28.49 -29.22 -21.84
CA ILE G 134 27.64 -28.06 -21.64
C ILE G 134 27.28 -27.87 -20.18
N ASP G 135 27.00 -28.95 -19.47
CA ASP G 135 26.50 -28.86 -18.10
C ASP G 135 27.62 -28.83 -17.06
N ALA G 136 28.77 -28.27 -17.41
CA ALA G 136 29.90 -28.20 -16.49
C ALA G 136 29.62 -27.25 -15.32
N GLY G 137 29.00 -26.11 -15.61
CA GLY G 137 28.65 -25.17 -14.56
C GLY G 137 27.47 -25.59 -13.72
N GLU G 138 26.54 -26.35 -14.29
CA GLU G 138 25.34 -26.77 -13.57
C GLU G 138 25.64 -27.90 -12.60
N ASN G 139 26.61 -28.76 -12.91
CA ASN G 139 27.02 -29.80 -11.98
C ASN G 139 28.00 -29.30 -10.92
N GLY G 140 28.56 -28.10 -11.08
CA GLY G 140 29.56 -27.64 -10.14
C GLY G 140 30.88 -28.36 -10.27
N ARG G 141 31.35 -28.58 -11.49
CA ARG G 141 32.52 -29.37 -11.78
C ARG G 141 33.42 -28.62 -12.77
N PRO G 142 34.72 -28.94 -12.79
CA PRO G 142 35.56 -28.46 -13.87
C PRO G 142 35.19 -29.16 -15.17
N PRO G 143 35.27 -28.45 -16.30
CA PRO G 143 34.77 -29.03 -17.55
C PRO G 143 35.71 -30.10 -18.09
N LYS G 144 35.16 -30.88 -19.00
CA LYS G 144 35.88 -31.98 -19.61
C LYS G 144 36.81 -31.44 -20.69
N PRO G 145 37.83 -32.20 -21.08
CA PRO G 145 38.63 -31.80 -22.24
C PRO G 145 37.78 -31.81 -23.49
N VAL G 146 38.10 -30.92 -24.41
CA VAL G 146 37.36 -30.82 -25.65
C VAL G 146 37.85 -31.89 -26.61
N HIS G 147 36.92 -32.67 -27.15
CA HIS G 147 37.20 -33.67 -28.15
C HIS G 147 36.61 -33.18 -29.46
N LEU G 148 37.24 -33.56 -30.58
CA LEU G 148 36.72 -33.13 -31.85
C LEU G 148 37.09 -34.09 -32.95
N SER G 149 36.21 -34.17 -33.96
CA SER G 149 36.36 -35.10 -35.06
C SER G 149 36.38 -34.32 -36.36
N ALA G 150 37.01 -34.89 -37.37
CA ALA G 150 37.11 -34.20 -38.65
C ALA G 150 37.08 -35.19 -39.80
N LEU G 151 36.36 -34.82 -40.85
CA LEU G 151 36.33 -35.54 -42.11
C LEU G 151 36.90 -34.65 -43.20
N ALA G 152 37.45 -35.26 -44.24
CA ALA G 152 38.17 -34.50 -45.25
C ALA G 152 38.25 -35.32 -46.53
N VAL G 153 37.94 -34.69 -47.65
CA VAL G 153 37.93 -35.36 -48.94
C VAL G 153 39.04 -34.76 -49.79
N TYR G 154 40.09 -35.52 -50.02
CA TYR G 154 41.24 -35.04 -50.79
C TYR G 154 41.11 -35.39 -52.26
N GLU G 155 42.07 -34.93 -53.04
CA GLU G 155 42.12 -35.31 -54.45
C GLU G 155 42.56 -36.75 -54.60
N ARG G 156 42.49 -37.23 -55.84
CA ARG G 156 43.28 -38.38 -56.23
C ARG G 156 44.76 -38.04 -56.17
N GLY G 157 45.59 -39.07 -55.98
CA GLY G 157 47.03 -38.92 -56.07
C GLY G 157 47.71 -38.30 -54.88
N SER G 158 46.96 -37.74 -53.93
CA SER G 158 47.61 -37.17 -52.76
C SER G 158 48.04 -38.29 -51.81
N PRO G 159 49.20 -38.19 -51.21
CA PRO G 159 49.61 -39.18 -50.21
C PRO G 159 48.95 -38.96 -48.86
N LEU G 160 47.75 -39.54 -48.68
CA LEU G 160 46.86 -39.23 -47.56
C LEU G 160 47.45 -39.49 -46.17
N ALA G 161 48.52 -40.29 -46.07
CA ALA G 161 49.10 -40.57 -44.76
C ALA G 161 49.95 -39.43 -44.21
N HIS G 162 50.05 -38.30 -44.92
CA HIS G 162 50.86 -37.18 -44.46
C HIS G 162 50.09 -35.90 -44.28
N GLN G 163 48.95 -35.73 -44.95
CA GLN G 163 48.09 -34.61 -44.65
C GLN G 163 47.27 -34.83 -43.40
N ILE G 164 47.37 -36.01 -42.79
CA ILE G 164 46.72 -36.28 -41.52
C ILE G 164 47.40 -35.49 -40.41
N SER G 165 48.67 -35.15 -40.57
CA SER G 165 49.38 -34.41 -39.53
C SER G 165 49.10 -32.92 -39.59
N ASP G 166 48.82 -32.39 -40.78
CA ASP G 166 48.55 -30.97 -40.92
C ASP G 166 47.24 -30.57 -40.26
N ILE G 167 46.18 -31.35 -40.52
CA ILE G 167 44.88 -31.08 -39.92
C ILE G 167 44.97 -31.23 -38.41
N LYS G 168 45.56 -32.33 -37.96
CA LYS G 168 45.66 -32.65 -36.54
C LYS G 168 46.55 -31.67 -35.79
N ARG G 169 47.47 -30.99 -36.49
CA ARG G 169 48.21 -29.87 -35.90
C ARG G 169 47.38 -28.60 -35.93
N PHE G 170 46.60 -28.42 -36.99
CA PHE G 170 45.84 -27.20 -37.19
C PHE G 170 44.80 -26.99 -36.11
N LEU G 171 43.89 -27.93 -35.95
CA LEU G 171 42.78 -27.66 -35.07
C LEU G 171 43.00 -28.22 -33.68
N LYS G 172 44.24 -28.60 -33.34
CA LYS G 172 44.61 -28.68 -31.94
C LYS G 172 44.47 -27.31 -31.29
N ASN G 173 45.25 -26.34 -31.77
CA ASN G 173 45.29 -25.03 -31.16
C ASN G 173 44.14 -24.16 -31.59
N SER G 174 43.08 -24.71 -32.16
CA SER G 174 41.86 -23.96 -32.35
C SER G 174 40.96 -24.03 -31.13
N PHE G 175 41.36 -24.77 -30.10
CA PHE G 175 40.62 -24.85 -28.86
C PHE G 175 41.56 -24.83 -27.68
N ALA G 176 40.96 -24.74 -26.48
CA ALA G 176 41.72 -24.39 -25.29
C ALA G 176 42.51 -25.58 -24.76
N ASP G 177 41.83 -26.65 -24.38
CA ASP G 177 42.49 -27.80 -23.75
C ASP G 177 42.18 -29.08 -24.53
N VAL G 178 42.90 -29.30 -25.63
CA VAL G 178 42.79 -30.54 -26.36
C VAL G 178 44.16 -31.18 -26.44
N ASP G 179 44.18 -32.43 -26.87
CA ASP G 179 45.42 -33.16 -27.04
C ASP G 179 45.51 -33.68 -28.47
N TYR G 180 46.49 -34.52 -28.73
CA TYR G 180 46.57 -35.26 -29.98
C TYR G 180 45.88 -36.60 -29.89
N ASP G 181 45.13 -36.83 -28.82
CA ASP G 181 44.33 -38.02 -28.67
C ASP G 181 42.85 -37.73 -28.68
N ASN G 182 42.46 -36.47 -28.48
CA ASN G 182 41.07 -36.08 -28.55
C ASN G 182 40.68 -35.63 -29.95
N ILE G 183 41.57 -35.78 -30.93
CA ILE G 183 41.33 -35.35 -32.29
C ILE G 183 41.27 -36.60 -33.15
N SER G 184 40.15 -36.82 -33.82
CA SER G 184 39.93 -38.01 -34.62
C SER G 184 39.64 -37.59 -36.05
N VAL G 185 40.63 -37.70 -36.92
CA VAL G 185 40.51 -37.26 -38.31
C VAL G 185 40.60 -38.49 -39.19
N VAL G 186 39.53 -38.79 -39.91
CA VAL G 186 39.48 -39.91 -40.83
C VAL G 186 39.24 -39.34 -42.20
N LEU G 187 40.31 -39.11 -42.95
CA LEU G 187 40.24 -38.47 -44.25
C LEU G 187 40.37 -39.49 -45.38
N SER G 188 39.59 -39.28 -46.42
CA SER G 188 39.42 -40.25 -47.49
C SER G 188 39.43 -39.52 -48.82
N GLU G 189 40.18 -40.05 -49.79
CA GLU G 189 40.27 -39.41 -51.08
C GLU G 189 38.95 -39.55 -51.84
N ARG G 190 38.74 -38.67 -52.81
CA ARG G 190 37.45 -38.64 -53.48
C ARG G 190 37.31 -39.82 -54.43
N SER G 191 36.10 -39.98 -54.93
CA SER G 191 35.79 -41.09 -55.81
C SER G 191 36.35 -40.83 -57.20
N ASP G 192 36.08 -41.76 -58.11
CA ASP G 192 36.44 -41.56 -59.50
C ASP G 192 35.58 -40.47 -60.09
N ALA G 193 36.15 -39.73 -61.03
CA ALA G 193 35.46 -38.59 -61.61
C ALA G 193 34.39 -39.06 -62.57
N GLN G 194 33.17 -38.55 -62.40
CA GLN G 194 32.08 -38.81 -63.34
C GLN G 194 32.09 -37.69 -64.35
N LEU G 195 32.75 -37.93 -65.48
CA LEU G 195 32.90 -36.96 -66.55
C LEU G 195 32.20 -37.42 -67.82
N GLN G 196 31.48 -38.52 -67.75
CA GLN G 196 31.16 -39.33 -68.91
C GLN G 196 29.65 -39.37 -69.08
N ALA G 197 29.19 -39.17 -70.30
CA ALA G 197 27.76 -39.05 -70.56
C ALA G 197 27.05 -40.38 -70.34
N PRO G 198 25.93 -40.41 -69.62
CA PRO G 198 25.22 -41.66 -69.36
C PRO G 198 24.65 -42.32 -70.61
N GLY G 199 23.83 -41.58 -71.34
CA GLY G 199 23.28 -42.12 -72.56
C GLY G 199 21.79 -42.32 -72.52
N THR G 200 21.11 -41.84 -73.56
CA THR G 200 19.69 -42.11 -73.73
C THR G 200 19.47 -43.59 -74.05
N PRO G 201 18.36 -44.17 -73.60
CA PRO G 201 18.08 -45.57 -73.93
C PRO G 201 17.80 -45.76 -75.42
N VAL G 202 17.87 -47.01 -75.85
CA VAL G 202 17.62 -47.36 -77.24
C VAL G 202 16.12 -47.54 -77.43
N LYS G 203 15.68 -47.44 -78.68
CA LYS G 203 14.26 -47.53 -79.00
C LYS G 203 13.91 -48.88 -79.62
N ALA H 171 40.28 -33.92 -85.42
CA ALA H 171 41.18 -32.77 -85.39
C ALA H 171 42.47 -33.10 -84.66
N GLU H 172 43.39 -32.15 -84.62
CA GLU H 172 44.65 -32.34 -83.92
C GLU H 172 44.43 -32.25 -82.41
N LEU H 173 44.87 -33.28 -81.69
CA LEU H 173 44.65 -33.32 -80.25
C LEU H 173 45.49 -32.29 -79.52
N ASP H 174 46.61 -31.85 -80.11
CA ASP H 174 47.38 -30.74 -79.56
C ASP H 174 46.59 -29.43 -79.53
N SER H 175 45.58 -29.29 -80.38
CA SER H 175 44.70 -28.14 -80.33
C SER H 175 43.34 -28.44 -79.74
N LEU H 176 42.92 -29.70 -79.68
CA LEU H 176 41.71 -30.04 -78.95
C LEU H 176 41.89 -29.87 -77.45
N LEU H 177 43.12 -29.97 -76.97
CA LEU H 177 43.45 -29.62 -75.59
C LEU H 177 43.61 -28.12 -75.49
N GLY H 178 44.18 -27.63 -74.40
CA GLY H 178 44.25 -26.21 -74.17
C GLY H 178 45.22 -25.48 -75.08
N GLN H 179 45.34 -24.18 -74.83
CA GLN H 179 46.17 -23.29 -75.64
C GLN H 179 47.66 -23.61 -75.48
N GLU H 180 48.07 -24.06 -74.31
CA GLU H 180 49.48 -24.29 -74.02
C GLU H 180 49.89 -25.68 -74.51
N LYS H 181 50.85 -25.72 -75.43
CA LYS H 181 51.25 -27.00 -76.00
C LYS H 181 52.20 -27.75 -75.07
N GLU H 182 52.96 -27.01 -74.25
CA GLU H 182 54.00 -27.63 -73.44
C GLU H 182 53.46 -28.44 -72.27
N ARG H 183 52.19 -28.26 -71.92
CA ARG H 183 51.66 -28.92 -70.73
C ARG H 183 51.40 -30.40 -70.98
N PHE H 184 50.98 -30.76 -72.19
CA PHE H 184 50.70 -32.15 -72.52
C PHE H 184 51.69 -32.63 -73.57
N GLN H 185 51.75 -33.95 -73.74
CA GLN H 185 52.63 -34.54 -74.75
C GLN H 185 51.94 -35.78 -75.29
N VAL H 186 51.44 -35.71 -76.51
CA VAL H 186 50.71 -36.83 -77.08
C VAL H 186 51.68 -37.95 -77.45
N LEU H 187 51.18 -39.18 -77.40
CA LEU H 187 52.03 -40.34 -77.58
C LEU H 187 51.34 -41.36 -78.47
N PRO H 188 51.78 -41.51 -79.71
CA PRO H 188 51.17 -42.51 -80.60
C PRO H 188 51.56 -43.92 -80.25
N GLY H 189 50.79 -44.56 -79.38
CA GLY H 189 51.05 -45.92 -78.97
C GLY H 189 50.93 -46.93 -80.10
N ARG H 190 51.40 -48.14 -79.82
CA ARG H 190 51.54 -49.17 -80.83
C ARG H 190 50.25 -49.94 -81.11
N ASP H 191 49.27 -49.89 -80.22
CA ASP H 191 48.07 -50.70 -80.34
C ASP H 191 46.86 -49.90 -80.82
N LYS H 192 47.10 -48.95 -81.73
CA LYS H 192 46.17 -48.09 -82.47
C LYS H 192 45.56 -46.99 -81.59
N MET H 193 45.78 -47.04 -80.29
CA MET H 193 45.24 -46.04 -79.39
C MET H 193 46.30 -44.97 -79.13
N LEU H 194 45.87 -43.71 -79.14
CA LEU H 194 46.76 -42.59 -78.86
C LEU H 194 46.69 -42.26 -77.38
N TYR H 195 47.79 -41.77 -76.83
CA TYR H 195 47.89 -41.47 -75.41
C TYR H 195 48.37 -40.04 -75.23
N VAL H 196 47.90 -39.40 -74.17
CA VAL H 196 48.31 -38.04 -73.82
C VAL H 196 48.76 -38.01 -72.37
N ALA H 197 49.99 -37.57 -72.14
CA ALA H 197 50.65 -37.70 -70.85
C ALA H 197 50.48 -36.40 -70.07
N ALA H 198 49.61 -36.42 -69.06
CA ALA H 198 49.49 -35.27 -68.20
C ALA H 198 50.64 -35.24 -67.20
N GLN H 199 50.71 -34.16 -66.43
CA GLN H 199 51.78 -34.01 -65.45
C GLN H 199 51.30 -34.18 -64.01
N ASN H 200 50.07 -33.81 -63.70
CA ASN H 200 49.53 -33.99 -62.36
C ASN H 200 48.02 -34.23 -62.48
N GLU H 201 47.32 -34.13 -61.35
CA GLU H 201 45.90 -34.45 -61.36
C GLU H 201 45.02 -33.25 -61.67
N ARG H 202 45.58 -32.09 -61.95
CA ARG H 202 44.76 -31.06 -62.59
C ARG H 202 44.79 -31.20 -64.09
N ASP H 203 45.96 -31.49 -64.66
CA ASP H 203 46.06 -31.69 -66.08
C ASP H 203 45.39 -32.97 -66.53
N THR H 204 45.32 -33.96 -65.65
CA THR H 204 44.62 -35.19 -66.01
C THR H 204 43.12 -34.93 -66.12
N LEU H 205 42.55 -34.20 -65.17
CA LEU H 205 41.15 -33.80 -65.29
C LEU H 205 40.96 -32.74 -66.36
N TRP H 206 42.01 -32.07 -66.79
CA TRP H 206 41.92 -31.20 -67.95
C TRP H 206 41.80 -32.02 -69.22
N ALA H 207 42.55 -33.12 -69.31
CA ALA H 207 42.58 -33.89 -70.53
C ALA H 207 41.59 -35.04 -70.54
N ARG H 208 41.21 -35.56 -69.37
CA ARG H 208 40.09 -36.48 -69.32
C ARG H 208 38.75 -35.79 -69.46
N GLN H 209 38.72 -34.46 -69.43
CA GLN H 209 37.47 -33.78 -69.72
C GLN H 209 37.23 -33.70 -71.20
N VAL H 210 38.27 -33.43 -71.99
CA VAL H 210 38.14 -33.29 -73.44
C VAL H 210 37.72 -34.61 -74.08
N LEU H 211 38.38 -35.70 -73.71
CA LEU H 211 38.18 -36.97 -74.38
C LEU H 211 36.85 -37.63 -74.02
N ALA H 212 36.24 -37.25 -72.91
CA ALA H 212 34.97 -37.83 -72.50
C ALA H 212 33.77 -36.98 -72.85
N ARG H 213 34.01 -35.68 -73.07
CA ARG H 213 32.95 -34.77 -73.47
C ARG H 213 32.57 -34.97 -74.93
N GLY H 214 33.53 -35.28 -75.78
CA GLY H 214 33.28 -35.14 -77.19
C GLY H 214 34.02 -36.16 -78.02
N ASP H 215 34.63 -35.71 -79.11
CA ASP H 215 35.15 -36.62 -80.12
C ASP H 215 36.62 -36.35 -80.41
N TYR H 216 37.39 -37.43 -80.43
CA TYR H 216 38.60 -37.55 -81.21
C TYR H 216 38.33 -38.74 -82.14
N ASP H 217 38.76 -38.64 -83.40
CA ASP H 217 38.39 -39.66 -84.37
C ASP H 217 39.26 -40.91 -84.29
N LYS H 218 39.50 -41.40 -83.07
CA LYS H 218 40.24 -42.59 -82.69
C LYS H 218 40.11 -42.65 -81.17
N ASN H 219 40.55 -43.76 -80.59
CA ASN H 219 40.54 -43.87 -79.14
C ASN H 219 41.68 -43.08 -78.54
N ALA H 220 41.44 -42.47 -77.38
CA ALA H 220 42.45 -41.66 -76.72
C ALA H 220 42.32 -41.84 -75.22
N ARG H 221 43.45 -41.87 -74.51
CA ARG H 221 43.50 -42.32 -73.13
C ARG H 221 44.58 -41.57 -72.38
N VAL H 222 44.19 -40.86 -71.33
CA VAL H 222 45.13 -40.04 -70.58
C VAL H 222 45.88 -40.92 -69.59
N ILE H 223 47.21 -40.84 -69.61
CA ILE H 223 48.02 -41.54 -68.63
C ILE H 223 48.71 -40.51 -67.76
N ASN H 224 48.92 -40.88 -66.51
CA ASN H 224 49.54 -39.99 -65.53
C ASN H 224 50.85 -40.61 -65.10
N GLU H 225 51.65 -39.85 -64.35
CA GLU H 225 52.92 -40.39 -63.89
C GLU H 225 52.71 -41.19 -62.61
N ASN H 226 51.84 -40.70 -61.73
CA ASN H 226 51.61 -41.35 -60.45
C ASN H 226 50.43 -42.30 -60.45
N GLU H 227 49.75 -42.47 -61.57
CA GLU H 227 48.65 -43.43 -61.61
C GLU H 227 49.01 -44.63 -62.48
N GLU H 228 49.66 -44.39 -63.62
CA GLU H 228 50.14 -45.49 -64.45
C GLU H 228 51.25 -46.25 -63.76
N ASN H 229 52.01 -45.57 -62.91
CA ASN H 229 52.92 -46.25 -62.00
C ASN H 229 52.16 -47.22 -61.10
N LYS H 230 51.02 -46.79 -60.57
CA LYS H 230 50.26 -47.64 -59.68
C LYS H 230 49.50 -48.71 -60.47
N ARG H 231 49.17 -48.44 -61.73
CA ARG H 231 48.45 -49.42 -62.54
C ARG H 231 49.33 -50.62 -62.87
N ILE H 232 50.62 -50.39 -63.11
CA ILE H 232 51.54 -51.47 -63.42
C ILE H 232 51.72 -52.37 -62.22
N SER H 233 51.78 -51.79 -61.03
CA SER H 233 51.93 -52.57 -59.80
C SER H 233 50.73 -53.44 -59.49
N ILE H 234 49.56 -53.13 -60.04
CA ILE H 234 48.43 -54.04 -59.93
C ILE H 234 48.63 -55.24 -60.85
N TRP H 235 49.30 -55.03 -61.98
CA TRP H 235 49.69 -56.14 -62.83
C TRP H 235 50.93 -56.83 -62.31
N LEU H 236 51.84 -56.08 -61.70
CA LEU H 236 53.17 -56.60 -61.44
C LEU H 236 53.20 -57.47 -60.20
N ASP H 237 52.29 -57.27 -59.25
CA ASP H 237 52.32 -58.09 -58.05
C ASP H 237 51.77 -59.50 -58.30
N THR H 238 50.99 -59.68 -59.36
CA THR H 238 50.54 -61.02 -59.73
C THR H 238 51.60 -61.76 -60.53
N TYR H 239 52.07 -61.17 -61.61
CA TYR H 239 52.97 -61.87 -62.51
C TYR H 239 54.42 -61.81 -62.07
N TYR H 240 54.76 -60.91 -61.15
CA TYR H 240 56.07 -60.94 -60.49
C TYR H 240 55.94 -60.54 -59.02
N PRO H 241 55.43 -61.44 -58.17
CA PRO H 241 55.53 -61.20 -56.74
C PRO H 241 56.96 -61.46 -56.30
N GLN H 242 57.28 -60.99 -55.08
CA GLN H 242 58.65 -60.95 -54.54
C GLN H 242 59.59 -60.21 -55.48
N LEU H 243 59.11 -59.18 -56.15
CA LEU H 243 59.95 -58.33 -56.97
C LEU H 243 60.24 -57.06 -56.19
N ALA H 244 61.52 -56.71 -56.09
CA ALA H 244 61.93 -55.53 -55.36
C ALA H 244 62.24 -54.43 -56.37
N TYR H 245 61.36 -53.45 -56.42
CA TYR H 245 61.48 -52.34 -57.34
C TYR H 245 61.02 -51.09 -56.62
N TYR H 246 61.41 -49.94 -57.13
CA TYR H 246 61.06 -48.69 -56.47
C TYR H 246 59.89 -47.99 -57.12
N ARG H 247 60.02 -47.63 -58.39
CA ARG H 247 59.16 -46.65 -59.04
C ARG H 247 59.50 -46.61 -60.51
N ILE H 248 58.50 -46.45 -61.35
CA ILE H 248 58.73 -46.21 -62.77
C ILE H 248 58.66 -44.71 -63.00
N HIS H 249 59.36 -44.22 -64.02
CA HIS H 249 59.55 -42.79 -64.20
C HIS H 249 59.23 -42.36 -65.62
N PHE H 250 58.38 -41.35 -65.74
CA PHE H 250 57.82 -40.91 -67.01
C PHE H 250 58.26 -39.50 -67.35
N ASP H 251 59.53 -39.19 -67.13
CA ASP H 251 60.03 -37.86 -67.48
C ASP H 251 60.15 -37.73 -69.00
N GLU H 252 60.75 -38.71 -69.64
CA GLU H 252 60.66 -38.89 -71.08
C GLU H 252 59.71 -40.05 -71.32
N PRO H 253 58.42 -39.80 -71.58
CA PRO H 253 57.43 -40.88 -71.61
C PRO H 253 57.55 -41.80 -72.81
N ARG H 254 58.40 -41.47 -73.78
CA ARG H 254 58.67 -42.43 -74.85
C ARG H 254 59.42 -43.65 -74.33
N LYS H 255 60.28 -43.48 -73.34
CA LYS H 255 60.89 -44.65 -72.73
C LYS H 255 61.07 -44.45 -71.22
N PRO H 256 60.42 -45.27 -70.40
CA PRO H 256 60.50 -45.08 -68.96
C PRO H 256 61.71 -45.76 -68.34
N VAL H 257 62.14 -45.22 -67.21
CA VAL H 257 63.24 -45.74 -66.43
C VAL H 257 62.64 -46.38 -65.20
N PHE H 258 62.74 -47.70 -65.12
CA PHE H 258 62.09 -48.48 -64.08
C PHE H 258 63.16 -49.04 -63.14
N TRP H 259 63.29 -48.40 -61.98
CA TRP H 259 64.33 -48.76 -61.03
C TRP H 259 64.03 -50.09 -60.37
N LEU H 260 65.09 -50.84 -60.06
CA LEU H 260 64.97 -52.05 -59.27
C LEU H 260 66.01 -52.05 -58.18
N SER H 261 65.80 -52.91 -57.19
CA SER H 261 66.80 -53.16 -56.16
C SER H 261 67.90 -54.03 -56.76
N ARG H 262 69.13 -53.54 -56.71
CA ARG H 262 70.25 -54.37 -57.10
C ARG H 262 70.46 -55.50 -56.10
N GLN H 263 70.17 -55.24 -54.83
CA GLN H 263 70.47 -56.20 -53.79
C GLN H 263 69.43 -57.30 -53.69
N ARG H 264 68.15 -56.93 -53.72
CA ARG H 264 67.09 -57.88 -53.40
C ARG H 264 66.48 -58.52 -54.64
N ASN H 265 67.16 -58.49 -55.78
CA ASN H 265 66.67 -59.12 -56.99
C ASN H 265 67.63 -60.22 -57.42
N THR H 266 67.13 -61.44 -57.46
CA THR H 266 67.88 -62.60 -57.90
C THR H 266 67.61 -62.93 -59.37
N MET H 267 66.94 -62.02 -60.08
CA MET H 267 66.68 -62.23 -61.50
C MET H 267 67.97 -62.10 -62.29
N SER H 268 68.16 -63.01 -63.23
CA SER H 268 69.34 -62.97 -64.09
C SER H 268 69.07 -62.02 -65.25
N LYS H 269 70.09 -61.75 -66.06
CA LYS H 269 69.96 -60.77 -67.12
C LYS H 269 69.18 -61.30 -68.31
N LYS H 270 68.91 -62.61 -68.34
CA LYS H 270 68.06 -63.19 -69.37
C LYS H 270 66.63 -62.72 -69.23
N GLU H 271 65.98 -63.07 -68.12
CA GLU H 271 64.58 -62.73 -67.93
C GLU H 271 64.37 -61.28 -67.53
N LEU H 272 65.43 -60.56 -67.17
CA LEU H 272 65.29 -59.12 -66.97
C LEU H 272 65.03 -58.41 -68.29
N GLU H 273 65.56 -58.95 -69.39
CA GLU H 273 65.22 -58.43 -70.71
C GLU H 273 63.82 -58.89 -71.12
N VAL H 274 63.38 -60.04 -70.60
CA VAL H 274 61.97 -60.42 -70.74
C VAL H 274 61.10 -59.45 -69.96
N LEU H 275 61.58 -59.01 -68.80
CA LEU H 275 60.83 -58.05 -67.99
C LEU H 275 60.80 -56.67 -68.64
N SER H 276 61.78 -56.34 -69.48
CA SER H 276 61.68 -55.14 -70.29
C SER H 276 60.75 -55.31 -71.48
N GLN H 277 60.26 -56.53 -71.74
CA GLN H 277 59.28 -56.77 -72.78
C GLN H 277 57.90 -57.08 -72.24
N LYS H 278 57.78 -57.56 -71.01
CA LYS H 278 56.46 -57.71 -70.40
C LYS H 278 55.84 -56.36 -70.09
N LEU H 279 56.66 -55.38 -69.71
CA LEU H 279 56.14 -54.06 -69.39
C LEU H 279 55.70 -53.30 -70.63
N ARG H 280 56.32 -53.58 -71.78
CA ARG H 280 55.93 -52.92 -73.02
C ARG H 280 54.55 -53.37 -73.49
N ALA H 281 54.09 -54.53 -73.06
CA ALA H 281 52.71 -54.93 -73.35
C ALA H 281 51.72 -54.13 -72.54
N LEU H 282 52.16 -53.51 -71.44
CA LEU H 282 51.29 -52.64 -70.65
C LEU H 282 51.38 -51.18 -71.04
N MET H 283 52.50 -50.76 -71.60
CA MET H 283 52.73 -49.37 -72.00
C MET H 283 52.97 -49.35 -73.50
N PRO H 284 51.92 -49.29 -74.31
CA PRO H 284 52.10 -49.29 -75.77
C PRO H 284 52.78 -48.04 -76.28
N TYR H 285 52.58 -46.91 -75.59
CA TYR H 285 53.26 -45.67 -75.91
C TYR H 285 54.77 -45.75 -75.68
N ALA H 286 55.22 -46.69 -74.85
CA ALA H 286 56.62 -46.77 -74.51
C ALA H 286 57.42 -47.38 -75.64
N ASP H 287 58.66 -46.91 -75.80
CA ASP H 287 59.56 -47.51 -76.78
C ASP H 287 60.19 -48.77 -76.23
N SER H 288 60.99 -48.63 -75.18
CA SER H 288 61.64 -49.75 -74.53
C SER H 288 62.01 -49.33 -73.11
N VAL H 289 61.71 -50.19 -72.13
CA VAL H 289 61.90 -49.84 -70.74
C VAL H 289 63.38 -49.88 -70.40
N ASN H 290 63.88 -48.81 -69.78
CA ASN H 290 65.27 -48.72 -69.37
C ASN H 290 65.37 -49.19 -67.92
N ILE H 291 65.53 -50.49 -67.75
CA ILE H 291 65.65 -51.08 -66.42
C ILE H 291 67.06 -50.83 -65.89
N THR H 292 67.14 -50.12 -64.77
CA THR H 292 68.41 -49.96 -64.08
C THR H 292 68.27 -50.44 -62.64
N LEU H 293 69.38 -50.42 -61.92
CA LEU H 293 69.47 -50.97 -60.58
C LEU H 293 69.95 -49.88 -59.64
N MET H 294 69.36 -49.82 -58.44
CA MET H 294 69.80 -48.89 -57.42
C MET H 294 70.06 -49.66 -56.15
N ASP H 295 71.14 -49.32 -55.45
CA ASP H 295 71.46 -50.01 -54.21
C ASP H 295 70.54 -49.56 -53.10
N ASP H 296 70.12 -50.51 -52.27
CA ASP H 296 69.19 -50.21 -51.19
C ASP H 296 69.82 -49.37 -50.09
N VAL H 297 71.15 -49.41 -49.95
CA VAL H 297 71.79 -48.57 -48.94
C VAL H 297 71.84 -47.11 -49.41
N THR H 298 71.81 -46.87 -50.71
CA THR H 298 71.73 -45.51 -51.21
C THR H 298 70.34 -44.94 -51.05
N ALA H 299 69.31 -45.79 -51.16
CA ALA H 299 67.95 -45.32 -50.99
C ALA H 299 67.68 -44.92 -49.55
N ALA H 300 68.03 -45.79 -48.60
CA ALA H 300 67.85 -45.46 -47.20
C ALA H 300 68.88 -44.44 -46.72
N GLY H 301 69.98 -44.27 -47.45
CA GLY H 301 70.97 -43.29 -47.07
C GLY H 301 70.47 -41.88 -47.25
N GLN H 302 70.03 -41.53 -48.47
CA GLN H 302 69.57 -40.18 -48.75
C GLN H 302 68.29 -39.84 -48.01
N ALA H 303 67.48 -40.86 -47.69
CA ALA H 303 66.33 -40.62 -46.83
C ALA H 303 66.78 -40.29 -45.41
N GLU H 304 67.82 -40.96 -44.93
CA GLU H 304 68.33 -40.61 -43.61
C GLU H 304 69.19 -39.35 -43.66
N ALA H 305 70.02 -39.21 -44.70
CA ALA H 305 70.89 -38.05 -44.81
C ALA H 305 70.14 -36.78 -45.19
N GLY H 306 68.84 -36.86 -45.44
CA GLY H 306 68.05 -35.65 -45.59
C GLY H 306 67.25 -35.38 -44.34
N LEU H 307 66.78 -36.44 -43.68
CA LEU H 307 65.87 -36.27 -42.56
C LEU H 307 66.60 -35.80 -41.32
N LYS H 308 67.89 -36.07 -41.21
CA LYS H 308 68.69 -35.41 -40.19
C LYS H 308 69.31 -34.12 -40.69
N GLN H 309 69.27 -33.89 -42.01
CA GLN H 309 69.69 -32.60 -42.54
C GLN H 309 68.59 -31.55 -42.40
N GLN H 310 67.36 -31.99 -42.22
CA GLN H 310 66.26 -31.11 -41.86
C GLN H 310 66.15 -30.91 -40.35
N ALA H 311 67.05 -31.55 -39.58
CA ALA H 311 67.06 -31.54 -38.12
C ALA H 311 65.74 -32.02 -37.54
N LEU H 312 65.45 -33.30 -37.79
CA LEU H 312 64.23 -33.91 -37.33
C LEU H 312 64.52 -35.09 -36.43
N PRO H 313 63.80 -35.24 -35.32
CA PRO H 313 64.00 -36.42 -34.47
C PRO H 313 63.38 -37.65 -35.13
N TYR H 314 64.09 -38.77 -35.06
CA TYR H 314 63.61 -39.98 -35.71
C TYR H 314 64.22 -41.19 -35.02
N SER H 315 63.93 -42.37 -35.56
CA SER H 315 64.64 -43.58 -35.18
C SER H 315 64.56 -44.54 -36.35
N ARG H 316 65.69 -44.78 -37.00
CA ARG H 316 65.74 -45.74 -38.09
C ARG H 316 65.61 -47.15 -37.56
N ARG H 317 64.50 -47.80 -37.88
CA ARG H 317 64.34 -49.22 -37.62
C ARG H 317 64.42 -49.94 -38.96
N ASN H 318 65.28 -50.95 -39.02
CA ASN H 318 65.46 -51.70 -40.25
C ASN H 318 64.60 -52.95 -40.23
N HIS H 319 64.35 -53.49 -41.42
CA HIS H 319 63.68 -54.77 -41.54
C HIS H 319 64.30 -55.53 -42.68
N LYS H 320 63.88 -56.78 -42.83
CA LYS H 320 64.29 -57.61 -43.94
C LYS H 320 63.45 -57.22 -45.15
N GLY H 321 63.95 -56.25 -45.91
CA GLY H 321 63.24 -55.80 -47.08
C GLY H 321 62.53 -54.49 -46.89
N GLY H 322 63.19 -53.53 -46.27
CA GLY H 322 62.65 -52.19 -46.09
C GLY H 322 63.10 -51.59 -44.78
N VAL H 323 63.11 -50.26 -44.72
CA VAL H 323 63.40 -49.53 -43.51
C VAL H 323 62.19 -48.69 -43.15
N THR H 324 62.24 -48.05 -41.99
CA THR H 324 61.11 -47.27 -41.51
C THR H 324 61.63 -46.16 -40.62
N PHE H 325 61.25 -44.92 -40.94
CA PHE H 325 61.68 -43.74 -40.19
C PHE H 325 60.47 -43.21 -39.44
N VAL H 326 60.25 -43.69 -38.24
CA VAL H 326 59.19 -43.12 -37.43
C VAL H 326 59.68 -41.81 -36.82
N ILE H 327 58.85 -40.78 -36.90
CA ILE H 327 59.17 -39.44 -36.46
C ILE H 327 58.13 -39.07 -35.41
N GLN H 328 58.57 -38.85 -34.18
CA GLN H 328 57.59 -38.54 -33.15
C GLN H 328 58.03 -37.38 -32.27
N GLY H 329 57.20 -37.05 -31.29
CA GLY H 329 57.38 -35.85 -30.49
C GLY H 329 56.36 -34.79 -30.85
N ALA H 330 56.35 -33.74 -30.04
CA ALA H 330 55.45 -32.61 -30.30
C ALA H 330 56.15 -31.68 -31.28
N LEU H 331 56.10 -32.05 -32.55
CA LEU H 331 56.71 -31.27 -33.60
C LEU H 331 55.87 -30.03 -33.85
N ASP H 332 56.48 -28.86 -33.79
CA ASP H 332 55.77 -27.63 -34.11
C ASP H 332 55.86 -27.35 -35.61
N ASP H 333 55.46 -26.15 -36.01
CA ASP H 333 55.08 -25.93 -37.40
C ASP H 333 56.26 -25.82 -38.33
N VAL H 334 57.41 -25.37 -37.82
CA VAL H 334 58.56 -25.15 -38.68
C VAL H 334 59.13 -26.48 -39.14
N GLU H 335 59.08 -27.48 -38.27
CA GLU H 335 59.61 -28.79 -38.59
C GLU H 335 58.56 -29.73 -39.16
N ILE H 336 57.27 -29.44 -38.96
CA ILE H 336 56.23 -30.26 -39.57
C ILE H 336 56.09 -29.95 -41.05
N LEU H 337 56.61 -28.82 -41.50
CA LEU H 337 56.56 -28.42 -42.89
C LEU H 337 57.88 -28.64 -43.60
N ARG H 338 58.98 -28.68 -42.86
CA ARG H 338 60.20 -29.21 -43.47
C ARG H 338 60.09 -30.71 -43.67
N ALA H 339 59.24 -31.38 -42.90
CA ALA H 339 59.08 -32.82 -43.06
C ALA H 339 58.35 -33.15 -44.34
N ARG H 340 57.25 -32.45 -44.62
CA ARG H 340 56.40 -32.84 -45.73
C ARG H 340 57.00 -32.49 -47.08
N GLN H 341 57.74 -31.39 -47.16
CA GLN H 341 58.42 -31.14 -48.41
C GLN H 341 59.74 -31.89 -48.54
N PHE H 342 60.08 -32.72 -47.57
CA PHE H 342 61.09 -33.74 -47.81
C PHE H 342 60.48 -35.08 -48.19
N VAL H 343 59.39 -35.46 -47.52
CA VAL H 343 58.73 -36.73 -47.81
C VAL H 343 58.15 -36.73 -49.21
N ASP H 344 57.40 -35.69 -49.55
CA ASP H 344 56.85 -35.56 -50.89
C ASP H 344 57.91 -35.32 -51.95
N SER H 345 59.08 -34.83 -51.56
CA SER H 345 60.22 -34.79 -52.46
C SER H 345 61.00 -36.09 -52.48
N TYR H 346 60.68 -37.02 -51.59
CA TYR H 346 61.31 -38.33 -51.62
C TYR H 346 60.47 -39.32 -52.39
N TYR H 347 59.16 -39.36 -52.11
CA TYR H 347 58.26 -40.27 -52.80
C TYR H 347 58.08 -39.91 -54.26
N ARG H 348 58.33 -38.65 -54.62
CA ARG H 348 58.41 -38.29 -56.03
C ARG H 348 59.66 -38.88 -56.67
N THR H 349 60.72 -39.06 -55.89
CA THR H 349 61.96 -39.56 -56.44
C THR H 349 62.07 -41.07 -56.38
N TRP H 350 61.83 -41.65 -55.21
CA TRP H 350 62.11 -43.07 -55.00
C TRP H 350 60.86 -43.93 -54.90
N GLY H 351 59.68 -43.34 -54.81
CA GLY H 351 58.50 -44.12 -54.52
C GLY H 351 58.45 -44.49 -53.05
N GLY H 352 57.42 -45.23 -52.70
CA GLY H 352 57.24 -45.56 -51.30
C GLY H 352 57.23 -47.04 -51.00
N ARG H 353 58.04 -47.81 -51.71
CA ARG H 353 58.03 -49.26 -51.55
C ARG H 353 59.22 -49.78 -50.76
N TYR H 354 60.14 -48.93 -50.35
CA TYR H 354 61.28 -49.41 -49.57
C TYR H 354 61.41 -48.65 -48.26
N VAL H 355 61.05 -47.37 -48.27
CA VAL H 355 61.18 -46.51 -47.11
C VAL H 355 59.80 -45.97 -46.77
N GLN H 356 59.37 -46.16 -45.53
CA GLN H 356 58.12 -45.61 -45.04
C GLN H 356 58.41 -44.58 -43.97
N PHE H 357 57.87 -43.38 -44.14
CA PHE H 357 58.02 -42.33 -43.15
C PHE H 357 56.77 -42.32 -42.28
N ALA H 358 56.97 -42.43 -40.99
CA ALA H 358 55.87 -42.42 -40.03
C ALA H 358 55.96 -41.13 -39.24
N ILE H 359 55.32 -40.08 -39.74
CA ILE H 359 55.22 -38.86 -38.95
C ILE H 359 54.04 -39.02 -38.00
N GLU H 360 54.31 -39.67 -36.88
CA GLU H 360 53.32 -39.98 -35.86
C GLU H 360 53.50 -38.91 -34.79
N LEU H 361 52.49 -38.08 -34.62
CA LEU H 361 52.63 -36.83 -33.88
C LEU H 361 51.79 -36.88 -32.61
N LYS H 362 52.45 -37.03 -31.47
CA LYS H 362 51.79 -37.11 -30.19
C LYS H 362 52.44 -36.15 -29.20
N ASP H 363 51.95 -36.18 -27.96
CA ASP H 363 52.47 -35.34 -26.90
C ASP H 363 53.73 -35.94 -26.30
N ASP H 364 54.15 -35.43 -25.15
CA ASP H 364 55.29 -35.98 -24.43
C ASP H 364 54.82 -36.92 -23.34
N ASP I 20 23.93 -23.51 -72.14
CA ASP I 20 22.70 -23.94 -72.79
C ASP I 20 21.75 -24.52 -71.74
N LYS I 21 22.23 -25.51 -70.99
CA LYS I 21 21.42 -26.14 -69.96
C LYS I 21 21.59 -25.43 -68.62
N ASP I 22 20.47 -25.17 -67.96
CA ASP I 22 20.49 -24.43 -66.70
C ASP I 22 21.06 -25.30 -65.59
N LEU I 23 21.89 -24.71 -64.75
CA LEU I 23 22.57 -25.45 -63.71
C LEU I 23 22.42 -24.85 -62.33
N LEU I 24 22.46 -23.53 -62.21
CA LEU I 24 22.21 -22.87 -60.93
C LEU I 24 21.47 -21.58 -61.22
N LYS I 25 20.52 -21.24 -60.35
CA LYS I 25 19.75 -20.02 -60.48
C LYS I 25 19.71 -19.30 -59.14
N GLY I 26 19.46 -18.00 -59.20
CA GLY I 26 19.24 -17.25 -57.99
C GLY I 26 20.44 -17.04 -57.11
N LEU I 27 21.64 -17.22 -57.64
CA LEU I 27 22.84 -16.99 -56.86
C LEU I 27 23.06 -15.51 -56.66
N ASP I 28 23.65 -15.14 -55.53
CA ASP I 28 24.14 -13.78 -55.41
C ASP I 28 25.56 -13.74 -56.01
N GLN I 29 26.26 -12.63 -55.77
CA GLN I 29 27.41 -12.29 -56.58
C GLN I 29 28.63 -13.14 -56.25
N GLU I 30 29.07 -13.10 -55.00
CA GLU I 30 30.27 -13.81 -54.59
C GLU I 30 30.09 -15.32 -54.57
N GLN I 31 28.86 -15.83 -54.56
CA GLN I 31 28.68 -17.25 -54.79
C GLN I 31 28.80 -17.61 -56.26
N ALA I 32 28.35 -16.73 -57.16
CA ALA I 32 28.40 -17.04 -58.59
C ALA I 32 29.81 -16.96 -59.14
N ASN I 33 30.63 -16.06 -58.60
CA ASN I 33 32.00 -15.94 -59.07
C ASN I 33 32.87 -17.07 -58.58
N GLU I 34 32.45 -17.76 -57.52
CA GLU I 34 33.23 -18.87 -57.00
C GLU I 34 32.97 -20.13 -57.79
N VAL I 35 31.72 -20.33 -58.23
CA VAL I 35 31.35 -21.55 -58.94
C VAL I 35 32.06 -21.63 -60.28
N ILE I 36 32.08 -20.51 -61.03
CA ILE I 36 32.76 -20.46 -62.31
C ILE I 36 34.25 -20.66 -62.14
N ALA I 37 34.81 -20.22 -61.02
CA ALA I 37 36.21 -20.45 -60.73
C ALA I 37 36.50 -21.92 -60.52
N VAL I 38 35.54 -22.65 -59.96
CA VAL I 38 35.71 -24.08 -59.81
C VAL I 38 35.52 -24.78 -61.14
N LEU I 39 34.55 -24.34 -61.93
CA LEU I 39 34.21 -25.03 -63.16
C LEU I 39 35.29 -24.85 -64.22
N GLN I 40 35.77 -23.63 -64.42
CA GLN I 40 36.83 -23.40 -65.39
C GLN I 40 38.16 -23.97 -64.94
N MET I 41 38.30 -24.32 -63.66
CA MET I 41 39.44 -25.13 -63.27
C MET I 41 39.36 -26.52 -63.90
N HIS I 42 38.15 -27.07 -63.98
CA HIS I 42 37.95 -28.41 -64.48
C HIS I 42 37.46 -28.40 -65.92
N ASN I 43 37.91 -27.41 -66.69
CA ASN I 43 37.88 -27.40 -68.15
C ASN I 43 36.47 -27.40 -68.72
N ILE I 44 35.50 -26.78 -68.05
CA ILE I 44 34.21 -26.58 -68.69
C ILE I 44 33.86 -25.10 -68.53
N GLU I 45 33.41 -24.47 -69.61
CA GLU I 45 33.12 -23.06 -69.54
C GLU I 45 31.71 -22.84 -69.01
N ALA I 46 31.52 -21.72 -68.33
CA ALA I 46 30.21 -21.33 -67.82
C ALA I 46 29.88 -19.94 -68.33
N ASN I 47 28.65 -19.50 -68.06
CA ASN I 47 28.17 -18.20 -68.51
C ASN I 47 27.40 -17.57 -67.37
N LYS I 48 27.98 -16.58 -66.70
CA LYS I 48 27.26 -15.93 -65.62
C LYS I 48 26.18 -15.03 -66.19
N ILE I 49 24.97 -15.56 -66.29
CA ILE I 49 23.83 -14.84 -66.83
C ILE I 49 23.13 -14.16 -65.65
N ASP I 50 23.18 -12.84 -65.60
CA ASP I 50 22.40 -12.12 -64.61
C ASP I 50 20.93 -12.17 -64.98
N SER I 51 20.08 -12.35 -63.98
CA SER I 51 18.64 -12.32 -64.16
C SER I 51 18.02 -11.19 -63.36
N GLY I 52 18.70 -10.06 -63.26
CA GLY I 52 18.17 -8.92 -62.57
C GLY I 52 18.20 -9.03 -61.06
N LYS I 53 17.04 -8.76 -60.43
CA LYS I 53 16.88 -8.85 -58.98
C LYS I 53 16.66 -10.27 -58.51
N LEU I 54 16.47 -11.22 -59.43
CA LEU I 54 16.36 -12.63 -59.10
C LEU I 54 17.71 -13.33 -59.06
N GLY I 55 18.79 -12.58 -58.87
CA GLY I 55 20.11 -13.17 -58.76
C GLY I 55 20.68 -13.62 -60.09
N TYR I 56 21.92 -14.06 -60.05
CA TYR I 56 22.63 -14.52 -61.23
C TYR I 56 22.16 -15.92 -61.62
N SER I 57 22.74 -16.44 -62.71
CA SER I 57 22.42 -17.78 -63.17
C SER I 57 23.62 -18.29 -63.95
N ILE I 58 23.89 -19.58 -63.82
CA ILE I 58 25.04 -20.20 -64.45
C ILE I 58 24.54 -21.30 -65.37
N THR I 59 24.86 -21.21 -66.65
CA THR I 59 24.45 -22.21 -67.62
C THR I 59 25.68 -22.79 -68.29
N VAL I 60 25.71 -24.11 -68.41
CA VAL I 60 26.80 -24.78 -69.11
C VAL I 60 26.24 -25.41 -70.38
N ALA I 61 27.13 -25.86 -71.24
CA ALA I 61 26.72 -26.50 -72.47
C ALA I 61 26.23 -27.91 -72.20
N GLU I 62 25.53 -28.47 -73.16
CA GLU I 62 24.89 -29.77 -73.00
C GLU I 62 25.85 -30.95 -72.84
N PRO I 63 26.98 -31.08 -73.56
CA PRO I 63 27.87 -32.21 -73.26
C PRO I 63 28.59 -32.09 -71.93
N ASP I 64 28.68 -30.89 -71.35
CA ASP I 64 29.32 -30.72 -70.05
C ASP I 64 28.35 -30.54 -68.91
N PHE I 65 27.04 -30.64 -69.13
CA PHE I 65 26.14 -30.60 -67.98
C PHE I 65 26.31 -31.82 -67.11
N THR I 66 26.75 -32.94 -67.70
CA THR I 66 27.03 -34.14 -66.93
C THR I 66 28.21 -33.93 -66.00
N ALA I 67 29.32 -33.44 -66.55
CA ALA I 67 30.53 -33.29 -65.76
C ALA I 67 30.42 -32.15 -64.76
N ALA I 68 29.67 -31.10 -65.10
CA ALA I 68 29.63 -29.94 -64.21
C ALA I 68 28.78 -30.21 -62.98
N VAL I 69 27.74 -31.03 -63.11
CA VAL I 69 26.93 -31.33 -61.93
C VAL I 69 27.62 -32.32 -61.02
N TYR I 70 28.68 -32.97 -61.48
CA TYR I 70 29.55 -33.69 -60.58
C TYR I 70 30.36 -32.73 -59.71
N TRP I 71 30.93 -31.70 -60.32
CA TRP I 71 31.75 -30.79 -59.52
C TRP I 71 30.92 -29.84 -58.69
N ILE I 72 29.62 -29.74 -58.92
CA ILE I 72 28.79 -29.06 -57.93
C ILE I 72 28.68 -29.92 -56.70
N LYS I 73 28.69 -31.24 -56.87
CA LYS I 73 28.48 -32.11 -55.73
C LYS I 73 29.72 -32.18 -54.84
N THR I 74 30.90 -32.38 -55.44
CA THR I 74 32.10 -32.62 -54.65
C THR I 74 32.53 -31.37 -53.90
N TYR I 75 32.47 -30.22 -54.55
CA TYR I 75 32.85 -28.98 -53.89
C TYR I 75 31.74 -28.39 -53.06
N GLN I 76 30.54 -29.00 -53.11
CA GLN I 76 29.35 -28.54 -52.41
C GLN I 76 28.99 -27.10 -52.77
N LEU I 77 29.14 -26.78 -54.05
CA LEU I 77 28.76 -25.48 -54.55
C LEU I 77 27.24 -25.38 -54.58
N PRO I 78 26.66 -24.17 -54.43
CA PRO I 78 27.23 -22.86 -54.16
C PRO I 78 27.73 -22.75 -52.74
N PRO I 79 28.77 -21.96 -52.51
CA PRO I 79 29.34 -21.88 -51.17
C PRO I 79 28.39 -21.22 -50.20
N ARG I 80 28.34 -21.77 -49.00
CA ARG I 80 27.61 -21.17 -47.90
C ARG I 80 28.26 -19.83 -47.56
N PRO I 81 27.49 -18.87 -47.02
CA PRO I 81 28.09 -17.59 -46.66
C PRO I 81 29.08 -17.77 -45.51
N ARG I 82 30.25 -17.14 -45.67
CA ARG I 82 31.36 -17.37 -44.75
C ARG I 82 31.04 -16.78 -43.38
N VAL I 83 30.94 -17.67 -42.40
CA VAL I 83 30.38 -17.36 -41.10
C VAL I 83 31.50 -17.06 -40.12
N GLU I 84 31.36 -15.95 -39.40
CA GLU I 84 32.13 -15.71 -38.20
C GLU I 84 31.20 -15.77 -37.00
N ILE I 85 31.80 -15.78 -35.81
CA ILE I 85 31.08 -16.16 -34.62
C ILE I 85 30.11 -15.06 -34.22
N ALA I 86 30.42 -13.82 -34.55
CA ALA I 86 29.63 -12.70 -34.07
C ALA I 86 28.35 -12.49 -34.87
N GLN I 87 28.10 -13.27 -35.92
CA GLN I 87 26.83 -13.17 -36.62
C GLN I 87 25.69 -13.77 -35.82
N MET I 88 25.99 -14.56 -34.80
CA MET I 88 24.96 -15.21 -34.01
C MET I 88 24.83 -14.60 -32.63
N PHE I 89 25.32 -13.38 -32.47
CA PHE I 89 25.09 -12.58 -31.26
C PHE I 89 24.89 -11.15 -31.71
N PRO I 90 23.72 -10.81 -32.26
CA PRO I 90 23.58 -9.52 -32.93
C PRO I 90 23.42 -8.35 -31.97
N ALA I 91 22.78 -8.60 -30.82
CA ALA I 91 22.50 -7.59 -29.78
C ALA I 91 21.74 -6.39 -30.34
N ASP I 92 20.53 -6.64 -30.83
CA ASP I 92 19.70 -5.55 -31.33
C ASP I 92 19.11 -4.73 -30.20
N SER I 93 18.34 -5.37 -29.30
CA SER I 93 17.76 -4.67 -28.16
C SER I 93 17.71 -5.59 -26.94
N LEU I 94 18.36 -6.74 -27.01
CA LEU I 94 18.36 -7.70 -25.92
C LEU I 94 19.46 -7.29 -24.93
N VAL I 95 19.29 -7.73 -23.68
CA VAL I 95 20.14 -7.29 -22.58
C VAL I 95 21.58 -7.80 -22.72
N SER I 96 21.78 -8.90 -23.46
CA SER I 96 23.09 -9.37 -23.94
C SER I 96 24.04 -9.68 -22.78
N SER I 97 23.73 -10.80 -22.12
CA SER I 97 24.48 -11.48 -21.06
C SER I 97 25.98 -11.51 -21.33
N PRO I 98 26.82 -11.47 -20.28
CA PRO I 98 28.27 -11.27 -20.47
C PRO I 98 29.00 -12.34 -21.26
N ARG I 99 28.38 -13.48 -21.51
CA ARG I 99 28.89 -14.41 -22.51
C ARG I 99 28.78 -13.86 -23.91
N ALA I 100 27.76 -13.06 -24.18
CA ALA I 100 27.56 -12.57 -25.54
C ALA I 100 28.56 -11.47 -25.88
N GLU I 101 29.04 -10.74 -24.88
CA GLU I 101 30.07 -9.74 -25.16
C GLU I 101 31.39 -10.36 -25.54
N LYS I 102 31.85 -11.39 -24.82
CA LYS I 102 33.12 -12.01 -25.21
C LYS I 102 32.97 -12.84 -26.47
N ALA I 103 31.76 -13.22 -26.83
CA ALA I 103 31.58 -13.93 -28.08
C ALA I 103 31.85 -13.03 -29.27
N ARG I 104 31.24 -11.85 -29.29
CA ARG I 104 31.48 -10.97 -30.42
C ARG I 104 32.75 -10.15 -30.23
N LEU I 105 33.33 -10.16 -29.04
CA LEU I 105 34.63 -9.50 -28.87
C LEU I 105 35.72 -10.28 -29.58
N TYR I 106 35.89 -11.55 -29.20
CA TYR I 106 36.93 -12.39 -29.80
C TYR I 106 36.66 -12.64 -31.28
N SER I 107 35.39 -12.66 -31.68
CA SER I 107 35.06 -12.90 -33.07
C SER I 107 35.51 -11.75 -33.95
N ALA I 108 35.38 -10.52 -33.45
CA ALA I 108 35.91 -9.38 -34.19
C ALA I 108 37.42 -9.38 -34.18
N ILE I 109 38.06 -9.99 -33.18
CA ILE I 109 39.50 -10.11 -33.20
C ILE I 109 39.93 -11.19 -34.18
N GLU I 110 39.11 -12.25 -34.33
CA GLU I 110 39.39 -13.26 -35.35
C GLU I 110 39.36 -12.66 -36.74
N GLN I 111 38.42 -11.76 -36.99
CA GLN I 111 38.33 -11.15 -38.31
C GLN I 111 39.47 -10.17 -38.53
N ARG I 112 39.84 -9.41 -37.50
CA ARG I 112 40.79 -8.33 -37.70
C ARG I 112 42.21 -8.84 -37.85
N LEU I 113 42.57 -9.92 -37.16
CA LEU I 113 43.86 -10.55 -37.42
C LEU I 113 43.89 -11.21 -38.78
N GLU I 114 42.75 -11.70 -39.24
CA GLU I 114 42.66 -12.23 -40.60
C GLU I 114 42.87 -11.14 -41.63
N GLN I 115 42.31 -9.96 -41.39
CA GLN I 115 42.50 -8.82 -42.29
C GLN I 115 43.94 -8.33 -42.32
N SER I 116 44.72 -8.62 -41.27
CA SER I 116 46.06 -8.09 -41.16
C SER I 116 47.11 -9.02 -41.70
N LEU I 117 46.94 -10.33 -41.51
CA LEU I 117 47.83 -11.30 -42.14
C LEU I 117 47.73 -11.23 -43.65
N GLN I 118 46.55 -10.89 -44.16
CA GLN I 118 46.34 -10.78 -45.59
C GLN I 118 47.13 -9.63 -46.20
N THR I 119 47.53 -8.66 -45.40
CA THR I 119 48.37 -7.55 -45.86
C THR I 119 49.82 -7.71 -45.41
N MET I 120 50.31 -8.93 -45.29
CA MET I 120 51.74 -9.15 -45.15
C MET I 120 52.38 -9.27 -46.52
N GLU I 121 53.63 -9.70 -46.56
CA GLU I 121 54.34 -9.81 -47.82
C GLU I 121 54.06 -11.18 -48.41
N GLY I 122 53.17 -11.22 -49.41
CA GLY I 122 52.92 -12.43 -50.15
C GLY I 122 51.75 -13.26 -49.69
N VAL I 123 51.13 -12.95 -48.56
CA VAL I 123 49.98 -13.73 -48.14
C VAL I 123 48.80 -13.34 -49.00
N LEU I 124 48.25 -14.31 -49.73
CA LEU I 124 47.06 -14.04 -50.53
C LEU I 124 45.82 -14.01 -49.64
N SER I 125 45.64 -15.03 -48.83
CA SER I 125 44.47 -15.16 -47.99
C SER I 125 44.88 -15.73 -46.65
N ALA I 126 44.01 -15.55 -45.66
CA ALA I 126 44.34 -16.01 -44.32
C ALA I 126 43.07 -16.33 -43.56
N ARG I 127 43.19 -17.23 -42.60
CA ARG I 127 42.14 -17.56 -41.65
C ARG I 127 42.76 -17.68 -40.28
N VAL I 128 42.08 -17.12 -39.26
CA VAL I 128 42.59 -17.13 -37.90
C VAL I 128 41.47 -17.59 -36.97
N HIS I 129 41.75 -18.57 -36.12
CA HIS I 129 40.82 -19.00 -35.09
C HIS I 129 41.40 -18.74 -33.73
N ILE I 130 40.54 -18.46 -32.77
CA ILE I 130 40.94 -18.20 -31.39
C ILE I 130 40.25 -19.24 -30.51
N SER I 131 41.00 -19.80 -29.57
CA SER I 131 40.39 -20.65 -28.57
C SER I 131 39.50 -19.83 -27.67
N TYR I 132 38.25 -20.26 -27.53
CA TYR I 132 37.28 -19.51 -26.74
C TYR I 132 37.18 -20.14 -25.35
N ASP I 133 38.02 -19.68 -24.44
CA ASP I 133 37.81 -19.91 -23.02
C ASP I 133 36.83 -18.85 -22.56
N ILE I 134 35.58 -19.25 -22.36
CA ILE I 134 34.51 -18.32 -22.09
C ILE I 134 34.00 -18.45 -20.66
N ASP I 135 33.88 -19.67 -20.16
CA ASP I 135 33.27 -19.89 -18.85
C ASP I 135 34.27 -19.83 -17.71
N ALA I 136 35.32 -19.03 -17.84
CA ALA I 136 36.33 -18.92 -16.79
C ALA I 136 35.78 -18.25 -15.54
N GLY I 137 34.98 -17.20 -15.72
CA GLY I 137 34.36 -16.53 -14.58
C GLY I 137 33.22 -17.29 -13.95
N GLU I 138 32.51 -18.10 -14.73
CA GLU I 138 31.36 -18.84 -14.21
C GLU I 138 31.80 -20.06 -13.40
N ASN I 139 32.95 -20.65 -13.72
CA ASN I 139 33.48 -21.74 -12.92
C ASN I 139 34.25 -21.26 -11.70
N GLY I 140 34.58 -19.97 -11.62
CA GLY I 140 35.39 -19.49 -10.51
C GLY I 140 36.83 -19.93 -10.60
N ARG I 141 37.43 -19.87 -11.79
CA ARG I 141 38.75 -20.36 -12.06
C ARG I 141 39.56 -19.31 -12.82
N PRO I 142 40.89 -19.39 -12.74
CA PRO I 142 41.71 -18.58 -13.65
C PRO I 142 41.59 -19.11 -15.07
N PRO I 143 41.62 -18.22 -16.06
CA PRO I 143 41.34 -18.66 -17.43
C PRO I 143 42.51 -19.44 -18.02
N LYS I 144 42.21 -20.14 -19.09
CA LYS I 144 43.17 -20.97 -19.78
C LYS I 144 44.05 -20.09 -20.65
N PRO I 145 45.23 -20.58 -21.03
CA PRO I 145 46.02 -19.85 -22.03
C PRO I 145 45.31 -19.81 -23.36
N VAL I 146 45.51 -18.74 -24.09
CA VAL I 146 44.86 -18.56 -25.37
C VAL I 146 45.63 -19.35 -26.42
N HIS I 147 44.92 -20.18 -27.16
CA HIS I 147 45.46 -20.93 -28.28
C HIS I 147 44.90 -20.35 -29.56
N LEU I 148 45.68 -20.41 -30.64
CA LEU I 148 45.19 -19.87 -31.89
C LEU I 148 45.81 -20.56 -33.08
N SER I 149 45.06 -20.62 -34.16
CA SER I 149 45.47 -21.30 -35.37
C SER I 149 45.44 -20.34 -36.54
N ALA I 150 46.25 -20.60 -37.55
CA ALA I 150 46.31 -19.71 -38.69
C ALA I 150 46.57 -20.47 -39.97
N LEU I 151 45.87 -20.06 -41.02
CA LEU I 151 46.10 -20.55 -42.36
C LEU I 151 46.56 -19.41 -43.25
N ALA I 152 47.30 -19.73 -44.29
CA ALA I 152 47.92 -18.69 -45.10
C ALA I 152 48.27 -19.26 -46.46
N VAL I 153 47.93 -18.51 -47.51
CA VAL I 153 48.16 -18.95 -48.88
C VAL I 153 49.19 -18.02 -49.50
N TYR I 154 50.39 -18.53 -49.72
CA TYR I 154 51.47 -17.72 -50.28
C TYR I 154 51.53 -17.85 -51.79
N GLU I 155 52.44 -17.10 -52.40
CA GLU I 155 52.67 -17.21 -53.82
C GLU I 155 53.40 -18.51 -54.14
N ARG I 156 53.52 -18.77 -55.43
CA ARG I 156 54.55 -19.68 -55.90
C ARG I 156 55.93 -19.09 -55.63
N GLY I 157 56.92 -19.97 -55.51
CA GLY I 157 58.30 -19.55 -55.43
C GLY I 157 58.75 -19.03 -54.08
N SER I 158 57.84 -18.78 -53.15
CA SER I 158 58.28 -18.31 -51.84
C SER I 158 58.83 -19.48 -51.02
N PRO I 159 59.91 -19.26 -50.29
CA PRO I 159 60.42 -20.33 -49.42
C PRO I 159 59.62 -20.45 -48.13
N LEU I 160 58.55 -21.26 -48.17
CA LEU I 160 57.53 -21.31 -47.11
C LEU I 160 58.05 -21.68 -45.73
N ALA I 161 59.24 -22.28 -45.63
CA ALA I 161 59.76 -22.67 -44.34
C ALA I 161 60.32 -21.50 -43.53
N HIS I 162 60.26 -20.28 -44.03
CA HIS I 162 60.80 -19.12 -43.33
C HIS I 162 59.77 -18.04 -43.05
N GLN I 163 58.69 -17.98 -43.80
CA GLN I 163 57.59 -17.09 -43.44
C GLN I 163 56.74 -17.68 -42.32
N ILE I 164 57.03 -18.90 -41.90
CA ILE I 164 56.34 -19.49 -40.76
C ILE I 164 56.75 -18.79 -39.47
N SER I 165 57.95 -18.19 -39.44
CA SER I 165 58.41 -17.54 -38.24
C SER I 165 57.85 -16.13 -38.10
N ASP I 166 57.56 -15.47 -39.22
CA ASP I 166 57.03 -14.11 -39.17
C ASP I 166 55.63 -14.09 -38.61
N ILE I 167 54.77 -14.98 -39.10
CA ILE I 167 53.40 -15.06 -38.61
C ILE I 167 53.39 -15.44 -37.14
N LYS I 168 54.16 -16.47 -36.79
CA LYS I 168 54.20 -17.00 -35.44
C LYS I 168 54.81 -16.01 -34.46
N ARG I 169 55.65 -15.08 -34.95
CA ARG I 169 56.09 -13.97 -34.11
C ARG I 169 55.04 -12.88 -34.05
N PHE I 170 54.32 -12.66 -35.16
CA PHE I 170 53.36 -11.58 -35.25
C PHE I 170 52.22 -11.74 -34.26
N LEU I 171 51.50 -12.85 -34.35
CA LEU I 171 50.29 -12.94 -33.57
C LEU I 171 50.50 -13.67 -32.26
N LYS I 172 51.76 -13.87 -31.85
CA LYS I 172 52.03 -14.11 -30.44
C LYS I 172 51.57 -12.92 -29.61
N ASN I 173 52.18 -11.77 -29.86
CA ASN I 173 51.91 -10.59 -29.06
C ASN I 173 50.65 -9.88 -29.47
N SER I 174 49.77 -10.51 -30.23
CA SER I 174 48.45 -9.97 -30.44
C SER I 174 47.48 -10.41 -29.36
N PHE I 175 47.94 -11.22 -28.41
CA PHE I 175 47.12 -11.65 -27.28
C PHE I 175 47.95 -11.66 -26.01
N ALA I 176 47.26 -11.88 -24.89
CA ALA I 176 47.83 -11.61 -23.58
C ALA I 176 48.80 -12.70 -23.16
N ASP I 177 48.32 -13.93 -23.01
CA ASP I 177 49.14 -15.02 -22.50
C ASP I 177 49.15 -16.19 -23.49
N VAL I 178 49.99 -16.09 -24.51
CA VAL I 178 50.17 -17.19 -25.44
C VAL I 178 51.65 -17.55 -25.47
N ASP I 179 51.95 -18.69 -26.07
CA ASP I 179 53.32 -19.13 -26.21
C ASP I 179 53.61 -19.39 -27.67
N TYR I 180 54.76 -19.98 -27.95
CA TYR I 180 55.07 -20.47 -29.29
C TYR I 180 54.67 -21.91 -29.48
N ASP I 181 53.90 -22.45 -28.54
CA ASP I 181 53.33 -23.77 -28.65
C ASP I 181 51.83 -23.75 -28.79
N ASN I 182 51.18 -22.64 -28.44
CA ASN I 182 49.76 -22.50 -28.61
C ASN I 182 49.40 -21.90 -29.96
N ILE I 183 50.37 -21.72 -30.84
CA ILE I 183 50.15 -21.12 -32.15
C ILE I 183 50.42 -22.20 -33.18
N SER I 184 49.41 -22.49 -33.99
CA SER I 184 49.50 -23.56 -34.98
C SER I 184 49.24 -22.96 -36.36
N VAL I 185 50.30 -22.74 -37.12
CA VAL I 185 50.21 -22.11 -38.43
C VAL I 185 50.61 -23.13 -39.48
N VAL I 186 49.67 -23.49 -40.34
CA VAL I 186 49.92 -24.45 -41.42
C VAL I 186 49.68 -23.70 -42.71
N LEU I 187 50.74 -23.16 -43.30
CA LEU I 187 50.65 -22.33 -44.48
C LEU I 187 51.06 -23.11 -45.72
N SER I 188 50.34 -22.87 -46.81
CA SER I 188 50.46 -23.66 -48.02
C SER I 188 50.43 -22.73 -49.22
N GLU I 189 51.34 -22.94 -50.16
CA GLU I 189 51.40 -22.08 -51.33
C GLU I 189 50.21 -22.33 -52.24
N ARG I 190 49.91 -21.35 -53.09
CA ARG I 190 48.70 -21.44 -53.88
C ARG I 190 48.86 -22.45 -55.00
N SER I 191 47.75 -22.75 -55.66
CA SER I 191 47.73 -23.74 -56.71
C SER I 191 48.34 -23.15 -57.98
N ASP I 192 48.33 -23.95 -59.05
CA ASP I 192 48.75 -23.46 -60.35
C ASP I 192 47.74 -22.45 -60.86
N ALA I 193 48.23 -21.47 -61.60
CA ALA I 193 47.37 -20.40 -62.08
C ALA I 193 46.49 -20.89 -63.22
N GLN I 194 45.19 -20.64 -63.10
CA GLN I 194 44.25 -20.93 -64.18
C GLN I 194 44.12 -19.67 -65.01
N LEU I 195 44.91 -19.60 -66.08
CA LEU I 195 44.94 -18.45 -66.97
C LEU I 195 44.45 -18.81 -68.36
N GLN I 196 43.97 -20.03 -68.54
CA GLN I 196 43.89 -20.67 -69.84
C GLN I 196 42.44 -20.96 -70.18
N ALA I 197 42.05 -20.64 -71.39
CA ALA I 197 40.64 -20.73 -71.79
C ALA I 197 40.20 -22.19 -71.85
N PRO I 198 39.05 -22.54 -71.27
CA PRO I 198 38.58 -23.92 -71.28
C PRO I 198 38.26 -24.45 -72.66
N GLY I 199 37.37 -23.77 -73.37
CA GLY I 199 37.03 -24.19 -74.71
C GLY I 199 35.61 -24.65 -74.86
N THR I 200 34.94 -24.14 -75.89
CA THR I 200 33.61 -24.63 -76.24
C THR I 200 33.71 -26.05 -76.81
N PRO I 201 32.71 -26.89 -76.57
CA PRO I 201 32.74 -28.24 -77.14
C PRO I 201 32.61 -28.22 -78.66
N VAL I 202 32.96 -29.34 -79.27
CA VAL I 202 32.90 -29.49 -80.72
C VAL I 202 31.48 -29.92 -81.08
N LYS I 203 31.13 -29.70 -82.35
CA LYS I 203 29.79 -29.98 -82.84
C LYS I 203 29.76 -31.25 -83.68
N ALA J 171 53.26 -10.96 -84.24
CA ALA J 171 53.91 -9.68 -83.95
C ALA J 171 55.17 -9.88 -83.14
N GLU J 172 55.88 -8.80 -82.86
CA GLU J 172 57.10 -8.87 -82.06
C GLU J 172 56.75 -9.07 -80.59
N LEU J 173 57.33 -10.11 -79.99
CA LEU J 173 57.01 -10.42 -78.60
C LEU J 173 57.57 -9.40 -77.63
N ASP J 174 58.61 -8.66 -78.04
CA ASP J 174 59.10 -7.54 -77.24
C ASP J 174 58.08 -6.42 -77.11
N SER J 175 57.11 -6.34 -78.03
CA SER J 175 56.02 -5.38 -77.91
C SER J 175 54.71 -6.02 -77.51
N LEU J 176 54.55 -7.34 -77.69
CA LEU J 176 53.38 -8.02 -77.15
C LEU J 176 53.40 -8.07 -75.64
N LEU J 177 54.59 -8.01 -75.03
CA LEU J 177 54.73 -7.85 -73.60
C LEU J 177 54.57 -6.38 -73.26
N GLY J 178 54.95 -5.98 -72.05
CA GLY J 178 54.71 -4.63 -71.61
C GLY J 178 55.60 -3.60 -72.29
N GLN J 179 55.43 -2.35 -71.83
CA GLN J 179 56.13 -1.21 -72.41
C GLN J 179 57.64 -1.27 -72.15
N GLU J 180 58.03 -1.82 -71.01
CA GLU J 180 59.43 -1.84 -70.60
C GLU J 180 60.15 -3.02 -71.24
N LYS J 181 61.16 -2.72 -72.05
CA LYS J 181 61.86 -3.80 -72.76
C LYS J 181 62.85 -4.50 -71.85
N GLU J 182 63.38 -3.80 -70.86
CA GLU J 182 64.47 -4.33 -70.04
C GLU J 182 64.01 -5.41 -69.07
N ARG J 183 62.70 -5.53 -68.83
CA ARG J 183 62.23 -6.46 -67.83
C ARG J 183 62.27 -7.90 -68.32
N PHE J 184 62.05 -8.13 -69.60
CA PHE J 184 62.07 -9.47 -70.16
C PHE J 184 63.21 -9.58 -71.16
N GLN J 185 63.55 -10.81 -71.51
CA GLN J 185 64.61 -11.05 -72.50
C GLN J 185 64.22 -12.30 -73.28
N VAL J 186 63.81 -12.11 -74.54
CA VAL J 186 63.38 -13.24 -75.34
C VAL J 186 64.57 -14.09 -75.76
N LEU J 187 64.33 -15.38 -75.95
CA LEU J 187 65.41 -16.33 -76.20
C LEU J 187 65.00 -17.28 -77.32
N PRO J 188 65.57 -17.13 -78.50
CA PRO J 188 65.24 -18.06 -79.59
C PRO J 188 65.88 -19.42 -79.41
N GLY J 189 65.17 -20.34 -78.74
CA GLY J 189 65.67 -21.67 -78.52
C GLY J 189 65.84 -22.48 -79.79
N ARG J 190 66.52 -23.62 -79.63
CA ARG J 190 66.95 -24.42 -80.76
C ARG J 190 65.87 -25.35 -81.29
N ASP J 191 64.82 -25.63 -80.52
CA ASP J 191 63.82 -26.62 -80.90
C ASP J 191 62.52 -25.99 -81.37
N LYS J 192 62.64 -24.87 -82.11
CA LYS J 192 61.62 -24.08 -82.79
C LYS J 192 60.73 -23.28 -81.85
N MET J 193 60.85 -23.50 -80.54
CA MET J 193 60.05 -22.77 -79.57
C MET J 193 60.85 -21.59 -79.05
N LEU J 194 60.19 -20.46 -78.91
CA LEU J 194 60.80 -19.25 -78.38
C LEU J 194 60.56 -19.19 -76.88
N TYR J 195 61.50 -18.61 -76.15
CA TYR J 195 61.42 -18.53 -74.70
C TYR J 195 61.60 -17.09 -74.24
N VAL J 196 60.91 -16.73 -73.16
CA VAL J 196 61.02 -15.40 -72.58
C VAL J 196 61.33 -15.53 -71.09
N ALA J 197 62.43 -14.91 -70.68
CA ALA J 197 62.99 -15.13 -69.34
C ALA J 197 62.52 -14.04 -68.41
N ALA J 198 61.59 -14.38 -67.52
CA ALA J 198 61.17 -13.42 -66.51
C ALA J 198 62.21 -13.36 -65.40
N GLN J 199 62.01 -12.43 -64.47
CA GLN J 199 62.94 -12.25 -63.38
C GLN J 199 62.40 -12.74 -62.03
N ASN J 200 61.10 -12.65 -61.81
CA ASN J 200 60.49 -13.16 -60.59
C ASN J 200 59.08 -13.65 -60.90
N GLU J 201 58.29 -13.88 -59.85
CA GLU J 201 56.97 -14.45 -60.06
C GLU J 201 55.89 -13.39 -60.30
N ARG J 202 56.23 -12.11 -60.33
CA ARG J 202 55.27 -11.17 -60.89
C ARG J 202 55.45 -11.05 -62.38
N ASP J 203 56.69 -11.01 -62.86
CA ASP J 203 56.95 -10.95 -64.28
C ASP J 203 56.58 -12.24 -64.99
N THR J 204 56.64 -13.36 -64.28
CA THR J 204 56.23 -14.62 -64.88
C THR J 204 54.72 -14.64 -65.12
N LEU J 205 53.94 -14.19 -64.14
CA LEU J 205 52.51 -14.03 -64.35
C LEU J 205 52.19 -12.86 -65.26
N TRP J 206 53.13 -11.95 -65.46
CA TRP J 206 52.95 -10.93 -66.49
C TRP J 206 53.10 -11.53 -67.87
N ALA J 207 54.05 -12.43 -68.05
CA ALA J 207 54.34 -12.98 -69.36
C ALA J 207 53.60 -14.28 -69.64
N ARG J 208 53.24 -15.04 -68.61
CA ARG J 208 52.32 -16.16 -68.82
C ARG J 208 50.88 -15.71 -69.01
N GLN J 209 50.60 -14.43 -68.79
CA GLN J 209 49.26 -13.95 -69.10
C GLN J 209 49.12 -13.68 -70.58
N VAL J 210 50.15 -13.10 -71.19
CA VAL J 210 50.11 -12.74 -72.61
C VAL J 210 50.02 -13.99 -73.48
N LEU J 211 50.84 -14.99 -73.20
CA LEU J 211 50.95 -16.13 -74.08
C LEU J 211 49.76 -17.08 -73.96
N ALA J 212 49.00 -17.01 -72.88
CA ALA J 212 47.85 -17.88 -72.71
C ALA J 212 46.54 -17.21 -73.06
N ARG J 213 46.52 -15.88 -73.06
CA ARG J 213 45.33 -15.13 -73.44
C ARG J 213 45.12 -15.15 -74.94
N GLY J 214 46.18 -15.12 -75.71
CA GLY J 214 46.03 -14.80 -77.10
C GLY J 214 47.02 -15.51 -77.99
N ASP J 215 47.61 -14.79 -78.93
CA ASP J 215 48.37 -15.39 -80.00
C ASP J 215 49.78 -14.82 -80.08
N TYR J 216 50.74 -15.73 -80.19
CA TYR J 216 52.02 -15.49 -80.84
C TYR J 216 52.06 -16.52 -81.96
N ASP J 217 52.57 -16.14 -83.13
CA ASP J 217 52.48 -17.04 -84.28
C ASP J 217 53.58 -18.11 -84.28
N LYS J 218 53.80 -18.74 -83.13
CA LYS J 218 54.74 -19.81 -82.85
C LYS J 218 54.52 -20.15 -81.39
N ASN J 219 55.11 -21.24 -80.92
CA ASN J 219 55.00 -21.60 -79.52
C ASN J 219 55.93 -20.71 -78.69
N ALA J 220 55.47 -20.36 -77.49
CA ALA J 220 56.25 -19.51 -76.60
C ALA J 220 56.03 -19.95 -75.17
N ARG J 221 57.09 -19.89 -74.36
CA ARG J 221 57.11 -20.55 -73.06
C ARG J 221 57.96 -19.74 -72.10
N VAL J 222 57.37 -19.31 -71.00
CA VAL J 222 58.05 -18.46 -70.04
C VAL J 222 58.89 -19.33 -69.11
N ILE J 223 60.17 -19.02 -68.98
CA ILE J 223 61.03 -19.71 -68.03
C ILE J 223 61.42 -18.74 -66.94
N ASN J 224 61.60 -19.26 -65.74
CA ASN J 224 61.95 -18.44 -64.59
C ASN J 224 63.33 -18.88 -64.10
N GLU J 225 63.90 -18.11 -63.17
CA GLU J 225 65.21 -18.48 -62.66
C GLU J 225 65.06 -19.50 -61.55
N ASN J 226 64.05 -19.34 -60.71
CA ASN J 226 63.85 -20.22 -59.57
C ASN J 226 62.89 -21.37 -59.84
N GLU J 227 62.34 -21.47 -61.05
CA GLU J 227 61.47 -22.59 -61.34
C GLU J 227 62.12 -23.54 -62.33
N GLU J 228 62.79 -23.00 -63.35
CA GLU J 228 63.55 -23.83 -64.28
C GLU J 228 64.73 -24.49 -63.59
N ASN J 229 65.28 -23.83 -62.57
CA ASN J 229 66.23 -24.47 -61.67
C ASN J 229 65.61 -25.70 -61.01
N LYS J 230 64.37 -25.57 -60.55
CA LYS J 230 63.73 -26.69 -59.90
C LYS J 230 63.27 -27.74 -60.91
N ARG J 231 62.99 -27.33 -62.15
CA ARG J 231 62.54 -28.28 -63.16
C ARG J 231 63.66 -29.23 -63.57
N ILE J 232 64.89 -28.72 -63.63
CA ILE J 232 66.04 -29.53 -64.00
C ILE J 232 66.31 -30.58 -62.93
N SER J 233 66.15 -30.22 -61.66
CA SER J 233 66.36 -31.14 -60.56
C SER J 233 65.33 -32.26 -60.52
N ILE J 234 64.17 -32.08 -61.14
CA ILE J 234 63.24 -33.19 -61.28
C ILE J 234 63.73 -34.15 -62.35
N TRP J 235 64.44 -33.64 -63.35
CA TRP J 235 65.12 -34.50 -64.31
C TRP J 235 66.42 -35.04 -63.76
N LEU J 236 67.11 -34.24 -62.95
CA LEU J 236 68.50 -34.54 -62.63
C LEU J 236 68.60 -35.59 -61.53
N ASP J 237 67.59 -35.71 -60.66
CA ASP J 237 67.71 -36.71 -59.61
C ASP J 237 67.45 -38.13 -60.13
N THR J 238 66.82 -38.28 -61.29
CA THR J 238 66.68 -39.59 -61.89
C THR J 238 67.92 -39.99 -62.66
N TYR J 239 68.34 -39.14 -63.59
CA TYR J 239 69.44 -39.50 -64.49
C TYR J 239 70.80 -39.26 -63.87
N TYR J 240 70.89 -38.48 -62.81
CA TYR J 240 72.11 -38.37 -62.02
C TYR J 240 71.78 -38.25 -60.53
N PRO J 241 71.41 -39.35 -59.89
CA PRO J 241 71.36 -39.34 -58.43
C PRO J 241 72.77 -39.41 -57.88
N GLN J 242 72.88 -39.10 -56.58
CA GLN J 242 74.17 -38.89 -55.90
C GLN J 242 75.02 -37.85 -56.60
N LEU J 243 74.40 -36.82 -57.16
CA LEU J 243 75.11 -35.71 -57.75
C LEU J 243 75.09 -34.56 -56.76
N ALA J 244 76.24 -34.00 -56.47
CA ALA J 244 76.36 -32.90 -55.54
C ALA J 244 76.52 -31.62 -56.33
N TYR J 245 75.46 -30.81 -56.33
CA TYR J 245 75.43 -29.57 -57.06
C TYR J 245 74.68 -28.57 -56.21
N TYR J 246 74.87 -27.29 -56.50
CA TYR J 246 74.24 -26.25 -55.70
C TYR J 246 73.00 -25.68 -56.38
N ARG J 247 73.16 -25.09 -57.56
CA ARG J 247 72.17 -24.20 -58.14
C ARG J 247 72.62 -23.85 -59.54
N ILE J 248 71.67 -23.74 -60.45
CA ILE J 248 71.95 -23.24 -61.79
C ILE J 248 71.60 -21.75 -61.81
N HIS J 249 72.28 -20.98 -62.65
CA HIS J 249 72.19 -19.53 -62.59
C HIS J 249 71.90 -18.94 -63.97
N PHE J 250 70.88 -18.09 -64.02
CA PHE J 250 70.34 -17.56 -65.27
C PHE J 250 70.52 -16.05 -65.35
N ASP J 251 71.68 -15.55 -64.94
CA ASP J 251 71.93 -14.12 -65.04
C ASP J 251 72.13 -13.72 -66.49
N GLU J 252 72.98 -14.45 -67.20
CA GLU J 252 73.03 -14.40 -68.66
C GLU J 252 72.35 -15.66 -69.17
N PRO J 253 71.07 -15.60 -69.54
CA PRO J 253 70.32 -16.83 -69.83
C PRO J 253 70.71 -17.50 -71.13
N ARG J 254 71.55 -16.87 -71.95
CA ARG J 254 72.09 -17.56 -73.11
C ARG J 254 73.03 -18.70 -72.70
N LYS J 255 73.76 -18.55 -71.60
CA LYS J 255 74.53 -19.66 -71.10
C LYS J 255 74.55 -19.69 -69.58
N PRO J 256 74.02 -20.73 -68.97
CA PRO J 256 73.95 -20.78 -67.51
C PRO J 256 75.22 -21.32 -66.87
N VAL J 257 75.43 -20.89 -65.63
CA VAL J 257 76.55 -21.33 -64.82
C VAL J 257 76.00 -22.27 -63.77
N PHE J 258 76.36 -23.54 -63.88
CA PHE J 258 75.79 -24.59 -63.04
C PHE J 258 76.88 -25.09 -62.09
N TRP J 259 76.78 -24.64 -60.84
CA TRP J 259 77.80 -24.95 -59.84
C TRP J 259 77.72 -26.41 -59.43
N LEU J 260 78.87 -26.99 -59.12
CA LEU J 260 78.94 -28.32 -58.53
C LEU J 260 79.88 -28.31 -57.34
N SER J 261 79.75 -29.34 -56.52
CA SER J 261 80.70 -29.57 -55.44
C SER J 261 81.99 -30.11 -56.03
N ARG J 262 83.11 -29.41 -55.78
CA ARG J 262 84.40 -29.95 -56.16
C ARG J 262 84.74 -31.18 -55.33
N GLN J 263 84.30 -31.19 -54.07
CA GLN J 263 84.71 -32.24 -53.15
C GLN J 263 83.90 -33.51 -53.33
N ARG J 264 82.59 -33.39 -53.45
CA ARG J 264 81.71 -34.55 -53.39
C ARG J 264 81.34 -35.08 -54.78
N ASN J 265 82.09 -34.74 -55.81
CA ASN J 265 81.83 -35.23 -57.15
C ASN J 265 83.02 -36.04 -57.63
N THR J 266 82.78 -37.32 -57.90
CA THR J 266 83.78 -38.23 -58.43
C THR J 266 83.70 -38.35 -59.94
N MET J 267 82.92 -37.48 -60.59
CA MET J 267 82.82 -37.49 -62.04
C MET J 267 84.12 -37.00 -62.66
N SER J 268 84.56 -37.69 -63.71
CA SER J 268 85.76 -37.29 -64.41
C SER J 268 85.40 -36.22 -65.44
N LYS J 269 86.41 -35.65 -66.09
CA LYS J 269 86.19 -34.53 -66.99
C LYS J 269 85.61 -35.00 -68.33
N LYS J 270 85.61 -36.30 -68.57
CA LYS J 270 84.99 -36.85 -69.77
C LYS J 270 83.47 -36.69 -69.72
N GLU J 271 82.83 -37.34 -68.76
CA GLU J 271 81.38 -37.30 -68.67
C GLU J 271 80.85 -36.00 -68.08
N LEU J 272 81.72 -35.16 -67.51
CA LEU J 272 81.28 -33.82 -67.11
C LEU J 272 80.99 -32.96 -68.33
N GLU J 273 81.70 -33.20 -69.44
CA GLU J 273 81.36 -32.55 -70.70
C GLU J 273 80.12 -33.18 -71.32
N VAL J 274 79.87 -34.46 -71.03
CA VAL J 274 78.59 -35.06 -71.38
C VAL J 274 77.47 -34.42 -70.56
N LEU J 275 77.77 -34.10 -69.29
CA LEU J 275 76.79 -33.44 -68.44
C LEU J 275 76.53 -32.00 -68.89
N SER J 276 77.48 -31.36 -69.55
CA SER J 276 77.21 -30.08 -70.18
C SER J 276 76.43 -30.23 -71.48
N GLN J 277 76.22 -31.45 -71.96
CA GLN J 277 75.39 -31.68 -73.13
C GLN J 277 74.05 -32.34 -72.81
N LYS J 278 73.94 -33.04 -71.68
CA LYS J 278 72.63 -33.51 -71.24
C LYS J 278 71.74 -32.37 -70.81
N LEU J 279 72.31 -31.33 -70.20
CA LEU J 279 71.51 -30.21 -69.74
C LEU J 279 71.04 -29.34 -70.90
N ARG J 280 71.79 -29.31 -72.01
CA ARG J 280 71.36 -28.54 -73.17
C ARG J 280 70.15 -29.15 -73.85
N ALA J 281 69.89 -30.43 -73.65
CA ALA J 281 68.66 -31.02 -74.14
C ALA J 281 67.46 -30.56 -73.33
N LEU J 282 67.67 -30.06 -72.12
CA LEU J 282 66.59 -29.53 -71.29
C LEU J 282 66.41 -28.02 -71.46
N MET J 283 67.48 -27.32 -71.83
CA MET J 283 67.45 -25.87 -71.99
C MET J 283 67.81 -25.55 -73.43
N PRO J 284 66.82 -25.54 -74.34
CA PRO J 284 67.12 -25.27 -75.75
C PRO J 284 67.57 -23.85 -75.99
N TYR J 285 67.11 -22.91 -75.17
CA TYR J 285 67.54 -21.53 -75.23
C TYR J 285 69.00 -21.37 -74.84
N ALA J 286 69.58 -22.32 -74.11
CA ALA J 286 70.94 -22.20 -73.64
C ALA J 286 71.93 -22.45 -74.76
N ASP J 287 73.06 -21.75 -74.70
CA ASP J 287 74.12 -22.00 -75.66
C ASP J 287 74.95 -23.20 -75.23
N SER J 288 75.62 -23.09 -74.09
CA SER J 288 76.44 -24.17 -73.55
C SER J 288 76.61 -23.92 -72.05
N VAL J 289 76.39 -24.97 -71.25
CA VAL J 289 76.40 -24.82 -69.80
C VAL J 289 77.83 -24.66 -69.32
N ASN J 290 78.06 -23.64 -68.50
CA ASN J 290 79.37 -23.34 -67.93
C ASN J 290 79.44 -24.03 -66.57
N ILE J 291 79.85 -25.29 -66.57
CA ILE J 291 79.98 -26.06 -65.34
C ILE J 291 81.25 -25.64 -64.62
N THR J 292 81.12 -25.12 -63.41
CA THR J 292 82.27 -24.86 -62.56
C THR J 292 82.10 -25.59 -61.24
N LEU J 293 83.13 -25.48 -60.41
CA LEU J 293 83.22 -26.23 -59.17
C LEU J 293 83.40 -25.24 -58.02
N MET J 294 82.73 -25.49 -56.91
CA MET J 294 82.88 -24.67 -55.72
C MET J 294 83.19 -25.58 -54.54
N ASP J 295 84.13 -25.18 -53.70
CA ASP J 295 84.48 -25.98 -52.54
C ASP J 295 83.39 -25.90 -51.49
N ASP J 296 83.12 -27.05 -50.85
CA ASP J 296 82.06 -27.09 -49.86
C ASP J 296 82.42 -26.36 -48.58
N VAL J 297 83.71 -26.17 -48.30
CA VAL J 297 84.10 -25.41 -47.13
C VAL J 297 83.89 -23.92 -47.35
N THR J 298 83.91 -23.47 -48.60
CA THR J 298 83.61 -22.08 -48.90
C THR J 298 82.12 -21.81 -48.80
N ALA J 299 81.30 -22.79 -49.15
CA ALA J 299 79.85 -22.63 -49.07
C ALA J 299 79.40 -22.54 -47.62
N ALA J 300 79.84 -23.47 -46.78
CA ALA J 300 79.50 -23.41 -45.37
C ALA J 300 80.25 -22.32 -44.64
N GLY J 301 81.35 -21.84 -45.22
CA GLY J 301 82.10 -20.76 -44.59
C GLY J 301 81.33 -19.45 -44.61
N GLN J 302 80.94 -19.00 -45.80
CA GLN J 302 80.23 -17.72 -45.93
C GLN J 302 78.86 -17.76 -45.28
N ALA J 303 78.25 -18.94 -45.21
CA ALA J 303 77.01 -19.06 -44.46
C ALA J 303 77.27 -18.90 -42.97
N GLU J 304 78.39 -19.44 -42.48
CA GLU J 304 78.72 -19.23 -41.07
C GLU J 304 79.30 -17.85 -40.85
N ALA J 305 80.16 -17.38 -41.75
CA ALA J 305 80.79 -16.08 -41.60
C ALA J 305 79.83 -14.92 -41.86
N GLY J 306 78.60 -15.19 -42.26
CA GLY J 306 77.60 -14.15 -42.32
C GLY J 306 76.67 -14.24 -41.14
N LEU J 307 76.37 -15.47 -40.70
CA LEU J 307 75.35 -15.65 -39.67
C LEU J 307 75.87 -15.27 -38.29
N LYS J 308 77.18 -15.32 -38.10
CA LYS J 308 77.75 -14.70 -36.91
C LYS J 308 78.14 -13.25 -37.15
N GLN J 309 78.16 -12.80 -38.40
CA GLN J 309 78.35 -11.39 -38.70
C GLN J 309 77.06 -10.61 -38.51
N GLN J 310 75.92 -11.29 -38.54
CA GLN J 310 74.65 -10.70 -38.17
C GLN J 310 74.39 -10.78 -36.67
N ALA J 311 75.33 -11.36 -35.91
CA ALA J 311 75.23 -11.59 -34.47
C ALA J 311 73.98 -12.41 -34.13
N LEU J 312 73.99 -13.65 -34.59
CA LEU J 312 72.87 -14.54 -34.36
C LEU J 312 73.31 -15.79 -33.63
N PRO J 313 72.56 -16.24 -32.63
CA PRO J 313 72.92 -17.50 -31.95
C PRO J 313 72.62 -18.69 -32.84
N TYR J 314 73.53 -19.65 -32.86
CA TYR J 314 73.35 -20.80 -33.73
C TYR J 314 74.14 -21.98 -33.16
N SER J 315 74.13 -23.08 -33.91
CA SER J 315 75.03 -24.20 -33.63
C SER J 315 75.23 -24.95 -34.93
N ARG J 316 76.44 -24.86 -35.48
CA ARG J 316 76.77 -25.59 -36.70
C ARG J 316 76.88 -27.08 -36.40
N ARG J 317 75.94 -27.85 -36.93
CA ARG J 317 76.06 -29.30 -36.90
C ARG J 317 76.39 -29.78 -38.31
N ASN J 318 77.43 -30.57 -38.43
CA ASN J 318 77.86 -31.06 -39.73
C ASN J 318 77.26 -32.43 -39.99
N HIS J 319 77.23 -32.80 -41.26
CA HIS J 319 76.83 -34.15 -41.64
C HIS J 319 77.68 -34.58 -42.82
N LYS J 320 77.53 -35.85 -43.19
CA LYS J 320 78.19 -36.39 -44.37
C LYS J 320 77.38 -35.96 -45.59
N GLY J 321 77.73 -34.80 -46.14
CA GLY J 321 77.04 -34.30 -47.30
C GLY J 321 76.06 -33.19 -46.99
N GLY J 322 76.47 -32.25 -46.16
CA GLY J 322 75.67 -31.09 -45.85
C GLY J 322 75.87 -30.64 -44.42
N VAL J 323 75.61 -29.35 -44.18
CA VAL J 323 75.66 -28.78 -42.84
C VAL J 323 74.28 -28.27 -42.50
N THR J 324 74.12 -27.83 -41.26
CA THR J 324 72.82 -27.36 -40.79
C THR J 324 73.03 -26.33 -39.70
N PHE J 325 72.44 -25.16 -39.87
CA PHE J 325 72.57 -24.06 -38.91
C PHE J 325 71.22 -23.88 -38.22
N VAL J 326 71.01 -24.60 -37.14
CA VAL J 326 69.80 -24.37 -36.37
C VAL J 326 69.96 -23.12 -35.53
N ILE J 327 68.94 -22.27 -35.55
CA ILE J 327 68.96 -20.98 -34.88
C ILE J 327 67.80 -20.99 -33.91
N GLN J 328 68.08 -20.90 -32.62
CA GLN J 328 66.97 -20.94 -31.66
C GLN J 328 67.12 -19.90 -30.58
N GLY J 329 66.15 -19.88 -29.66
CA GLY J 329 66.03 -18.83 -28.68
C GLY J 329 64.85 -17.93 -28.99
N ALA J 330 64.56 -17.05 -28.04
CA ALA J 330 63.48 -16.07 -28.21
C ALA J 330 64.05 -14.88 -28.96
N LEU J 331 64.18 -15.05 -30.27
CA LEU J 331 64.71 -13.99 -31.11
C LEU J 331 63.65 -12.91 -31.27
N ASP J 332 64.01 -11.67 -30.97
CA ASP J 332 63.10 -10.55 -31.18
C ASP J 332 63.25 -10.03 -32.61
N ASP J 333 62.65 -8.87 -32.87
CA ASP J 333 62.34 -8.50 -34.24
C ASP J 333 63.56 -8.01 -35.01
N VAL J 334 64.55 -7.45 -34.32
CA VAL J 334 65.69 -6.88 -35.00
C VAL J 334 66.55 -7.98 -35.59
N GLU J 335 66.64 -9.11 -34.89
CA GLU J 335 67.43 -10.23 -35.34
C GLU J 335 66.64 -11.24 -36.16
N ILE J 336 65.31 -11.23 -36.06
CA ILE J 336 64.50 -12.12 -36.89
C ILE J 336 64.43 -11.60 -38.31
N LEU J 337 64.74 -10.32 -38.52
CA LEU J 337 64.72 -9.70 -39.85
C LEU J 337 66.11 -9.56 -40.43
N ARG J 338 67.14 -9.53 -39.60
CA ARG J 338 68.47 -9.72 -40.13
C ARG J 338 68.69 -11.16 -40.57
N ALA J 339 67.93 -12.08 -40.00
CA ALA J 339 68.08 -13.48 -40.38
C ALA J 339 67.53 -13.73 -41.78
N ARG J 340 66.34 -13.20 -42.08
CA ARG J 340 65.66 -13.55 -43.31
C ARG J 340 66.29 -12.87 -44.52
N GLN J 341 66.81 -11.66 -44.36
CA GLN J 341 67.52 -11.08 -45.49
C GLN J 341 68.96 -11.54 -45.57
N PHE J 342 69.39 -12.44 -44.71
CA PHE J 342 70.59 -13.21 -44.97
C PHE J 342 70.29 -14.55 -45.61
N VAL J 343 69.25 -15.23 -45.14
CA VAL J 343 68.88 -16.54 -45.67
C VAL J 343 68.44 -16.42 -47.12
N ASP J 344 67.52 -15.48 -47.38
CA ASP J 344 67.06 -15.25 -48.74
C ASP J 344 68.13 -14.64 -49.63
N SER J 345 69.15 -14.01 -49.04
CA SER J 345 70.32 -13.62 -49.80
C SER J 345 71.34 -14.72 -49.93
N TYR J 346 71.14 -15.83 -49.22
CA TYR J 346 72.03 -16.97 -49.38
C TYR J 346 71.46 -17.97 -50.38
N TYR J 347 70.17 -18.28 -50.25
CA TYR J 347 69.53 -19.23 -51.16
C TYR J 347 69.40 -18.66 -52.56
N ARG J 348 69.41 -17.33 -52.70
CA ARG J 348 69.53 -16.75 -54.02
C ARG J 348 70.92 -16.98 -54.60
N THR J 349 71.93 -17.09 -53.75
CA THR J 349 73.29 -17.25 -54.23
C THR J 349 73.69 -18.71 -54.38
N TRP J 350 73.48 -19.51 -53.34
CA TRP J 350 74.01 -20.87 -53.31
C TRP J 350 72.96 -21.94 -53.48
N GLY J 351 71.68 -21.60 -53.44
CA GLY J 351 70.66 -22.62 -53.39
C GLY J 351 70.57 -23.24 -52.01
N GLY J 352 69.68 -24.21 -51.89
CA GLY J 352 69.47 -24.78 -50.58
C GLY J 352 69.73 -26.28 -50.50
N ARG J 353 70.73 -26.76 -51.22
CA ARG J 353 71.00 -28.19 -51.29
C ARG J 353 72.21 -28.60 -50.46
N TYR J 354 72.90 -27.67 -49.82
CA TYR J 354 74.04 -28.07 -49.01
C TYR J 354 73.92 -27.52 -47.60
N VAL J 355 73.31 -26.34 -47.46
CA VAL J 355 73.18 -25.68 -46.17
C VAL J 355 71.69 -25.47 -45.91
N GLN J 356 71.22 -25.93 -44.76
CA GLN J 356 69.84 -25.73 -44.34
C GLN J 356 69.84 -24.85 -43.10
N PHE J 357 69.09 -23.75 -43.15
CA PHE J 357 68.94 -22.86 -42.01
C PHE J 357 67.65 -23.23 -41.29
N ALA J 358 67.77 -23.52 -40.00
CA ALA J 358 66.61 -23.88 -39.19
C ALA J 358 66.38 -22.74 -38.21
N ILE J 359 65.59 -21.76 -38.63
CA ILE J 359 65.18 -20.73 -37.68
C ILE J 359 63.99 -21.27 -36.90
N GLU J 360 64.29 -22.02 -35.86
CA GLU J 360 63.31 -22.68 -35.01
C GLU J 360 63.19 -21.79 -33.78
N LEU J 361 62.02 -21.19 -33.59
CA LEU J 361 61.85 -20.08 -32.67
C LEU J 361 60.94 -20.50 -31.52
N LYS J 362 61.53 -20.71 -30.35
CA LYS J 362 60.79 -21.13 -29.17
C LYS J 362 61.16 -20.24 -27.99
N ASP J 363 60.61 -20.57 -26.83
CA ASP J 363 60.84 -19.83 -25.60
C ASP J 363 62.16 -20.28 -24.98
N ASP J 364 62.37 -19.90 -23.72
CA ASP J 364 63.54 -20.34 -22.97
C ASP J 364 63.18 -21.53 -22.09
N ASP K 20 40.46 12.32 -67.40
CA ASP K 20 39.60 11.74 -68.41
C ASP K 20 38.85 10.55 -67.81
N LYS K 21 39.60 9.60 -67.26
CA LYS K 21 38.99 8.42 -66.67
C LYS K 21 38.69 8.66 -65.20
N ASP K 22 37.48 8.28 -64.78
CA ASP K 22 37.04 8.49 -63.41
C ASP K 22 37.76 7.55 -62.46
N LEU K 23 38.17 8.07 -61.31
CA LEU K 23 38.96 7.31 -60.37
C LEU K 23 38.41 7.32 -58.96
N LEU K 24 37.88 8.45 -58.50
CA LEU K 24 37.23 8.52 -57.20
C LEU K 24 36.07 9.48 -57.30
N LYS K 25 34.97 9.16 -56.64
CA LYS K 25 33.78 10.00 -56.64
C LYS K 25 33.28 10.16 -55.22
N GLY K 26 32.55 11.24 -54.99
CA GLY K 26 31.88 11.41 -53.72
C GLY K 26 32.77 11.71 -52.55
N LEU K 27 33.99 12.15 -52.79
CA LEU K 27 34.90 12.49 -51.70
C LEU K 27 34.47 13.81 -51.08
N ASP K 28 34.70 13.95 -49.78
CA ASP K 28 34.59 15.27 -49.19
C ASP K 28 35.92 16.00 -49.38
N GLN K 29 36.07 17.14 -48.70
CA GLN K 29 37.08 18.12 -49.08
C GLN K 29 38.48 17.68 -48.69
N GLU K 30 38.70 17.45 -47.40
CA GLU K 30 40.03 17.10 -46.91
C GLU K 30 40.48 15.71 -47.33
N GLN K 31 39.57 14.84 -47.76
CA GLN K 31 40.01 13.61 -48.40
C GLN K 31 40.45 13.83 -49.83
N ALA K 32 39.81 14.75 -50.55
CA ALA K 32 40.16 14.97 -51.95
C ALA K 32 41.47 15.71 -52.10
N ASN K 33 41.77 16.61 -51.15
CA ASN K 33 43.03 17.35 -51.22
C ASN K 33 44.21 16.49 -50.84
N GLU K 34 43.98 15.39 -50.14
CA GLU K 34 45.08 14.51 -49.75
C GLU K 34 45.45 13.58 -50.88
N VAL K 35 44.46 13.12 -51.65
CA VAL K 35 44.71 12.17 -52.72
C VAL K 35 45.55 12.80 -53.82
N ILE K 36 45.21 14.02 -54.22
CA ILE K 36 45.97 14.75 -55.25
C ILE K 36 47.38 15.03 -54.76
N ALA K 37 47.55 15.23 -53.45
CA ALA K 37 48.88 15.41 -52.89
C ALA K 37 49.71 14.15 -53.03
N VAL K 38 49.07 13.00 -52.92
CA VAL K 38 49.79 11.76 -53.11
C VAL K 38 50.08 11.53 -54.58
N LEU K 39 49.12 11.84 -55.44
CA LEU K 39 49.24 11.53 -56.86
C LEU K 39 50.28 12.41 -57.54
N GLN K 40 50.23 13.72 -57.28
CA GLN K 40 51.24 14.61 -57.87
C GLN K 40 52.62 14.42 -57.27
N MET K 41 52.72 13.74 -56.14
CA MET K 41 54.03 13.29 -55.69
C MET K 41 54.59 12.26 -56.66
N HIS K 42 53.74 11.38 -57.18
CA HIS K 42 54.17 10.31 -58.05
C HIS K 42 53.90 10.63 -59.50
N ASN K 43 54.00 11.92 -59.86
CA ASN K 43 54.17 12.41 -61.22
C ASN K 43 52.96 12.11 -62.10
N ILE K 44 51.74 12.09 -61.56
CA ILE K 44 50.57 12.03 -62.42
C ILE K 44 49.64 13.15 -61.98
N GLU K 45 49.12 13.91 -62.94
CA GLU K 45 48.26 15.03 -62.56
C GLU K 45 46.84 14.56 -62.37
N ALA K 46 46.12 15.24 -61.49
CA ALA K 46 44.71 14.96 -61.24
C ALA K 46 43.91 16.23 -61.44
N ASN K 47 42.59 16.10 -61.36
CA ASN K 47 41.68 17.22 -61.56
C ASN K 47 40.57 17.11 -60.53
N LYS K 48 40.62 17.96 -59.50
CA LYS K 48 39.56 17.92 -58.50
C LYS K 48 38.30 18.52 -59.08
N ILE K 49 37.43 17.67 -59.60
CA ILE K 49 36.17 18.09 -60.19
C ILE K 49 35.12 18.05 -59.10
N ASP K 50 34.62 19.21 -58.69
CA ASP K 50 33.49 19.23 -57.77
C ASP K 50 32.23 18.80 -58.49
N SER K 51 31.41 18.00 -57.81
CA SER K 51 30.12 17.59 -58.33
C SER K 51 28.98 18.10 -57.45
N GLY K 52 29.14 19.30 -56.90
CA GLY K 52 28.10 19.88 -56.08
C GLY K 52 27.98 19.28 -54.70
N LYS K 53 26.75 18.90 -54.32
CA LYS K 53 26.45 18.28 -53.04
C LYS K 53 26.78 16.79 -53.02
N LEU K 54 27.10 16.21 -54.17
CA LEU K 54 27.54 14.83 -54.27
C LEU K 54 29.03 14.67 -54.07
N GLY K 55 29.69 15.64 -53.43
CA GLY K 55 31.10 15.54 -53.16
C GLY K 55 31.97 15.79 -54.38
N TYR K 56 33.27 15.83 -54.14
CA TYR K 56 34.26 16.06 -55.19
C TYR K 56 34.44 14.82 -56.04
N SER K 57 35.31 14.92 -57.04
CA SER K 57 35.63 13.79 -57.90
C SER K 57 37.02 14.02 -58.47
N ILE K 58 37.78 12.95 -58.62
CA ILE K 58 39.15 13.02 -59.08
C ILE K 58 39.25 12.19 -60.34
N THR K 59 39.67 12.81 -61.43
CA THR K 59 39.83 12.12 -62.70
C THR K 59 41.26 12.26 -63.17
N VAL K 60 41.85 11.16 -63.63
CA VAL K 60 43.19 11.18 -64.18
C VAL K 60 43.10 10.86 -65.67
N ALA K 61 44.21 11.07 -66.37
CA ALA K 61 44.24 10.78 -67.80
C ALA K 61 44.35 9.29 -68.02
N GLU K 62 44.06 8.87 -69.25
CA GLU K 62 43.98 7.45 -69.59
C GLU K 62 45.32 6.71 -69.50
N PRO K 63 46.48 7.24 -69.93
CA PRO K 63 47.71 6.45 -69.72
C PRO K 63 48.15 6.37 -68.27
N ASP K 64 47.67 7.24 -67.40
CA ASP K 64 48.01 7.17 -66.00
C ASP K 64 46.92 6.62 -65.11
N PHE K 65 45.80 6.14 -65.67
CA PHE K 65 44.82 5.48 -64.81
C PHE K 65 45.37 4.17 -64.28
N THR K 66 46.29 3.55 -65.00
CA THR K 66 46.93 2.34 -64.53
C THR K 66 47.80 2.62 -63.32
N ALA K 67 48.67 3.61 -63.43
CA ALA K 67 49.60 3.90 -62.35
C ALA K 67 48.91 4.52 -61.15
N ALA K 68 47.86 5.30 -61.36
CA ALA K 68 47.23 5.99 -60.26
C ALA K 68 46.42 5.05 -59.40
N VAL K 69 45.83 4.01 -59.97
CA VAL K 69 45.06 3.08 -59.17
C VAL K 69 45.98 2.14 -58.39
N TYR K 70 47.26 2.10 -58.74
CA TYR K 70 48.23 1.46 -57.86
C TYR K 70 48.45 2.28 -56.61
N TRP K 71 48.63 3.60 -56.75
CA TRP K 71 48.91 4.40 -55.58
C TRP K 71 47.67 4.68 -54.75
N ILE K 72 46.47 4.39 -55.27
CA ILE K 72 45.32 4.37 -54.38
C ILE K 72 45.41 3.15 -53.48
N LYS K 73 45.98 2.06 -53.98
CA LYS K 73 46.01 0.84 -53.19
C LYS K 73 47.04 0.91 -52.09
N THR K 74 48.27 1.34 -52.41
CA THR K 74 49.35 1.29 -51.43
C THR K 74 49.14 2.28 -50.30
N TYR K 75 48.69 3.47 -50.61
CA TYR K 75 48.45 4.47 -49.59
C TYR K 75 47.09 4.32 -48.93
N GLN K 76 46.27 3.40 -49.44
CA GLN K 76 44.91 3.15 -48.96
C GLN K 76 44.05 4.41 -49.01
N LEU K 77 44.22 5.17 -50.07
CA LEU K 77 43.40 6.35 -50.29
C LEU K 77 41.99 5.92 -50.67
N PRO K 78 40.97 6.73 -50.36
CA PRO K 78 40.92 7.98 -49.63
C PRO K 78 41.13 7.77 -48.15
N PRO K 79 41.72 8.74 -47.47
CA PRO K 79 42.03 8.56 -46.06
C PRO K 79 40.78 8.48 -45.22
N ARG K 80 40.82 7.57 -44.25
CA ARG K 80 39.77 7.48 -43.25
C ARG K 80 39.77 8.77 -42.42
N PRO K 81 38.62 9.16 -41.86
CA PRO K 81 38.59 10.37 -41.04
C PRO K 81 39.41 10.17 -39.78
N ARG K 82 40.23 11.16 -39.47
CA ARG K 82 41.21 11.05 -38.39
C ARG K 82 40.51 10.99 -37.05
N VAL K 83 40.66 9.85 -36.38
CA VAL K 83 39.85 9.49 -35.23
C VAL K 83 40.62 9.80 -33.96
N GLU K 84 39.97 10.49 -33.02
CA GLU K 84 40.40 10.56 -31.65
C GLU K 84 39.44 9.78 -30.79
N ILE K 85 39.84 9.58 -29.54
CA ILE K 85 39.19 8.59 -28.69
C ILE K 85 37.82 9.08 -28.28
N ALA K 86 37.63 10.39 -28.18
CA ALA K 86 36.40 10.94 -27.65
C ALA K 86 35.26 10.95 -28.64
N GLN K 87 35.48 10.53 -29.89
CA GLN K 87 34.38 10.41 -30.83
C GLN K 87 33.49 9.22 -30.53
N MET K 88 33.95 8.29 -29.70
CA MET K 88 33.18 7.10 -29.40
C MET K 88 32.64 7.12 -27.98
N PHE K 89 32.58 8.31 -27.39
CA PHE K 89 31.88 8.53 -26.11
C PHE K 89 31.18 9.86 -26.21
N PRO K 90 30.06 9.92 -26.93
CA PRO K 90 29.49 11.24 -27.25
C PRO K 90 28.74 11.88 -26.10
N ALA K 91 28.11 11.06 -25.24
CA ALA K 91 27.33 11.49 -24.07
C ALA K 91 26.22 12.46 -24.47
N ASP K 92 25.29 11.99 -25.29
CA ASP K 92 24.17 12.84 -25.68
C ASP K 92 23.14 12.97 -24.55
N SER K 93 22.60 11.84 -24.08
CA SER K 93 21.65 11.86 -22.97
C SER K 93 21.82 10.64 -22.08
N LEU K 94 22.88 9.87 -22.30
CA LEU K 94 23.13 8.67 -21.52
C LEU K 94 23.84 9.06 -20.23
N VAL K 95 23.70 8.20 -19.21
CA VAL K 95 24.16 8.52 -17.86
C VAL K 95 25.68 8.62 -17.77
N SER K 96 26.41 7.97 -18.70
CA SER K 96 27.84 8.18 -18.94
C SER K 96 28.68 7.84 -17.71
N SER K 97 28.77 6.52 -17.46
CA SER K 97 29.60 5.84 -16.47
C SER K 97 31.00 6.42 -16.35
N PRO K 98 31.61 6.39 -15.15
CA PRO K 98 32.87 7.13 -14.91
C PRO K 98 34.06 6.72 -15.75
N ARG K 99 33.99 5.58 -16.43
CA ARG K 99 34.96 5.28 -17.48
C ARG K 99 34.82 6.21 -18.67
N ALA K 100 33.59 6.63 -18.97
CA ALA K 100 33.39 7.46 -20.16
C ALA K 100 33.89 8.88 -19.94
N GLU K 101 33.91 9.35 -18.70
CA GLU K 101 34.46 10.67 -18.44
C GLU K 101 35.96 10.72 -18.63
N LYS K 102 36.70 9.75 -18.12
CA LYS K 102 38.15 9.76 -18.33
C LYS K 102 38.52 9.42 -19.75
N ALA K 103 37.62 8.77 -20.49
CA ALA K 103 37.91 8.51 -21.89
C ALA K 103 37.93 9.79 -22.69
N ARG K 104 36.90 10.63 -22.57
CA ARG K 104 36.91 11.87 -23.32
C ARG K 104 37.70 12.96 -22.61
N LEU K 105 38.07 12.75 -21.36
CA LEU K 105 38.95 13.71 -20.71
C LEU K 105 40.35 13.65 -21.30
N TYR K 106 40.97 12.47 -21.24
CA TYR K 106 42.33 12.31 -21.76
C TYR K 106 42.38 12.47 -23.27
N SER K 107 41.29 12.17 -23.97
CA SER K 107 41.26 12.31 -25.41
C SER K 107 41.31 13.77 -25.82
N ALA K 108 40.64 14.64 -25.06
CA ALA K 108 40.74 16.05 -25.33
C ALA K 108 42.11 16.59 -24.94
N ILE K 109 42.81 15.93 -24.01
CA ILE K 109 44.16 16.33 -23.70
C ILE K 109 45.11 15.86 -24.79
N GLU K 110 44.83 14.70 -25.41
CA GLU K 110 45.62 14.26 -26.56
C GLU K 110 45.53 15.24 -27.71
N GLN K 111 44.34 15.79 -27.94
CA GLN K 111 44.18 16.74 -29.03
C GLN K 111 44.84 18.06 -28.71
N ARG K 112 44.73 18.51 -27.45
CA ARG K 112 45.17 19.85 -27.13
C ARG K 112 46.69 19.95 -27.04
N LEU K 113 47.36 18.90 -26.59
CA LEU K 113 48.81 18.88 -26.67
C LEU K 113 49.29 18.77 -28.10
N GLU K 114 48.52 18.10 -28.95
CA GLU K 114 48.82 18.06 -30.37
C GLU K 114 48.70 19.43 -31.01
N GLN K 115 47.68 20.20 -30.61
CA GLN K 115 47.51 21.56 -31.11
C GLN K 115 48.61 22.49 -30.64
N SER K 116 49.30 22.17 -29.55
CA SER K 116 50.28 23.06 -28.97
C SER K 116 51.69 22.78 -29.46
N LEU K 117 52.04 21.51 -29.67
CA LEU K 117 53.31 21.20 -30.29
C LEU K 117 53.39 21.73 -31.70
N GLN K 118 52.24 21.78 -32.39
CA GLN K 118 52.18 22.29 -33.75
C GLN K 118 52.52 23.77 -33.82
N THR K 119 52.38 24.50 -32.71
CA THR K 119 52.76 25.90 -32.65
C THR K 119 54.08 26.12 -31.91
N MET K 120 55.00 25.18 -32.01
CA MET K 120 56.36 25.44 -31.56
C MET K 120 57.16 26.01 -32.72
N GLU K 121 58.48 26.09 -32.56
CA GLU K 121 59.33 26.67 -33.59
C GLU K 121 59.69 25.56 -34.57
N GLY K 122 59.03 25.55 -35.72
CA GLY K 122 59.40 24.67 -36.80
C GLY K 122 58.62 23.36 -36.88
N VAL K 123 57.80 23.05 -35.89
CA VAL K 123 57.01 21.83 -35.98
C VAL K 123 55.89 22.06 -36.98
N LEU K 124 55.87 21.26 -38.05
CA LEU K 124 54.79 21.36 -39.02
C LEU K 124 53.55 20.66 -38.49
N SER K 125 53.71 19.42 -38.05
CA SER K 125 52.59 18.61 -37.59
C SER K 125 53.02 17.81 -36.38
N ALA K 126 52.04 17.33 -35.62
CA ALA K 126 52.35 16.59 -34.42
C ALA K 126 51.24 15.61 -34.10
N ARG K 127 51.59 14.55 -33.41
CA ARG K 127 50.65 13.57 -32.88
C ARG K 127 51.08 13.22 -31.47
N VAL K 128 50.13 13.13 -30.55
CA VAL K 128 50.41 12.84 -29.15
C VAL K 128 49.46 11.74 -28.69
N HIS K 129 50.01 10.69 -28.08
CA HIS K 129 49.21 9.63 -27.47
C HIS K 129 49.46 9.61 -25.98
N ILE K 130 48.44 9.24 -25.22
CA ILE K 130 48.52 9.14 -23.77
C ILE K 130 48.22 7.70 -23.39
N SER K 131 49.00 7.15 -22.48
CA SER K 131 48.69 5.85 -21.92
C SER K 131 47.42 5.96 -21.09
N TYR K 132 46.45 5.10 -21.36
CA TYR K 132 45.16 5.15 -20.68
C TYR K 132 45.15 4.09 -19.57
N ASP K 133 45.61 4.49 -18.40
CA ASP K 133 45.33 3.74 -17.18
C ASP K 133 43.95 4.17 -16.73
N ILE K 134 42.97 3.31 -16.95
CA ILE K 134 41.58 3.66 -16.72
C ILE K 134 41.00 2.90 -15.54
N ASP K 135 41.32 1.61 -15.42
CA ASP K 135 40.69 0.77 -14.41
C ASP K 135 41.42 0.78 -13.08
N ALA K 136 42.06 1.90 -12.73
CA ALA K 136 42.81 2.00 -11.48
C ALA K 136 41.88 1.97 -10.27
N GLY K 137 40.74 2.66 -10.36
CA GLY K 137 39.76 2.66 -9.28
C GLY K 137 38.97 1.39 -9.17
N GLU K 138 38.75 0.69 -10.29
CA GLU K 138 37.96 -0.53 -10.28
C GLU K 138 38.74 -1.72 -9.73
N ASN K 139 40.06 -1.73 -9.90
CA ASN K 139 40.88 -2.77 -9.31
C ASN K 139 41.23 -2.50 -7.86
N GLY K 140 40.99 -1.28 -7.36
CA GLY K 140 41.39 -0.96 -6.01
C GLY K 140 42.88 -0.81 -5.85
N ARG K 141 43.54 -0.14 -6.78
CA ARG K 141 44.98 -0.03 -6.84
C ARG K 141 45.38 1.44 -7.07
N PRO K 142 46.60 1.81 -6.69
CA PRO K 142 47.13 3.10 -7.12
C PRO K 142 47.42 3.07 -8.62
N PRO K 143 47.21 4.18 -9.31
CA PRO K 143 47.32 4.18 -10.76
C PRO K 143 48.76 4.10 -11.23
N LYS K 144 48.91 3.74 -12.48
CA LYS K 144 50.20 3.58 -13.10
C LYS K 144 50.76 4.94 -13.47
N PRO K 145 52.07 5.06 -13.66
CA PRO K 145 52.62 6.30 -14.20
C PRO K 145 52.11 6.53 -15.62
N VAL K 146 51.96 7.79 -15.96
CA VAL K 146 51.46 8.16 -17.28
C VAL K 146 52.61 8.08 -18.27
N HIS K 147 52.39 7.35 -19.36
CA HIS K 147 53.34 7.26 -20.46
C HIS K 147 52.76 8.01 -21.63
N LEU K 148 53.62 8.58 -22.47
CA LEU K 148 53.11 9.31 -23.61
C LEU K 148 54.12 9.33 -24.74
N SER K 149 53.60 9.38 -25.96
CA SER K 149 54.40 9.33 -27.17
C SER K 149 54.12 10.56 -28.01
N ALA K 150 55.09 10.95 -28.82
CA ALA K 150 54.92 12.14 -29.63
C ALA K 150 55.63 11.99 -30.97
N LEU K 151 54.97 12.47 -32.02
CA LEU K 151 55.54 12.56 -33.36
C LEU K 151 55.61 14.02 -33.75
N ALA K 152 56.54 14.35 -34.64
CA ALA K 152 56.79 15.75 -34.96
C ALA K 152 57.50 15.84 -36.29
N VAL K 153 57.03 16.72 -37.15
CA VAL K 153 57.59 16.87 -38.49
C VAL K 153 58.21 18.25 -38.57
N TYR K 154 59.53 18.31 -38.61
CA TYR K 154 60.26 19.56 -38.66
C TYR K 154 60.55 19.99 -40.08
N GLU K 155 61.15 21.16 -40.22
CA GLU K 155 61.58 21.62 -41.53
C GLU K 155 62.81 20.85 -41.98
N ARG K 156 63.19 21.10 -43.23
CA ARG K 156 64.55 20.81 -43.64
C ARG K 156 65.52 21.71 -42.90
N GLY K 157 66.76 21.26 -42.77
CA GLY K 157 67.83 22.07 -42.24
C GLY K 157 67.85 22.23 -40.74
N SER K 158 66.81 21.82 -40.02
CA SER K 158 66.84 21.94 -38.57
C SER K 158 67.72 20.84 -37.98
N PRO K 159 68.52 21.16 -36.98
CA PRO K 159 69.30 20.10 -36.31
C PRO K 159 68.47 19.27 -35.34
N LEU K 160 67.83 18.21 -35.85
CA LEU K 160 66.80 17.46 -35.13
C LEU K 160 67.25 16.84 -33.82
N ALA K 161 68.55 16.70 -33.59
CA ALA K 161 69.02 16.11 -32.34
C ALA K 161 68.94 17.05 -31.15
N HIS K 162 68.46 18.27 -31.32
CA HIS K 162 68.39 19.23 -30.22
C HIS K 162 66.99 19.73 -29.93
N GLN K 163 66.06 19.66 -30.89
CA GLN K 163 64.67 19.93 -30.58
C GLN K 163 63.99 18.76 -29.92
N ILE K 164 64.69 17.64 -29.77
CA ILE K 164 64.17 16.51 -29.03
C ILE K 164 64.10 16.83 -27.55
N SER K 165 64.94 17.75 -27.06
CA SER K 165 64.93 18.08 -25.64
C SER K 165 63.84 19.06 -25.29
N ASP K 166 63.45 19.93 -26.24
CA ASP K 166 62.41 20.91 -25.98
C ASP K 166 61.06 20.26 -25.79
N ILE K 167 60.70 19.34 -26.69
CA ILE K 167 59.44 18.64 -26.59
C ILE K 167 59.40 17.80 -25.32
N LYS K 168 60.46 17.05 -25.08
CA LYS K 168 60.55 16.14 -23.94
C LYS K 168 60.58 16.89 -22.62
N ARG K 169 61.01 18.16 -22.62
CA ARG K 169 60.85 19.02 -21.45
C ARG K 169 59.45 19.58 -21.37
N PHE K 170 58.86 19.89 -22.52
CA PHE K 170 57.55 20.54 -22.56
C PHE K 170 56.47 19.66 -21.96
N LEU K 171 56.28 18.48 -22.53
CA LEU K 171 55.12 17.71 -22.11
C LEU K 171 55.45 16.70 -21.03
N LYS K 172 56.61 16.83 -20.38
CA LYS K 172 56.77 16.24 -19.06
C LYS K 172 55.78 16.85 -18.09
N ASN K 173 55.88 18.15 -17.87
CA ASN K 173 55.06 18.80 -16.89
C ASN K 173 53.68 19.14 -17.40
N SER K 174 53.25 18.54 -18.48
CA SER K 174 51.85 18.62 -18.87
C SER K 174 51.02 17.54 -18.21
N PHE K 175 51.64 16.66 -17.43
CA PHE K 175 50.94 15.63 -16.68
C PHE K 175 51.53 15.48 -15.31
N ALA K 176 50.85 14.67 -14.49
CA ALA K 176 51.09 14.66 -13.05
C ALA K 176 52.35 13.90 -12.70
N ASP K 177 52.40 12.61 -13.01
CA ASP K 177 53.53 11.77 -12.61
C ASP K 177 54.14 11.09 -13.83
N VAL K 178 54.99 11.81 -14.56
CA VAL K 178 55.71 11.22 -15.66
C VAL K 178 57.20 11.42 -15.42
N ASP K 179 58.01 10.73 -16.20
CA ASP K 179 59.45 10.87 -16.11
C ASP K 179 60.01 11.23 -17.46
N TYR K 180 61.32 11.22 -17.61
CA TYR K 180 61.98 11.34 -18.89
C TYR K 180 62.21 10.00 -19.54
N ASP K 181 61.62 8.95 -19.00
CA ASP K 181 61.66 7.63 -19.59
C ASP K 181 60.30 7.17 -20.08
N ASN K 182 59.23 7.81 -19.64
CA ASN K 182 57.90 7.49 -20.11
C ASN K 182 57.50 8.35 -21.30
N ILE K 183 58.43 9.14 -21.83
CA ILE K 183 58.15 10.03 -22.95
C ILE K 183 58.95 9.52 -24.13
N SER K 184 58.27 9.19 -25.22
CA SER K 184 58.90 8.63 -26.40
C SER K 184 58.61 9.52 -27.59
N VAL K 185 59.58 10.34 -27.98
CA VAL K 185 59.39 11.30 -29.05
C VAL K 185 60.30 10.89 -30.20
N VAL K 186 59.72 10.55 -31.33
CA VAL K 186 60.46 10.16 -32.52
C VAL K 186 60.11 11.17 -33.60
N LEU K 187 60.92 12.20 -33.74
CA LEU K 187 60.66 13.29 -34.65
C LEU K 187 61.50 13.18 -35.91
N SER K 188 60.90 13.51 -37.04
CA SER K 188 61.46 13.26 -38.35
C SER K 188 61.22 14.46 -39.23
N GLU K 189 62.25 14.91 -39.95
CA GLU K 189 62.10 16.08 -40.79
C GLU K 189 61.24 15.76 -42.00
N ARG K 190 60.67 16.79 -42.60
CA ARG K 190 59.72 16.57 -43.68
C ARG K 190 60.42 16.11 -44.95
N SER K 191 59.61 15.69 -45.90
CA SER K 191 60.13 15.17 -47.16
C SER K 191 60.60 16.33 -48.04
N ASP K 192 61.06 15.98 -49.24
CA ASP K 192 61.41 17.00 -50.21
C ASP K 192 60.14 17.70 -50.69
N ALA K 193 60.28 18.98 -51.00
CA ALA K 193 59.13 19.78 -51.38
C ALA K 193 58.68 19.44 -52.79
N GLN K 194 57.38 19.17 -52.94
CA GLN K 194 56.79 18.94 -54.25
C GLN K 194 56.26 20.28 -54.73
N LEU K 195 57.08 20.98 -55.51
CA LEU K 195 56.75 22.28 -56.04
C LEU K 195 56.64 22.28 -57.54
N GLN K 196 56.72 21.10 -58.16
CA GLN K 196 57.08 20.96 -59.56
C GLN K 196 55.92 20.31 -60.31
N ALA K 197 55.59 20.87 -61.46
CA ALA K 197 54.41 20.43 -62.19
C ALA K 197 54.61 19.03 -62.75
N PRO K 198 53.63 18.13 -62.57
CA PRO K 198 53.78 16.75 -63.06
C PRO K 198 53.87 16.64 -64.57
N GLY K 199 52.89 17.17 -65.27
CA GLY K 199 52.92 17.14 -66.72
C GLY K 199 51.84 16.29 -67.33
N THR K 200 51.15 16.85 -68.32
CA THR K 200 50.20 16.07 -69.11
C THR K 200 50.95 15.07 -69.98
N PRO K 201 50.35 13.90 -70.23
CA PRO K 201 50.99 12.92 -71.11
C PRO K 201 51.06 13.40 -72.55
N VAL K 202 51.91 12.74 -73.32
CA VAL K 202 52.10 13.07 -74.73
C VAL K 202 51.04 12.34 -75.54
N LYS K 203 50.79 12.85 -76.74
CA LYS K 203 49.76 12.29 -77.61
C LYS K 203 50.36 11.46 -78.74
N ALA L 171 63.45 37.72 -68.13
CA ALA L 171 63.47 38.95 -67.36
C ALA L 171 64.59 38.93 -66.33
N GLU L 172 64.75 40.03 -65.61
CA GLU L 172 65.78 40.11 -64.59
C GLU L 172 65.35 39.32 -63.35
N LEU L 173 66.21 38.41 -62.90
CA LEU L 173 65.87 37.54 -61.79
C LEU L 173 65.83 38.31 -60.47
N ASP L 174 66.52 39.44 -60.39
CA ASP L 174 66.41 40.32 -59.24
C ASP L 174 65.00 40.90 -59.08
N SER L 175 64.23 40.96 -60.16
CA SER L 175 62.84 41.38 -60.07
C SER L 175 61.85 40.23 -60.21
N LEU L 176 62.27 39.09 -60.76
CA LEU L 176 61.41 37.91 -60.72
C LEU L 176 61.25 37.36 -59.33
N LEU L 177 62.22 37.61 -58.46
CA LEU L 177 62.10 37.31 -57.04
C LEU L 177 61.32 38.43 -56.37
N GLY L 178 61.33 38.49 -55.05
CA GLY L 178 60.51 39.44 -54.35
C GLY L 178 60.97 40.88 -54.49
N GLN L 179 60.26 41.76 -53.78
CA GLN L 179 60.50 43.19 -53.84
C GLN L 179 61.85 43.57 -53.22
N GLU L 180 62.29 42.83 -52.20
CA GLU L 180 63.51 43.17 -51.48
C GLU L 180 64.72 42.60 -52.21
N LYS L 181 65.62 43.48 -52.62
CA LYS L 181 66.78 43.03 -53.37
C LYS L 181 67.85 42.45 -52.47
N GLU L 182 67.91 42.90 -51.22
CA GLU L 182 69.00 42.53 -50.32
C GLU L 182 68.89 41.10 -49.81
N ARG L 183 67.73 40.46 -49.96
CA ARG L 183 67.55 39.14 -49.39
C ARG L 183 68.24 38.07 -50.21
N PHE L 184 68.30 38.23 -51.53
CA PHE L 184 68.94 37.25 -52.39
C PHE L 184 70.15 37.89 -53.06
N GLN L 185 71.01 37.05 -53.63
CA GLN L 185 72.18 37.54 -54.34
C GLN L 185 72.45 36.58 -55.50
N VAL L 186 72.17 37.03 -56.72
CA VAL L 186 72.34 36.16 -57.88
C VAL L 186 73.82 35.98 -58.17
N LEU L 187 74.16 34.83 -58.75
CA LEU L 187 75.54 34.46 -58.96
C LEU L 187 75.72 33.87 -60.35
N PRO L 188 76.32 34.59 -61.28
CA PRO L 188 76.54 34.03 -62.62
C PRO L 188 77.66 33.01 -62.65
N GLY L 189 77.30 31.74 -62.45
CA GLY L 189 78.27 30.66 -62.45
C GLY L 189 78.93 30.45 -63.81
N ARG L 190 79.97 29.64 -63.78
CA ARG L 190 80.84 29.47 -64.94
C ARG L 190 80.31 28.46 -65.96
N ASP L 191 79.38 27.58 -65.57
CA ASP L 191 78.92 26.51 -66.43
C ASP L 191 77.55 26.78 -67.05
N LYS L 192 77.30 28.04 -67.40
CA LYS L 192 76.16 28.61 -68.10
C LYS L 192 74.89 28.69 -67.24
N MET L 193 74.92 28.10 -66.05
CA MET L 193 73.78 28.12 -65.16
C MET L 193 73.95 29.25 -64.16
N LEU L 194 72.87 29.98 -63.89
CA LEU L 194 72.87 31.05 -62.93
C LEU L 194 72.42 30.51 -61.58
N TYR L 195 72.93 31.10 -60.51
CA TYR L 195 72.64 30.65 -59.16
C TYR L 195 72.16 31.81 -58.31
N VAL L 196 71.25 31.53 -57.39
CA VAL L 196 70.72 32.52 -56.47
C VAL L 196 70.86 32.01 -55.03
N ALA L 197 71.55 32.79 -54.20
CA ALA L 197 71.97 32.34 -52.88
C ALA L 197 70.97 32.81 -51.84
N ALA L 198 70.16 31.89 -51.35
CA ALA L 198 69.26 32.24 -50.26
C ALA L 198 70.02 32.27 -48.94
N GLN L 199 69.34 32.70 -47.90
CA GLN L 199 69.96 32.81 -46.58
C GLN L 199 69.49 31.73 -45.61
N ASN L 200 68.26 31.28 -45.70
CA ASN L 200 67.75 30.22 -44.85
C ASN L 200 66.71 29.42 -45.63
N GLU L 201 65.95 28.58 -44.92
CA GLU L 201 65.02 27.70 -45.59
C GLU L 201 63.65 28.32 -45.81
N ARG L 202 63.44 29.58 -45.41
CA ARG L 202 62.26 30.26 -45.93
C ARG L 202 62.58 30.95 -47.25
N ASP L 203 63.74 31.56 -47.36
CA ASP L 203 64.13 32.19 -48.61
C ASP L 203 64.43 31.17 -49.70
N THR L 204 64.83 29.97 -49.32
CA THR L 204 65.05 28.93 -50.31
C THR L 204 63.73 28.49 -50.92
N LEU L 205 62.71 28.27 -50.09
CA LEU L 205 61.38 27.98 -50.61
C LEU L 205 60.74 29.21 -51.24
N TRP L 206 61.24 30.40 -50.95
CA TRP L 206 60.81 31.58 -51.68
C TRP L 206 61.37 31.58 -53.09
N ALA L 207 62.63 31.17 -53.24
CA ALA L 207 63.27 31.24 -54.55
C ALA L 207 63.17 29.94 -55.33
N ARG L 208 63.01 28.80 -54.66
CA ARG L 208 62.68 27.58 -55.39
C ARG L 208 61.22 27.55 -55.80
N GLN L 209 60.41 28.48 -55.33
CA GLN L 209 59.05 28.55 -55.83
C GLN L 209 59.01 29.24 -57.18
N VAL L 210 59.77 30.32 -57.34
CA VAL L 210 59.79 31.10 -58.58
C VAL L 210 60.33 30.27 -59.73
N LEU L 211 61.44 29.59 -59.53
CA LEU L 211 62.13 28.91 -60.62
C LEU L 211 61.42 27.64 -61.06
N ALA L 212 60.55 27.08 -60.23
CA ALA L 212 59.85 25.85 -60.59
C ALA L 212 58.44 26.12 -61.07
N ARG L 213 57.88 27.27 -60.72
CA ARG L 213 56.55 27.65 -61.18
C ARG L 213 56.56 28.06 -62.64
N GLY L 214 57.62 28.73 -63.08
CA GLY L 214 57.53 29.42 -64.34
C GLY L 214 58.83 29.44 -65.10
N ASP L 215 59.19 30.60 -65.63
CA ASP L 215 60.28 30.70 -66.58
C ASP L 215 61.32 31.71 -66.17
N TYR L 216 62.58 31.29 -66.24
CA TYR L 216 63.71 32.15 -66.47
C TYR L 216 64.33 31.65 -67.76
N ASP L 217 64.79 32.56 -68.63
CA ASP L 217 65.22 32.13 -69.96
C ASP L 217 66.64 31.58 -69.97
N LYS L 218 66.96 30.71 -69.01
CA LYS L 218 68.21 30.00 -68.79
C LYS L 218 67.95 29.12 -67.57
N ASN L 219 68.87 28.21 -67.27
CA ASN L 219 68.73 27.39 -66.09
C ASN L 219 69.09 28.20 -64.85
N ALA L 220 68.38 27.95 -63.75
CA ALA L 220 68.61 28.65 -62.50
C ALA L 220 68.41 27.70 -61.34
N ARG L 221 69.24 27.85 -60.30
CA ARG L 221 69.35 26.84 -59.26
C ARG L 221 69.67 27.51 -57.93
N VAL L 222 68.80 27.31 -56.95
CA VAL L 222 68.96 27.96 -55.65
C VAL L 222 69.95 27.17 -54.82
N ILE L 223 70.95 27.84 -54.28
CA ILE L 223 71.89 27.20 -53.36
C ILE L 223 71.69 27.83 -51.99
N ASN L 224 71.92 27.02 -50.96
CA ASN L 224 71.76 27.46 -49.59
C ASN L 224 73.11 27.40 -48.91
N GLU L 225 73.20 27.93 -47.69
CA GLU L 225 74.46 27.90 -46.98
C GLU L 225 74.59 26.57 -46.24
N ASN L 226 73.49 26.07 -45.68
CA ASN L 226 73.53 24.86 -44.90
C ASN L 226 73.16 23.61 -45.69
N GLU L 227 72.86 23.75 -46.98
CA GLU L 227 72.57 22.57 -47.77
C GLU L 227 73.68 22.29 -48.78
N GLU L 228 74.20 23.34 -49.41
CA GLU L 228 75.35 23.19 -50.30
C GLU L 228 76.60 22.79 -49.53
N ASN L 229 76.69 23.20 -48.27
CA ASN L 229 77.69 22.67 -47.36
C ASN L 229 77.54 21.16 -47.23
N LYS L 230 76.31 20.69 -47.09
CA LYS L 230 76.09 19.25 -46.93
C LYS L 230 76.24 18.54 -48.27
N ARG L 231 75.98 19.22 -49.38
CA ARG L 231 76.10 18.57 -50.69
C ARG L 231 77.55 18.27 -51.04
N ILE L 232 78.47 19.16 -50.65
CA ILE L 232 79.88 18.97 -50.91
C ILE L 232 80.41 17.78 -50.12
N SER L 233 79.95 17.62 -48.88
CA SER L 233 80.37 16.50 -48.04
C SER L 233 79.90 15.15 -48.56
N ILE L 234 78.85 15.12 -49.39
CA ILE L 234 78.48 13.88 -50.06
C ILE L 234 79.47 13.57 -51.17
N TRP L 235 80.03 14.60 -51.79
CA TRP L 235 81.12 14.41 -52.74
C TRP L 235 82.44 14.20 -52.03
N LEU L 236 82.63 14.87 -50.90
CA LEU L 236 83.96 14.97 -50.32
C LEU L 236 84.34 13.72 -49.55
N ASP L 237 83.37 12.96 -49.04
CA ASP L 237 83.73 11.76 -48.29
C ASP L 237 84.16 10.62 -49.20
N THR L 238 83.80 10.67 -50.48
CA THR L 238 84.28 9.67 -51.42
C THR L 238 85.67 10.02 -51.93
N TYR L 239 85.83 11.22 -52.46
CA TYR L 239 87.09 11.58 -53.12
C TYR L 239 88.14 12.06 -52.14
N TYR L 240 87.75 12.41 -50.91
CA TYR L 240 88.71 12.66 -49.84
C TYR L 240 88.18 12.14 -48.51
N PRO L 241 88.20 10.83 -48.30
CA PRO L 241 87.95 10.32 -46.94
C PRO L 241 89.18 10.56 -46.09
N GLN L 242 88.99 10.43 -44.78
CA GLN L 242 89.98 10.83 -43.75
C GLN L 242 90.41 12.27 -43.93
N LEU L 243 89.51 13.14 -44.34
CA LEU L 243 89.77 14.57 -44.41
C LEU L 243 89.15 15.23 -43.19
N ALA L 244 89.94 16.01 -42.48
CA ALA L 244 89.47 16.70 -41.28
C ALA L 244 89.19 18.15 -41.65
N TYR L 245 87.92 18.49 -41.71
CA TYR L 245 87.47 19.82 -42.07
C TYR L 245 86.27 20.14 -41.21
N TYR L 246 85.95 21.42 -41.10
CA TYR L 246 84.86 21.84 -40.24
C TYR L 246 83.60 22.13 -41.04
N ARG L 247 83.66 23.11 -41.93
CA ARG L 247 82.48 23.75 -42.49
C ARG L 247 82.93 24.69 -43.59
N ILE L 248 82.15 24.77 -44.66
CA ILE L 248 82.37 25.76 -45.69
C ILE L 248 81.45 26.94 -45.42
N HIS L 249 81.86 28.13 -45.82
CA HIS L 249 81.18 29.35 -45.41
C HIS L 249 80.86 30.25 -46.61
N PHE L 250 79.60 30.64 -46.70
CA PHE L 250 79.06 31.35 -47.86
C PHE L 250 78.62 32.76 -47.49
N ASP L 251 79.41 33.47 -46.69
CA ASP L 251 79.07 34.84 -46.33
C ASP L 251 79.28 35.75 -47.53
N GLU L 252 80.44 35.64 -48.18
CA GLU L 252 80.65 36.20 -49.50
C GLU L 252 80.61 35.04 -50.48
N PRO L 253 79.49 34.77 -51.13
CA PRO L 253 79.34 33.54 -51.92
C PRO L 253 80.14 33.53 -53.20
N ARG L 254 80.76 34.65 -53.59
CA ARG L 254 81.68 34.63 -54.71
C ARG L 254 82.93 33.82 -54.40
N LYS L 255 83.38 33.83 -53.14
CA LYS L 255 84.49 32.95 -52.78
C LYS L 255 84.30 32.42 -51.36
N PRO L 256 84.16 31.11 -51.20
CA PRO L 256 83.93 30.54 -49.87
C PRO L 256 85.21 30.30 -49.09
N VAL L 257 85.07 30.32 -47.77
CA VAL L 257 86.16 30.05 -46.85
C VAL L 257 85.90 28.68 -46.26
N PHE L 258 86.74 27.73 -46.60
CA PHE L 258 86.56 26.32 -46.25
C PHE L 258 87.61 25.93 -45.21
N TRP L 259 87.18 25.87 -43.95
CA TRP L 259 88.10 25.62 -42.85
C TRP L 259 88.56 24.17 -42.87
N LEU L 260 89.80 23.96 -42.43
CA LEU L 260 90.33 22.62 -42.22
C LEU L 260 91.01 22.54 -40.87
N SER L 261 91.22 21.31 -40.41
CA SER L 261 92.02 21.08 -39.22
C SER L 261 93.49 21.25 -39.59
N ARG L 262 94.17 22.16 -38.89
CA ARG L 262 95.61 22.26 -39.06
C ARG L 262 96.31 21.02 -38.51
N GLN L 263 95.75 20.43 -37.46
CA GLN L 263 96.43 19.35 -36.77
C GLN L 263 96.24 18.01 -37.48
N ARG L 264 95.02 17.71 -37.89
CA ARG L 264 94.69 16.37 -38.37
C ARG L 264 94.75 16.25 -39.89
N ASN L 265 95.42 17.16 -40.57
CA ASN L 265 95.58 17.09 -42.02
C ASN L 265 97.04 16.96 -42.37
N THR L 266 97.38 15.86 -43.03
CA THR L 266 98.73 15.57 -43.50
C THR L 266 98.90 15.97 -44.96
N MET L 267 97.93 16.67 -45.53
CA MET L 267 98.03 17.12 -46.90
C MET L 267 99.09 18.21 -47.03
N SER L 268 99.91 18.11 -48.06
CA SER L 268 100.92 19.12 -48.31
C SER L 268 100.29 20.28 -49.08
N LYS L 269 101.06 21.35 -49.27
CA LYS L 269 100.52 22.56 -49.89
C LYS L 269 100.38 22.41 -51.40
N LYS L 270 100.94 21.35 -51.97
CA LYS L 270 100.75 21.07 -53.39
C LYS L 270 99.31 20.67 -53.68
N GLU L 271 98.87 19.55 -53.11
CA GLU L 271 97.52 19.05 -53.39
C GLU L 271 96.44 19.81 -52.64
N LEU L 272 96.81 20.65 -51.67
CA LEU L 272 95.81 21.52 -51.06
C LEU L 272 95.37 22.60 -52.05
N GLU L 273 96.25 23.01 -52.96
CA GLU L 273 95.84 23.89 -54.04
C GLU L 273 95.06 23.12 -55.09
N VAL L 274 95.32 21.82 -55.24
CA VAL L 274 94.45 20.97 -56.04
C VAL L 274 93.08 20.86 -55.39
N LEU L 275 93.04 20.82 -54.05
CA LEU L 275 91.77 20.77 -53.33
C LEU L 275 91.02 22.08 -53.44
N SER L 276 91.70 23.21 -53.65
CA SER L 276 91.02 24.45 -53.97
C SER L 276 90.55 24.50 -55.41
N GLN L 277 90.91 23.52 -56.23
CA GLN L 277 90.42 23.42 -57.60
C GLN L 277 89.44 22.28 -57.81
N LYS L 278 89.47 21.25 -56.96
CA LYS L 278 88.42 20.22 -57.01
C LYS L 278 87.09 20.76 -56.54
N LEU L 279 87.10 21.67 -55.56
CA LEU L 279 85.86 22.21 -55.04
C LEU L 279 85.24 23.21 -56.01
N ARG L 280 86.04 23.87 -56.84
CA ARG L 280 85.51 24.80 -57.83
C ARG L 280 84.74 24.08 -58.94
N ALA L 281 85.01 22.79 -59.14
CA ALA L 281 84.19 22.02 -60.08
C ALA L 281 82.81 21.73 -59.51
N LEU L 282 82.65 21.83 -58.19
CA LEU L 282 81.34 21.65 -57.56
C LEU L 282 80.60 22.95 -57.36
N MET L 283 81.31 24.07 -57.25
CA MET L 283 80.73 25.39 -57.02
C MET L 283 81.10 26.27 -58.20
N PRO L 284 80.33 26.25 -59.29
CA PRO L 284 80.68 27.07 -60.46
C PRO L 284 80.54 28.56 -60.19
N TYR L 285 79.63 28.93 -59.30
CA TYR L 285 79.46 30.31 -58.87
C TYR L 285 80.67 30.83 -58.11
N ALA L 286 81.48 29.94 -57.54
CA ALA L 286 82.60 30.35 -56.71
C ALA L 286 83.75 30.85 -57.57
N ASP L 287 84.47 31.84 -57.05
CA ASP L 287 85.66 32.32 -57.74
C ASP L 287 86.84 31.41 -57.44
N SER L 288 87.25 31.35 -56.18
CA SER L 288 88.36 30.50 -55.74
C SER L 288 88.21 30.26 -54.25
N VAL L 289 88.35 29.00 -53.84
CA VAL L 289 88.10 28.63 -52.45
C VAL L 289 89.25 29.10 -51.58
N ASN L 290 88.93 29.80 -50.50
CA ASN L 290 89.93 30.31 -49.56
C ASN L 290 90.10 29.28 -48.45
N ILE L 291 90.98 28.32 -48.68
CA ILE L 291 91.24 27.27 -47.70
C ILE L 291 92.13 27.83 -46.61
N THR L 292 91.64 27.82 -45.37
CA THR L 292 92.46 28.16 -44.22
C THR L 292 92.42 27.02 -43.23
N LEU L 293 93.21 27.18 -42.16
CA LEU L 293 93.43 26.14 -41.17
C LEU L 293 93.04 26.67 -39.81
N MET L 294 92.38 25.84 -39.01
CA MET L 294 92.03 26.21 -37.64
C MET L 294 92.53 25.11 -36.71
N ASP L 295 93.09 25.51 -35.57
CA ASP L 295 93.59 24.53 -34.62
C ASP L 295 92.43 23.87 -33.89
N ASP L 296 92.56 22.56 -33.67
CA ASP L 296 91.50 21.80 -33.03
C ASP L 296 91.35 22.14 -31.55
N VAL L 297 92.41 22.65 -30.92
CA VAL L 297 92.30 23.05 -29.53
C VAL L 297 91.53 24.37 -29.40
N THR L 298 91.53 25.19 -30.44
CA THR L 298 90.73 26.40 -30.43
C THR L 298 89.26 26.09 -30.66
N ALA L 299 88.96 25.06 -31.45
CA ALA L 299 87.58 24.68 -31.69
C ALA L 299 86.94 24.12 -30.43
N ALA L 300 87.61 23.16 -29.78
CA ALA L 300 87.09 22.61 -28.54
C ALA L 300 87.24 23.59 -27.38
N GLY L 301 88.11 24.59 -27.52
CA GLY L 301 88.26 25.57 -26.46
C GLY L 301 87.04 26.45 -26.32
N GLN L 302 86.66 27.12 -27.42
CA GLN L 302 85.52 28.03 -27.39
C GLN L 302 84.20 27.31 -27.14
N ALA L 303 84.13 26.04 -27.54
CA ALA L 303 82.96 25.26 -27.18
C ALA L 303 82.93 24.98 -25.69
N GLU L 304 84.08 24.73 -25.09
CA GLU L 304 84.11 24.54 -23.65
C GLU L 304 84.05 25.87 -22.93
N ALA L 305 84.76 26.89 -23.42
CA ALA L 305 84.77 28.20 -22.78
C ALA L 305 83.47 28.97 -22.96
N GLY L 306 82.52 28.45 -23.72
CA GLY L 306 81.20 29.02 -23.76
C GLY L 306 80.24 28.22 -22.91
N LEU L 307 80.41 26.90 -22.91
CA LEU L 307 79.44 26.04 -22.25
C LEU L 307 79.57 26.08 -20.74
N LYS L 308 80.75 26.43 -20.23
CA LYS L 308 80.85 26.76 -18.83
C LYS L 308 80.63 28.24 -18.56
N GLN L 309 80.64 29.05 -19.61
CA GLN L 309 80.28 30.46 -19.47
C GLN L 309 78.78 30.64 -19.42
N GLN L 310 78.03 29.66 -19.91
CA GLN L 310 76.58 29.61 -19.73
C GLN L 310 76.18 28.94 -18.42
N ALA L 311 77.16 28.50 -17.64
CA ALA L 311 76.98 27.78 -16.38
C ALA L 311 76.14 26.51 -16.58
N LEU L 312 76.70 25.58 -17.34
CA LEU L 312 76.03 24.35 -17.65
C LEU L 312 76.85 23.16 -17.18
N PRO L 313 76.22 22.15 -16.56
CA PRO L 313 76.97 20.96 -16.17
C PRO L 313 77.30 20.11 -17.38
N TYR L 314 78.51 19.58 -17.43
CA TYR L 314 78.94 18.81 -18.58
C TYR L 314 80.05 17.87 -18.16
N SER L 315 80.59 17.16 -19.15
CA SER L 315 81.82 16.39 -18.96
C SER L 315 82.48 16.25 -20.31
N ARG L 316 83.62 16.93 -20.49
CA ARG L 316 84.38 16.82 -21.73
C ARG L 316 85.03 15.45 -21.82
N ARG L 317 84.58 14.63 -22.76
CA ARG L 317 85.26 13.40 -23.08
C ARG L 317 85.94 13.57 -24.44
N ASN L 318 87.23 13.27 -24.48
CA ASN L 318 87.98 13.45 -25.71
C ASN L 318 88.03 12.13 -26.46
N HIS L 319 88.32 12.22 -27.76
CA HIS L 319 88.56 11.04 -28.56
C HIS L 319 89.66 11.35 -29.56
N LYS L 320 90.09 10.32 -30.27
CA LYS L 320 91.06 10.47 -31.34
C LYS L 320 90.32 10.99 -32.56
N GLY L 321 90.25 12.31 -32.70
CA GLY L 321 89.56 12.90 -33.82
C GLY L 321 88.18 13.43 -33.49
N GLY L 322 88.07 14.11 -32.37
CA GLY L 322 86.82 14.75 -31.98
C GLY L 322 86.64 14.72 -30.47
N VAL L 323 85.84 15.67 -29.97
CA VAL L 323 85.49 15.73 -28.56
C VAL L 323 83.97 15.60 -28.47
N THR L 324 83.48 15.50 -27.24
CA THR L 324 82.07 15.30 -27.01
C THR L 324 81.68 15.90 -25.66
N PHE L 325 80.69 16.78 -25.67
CA PHE L 325 80.24 17.46 -24.46
C PHE L 325 78.86 16.91 -24.11
N VAL L 326 78.82 15.85 -23.35
CA VAL L 326 77.53 15.37 -22.89
C VAL L 326 77.06 16.22 -21.72
N ILE L 327 75.79 16.63 -21.78
CA ILE L 327 75.19 17.54 -20.81
C ILE L 327 74.01 16.80 -20.21
N GLN L 328 74.06 16.53 -18.91
CA GLN L 328 72.96 15.79 -18.32
C GLN L 328 72.52 16.38 -16.99
N GLY L 329 71.53 15.76 -16.39
CA GLY L 329 70.85 16.30 -15.23
C GLY L 329 69.46 16.78 -15.57
N ALA L 330 68.71 17.13 -14.54
CA ALA L 330 67.37 17.67 -14.71
C ALA L 330 67.49 19.17 -14.95
N LEU L 331 67.85 19.51 -16.18
CA LEU L 331 68.00 20.91 -16.56
C LEU L 331 66.63 21.55 -16.69
N ASP L 332 66.42 22.65 -16.00
CA ASP L 332 65.16 23.38 -16.13
C ASP L 332 65.28 24.38 -17.28
N ASP L 333 64.29 25.27 -17.37
CA ASP L 333 64.04 25.97 -18.63
C ASP L 333 65.04 27.07 -18.92
N VAL L 334 65.62 27.66 -17.87
CA VAL L 334 66.51 28.79 -18.07
C VAL L 334 67.82 28.32 -18.69
N GLU L 335 68.26 27.13 -18.31
CA GLU L 335 69.49 26.57 -18.82
C GLU L 335 69.29 25.70 -20.04
N ILE L 336 68.07 25.21 -20.29
CA ILE L 336 67.82 24.44 -21.50
C ILE L 336 67.73 25.35 -22.71
N LEU L 337 67.52 26.66 -22.50
CA LEU L 337 67.42 27.63 -23.57
C LEU L 337 68.70 28.44 -23.71
N ARG L 338 69.51 28.54 -22.68
CA ARG L 338 70.86 29.01 -22.88
C ARG L 338 71.70 27.98 -23.61
N ALA L 339 71.32 26.70 -23.51
CA ALA L 339 72.06 25.66 -24.20
C ALA L 339 71.85 25.75 -25.71
N ARG L 340 70.60 25.89 -26.14
CA ARG L 340 70.30 25.77 -27.56
C ARG L 340 70.76 27.00 -28.34
N GLN L 341 70.70 28.17 -27.75
CA GLN L 341 71.26 29.32 -28.45
C GLN L 341 72.76 29.43 -28.29
N PHE L 342 73.40 28.50 -27.61
CA PHE L 342 74.84 28.34 -27.76
C PHE L 342 75.20 27.28 -28.78
N VAL L 343 74.47 26.16 -28.78
CA VAL L 343 74.74 25.08 -29.72
C VAL L 343 74.48 25.52 -31.14
N ASP L 344 73.31 26.10 -31.38
CA ASP L 344 72.97 26.62 -32.70
C ASP L 344 73.80 27.83 -33.09
N SER L 345 74.40 28.52 -32.12
CA SER L 345 75.39 29.54 -32.43
C SER L 345 76.78 28.95 -32.58
N TYR L 346 76.97 27.68 -32.26
CA TYR L 346 78.25 27.04 -32.48
C TYR L 346 78.27 26.32 -33.82
N TYR L 347 77.22 25.55 -34.11
CA TYR L 347 77.15 24.82 -35.37
C TYR L 347 76.98 25.74 -36.56
N ARG L 348 76.47 26.95 -36.34
CA ARG L 348 76.51 27.96 -37.38
C ARG L 348 77.93 28.44 -37.63
N THR L 349 78.78 28.38 -36.61
CA THR L 349 80.14 28.89 -36.75
C THR L 349 81.12 27.80 -37.17
N TRP L 350 81.12 26.68 -36.48
CA TRP L 350 82.14 25.66 -36.66
C TRP L 350 81.66 24.42 -37.37
N GLY L 351 80.36 24.25 -37.56
CA GLY L 351 79.85 22.99 -38.05
C GLY L 351 79.83 21.95 -36.95
N GLY L 352 79.41 20.76 -37.32
CA GLY L 352 79.28 19.73 -36.30
C GLY L 352 80.11 18.50 -36.55
N ARG L 353 81.31 18.66 -37.10
CA ARG L 353 82.14 17.53 -37.46
C ARG L 353 83.30 17.29 -36.50
N TYR L 354 83.46 18.13 -35.48
CA TYR L 354 84.54 17.91 -34.53
C TYR L 354 84.02 17.87 -33.11
N VAL L 355 82.97 18.63 -32.82
CA VAL L 355 82.40 18.73 -31.49
C VAL L 355 80.95 18.31 -31.56
N GLN L 356 80.56 17.35 -30.74
CA GLN L 356 79.17 16.92 -30.65
C GLN L 356 78.65 17.26 -29.27
N PHE L 357 77.53 17.98 -29.21
CA PHE L 357 76.88 18.31 -27.96
C PHE L 357 75.78 17.30 -27.71
N ALA L 358 75.83 16.65 -26.56
CA ALA L 358 74.83 15.67 -26.19
C ALA L 358 74.02 16.24 -25.03
N ILE L 359 72.96 16.97 -25.36
CA ILE L 359 72.05 17.41 -24.32
C ILE L 359 71.08 16.26 -24.03
N GLU L 360 71.53 15.35 -23.19
CA GLU L 360 70.80 14.15 -22.82
C GLU L 360 70.17 14.47 -21.48
N LEU L 361 68.85 14.53 -21.44
CA LEU L 361 68.11 15.12 -20.33
C LEU L 361 67.30 14.05 -19.61
N LYS L 362 67.76 13.67 -18.42
CA LYS L 362 67.12 12.65 -17.61
C LYS L 362 66.94 13.16 -16.19
N ASP L 363 66.40 12.28 -15.35
CA ASP L 363 66.17 12.58 -13.94
C ASP L 363 67.46 12.43 -13.15
N ASP L 364 67.32 12.41 -11.82
CA ASP L 364 68.46 12.17 -10.93
C ASP L 364 68.51 10.71 -10.52
N ASP M 20 34.71 -6.35 -71.72
CA ASP M 20 33.68 -6.91 -72.57
C ASP M 20 32.80 -7.85 -71.76
N LYS M 21 33.42 -8.84 -71.10
CA LYS M 21 32.68 -9.79 -70.30
C LYS M 21 32.55 -9.30 -68.87
N ASP M 22 31.35 -9.41 -68.32
CA ASP M 22 31.07 -8.91 -66.98
C ASP M 22 31.71 -9.83 -65.94
N LEU M 23 32.31 -9.22 -64.92
CA LEU M 23 33.05 -9.99 -63.93
C LEU M 23 32.63 -9.68 -62.49
N LEU M 24 32.35 -8.42 -62.18
CA LEU M 24 31.84 -8.06 -60.86
C LEU M 24 30.86 -6.93 -61.04
N LYS M 25 29.77 -6.95 -60.26
CA LYS M 25 28.76 -5.91 -60.31
C LYS M 25 28.43 -5.47 -58.91
N GLY M 26 27.89 -4.26 -58.80
CA GLY M 26 27.39 -3.80 -57.52
C GLY M 26 28.42 -3.50 -56.48
N LEU M 27 29.68 -3.33 -56.87
CA LEU M 27 30.72 -2.99 -55.91
C LEU M 27 30.58 -1.55 -55.47
N ASP M 28 30.95 -1.28 -54.23
CA ASP M 28 31.11 0.12 -53.85
C ASP M 28 32.52 0.57 -54.23
N GLN M 29 32.92 1.73 -53.74
CA GLN M 29 34.04 2.46 -54.34
C GLN M 29 35.38 1.84 -53.97
N GLU M 30 35.68 1.75 -52.69
CA GLU M 30 36.97 1.25 -52.24
C GLU M 30 37.14 -0.25 -52.46
N GLN M 31 36.06 -1.00 -52.69
CA GLN M 31 36.23 -2.37 -53.16
C GLN M 31 36.57 -2.43 -54.64
N ALA M 32 36.02 -1.51 -55.44
CA ALA M 32 36.28 -1.56 -56.88
C ALA M 32 37.67 -1.08 -57.22
N ASN M 33 38.20 -0.14 -56.45
CA ASN M 33 39.55 0.35 -56.71
C ASN M 33 40.61 -0.65 -56.29
N GLU M 34 40.25 -1.58 -55.41
CA GLU M 34 41.23 -2.58 -54.96
C GLU M 34 41.33 -3.72 -55.96
N VAL M 35 40.22 -4.08 -56.59
CA VAL M 35 40.20 -5.21 -57.52
C VAL M 35 41.03 -4.90 -58.75
N ILE M 36 40.86 -3.70 -59.31
CA ILE M 36 41.64 -3.27 -60.48
C ILE M 36 43.12 -3.18 -60.14
N ALA M 37 43.44 -2.84 -58.90
CA ALA M 37 44.82 -2.81 -58.46
C ALA M 37 45.42 -4.21 -58.45
N VAL M 38 44.61 -5.20 -58.13
CA VAL M 38 45.09 -6.58 -58.16
C VAL M 38 45.20 -7.06 -59.60
N LEU M 39 44.22 -6.70 -60.43
CA LEU M 39 44.16 -7.22 -61.79
C LEU M 39 45.27 -6.64 -62.66
N GLN M 40 45.47 -5.32 -62.61
CA GLN M 40 46.55 -4.71 -63.40
C GLN M 40 47.91 -5.06 -62.86
N MET M 41 48.01 -5.60 -61.64
CA MET M 41 49.27 -6.21 -61.23
C MET M 41 49.56 -7.44 -62.06
N HIS M 42 48.53 -8.21 -62.38
CA HIS M 42 48.70 -9.46 -63.10
C HIS M 42 48.36 -9.30 -64.57
N ASN M 43 48.63 -8.11 -65.12
CA ASN M 43 48.74 -7.85 -66.56
C ASN M 43 47.43 -8.05 -67.30
N ILE M 44 46.28 -7.79 -66.68
CA ILE M 44 45.05 -7.75 -67.43
C ILE M 44 44.36 -6.42 -67.12
N GLU M 45 43.89 -5.73 -68.13
CA GLU M 45 43.27 -4.44 -67.89
C GLU M 45 41.80 -4.62 -67.53
N ALA M 46 41.30 -3.69 -66.72
CA ALA M 46 39.89 -3.69 -66.34
C ALA M 46 39.29 -2.33 -66.68
N ASN M 47 37.98 -2.22 -66.49
CA ASN M 47 37.26 -0.99 -66.80
C ASN M 47 36.25 -0.75 -65.70
N LYS M 48 36.53 0.21 -64.82
CA LYS M 48 35.58 0.50 -63.76
C LYS M 48 34.38 1.23 -64.33
N ILE M 49 33.35 0.48 -64.66
CA ILE M 49 32.13 1.03 -65.22
C ILE M 49 31.18 1.34 -64.07
N ASP M 50 30.92 2.61 -63.81
CA ASP M 50 29.90 2.96 -62.84
C ASP M 50 28.53 2.66 -63.40
N SER M 51 27.65 2.13 -62.55
CA SER M 51 26.26 1.90 -62.92
C SER M 51 25.32 2.71 -62.05
N GLY M 52 25.73 3.93 -61.70
CA GLY M 52 24.87 4.80 -60.91
C GLY M 52 24.78 4.43 -59.45
N LYS M 53 23.55 4.34 -58.95
CA LYS M 53 23.27 3.97 -57.57
C LYS M 53 23.35 2.45 -57.34
N LEU M 54 23.46 1.67 -58.41
CA LEU M 54 23.64 0.24 -58.31
C LEU M 54 25.11 -0.16 -58.19
N GLY M 55 25.97 0.76 -57.76
CA GLY M 55 27.37 0.44 -57.56
C GLY M 55 28.15 0.36 -58.86
N TYR M 56 29.45 0.20 -58.72
CA TYR M 56 30.37 0.10 -59.85
C TYR M 56 30.26 -1.27 -60.51
N SER M 57 31.04 -1.46 -61.57
CA SER M 57 31.09 -2.73 -62.26
C SER M 57 32.44 -2.83 -62.94
N ILE M 58 32.99 -4.04 -62.98
CA ILE M 58 34.30 -4.28 -63.54
C ILE M 58 34.15 -5.29 -64.66
N THR M 59 34.57 -4.91 -65.87
CA THR M 59 34.49 -5.78 -67.02
C THR M 59 35.87 -5.97 -67.61
N VAL M 60 36.23 -7.21 -67.92
CA VAL M 60 37.49 -7.51 -68.56
C VAL M 60 37.22 -8.01 -69.97
N ALA M 61 38.28 -8.10 -70.76
CA ALA M 61 38.13 -8.58 -72.12
C ALA M 61 37.96 -10.10 -72.12
N GLU M 62 37.50 -10.61 -73.25
CA GLU M 62 37.16 -12.03 -73.36
C GLU M 62 38.35 -12.99 -73.26
N PRO M 63 39.54 -12.75 -73.83
CA PRO M 63 40.63 -13.70 -73.58
C PRO M 63 41.18 -13.66 -72.18
N ASP M 64 40.94 -12.58 -71.42
CA ASP M 64 41.39 -12.52 -70.04
C ASP M 64 40.30 -12.75 -69.02
N PHE M 65 39.08 -13.08 -69.41
CA PHE M 65 38.09 -13.44 -68.40
C PHE M 65 38.46 -14.74 -67.71
N THR M 66 39.19 -15.60 -68.40
CA THR M 66 39.66 -16.84 -67.78
C THR M 66 40.67 -16.55 -66.70
N ALA M 67 41.68 -15.75 -67.01
CA ALA M 67 42.74 -15.49 -66.05
C ALA M 67 42.28 -14.60 -64.92
N ALA M 68 41.35 -13.67 -65.19
CA ALA M 68 40.95 -12.73 -64.16
C ALA M 68 40.09 -13.38 -63.11
N VAL M 69 39.28 -14.37 -63.48
CA VAL M 69 38.44 -15.03 -62.49
C VAL M 69 39.26 -15.99 -61.64
N TYR M 70 40.48 -16.32 -62.06
CA TYR M 70 41.40 -16.98 -61.16
C TYR M 70 41.87 -16.05 -60.07
N TRP M 71 42.24 -14.82 -60.42
CA TRP M 71 42.76 -13.92 -59.41
C TRP M 71 41.67 -13.32 -58.55
N ILE M 72 40.41 -13.45 -58.94
CA ILE M 72 39.35 -13.15 -57.99
C ILE M 72 39.32 -14.22 -56.91
N LYS M 73 39.65 -15.45 -57.28
CA LYS M 73 39.54 -16.55 -56.32
C LYS M 73 40.67 -16.51 -55.30
N THR M 74 41.91 -16.34 -55.76
CA THR M 74 43.06 -16.45 -54.85
C THR M 74 43.13 -15.29 -53.89
N TYR M 75 42.86 -14.09 -54.36
CA TYR M 75 42.88 -12.93 -53.47
C TYR M 75 41.58 -12.74 -52.72
N GLN M 76 40.58 -13.57 -53.02
CA GLN M 76 39.24 -13.50 -52.41
C GLN M 76 38.61 -12.13 -52.60
N LEU M 77 38.80 -11.56 -53.78
CA LEU M 77 38.18 -10.30 -54.13
C LEU M 77 36.68 -10.52 -54.35
N PRO M 78 35.84 -9.51 -54.10
CA PRO M 78 36.06 -8.17 -53.56
C PRO M 78 36.38 -8.21 -52.09
N PRO M 79 37.17 -7.27 -51.61
CA PRO M 79 37.59 -7.31 -50.21
C PRO M 79 36.42 -7.05 -49.28
N ARG M 80 36.39 -7.80 -48.19
CA ARG M 80 35.44 -7.57 -47.13
C ARG M 80 35.73 -6.20 -46.51
N PRO M 81 34.72 -5.53 -45.94
CA PRO M 81 34.97 -4.23 -45.31
C PRO M 81 35.85 -4.40 -44.09
N ARG M 82 36.86 -3.53 -43.99
CA ARG M 82 37.90 -3.66 -42.98
C ARG M 82 37.33 -3.41 -41.60
N VAL M 83 37.34 -4.46 -40.78
CA VAL M 83 36.60 -4.51 -39.53
C VAL M 83 37.52 -4.15 -38.37
N GLU M 84 37.07 -3.24 -37.53
CA GLU M 84 37.65 -3.05 -36.21
C GLU M 84 36.64 -3.52 -35.17
N ILE M 85 37.13 -3.61 -33.93
CA ILE M 85 36.39 -4.33 -32.90
C ILE M 85 35.16 -3.56 -32.48
N ALA M 86 35.21 -2.23 -32.58
CA ALA M 86 34.14 -1.41 -32.05
C ALA M 86 32.94 -1.34 -32.96
N GLN M 87 32.97 -1.96 -34.14
CA GLN M 87 31.78 -2.00 -34.97
C GLN M 87 30.73 -2.96 -34.44
N MET M 88 31.11 -3.83 -33.51
CA MET M 88 30.18 -4.82 -32.98
C MET M 88 29.79 -4.50 -31.55
N PHE M 89 29.97 -3.25 -31.14
CA PHE M 89 29.46 -2.74 -29.87
C PHE M 89 28.97 -1.32 -30.12
N PRO M 90 27.81 -1.16 -30.77
CA PRO M 90 27.44 0.17 -31.25
C PRO M 90 26.93 1.09 -30.16
N ALA M 91 26.25 0.53 -29.15
CA ALA M 91 25.66 1.25 -28.02
C ALA M 91 24.70 2.35 -28.48
N ASP M 92 23.63 1.94 -29.15
CA ASP M 92 22.62 2.90 -29.60
C ASP M 92 21.75 3.37 -28.44
N SER M 93 21.07 2.43 -27.76
CA SER M 93 20.24 2.78 -26.61
C SER M 93 20.29 1.68 -25.56
N LEU M 94 21.19 0.71 -25.72
CA LEU M 94 21.30 -0.39 -24.79
C LEU M 94 22.17 0.05 -23.62
N VAL M 95 21.99 -0.62 -22.47
CA VAL M 95 22.62 -0.20 -21.22
C VAL M 95 24.14 -0.36 -21.25
N SER M 96 24.65 -1.26 -22.11
CA SER M 96 26.08 -1.35 -22.48
C SER M 96 26.96 -1.66 -21.27
N SER M 97 26.86 -2.92 -20.82
CA SER M 97 27.65 -3.59 -19.79
C SER M 97 29.13 -3.27 -19.85
N PRO M 98 29.84 -3.23 -18.71
CA PRO M 98 31.21 -2.69 -18.68
C PRO M 98 32.23 -3.43 -19.52
N ARG M 99 31.92 -4.62 -20.01
CA ARG M 99 32.72 -5.23 -21.06
C ARG M 99 32.62 -4.47 -22.37
N ALA M 100 31.47 -3.87 -22.65
CA ALA M 100 31.30 -3.21 -23.93
C ALA M 100 32.05 -1.88 -23.97
N GLU M 101 32.25 -1.25 -22.82
CA GLU M 101 33.04 -0.03 -22.81
C GLU M 101 34.50 -0.27 -23.10
N LYS M 102 35.12 -1.30 -22.49
CA LYS M 102 36.52 -1.55 -22.80
C LYS M 102 36.70 -2.16 -24.17
N ALA M 103 35.64 -2.72 -24.74
CA ALA M 103 35.75 -3.24 -26.10
C ALA M 103 35.91 -2.11 -27.09
N ARG M 104 35.06 -1.09 -27.03
CA ARG M 104 35.20 0.02 -27.97
C ARG M 104 36.22 1.03 -27.49
N LEU M 105 36.67 0.94 -26.24
CA LEU M 105 37.75 1.81 -25.82
C LEU M 105 39.06 1.42 -26.48
N TYR M 106 39.48 0.17 -26.27
CA TYR M 106 40.73 -0.31 -26.86
C TYR M 106 40.67 -0.36 -28.37
N SER M 107 39.48 -0.57 -28.93
CA SER M 107 39.36 -0.62 -30.39
C SER M 107 39.60 0.73 -31.00
N ALA M 108 39.15 1.80 -30.35
CA ALA M 108 39.48 3.13 -30.84
C ALA M 108 40.95 3.45 -30.64
N ILE M 109 41.60 2.82 -29.66
CA ILE M 109 43.03 3.02 -29.50
C ILE M 109 43.78 2.23 -30.57
N GLU M 110 43.26 1.07 -30.99
CA GLU M 110 43.85 0.33 -32.10
C GLU M 110 43.82 1.15 -33.38
N GLN M 111 42.72 1.86 -33.62
CA GLN M 111 42.62 2.67 -34.82
C GLN M 111 43.52 3.87 -34.75
N ARG M 112 43.61 4.50 -33.58
CA ARG M 112 44.29 5.77 -33.49
C ARG M 112 45.80 5.62 -33.52
N LEU M 113 46.33 4.54 -32.97
CA LEU M 113 47.75 4.25 -33.13
C LEU M 113 48.07 3.86 -34.56
N GLU M 114 47.12 3.22 -35.24
CA GLU M 114 47.28 2.93 -36.66
C GLU M 114 47.32 4.20 -37.48
N GLN M 115 46.49 5.18 -37.15
CA GLN M 115 46.50 6.48 -37.83
C GLN M 115 47.79 7.24 -37.59
N SER M 116 48.50 6.95 -36.51
CA SER M 116 49.67 7.73 -36.15
C SER M 116 50.96 7.14 -36.68
N LEU M 117 51.06 5.81 -36.71
CA LEU M 117 52.22 5.19 -37.35
C LEU M 117 52.25 5.50 -38.84
N GLN M 118 51.07 5.66 -39.44
CA GLN M 118 50.98 5.97 -40.86
C GLN M 118 51.54 7.34 -41.18
N THR M 119 51.63 8.24 -40.19
CA THR M 119 52.24 9.54 -40.37
C THR M 119 53.64 9.63 -39.76
N MET M 120 54.38 8.53 -39.77
CA MET M 120 55.80 8.60 -39.47
C MET M 120 56.58 8.86 -40.75
N GLU M 121 57.90 8.72 -40.69
CA GLU M 121 58.73 8.98 -41.84
C GLU M 121 58.81 7.70 -42.67
N GLY M 122 58.05 7.65 -43.76
CA GLY M 122 58.17 6.57 -44.71
C GLY M 122 57.18 5.44 -44.54
N VAL M 123 56.41 5.42 -43.46
CA VAL M 123 55.43 4.35 -43.31
C VAL M 123 54.27 4.62 -44.26
N LEU M 124 54.03 3.71 -45.19
CA LEU M 124 52.89 3.86 -46.08
C LEU M 124 51.60 3.48 -45.38
N SER M 125 51.59 2.30 -44.75
CA SER M 125 50.41 1.79 -44.11
C SER M 125 50.80 1.09 -42.82
N ALA M 126 49.83 0.90 -41.93
CA ALA M 126 50.12 0.30 -40.65
C ALA M 126 48.90 -0.41 -40.12
N ARG M 127 49.13 -1.41 -39.29
CA ARG M 127 48.09 -2.12 -38.56
C ARG M 127 48.59 -2.34 -37.14
N VAL M 128 47.72 -2.14 -36.16
CA VAL M 128 48.07 -2.28 -34.75
C VAL M 128 47.00 -3.10 -34.07
N HIS M 129 47.42 -4.14 -33.34
CA HIS M 129 46.52 -4.93 -32.53
C HIS M 129 46.91 -4.80 -31.07
N ILE M 130 45.91 -4.87 -30.20
CA ILE M 130 46.10 -4.78 -28.76
C ILE M 130 45.60 -6.08 -28.14
N SER M 131 46.36 -6.62 -27.21
CA SER M 131 45.88 -7.75 -26.43
C SER M 131 44.73 -7.31 -25.54
N TYR M 132 43.61 -8.01 -25.62
CA TYR M 132 42.42 -7.63 -24.87
C TYR M 132 42.34 -8.50 -23.62
N ASP M 133 42.96 -8.04 -22.54
CA ASP M 133 42.67 -8.55 -21.21
C ASP M 133 41.43 -7.82 -20.74
N ILE M 134 40.30 -8.51 -20.77
CA ILE M 134 39.02 -7.88 -20.50
C ILE M 134 38.43 -8.35 -19.18
N ASP M 135 38.54 -9.65 -18.88
CA ASP M 135 37.87 -10.22 -17.72
C ASP M 135 38.72 -10.16 -16.46
N ALA M 136 39.57 -9.13 -16.33
CA ALA M 136 40.42 -8.99 -15.16
C ALA M 136 39.62 -8.68 -13.90
N GLY M 137 38.60 -7.82 -14.02
CA GLY M 137 37.76 -7.50 -12.89
C GLY M 137 36.77 -8.58 -12.53
N GLU M 138 36.34 -9.37 -13.52
CA GLU M 138 35.35 -10.42 -13.27
C GLU M 138 35.97 -11.63 -12.60
N ASN M 139 37.25 -11.91 -12.85
CA ASN M 139 37.94 -12.99 -12.16
C ASN M 139 38.46 -12.57 -10.79
N GLY M 140 38.47 -11.28 -10.47
CA GLY M 140 39.05 -10.84 -9.22
C GLY M 140 40.55 -10.95 -9.17
N ARG M 141 41.22 -10.54 -10.25
CA ARG M 141 42.65 -10.70 -10.42
C ARG M 141 43.27 -9.38 -10.90
N PRO M 142 44.56 -9.18 -10.66
CA PRO M 142 45.26 -8.08 -11.32
C PRO M 142 45.39 -8.36 -12.80
N PRO M 143 45.31 -7.34 -13.64
CA PRO M 143 45.28 -7.57 -15.09
C PRO M 143 46.64 -7.97 -15.63
N LYS M 144 46.61 -8.53 -16.82
CA LYS M 144 47.80 -9.00 -17.49
C LYS M 144 48.54 -7.83 -18.10
N PRO M 145 49.83 -7.97 -18.39
CA PRO M 145 50.53 -6.94 -19.16
C PRO M 145 49.94 -6.82 -20.55
N VAL M 146 49.97 -5.61 -21.08
CA VAL M 146 49.42 -5.35 -22.40
C VAL M 146 50.44 -5.77 -23.44
N HIS M 147 50.01 -6.59 -24.39
CA HIS M 147 50.82 -7.00 -25.51
C HIS M 147 50.26 -6.33 -26.75
N LEU M 148 51.13 -6.04 -27.72
CA LEU M 148 50.65 -5.41 -28.93
C LEU M 148 51.53 -5.73 -30.12
N SER M 149 50.91 -5.76 -31.29
CA SER M 149 51.59 -6.12 -32.53
C SER M 149 51.45 -4.99 -33.52
N ALA M 150 52.39 -4.90 -34.45
CA ALA M 150 52.35 -3.82 -35.41
C ALA M 150 52.90 -4.28 -36.76
N LEU M 151 52.23 -3.85 -37.82
CA LEU M 151 52.68 -4.05 -39.18
C LEU M 151 52.95 -2.70 -39.81
N ALA M 152 53.84 -2.66 -40.80
CA ALA M 152 54.29 -1.39 -41.34
C ALA M 152 54.88 -1.62 -42.72
N VAL M 153 54.48 -0.80 -43.67
CA VAL M 153 54.93 -0.92 -45.05
C VAL M 153 55.77 0.29 -45.39
N TYR M 154 57.07 0.10 -45.52
CA TYR M 154 57.99 1.19 -45.81
C TYR M 154 58.22 1.35 -47.31
N GLU M 155 59.00 2.37 -47.66
CA GLU M 155 59.37 2.55 -49.05
C GLU M 155 60.41 1.52 -49.46
N ARG M 156 60.70 1.52 -50.75
CA ARG M 156 61.95 0.94 -51.21
C ARG M 156 63.13 1.75 -50.67
N GLY M 157 64.28 1.09 -50.56
CA GLY M 157 65.51 1.78 -50.23
C GLY M 157 65.71 2.13 -48.77
N SER M 158 64.68 2.02 -47.94
CA SER M 158 64.87 2.33 -46.53
C SER M 158 65.59 1.19 -45.84
N PRO M 159 66.52 1.49 -44.95
CA PRO M 159 67.18 0.42 -44.18
C PRO M 159 66.30 -0.09 -43.04
N LEU M 160 65.45 -1.08 -43.34
CA LEU M 160 64.39 -1.54 -42.45
C LEU M 160 64.85 -2.03 -41.08
N ALA M 161 66.12 -2.37 -40.92
CA ALA M 161 66.59 -2.86 -39.63
C ALA M 161 66.79 -1.75 -38.60
N HIS M 162 66.50 -0.50 -38.92
CA HIS M 162 66.69 0.60 -37.99
C HIS M 162 65.42 1.37 -37.68
N GLN M 163 64.43 1.34 -38.55
CA GLN M 163 63.13 1.89 -38.20
C GLN M 163 62.33 0.96 -37.32
N ILE M 164 62.84 -0.23 -37.05
CA ILE M 164 62.22 -1.13 -36.11
C ILE M 164 62.32 -0.60 -34.69
N SER M 165 63.35 0.21 -34.42
CA SER M 165 63.53 0.74 -33.06
C SER M 165 62.65 1.94 -32.80
N ASP M 166 62.32 2.71 -33.83
CA ASP M 166 61.49 3.90 -33.65
C ASP M 166 60.08 3.53 -33.29
N ILE M 167 59.49 2.57 -34.01
CA ILE M 167 58.14 2.13 -33.72
C ILE M 167 58.09 1.50 -32.34
N LYS M 168 59.02 0.61 -32.06
CA LYS M 168 59.05 -0.13 -30.81
C LYS M 168 59.34 0.78 -29.61
N ARG M 169 59.97 1.94 -29.84
CA ARG M 169 60.06 2.96 -28.80
C ARG M 169 58.79 3.78 -28.71
N PHE M 170 58.16 4.02 -29.86
CA PHE M 170 56.98 4.88 -29.92
C PHE M 170 55.82 4.30 -29.13
N LEU M 171 55.38 3.10 -29.47
CA LEU M 171 54.16 2.63 -28.87
C LEU M 171 54.41 1.73 -27.67
N LYS M 172 55.64 1.74 -27.13
CA LYS M 172 55.82 1.32 -25.75
C LYS M 172 55.03 2.23 -24.83
N ASN M 173 55.38 3.50 -24.81
CA ASN M 173 54.76 4.43 -23.88
C ASN M 173 53.41 4.93 -24.35
N SER M 174 52.79 4.27 -25.30
CA SER M 174 51.39 4.55 -25.61
C SER M 174 50.46 3.74 -24.74
N PHE M 175 51.00 2.88 -23.87
CA PHE M 175 50.21 2.11 -22.92
C PHE M 175 50.89 2.04 -21.58
N ALA M 176 50.16 1.49 -20.61
CA ALA M 176 50.53 1.65 -19.21
C ALA M 176 51.67 0.72 -18.83
N ASP M 177 51.47 -0.58 -18.93
CA ASP M 177 52.48 -1.55 -18.49
C ASP M 177 52.85 -2.50 -19.63
N VAL M 178 53.73 -2.04 -20.51
CA VAL M 178 54.25 -2.91 -21.56
C VAL M 178 55.77 -2.94 -21.45
N ASP M 179 56.37 -3.87 -22.16
CA ASP M 179 57.82 -3.98 -22.19
C ASP M 179 58.30 -3.91 -23.62
N TYR M 180 59.58 -4.19 -23.84
CA TYR M 180 60.12 -4.35 -25.16
C TYR M 180 60.07 -5.80 -25.62
N ASP M 181 59.36 -6.63 -24.89
CA ASP M 181 59.13 -8.01 -25.27
C ASP M 181 57.68 -8.28 -25.60
N ASN M 182 56.78 -7.41 -25.18
CA ASN M 182 55.37 -7.55 -25.50
C ASN M 182 55.01 -6.81 -26.78
N ILE M 183 56.00 -6.27 -27.49
CA ILE M 183 55.78 -5.52 -28.71
C ILE M 183 56.38 -6.32 -29.86
N SER M 184 55.55 -6.68 -30.83
CA SER M 184 55.97 -7.50 -31.95
C SER M 184 55.71 -6.74 -33.24
N VAL M 185 56.77 -6.18 -33.82
CA VAL M 185 56.65 -5.36 -35.01
C VAL M 185 57.37 -6.08 -36.14
N VAL M 186 56.64 -6.48 -37.16
CA VAL M 186 57.19 -7.15 -38.32
C VAL M 186 56.91 -6.25 -39.52
N LEU M 187 57.87 -5.41 -39.87
CA LEU M 187 57.70 -4.42 -40.92
C LEU M 187 58.40 -4.86 -42.20
N SER M 188 57.75 -4.59 -43.32
CA SER M 188 58.15 -5.12 -44.62
C SER M 188 58.04 -4.02 -45.65
N GLU M 189 59.05 -3.87 -46.49
CA GLU M 189 59.02 -2.83 -47.50
C GLU M 189 58.01 -3.17 -48.59
N ARG M 190 57.57 -2.13 -49.30
CA ARG M 190 56.50 -2.34 -50.26
C ARG M 190 57.00 -3.08 -51.49
N SER M 191 56.04 -3.49 -52.31
CA SER M 191 56.36 -4.25 -53.50
C SER M 191 56.93 -3.34 -54.59
N ASP M 192 57.21 -3.92 -55.74
CA ASP M 192 57.64 -3.13 -56.89
C ASP M 192 56.46 -2.29 -57.38
N ALA M 193 56.78 -1.11 -57.90
CA ALA M 193 55.75 -0.19 -58.31
C ALA M 193 55.12 -0.64 -59.62
N GLN M 194 53.80 -0.69 -59.64
CA GLN M 194 53.05 -0.98 -60.86
C GLN M 194 52.72 0.35 -61.50
N LEU M 195 53.56 0.76 -62.44
CA LEU M 195 53.42 2.03 -63.13
C LEU M 195 53.16 1.83 -64.62
N GLN M 196 52.98 0.59 -65.04
CA GLN M 196 53.19 0.18 -66.42
C GLN M 196 51.87 -0.34 -66.98
N ALA M 197 51.54 0.10 -68.18
CA ALA M 197 50.23 -0.22 -68.76
C ALA M 197 50.14 -1.70 -69.10
N PRO M 198 49.06 -2.39 -68.73
CA PRO M 198 48.92 -3.82 -69.00
C PRO M 198 48.86 -4.15 -70.48
N GLY M 199 47.91 -3.56 -71.20
CA GLY M 199 47.81 -3.80 -72.61
C GLY M 199 46.55 -4.52 -73.02
N THR M 200 45.88 -3.99 -74.03
CA THR M 200 44.74 -4.68 -74.62
C THR M 200 45.21 -5.92 -75.39
N PRO M 201 44.42 -6.98 -75.41
CA PRO M 201 44.80 -8.18 -76.17
C PRO M 201 44.83 -7.92 -77.67
N VAL M 202 45.48 -8.82 -78.39
CA VAL M 202 45.58 -8.73 -79.83
C VAL M 202 44.35 -9.36 -80.45
N LYS M 203 44.08 -9.00 -81.70
CA LYS M 203 42.89 -9.48 -82.39
C LYS M 203 43.24 -10.55 -83.42
N ALA N 171 61.08 13.50 -78.39
CA ALA N 171 61.42 14.80 -77.85
C ALA N 171 62.63 14.70 -76.92
N GLU N 172 63.07 15.84 -76.42
CA GLU N 172 64.21 15.86 -75.50
C GLU N 172 63.79 15.37 -74.13
N LEU N 173 64.52 14.37 -73.61
CA LEU N 173 64.15 13.77 -72.35
C LEU N 173 64.41 14.71 -71.17
N ASP N 174 65.31 15.68 -71.34
CA ASP N 174 65.48 16.73 -70.34
C ASP N 174 64.25 17.58 -70.16
N SER N 175 63.37 17.65 -71.16
CA SER N 175 62.11 18.34 -71.03
C SER N 175 60.91 17.41 -70.89
N LEU N 176 61.04 16.14 -71.27
CA LEU N 176 60.00 15.17 -70.98
C LEU N 176 59.90 14.87 -69.49
N LEU N 177 61.00 15.05 -68.76
CA LEU N 177 60.99 14.98 -67.31
C LEU N 177 60.51 16.32 -66.78
N GLY N 178 60.69 16.57 -65.48
CA GLY N 178 60.15 17.75 -64.88
C GLY N 178 60.85 19.04 -65.30
N GLN N 179 60.39 20.14 -64.68
CA GLN N 179 60.89 21.47 -65.00
C GLN N 179 62.35 21.66 -64.57
N GLU N 180 62.75 21.00 -63.48
CA GLU N 180 64.08 21.19 -62.94
C GLU N 180 65.09 20.29 -63.67
N LYS N 181 66.08 20.90 -64.30
CA LYS N 181 67.03 20.12 -65.06
C LYS N 181 68.09 19.48 -64.17
N GLU N 182 68.37 20.09 -63.02
CA GLU N 182 69.47 19.64 -62.18
C GLU N 182 69.16 18.35 -61.43
N ARG N 183 67.90 17.95 -61.37
CA ARG N 183 67.54 16.78 -60.58
C ARG N 183 67.92 15.48 -61.27
N PHE N 184 67.86 15.43 -62.59
CA PHE N 184 68.20 14.24 -63.33
C PHE N 184 69.42 14.52 -64.20
N GLN N 185 70.03 13.45 -64.69
CA GLN N 185 71.18 13.57 -65.58
C GLN N 185 71.14 12.44 -66.57
N VAL N 186 70.80 12.75 -67.83
CA VAL N 186 70.68 11.71 -68.84
C VAL N 186 72.05 11.19 -69.23
N LEU N 187 72.10 9.92 -69.63
CA LEU N 187 73.36 9.25 -69.90
C LEU N 187 73.26 8.45 -71.19
N PRO N 188 73.87 8.88 -72.26
CA PRO N 188 73.83 8.11 -73.51
C PRO N 188 74.72 6.88 -73.47
N GLY N 189 74.17 5.77 -73.02
CA GLY N 189 74.91 4.52 -72.93
C GLY N 189 75.35 3.99 -74.29
N ARG N 190 76.23 2.99 -74.22
CA ARG N 190 76.91 2.50 -75.41
C ARG N 190 76.09 1.47 -76.19
N ASP N 191 75.07 0.86 -75.59
CA ASP N 191 74.32 -0.21 -76.22
C ASP N 191 72.96 0.23 -76.75
N LYS N 192 72.91 1.46 -77.28
CA LYS N 192 71.80 2.14 -77.97
C LYS N 192 70.70 2.59 -77.02
N MET N 193 70.75 2.18 -75.76
CA MET N 193 69.75 2.56 -74.78
C MET N 193 70.24 3.77 -74.00
N LEU N 194 69.35 4.73 -73.77
CA LEU N 194 69.66 5.91 -73.00
C LEU N 194 69.28 5.67 -71.55
N TYR N 195 70.01 6.30 -70.64
CA TYR N 195 69.81 6.11 -69.21
C TYR N 195 69.64 7.46 -68.53
N VAL N 196 68.81 7.50 -67.49
CA VAL N 196 68.60 8.71 -66.70
C VAL N 196 68.80 8.39 -65.23
N ALA N 197 69.71 9.12 -64.60
CA ALA N 197 70.20 8.80 -63.27
C ALA N 197 69.43 9.60 -62.23
N ALA N 198 68.53 8.95 -61.52
CA ALA N 198 67.84 9.62 -60.44
C ALA N 198 68.75 9.70 -59.21
N GLN N 199 68.28 10.40 -58.19
CA GLN N 199 69.06 10.57 -56.98
C GLN N 199 68.52 9.76 -55.81
N ASN N 200 67.21 9.56 -55.72
CA ASN N 200 66.63 8.76 -54.66
C ASN N 200 65.38 8.07 -55.20
N GLU N 201 64.57 7.52 -54.30
CA GLU N 201 63.41 6.75 -54.73
C GLU N 201 62.17 7.59 -54.93
N ARG N 202 62.24 8.91 -54.74
CA ARG N 202 61.15 9.74 -55.25
C ARG N 202 61.43 10.15 -56.68
N ASP N 203 62.67 10.49 -57.00
CA ASP N 203 63.02 10.85 -58.36
C ASP N 203 62.99 9.65 -59.29
N THR N 204 63.22 8.44 -58.75
CA THR N 204 63.12 7.25 -59.58
C THR N 204 61.68 7.00 -59.98
N LEU N 205 60.75 7.11 -59.04
CA LEU N 205 59.34 7.02 -59.40
C LEU N 205 58.86 8.25 -60.16
N TRP N 206 59.61 9.35 -60.11
CA TRP N 206 59.30 10.47 -61.00
C TRP N 206 59.69 10.14 -62.42
N ALA N 207 60.82 9.49 -62.62
CA ALA N 207 61.32 9.23 -63.95
C ALA N 207 60.88 7.89 -64.51
N ARG N 208 60.60 6.91 -63.65
CA ARG N 208 59.96 5.69 -64.13
C ARG N 208 58.49 5.88 -64.40
N GLN N 209 57.92 7.02 -64.04
CA GLN N 209 56.54 7.28 -64.42
C GLN N 209 56.47 7.77 -65.85
N VAL N 210 57.41 8.64 -66.26
CA VAL N 210 57.41 9.20 -67.60
C VAL N 210 57.65 8.13 -68.65
N LEU N 211 58.64 7.27 -68.42
CA LEU N 211 59.04 6.33 -69.45
C LEU N 211 58.08 5.17 -69.60
N ALA N 212 57.22 4.91 -68.63
CA ALA N 212 56.27 3.83 -68.71
C ALA N 212 54.89 4.28 -69.10
N ARG N 213 54.59 5.56 -68.91
CA ARG N 213 53.31 6.14 -69.31
C ARG N 213 53.23 6.32 -70.81
N GLY N 214 54.33 6.68 -71.44
CA GLY N 214 54.22 7.19 -72.78
C GLY N 214 55.41 6.84 -73.64
N ASP N 215 55.91 7.82 -74.39
CA ASP N 215 56.87 7.55 -75.45
C ASP N 215 58.13 8.39 -75.28
N TYR N 216 59.27 7.72 -75.40
CA TYR N 216 60.51 8.30 -75.87
C TYR N 216 60.86 7.50 -77.11
N ASP N 217 61.38 8.15 -78.15
CA ASP N 217 61.57 7.46 -79.42
C ASP N 217 62.86 6.65 -79.47
N LYS N 218 63.12 5.89 -78.39
CA LYS N 218 64.23 4.98 -78.18
C LYS N 218 63.95 4.36 -76.81
N ASN N 219 64.72 3.34 -76.45
CA ASN N 219 64.58 2.73 -75.13
C ASN N 219 65.22 3.62 -74.08
N ALA N 220 64.61 3.68 -72.90
CA ALA N 220 65.12 4.50 -71.81
C ALA N 220 64.88 3.79 -70.50
N ARG N 221 65.83 3.92 -69.57
CA ARG N 221 65.88 3.07 -68.39
C ARG N 221 66.46 3.84 -67.23
N VAL N 222 65.71 3.97 -66.15
CA VAL N 222 66.12 4.75 -65.00
C VAL N 222 67.04 3.90 -64.14
N ILE N 223 68.21 4.44 -63.80
CA ILE N 223 69.12 3.77 -62.88
C ILE N 223 69.20 4.61 -61.62
N ASN N 224 69.39 3.94 -60.49
CA ASN N 224 69.48 4.59 -59.21
C ASN N 224 70.86 4.36 -58.64
N GLU N 225 71.19 5.03 -57.54
CA GLU N 225 72.49 4.85 -56.94
C GLU N 225 72.47 3.65 -56.01
N ASN N 226 71.37 3.47 -55.29
CA ASN N 226 71.28 2.39 -54.32
C ASN N 226 70.60 1.15 -54.86
N GLU N 227 70.19 1.15 -56.12
CA GLU N 227 69.58 -0.06 -56.68
C GLU N 227 70.51 -0.68 -57.73
N GLU N 228 71.13 0.14 -58.57
CA GLU N 228 72.12 -0.36 -59.52
C GLU N 228 73.34 -0.89 -58.80
N ASN N 229 73.66 -0.32 -57.64
CA ASN N 229 74.64 -0.92 -56.74
C ASN N 229 74.24 -2.33 -56.34
N LYS N 230 72.97 -2.53 -56.02
CA LYS N 230 72.51 -3.84 -55.62
C LYS N 230 72.36 -4.76 -56.82
N ARG N 231 72.11 -4.21 -58.01
CA ARG N 231 71.95 -5.05 -59.19
C ARG N 231 73.28 -5.68 -59.61
N ILE N 232 74.37 -4.94 -59.45
CA ILE N 232 75.69 -5.46 -59.80
C ILE N 232 76.08 -6.59 -58.88
N SER N 233 75.75 -6.48 -57.60
CA SER N 233 76.05 -7.52 -56.62
C SER N 233 75.28 -8.81 -56.87
N ILE N 234 74.15 -8.75 -57.59
CA ILE N 234 73.48 -9.98 -58.00
C ILE N 234 74.26 -10.64 -59.13
N TRP N 235 74.93 -9.84 -59.96
CA TRP N 235 75.85 -10.38 -60.95
C TRP N 235 77.18 -10.74 -60.34
N LEU N 236 77.62 -9.97 -59.35
CA LEU N 236 79.01 -10.06 -58.91
C LEU N 236 79.23 -11.24 -57.98
N ASP N 237 78.21 -11.69 -57.27
CA ASP N 237 78.43 -12.82 -56.37
C ASP N 237 78.52 -14.15 -57.11
N THR N 238 78.03 -14.22 -58.35
CA THR N 238 78.21 -15.42 -59.15
C THR N 238 79.57 -15.43 -59.83
N TYR N 239 79.89 -14.38 -60.57
CA TYR N 239 81.10 -14.37 -61.37
C TYR N 239 82.33 -13.97 -60.59
N TYR N 240 82.17 -13.38 -59.41
CA TYR N 240 83.28 -13.18 -58.47
C TYR N 240 82.81 -13.38 -57.04
N PRO N 241 82.61 -14.62 -56.61
CA PRO N 241 82.44 -14.87 -55.18
C PRO N 241 83.78 -14.76 -54.49
N GLN N 242 83.72 -14.66 -53.15
CA GLN N 242 84.88 -14.32 -52.31
C GLN N 242 85.56 -13.03 -52.74
N LEU N 243 84.78 -12.07 -53.22
CA LEU N 243 85.30 -10.75 -53.55
C LEU N 243 84.95 -9.81 -52.41
N ALA N 244 85.95 -9.11 -51.90
CA ALA N 244 85.76 -8.17 -50.81
C ALA N 244 85.71 -6.77 -51.38
N TYR N 245 84.52 -6.19 -51.38
CA TYR N 245 84.29 -4.86 -51.92
C TYR N 245 83.27 -4.19 -51.01
N TYR N 246 83.22 -2.87 -51.09
CA TYR N 246 82.33 -2.12 -50.23
C TYR N 246 81.05 -1.69 -50.95
N ARG N 247 81.19 -0.90 -52.00
CA ARG N 247 80.09 -0.11 -52.55
C ARG N 247 80.57 0.54 -53.83
N ILE N 248 79.70 0.62 -54.81
CA ILE N 248 79.98 1.40 -56.02
C ILE N 248 79.33 2.76 -55.85
N HIS N 249 79.90 3.78 -56.49
CA HIS N 249 79.51 5.15 -56.24
C HIS N 249 79.23 5.90 -57.52
N PHE N 250 78.06 6.54 -57.58
CA PHE N 250 77.52 7.15 -58.78
C PHE N 250 77.39 8.66 -58.62
N ASP N 251 78.38 9.30 -58.00
CA ASP N 251 78.35 10.75 -57.87
C ASP N 251 78.59 11.43 -59.20
N GLU N 252 79.62 11.00 -59.92
CA GLU N 252 79.77 11.30 -61.34
C GLU N 252 79.42 10.03 -62.10
N PRO N 253 78.19 9.90 -62.59
CA PRO N 253 77.73 8.63 -63.15
C PRO N 253 78.36 8.27 -64.49
N ARG N 254 79.11 9.18 -65.11
CA ARG N 254 79.88 8.81 -66.28
C ARG N 254 80.98 7.82 -65.94
N LYS N 255 81.58 7.93 -64.75
CA LYS N 255 82.53 6.90 -64.35
C LYS N 255 82.43 6.63 -62.85
N PRO N 256 82.07 5.40 -62.47
CA PRO N 256 81.89 5.10 -61.05
C PRO N 256 83.18 4.72 -60.36
N VAL N 257 83.20 4.96 -59.05
CA VAL N 257 84.33 4.62 -58.19
C VAL N 257 83.89 3.43 -57.36
N PHE N 258 84.51 2.28 -57.61
CA PHE N 258 84.11 1.01 -57.02
C PHE N 258 85.18 0.58 -56.03
N TRP N 259 84.90 0.78 -54.75
CA TRP N 259 85.87 0.51 -53.69
C TRP N 259 86.06 -0.98 -53.51
N LEU N 260 87.28 -1.38 -53.16
CA LEU N 260 87.57 -2.75 -52.78
C LEU N 260 88.39 -2.76 -51.50
N SER N 261 88.41 -3.92 -50.86
CA SER N 261 89.29 -4.14 -49.72
C SER N 261 90.71 -4.31 -50.24
N ARG N 262 91.62 -3.47 -49.76
CA ARG N 262 93.03 -3.69 -50.07
C ARG N 262 93.55 -4.95 -49.38
N GLN N 263 93.02 -5.26 -48.21
CA GLN N 263 93.56 -6.34 -47.41
C GLN N 263 93.05 -7.70 -47.87
N ARG N 264 91.75 -7.82 -48.11
CA ARG N 264 91.13 -9.11 -48.35
C ARG N 264 91.00 -9.46 -49.82
N ASN N 265 91.74 -8.81 -50.70
CA ASN N 265 91.70 -9.12 -52.12
C ASN N 265 93.07 -9.58 -52.58
N THR N 266 93.12 -10.83 -53.06
CA THR N 266 94.32 -11.43 -53.60
C THR N 266 94.39 -11.31 -55.10
N MET N 267 93.51 -10.51 -55.70
CA MET N 267 93.53 -10.29 -57.13
C MET N 267 94.74 -9.46 -57.53
N SER N 268 95.40 -9.87 -58.60
CA SER N 268 96.56 -9.14 -59.10
C SER N 268 96.07 -8.00 -59.99
N LYS N 269 96.99 -7.14 -60.43
CA LYS N 269 96.61 -5.95 -61.18
C LYS N 269 96.27 -6.29 -62.63
N LYS N 270 96.55 -7.51 -63.07
CA LYS N 270 96.15 -7.96 -64.39
C LYS N 270 94.64 -8.09 -64.49
N GLU N 271 94.07 -9.01 -63.72
CA GLU N 271 92.63 -9.26 -63.79
C GLU N 271 91.80 -8.20 -63.08
N LEU N 272 92.43 -7.31 -62.30
CA LEU N 272 91.68 -6.18 -61.76
C LEU N 272 91.33 -5.20 -62.87
N GLU N 273 92.17 -5.11 -63.90
CA GLU N 273 91.80 -4.33 -65.07
C GLU N 273 90.78 -5.07 -65.92
N VAL N 274 90.77 -6.41 -65.86
CA VAL N 274 89.68 -7.17 -66.43
C VAL N 274 88.39 -6.90 -65.66
N LEU N 275 88.50 -6.75 -64.34
CA LEU N 275 87.34 -6.44 -63.51
C LEU N 275 86.83 -5.03 -63.77
N SER N 276 87.69 -4.11 -64.22
CA SER N 276 87.21 -2.82 -64.67
C SER N 276 86.59 -2.88 -66.06
N GLN N 277 86.67 -4.03 -66.74
CA GLN N 277 86.01 -4.22 -68.02
C GLN N 277 84.81 -5.16 -67.95
N LYS N 278 84.75 -6.05 -66.96
CA LYS N 278 83.55 -6.83 -66.75
C LYS N 278 82.40 -5.97 -66.26
N LEU N 279 82.69 -4.96 -65.44
CA LEU N 279 81.64 -4.11 -64.92
C LEU N 279 81.09 -3.16 -65.99
N ARG N 280 81.91 -2.79 -66.97
CA ARG N 280 81.44 -1.94 -68.06
C ARG N 280 80.43 -2.64 -68.94
N ALA N 281 80.43 -3.97 -68.98
CA ALA N 281 79.38 -4.69 -69.68
C ALA N 281 78.06 -4.61 -68.96
N LEU N 282 78.06 -4.29 -67.67
CA LEU N 282 76.83 -4.11 -66.90
C LEU N 282 76.37 -2.67 -66.86
N MET N 283 77.28 -1.72 -67.00
CA MET N 283 76.98 -0.30 -66.94
C MET N 283 77.38 0.32 -68.28
N PRO N 284 76.49 0.29 -69.27
CA PRO N 284 76.84 0.85 -70.59
C PRO N 284 77.01 2.35 -70.56
N TYR N 285 76.29 3.03 -69.67
CA TYR N 285 76.44 4.46 -69.47
C TYR N 285 77.80 4.83 -68.90
N ALA N 286 78.49 3.89 -68.27
CA ALA N 286 79.75 4.19 -67.62
C ALA N 286 80.87 4.32 -68.65
N ASP N 287 81.82 5.21 -68.37
CA ASP N 287 82.98 5.33 -69.22
C ASP N 287 84.01 4.26 -68.88
N SER N 288 84.54 4.31 -67.66
CA SER N 288 85.51 3.32 -67.20
C SER N 288 85.50 3.34 -65.67
N VAL N 289 85.45 2.15 -65.07
CA VAL N 289 85.30 2.04 -63.62
C VAL N 289 86.63 2.40 -62.95
N ASN N 290 86.57 3.30 -61.98
CA ASN N 290 87.75 3.73 -61.22
C ASN N 290 87.83 2.85 -59.98
N ILE N 291 88.49 1.70 -60.12
CA ILE N 291 88.68 0.79 -59.01
C ILE N 291 89.78 1.31 -58.10
N THR N 292 89.43 1.57 -56.85
CA THR N 292 90.44 1.91 -55.84
C THR N 292 90.31 0.95 -54.67
N LEU N 293 91.23 1.10 -53.72
CA LEU N 293 91.37 0.20 -52.60
C LEU N 293 91.25 0.99 -51.31
N MET N 294 90.55 0.43 -50.33
CA MET N 294 90.43 1.06 -49.02
C MET N 294 90.82 0.04 -47.96
N ASP N 295 91.59 0.47 -46.97
CA ASP N 295 92.00 -0.44 -45.92
C ASP N 295 90.84 -0.74 -44.99
N ASP N 296 90.74 -2.01 -44.56
CA ASP N 296 89.64 -2.44 -43.71
C ASP N 296 89.74 -1.86 -42.31
N VAL N 297 90.94 -1.48 -41.86
CA VAL N 297 91.06 -0.88 -40.55
C VAL N 297 90.57 0.57 -40.58
N THR N 298 90.60 1.22 -41.74
CA THR N 298 90.04 2.55 -41.85
C THR N 298 88.53 2.52 -41.90
N ALA N 299 87.96 1.46 -42.47
CA ALA N 299 86.51 1.33 -42.53
C ALA N 299 85.92 1.10 -41.14
N ALA N 300 86.47 0.14 -40.42
CA ALA N 300 86.02 -0.12 -39.06
C ALA N 300 86.47 0.97 -38.10
N GLY N 301 87.49 1.75 -38.46
CA GLY N 301 87.94 2.81 -37.60
C GLY N 301 86.92 3.94 -37.51
N GLN N 302 86.55 4.50 -38.66
CA GLN N 302 85.61 5.62 -38.68
C GLN N 302 84.22 5.22 -38.21
N ALA N 303 83.87 3.95 -38.38
CA ALA N 303 82.63 3.47 -37.80
C ALA N 303 82.71 3.42 -36.28
N GLU N 304 83.87 3.04 -35.75
CA GLU N 304 84.04 3.06 -34.31
C GLU N 304 84.31 4.47 -33.81
N ALA N 305 85.12 5.24 -34.54
CA ALA N 305 85.45 6.60 -34.12
C ALA N 305 84.30 7.57 -34.31
N GLY N 306 83.19 7.15 -34.88
CA GLY N 306 82.01 7.97 -34.90
C GLY N 306 81.01 7.51 -33.85
N LEU N 307 80.94 6.20 -33.64
CA LEU N 307 79.91 5.65 -32.78
C LEU N 307 80.23 5.89 -31.31
N LYS N 308 81.49 6.06 -30.97
CA LYS N 308 81.83 6.56 -29.65
C LYS N 308 81.91 8.08 -29.63
N GLN N 309 81.95 8.72 -30.79
CA GLN N 309 81.87 10.17 -30.85
C GLN N 309 80.45 10.65 -30.70
N GLN N 310 79.47 9.78 -30.96
CA GLN N 310 78.07 10.05 -30.65
C GLN N 310 77.72 9.67 -29.22
N ALA N 311 78.69 9.16 -28.45
CA ALA N 311 78.52 8.68 -27.09
C ALA N 311 77.45 7.60 -27.00
N LEU N 312 77.74 6.47 -27.65
CA LEU N 312 76.81 5.36 -27.68
C LEU N 312 77.45 4.11 -27.09
N PRO N 313 76.73 3.36 -26.27
CA PRO N 313 77.28 2.10 -25.75
C PRO N 313 77.31 1.04 -26.83
N TYR N 314 78.40 0.29 -26.89
CA TYR N 314 78.52 -0.72 -27.94
C TYR N 314 79.49 -1.79 -27.46
N SER N 315 79.76 -2.74 -28.36
CA SER N 315 80.85 -3.69 -28.15
C SER N 315 81.32 -4.16 -29.52
N ARG N 316 82.52 -3.76 -29.91
CA ARG N 316 83.10 -4.20 -31.17
C ARG N 316 83.48 -5.67 -31.09
N ARG N 317 82.77 -6.50 -31.83
CA ARG N 317 83.18 -7.88 -32.01
C ARG N 317 83.71 -8.04 -33.43
N ASN N 318 84.91 -8.60 -33.53
CA ASN N 318 85.53 -8.77 -34.84
C ASN N 318 85.26 -10.16 -35.37
N HIS N 319 85.40 -10.31 -36.67
CA HIS N 319 85.32 -11.63 -37.29
C HIS N 319 86.34 -11.68 -38.42
N LYS N 320 86.48 -12.88 -38.99
CA LYS N 320 87.33 -13.08 -40.15
C LYS N 320 86.56 -12.62 -41.37
N GLY N 321 86.71 -11.34 -41.70
CA GLY N 321 86.02 -10.78 -42.86
C GLY N 321 84.81 -9.95 -42.49
N GLY N 322 84.95 -9.10 -41.49
CA GLY N 322 83.90 -8.17 -41.11
C GLY N 322 83.90 -7.95 -39.61
N VAL N 323 83.36 -6.80 -39.21
CA VAL N 323 83.18 -6.47 -37.80
C VAL N 323 81.69 -6.28 -37.56
N THR N 324 81.34 -6.10 -36.28
CA THR N 324 79.95 -5.97 -35.91
C THR N 324 79.85 -5.11 -34.66
N PHE N 325 79.04 -4.06 -34.71
CA PHE N 325 78.86 -3.14 -33.60
C PHE N 325 77.46 -3.35 -33.05
N VAL N 326 77.31 -4.25 -32.12
CA VAL N 326 76.01 -4.40 -31.48
C VAL N 326 75.85 -3.30 -30.43
N ILE N 327 74.69 -2.66 -30.45
CA ILE N 327 74.38 -1.52 -29.59
C ILE N 327 73.15 -1.92 -28.78
N GLN N 328 73.31 -2.01 -27.46
CA GLN N 328 72.17 -2.41 -26.66
C GLN N 328 72.01 -1.55 -25.42
N GLY N 329 70.99 -1.87 -24.64
CA GLY N 329 70.56 -1.05 -23.52
C GLY N 329 69.25 -0.36 -23.83
N ALA N 330 68.71 0.29 -22.79
CA ALA N 330 67.48 1.06 -22.94
C ALA N 330 67.85 2.45 -23.44
N LEU N 331 68.12 2.53 -24.74
CA LEU N 331 68.48 3.79 -25.35
C LEU N 331 67.24 4.67 -25.47
N ASP N 332 67.32 5.88 -24.94
CA ASP N 332 66.21 6.82 -25.09
C ASP N 332 66.37 7.60 -26.39
N ASP N 333 65.57 8.64 -26.54
CA ASP N 333 65.30 9.19 -27.87
C ASP N 333 66.45 10.01 -28.41
N VAL N 334 67.24 10.63 -27.54
CA VAL N 334 68.29 11.51 -28.01
C VAL N 334 69.40 10.70 -28.65
N GLU N 335 69.66 9.52 -28.11
CA GLU N 335 70.71 8.66 -28.62
C GLU N 335 70.21 7.67 -29.67
N ILE N 336 68.91 7.41 -29.73
CA ILE N 336 68.37 6.54 -30.77
C ILE N 336 68.31 7.26 -32.10
N LEU N 337 68.37 8.60 -32.08
CA LEU N 337 68.33 9.40 -33.28
C LEU N 337 69.70 9.91 -33.68
N ARG N 338 70.63 9.99 -32.75
CA ARG N 338 72.02 10.16 -33.15
C ARG N 338 72.57 8.88 -33.76
N ALA N 339 71.97 7.74 -33.43
CA ALA N 339 72.42 6.48 -33.99
C ALA N 339 72.06 6.38 -35.46
N ARG N 340 70.81 6.71 -35.81
CA ARG N 340 70.32 6.45 -37.16
C ARG N 340 70.90 7.43 -38.17
N GLN N 341 71.14 8.67 -37.77
CA GLN N 341 71.81 9.56 -38.71
C GLN N 341 73.31 9.40 -38.70
N PHE N 342 73.85 8.46 -37.93
CA PHE N 342 75.21 8.00 -38.17
C PHE N 342 75.24 6.75 -39.04
N VAL N 343 74.32 5.81 -38.79
CA VAL N 343 74.28 4.57 -39.54
C VAL N 343 73.94 4.84 -41.00
N ASP N 344 72.88 5.62 -41.23
CA ASP N 344 72.49 5.99 -42.58
C ASP N 344 73.47 6.93 -43.23
N SER N 345 74.29 7.63 -42.46
CA SER N 345 75.42 8.37 -43.01
C SER N 345 76.65 7.50 -43.17
N TYR N 346 76.63 6.28 -42.66
CA TYR N 346 77.74 5.37 -42.89
C TYR N 346 77.47 4.47 -44.09
N TYR N 347 76.27 3.89 -44.16
CA TYR N 347 75.91 3.02 -45.26
C TYR N 347 75.79 3.77 -46.57
N ARG N 348 75.54 5.08 -46.51
CA ARG N 348 75.64 5.90 -47.70
C ARG N 348 77.08 6.04 -48.15
N THR N 349 78.03 5.98 -47.22
CA THR N 349 79.43 6.17 -47.55
C THR N 349 80.12 4.86 -47.88
N TRP N 350 80.01 3.86 -47.00
CA TRP N 350 80.80 2.65 -47.11
C TRP N 350 80.01 1.44 -47.56
N GLY N 351 78.69 1.51 -47.60
CA GLY N 351 77.90 0.32 -47.83
C GLY N 351 77.84 -0.52 -46.58
N GLY N 352 77.15 -1.65 -46.69
CA GLY N 352 76.96 -2.47 -45.52
C GLY N 352 77.51 -3.87 -45.64
N ARG N 353 78.64 -4.02 -46.31
CA ARG N 353 79.21 -5.34 -46.55
C ARG N 353 80.40 -5.67 -45.66
N TYR N 354 80.84 -4.73 -44.81
CA TYR N 354 81.96 -5.04 -43.95
C TYR N 354 81.61 -4.77 -42.49
N VAL N 355 80.77 -3.77 -42.25
CA VAL N 355 80.38 -3.36 -40.90
C VAL N 355 78.88 -3.49 -40.79
N GLN N 356 78.41 -4.22 -39.78
CA GLN N 356 76.99 -4.36 -39.50
C GLN N 356 76.71 -3.71 -38.15
N PHE N 357 75.76 -2.79 -38.12
CA PHE N 357 75.33 -2.16 -36.89
C PHE N 357 74.10 -2.88 -36.38
N ALA N 358 74.16 -3.35 -35.14
CA ALA N 358 73.05 -4.04 -34.54
C ALA N 358 72.50 -3.15 -33.42
N ILE N 359 71.57 -2.29 -33.77
CA ILE N 359 70.88 -1.54 -32.74
C ILE N 359 69.76 -2.41 -32.19
N GLU N 360 70.12 -3.26 -31.25
CA GLU N 360 69.23 -4.23 -30.62
C GLU N 360 68.83 -3.59 -29.30
N LEU N 361 67.56 -3.27 -29.16
CA LEU N 361 67.08 -2.38 -28.10
C LEU N 361 66.18 -3.15 -27.14
N LYS N 362 66.70 -3.44 -25.96
CA LYS N 362 65.97 -4.19 -24.94
C LYS N 362 66.05 -3.45 -23.61
N ASP N 363 65.48 -4.07 -22.58
CA ASP N 363 65.46 -3.53 -21.25
C ASP N 363 66.79 -3.81 -20.54
N ASP N 364 66.81 -3.62 -19.22
CA ASP N 364 67.98 -3.94 -18.42
C ASP N 364 67.80 -5.31 -17.77
N ASP O 20 42.68 30.72 -59.82
CA ASP O 20 42.05 30.16 -61.00
C ASP O 20 41.53 28.75 -60.68
N LYS O 21 42.41 27.89 -60.18
CA LYS O 21 42.02 26.52 -59.85
C LYS O 21 41.55 26.45 -58.40
N ASP O 22 40.43 25.77 -58.20
CA ASP O 22 39.83 25.66 -56.87
C ASP O 22 40.65 24.74 -55.99
N LEU O 23 40.84 25.13 -54.74
CA LEU O 23 41.70 24.39 -53.84
C LEU O 23 41.04 24.05 -52.52
N LEU O 24 40.24 24.96 -51.96
CA LEU O 24 39.48 24.67 -50.75
C LEU O 24 38.16 25.40 -50.85
N LYS O 25 37.10 24.76 -50.38
CA LYS O 25 35.77 25.34 -50.39
C LYS O 25 35.13 25.15 -49.03
N GLY O 26 34.15 26.00 -48.73
CA GLY O 26 33.35 25.81 -47.53
C GLY O 26 34.06 26.10 -46.23
N LEU O 27 35.19 26.79 -46.27
CA LEU O 27 35.89 27.13 -45.04
C LEU O 27 35.14 28.21 -44.28
N ASP O 28 35.23 28.17 -42.97
CA ASP O 28 34.78 29.32 -42.20
C ASP O 28 35.93 30.33 -42.12
N GLN O 29 35.78 31.34 -41.27
CA GLN O 29 36.58 32.54 -41.38
C GLN O 29 38.01 32.33 -40.89
N GLU O 30 38.16 31.94 -39.64
CA GLU O 30 39.49 31.78 -39.06
C GLU O 30 40.26 30.60 -39.61
N GLN O 31 39.61 29.65 -40.27
CA GLN O 31 40.35 28.66 -41.02
C GLN O 31 40.85 29.20 -42.34
N ALA O 32 40.09 30.08 -43.00
CA ALA O 32 40.51 30.60 -44.29
C ALA O 32 41.63 31.61 -44.17
N ASN O 33 41.65 32.37 -43.07
CA ASN O 33 42.72 33.34 -42.89
C ASN O 33 44.02 32.68 -42.51
N GLU O 34 43.98 31.45 -42.00
CA GLU O 34 45.19 30.76 -41.61
C GLU O 34 45.86 30.12 -42.82
N VAL O 35 45.06 29.61 -43.77
CA VAL O 35 45.61 28.93 -44.94
C VAL O 35 46.37 29.89 -45.82
N ILE O 36 45.81 31.07 -46.07
CA ILE O 36 46.49 32.09 -46.87
C ILE O 36 47.75 32.57 -46.20
N ALA O 37 47.77 32.58 -44.86
CA ALA O 37 48.98 32.93 -44.13
C ALA O 37 50.06 31.90 -44.34
N VAL O 38 49.68 30.63 -44.49
CA VAL O 38 50.66 29.60 -44.77
C VAL O 38 51.12 29.68 -46.21
N LEU O 39 50.19 29.94 -47.13
CA LEU O 39 50.49 29.91 -48.55
C LEU O 39 51.37 31.09 -48.96
N GLN O 40 51.03 32.31 -48.52
CA GLN O 40 51.86 33.45 -48.84
C GLN O 40 53.19 33.44 -48.13
N MET O 41 53.34 32.60 -47.10
CA MET O 41 54.68 32.36 -46.58
C MET O 41 55.53 31.64 -47.61
N HIS O 42 54.93 30.73 -48.35
CA HIS O 42 55.66 29.92 -49.32
C HIS O 42 55.45 30.42 -50.73
N ASN O 43 55.30 31.74 -50.87
CA ASN O 43 55.46 32.48 -52.12
C ASN O 43 54.43 32.10 -53.17
N ILE O 44 53.21 31.74 -52.79
CA ILE O 44 52.16 31.60 -53.77
C ILE O 44 50.96 32.42 -53.29
N GLU O 45 50.38 33.21 -54.18
CA GLU O 45 49.27 34.06 -53.75
C GLU O 45 47.97 33.29 -53.80
N ALA O 46 47.05 33.65 -52.92
CA ALA O 46 45.72 33.06 -52.88
C ALA O 46 44.69 34.16 -52.98
N ASN O 47 43.43 33.76 -53.08
CA ASN O 47 42.31 34.70 -53.23
C ASN O 47 41.17 34.21 -52.36
N LYS O 48 40.94 34.86 -51.22
CA LYS O 48 39.85 34.43 -50.37
C LYS O 48 38.53 34.86 -50.99
N ILE O 49 37.92 33.95 -51.74
CA ILE O 49 36.65 34.22 -52.40
C ILE O 49 35.54 33.78 -51.46
N ASP O 50 34.77 34.73 -50.94
CA ASP O 50 33.59 34.37 -50.18
C ASP O 50 32.52 33.83 -51.10
N SER O 51 31.83 32.78 -50.64
CA SER O 51 30.70 32.21 -51.37
C SER O 51 29.42 32.33 -50.55
N GLY O 52 29.27 33.43 -49.82
CA GLY O 52 28.06 33.64 -49.06
C GLY O 52 27.96 32.82 -47.79
N LYS O 53 26.82 32.14 -47.64
CA LYS O 53 26.55 31.27 -46.50
C LYS O 53 27.18 29.89 -46.66
N LEU O 54 27.72 29.58 -47.85
CA LEU O 54 28.45 28.36 -48.09
C LEU O 54 29.92 28.46 -47.74
N GLY O 55 30.30 29.42 -46.89
CA GLY O 55 31.67 29.56 -46.47
C GLY O 55 32.56 30.18 -47.53
N TYR O 56 33.80 30.44 -47.13
CA TYR O 56 34.79 31.03 -48.01
C TYR O 56 35.32 30.01 -49.01
N SER O 57 36.22 30.45 -49.88
CA SER O 57 36.86 29.57 -50.85
C SER O 57 38.20 30.16 -51.20
N ILE O 58 39.18 29.30 -51.42
CA ILE O 58 40.55 29.72 -51.71
C ILE O 58 40.93 29.15 -53.05
N THR O 59 41.30 30.02 -53.99
CA THR O 59 41.71 29.60 -55.31
C THR O 59 43.11 30.10 -55.59
N VAL O 60 43.96 29.24 -56.13
CA VAL O 60 45.30 29.61 -56.51
C VAL O 60 45.41 29.54 -58.03
N ALA O 61 46.51 30.08 -58.56
CA ALA O 61 46.72 30.04 -59.98
C ALA O 61 47.16 28.65 -60.42
N GLU O 62 47.07 28.41 -61.72
CA GLU O 62 47.33 27.09 -62.27
C GLU O 62 48.79 26.61 -62.14
N PRO O 63 49.84 27.42 -62.34
CA PRO O 63 51.19 26.88 -62.11
C PRO O 63 51.51 26.63 -60.64
N ASP O 64 50.78 27.24 -59.72
CA ASP O 64 51.01 27.00 -58.31
C ASP O 64 49.99 26.10 -57.66
N PHE O 65 49.06 25.52 -58.40
CA PHE O 65 48.17 24.54 -57.78
C PHE O 65 48.93 23.29 -57.37
N THR O 66 50.03 23.00 -58.07
CA THR O 66 50.87 21.87 -57.72
C THR O 66 51.55 22.12 -56.38
N ALA O 67 52.20 23.27 -56.23
CA ALA O 67 52.95 23.54 -55.02
C ALA O 67 52.05 23.80 -53.83
N ALA O 68 50.87 24.38 -54.06
CA ALA O 68 50.01 24.74 -52.94
C ALA O 68 49.35 23.53 -52.32
N VAL O 69 49.06 22.50 -53.12
CA VAL O 69 48.44 21.30 -52.55
C VAL O 69 49.47 20.46 -51.82
N TYR O 70 50.76 20.73 -52.02
CA TYR O 70 51.75 20.16 -51.14
C TYR O 70 51.69 20.79 -49.76
N TRP O 71 51.59 22.11 -49.69
CA TRP O 71 51.59 22.75 -48.39
C TRP O 71 50.26 22.63 -47.68
N ILE O 72 49.20 22.21 -48.36
CA ILE O 72 48.01 21.80 -47.63
C ILE O 72 48.28 20.49 -46.92
N LYS O 73 49.10 19.64 -47.50
CA LYS O 73 49.33 18.33 -46.90
C LYS O 73 50.23 18.42 -45.68
N THR O 74 51.35 19.13 -45.80
CA THR O 74 52.33 19.12 -44.71
C THR O 74 51.83 19.86 -43.48
N TYR O 75 51.16 20.98 -43.66
CA TYR O 75 50.62 21.72 -42.54
C TYR O 75 49.28 21.19 -42.08
N GLN O 76 48.72 20.22 -42.81
CA GLN O 76 47.41 19.63 -42.54
C GLN O 76 46.31 20.68 -42.50
N LEU O 77 46.40 21.62 -43.41
CA LEU O 77 45.37 22.63 -43.56
C LEU O 77 44.12 22.02 -44.16
N PRO O 78 42.92 22.53 -43.85
CA PRO O 78 42.54 23.61 -42.96
C PRO O 78 42.67 23.20 -41.51
N PRO O 79 42.98 24.15 -40.63
CA PRO O 79 43.20 23.79 -39.23
C PRO O 79 41.93 23.32 -38.57
N ARG O 80 42.08 22.28 -37.74
CA ARG O 80 41.00 21.83 -36.90
C ARG O 80 40.65 22.93 -35.90
N PRO O 81 39.39 22.98 -35.43
CA PRO O 81 39.03 24.00 -34.44
C PRO O 81 39.77 23.76 -33.13
N ARG O 82 40.33 24.84 -32.59
CA ARG O 82 41.22 24.74 -31.44
C ARG O 82 40.43 24.30 -30.21
N VAL O 83 40.77 23.13 -29.70
CA VAL O 83 39.96 22.42 -28.72
C VAL O 83 40.54 22.67 -27.33
N GLU O 84 39.66 23.03 -26.40
CA GLU O 84 39.97 22.97 -24.99
C GLU O 84 39.12 21.87 -24.37
N ILE O 85 39.44 21.55 -23.12
CA ILE O 85 38.95 20.33 -22.51
C ILE O 85 37.47 20.45 -22.19
N ALA O 86 37.01 21.66 -21.92
CA ALA O 86 35.65 21.86 -21.47
C ALA O 86 34.61 21.81 -22.59
N GLN O 87 35.04 21.66 -23.84
CA GLN O 87 34.06 21.49 -24.92
C GLN O 87 33.44 20.12 -24.90
N MET O 88 34.01 19.16 -24.17
CA MET O 88 33.49 17.81 -24.13
C MET O 88 32.84 17.49 -22.80
N PHE O 89 32.47 18.51 -22.05
CA PHE O 89 31.65 18.38 -20.85
C PHE O 89 30.67 19.54 -20.84
N PRO O 90 29.63 19.50 -21.66
CA PRO O 90 28.83 20.71 -21.86
C PRO O 90 27.86 20.99 -20.71
N ALA O 91 27.36 19.93 -20.07
CA ALA O 91 26.39 19.99 -18.95
C ALA O 91 25.14 20.78 -19.32
N ASP O 92 24.41 20.27 -20.31
CA ASP O 92 23.17 20.93 -20.71
C ASP O 92 22.06 20.66 -19.70
N SER O 93 21.72 19.39 -19.47
CA SER O 93 20.70 19.03 -18.49
C SER O 93 21.06 17.73 -17.78
N LEU O 94 22.26 17.24 -17.98
CA LEU O 94 22.70 16.00 -17.36
C LEU O 94 23.20 16.30 -15.94
N VAL O 95 23.16 15.27 -15.09
CA VAL O 95 23.42 15.44 -13.66
C VAL O 95 24.88 15.83 -13.39
N SER O 96 25.80 15.50 -14.29
CA SER O 96 27.17 16.02 -14.34
C SER O 96 27.95 15.66 -13.07
N SER O 97 28.31 14.36 -13.02
CA SER O 97 29.17 13.70 -12.04
C SER O 97 30.41 14.51 -11.67
N PRO O 98 30.91 14.41 -10.44
CA PRO O 98 31.94 15.34 -9.94
C PRO O 98 33.27 15.31 -10.69
N ARG O 99 33.50 14.31 -11.53
CA ARG O 99 34.59 14.39 -12.48
C ARG O 99 34.35 15.45 -13.54
N ALA O 100 33.10 15.69 -13.91
CA ALA O 100 32.82 16.64 -14.98
C ALA O 100 32.99 18.07 -14.50
N GLU O 101 32.80 18.32 -13.21
CA GLU O 101 33.03 19.66 -12.70
C GLU O 101 34.50 20.04 -12.70
N LYS O 102 35.40 19.15 -12.25
CA LYS O 102 36.81 19.51 -12.28
C LYS O 102 37.36 19.49 -13.69
N ALA O 103 36.69 18.80 -14.62
CA ALA O 103 37.14 18.83 -15.99
C ALA O 103 36.96 20.22 -16.59
N ARG O 104 35.77 20.80 -16.47
CA ARG O 104 35.57 22.13 -17.02
C ARG O 104 36.04 23.22 -16.09
N LEU O 105 36.35 22.88 -14.83
CA LEU O 105 36.94 23.88 -13.95
C LEU O 105 38.36 24.19 -14.37
N TYR O 106 39.23 23.17 -14.41
CA TYR O 106 40.62 23.36 -14.78
C TYR O 106 40.76 23.80 -16.24
N SER O 107 39.82 23.39 -17.10
CA SER O 107 39.90 23.77 -18.50
C SER O 107 39.66 25.26 -18.68
N ALA O 108 38.75 25.83 -17.88
CA ALA O 108 38.58 27.27 -17.92
C ALA O 108 39.76 27.99 -17.30
N ILE O 109 40.49 27.33 -16.40
CA ILE O 109 41.70 27.94 -15.88
C ILE O 109 42.82 27.86 -16.91
N GLU O 110 42.85 26.79 -17.73
CA GLU O 110 43.81 26.71 -18.81
C GLU O 110 43.60 27.84 -19.82
N GLN O 111 42.36 28.17 -20.10
CA GLN O 111 42.07 29.24 -21.05
C GLN O 111 42.41 30.59 -20.46
N ARG O 112 42.11 30.78 -19.18
CA ARG O 112 42.22 32.11 -18.60
C ARG O 112 43.66 32.50 -18.33
N LEU O 113 44.51 31.54 -17.96
CA LEU O 113 45.93 31.82 -17.87
C LEU O 113 46.55 32.06 -19.24
N GLU O 114 46.00 31.40 -20.26
CA GLU O 114 46.44 31.66 -21.63
C GLU O 114 46.07 33.07 -22.06
N GLN O 115 44.88 33.54 -21.67
CA GLN O 115 44.46 34.90 -21.98
C GLN O 115 45.30 35.94 -21.26
N SER O 116 45.94 35.58 -20.16
CA SER O 116 46.66 36.54 -19.34
C SER O 116 48.13 36.64 -19.69
N LEU O 117 48.76 35.51 -20.06
CA LEU O 117 50.12 35.57 -20.55
C LEU O 117 50.20 36.34 -21.85
N GLN O 118 49.14 36.28 -22.65
CA GLN O 118 49.09 36.98 -23.92
C GLN O 118 49.09 38.49 -23.73
N THR O 119 48.71 38.98 -22.55
CA THR O 119 48.77 40.40 -22.23
C THR O 119 49.93 40.74 -21.33
N MET O 120 51.05 40.04 -21.44
CA MET O 120 52.28 40.49 -20.81
C MET O 120 53.04 41.39 -21.77
N GLU O 121 54.29 41.70 -21.45
CA GLU O 121 55.08 42.59 -22.28
C GLU O 121 55.75 41.77 -23.36
N GLY O 122 55.21 41.83 -24.57
CA GLY O 122 55.85 41.22 -25.71
C GLY O 122 55.38 39.84 -26.08
N VAL O 123 54.55 39.19 -25.25
CA VAL O 123 54.06 37.87 -25.61
C VAL O 123 53.01 38.03 -26.69
N LEU O 124 53.26 37.45 -27.87
CA LEU O 124 52.27 37.49 -28.92
C LEU O 124 51.17 36.48 -28.66
N SER O 125 51.55 35.24 -28.39
CA SER O 125 50.59 34.16 -28.19
C SER O 125 51.08 33.27 -27.07
N ALA O 126 50.16 32.47 -26.51
CA ALA O 126 50.52 31.62 -25.40
C ALA O 126 49.63 30.41 -25.36
N ARG O 127 50.15 29.32 -24.80
CA ARG O 127 49.39 28.11 -24.53
C ARG O 127 49.76 27.62 -23.14
N VAL O 128 48.77 27.19 -22.37
CA VAL O 128 48.99 26.72 -21.01
C VAL O 128 48.27 25.40 -20.83
N HIS O 129 48.97 24.39 -20.32
CA HIS O 129 48.38 23.12 -19.97
C HIS O 129 48.49 22.89 -18.48
N ILE O 130 47.52 22.20 -17.91
CA ILE O 130 47.50 21.88 -16.49
C ILE O 130 47.48 20.36 -16.37
N SER O 131 48.29 19.83 -15.46
CA SER O 131 48.20 18.42 -15.14
C SER O 131 46.88 18.13 -14.45
N TYR O 132 46.14 17.16 -14.97
CA TYR O 132 44.82 16.83 -14.44
C TYR O 132 44.94 15.63 -13.52
N ASP O 133 45.21 15.90 -12.25
CA ASP O 133 45.00 14.92 -11.19
C ASP O 133 43.52 14.98 -10.85
N ILE O 134 42.76 13.99 -11.32
CA ILE O 134 41.32 14.03 -11.20
C ILE O 134 40.82 12.97 -10.22
N ASP O 135 41.39 11.77 -10.25
CA ASP O 135 40.88 10.66 -9.47
C ASP O 135 41.48 10.59 -8.07
N ALA O 136 41.84 11.74 -7.49
CA ALA O 136 42.42 11.76 -6.15
C ALA O 136 41.42 11.35 -5.08
N GLY O 137 40.17 11.81 -5.20
CA GLY O 137 39.14 11.44 -4.25
C GLY O 137 38.63 10.02 -4.43
N GLU O 138 38.66 9.50 -5.66
CA GLU O 138 38.15 8.16 -5.92
C GLU O 138 39.12 7.08 -5.47
N ASN O 139 40.42 7.36 -5.48
CA ASN O 139 41.39 6.42 -4.95
C ASN O 139 41.55 6.51 -3.44
N GLY O 140 41.02 7.55 -2.80
CA GLY O 140 41.21 7.72 -1.38
C GLY O 140 42.63 8.13 -1.03
N ARG O 141 43.20 9.06 -1.77
CA ARG O 141 44.58 9.46 -1.64
C ARG O 141 44.68 10.99 -1.61
N PRO O 142 45.75 11.53 -1.03
CA PRO O 142 46.03 12.96 -1.21
C PRO O 142 46.44 13.24 -2.64
N PRO O 143 46.05 14.39 -3.17
CA PRO O 143 46.28 14.64 -4.60
C PRO O 143 47.74 14.94 -4.89
N LYS O 144 48.07 14.83 -6.16
CA LYS O 144 49.42 15.04 -6.64
C LYS O 144 49.70 16.53 -6.73
N PRO O 145 50.97 16.93 -6.75
CA PRO O 145 51.28 18.33 -7.04
C PRO O 145 50.86 18.70 -8.45
N VAL O 146 50.46 19.94 -8.62
CA VAL O 146 50.02 20.41 -9.92
C VAL O 146 51.23 20.74 -10.77
N HIS O 147 51.28 20.18 -11.96
CA HIS O 147 52.30 20.46 -12.95
C HIS O 147 51.68 21.27 -14.07
N LEU O 148 52.47 22.13 -14.69
CA LEU O 148 51.91 22.93 -15.77
C LEU O 148 52.98 23.33 -16.76
N SER O 149 52.56 23.48 -18.02
CA SER O 149 53.47 23.80 -19.11
C SER O 149 53.00 25.08 -19.79
N ALA O 150 53.93 25.78 -20.41
CA ALA O 150 53.59 27.03 -21.05
C ALA O 150 54.41 27.26 -22.30
N LEU O 151 53.76 27.75 -23.33
CA LEU O 151 54.41 28.18 -24.57
C LEU O 151 54.18 29.67 -24.73
N ALA O 152 55.10 30.33 -25.44
CA ALA O 152 55.07 31.79 -25.53
C ALA O 152 55.86 32.24 -26.74
N VAL O 153 55.29 33.14 -27.51
CA VAL O 153 55.90 33.63 -28.73
C VAL O 153 56.22 35.09 -28.54
N TYR O 154 57.50 35.42 -28.42
CA TYR O 154 57.94 36.78 -28.19
C TYR O 154 58.25 37.49 -29.49
N GLU O 155 58.60 38.77 -29.38
CA GLU O 155 59.03 39.52 -30.55
C GLU O 155 60.43 39.10 -30.97
N ARG O 156 60.86 39.62 -32.10
CA ARG O 156 62.27 39.68 -32.40
C ARG O 156 62.96 40.62 -31.41
N GLY O 157 64.26 40.40 -31.21
CA GLY O 157 65.07 41.31 -30.44
C GLY O 157 64.93 41.21 -28.94
N SER O 158 63.95 40.50 -28.42
CA SER O 158 63.83 40.37 -26.98
C SER O 158 64.87 39.38 -26.46
N PRO O 159 65.49 39.67 -25.33
CA PRO O 159 66.42 38.70 -24.74
C PRO O 159 65.71 37.58 -24.01
N LEU O 160 65.36 36.51 -24.74
CA LEU O 160 64.46 35.45 -24.27
C LEU O 160 64.91 34.73 -23.01
N ALA O 161 66.19 34.81 -22.64
CA ALA O 161 66.66 34.11 -21.46
C ALA O 161 66.29 34.81 -20.16
N HIS O 162 65.56 35.93 -20.20
CA HIS O 162 65.20 36.65 -19.00
C HIS O 162 63.71 36.80 -18.80
N GLN O 163 62.91 36.72 -19.87
CA GLN O 163 61.47 36.65 -19.68
C GLN O 163 61.00 35.27 -19.28
N ILE O 164 61.92 34.30 -19.21
CA ILE O 164 61.59 32.98 -18.72
C ILE O 164 61.32 33.03 -17.22
N SER O 165 61.90 34.00 -16.51
CA SER O 165 61.70 34.09 -15.08
C SER O 165 60.39 34.76 -14.72
N ASP O 166 59.91 35.67 -15.56
CA ASP O 166 58.66 36.37 -15.28
C ASP O 166 57.47 35.44 -15.36
N ILE O 167 57.40 34.64 -16.42
CA ILE O 167 56.31 33.68 -16.58
C ILE O 167 56.35 32.67 -15.45
N LYS O 168 57.53 32.10 -15.21
CA LYS O 168 57.71 31.05 -14.21
C LYS O 168 57.46 31.56 -12.80
N ARG O 169 57.62 32.87 -12.56
CA ARG O 169 57.18 33.47 -11.30
C ARG O 169 55.68 33.72 -11.30
N PHE O 170 55.13 34.09 -12.46
CA PHE O 170 53.73 34.48 -12.56
C PHE O 170 52.81 33.30 -12.23
N LEU O 171 52.92 32.21 -12.97
CA LEU O 171 51.93 31.18 -12.82
C LEU O 171 52.38 30.09 -11.87
N LYS O 172 53.43 30.33 -11.08
CA LYS O 172 53.60 29.58 -9.85
C LYS O 172 52.42 29.79 -8.93
N ASN O 173 52.23 31.03 -8.50
CA ASN O 173 51.19 31.34 -7.54
C ASN O 173 49.83 31.48 -8.15
N SER O 174 49.62 31.00 -9.36
CA SER O 174 48.28 30.87 -9.89
C SER O 174 47.65 29.54 -9.51
N PHE O 175 48.38 28.69 -8.79
CA PHE O 175 47.85 27.43 -8.29
C PHE O 175 48.34 27.16 -6.89
N ALA O 176 47.78 26.11 -6.29
CA ALA O 176 47.90 25.91 -4.85
C ALA O 176 49.26 25.36 -4.48
N ASP O 177 49.61 24.18 -4.96
CA ASP O 177 50.85 23.52 -4.56
C ASP O 177 51.70 23.18 -5.78
N VAL O 178 52.42 24.17 -6.29
CA VAL O 178 53.37 23.94 -7.38
C VAL O 178 54.74 24.39 -6.93
N ASP O 179 55.75 24.01 -7.71
CA ASP O 179 57.11 24.42 -7.42
C ASP O 179 57.68 25.12 -8.64
N TYR O 180 58.97 25.38 -8.62
CA TYR O 180 59.70 25.85 -9.78
C TYR O 180 60.27 24.71 -10.60
N ASP O 181 59.87 23.49 -10.29
CA ASP O 181 60.25 22.32 -11.06
C ASP O 181 59.07 21.70 -11.76
N ASN O 182 57.85 22.01 -11.36
CA ASN O 182 56.66 21.53 -12.03
C ASN O 182 56.19 22.48 -13.12
N ILE O 183 56.96 23.52 -13.42
CA ILE O 183 56.61 24.51 -14.42
C ILE O 183 57.59 24.38 -15.56
N SER O 184 57.09 24.10 -16.75
CA SER O 184 57.93 23.88 -17.92
C SER O 184 57.56 24.89 -18.99
N VAL O 185 58.35 25.93 -19.14
CA VAL O 185 58.06 27.01 -20.08
C VAL O 185 59.13 26.99 -21.15
N VAL O 186 58.73 26.74 -22.39
CA VAL O 186 59.64 26.70 -23.52
C VAL O 186 59.17 27.79 -24.48
N LEU O 187 59.75 28.97 -24.36
CA LEU O 187 59.33 30.13 -25.13
C LEU O 187 60.29 30.41 -26.28
N SER O 188 59.72 30.79 -27.41
CA SER O 188 60.44 30.88 -28.67
C SER O 188 60.01 32.14 -29.39
N GLU O 189 60.98 32.91 -29.90
CA GLU O 189 60.67 34.15 -30.58
C GLU O 189 60.00 33.87 -31.92
N ARG O 190 59.28 34.86 -32.43
CA ARG O 190 58.48 34.63 -33.63
C ARG O 190 59.37 34.54 -34.85
N SER O 191 58.76 34.13 -35.95
CA SER O 191 59.49 33.96 -37.20
C SER O 191 59.76 35.31 -37.84
N ASP O 192 60.38 35.27 -39.01
CA ASP O 192 60.59 36.48 -39.77
C ASP O 192 59.25 36.99 -40.29
N ALA O 193 59.14 38.31 -40.40
CA ALA O 193 57.87 38.91 -40.78
C ALA O 193 57.63 38.73 -42.27
N GLN O 194 56.45 38.23 -42.61
CA GLN O 194 56.03 38.12 -44.00
C GLN O 194 55.26 39.40 -44.33
N LEU O 195 55.98 40.36 -44.90
CA LEU O 195 55.42 41.65 -45.27
C LEU O 195 55.45 41.87 -46.77
N GLN O 196 55.82 40.86 -47.53
CA GLN O 196 56.33 41.02 -48.88
C GLN O 196 55.40 40.30 -49.85
N ALA O 197 55.05 40.96 -50.94
CA ALA O 197 54.06 40.43 -51.86
C ALA O 197 54.61 39.20 -52.59
N PRO O 198 53.84 38.11 -52.67
CA PRO O 198 54.32 36.90 -53.33
C PRO O 198 54.56 37.07 -54.82
N GLY O 199 53.55 37.50 -55.55
CA GLY O 199 53.71 37.72 -56.96
C GLY O 199 52.89 36.79 -57.83
N THR O 200 52.18 37.36 -58.79
CA THR O 200 51.49 36.56 -59.79
C THR O 200 52.50 35.89 -60.71
N PRO O 201 52.20 34.68 -61.20
CA PRO O 201 53.11 34.01 -62.13
C PRO O 201 53.19 34.72 -63.47
N VAL O 202 54.24 34.39 -64.22
CA VAL O 202 54.46 34.99 -65.52
C VAL O 202 53.66 34.21 -66.56
N LYS O 203 53.41 34.85 -67.69
CA LYS O 203 52.59 34.25 -68.75
C LYS O 203 53.45 33.76 -69.91
N ALA P 171 59.65 59.63 -54.24
CA ALA P 171 59.36 60.70 -53.30
C ALA P 171 60.38 60.72 -52.17
N GLU P 172 60.25 61.70 -51.29
CA GLU P 172 61.14 61.81 -50.15
C GLU P 172 60.80 60.77 -49.09
N LEU P 173 61.79 59.97 -48.70
CA LEU P 173 61.54 58.89 -47.76
C LEU P 173 61.25 59.41 -46.36
N ASP P 174 61.68 60.63 -46.04
CA ASP P 174 61.29 61.29 -44.79
C ASP P 174 59.79 61.55 -44.70
N SER P 175 59.11 61.63 -45.84
CA SER P 175 57.67 61.76 -45.85
C SER P 175 56.95 60.48 -46.26
N LEU P 176 57.64 59.54 -46.91
CA LEU P 176 57.05 58.23 -47.15
C LEU P 176 56.88 57.44 -45.86
N LEU P 177 57.71 57.72 -44.87
CA LEU P 177 57.54 57.18 -43.53
C LEU P 177 56.50 58.01 -42.81
N GLY P 178 56.40 57.85 -41.49
CA GLY P 178 55.34 58.51 -40.75
C GLY P 178 55.51 60.02 -40.64
N GLN P 179 54.57 60.62 -39.89
CA GLN P 179 54.53 62.06 -39.71
C GLN P 179 55.71 62.58 -38.91
N GLU P 180 56.21 61.79 -37.96
CA GLU P 180 57.27 62.23 -37.08
C GLU P 180 58.62 62.03 -37.73
N LYS P 181 59.36 63.12 -37.92
CA LYS P 181 60.65 63.02 -38.60
C LYS P 181 61.74 62.52 -37.67
N GLU P 182 61.60 62.78 -36.36
CA GLU P 182 62.67 62.47 -35.42
C GLU P 182 62.82 60.99 -35.14
N ARG P 183 61.83 60.17 -35.50
CA ARG P 183 61.88 58.76 -35.15
C ARG P 183 62.85 57.99 -36.04
N PHE P 184 62.96 58.37 -37.30
CA PHE P 184 63.86 57.68 -38.22
C PHE P 184 64.96 58.65 -38.65
N GLN P 185 66.02 58.09 -39.24
CA GLN P 185 67.12 58.89 -39.74
C GLN P 185 67.67 58.20 -40.98
N VAL P 186 67.40 58.78 -42.16
CA VAL P 186 67.84 58.17 -43.39
C VAL P 186 69.34 58.32 -43.55
N LEU P 187 69.94 57.37 -44.25
CA LEU P 187 71.40 57.31 -44.36
C LEU P 187 71.79 56.99 -45.80
N PRO P 188 72.32 57.95 -46.53
CA PRO P 188 72.74 57.68 -47.91
C PRO P 188 74.05 56.90 -47.96
N GLY P 189 73.94 55.58 -47.98
CA GLY P 189 75.11 54.72 -48.03
C GLY P 189 75.90 54.85 -49.32
N ARG P 190 77.10 54.26 -49.30
CA ARG P 190 78.06 54.46 -50.37
C ARG P 190 77.84 53.53 -51.57
N ASP P 191 77.07 52.45 -51.42
CA ASP P 191 76.92 51.45 -52.48
C ASP P 191 75.58 51.55 -53.19
N LYS P 192 75.10 52.79 -53.38
CA LYS P 192 73.91 53.24 -54.12
C LYS P 192 72.60 52.93 -53.39
N MET P 193 72.66 52.17 -52.30
CA MET P 193 71.46 51.83 -51.55
C MET P 193 71.32 52.79 -50.38
N LEU P 194 70.10 53.25 -50.14
CA LEU P 194 69.80 54.14 -49.05
C LEU P 194 69.37 53.30 -47.84
N TYR P 195 69.66 53.80 -46.64
CA TYR P 195 69.36 53.09 -45.41
C TYR P 195 68.59 53.99 -44.47
N VAL P 196 67.69 53.39 -43.70
CA VAL P 196 66.89 54.10 -42.70
C VAL P 196 67.02 53.41 -41.36
N ALA P 197 67.47 54.15 -40.35
CA ALA P 197 67.87 53.59 -39.08
C ALA P 197 66.72 53.69 -38.09
N ALA P 198 66.07 52.56 -37.83
CA ALA P 198 65.04 52.55 -36.81
C ALA P 198 65.67 52.51 -35.42
N GLN P 199 64.83 52.63 -34.40
CA GLN P 199 65.31 52.64 -33.03
C GLN P 199 65.00 51.35 -32.28
N ASN P 200 63.89 50.69 -32.57
CA ASN P 200 63.55 49.43 -31.93
C ASN P 200 62.78 48.58 -32.93
N GLU P 201 62.15 47.52 -32.43
CA GLU P 201 61.47 46.59 -33.32
C GLU P 201 60.02 46.98 -33.60
N ARG P 202 59.53 48.08 -33.05
CA ARG P 202 58.28 48.60 -33.60
C ARG P 202 58.53 49.53 -34.76
N ASP P 203 59.57 50.37 -34.66
CA ASP P 203 59.91 51.25 -35.74
C ASP P 203 60.49 50.50 -36.93
N THR P 204 61.12 49.35 -36.68
CA THR P 204 61.62 48.55 -37.79
C THR P 204 60.47 47.97 -38.59
N LEU P 205 59.46 47.43 -37.91
CA LEU P 205 58.27 46.99 -38.62
C LEU P 205 57.43 48.15 -39.13
N TRP P 206 57.65 49.35 -38.61
CA TRP P 206 57.04 50.53 -39.22
C TRP P 206 57.70 50.85 -40.54
N ALA P 207 59.02 50.73 -40.61
CA ALA P 207 59.74 51.12 -41.81
C ALA P 207 59.97 49.98 -42.78
N ARG P 208 60.00 48.74 -42.30
CA ARG P 208 59.98 47.61 -43.23
C ARG P 208 58.60 47.36 -43.80
N GLN P 209 57.57 48.05 -43.30
CA GLN P 209 56.28 47.93 -43.93
C GLN P 209 56.19 48.81 -45.16
N VAL P 210 56.74 50.02 -45.08
CA VAL P 210 56.69 50.97 -46.18
C VAL P 210 57.48 50.47 -47.38
N LEU P 211 58.69 49.99 -47.15
CA LEU P 211 59.57 49.64 -48.24
C LEU P 211 59.19 48.35 -48.94
N ALA P 212 58.40 47.50 -48.29
CA ALA P 212 57.99 46.24 -48.90
C ALA P 212 56.59 46.29 -49.49
N ARG P 213 55.78 47.25 -49.05
CA ARG P 213 54.45 47.44 -49.59
C ARG P 213 54.49 48.08 -50.97
N GLY P 214 55.42 48.99 -51.19
CA GLY P 214 55.28 49.85 -52.34
C GLY P 214 56.61 50.25 -52.93
N ASP P 215 56.77 51.52 -53.26
CA ASP P 215 57.87 51.97 -54.06
C ASP P 215 58.65 53.09 -53.39
N TYR P 216 59.97 52.93 -53.39
CA TYR P 216 60.92 54.03 -53.37
C TYR P 216 61.73 53.86 -54.65
N ASP P 217 62.05 54.96 -55.32
CA ASP P 217 62.67 54.85 -56.63
C ASP P 217 64.17 54.59 -56.57
N LYS P 218 64.58 53.66 -55.70
CA LYS P 218 65.93 53.17 -55.46
C LYS P 218 65.76 52.07 -54.41
N ASN P 219 66.82 51.33 -54.16
CA ASN P 219 66.77 50.31 -53.11
C ASN P 219 66.85 50.97 -51.75
N ALA P 220 66.13 50.40 -50.78
CA ALA P 220 66.12 50.93 -49.43
C ALA P 220 66.01 49.78 -48.44
N ARG P 221 66.70 49.92 -47.31
CA ARG P 221 66.95 48.80 -46.42
C ARG P 221 67.01 49.29 -44.98
N VAL P 222 66.14 48.77 -44.13
CA VAL P 222 66.05 49.22 -42.75
C VAL P 222 67.11 48.50 -41.94
N ILE P 223 67.91 49.26 -41.20
CA ILE P 223 68.88 48.68 -40.28
C ILE P 223 68.46 49.02 -38.87
N ASN P 224 68.76 48.12 -37.94
CA ASN P 224 68.41 48.29 -36.55
C ASN P 224 69.68 48.38 -35.73
N GLU P 225 69.55 48.72 -34.46
CA GLU P 225 70.74 48.81 -33.62
C GLU P 225 71.09 47.43 -33.07
N ASN P 226 70.07 46.65 -32.71
CA ASN P 226 70.30 45.35 -32.12
C ASN P 226 70.26 44.20 -33.11
N GLU P 227 70.05 44.48 -34.39
CA GLU P 227 70.06 43.41 -35.37
C GLU P 227 71.28 43.52 -36.28
N GLU P 228 71.63 44.74 -36.69
CA GLU P 228 72.84 44.96 -37.46
C GLU P 228 74.08 44.68 -36.63
N ASN P 229 73.98 44.90 -35.32
CA ASN P 229 75.00 44.43 -34.39
C ASN P 229 75.16 42.91 -34.49
N LYS P 230 74.05 42.19 -34.55
CA LYS P 230 74.12 40.74 -34.63
C LYS P 230 74.51 40.29 -36.03
N ARG P 231 74.20 41.08 -37.06
CA ARG P 231 74.56 40.69 -38.42
C ARG P 231 76.06 40.73 -38.65
N ILE P 232 76.74 41.71 -38.04
CA ILE P 232 78.18 41.83 -38.17
C ILE P 232 78.88 40.66 -37.50
N SER P 233 78.36 40.21 -36.36
CA SER P 233 78.94 39.08 -35.65
C SER P 233 78.80 37.77 -36.40
N ILE P 234 77.85 37.67 -37.34
CA ILE P 234 77.79 36.50 -38.20
C ILE P 234 78.91 36.57 -39.24
N TRP P 235 79.29 37.78 -39.64
CA TRP P 235 80.47 37.95 -40.48
C TRP P 235 81.74 37.89 -39.67
N LEU P 236 81.70 38.38 -38.44
CA LEU P 236 82.94 38.64 -37.71
C LEU P 236 83.51 37.38 -37.09
N ASP P 237 82.67 36.39 -36.79
CA ASP P 237 83.22 35.17 -36.19
C ASP P 237 83.93 34.30 -37.21
N THR P 238 83.67 34.48 -38.51
CA THR P 238 84.42 33.76 -39.52
C THR P 238 85.74 34.44 -39.81
N TYR P 239 85.70 35.72 -40.16
CA TYR P 239 86.90 36.42 -40.60
C TYR P 239 87.75 36.94 -39.45
N TYR P 240 87.20 36.99 -38.25
CA TYR P 240 88.01 37.24 -37.05
C TYR P 240 87.48 36.42 -35.88
N PRO P 241 87.75 35.12 -35.85
CA PRO P 241 87.52 34.37 -34.62
C PRO P 241 88.60 34.69 -33.61
N GLN P 242 88.33 34.31 -32.35
CA GLN P 242 89.13 34.72 -31.19
C GLN P 242 89.29 36.24 -31.09
N LEU P 243 88.26 36.97 -31.48
CA LEU P 243 88.22 38.41 -31.31
C LEU P 243 87.38 38.74 -30.10
N ALA P 244 87.93 39.53 -29.20
CA ALA P 244 87.24 39.92 -27.97
C ALA P 244 86.70 41.33 -28.16
N TYR P 245 85.39 41.41 -28.31
CA TYR P 245 84.72 42.68 -28.53
C TYR P 245 83.41 42.62 -27.76
N TYR P 246 82.83 43.79 -27.51
CA TYR P 246 81.61 43.85 -26.72
C TYR P 246 80.37 44.01 -27.59
N ARG P 247 80.31 45.11 -28.33
CA ARG P 247 79.08 45.60 -28.92
C ARG P 247 79.40 46.77 -29.83
N ILE P 248 78.71 46.88 -30.94
CA ILE P 248 78.80 48.05 -31.80
C ILE P 248 77.63 48.97 -31.46
N HIS P 249 77.82 50.27 -31.64
CA HIS P 249 76.87 51.25 -31.14
C HIS P 249 76.47 52.25 -32.22
N PHE P 250 75.18 52.41 -32.40
CA PHE P 250 74.59 53.18 -33.50
C PHE P 250 73.84 54.40 -32.98
N ASP P 251 74.40 55.11 -32.00
CA ASP P 251 73.76 56.31 -31.50
C ASP P 251 73.87 57.42 -32.52
N GLU P 252 75.07 57.65 -33.05
CA GLU P 252 75.28 58.44 -34.24
C GLU P 252 75.56 57.47 -35.38
N PRO P 253 74.56 57.10 -36.18
CA PRO P 253 74.74 56.01 -37.14
C PRO P 253 75.62 56.36 -38.32
N ARG P 254 76.02 57.62 -38.48
CA ARG P 254 77.02 57.95 -39.49
C ARG P 254 78.37 57.36 -39.15
N LYS P 255 78.71 57.25 -37.86
CA LYS P 255 79.93 56.55 -37.51
C LYS P 255 79.75 55.77 -36.21
N PRO P 256 79.88 54.45 -36.25
CA PRO P 256 79.66 53.65 -35.06
C PRO P 256 80.91 53.53 -34.19
N VAL P 257 80.66 53.31 -32.90
CA VAL P 257 81.71 53.11 -31.92
C VAL P 257 81.69 51.63 -31.55
N PHE P 258 82.74 50.93 -31.93
CA PHE P 258 82.82 49.48 -31.80
C PHE P 258 83.83 49.14 -30.72
N TRP P 259 83.34 48.79 -29.54
CA TRP P 259 84.18 48.54 -28.39
C TRP P 259 84.95 47.23 -28.57
N LEU P 260 86.16 47.19 -28.03
CA LEU P 260 86.93 45.96 -27.97
C LEU P 260 87.51 45.80 -26.57
N SER P 261 87.93 44.58 -26.26
CA SER P 261 88.66 44.31 -25.05
C SER P 261 90.09 44.81 -25.22
N ARG P 262 90.51 45.71 -24.32
CA ARG P 262 91.91 46.12 -24.32
C ARG P 262 92.81 44.96 -23.88
N GLN P 263 92.30 44.12 -22.99
CA GLN P 263 93.13 43.09 -22.40
C GLN P 263 93.28 41.88 -23.31
N ARG P 264 92.18 41.40 -23.88
CA ARG P 264 92.18 40.12 -24.58
C ARG P 264 92.38 40.27 -26.08
N ASN P 265 92.90 41.39 -26.55
CA ASN P 265 93.17 41.59 -27.97
C ASN P 265 94.66 41.79 -28.18
N THR P 266 95.27 40.88 -28.94
CA THR P 266 96.67 40.96 -29.30
C THR P 266 96.88 41.60 -30.66
N MET P 267 95.83 42.19 -31.23
CA MET P 267 95.95 42.87 -32.50
C MET P 267 96.76 44.14 -32.35
N SER P 268 97.66 44.38 -33.30
CA SER P 268 98.47 45.58 -33.29
C SER P 268 97.68 46.71 -33.94
N LYS P 269 98.22 47.93 -33.90
CA LYS P 269 97.50 49.09 -34.40
C LYS P 269 97.50 49.16 -35.91
N LYS P 270 98.32 48.34 -36.56
CA LYS P 270 98.30 48.25 -38.02
C LYS P 270 97.00 47.64 -38.52
N GLU P 271 96.75 46.38 -38.18
CA GLU P 271 95.57 45.68 -38.67
C GLU P 271 94.29 46.10 -37.94
N LEU P 272 94.40 46.82 -36.81
CA LEU P 272 93.20 47.38 -36.21
C LEU P 272 92.62 48.49 -37.08
N GLU P 273 93.47 49.21 -37.81
CA GLU P 273 92.98 50.16 -38.79
C GLU P 273 92.46 49.43 -40.03
N VAL P 274 92.99 48.24 -40.32
CA VAL P 274 92.38 47.38 -41.33
C VAL P 274 91.01 46.92 -40.86
N LEU P 275 90.89 46.65 -39.55
CA LEU P 275 89.60 46.24 -38.99
C LEU P 275 88.60 47.39 -39.00
N SER P 276 89.06 48.63 -38.96
CA SER P 276 88.16 49.76 -39.18
C SER P 276 87.81 49.95 -40.64
N GLN P 277 88.43 49.20 -41.55
CA GLN P 277 88.06 49.24 -42.96
C GLN P 277 87.36 47.98 -43.43
N LYS P 278 87.53 46.85 -42.75
CA LYS P 278 86.74 45.67 -43.06
C LYS P 278 85.28 45.86 -42.66
N LEU P 279 85.04 46.58 -41.56
CA LEU P 279 83.67 46.79 -41.11
C LEU P 279 82.93 47.79 -42.00
N ARG P 280 83.65 48.72 -42.63
CA ARG P 280 83.02 49.67 -43.53
C ARG P 280 82.50 49.01 -44.80
N ALA P 281 83.05 47.85 -45.17
CA ALA P 281 82.48 47.10 -46.28
C ALA P 281 81.15 46.46 -45.91
N LEU P 282 80.86 46.31 -44.62
CA LEU P 282 79.58 45.79 -44.17
C LEU P 282 78.56 46.87 -43.87
N MET P 283 79.03 48.08 -43.52
CA MET P 283 78.16 49.20 -43.17
C MET P 283 78.45 50.32 -44.17
N PRO P 284 77.78 50.33 -45.32
CA PRO P 284 78.05 51.37 -46.31
C PRO P 284 77.57 52.74 -45.86
N TYR P 285 76.54 52.79 -45.03
CA TYR P 285 76.07 54.02 -44.44
C TYR P 285 77.08 54.63 -43.47
N ALA P 286 78.00 53.83 -42.95
CA ALA P 286 78.94 54.31 -41.95
C ALA P 286 80.03 55.15 -42.60
N ASP P 287 80.49 56.17 -41.87
CA ASP P 287 81.61 56.97 -42.35
C ASP P 287 82.93 56.27 -42.06
N SER P 288 83.24 56.08 -40.78
CA SER P 288 84.45 55.40 -40.35
C SER P 288 84.25 54.90 -38.94
N VAL P 289 84.60 53.64 -38.69
CA VAL P 289 84.33 53.01 -37.41
C VAL P 289 85.30 53.54 -36.36
N ASN P 290 84.75 53.99 -35.23
CA ASN P 290 85.54 54.53 -34.12
C ASN P 290 85.82 53.37 -33.16
N ILE P 291 86.91 52.64 -33.43
CA ILE P 291 87.30 51.52 -32.59
C ILE P 291 87.96 52.06 -31.32
N THR P 292 87.40 51.76 -30.17
CA THR P 292 88.03 52.06 -28.91
C THR P 292 88.16 50.78 -28.08
N LEU P 293 88.80 50.92 -26.94
CA LEU P 293 89.16 49.79 -26.09
C LEU P 293 88.56 50.01 -24.71
N MET P 294 88.02 48.96 -24.12
CA MET P 294 87.49 49.02 -22.76
C MET P 294 88.13 47.90 -21.94
N ASP P 295 88.52 48.22 -20.71
CA ASP P 295 89.13 47.21 -19.86
C ASP P 295 88.07 46.23 -19.36
N ASP P 296 88.46 44.95 -19.31
CA ASP P 296 87.52 43.91 -18.90
C ASP P 296 87.19 43.97 -17.43
N VAL P 297 88.07 44.57 -16.61
CA VAL P 297 87.76 44.70 -15.20
C VAL P 297 86.74 45.81 -14.97
N THR P 298 86.65 46.77 -15.87
CA THR P 298 85.62 47.80 -15.78
C THR P 298 84.26 47.26 -16.20
N ALA P 299 84.26 46.33 -17.16
CA ALA P 299 83.00 45.73 -17.60
C ALA P 299 82.39 44.87 -16.51
N ALA P 300 83.19 43.96 -15.94
CA ALA P 300 82.70 43.12 -14.86
C ALA P 300 82.55 43.91 -13.56
N GLY P 301 83.21 45.07 -13.46
CA GLY P 301 83.07 45.87 -12.26
C GLY P 301 81.69 46.47 -12.13
N GLN P 302 81.26 47.23 -13.15
CA GLN P 302 79.96 47.89 -13.12
C GLN P 302 78.81 46.90 -13.13
N ALA P 303 79.02 45.72 -13.71
CA ALA P 303 78.02 44.68 -13.60
C ALA P 303 77.93 44.16 -12.17
N GLU P 304 79.07 44.04 -11.49
CA GLU P 304 79.01 43.64 -10.09
C GLU P 304 78.62 44.80 -9.19
N ALA P 305 79.14 46.00 -9.46
CA ALA P 305 78.83 47.16 -8.65
C ALA P 305 77.42 47.69 -8.86
N GLY P 306 76.66 47.12 -9.78
CA GLY P 306 75.26 47.44 -9.88
C GLY P 306 74.42 46.33 -9.27
N LEU P 307 74.86 45.09 -9.43
CA LEU P 307 74.04 43.97 -9.02
C LEU P 307 74.03 43.79 -7.52
N LYS P 308 75.07 44.26 -6.83
CA LYS P 308 75.00 44.38 -5.38
C LYS P 308 74.46 45.73 -4.94
N GLN P 309 74.37 46.70 -5.86
CA GLN P 309 73.73 47.96 -5.55
C GLN P 309 72.22 47.84 -5.65
N GLN P 310 71.73 46.83 -6.36
CA GLN P 310 70.31 46.47 -6.35
C GLN P 310 69.96 45.54 -5.21
N ALA P 311 70.95 45.17 -4.38
CA ALA P 311 70.82 44.23 -3.26
C ALA P 311 70.27 42.89 -3.73
N LEU P 312 71.07 42.21 -4.55
CA LEU P 312 70.69 40.93 -5.11
C LEU P 312 71.70 39.86 -4.72
N PRO P 313 71.25 38.68 -4.32
CA PRO P 313 72.19 37.59 -4.03
C PRO P 313 72.78 37.04 -5.31
N TYR P 314 74.08 36.76 -5.29
CA TYR P 314 74.74 36.28 -6.49
C TYR P 314 75.99 35.52 -6.09
N SER P 315 76.75 35.08 -7.11
CA SER P 315 78.09 34.56 -6.90
C SER P 315 78.87 34.76 -8.17
N ARG P 316 79.85 35.66 -8.13
CA ARG P 316 80.71 35.90 -9.28
C ARG P 316 81.64 34.72 -9.49
N ARG P 317 81.44 33.99 -10.58
CA ARG P 317 82.39 32.98 -10.99
C ARG P 317 83.11 33.50 -12.22
N ASN P 318 84.43 33.47 -12.18
CA ASN P 318 85.24 33.96 -13.28
C ASN P 318 85.61 32.83 -14.20
N HIS P 319 85.98 33.18 -15.43
CA HIS P 319 86.52 32.21 -16.37
C HIS P 319 87.61 32.88 -17.18
N LYS P 320 88.28 32.07 -17.99
CA LYS P 320 89.29 32.59 -18.91
C LYS P 320 88.56 33.14 -20.12
N GLY P 321 88.22 34.42 -20.06
CA GLY P 321 87.52 35.05 -21.16
C GLY P 321 86.05 35.25 -20.91
N GLY P 322 85.70 35.71 -19.72
CA GLY P 322 84.32 36.02 -19.39
C GLY P 322 84.04 35.72 -17.93
N VAL P 323 83.03 36.40 -17.39
CA VAL P 323 82.55 36.17 -16.04
C VAL P 323 81.10 35.73 -16.12
N THR P 324 80.54 35.34 -14.98
CA THR P 324 79.18 34.84 -14.94
C THR P 324 78.58 35.13 -13.58
N PHE P 325 77.44 35.80 -13.56
CA PHE P 325 76.76 36.17 -12.33
C PHE P 325 75.50 35.33 -12.22
N VAL P 326 75.62 34.16 -11.61
CA VAL P 326 74.42 33.37 -11.37
C VAL P 326 73.69 33.93 -10.16
N ILE P 327 72.38 34.09 -10.30
CA ILE P 327 71.53 34.70 -9.28
C ILE P 327 70.49 33.66 -8.92
N GLN P 328 70.48 33.20 -7.68
CA GLN P 328 69.51 32.18 -7.32
C GLN P 328 68.86 32.45 -5.98
N GLY P 329 67.97 31.56 -5.58
CA GLY P 329 67.11 31.77 -4.43
C GLY P 329 65.68 32.02 -4.86
N ALA P 330 64.80 32.04 -3.87
CA ALA P 330 63.39 32.34 -4.11
C ALA P 330 63.22 33.86 -4.12
N LEU P 331 63.60 34.45 -5.25
CA LEU P 331 63.49 35.90 -5.41
C LEU P 331 62.03 36.28 -5.59
N ASP P 332 61.54 37.19 -4.78
CA ASP P 332 60.18 37.67 -4.94
C ASP P 332 60.17 38.85 -5.92
N ASP P 333 59.03 39.54 -5.98
CA ASP P 333 58.74 40.37 -7.15
C ASP P 333 59.52 41.67 -7.16
N VAL P 334 59.87 42.20 -5.99
CA VAL P 334 60.53 43.48 -5.93
C VAL P 334 61.95 43.38 -6.46
N GLU P 335 62.59 42.24 -6.21
CA GLU P 335 63.95 42.03 -6.66
C GLU P 335 64.04 41.34 -8.01
N ILE P 336 62.97 40.68 -8.45
CA ILE P 336 62.97 40.08 -9.78
C ILE P 336 62.79 41.14 -10.84
N LEU P 337 62.30 42.32 -10.48
CA LEU P 337 62.10 43.42 -11.39
C LEU P 337 63.18 44.48 -11.29
N ARG P 338 63.87 44.56 -10.17
CA ARG P 338 65.11 45.32 -10.15
C ARG P 338 66.20 44.59 -10.92
N ALA P 339 66.08 43.27 -11.04
CA ALA P 339 67.08 42.51 -11.80
C ALA P 339 66.97 42.79 -13.29
N ARG P 340 65.76 42.77 -13.83
CA ARG P 340 65.60 42.83 -15.28
C ARG P 340 65.84 44.21 -15.83
N GLN P 341 65.51 45.25 -15.08
CA GLN P 341 65.88 46.58 -15.55
C GLN P 341 67.30 46.95 -15.21
N PHE P 342 68.07 46.07 -14.60
CA PHE P 342 69.51 46.21 -14.61
C PHE P 342 70.16 45.41 -15.73
N VAL P 343 69.68 44.19 -15.98
CA VAL P 343 70.24 43.34 -17.01
C VAL P 343 70.00 43.95 -18.38
N ASP P 344 68.76 44.34 -18.66
CA ASP P 344 68.44 44.98 -19.92
C ASP P 344 69.03 46.37 -20.04
N SER P 345 69.39 47.01 -18.93
CA SER P 345 70.17 48.23 -18.98
C SER P 345 71.66 47.95 -19.05
N TYR P 346 72.07 46.70 -18.90
CA TYR P 346 73.47 46.36 -19.08
C TYR P 346 73.76 45.88 -20.49
N TYR P 347 72.91 44.98 -21.00
CA TYR P 347 73.08 44.46 -22.34
C TYR P 347 72.83 45.52 -23.40
N ARG P 348 72.07 46.56 -23.07
CA ARG P 348 71.98 47.71 -23.95
C ARG P 348 73.29 48.48 -23.97
N THR P 349 74.04 48.44 -22.88
CA THR P 349 75.28 49.20 -22.79
C THR P 349 76.48 48.41 -23.27
N TRP P 350 76.67 47.21 -22.73
CA TRP P 350 77.89 46.45 -22.95
C TRP P 350 77.73 45.26 -23.88
N GLY P 351 76.51 44.89 -24.24
CA GLY P 351 76.30 43.65 -24.95
C GLY P 351 76.42 42.47 -24.01
N GLY P 352 76.29 41.28 -24.58
CA GLY P 352 76.28 40.10 -23.76
C GLY P 352 77.37 39.10 -24.09
N ARG P 353 78.54 39.58 -24.47
CA ARG P 353 79.62 38.70 -24.89
C ARG P 353 80.72 38.54 -23.85
N TYR P 354 80.63 39.22 -22.72
CA TYR P 354 81.66 39.05 -21.71
C TYR P 354 81.04 38.69 -20.36
N VAL P 355 79.84 39.18 -20.08
CA VAL P 355 79.16 38.95 -18.82
C VAL P 355 77.84 38.28 -19.12
N GLN P 356 77.59 37.14 -18.48
CA GLN P 356 76.31 36.44 -18.60
C GLN P 356 75.63 36.45 -17.25
N PHE P 357 74.39 36.92 -17.23
CA PHE P 357 73.58 36.92 -16.02
C PHE P 357 72.69 35.69 -16.03
N ALA P 358 72.78 34.88 -14.98
CA ALA P 358 71.97 33.68 -14.87
C ALA P 358 70.98 33.90 -13.74
N ILE P 359 69.83 34.46 -14.08
CA ILE P 359 68.76 34.54 -13.09
C ILE P 359 68.04 33.19 -13.07
N GLU P 360 68.59 32.26 -12.33
CA GLU P 360 68.10 30.89 -12.22
C GLU P 360 67.31 30.87 -10.91
N LEU P 361 66.01 30.67 -11.02
CA LEU P 361 65.08 30.92 -9.92
C LEU P 361 64.47 29.62 -9.45
N LYS P 362 64.90 29.15 -8.29
CA LYS P 362 64.41 27.90 -7.71
C LYS P 362 64.01 28.13 -6.26
N ASP P 363 63.61 27.04 -5.62
CA ASP P 363 63.21 27.07 -4.21
C ASP P 363 64.43 27.03 -3.31
N ASP P 364 64.20 26.77 -2.02
CA ASP P 364 65.29 26.61 -1.06
C ASP P 364 65.60 25.14 -0.86
N ASP Q 20 40.21 47.76 -49.37
CA ASP Q 20 39.83 47.30 -50.70
C ASP Q 20 39.56 45.80 -50.64
N LYS Q 21 40.54 45.03 -50.19
CA LYS Q 21 40.40 43.58 -50.10
C LYS Q 21 39.84 43.18 -48.75
N ASP Q 22 38.86 42.29 -48.76
CA ASP Q 22 38.19 41.86 -47.55
C ASP Q 22 39.10 40.97 -46.72
N LEU Q 23 39.10 41.17 -45.42
CA LEU Q 23 40.01 40.46 -44.55
C LEU Q 23 39.32 39.79 -43.37
N LEU Q 24 38.33 40.43 -42.77
CA LEU Q 24 37.55 39.82 -41.71
C LEU Q 24 36.11 40.29 -41.85
N LYS Q 25 35.16 39.41 -41.60
CA LYS Q 25 33.75 39.73 -41.68
C LYS Q 25 33.05 39.21 -40.44
N GLY Q 26 31.91 39.81 -40.13
CA GLY Q 26 31.08 39.29 -39.07
C GLY Q 26 31.60 39.47 -37.67
N LEU Q 27 32.57 40.36 -37.47
CA LEU Q 27 33.09 40.61 -36.15
C LEU Q 27 32.07 41.39 -35.32
N ASP Q 28 32.06 41.16 -34.02
CA ASP Q 28 31.34 42.07 -33.16
C ASP Q 28 32.26 43.23 -32.80
N GLN Q 29 31.84 44.04 -31.83
CA GLN Q 29 32.40 45.38 -31.67
C GLN Q 29 33.79 45.35 -31.07
N GLU Q 30 33.93 44.79 -29.88
CA GLU Q 30 35.20 44.78 -29.18
C GLU Q 30 36.23 43.87 -29.81
N GLN Q 31 35.83 42.93 -30.67
CA GLN Q 31 36.82 42.23 -31.47
C GLN Q 31 37.31 43.07 -32.64
N ALA Q 32 36.44 43.89 -33.23
CA ALA Q 32 36.86 44.68 -34.38
C ALA Q 32 37.74 45.84 -33.99
N ASN Q 33 37.53 46.40 -32.80
CA ASN Q 33 38.36 47.52 -32.35
C ASN Q 33 39.73 47.04 -31.93
N GLU Q 34 39.88 45.75 -31.62
CA GLU Q 34 41.18 45.25 -31.20
C GLU Q 34 42.05 44.94 -32.40
N VAL Q 35 41.45 44.48 -33.50
CA VAL Q 35 42.21 44.10 -34.69
C VAL Q 35 42.85 45.31 -35.33
N ILE Q 36 42.09 46.40 -35.46
CA ILE Q 36 42.61 47.63 -36.02
C ILE Q 36 43.70 48.22 -35.15
N ALA Q 37 43.61 48.00 -33.84
CA ALA Q 37 44.66 48.44 -32.93
C ALA Q 37 45.94 47.67 -33.17
N VAL Q 38 45.83 46.41 -33.55
CA VAL Q 38 47.01 45.63 -33.86
C VAL Q 38 47.56 46.04 -35.21
N LEU Q 39 46.67 46.26 -36.18
CA LEU Q 39 47.10 46.53 -37.55
C LEU Q 39 47.75 47.89 -37.68
N GLN Q 40 47.15 48.93 -37.11
CA GLN Q 40 47.76 50.25 -37.17
C GLN Q 40 49.00 50.37 -36.31
N MET Q 41 49.23 49.41 -35.41
CA MET Q 41 50.54 49.33 -34.78
C MET Q 41 51.60 48.97 -35.81
N HIS Q 42 51.25 48.09 -36.73
CA HIS Q 42 52.20 47.60 -37.72
C HIS Q 42 52.02 48.27 -39.06
N ASN Q 43 51.62 49.55 -39.03
CA ASN Q 43 51.74 50.50 -40.12
C ASN Q 43 50.89 50.12 -41.34
N ILE Q 44 49.74 49.50 -41.13
CA ILE Q 44 48.82 49.33 -42.25
C ILE Q 44 47.45 49.84 -41.79
N GLU Q 45 46.80 50.64 -42.61
CA GLU Q 45 45.51 51.20 -42.19
C GLU Q 45 44.40 50.21 -42.50
N ALA Q 46 43.35 50.26 -41.67
CA ALA Q 46 42.17 49.44 -41.88
C ALA Q 46 40.95 50.34 -41.93
N ASN Q 47 39.81 49.73 -42.23
CA ASN Q 47 38.55 50.46 -42.36
C ASN Q 47 37.46 49.63 -41.70
N LYS Q 48 37.02 50.05 -40.51
CA LYS Q 48 35.95 49.30 -39.86
C LYS Q 48 34.63 49.56 -40.56
N ILE Q 49 34.28 48.70 -41.49
CA ILE Q 49 33.04 48.84 -42.25
C ILE Q 49 31.97 48.06 -41.51
N ASP Q 50 30.98 48.76 -40.95
CA ASP Q 50 29.84 48.06 -40.38
C ASP Q 50 28.98 47.50 -41.49
N SER Q 51 28.47 46.29 -41.27
CA SER Q 51 27.54 45.65 -42.19
C SER Q 51 26.19 45.40 -41.52
N GLY Q 52 25.77 46.31 -40.65
CA GLY Q 52 24.48 46.17 -40.01
C GLY Q 52 24.44 45.14 -38.90
N LYS Q 53 23.45 44.26 -38.97
CA LYS Q 53 23.26 43.17 -38.02
C LYS Q 53 24.16 41.97 -38.31
N LEU Q 54 24.85 41.98 -39.45
CA LEU Q 54 25.82 40.96 -39.78
C LEU Q 54 27.21 41.27 -39.27
N GLY Q 55 27.32 42.13 -38.25
CA GLY Q 55 28.60 42.44 -37.66
C GLY Q 55 29.45 43.38 -38.51
N TYR Q 56 30.56 43.78 -37.95
CA TYR Q 56 31.49 44.68 -38.61
C TYR Q 56 32.29 43.95 -39.68
N SER Q 57 33.15 44.69 -40.38
CA SER Q 57 34.03 44.11 -41.39
C SER Q 57 35.25 44.99 -41.49
N ILE Q 58 36.40 44.37 -41.72
CA ILE Q 58 37.67 45.07 -41.80
C ILE Q 58 38.27 44.81 -43.16
N THR Q 59 38.54 45.87 -43.90
CA THR Q 59 39.12 45.76 -45.23
C THR Q 59 40.42 46.54 -45.27
N VAL Q 60 41.46 45.94 -45.83
CA VAL Q 60 42.73 46.61 -46.00
C VAL Q 60 42.97 46.82 -47.49
N ALA Q 61 43.98 47.63 -47.80
CA ALA Q 61 44.32 47.87 -49.19
C ALA Q 61 45.05 46.67 -49.77
N GLU Q 62 45.12 46.64 -51.09
CA GLU Q 62 45.68 45.50 -51.81
C GLU Q 62 47.19 45.27 -51.59
N PRO Q 63 48.08 46.28 -51.55
CA PRO Q 63 49.48 45.96 -51.25
C PRO Q 63 49.72 45.54 -49.81
N ASP Q 64 48.81 45.84 -48.88
CA ASP Q 64 48.97 45.41 -47.50
C ASP Q 64 48.09 44.25 -47.11
N PHE Q 65 47.35 43.64 -48.04
CA PHE Q 65 46.63 42.42 -47.67
C PHE Q 65 47.60 41.29 -47.37
N THR Q 66 48.77 41.32 -47.98
CA THR Q 66 49.79 40.33 -47.69
C THR Q 66 50.30 40.46 -46.27
N ALA Q 67 50.69 41.67 -45.89
CA ALA Q 67 51.27 41.86 -44.58
C ALA Q 67 50.24 41.76 -43.47
N ALA Q 68 49.00 42.15 -43.73
CA ALA Q 68 48.00 42.15 -42.69
C ALA Q 68 47.54 40.75 -42.32
N VAL Q 69 47.52 39.85 -43.29
CA VAL Q 69 47.10 38.49 -42.98
C VAL Q 69 48.22 37.72 -42.27
N TYR Q 70 49.44 38.25 -42.28
CA TYR Q 70 50.46 37.73 -41.39
C TYR Q 70 50.16 38.10 -39.95
N TRP Q 71 49.80 39.36 -39.69
CA TRP Q 71 49.56 39.75 -38.32
C TRP Q 71 48.22 39.28 -37.79
N ILE Q 72 47.32 38.79 -38.64
CA ILE Q 72 46.18 38.06 -38.13
C ILE Q 72 46.65 36.72 -37.58
N LYS Q 73 47.67 36.14 -38.18
CA LYS Q 73 48.09 34.82 -37.77
C LYS Q 73 48.86 34.86 -36.45
N THR Q 74 49.83 35.78 -36.32
CA THR Q 74 50.70 35.77 -35.15
C THR Q 74 49.96 36.18 -33.90
N TYR Q 75 49.10 37.18 -33.99
CA TYR Q 75 48.33 37.61 -32.84
C TYR Q 75 47.09 36.78 -32.60
N GLN Q 76 46.80 35.86 -33.53
CA GLN Q 76 45.61 35.01 -33.49
C GLN Q 76 44.33 35.82 -33.43
N LEU Q 77 44.30 36.91 -34.17
CA LEU Q 77 43.11 37.72 -34.28
C LEU Q 77 42.06 36.99 -35.11
N PRO Q 78 40.75 37.23 -34.87
CA PRO Q 78 40.09 38.06 -33.87
C PRO Q 78 40.19 37.44 -32.50
N PRO Q 79 40.23 38.27 -31.45
CA PRO Q 79 40.41 37.73 -30.10
C PRO Q 79 39.20 36.93 -29.66
N ARG Q 80 39.48 35.83 -29.00
CA ARG Q 80 38.44 35.05 -28.35
C ARG Q 80 37.81 35.88 -27.24
N PRO Q 81 36.53 35.63 -26.91
CA PRO Q 81 35.90 36.39 -25.83
C PRO Q 81 36.55 36.08 -24.50
N ARG Q 82 36.85 37.13 -23.74
CA ARG Q 82 37.64 37.00 -22.52
C ARG Q 82 36.86 36.24 -21.47
N VAL Q 83 37.38 35.07 -21.11
CA VAL Q 83 36.65 34.08 -20.33
C VAL Q 83 37.05 34.19 -18.87
N GLU Q 84 36.05 34.24 -18.00
CA GLU Q 84 36.24 33.99 -16.59
C GLU Q 84 35.57 32.67 -16.23
N ILE Q 85 35.86 32.21 -15.02
CA ILE Q 85 35.56 30.84 -14.66
C ILE Q 85 34.07 30.63 -14.50
N ALA Q 86 33.36 31.68 -14.10
CA ALA Q 86 31.95 31.55 -13.78
C ALA Q 86 31.04 31.51 -15.00
N GLN Q 87 31.58 31.64 -16.21
CA GLN Q 87 30.76 31.48 -17.39
C GLN Q 87 30.41 30.03 -17.65
N MET Q 88 31.10 29.09 -17.02
CA MET Q 88 30.86 27.68 -17.24
C MET Q 88 30.18 27.03 -16.05
N PHE Q 89 29.55 27.83 -15.20
CA PHE Q 89 28.67 27.35 -14.14
C PHE Q 89 27.50 28.30 -14.06
N PRO Q 90 26.55 28.20 -14.99
CA PRO Q 90 25.54 29.27 -15.09
C PRO Q 90 24.46 29.17 -14.03
N ALA Q 91 24.11 27.95 -13.61
CA ALA Q 91 23.07 27.65 -12.62
C ALA Q 91 21.73 28.26 -13.01
N ASP Q 92 21.18 27.79 -14.13
CA ASP Q 92 19.88 28.27 -14.56
C ASP Q 92 18.75 27.64 -13.73
N SER Q 93 18.66 26.31 -13.73
CA SER Q 93 17.66 25.61 -12.94
C SER Q 93 18.20 24.30 -12.39
N LEU Q 94 19.50 24.07 -12.52
CA LEU Q 94 20.12 22.85 -12.05
C LEU Q 94 20.42 23.00 -10.56
N VAL Q 95 20.52 21.85 -9.88
CA VAL Q 95 20.63 21.82 -8.42
C VAL Q 95 21.95 22.42 -7.93
N SER Q 96 22.99 22.42 -8.76
CA SER Q 96 24.23 23.18 -8.57
C SER Q 96 24.97 22.75 -7.30
N SER Q 97 25.56 21.57 -7.39
CA SER Q 97 26.45 20.90 -6.44
C SER Q 97 27.47 21.87 -5.82
N PRO Q 98 27.88 21.64 -4.56
CA PRO Q 98 28.68 22.65 -3.83
C PRO Q 98 30.02 22.98 -4.42
N ARG Q 99 30.52 22.20 -5.36
CA ARG Q 99 31.65 22.64 -6.17
C ARG Q 99 31.29 23.80 -7.07
N ALA Q 100 30.05 23.86 -7.55
CA ALA Q 100 29.69 24.91 -8.49
C ALA Q 100 29.53 26.25 -7.78
N GLU Q 101 29.18 26.24 -6.50
CA GLU Q 101 29.10 27.50 -5.78
C GLU Q 101 30.46 28.12 -5.56
N LYS Q 102 31.48 27.36 -5.15
CA LYS Q 102 32.79 27.96 -4.97
C LYS Q 102 33.46 28.27 -6.29
N ALA Q 103 33.01 27.65 -7.38
CA ALA Q 103 33.56 27.99 -8.68
C ALA Q 103 33.16 29.39 -9.08
N ARG Q 104 31.87 29.72 -9.00
CA ARG Q 104 31.46 31.07 -9.38
C ARG Q 104 31.64 32.05 -8.24
N LEU Q 105 31.90 31.57 -7.02
CA LEU Q 105 32.21 32.50 -5.94
C LEU Q 105 33.58 33.13 -6.16
N TYR Q 106 34.62 32.30 -6.26
CA TYR Q 106 35.97 32.80 -6.44
C TYR Q 106 36.14 33.49 -7.78
N SER Q 107 35.38 33.07 -8.79
CA SER Q 107 35.48 33.69 -10.11
C SER Q 107 34.97 35.11 -10.09
N ALA Q 108 33.91 35.38 -9.33
CA ALA Q 108 33.47 36.74 -9.16
C ALA Q 108 34.43 37.54 -8.32
N ILE Q 109 35.19 36.90 -7.45
CA ILE Q 109 36.22 37.62 -6.71
C ILE Q 109 37.41 37.92 -7.61
N GLU Q 110 37.72 37.02 -8.57
CA GLU Q 110 38.76 37.30 -9.55
C GLU Q 110 38.43 38.52 -10.39
N GLN Q 111 37.15 38.66 -10.76
CA GLN Q 111 36.75 39.79 -11.56
C GLN Q 111 36.77 41.07 -10.75
N ARG Q 112 36.33 40.99 -9.49
CA ARG Q 112 36.13 42.22 -8.72
C ARG Q 112 37.44 42.80 -8.23
N LEU Q 113 38.43 41.96 -7.92
CA LEU Q 113 39.76 42.48 -7.62
C LEU Q 113 40.42 43.04 -8.87
N GLU Q 114 40.11 42.47 -10.03
CA GLU Q 114 40.58 43.03 -11.29
C GLU Q 114 39.98 44.40 -11.54
N GLN Q 115 38.69 44.59 -11.24
CA GLN Q 115 38.05 45.88 -11.38
C GLN Q 115 38.60 46.92 -10.43
N SER Q 116 39.21 46.49 -9.33
CA SER Q 116 39.65 47.43 -8.30
C SER Q 116 41.10 47.84 -8.47
N LEU Q 117 41.96 46.92 -8.91
CA LEU Q 117 43.33 47.31 -9.25
C LEU Q 117 43.36 48.28 -10.40
N GLN Q 118 42.40 48.17 -11.31
CA GLN Q 118 42.31 49.05 -12.45
C GLN Q 118 42.01 50.49 -12.05
N THR Q 119 41.44 50.69 -10.87
CA THR Q 119 41.19 52.03 -10.34
C THR Q 119 42.20 52.42 -9.27
N MET Q 120 43.44 51.96 -9.36
CA MET Q 120 44.50 52.51 -8.54
C MET Q 120 45.13 53.68 -9.25
N GLU Q 121 46.27 54.16 -8.75
CA GLU Q 121 46.93 55.30 -9.34
C GLU Q 121 47.85 54.81 -10.46
N GLY Q 122 47.40 54.96 -11.71
CA GLY Q 122 48.24 54.68 -12.84
C GLY Q 122 48.08 53.31 -13.45
N VAL Q 123 47.34 52.40 -12.84
CA VAL Q 123 47.15 51.09 -13.44
C VAL Q 123 46.17 51.24 -14.59
N LEU Q 124 46.62 50.91 -15.80
CA LEU Q 124 45.73 50.95 -16.95
C LEU Q 124 44.83 49.73 -16.96
N SER Q 125 45.42 48.54 -16.83
CA SER Q 125 44.69 47.29 -16.90
C SER Q 125 45.25 46.33 -15.88
N ALA Q 126 44.47 45.31 -15.55
CA ALA Q 126 44.90 44.36 -14.54
C ALA Q 126 44.25 43.01 -14.79
N ARG Q 127 44.93 41.96 -14.33
CA ARG Q 127 44.40 40.61 -14.33
C ARG Q 127 44.75 39.97 -13.00
N VAL Q 128 43.81 39.25 -12.42
CA VAL Q 128 44.00 38.61 -11.12
C VAL Q 128 43.54 37.17 -11.22
N HIS Q 129 44.38 36.23 -10.79
CA HIS Q 129 44.01 34.83 -10.69
C HIS Q 129 44.06 34.39 -9.25
N ILE Q 130 43.20 33.44 -8.90
CA ILE Q 130 43.12 32.89 -7.57
C ILE Q 130 43.39 31.40 -7.67
N SER Q 131 44.21 30.88 -6.76
CA SER Q 131 44.37 29.44 -6.66
C SER Q 131 43.08 28.80 -6.18
N TYR Q 132 42.60 27.82 -6.91
CA TYR Q 132 41.33 27.18 -6.59
C TYR Q 132 41.61 25.88 -5.84
N ASP Q 133 41.71 25.98 -4.53
CA ASP Q 133 41.61 24.81 -3.66
C ASP Q 133 40.13 24.55 -3.48
N ILE Q 134 39.61 23.53 -4.16
CA ILE Q 134 38.19 23.28 -4.20
C ILE Q 134 37.83 22.00 -3.45
N ASP Q 135 38.63 20.95 -3.60
CA ASP Q 135 38.28 19.66 -3.05
C ASP Q 135 38.76 19.46 -1.61
N ALA Q 136 38.83 20.55 -0.83
CA ALA Q 136 39.30 20.47 0.55
C ALA Q 136 38.32 19.70 1.43
N GLY Q 137 37.01 19.94 1.24
CA GLY Q 137 36.00 19.23 2.00
C GLY Q 137 35.80 17.80 1.56
N GLU Q 138 36.03 17.50 0.28
CA GLU Q 138 35.81 16.15 -0.23
C GLU Q 138 36.93 15.21 0.16
N ASN Q 139 38.15 15.71 0.34
CA ASN Q 139 39.24 14.89 0.83
C ASN Q 139 39.25 14.75 2.34
N GLY Q 140 38.48 15.56 3.06
CA GLY Q 140 38.52 15.52 4.51
C GLY Q 140 39.79 16.12 5.08
N ARG Q 141 40.24 17.25 4.55
CA ARG Q 141 41.49 17.87 4.88
C ARG Q 141 41.28 19.37 5.16
N PRO Q 142 42.18 19.98 5.92
CA PRO Q 142 42.19 21.44 5.99
C PRO Q 142 42.64 22.03 4.67
N PRO Q 143 42.09 23.16 4.27
CA PRO Q 143 42.37 23.69 2.93
C PRO Q 143 43.77 24.29 2.85
N LYS Q 144 44.21 24.45 1.62
CA LYS Q 144 45.53 24.97 1.34
C LYS Q 144 45.52 26.48 1.49
N PRO Q 145 46.68 27.11 1.67
CA PRO Q 145 46.73 28.57 1.63
C PRO Q 145 46.37 29.08 0.25
N VAL Q 146 45.76 30.24 0.22
CA VAL Q 146 45.33 30.83 -1.03
C VAL Q 146 46.53 31.51 -1.69
N HIS Q 147 46.77 31.17 -2.94
CA HIS Q 147 47.80 31.79 -3.75
C HIS Q 147 47.12 32.65 -4.80
N LEU Q 148 47.78 33.74 -5.19
CA LEU Q 148 47.16 34.58 -6.20
C LEU Q 148 48.21 35.34 -7.00
N SER Q 149 47.88 35.61 -8.26
CA SER Q 149 48.78 36.26 -9.19
C SER Q 149 48.14 37.52 -9.70
N ALA Q 150 48.96 38.48 -10.11
CA ALA Q 150 48.43 39.74 -10.60
C ALA Q 150 49.30 40.32 -11.70
N LEU Q 151 48.64 40.85 -12.72
CA LEU Q 151 49.29 41.59 -13.79
C LEU Q 151 48.80 43.02 -13.77
N ALA Q 152 49.63 43.94 -14.27
CA ALA Q 152 49.31 45.36 -14.13
C ALA Q 152 50.09 46.14 -15.17
N VAL Q 153 49.42 47.04 -15.86
CA VAL Q 153 50.03 47.82 -16.93
C VAL Q 153 50.04 49.28 -16.48
N TYR Q 154 51.21 49.80 -16.17
CA TYR Q 154 51.35 51.17 -15.69
C TYR Q 154 51.63 52.12 -16.84
N GLU Q 155 51.70 53.41 -16.50
CA GLU Q 155 52.08 54.40 -17.49
C GLU Q 155 53.56 54.31 -17.80
N ARG Q 156 53.96 55.09 -18.80
CA ARG Q 156 55.36 55.46 -18.92
C ARG Q 156 55.77 56.33 -17.74
N GLY Q 157 57.07 56.31 -17.42
CA GLY Q 157 57.62 57.22 -16.44
C GLY Q 157 57.38 56.84 -15.00
N SER Q 158 56.52 55.88 -14.70
CA SER Q 158 56.31 55.50 -13.32
C SER Q 158 57.48 54.65 -12.84
N PRO Q 159 57.94 54.86 -11.61
CA PRO Q 159 58.98 53.99 -11.07
C PRO Q 159 58.45 52.65 -10.60
N LEU Q 160 58.37 51.66 -11.51
CA LEU Q 160 57.66 50.40 -11.31
C LEU Q 160 58.15 49.58 -10.12
N ALA Q 161 59.35 49.82 -9.61
CA ALA Q 161 59.86 49.04 -8.50
C ALA Q 161 59.25 49.44 -7.16
N HIS Q 162 58.32 50.39 -7.11
CA HIS Q 162 57.72 50.83 -5.87
C HIS Q 162 56.22 50.68 -5.82
N GLN Q 163 55.54 50.62 -6.96
CA GLN Q 163 54.14 50.27 -6.96
C GLN Q 163 53.92 48.78 -6.82
N ILE Q 164 54.99 48.00 -6.80
CA ILE Q 164 54.89 46.58 -6.54
C ILE Q 164 54.50 46.32 -5.09
N SER Q 165 54.81 47.25 -4.19
CA SER Q 165 54.49 47.06 -2.78
C SER Q 165 53.05 47.41 -2.47
N ASP Q 166 52.47 48.35 -3.23
CA ASP Q 166 51.09 48.76 -2.99
C ASP Q 166 50.12 47.65 -3.33
N ILE Q 167 50.29 47.04 -4.51
CA ILE Q 167 49.43 45.95 -4.92
C ILE Q 167 49.57 44.78 -3.96
N LYS Q 168 50.81 44.40 -3.67
CA LYS Q 168 51.11 43.25 -2.83
C LYS Q 168 50.66 43.47 -1.39
N ARG Q 169 50.53 44.72 -0.95
CA ARG Q 169 49.88 45.02 0.33
C ARG Q 169 48.37 44.99 0.20
N PHE Q 170 47.86 45.45 -0.95
CA PHE Q 170 46.41 45.57 -1.14
C PHE Q 170 45.72 44.22 -1.10
N LEU Q 171 46.11 43.32 -1.98
CA LEU Q 171 45.32 42.11 -2.08
C LEU Q 171 45.90 40.97 -1.26
N LYS Q 172 46.82 41.26 -0.33
CA LYS Q 172 47.03 40.35 0.78
C LYS Q 172 45.75 40.20 1.59
N ASN Q 173 45.29 41.30 2.17
CA ASN Q 173 44.14 41.26 3.05
C ASN Q 173 42.83 41.24 2.31
N SER Q 174 42.82 40.94 1.03
CA SER Q 174 41.58 40.65 0.34
C SER Q 174 41.19 39.19 0.46
N PHE Q 175 42.01 38.38 1.12
CA PHE Q 175 41.71 36.98 1.36
C PHE Q 175 42.12 36.57 2.76
N ALA Q 176 41.73 35.36 3.12
CA ALA Q 176 41.77 34.95 4.52
C ALA Q 176 43.18 34.60 4.96
N ASP Q 177 43.79 33.59 4.35
CA ASP Q 177 45.10 33.11 4.79
C ASP Q 177 46.09 33.14 3.63
N VAL Q 178 46.65 34.32 3.36
CA VAL Q 178 47.70 34.43 2.36
C VAL Q 178 48.92 35.06 3.02
N ASP Q 179 50.05 34.99 2.31
CA ASP Q 179 51.27 35.59 2.80
C ASP Q 179 51.80 36.57 1.77
N TYR Q 180 53.00 37.05 1.97
CA TYR Q 180 53.71 37.84 0.98
C TYR Q 180 54.57 36.97 0.08
N ASP Q 181 54.39 35.66 0.16
CA ASP Q 181 55.05 34.73 -0.73
C ASP Q 181 54.08 34.02 -1.65
N ASN Q 182 52.79 34.05 -1.34
CA ASN Q 182 51.78 33.47 -2.20
C ASN Q 182 51.23 34.48 -3.19
N ILE Q 183 51.80 35.68 -3.24
CA ILE Q 183 51.33 36.74 -4.12
C ILE Q 183 52.42 36.99 -5.15
N SER Q 184 52.08 36.82 -6.41
CA SER Q 184 53.04 36.96 -7.50
C SER Q 184 52.56 38.04 -8.45
N VAL Q 185 53.15 39.23 -8.35
CA VAL Q 185 52.73 40.37 -9.15
C VAL Q 185 53.87 40.72 -10.08
N VAL Q 186 53.63 40.61 -11.38
CA VAL Q 186 54.61 40.94 -12.40
C VAL Q 186 54.02 42.06 -13.23
N LEU Q 187 54.35 43.29 -12.89
CA LEU Q 187 53.77 44.46 -13.52
C LEU Q 187 54.75 45.09 -14.50
N SER Q 188 54.21 45.54 -15.61
CA SER Q 188 54.99 45.98 -16.76
C SER Q 188 54.39 47.25 -17.32
N GLU Q 189 55.23 48.24 -17.60
CA GLU Q 189 54.73 49.50 -18.13
C GLU Q 189 54.25 49.32 -19.56
N ARG Q 190 53.38 50.24 -19.99
CA ARG Q 190 52.75 50.07 -21.29
C ARG Q 190 53.74 50.36 -22.41
N SER Q 191 53.31 50.03 -23.62
CA SER Q 191 54.15 50.19 -24.79
C SER Q 191 54.22 51.66 -25.19
N ASP Q 192 54.94 51.93 -26.28
CA ASP Q 192 54.96 53.27 -26.83
C ASP Q 192 53.59 53.61 -27.41
N ALA Q 193 53.23 54.88 -27.33
CA ALA Q 193 51.90 55.31 -27.77
C ALA Q 193 51.83 55.33 -29.28
N GLN Q 194 50.79 54.69 -29.82
CA GLN Q 194 50.52 54.74 -31.26
C GLN Q 194 49.56 55.89 -31.48
N LEU Q 195 50.11 57.04 -31.82
CA LEU Q 195 49.34 58.26 -32.04
C LEU Q 195 49.44 58.72 -33.48
N GLN Q 196 50.07 57.94 -34.35
CA GLN Q 196 50.64 58.41 -35.59
C GLN Q 196 49.96 57.70 -36.75
N ALA Q 197 49.57 58.46 -37.76
CA ALA Q 197 48.79 57.93 -38.86
C ALA Q 197 49.62 56.95 -39.69
N PRO Q 198 49.09 55.77 -40.01
CA PRO Q 198 49.85 54.79 -40.79
C PRO Q 198 50.18 55.25 -42.20
N GLY Q 199 49.16 55.59 -42.97
CA GLY Q 199 49.39 56.07 -44.31
C GLY Q 199 48.84 55.16 -45.39
N THR Q 200 48.12 55.75 -46.33
CA THR Q 200 47.69 55.02 -47.51
C THR Q 200 48.88 54.70 -48.40
N PRO Q 201 48.85 53.55 -49.09
CA PRO Q 201 49.96 53.22 -50.00
C PRO Q 201 50.01 54.16 -51.20
N VAL Q 202 51.15 54.14 -51.88
CA VAL Q 202 51.36 54.98 -53.05
C VAL Q 202 50.81 54.25 -54.26
N LYS Q 203 50.54 55.01 -55.32
CA LYS Q 203 49.95 54.46 -56.52
C LYS Q 203 50.98 54.33 -57.65
N ALA R 171 50.50 78.03 -37.75
CA ALA R 171 49.92 78.86 -36.71
C ALA R 171 50.81 78.89 -35.47
N GLU R 172 50.42 79.66 -34.48
CA GLU R 172 51.18 79.74 -33.24
C GLU R 172 50.96 78.49 -32.40
N LEU R 173 52.05 77.85 -32.01
CA LEU R 173 51.96 76.59 -31.27
C LEU R 173 51.44 76.82 -29.86
N ASP R 174 51.59 78.02 -29.31
CA ASP R 174 50.98 78.36 -28.04
C ASP R 174 49.46 78.33 -28.09
N SER R 175 48.87 78.47 -29.27
CA SER R 175 47.43 78.32 -29.42
C SER R 175 47.03 77.02 -30.09
N LEU R 176 47.95 76.35 -30.80
CA LEU R 176 47.65 75.00 -31.29
C LEU R 176 47.55 74.00 -30.16
N LEU R 177 48.22 74.26 -29.05
CA LEU R 177 48.05 73.49 -27.83
C LEU R 177 46.80 73.96 -27.12
N GLY R 178 46.63 73.58 -25.87
CA GLY R 178 45.40 73.90 -25.16
C GLY R 178 45.25 75.37 -24.80
N GLN R 179 44.15 75.64 -24.09
CA GLN R 179 43.80 77.00 -23.71
C GLN R 179 44.78 77.60 -22.71
N GLU R 180 45.35 76.77 -21.83
CA GLU R 180 46.22 77.24 -20.78
C GLU R 180 47.64 77.41 -21.30
N LYS R 181 48.15 78.64 -21.24
CA LYS R 181 49.49 78.90 -21.77
C LYS R 181 50.57 78.46 -20.81
N GLU R 182 50.28 78.46 -19.51
CA GLU R 182 51.30 78.21 -18.50
C GLU R 182 51.73 76.76 -18.44
N ARG R 183 50.96 75.84 -19.01
CA ARG R 183 51.26 74.43 -18.87
C ARG R 183 52.43 74.01 -19.75
N PHE R 184 52.59 74.61 -20.92
CA PHE R 184 53.67 74.27 -21.82
C PHE R 184 54.58 75.47 -21.97
N GLN R 185 55.77 75.22 -22.51
CA GLN R 185 56.73 76.30 -22.76
C GLN R 185 57.50 75.95 -24.02
N VAL R 186 57.23 76.65 -25.12
CA VAL R 186 57.88 76.34 -26.38
C VAL R 186 59.33 76.80 -26.35
N LEU R 187 60.17 76.10 -27.09
CA LEU R 187 61.61 76.33 -27.05
C LEU R 187 62.18 76.34 -28.45
N PRO R 188 62.56 77.49 -28.97
CA PRO R 188 63.15 77.53 -30.32
C PRO R 188 64.58 77.04 -30.34
N GLY R 189 64.74 75.73 -30.56
CA GLY R 189 66.06 75.13 -30.61
C GLY R 189 66.92 75.62 -31.77
N ARG R 190 68.20 75.27 -31.70
CA ARG R 190 69.18 75.82 -32.61
C ARG R 190 69.25 75.09 -33.95
N ASP R 191 68.72 73.87 -34.05
CA ASP R 191 68.86 73.05 -35.25
C ASP R 191 67.59 73.02 -36.08
N LYS R 192 66.89 74.16 -36.15
CA LYS R 192 65.70 74.50 -36.95
C LYS R 192 64.42 73.83 -36.42
N MET R 193 64.54 72.92 -35.46
CA MET R 193 63.39 72.24 -34.90
C MET R 193 62.95 72.95 -33.64
N LEU R 194 61.65 73.13 -33.48
CA LEU R 194 61.08 73.75 -32.29
C LEU R 194 60.73 72.66 -31.28
N TYR R 195 60.82 73.00 -30.00
CA TYR R 195 60.57 72.05 -28.93
C TYR R 195 59.55 72.62 -27.96
N VAL R 196 58.73 71.73 -27.39
CA VAL R 196 57.73 72.12 -26.40
C VAL R 196 57.89 71.24 -25.18
N ALA R 197 58.08 71.88 -24.02
CA ALA R 197 58.48 71.20 -22.80
C ALA R 197 57.26 70.91 -21.95
N ALA R 198 56.83 69.65 -21.93
CA ALA R 198 55.74 69.28 -21.05
C ALA R 198 56.25 69.13 -19.62
N GLN R 199 55.32 68.92 -18.70
CA GLN R 199 55.68 68.78 -17.30
C GLN R 199 55.58 67.36 -16.78
N ASN R 200 54.65 66.56 -17.29
CA ASN R 200 54.52 65.17 -16.89
C ASN R 200 54.01 64.37 -18.08
N GLU R 201 53.57 63.14 -17.82
CA GLU R 201 53.17 62.26 -18.91
C GLU R 201 51.72 62.41 -19.29
N ARG R 202 50.96 63.30 -18.66
CA ARG R 202 49.67 63.66 -19.25
C ARG R 202 49.84 64.80 -20.23
N ASP R 203 50.66 65.79 -19.88
CA ASP R 203 50.92 66.90 -20.79
C ASP R 203 51.73 66.47 -21.99
N THR R 204 52.55 65.43 -21.85
CA THR R 204 53.30 64.93 -22.99
C THR R 204 52.37 64.29 -24.00
N LEU R 205 51.42 63.47 -23.53
CA LEU R 205 50.41 62.93 -24.43
C LEU R 205 49.40 63.98 -24.86
N TRP R 206 49.34 65.10 -24.15
CA TRP R 206 48.55 66.22 -24.63
C TRP R 206 49.24 66.89 -25.81
N ALA R 207 50.56 67.03 -25.75
CA ALA R 207 51.28 67.75 -26.78
C ALA R 207 51.82 66.84 -27.88
N ARG R 208 52.06 65.56 -27.59
CA ARG R 208 52.34 64.62 -28.66
C ARG R 208 51.09 64.22 -29.42
N GLN R 209 49.91 64.60 -28.95
CA GLN R 209 48.72 64.36 -29.73
C GLN R 209 48.57 65.40 -30.82
N VAL R 210 48.85 66.66 -30.50
CA VAL R 210 48.69 67.76 -31.45
C VAL R 210 49.66 67.62 -32.61
N LEU R 211 50.93 67.34 -32.31
CA LEU R 211 51.95 67.35 -33.34
C LEU R 211 51.89 66.14 -34.25
N ALA R 212 51.24 65.07 -33.85
CA ALA R 212 51.15 63.87 -34.67
C ALA R 212 49.82 63.76 -35.40
N ARG R 213 48.80 64.46 -34.91
CA ARG R 213 47.50 64.48 -35.57
C ARG R 213 47.53 65.34 -36.83
N GLY R 214 48.27 66.43 -36.81
CA GLY R 214 48.06 67.44 -37.82
C GLY R 214 49.33 68.17 -38.20
N ASP R 215 49.24 69.48 -38.31
CA ASP R 215 50.30 70.27 -38.91
C ASP R 215 50.79 71.37 -37.99
N TYR R 216 52.10 71.47 -37.86
CA TYR R 216 52.80 72.70 -37.58
C TYR R 216 53.73 72.91 -38.76
N ASP R 217 53.88 74.15 -39.23
CA ASP R 217 54.62 74.38 -40.47
C ASP R 217 56.13 74.39 -40.27
N LYS R 218 56.65 73.42 -39.51
CA LYS R 218 58.04 73.16 -39.19
C LYS R 218 58.00 71.89 -38.34
N ASN R 219 59.17 71.33 -38.07
CA ASN R 219 59.24 70.16 -37.21
C ASN R 219 59.08 70.58 -35.75
N ALA R 220 58.41 69.74 -34.98
CA ALA R 220 58.17 70.02 -33.56
C ALA R 220 58.22 68.72 -32.77
N ARG R 221 58.77 68.80 -31.56
CA ARG R 221 59.16 67.60 -30.83
C ARG R 221 59.01 67.85 -29.34
N VAL R 222 58.19 67.04 -28.68
CA VAL R 222 57.90 67.24 -27.26
C VAL R 222 59.01 66.60 -26.45
N ILE R 223 59.58 67.37 -25.52
CA ILE R 223 60.57 66.83 -24.60
C ILE R 223 59.96 66.84 -23.20
N ASN R 224 60.36 65.88 -22.40
CA ASN R 224 59.86 65.74 -21.04
C ASN R 224 61.03 65.94 -20.08
N GLU R 225 60.73 66.02 -18.79
CA GLU R 225 61.80 66.18 -17.82
C GLU R 225 62.37 64.83 -17.45
N ASN R 226 61.51 63.83 -17.33
CA ASN R 226 61.95 62.51 -16.90
C ASN R 226 62.22 61.56 -18.05
N GLU R 227 62.06 62.00 -19.29
CA GLU R 227 62.37 61.13 -20.41
C GLU R 227 63.61 61.62 -21.14
N GLU R 228 63.74 62.93 -21.34
CA GLU R 228 64.95 63.50 -21.92
C GLU R 228 66.14 63.33 -21.00
N ASN R 229 65.89 63.30 -19.69
CA ASN R 229 66.91 62.87 -18.73
C ASN R 229 67.37 61.46 -19.04
N LYS R 230 66.44 60.57 -19.33
CA LYS R 230 66.81 59.19 -19.61
C LYS R 230 67.40 59.05 -21.00
N ARG R 231 67.03 59.94 -21.94
CA ARG R 231 67.56 59.85 -23.30
C ARG R 231 69.04 60.21 -23.33
N ILE R 232 69.45 61.18 -22.52
CA ILE R 232 70.85 61.59 -22.46
C ILE R 232 71.72 60.47 -21.90
N SER R 233 71.20 59.75 -20.90
CA SER R 233 71.94 58.64 -20.30
C SER R 233 72.13 57.47 -21.26
N ILE R 234 71.30 57.36 -22.30
CA ILE R 234 71.56 56.36 -23.33
C ILE R 234 72.71 56.81 -24.20
N TRP R 235 72.88 58.12 -24.38
CA TRP R 235 74.06 58.65 -25.04
C TRP R 235 75.25 58.68 -24.12
N LEU R 236 75.01 58.96 -22.83
CA LEU R 236 76.10 59.31 -21.94
C LEU R 236 76.85 58.09 -21.45
N ASP R 237 76.22 56.92 -21.40
CA ASP R 237 76.94 55.76 -20.93
C ASP R 237 77.91 55.21 -21.97
N THR R 238 77.73 55.55 -23.24
CA THR R 238 78.70 55.16 -24.27
C THR R 238 79.87 56.13 -24.30
N TYR R 239 79.59 57.41 -24.46
CA TYR R 239 80.65 58.38 -24.65
C TYR R 239 81.29 58.85 -23.35
N TYR R 240 80.65 58.60 -22.22
CA TYR R 240 81.27 58.79 -20.91
C TYR R 240 80.83 57.70 -19.93
N PRO R 241 81.37 56.49 -20.07
CA PRO R 241 81.18 55.51 -19.01
C PRO R 241 82.08 55.86 -17.84
N GLN R 242 81.80 55.24 -16.69
CA GLN R 242 82.40 55.58 -15.40
C GLN R 242 82.22 57.07 -15.07
N LEU R 243 81.10 57.65 -15.46
CA LEU R 243 80.77 59.02 -15.08
C LEU R 243 79.78 58.96 -13.94
N ALA R 244 80.08 59.68 -12.87
CA ALA R 244 79.23 59.73 -11.70
C ALA R 244 78.43 61.02 -11.73
N TYR R 245 77.15 60.89 -12.01
CA TYR R 245 76.24 62.02 -12.11
C TYR R 245 74.92 61.59 -11.52
N TYR R 246 74.10 62.57 -11.16
CA TYR R 246 72.83 62.27 -10.53
C TYR R 246 71.66 62.35 -11.50
N ARG R 247 71.44 63.53 -12.08
CA ARG R 247 70.18 63.86 -12.72
C ARG R 247 70.34 65.21 -13.40
N ILE R 248 69.73 65.36 -14.57
CA ILE R 248 69.66 66.66 -15.22
C ILE R 248 68.31 67.28 -14.88
N HIS R 249 68.24 68.60 -14.85
CA HIS R 249 67.08 69.29 -14.32
C HIS R 249 66.58 70.35 -15.28
N PHE R 250 65.29 70.31 -15.58
CA PHE R 250 64.66 71.12 -16.60
C PHE R 250 63.63 72.07 -16.01
N ASP R 251 63.96 72.70 -14.88
CA ASP R 251 63.05 73.66 -14.29
C ASP R 251 63.02 74.94 -15.11
N GLU R 252 64.19 75.46 -15.46
CA GLU R 252 64.32 76.47 -16.49
C GLU R 252 64.89 75.77 -17.72
N PRO R 253 64.06 75.36 -18.67
CA PRO R 253 64.54 74.50 -19.76
C PRO R 253 65.42 75.19 -20.77
N ARG R 254 65.57 76.52 -20.68
CA ARG R 254 66.55 77.20 -21.51
C ARG R 254 67.97 76.81 -21.11
N LYS R 255 68.22 76.57 -19.83
CA LYS R 255 69.52 76.05 -19.45
C LYS R 255 69.41 75.05 -18.30
N PRO R 256 69.79 73.81 -18.53
CA PRO R 256 69.64 72.78 -17.50
C PRO R 256 70.81 72.76 -16.52
N VAL R 257 70.50 72.28 -15.31
CA VAL R 257 71.48 72.12 -14.26
C VAL R 257 71.73 70.63 -14.12
N PHE R 258 72.93 70.21 -14.47
CA PHE R 258 73.28 68.80 -14.55
C PHE R 258 74.26 68.48 -13.43
N TRP R 259 73.75 67.85 -12.38
CA TRP R 259 74.54 67.57 -11.19
C TRP R 259 75.56 66.47 -11.46
N LEU R 260 76.71 66.58 -10.81
CA LEU R 260 77.70 65.51 -10.83
C LEU R 260 78.18 65.24 -9.41
N SER R 261 78.81 64.09 -9.25
CA SER R 261 79.49 63.75 -8.01
C SER R 261 80.79 64.54 -7.94
N ARG R 262 80.94 65.34 -6.88
CA ARG R 262 82.23 65.98 -6.66
C ARG R 262 83.29 64.97 -6.29
N GLN R 263 82.90 63.91 -5.60
CA GLN R 263 83.87 62.96 -5.07
C GLN R 263 84.33 61.96 -6.13
N ARG R 264 83.41 61.40 -6.89
CA ARG R 264 83.71 60.28 -7.76
C ARG R 264 84.01 60.71 -9.20
N ASN R 265 84.34 61.98 -9.43
CA ASN R 265 84.67 62.45 -10.76
C ASN R 265 86.11 62.97 -10.77
N THR R 266 86.94 62.33 -11.57
CA THR R 266 88.33 62.71 -11.76
C THR R 266 88.52 63.61 -12.98
N MET R 267 87.43 64.07 -13.56
CA MET R 267 87.51 64.97 -14.71
C MET R 267 88.02 66.33 -14.29
N SER R 268 88.94 66.88 -15.08
CA SER R 268 89.48 68.20 -14.79
C SER R 268 88.54 69.25 -15.36
N LYS R 269 88.82 70.53 -15.07
CA LYS R 269 87.90 71.59 -15.47
C LYS R 269 88.02 71.92 -16.95
N LYS R 270 89.04 71.38 -17.62
CA LYS R 270 89.17 71.53 -19.07
C LYS R 270 88.06 70.79 -19.80
N GLU R 271 88.05 69.46 -19.68
CA GLU R 271 87.08 68.66 -20.39
C GLU R 271 85.69 68.69 -19.76
N LEU R 272 85.55 69.22 -18.54
CA LEU R 272 84.22 69.44 -18.00
C LEU R 272 83.50 70.55 -18.75
N GLU R 273 84.25 71.52 -19.28
CA GLU R 273 83.65 72.52 -20.17
C GLU R 273 83.39 71.93 -21.54
N VAL R 274 84.18 70.92 -21.94
CA VAL R 274 83.85 70.14 -23.13
C VAL R 274 82.57 69.36 -22.89
N LEU R 275 82.38 68.85 -21.67
CA LEU R 275 81.17 68.13 -21.32
C LEU R 275 79.96 69.05 -21.26
N SER R 276 80.15 70.35 -21.00
CA SER R 276 79.06 71.30 -21.14
C SER R 276 78.79 71.66 -22.60
N GLN R 277 79.64 71.20 -23.53
CA GLN R 277 79.39 71.40 -24.95
C GLN R 277 79.00 70.13 -25.68
N LYS R 278 79.34 68.95 -25.16
CA LYS R 278 78.83 67.72 -25.73
C LYS R 278 77.34 67.57 -25.47
N LEU R 279 76.86 68.03 -24.31
CA LEU R 279 75.44 67.91 -24.00
C LEU R 279 74.59 68.88 -24.80
N ARG R 280 75.16 70.02 -25.20
CA ARG R 280 74.43 70.97 -26.03
C ARG R 280 74.16 70.44 -27.42
N ALA R 281 74.96 69.49 -27.90
CA ALA R 281 74.65 68.84 -29.16
C ALA R 281 73.45 67.92 -29.05
N LEU R 282 73.10 67.50 -27.83
CA LEU R 282 71.91 66.68 -27.62
C LEU R 282 70.68 67.50 -27.28
N MET R 283 70.86 68.68 -26.71
CA MET R 283 69.76 69.55 -26.30
C MET R 283 69.89 70.86 -27.07
N PRO R 284 69.33 70.93 -28.29
CA PRO R 284 69.47 72.16 -29.08
C PRO R 284 68.69 73.32 -28.49
N TYR R 285 67.61 73.03 -27.78
CA TYR R 285 66.84 74.05 -27.06
C TYR R 285 67.62 74.65 -25.91
N ALA R 286 68.64 73.97 -25.42
CA ALA R 286 69.38 74.45 -24.26
C ALA R 286 70.32 75.57 -24.65
N ASP R 287 70.51 76.52 -23.73
CA ASP R 287 71.48 77.57 -23.96
C ASP R 287 72.88 77.10 -23.62
N SER R 288 73.11 76.76 -22.35
CA SER R 288 74.40 76.26 -21.89
C SER R 288 74.18 75.50 -20.60
N VAL R 289 74.76 74.31 -20.50
CA VAL R 289 74.51 73.43 -19.36
C VAL R 289 75.27 73.96 -18.15
N ASN R 290 74.55 74.09 -17.03
CA ASN R 290 75.12 74.57 -15.78
C ASN R 290 75.55 73.35 -14.97
N ILE R 291 76.77 72.89 -15.22
CA ILE R 291 77.32 71.74 -14.51
C ILE R 291 77.76 72.18 -13.11
N THR R 292 77.15 71.58 -12.09
CA THR R 292 77.61 71.78 -10.73
C THR R 292 77.93 70.44 -10.10
N LEU R 293 78.43 70.50 -8.88
CA LEU R 293 78.93 69.33 -8.17
C LEU R 293 78.19 69.21 -6.85
N MET R 294 77.84 67.98 -6.48
CA MET R 294 77.19 67.72 -5.20
C MET R 294 77.98 66.63 -4.49
N ASP R 295 78.18 66.79 -3.18
CA ASP R 295 78.91 65.78 -2.42
C ASP R 295 78.05 64.55 -2.20
N ASP R 296 78.67 63.38 -2.31
CA ASP R 296 77.94 62.13 -2.16
C ASP R 296 77.48 61.89 -0.73
N VAL R 297 78.15 62.49 0.25
CA VAL R 297 77.71 62.33 1.63
C VAL R 297 76.47 63.16 1.90
N THR R 298 76.25 64.24 1.14
CA THR R 298 75.04 65.01 1.27
C THR R 298 73.85 64.31 0.61
N ALA R 299 74.11 63.57 -0.46
CA ALA R 299 73.05 62.84 -1.13
C ALA R 299 72.54 61.70 -0.26
N ALA R 300 73.46 60.87 0.26
CA ALA R 300 73.05 59.79 1.15
C ALA R 300 72.64 60.32 2.51
N GLY R 301 73.03 61.54 2.87
CA GLY R 301 72.64 62.09 4.14
C GLY R 301 71.16 62.40 4.20
N GLN R 302 70.67 63.22 3.27
CA GLN R 302 69.27 63.61 3.25
C GLN R 302 68.34 62.44 2.96
N ALA R 303 68.84 61.42 2.24
CA ALA R 303 68.06 60.21 2.08
C ALA R 303 67.96 59.46 3.39
N GLU R 304 69.04 59.44 4.17
CA GLU R 304 68.96 58.80 5.48
C GLU R 304 68.26 59.72 6.49
N ALA R 305 68.55 61.02 6.45
CA ALA R 305 67.95 61.94 7.40
C ALA R 305 66.48 62.22 7.11
N GLY R 306 65.93 61.69 6.03
CA GLY R 306 64.51 61.74 5.82
C GLY R 306 63.85 60.43 6.16
N LEU R 307 64.55 59.33 5.87
CA LEU R 307 63.94 58.01 6.01
C LEU R 307 63.85 57.59 7.47
N LYS R 308 64.72 58.13 8.33
CA LYS R 308 64.50 57.99 9.75
C LYS R 308 63.66 59.12 10.33
N GLN R 309 63.46 60.19 9.57
CA GLN R 309 62.55 61.24 9.97
C GLN R 309 61.11 60.86 9.69
N GLN R 310 60.89 59.91 8.79
CA GLN R 310 59.58 59.30 8.59
C GLN R 310 59.34 58.14 9.53
N ALA R 311 60.30 57.83 10.40
CA ALA R 311 60.27 56.71 11.34
C ALA R 311 60.06 55.39 10.62
N LEU R 312 61.04 55.02 9.81
CA LEU R 312 60.98 53.80 9.03
C LEU R 312 62.15 52.89 9.37
N PRO R 313 61.91 51.60 9.53
CA PRO R 313 63.03 50.67 9.77
C PRO R 313 63.82 50.45 8.50
N TYR R 314 65.14 50.43 8.62
CA TYR R 314 65.98 50.28 7.45
C TYR R 314 67.32 49.70 7.86
N SER R 315 68.22 49.60 6.89
CA SER R 315 69.62 49.30 7.18
C SER R 315 70.46 49.87 6.05
N ARG R 316 71.22 50.91 6.33
CA ARG R 316 72.11 51.50 5.34
C ARG R 316 73.27 50.56 5.06
N ARG R 317 73.32 50.00 3.87
CA ARG R 317 74.49 49.27 3.41
C ARG R 317 75.19 50.11 2.36
N ASN R 318 76.49 50.32 2.55
CA ASN R 318 77.25 51.14 1.64
C ASN R 318 77.93 50.26 0.61
N HIS R 319 78.31 50.87 -0.50
CA HIS R 319 79.12 50.20 -1.51
C HIS R 319 80.11 51.19 -2.08
N LYS R 320 81.01 50.66 -2.91
CA LYS R 320 81.96 51.50 -3.62
C LYS R 320 81.24 52.10 -4.82
N GLY R 321 80.64 53.27 -4.62
CA GLY R 321 79.92 53.93 -5.69
C GLY R 321 78.42 53.81 -5.58
N GLY R 322 77.89 53.99 -4.38
CA GLY R 322 76.46 53.98 -4.16
C GLY R 322 76.12 53.38 -2.81
N VAL R 323 74.95 53.78 -2.29
CA VAL R 323 74.42 53.22 -1.06
C VAL R 323 73.10 52.55 -1.37
N THR R 324 72.54 51.87 -0.37
CA THR R 324 71.31 51.13 -0.55
C THR R 324 70.55 51.08 0.76
N PHE R 325 69.30 51.50 0.74
CA PHE R 325 68.45 51.53 1.93
C PHE R 325 67.39 50.46 1.77
N VAL R 326 67.69 49.26 2.21
CA VAL R 326 66.66 48.22 2.18
C VAL R 326 65.74 48.42 3.38
N ILE R 327 64.44 48.36 3.11
CA ILE R 327 63.40 48.61 4.11
C ILE R 327 62.56 47.35 4.18
N GLN R 328 62.55 46.70 5.35
CA GLN R 328 61.78 45.46 5.43
C GLN R 328 60.98 45.39 6.71
N GLY R 329 60.26 44.29 6.87
CA GLY R 329 59.28 44.15 7.93
C GLY R 329 57.87 44.20 7.38
N ALA R 330 56.92 43.89 8.26
CA ALA R 330 55.51 43.95 7.91
C ALA R 330 55.04 45.39 8.09
N LEU R 331 55.37 46.22 7.12
CA LEU R 331 54.99 47.63 7.17
C LEU R 331 53.51 47.76 6.87
N ASP R 332 52.77 48.41 7.75
CA ASP R 332 51.37 48.65 7.51
C ASP R 332 51.19 49.95 6.72
N ASP R 333 49.95 50.43 6.63
CA ASP R 333 49.60 51.36 5.58
C ASP R 333 50.09 52.77 5.84
N VAL R 334 50.23 53.15 7.11
CA VAL R 334 50.61 54.52 7.44
C VAL R 334 52.06 54.76 7.06
N GLU R 335 52.90 53.74 7.22
CA GLU R 335 54.30 53.86 6.90
C GLU R 335 54.63 53.44 5.48
N ILE R 336 53.76 52.67 4.83
CA ILE R 336 54.00 52.31 3.43
C ILE R 336 53.70 53.49 2.52
N LEU R 337 52.95 54.48 3.00
CA LEU R 337 52.60 55.66 2.24
C LEU R 337 53.44 56.86 2.61
N ARG R 338 54.00 56.88 3.82
CA ARG R 338 55.05 57.84 4.08
C ARG R 338 56.33 57.47 3.35
N ALA R 339 56.49 56.19 3.01
CA ALA R 339 57.68 55.77 2.28
C ALA R 339 57.64 56.27 0.84
N ARG R 340 56.50 56.11 0.16
CA ARG R 340 56.46 56.37 -1.27
C ARG R 340 56.47 57.86 -1.57
N GLN R 341 55.87 58.68 -0.73
CA GLN R 341 56.00 60.11 -0.96
C GLN R 341 57.29 60.69 -0.40
N PHE R 342 58.16 59.87 0.15
CA PHE R 342 59.54 60.28 0.33
C PHE R 342 60.43 59.81 -0.81
N VAL R 343 60.23 58.58 -1.28
CA VAL R 343 61.03 58.04 -2.37
C VAL R 343 60.79 58.82 -3.65
N ASP R 344 59.53 59.00 -4.01
CA ASP R 344 59.18 59.77 -5.19
C ASP R 344 59.48 61.25 -5.03
N SER R 345 59.62 61.74 -3.80
CA SER R 345 60.14 63.07 -3.58
C SER R 345 61.65 63.11 -3.53
N TYR R 346 62.30 61.94 -3.52
CA TYR R 346 63.75 61.90 -3.57
C TYR R 346 64.23 61.73 -5.00
N TYR R 347 63.64 60.79 -5.74
CA TYR R 347 64.03 60.54 -7.12
C TYR R 347 63.65 61.69 -8.03
N ARG R 348 62.66 62.50 -7.64
CA ARG R 348 62.41 63.75 -8.34
C ARG R 348 63.55 64.74 -8.10
N THR R 349 64.20 64.66 -6.94
CA THR R 349 65.24 65.62 -6.60
C THR R 349 66.62 65.15 -7.04
N TRP R 350 67.00 63.93 -6.68
CA TRP R 350 68.36 63.46 -6.87
C TRP R 350 68.52 62.44 -7.97
N GLY R 351 67.44 61.91 -8.51
CA GLY R 351 67.55 60.79 -9.42
C GLY R 351 67.83 59.52 -8.66
N GLY R 352 67.98 58.43 -9.42
CA GLY R 352 68.14 57.15 -8.77
C GLY R 352 69.43 56.44 -9.12
N ARG R 353 70.52 57.20 -9.29
CA ARG R 353 71.78 56.61 -9.71
C ARG R 353 72.80 56.49 -8.59
N TYR R 354 72.47 56.94 -7.39
CA TYR R 354 73.43 56.80 -6.30
C TYR R 354 72.80 56.10 -5.10
N VAL R 355 71.50 56.31 -4.90
CA VAL R 355 70.78 55.76 -3.76
C VAL R 355 69.64 54.91 -4.31
N GLN R 356 69.58 53.65 -3.88
CA GLN R 356 68.50 52.76 -4.25
C GLN R 356 67.70 52.41 -3.00
N PHE R 357 66.39 52.63 -3.04
CA PHE R 357 65.52 52.28 -1.95
C PHE R 357 64.90 50.93 -2.24
N ALA R 358 65.06 49.99 -1.33
CA ALA R 358 64.52 48.66 -1.48
C ALA R 358 63.40 48.49 -0.46
N ILE R 359 62.18 48.87 -0.84
CA ILE R 359 61.05 48.58 0.03
C ILE R 359 60.61 47.14 -0.25
N GLU R 360 61.28 46.21 0.42
CA GLU R 360 61.07 44.79 0.28
C GLU R 360 60.20 44.40 1.45
N LEU R 361 58.98 43.97 1.18
CA LEU R 361 57.92 43.87 2.18
C LEU R 361 57.54 42.40 2.38
N LYS R 362 57.97 41.84 3.50
CA LYS R 362 57.70 40.45 3.83
C LYS R 362 57.15 40.35 5.25
N ASP R 363 56.92 39.11 5.68
CA ASP R 363 56.40 38.83 7.01
C ASP R 363 57.53 38.87 8.03
N ASP R 364 57.26 38.36 9.23
CA ASP R 364 58.26 38.26 10.27
C ASP R 364 58.85 36.85 10.30
N ASP S 20 33.45 62.04 -36.91
CA ASP S 20 33.27 61.74 -38.33
C ASP S 20 33.31 60.23 -38.52
N LYS S 21 34.40 59.59 -38.07
CA LYS S 21 34.56 58.16 -38.21
C LYS S 21 33.98 57.44 -37.01
N ASP S 22 33.21 56.38 -37.27
CA ASP S 22 32.54 55.64 -36.21
C ASP S 22 33.55 54.81 -35.42
N LEU S 23 33.40 54.80 -34.12
CA LEU S 23 34.37 54.14 -33.25
C LEU S 23 33.74 53.17 -32.28
N LEU S 24 32.58 53.50 -31.71
CA LEU S 24 31.86 52.58 -30.85
C LEU S 24 30.38 52.80 -31.07
N LYS S 25 29.62 51.71 -31.07
CA LYS S 25 28.18 51.77 -31.25
C LYS S 25 27.50 50.93 -30.19
N GLY S 26 26.24 51.24 -29.93
CA GLY S 26 25.44 50.40 -29.06
C GLY S 26 25.81 50.44 -27.60
N LEU S 27 26.55 51.45 -27.16
CA LEU S 27 26.90 51.57 -25.76
C LEU S 27 25.69 52.00 -24.96
N ASP S 28 25.61 51.55 -23.71
CA ASP S 28 24.65 52.16 -22.81
C ASP S 28 25.28 53.40 -22.18
N GLN S 29 24.63 53.94 -21.16
CA GLN S 29 24.89 55.31 -20.74
C GLN S 29 26.21 55.46 -20.00
N GLU S 30 26.35 54.73 -18.89
CA GLU S 30 27.55 54.86 -18.06
C GLU S 30 28.79 54.27 -18.71
N GLN S 31 28.65 53.44 -19.73
CA GLN S 31 29.82 53.07 -20.51
C GLN S 31 30.23 54.17 -21.48
N ALA S 32 29.26 54.90 -22.04
CA ALA S 32 29.59 55.94 -23.01
C ALA S 32 30.19 57.17 -22.35
N ASN S 33 29.77 57.47 -21.13
CA ASN S 33 30.32 58.62 -20.43
C ASN S 33 31.72 58.36 -19.93
N GLU S 34 32.11 57.09 -19.79
CA GLU S 34 33.44 56.78 -19.32
C GLU S 34 34.46 56.85 -20.44
N VAL S 35 34.05 56.46 -21.66
CA VAL S 35 34.96 56.44 -22.79
C VAL S 35 35.38 57.84 -23.17
N ILE S 36 34.43 58.77 -23.24
CA ILE S 36 34.73 60.17 -23.55
C ILE S 36 35.60 60.79 -22.48
N ALA S 37 35.45 60.35 -21.23
CA ALA S 37 36.31 60.82 -20.16
C ALA S 37 37.74 60.36 -20.36
N VAL S 38 37.92 59.17 -20.92
CA VAL S 38 39.26 58.70 -21.21
C VAL S 38 39.82 59.42 -22.42
N LEU S 39 38.98 59.63 -23.43
CA LEU S 39 39.45 60.20 -24.69
C LEU S 39 39.84 61.66 -24.55
N GLN S 40 38.98 62.46 -23.91
CA GLN S 40 39.31 63.87 -23.70
C GLN S 40 40.43 64.07 -22.70
N MET S 41 40.77 63.04 -21.93
CA MET S 41 42.02 63.11 -21.18
C MET S 41 43.21 63.12 -22.12
N HIS S 42 43.13 62.36 -23.20
CA HIS S 42 44.24 62.22 -24.14
C HIS S 42 44.03 63.08 -25.37
N ASN S 43 43.37 64.22 -25.19
CA ASN S 43 43.39 65.36 -26.12
C ASN S 43 42.73 65.02 -27.46
N ILE S 44 41.72 64.17 -27.49
CA ILE S 44 40.94 64.02 -28.71
C ILE S 44 39.47 64.16 -28.34
N GLU S 45 38.74 64.95 -29.10
CA GLU S 45 37.34 65.17 -28.75
C GLU S 45 36.47 64.07 -29.32
N ALA S 46 35.38 63.78 -28.62
CA ALA S 46 34.41 62.80 -29.08
C ALA S 46 33.04 63.44 -29.14
N ASN S 47 32.07 62.68 -29.65
CA ASN S 47 30.70 63.18 -29.81
C ASN S 47 29.76 62.06 -29.40
N LYS S 48 29.15 62.17 -28.23
CA LYS S 48 28.21 61.13 -27.82
C LYS S 48 26.92 61.26 -28.61
N ILE S 49 26.83 60.52 -29.69
CA ILE S 49 25.66 60.54 -30.56
C ILE S 49 24.71 59.46 -30.07
N ASP S 50 23.56 59.85 -29.53
CA ASP S 50 22.55 58.88 -29.20
C ASP S 50 21.91 58.34 -30.47
N SER S 51 21.64 57.04 -30.49
CA SER S 51 20.94 56.40 -31.59
C SER S 51 19.63 55.79 -31.12
N GLY S 52 18.96 56.44 -30.18
CA GLY S 52 17.68 55.96 -29.71
C GLY S 52 17.76 54.77 -28.78
N LYS S 53 16.98 53.74 -29.09
CA LYS S 53 16.95 52.49 -28.33
C LYS S 53 18.09 51.56 -28.68
N LEU S 54 18.85 51.88 -29.73
CA LEU S 54 20.04 51.13 -30.11
C LEU S 54 21.29 51.62 -29.39
N GLY S 55 21.13 52.30 -28.25
CA GLY S 55 22.28 52.74 -27.48
C GLY S 55 22.97 53.95 -28.09
N TYR S 56 23.94 54.47 -27.34
CA TYR S 56 24.71 55.63 -27.76
C TYR S 56 25.72 55.24 -28.84
N SER S 57 26.47 56.24 -29.31
CA SER S 57 27.52 56.00 -30.30
C SER S 57 28.55 57.10 -30.13
N ILE S 58 29.81 56.76 -30.32
CA ILE S 58 30.91 57.70 -30.15
C ILE S 58 31.66 57.78 -31.45
N THR S 59 31.76 58.99 -32.00
CA THR S 59 32.46 59.21 -33.26
C THR S 59 33.57 60.22 -33.03
N VAL S 60 34.76 59.94 -33.55
CA VAL S 60 35.87 60.85 -33.47
C VAL S 60 36.19 61.34 -34.89
N ALA S 61 37.03 62.37 -34.96
CA ALA S 61 37.42 62.89 -36.25
C ALA S 61 38.44 61.98 -36.92
N GLU S 62 38.61 62.18 -38.21
CA GLU S 62 39.45 61.30 -39.02
C GLU S 62 40.95 61.33 -38.67
N PRO S 63 41.60 62.46 -38.37
CA PRO S 63 43.02 62.37 -37.97
C PRO S 63 43.22 61.77 -36.59
N ASP S 64 42.20 61.74 -35.75
CA ASP S 64 42.32 61.13 -34.44
C ASP S 64 41.68 59.77 -34.32
N PHE S 65 41.15 59.19 -35.40
CA PHE S 65 40.67 57.82 -35.29
C PHE S 65 41.82 56.86 -35.06
N THR S 66 43.01 57.21 -35.52
CA THR S 66 44.19 56.39 -35.28
C THR S 66 44.54 56.38 -33.80
N ALA S 67 44.65 57.56 -33.21
CA ALA S 67 45.06 57.64 -31.82
C ALA S 67 43.99 57.17 -30.86
N ALA S 68 42.72 57.34 -31.20
CA ALA S 68 41.65 56.99 -30.28
C ALA S 68 41.47 55.50 -30.19
N VAL S 69 41.71 54.76 -31.27
CA VAL S 69 41.56 53.31 -31.21
C VAL S 69 42.75 52.67 -30.50
N TYR S 70 43.83 53.42 -30.30
CA TYR S 70 44.85 52.95 -29.37
C TYR S 70 44.37 53.02 -27.94
N TRP S 71 43.74 54.12 -27.55
CA TRP S 71 43.31 54.23 -26.16
C TRP S 71 42.07 53.43 -25.86
N ILE S 72 41.36 52.94 -26.88
CA ILE S 72 40.36 51.92 -26.61
C ILE S 72 41.04 50.63 -26.21
N LYS S 73 42.21 50.37 -26.78
CA LYS S 73 42.86 49.09 -26.52
C LYS S 73 43.49 49.06 -25.13
N THR S 74 44.24 50.11 -24.76
CA THR S 74 44.99 50.07 -23.51
C THR S 74 44.08 50.12 -22.30
N TYR S 75 43.05 50.94 -22.35
CA TYR S 75 42.12 51.02 -21.22
C TYR S 75 41.05 49.95 -21.27
N GLN S 76 41.04 49.15 -22.34
CA GLN S 76 40.05 48.09 -22.56
C GLN S 76 38.62 48.62 -22.52
N LEU S 77 38.44 49.79 -23.11
CA LEU S 77 37.11 50.37 -23.22
C LEU S 77 36.30 49.60 -24.27
N PRO S 78 34.98 49.55 -24.14
CA PRO S 78 34.08 50.06 -23.10
C PRO S 78 34.18 49.25 -21.84
N PRO S 79 33.97 49.89 -20.69
CA PRO S 79 34.14 49.18 -19.43
C PRO S 79 33.09 48.10 -19.24
N ARG S 80 33.54 46.98 -18.71
CA ARG S 80 32.63 45.92 -18.32
C ARG S 80 31.75 46.42 -17.17
N PRO S 81 30.54 45.88 -17.03
CA PRO S 81 29.68 46.32 -15.92
C PRO S 81 30.28 45.92 -14.60
N ARG S 82 30.28 46.86 -13.66
CA ARG S 82 30.98 46.68 -12.39
C ARG S 82 30.30 45.62 -11.55
N VAL S 83 31.01 44.54 -11.31
CA VAL S 83 30.44 43.31 -10.77
C VAL S 83 30.68 43.25 -9.28
N GLU S 84 29.64 42.96 -8.53
CA GLU S 84 29.75 42.52 -7.15
C GLU S 84 29.35 41.07 -7.08
N ILE S 85 29.62 40.47 -5.92
CA ILE S 85 29.59 39.02 -5.80
C ILE S 85 28.15 38.52 -5.83
N ALA S 86 27.21 39.33 -5.37
CA ALA S 86 25.84 38.88 -5.23
C ALA S 86 25.07 38.86 -6.54
N GLN S 87 25.67 39.31 -7.65
CA GLN S 87 24.98 39.19 -8.94
C GLN S 87 24.97 37.76 -9.44
N MET S 88 25.78 36.88 -8.86
CA MET S 88 25.85 35.50 -9.32
C MET S 88 25.23 34.54 -8.33
N PHE S 89 24.38 35.06 -7.44
CA PHE S 89 23.54 34.24 -6.56
C PHE S 89 22.19 34.93 -6.49
N PRO S 90 21.36 34.82 -7.52
CA PRO S 90 20.17 35.67 -7.58
C PRO S 90 19.04 35.20 -6.68
N ALA S 91 18.93 33.88 -6.48
CA ALA S 91 17.89 33.23 -5.66
C ALA S 91 16.48 33.62 -6.11
N ASP S 92 16.15 33.25 -7.34
CA ASP S 92 14.81 33.54 -7.85
C ASP S 92 13.77 32.58 -7.25
N SER S 93 13.95 31.27 -7.45
CA SER S 93 13.05 30.28 -6.89
C SER S 93 13.81 29.02 -6.47
N LEU S 94 15.13 29.07 -6.50
CA LEU S 94 15.94 27.92 -6.14
C LEU S 94 16.10 27.88 -4.62
N VAL S 95 16.37 26.67 -4.10
CA VAL S 95 16.36 26.43 -2.66
C VAL S 95 17.49 27.17 -1.94
N SER S 96 18.58 27.51 -2.66
CA SER S 96 19.60 28.45 -2.22
C SER S 96 20.31 27.97 -0.95
N SER S 97 21.15 26.94 -1.14
CA SER S 97 22.07 26.32 -0.19
C SER S 97 22.81 27.33 0.67
N PRO S 98 23.16 26.99 1.91
CA PRO S 98 23.66 27.99 2.88
C PRO S 98 24.97 28.68 2.51
N ARG S 99 25.68 28.17 1.51
CA ARG S 99 26.77 28.93 0.91
C ARG S 99 26.26 30.14 0.15
N ALA S 100 25.06 30.04 -0.45
CA ALA S 100 24.57 31.14 -1.26
C ALA S 100 24.08 32.30 -0.40
N GLU S 101 23.64 32.01 0.83
CA GLU S 101 23.25 33.09 1.72
C GLU S 101 24.43 33.93 2.18
N LYS S 102 25.54 33.30 2.58
CA LYS S 102 26.69 34.10 3.00
C LYS S 102 27.38 34.75 1.82
N ALA S 103 27.16 34.25 0.61
CA ALA S 103 27.73 34.88 -0.55
C ALA S 103 27.08 36.25 -0.80
N ARG S 104 25.75 36.29 -0.81
CA ARG S 104 25.11 37.59 -1.04
C ARG S 104 24.98 38.38 0.25
N LEU S 105 25.23 37.77 1.40
CA LEU S 105 25.27 38.55 2.64
C LEU S 105 26.49 39.45 2.67
N TYR S 106 27.67 38.86 2.57
CA TYR S 106 28.90 39.64 2.62
C TYR S 106 29.04 40.56 1.42
N SER S 107 28.47 40.17 0.28
CA SER S 107 28.55 41.01 -0.91
C SER S 107 27.76 42.28 -0.74
N ALA S 108 26.61 42.21 -0.08
CA ALA S 108 25.88 43.42 0.23
C ALA S 108 26.58 44.25 1.29
N ILE S 109 27.40 43.62 2.13
CA ILE S 109 28.18 44.39 3.08
C ILE S 109 29.36 45.05 2.37
N GLU S 110 29.92 44.40 1.33
CA GLU S 110 30.96 45.03 0.53
C GLU S 110 30.45 46.29 -0.15
N GLN S 111 29.21 46.24 -0.64
CA GLN S 111 28.65 47.40 -1.31
C GLN S 111 28.33 48.51 -0.31
N ARG S 112 27.82 48.14 0.86
CA ARG S 112 27.31 49.15 1.77
C ARG S 112 28.44 49.89 2.48
N LEU S 113 29.54 49.21 2.78
CA LEU S 113 30.70 49.91 3.29
C LEU S 113 31.34 50.79 2.23
N GLU S 114 31.25 50.38 0.96
CA GLU S 114 31.70 51.21 -0.14
C GLU S 114 30.85 52.48 -0.25
N GLN S 115 29.53 52.35 -0.06
CA GLN S 115 28.64 53.51 -0.09
C GLN S 115 28.90 54.47 1.06
N SER S 116 29.49 53.98 2.16
CA SER S 116 29.66 54.79 3.35
C SER S 116 30.99 55.50 3.40
N LEU S 117 32.06 54.85 2.92
CA LEU S 117 33.33 55.54 2.81
C LEU S 117 33.26 56.67 1.82
N GLN S 118 32.42 56.54 0.80
CA GLN S 118 32.25 57.56 -0.21
C GLN S 118 31.62 58.83 0.37
N THR S 119 30.93 58.72 1.50
CA THR S 119 30.38 59.88 2.19
C THR S 119 31.18 60.28 3.41
N MET S 120 32.49 60.07 3.39
CA MET S 120 33.34 60.67 4.40
C MET S 120 33.78 62.05 3.94
N GLU S 121 34.75 62.64 4.63
CA GLU S 121 35.22 63.97 4.29
C GLU S 121 36.29 63.86 3.23
N GLY S 122 35.93 64.13 1.98
CA GLY S 122 36.91 64.20 0.91
C GLY S 122 37.07 62.95 0.08
N VAL S 123 36.49 61.82 0.48
CA VAL S 123 36.62 60.62 -0.33
C VAL S 123 35.73 60.77 -1.55
N LEU S 124 36.35 60.74 -2.73
CA LEU S 124 35.56 60.79 -3.96
C LEU S 124 34.93 59.45 -4.25
N SER S 125 35.74 58.39 -4.23
CA SER S 125 35.29 57.06 -4.56
C SER S 125 35.94 56.05 -3.63
N ALA S 126 35.37 54.87 -3.55
CA ALA S 126 35.90 53.86 -2.65
C ALA S 126 35.56 52.47 -3.16
N ARG S 127 36.40 51.52 -2.79
CA ARG S 127 36.17 50.10 -3.04
C ARG S 127 36.54 49.33 -1.80
N VAL S 128 35.72 48.35 -1.43
CA VAL S 128 35.93 47.55 -0.23
C VAL S 128 35.78 46.09 -0.59
N HIS S 129 36.76 45.28 -0.21
CA HIS S 129 36.69 43.84 -0.37
C HIS S 129 36.71 43.17 1.00
N ILE S 130 36.02 42.04 1.10
CA ILE S 130 35.96 41.27 2.33
C ILE S 130 36.53 39.90 2.04
N SER S 131 37.36 39.39 2.94
CA SER S 131 37.81 38.01 2.85
C SER S 131 36.64 37.08 3.09
N TYR S 132 36.43 36.14 2.17
CA TYR S 132 35.31 35.23 2.25
C TYR S 132 35.78 33.91 2.82
N ASP S 133 35.75 33.80 4.15
CA ASP S 133 35.83 32.52 4.82
C ASP S 133 34.42 31.95 4.79
N ILE S 134 34.19 30.99 3.91
CA ILE S 134 32.85 30.48 3.67
C ILE S 134 32.70 29.05 4.18
N ASP S 135 33.70 28.21 3.97
CA ASP S 135 33.59 26.79 4.29
C ASP S 135 33.98 26.46 5.72
N ALA S 136 33.77 27.39 6.66
CA ALA S 136 34.13 27.17 8.05
C ALA S 136 33.25 26.10 8.68
N GLY S 137 31.95 26.12 8.39
CA GLY S 137 31.04 25.11 8.93
C GLY S 137 31.18 23.76 8.26
N GLU S 138 31.57 23.73 6.99
CA GLU S 138 31.67 22.47 6.26
C GLU S 138 32.93 21.70 6.63
N ASN S 139 34.00 22.39 7.01
CA ASN S 139 35.20 21.72 7.50
C ASN S 139 35.11 21.34 8.97
N GLY S 140 34.13 21.85 9.71
CA GLY S 140 34.06 21.58 11.13
C GLY S 140 35.13 22.30 11.92
N ARG S 141 35.38 23.58 11.62
CA ARG S 141 36.45 24.35 12.18
C ARG S 141 35.91 25.72 12.64
N PRO S 142 36.60 26.35 13.59
CA PRO S 142 36.30 27.76 13.86
C PRO S 142 36.73 28.63 12.71
N PRO S 143 35.99 29.70 12.42
CA PRO S 143 36.27 30.48 11.21
C PRO S 143 37.51 31.34 11.38
N LYS S 144 38.01 31.78 10.24
CA LYS S 144 39.22 32.59 10.18
C LYS S 144 38.88 34.02 10.56
N PRO S 145 39.87 34.82 10.96
CA PRO S 145 39.62 36.25 11.14
C PRO S 145 39.28 36.90 9.82
N VAL S 146 38.43 37.91 9.89
CA VAL S 146 38.00 38.61 8.69
C VAL S 146 39.08 39.60 8.29
N HIS S 147 39.49 39.53 7.04
CA HIS S 147 40.44 40.47 6.45
C HIS S 147 39.69 41.34 5.47
N LEU S 148 40.13 42.57 5.30
CA LEU S 148 39.45 43.45 4.37
C LEU S 148 40.38 44.51 3.81
N SER S 149 40.09 44.93 2.58
CA SER S 149 40.92 45.87 1.87
C SER S 149 40.07 47.06 1.46
N ALA S 150 40.70 48.21 1.30
CA ALA S 150 39.97 49.41 0.94
C ALA S 150 40.79 50.31 0.04
N LEU S 151 40.13 50.89 -0.95
CA LEU S 151 40.70 51.89 -1.82
C LEU S 151 39.91 53.19 -1.64
N ALA S 152 40.56 54.31 -1.91
CA ALA S 152 39.96 55.60 -1.61
C ALA S 152 40.65 56.67 -2.42
N VAL S 153 39.86 57.53 -3.05
CA VAL S 153 40.38 58.59 -3.91
C VAL S 153 40.06 59.92 -3.25
N TYR S 154 41.06 60.59 -2.74
CA TYR S 154 40.89 61.87 -2.06
C TYR S 154 41.05 63.03 -3.01
N GLU S 155 40.83 64.24 -2.49
CA GLU S 155 41.08 65.43 -3.27
C GLU S 155 42.56 65.69 -3.42
N ARG S 156 42.88 66.67 -4.25
CA ARG S 156 44.18 67.32 -4.15
C ARG S 156 44.30 68.04 -2.82
N GLY S 157 45.54 68.22 -2.37
CA GLY S 157 45.82 69.04 -1.21
C GLY S 157 45.55 68.40 0.14
N SER S 158 44.88 67.25 0.18
CA SER S 158 44.64 66.62 1.47
C SER S 158 45.91 65.93 1.95
N PRO S 159 46.22 66.01 3.23
CA PRO S 159 47.37 65.28 3.76
C PRO S 159 47.09 63.80 3.97
N LEU S 160 47.29 62.99 2.91
CA LEU S 160 46.84 61.60 2.85
C LEU S 160 47.39 60.70 3.95
N ALA S 161 48.47 61.08 4.62
CA ALA S 161 49.03 60.23 5.66
C ALA S 161 48.25 60.27 6.96
N HIS S 162 47.15 61.02 7.05
CA HIS S 162 46.38 61.12 8.26
C HIS S 162 44.93 60.68 8.12
N GLN S 163 44.38 60.68 6.91
CA GLN S 163 43.07 60.08 6.70
C GLN S 163 43.16 58.57 6.60
N ILE S 164 44.37 58.01 6.63
CA ILE S 164 44.54 56.57 6.67
C ILE S 164 44.09 56.02 8.00
N SER S 165 44.13 56.82 9.06
CA SER S 165 43.75 56.34 10.38
C SER S 165 42.24 56.36 10.57
N ASP S 166 41.55 57.29 9.90
CA ASP S 166 40.09 57.38 10.04
C ASP S 166 39.40 56.18 9.44
N ILE S 167 39.79 55.82 8.21
CA ILE S 167 39.21 54.66 7.55
C ILE S 167 39.50 53.39 8.33
N LYS S 168 40.77 53.22 8.70
CA LYS S 168 41.23 52.03 9.39
C LYS S 168 40.63 51.91 10.79
N ARG S 169 40.21 53.02 11.40
CA ARG S 169 39.42 52.98 12.62
C ARG S 169 37.96 52.68 12.32
N PHE S 170 37.45 53.22 11.21
CA PHE S 170 36.05 53.10 10.87
C PHE S 170 35.64 51.66 10.63
N LEU S 171 36.27 50.99 9.68
CA LEU S 171 35.77 49.69 9.31
C LEU S 171 36.49 48.57 10.02
N LYS S 172 37.26 48.87 11.07
CA LYS S 172 37.56 47.85 12.06
C LYS S 172 36.28 47.33 12.69
N ASN S 173 35.55 48.20 13.37
CA ASN S 173 34.37 47.80 14.10
C ASN S 173 33.15 47.65 13.22
N SER S 174 33.32 47.57 11.92
CA SER S 174 32.22 47.17 11.06
C SER S 174 32.13 45.67 10.91
N PHE S 175 33.04 44.93 11.53
CA PHE S 175 33.02 43.48 11.53
C PHE S 175 33.39 42.93 12.90
N ALA S 176 33.23 41.61 13.04
CA ALA S 176 33.23 41.00 14.35
C ALA S 176 34.65 40.86 14.89
N ASP S 177 35.50 40.09 14.22
CA ASP S 177 36.84 39.80 14.73
C ASP S 177 37.89 40.22 13.70
N VAL S 178 38.22 41.50 13.66
CA VAL S 178 39.30 41.98 12.83
C VAL S 178 40.31 42.70 13.70
N ASP S 179 41.47 42.98 13.12
CA ASP S 179 42.51 43.71 13.82
C ASP S 179 42.90 44.93 13.02
N TYR S 180 43.97 45.59 13.43
CA TYR S 180 44.58 46.64 12.64
C TYR S 180 45.66 46.12 11.72
N ASP S 181 45.75 44.80 11.59
CA ASP S 181 46.66 44.18 10.65
C ASP S 181 45.94 43.47 9.54
N ASN S 182 44.65 43.19 9.70
CA ASN S 182 43.85 42.59 8.66
C ASN S 182 43.18 43.62 7.78
N ILE S 183 43.50 44.90 7.97
CA ILE S 183 42.90 45.98 7.20
C ILE S 183 43.99 46.60 6.36
N SER S 184 43.79 46.59 5.04
CA SER S 184 44.79 47.08 4.10
C SER S 184 44.18 48.20 3.28
N VAL S 185 44.49 49.43 3.61
CA VAL S 185 43.92 50.59 2.95
C VAL S 185 45.04 51.31 2.21
N VAL S 186 44.93 51.36 0.89
CA VAL S 186 45.90 52.03 0.05
C VAL S 186 45.16 53.14 -0.68
N LEU S 187 45.20 54.35 -0.11
CA LEU S 187 44.44 55.48 -0.62
C LEU S 187 45.35 56.43 -1.39
N SER S 188 44.82 56.96 -2.49
CA SER S 188 45.59 57.71 -3.45
C SER S 188 44.79 58.92 -3.89
N GLU S 189 45.43 60.09 -3.94
CA GLU S 189 44.72 61.30 -4.31
C GLU S 189 44.39 61.27 -5.80
N ARG S 190 43.41 62.07 -6.19
CA ARG S 190 42.93 62.00 -7.57
C ARG S 190 43.93 62.65 -8.51
N SER S 191 43.68 62.46 -9.79
CA SER S 191 44.56 62.97 -10.83
C SER S 191 44.35 64.48 -10.99
N ASP S 192 45.08 65.05 -11.95
CA ASP S 192 44.87 66.44 -12.30
C ASP S 192 43.51 66.60 -12.96
N ALA S 193 42.89 67.75 -12.74
CA ALA S 193 41.56 67.98 -13.25
C ALA S 193 41.60 68.23 -14.75
N GLN S 194 40.76 67.51 -15.49
CA GLN S 194 40.60 67.75 -16.93
C GLN S 194 39.44 68.72 -17.09
N LEU S 195 39.77 69.99 -17.19
CA LEU S 195 38.79 71.06 -17.32
C LEU S 195 38.91 71.77 -18.65
N GLN S 196 39.75 71.27 -19.54
CA GLN S 196 40.32 72.04 -20.63
C GLN S 196 39.89 71.42 -21.95
N ALA S 197 39.44 72.26 -22.88
CA ALA S 197 38.87 71.76 -24.13
C ALA S 197 39.95 71.12 -24.99
N PRO S 198 39.71 69.93 -25.54
CA PRO S 198 40.71 69.25 -26.37
C PRO S 198 41.05 69.98 -27.65
N GLY S 199 40.04 70.26 -28.47
CA GLY S 199 40.28 71.00 -29.68
C GLY S 199 40.02 70.19 -30.94
N THR S 200 39.28 70.77 -31.87
CA THR S 200 39.09 70.18 -33.18
C THR S 200 40.40 70.24 -33.97
N PRO S 201 40.67 69.24 -34.81
CA PRO S 201 41.88 69.28 -35.64
C PRO S 201 41.84 70.39 -36.67
N VAL S 202 43.01 70.72 -37.20
CA VAL S 202 43.14 71.76 -38.21
C VAL S 202 42.85 71.15 -39.58
N LYS S 203 42.51 72.01 -40.52
CA LYS S 203 42.15 71.56 -41.87
C LYS S 203 43.27 71.82 -42.86
N ALA T 171 36.41 91.36 -19.89
CA ALA T 171 35.59 91.88 -18.82
C ALA T 171 36.36 91.87 -17.50
N GLU T 172 35.73 92.38 -16.45
CA GLU T 172 36.35 92.40 -15.13
C GLU T 172 36.32 91.00 -14.52
N LEU T 173 37.50 90.52 -14.11
CA LEU T 173 37.59 89.16 -13.58
C LEU T 173 36.93 89.04 -12.21
N ASP T 174 36.78 90.16 -11.48
CA ASP T 174 36.01 90.16 -10.24
C ASP T 174 34.54 89.85 -10.47
N SER T 175 34.03 90.08 -11.68
CA SER T 175 32.68 89.68 -12.02
C SER T 175 32.60 88.46 -12.91
N LEU T 176 33.69 88.10 -13.60
CA LEU T 176 33.71 86.83 -14.32
C LEU T 176 33.73 85.65 -13.37
N LEU T 177 34.23 85.84 -12.15
CA LEU T 177 34.13 84.86 -11.10
C LEU T 177 32.74 84.97 -10.46
N GLY T 178 32.55 84.35 -9.30
CA GLY T 178 31.24 84.31 -8.70
C GLY T 178 30.76 85.65 -8.16
N GLN T 179 29.58 85.59 -7.54
CA GLN T 179 28.92 86.78 -7.01
C GLN T 179 29.68 87.37 -5.82
N GLU T 180 30.32 86.53 -5.03
CA GLU T 180 30.99 86.97 -3.82
C GLU T 180 32.38 87.49 -4.14
N LYS T 181 32.63 88.77 -3.85
CA LYS T 181 33.93 89.35 -4.19
C LYS T 181 34.99 88.98 -3.17
N GLU T 182 34.60 88.70 -1.93
CA GLU T 182 35.57 88.49 -0.86
C GLU T 182 36.27 87.14 -0.95
N ARG T 183 35.75 86.21 -1.75
CA ARG T 183 36.33 84.88 -1.79
C ARG T 183 37.63 84.84 -2.58
N PHE T 184 37.75 85.64 -3.62
CA PHE T 184 38.95 85.67 -4.43
C PHE T 184 39.61 87.03 -4.31
N GLN T 185 40.87 87.10 -4.73
CA GLN T 185 41.60 88.36 -4.71
C GLN T 185 42.54 88.37 -5.90
N VAL T 186 42.21 89.18 -6.92
CA VAL T 186 43.01 89.22 -8.13
C VAL T 186 44.34 89.93 -7.86
N LEU T 187 45.36 89.53 -8.60
CA LEU T 187 46.71 90.02 -8.36
C LEU T 187 47.38 90.37 -9.68
N PRO T 188 47.56 91.63 -9.98
CA PRO T 188 48.23 92.01 -11.22
C PRO T 188 49.74 91.80 -11.16
N GLY T 189 50.18 90.61 -11.55
CA GLY T 189 51.60 90.28 -11.53
C GLY T 189 52.42 91.11 -12.50
N ARG T 190 53.73 91.00 -12.34
CA ARG T 190 54.67 91.86 -13.04
C ARG T 190 55.00 91.39 -14.45
N ASP T 191 54.73 90.13 -14.79
CA ASP T 191 55.13 89.57 -16.08
C ASP T 191 53.97 89.43 -17.05
N LYS T 192 53.05 90.41 -17.03
CA LYS T 192 51.89 90.65 -17.89
C LYS T 192 50.74 89.68 -17.62
N MET T 193 50.96 88.66 -16.80
CA MET T 193 49.92 87.70 -16.48
C MET T 193 49.25 88.09 -15.18
N LEU T 194 47.93 87.99 -15.14
CA LEU T 194 47.15 88.29 -13.96
C LEU T 194 46.94 87.00 -13.16
N TYR T 195 46.86 87.14 -11.84
CA TYR T 195 46.73 85.99 -10.96
C TYR T 195 45.53 86.19 -10.04
N VAL T 196 44.86 85.08 -9.71
CA VAL T 196 43.73 85.10 -8.79
C VAL T 196 43.95 84.08 -7.68
N ALA T 197 43.92 84.55 -6.45
CA ALA T 197 44.36 83.75 -5.30
C ALA T 197 43.14 83.10 -4.64
N ALA T 198 42.98 81.81 -4.85
CA ALA T 198 41.92 81.09 -4.17
C ALA T 198 42.33 80.81 -2.73
N GLN T 199 41.40 80.28 -1.96
CA GLN T 199 41.65 79.98 -0.55
C GLN T 199 41.80 78.50 -0.28
N ASN T 200 41.09 77.64 -1.00
CA ASN T 200 41.22 76.19 -0.83
C ASN T 200 40.99 75.52 -2.17
N GLU T 201 40.79 74.21 -2.15
CA GLU T 201 40.66 73.46 -3.39
C GLU T 201 39.24 73.40 -3.92
N ARG T 202 38.26 74.00 -3.23
CA ARG T 202 37.00 74.21 -3.92
C ARG T 202 37.00 75.51 -4.69
N ASP T 203 37.58 76.56 -4.11
CA ASP T 203 37.67 77.84 -4.81
C ASP T 203 38.66 77.78 -5.97
N THR T 204 39.66 76.90 -5.88
CA THR T 204 40.58 76.75 -7.00
C THR T 204 39.89 76.12 -8.19
N LEU T 205 39.10 75.07 -7.96
CA LEU T 205 38.29 74.51 -9.02
C LEU T 205 37.13 75.41 -9.40
N TRP T 206 36.77 76.36 -8.55
CA TRP T 206 35.82 77.38 -8.96
C TRP T 206 36.46 78.35 -9.94
N ALA T 207 37.71 78.72 -9.71
CA ALA T 207 38.35 79.73 -10.54
C ALA T 207 39.15 79.13 -11.69
N ARG T 208 39.63 77.89 -11.56
CA ARG T 208 40.18 77.22 -12.72
C ARG T 208 39.10 76.72 -13.66
N GLN T 209 37.84 76.79 -13.28
CA GLN T 209 36.79 76.46 -14.22
C GLN T 209 36.52 77.62 -15.15
N VAL T 210 36.51 78.84 -14.62
CA VAL T 210 36.22 80.03 -15.41
C VAL T 210 37.29 80.27 -16.47
N LEU T 211 38.55 80.18 -16.08
CA LEU T 211 39.63 80.56 -16.96
C LEU T 211 39.90 79.53 -18.05
N ALA T 212 39.44 78.30 -17.88
CA ALA T 212 39.66 77.26 -18.87
C ALA T 212 38.45 77.02 -19.76
N ARG T 213 37.27 77.43 -19.30
CA ARG T 213 36.05 77.32 -20.08
C ARG T 213 36.01 78.36 -21.19
N GLY T 214 36.51 79.56 -20.92
CA GLY T 214 36.19 80.66 -21.79
C GLY T 214 37.31 81.66 -21.92
N ASP T 215 36.97 82.94 -21.83
CA ASP T 215 37.89 84.00 -22.19
C ASP T 215 38.06 85.02 -21.08
N TYR T 216 39.31 85.33 -20.79
CA TYR T 216 39.72 86.61 -20.25
C TYR T 216 40.69 87.18 -21.28
N ASP T 217 40.62 88.48 -21.52
CA ASP T 217 41.40 89.04 -22.63
C ASP T 217 42.85 89.32 -22.26
N LYS T 218 43.50 88.34 -21.60
CA LYS T 218 44.88 88.30 -21.16
C LYS T 218 45.03 86.92 -20.52
N ASN T 219 46.26 86.55 -20.21
CA ASN T 219 46.49 85.29 -19.52
C ASN T 219 46.13 85.41 -18.05
N ALA T 220 45.58 84.35 -17.48
CA ALA T 220 45.18 84.35 -16.08
C ALA T 220 45.43 82.97 -15.49
N ARG T 221 45.84 82.94 -14.23
CA ARG T 221 46.41 81.74 -13.63
C ARG T 221 46.09 81.70 -12.15
N VAL T 222 45.39 80.66 -11.72
CA VAL T 222 44.94 80.55 -10.33
C VAL T 222 46.09 80.01 -9.50
N ILE T 223 46.42 80.70 -8.41
CA ILE T 223 47.42 80.22 -7.46
C ILE T 223 46.71 79.88 -6.16
N ASN T 224 47.23 78.89 -5.46
CA ASN T 224 46.66 78.44 -4.21
C ASN T 224 47.68 78.68 -3.11
N GLU T 225 47.27 78.50 -1.86
CA GLU T 225 48.19 78.70 -0.76
C GLU T 225 48.99 77.43 -0.53
N ASN T 226 48.35 76.28 -0.65
CA ASN T 226 49.01 75.01 -0.38
C ASN T 226 49.56 74.33 -1.62
N GLU T 227 49.41 74.94 -2.79
CA GLU T 227 49.99 74.35 -3.99
C GLU T 227 51.17 75.17 -4.49
N GLU T 228 51.03 76.50 -4.47
CA GLU T 228 52.15 77.37 -4.83
C GLU T 228 53.27 77.27 -3.82
N ASN T 229 52.93 76.98 -2.56
CA ASN T 229 53.93 76.60 -1.57
C ASN T 229 54.69 75.37 -2.02
N LYS T 230 53.99 74.37 -2.54
CA LYS T 230 54.65 73.16 -2.99
C LYS T 230 55.37 73.36 -4.30
N ARG T 231 54.91 74.31 -5.13
CA ARG T 231 55.56 74.56 -6.41
C ARG T 231 56.93 75.18 -6.23
N ILE T 232 57.06 76.06 -5.24
CA ILE T 232 58.34 76.71 -4.97
C ILE T 232 59.37 75.70 -4.48
N SER T 233 58.93 74.74 -3.67
CA SER T 233 59.83 73.71 -3.15
C SER T 233 60.32 72.77 -4.23
N ILE T 234 59.62 72.67 -5.37
CA ILE T 234 60.17 71.92 -6.50
C ILE T 234 61.28 72.72 -7.17
N TRP T 235 61.18 74.05 -7.13
CA TRP T 235 62.28 74.89 -7.57
C TRP T 235 63.37 75.00 -6.51
N LEU T 236 62.96 75.00 -5.24
CA LEU T 236 63.88 75.41 -4.19
C LEU T 236 64.82 74.29 -3.80
N ASP T 237 64.44 73.03 -4.00
CA ASP T 237 65.34 71.95 -3.63
C ASP T 237 66.48 71.77 -4.62
N THR T 238 66.33 72.28 -5.84
CA THR T 238 67.45 72.25 -6.79
C THR T 238 68.40 73.41 -6.56
N TYR T 239 67.88 74.63 -6.54
CA TYR T 239 68.74 75.81 -6.47
C TYR T 239 69.15 76.16 -5.06
N TYR T 240 68.49 75.62 -4.05
CA TYR T 240 68.95 75.70 -2.66
C TYR T 240 68.65 74.40 -1.92
N PRO T 241 69.43 73.35 -2.17
CA PRO T 241 69.36 72.19 -1.29
C PRO T 241 70.08 72.51 0.01
N GLN T 242 69.83 71.66 1.02
CA GLN T 242 70.24 71.89 2.41
C GLN T 242 69.75 73.24 2.94
N LEU T 243 68.56 73.66 2.51
CA LEU T 243 67.93 74.86 3.03
C LEU T 243 66.88 74.42 4.04
N ALA T 244 66.94 75.00 5.23
CA ALA T 244 66.00 74.68 6.29
C ALA T 244 64.97 75.79 6.36
N TYR T 245 63.76 75.48 5.92
CA TYR T 245 62.66 76.42 5.88
C TYR T 245 61.41 75.66 6.24
N TYR T 246 60.38 76.39 6.65
CA TYR T 246 59.15 75.75 7.08
C TYR T 246 58.07 75.78 6.01
N ARG T 247 57.66 76.97 5.59
CA ARG T 247 56.42 77.17 4.85
C ARG T 247 56.36 78.61 4.41
N ILE T 248 55.83 78.83 3.22
CA ILE T 248 55.56 80.19 2.76
C ILE T 248 54.08 80.48 3.03
N HIS T 249 53.75 81.75 3.25
CA HIS T 249 52.43 82.11 3.73
C HIS T 249 51.80 83.20 2.89
N PHE T 250 50.57 82.96 2.44
CA PHE T 250 49.88 83.80 1.48
C PHE T 250 48.63 84.44 2.08
N ASP T 251 48.74 84.91 3.33
CA ASP T 251 47.60 85.58 3.95
C ASP T 251 47.37 86.95 3.32
N GLU T 252 48.44 87.73 3.19
CA GLU T 252 48.46 88.91 2.34
C GLU T 252 49.25 88.53 1.09
N PRO T 253 48.60 88.14 0.01
CA PRO T 253 49.34 87.57 -1.14
C PRO T 253 50.14 88.59 -1.93
N ARG T 254 50.01 89.88 -1.63
CA ARG T 254 50.91 90.86 -2.24
C ARG T 254 52.33 90.69 -1.74
N LYS T 255 52.51 90.28 -0.48
CA LYS T 255 53.86 89.97 -0.04
C LYS T 255 53.85 88.79 0.93
N PRO T 256 54.51 87.69 0.57
CA PRO T 256 54.48 86.50 1.42
C PRO T 256 55.54 86.53 2.51
N VAL T 257 55.23 85.81 3.58
CA VAL T 257 56.14 85.66 4.71
C VAL T 257 56.67 84.24 4.66
N PHE T 258 57.96 84.11 4.38
CA PHE T 258 58.60 82.83 4.14
C PHE T 258 59.53 82.52 5.32
N TRP T 259 59.06 81.64 6.19
CA TRP T 259 59.80 81.32 7.41
C TRP T 259 61.02 80.50 7.10
N LEU T 260 62.08 80.70 7.88
CA LEU T 260 63.27 79.86 7.82
C LEU T 260 63.67 79.45 9.23
N SER T 261 64.51 78.42 9.28
CA SER T 261 65.13 78.03 10.54
C SER T 261 66.23 79.01 10.87
N ARG T 262 66.14 79.64 12.04
CA ARG T 262 67.25 80.48 12.51
C ARG T 262 68.46 79.62 12.83
N GLN T 263 68.23 78.40 13.31
CA GLN T 263 69.33 77.59 13.80
C GLN T 263 70.07 76.89 12.67
N ARG T 264 69.34 76.30 11.74
CA ARG T 264 69.95 75.41 10.74
C ARG T 264 70.27 76.12 9.43
N ASN T 265 70.34 77.44 9.43
CA ASN T 265 70.69 78.19 8.22
C ASN T 265 71.97 78.96 8.46
N THR T 266 72.99 78.63 7.67
CA THR T 266 74.29 79.30 7.70
C THR T 266 74.39 80.40 6.66
N MET T 267 73.27 80.74 6.02
CA MET T 267 73.26 81.82 5.04
C MET T 267 73.46 83.16 5.72
N SER T 268 74.30 83.99 5.12
CA SER T 268 74.54 85.33 5.66
C SER T 268 73.45 86.26 5.14
N LYS T 269 73.44 87.50 5.65
CA LYS T 269 72.37 88.43 5.31
C LYS T 269 72.54 89.01 3.90
N LYS T 270 73.70 88.79 3.29
CA LYS T 270 73.92 89.21 1.91
C LYS T 270 73.04 88.39 0.95
N GLU T 271 73.28 87.09 0.88
CA GLU T 271 72.56 86.25 -0.05
C GLU T 271 71.16 85.91 0.42
N LEU T 272 70.81 86.21 1.68
CA LEU T 272 69.42 86.07 2.09
C LEU T 272 68.56 87.13 1.43
N GLU T 273 69.13 88.30 1.15
CA GLU T 273 68.43 89.30 0.36
C GLU T 273 68.40 88.91 -1.12
N VAL T 274 69.41 88.16 -1.57
CA VAL T 274 69.34 87.54 -2.89
C VAL T 274 68.23 86.49 -2.92
N LEU T 275 68.06 85.77 -1.81
CA LEU T 275 66.98 84.78 -1.71
C LEU T 275 65.61 85.44 -1.66
N SER T 276 65.51 86.68 -1.19
CA SER T 276 64.28 87.44 -1.31
C SER T 276 64.06 87.97 -2.72
N GLN T 277 65.04 87.84 -3.61
CA GLN T 277 64.89 88.22 -4.99
C GLN T 277 64.82 87.04 -5.96
N LYS T 278 65.35 85.88 -5.57
CA LYS T 278 65.15 84.68 -6.38
C LYS T 278 63.71 84.22 -6.31
N LEU T 279 63.05 84.38 -5.16
CA LEU T 279 61.67 83.94 -5.03
C LEU T 279 60.71 84.86 -5.78
N ARG T 280 61.06 86.13 -5.93
CA ARG T 280 60.22 87.06 -6.69
C ARG T 280 60.18 86.73 -8.17
N ALA T 281 61.19 86.03 -8.69
CA ALA T 281 61.13 85.56 -10.05
C ALA T 281 60.14 84.42 -10.21
N LEU T 282 59.77 83.75 -9.12
CA LEU T 282 58.77 82.70 -9.17
C LEU T 282 57.37 83.20 -8.85
N MET T 283 57.26 84.29 -8.10
CA MET T 283 55.97 84.85 -7.70
C MET T 283 55.91 86.27 -8.25
N PRO T 284 55.45 86.43 -9.49
CA PRO T 284 55.38 87.78 -10.07
C PRO T 284 54.35 88.67 -9.41
N TYR T 285 53.29 88.06 -8.89
CA TYR T 285 52.28 88.78 -8.12
C TYR T 285 52.82 89.34 -6.81
N ALA T 286 53.92 88.77 -6.30
CA ALA T 286 54.44 89.18 -5.02
C ALA T 286 55.17 90.51 -5.12
N ASP T 287 55.08 91.31 -4.06
CA ASP T 287 55.83 92.56 -4.02
C ASP T 287 57.27 92.29 -3.60
N SER T 288 57.46 91.81 -2.38
CA SER T 288 58.78 91.49 -1.86
C SER T 288 58.61 90.49 -0.72
N VAL T 289 59.42 89.43 -0.73
CA VAL T 289 59.25 88.35 0.23
C VAL T 289 59.77 88.80 1.59
N ASN T 290 58.97 88.61 2.62
CA ASN T 290 59.32 88.97 4.00
C ASN T 290 59.92 87.74 4.65
N ILE T 291 61.23 87.56 4.48
CA ILE T 291 61.93 86.43 5.07
C ILE T 291 62.15 86.70 6.55
N THR T 292 61.61 85.84 7.40
CA THR T 292 61.90 85.90 8.83
C THR T 292 62.43 84.54 9.29
N LEU T 293 62.81 84.49 10.55
CA LEU T 293 63.48 83.34 11.13
C LEU T 293 62.67 82.86 12.33
N MET T 294 62.54 81.55 12.47
CA MET T 294 61.86 80.96 13.62
C MET T 294 62.79 79.93 14.24
N ASP T 295 62.85 79.92 15.57
CA ASP T 295 63.70 78.95 16.25
C ASP T 295 63.08 77.56 16.19
N ASP T 296 63.94 76.56 15.99
CA ASP T 296 63.46 75.19 15.87
C ASP T 296 62.95 74.63 17.18
N VAL T 297 63.39 75.17 18.31
CA VAL T 297 62.89 74.70 19.59
C VAL T 297 61.48 75.25 19.84
N THR T 298 61.12 76.37 19.22
CA THR T 298 59.76 76.87 19.33
C THR T 298 58.82 76.07 18.45
N ALA T 299 59.31 75.58 17.31
CA ALA T 299 58.47 74.79 16.42
C ALA T 299 58.13 73.44 17.05
N ALA T 300 59.15 72.74 17.55
CA ALA T 300 58.90 71.46 18.22
C ALA T 300 58.28 71.66 19.59
N GLY T 301 58.38 72.86 20.16
CA GLY T 301 57.79 73.12 21.45
C GLY T 301 56.27 73.11 21.38
N GLN T 302 55.71 73.97 20.53
CA GLN T 302 54.26 74.09 20.41
C GLN T 302 53.63 72.84 19.85
N ALA T 303 54.38 72.07 19.05
CA ALA T 303 53.87 70.78 18.62
C ALA T 303 53.82 69.81 19.79
N GLU T 304 54.80 69.87 20.68
CA GLU T 304 54.75 69.02 21.87
C GLU T 304 53.81 69.59 22.91
N ALA T 305 53.83 70.91 23.10
CA ALA T 305 52.97 71.55 24.10
C ALA T 305 51.50 71.59 23.68
N GLY T 306 51.16 71.15 22.48
CA GLY T 306 49.78 70.97 22.13
C GLY T 306 49.39 69.52 22.19
N LEU T 307 50.31 68.63 21.82
CA LEU T 307 49.97 67.22 21.70
C LEU T 307 49.85 66.56 23.06
N LYS T 308 50.51 67.10 24.08
CA LYS T 308 50.21 66.68 25.44
C LYS T 308 49.12 67.52 26.07
N GLN T 309 48.77 68.66 25.46
CA GLN T 309 47.62 69.43 25.91
C GLN T 309 46.32 68.84 25.41
N GLN T 310 46.38 68.03 24.36
CA GLN T 310 45.24 67.22 23.91
C GLN T 310 45.16 65.89 24.65
N ALA T 311 46.09 65.64 25.58
CA ALA T 311 46.22 64.39 26.33
C ALA T 311 46.34 63.18 25.39
N LEU T 312 47.43 63.15 24.66
CA LEU T 312 47.68 62.09 23.71
C LEU T 312 48.98 61.37 24.04
N PRO T 313 49.00 60.04 23.99
CA PRO T 313 50.25 59.31 24.21
C PRO T 313 51.18 59.47 23.02
N TYR T 314 52.46 59.67 23.28
CA TYR T 314 53.42 59.89 22.21
C TYR T 314 54.80 59.50 22.69
N SER T 315 55.79 59.73 21.82
CA SER T 315 57.19 59.66 22.22
C SER T 315 57.97 60.55 21.28
N ARG T 316 58.49 61.65 21.80
CA ARG T 316 59.32 62.55 21.02
C ARG T 316 60.67 61.91 20.73
N ARG T 317 60.92 61.58 19.48
CA ARG T 317 62.25 61.16 19.06
C ARG T 317 62.86 62.28 18.23
N ASN T 318 64.05 62.70 18.60
CA ASN T 318 64.71 63.79 17.91
C ASN T 318 65.64 63.24 16.84
N HIS T 319 65.98 64.08 15.89
CA HIS T 319 66.99 63.74 14.90
C HIS T 319 67.80 64.98 14.60
N LYS T 320 68.84 64.79 13.80
CA LYS T 320 69.67 65.89 13.32
C LYS T 320 68.94 66.54 12.15
N GLY T 321 68.11 67.53 12.46
CA GLY T 321 67.36 68.21 11.43
C GLY T 321 65.91 67.79 11.34
N GLY T 322 65.26 67.66 12.48
CA GLY T 322 63.84 67.34 12.53
C GLY T 322 63.52 66.49 13.73
N VAL T 323 62.26 66.56 14.17
CA VAL T 323 61.75 65.72 15.25
C VAL T 323 60.62 64.87 14.69
N THR T 324 60.14 63.95 15.51
CA THR T 324 59.09 63.03 15.07
C THR T 324 58.26 62.61 16.27
N PHE T 325 56.95 62.80 16.18
CA PHE T 325 56.03 62.47 17.25
C PHE T 325 55.22 61.26 16.82
N VAL T 326 55.72 60.07 17.10
CA VAL T 326 54.92 58.89 16.81
C VAL T 326 53.89 58.71 17.92
N ILE T 327 52.65 58.45 17.50
CA ILE T 327 51.50 58.34 18.39
C ILE T 327 50.94 56.95 18.19
N GLN T 328 50.97 56.12 19.22
CA GLN T 328 50.46 54.77 19.04
C GLN T 328 49.58 54.33 20.20
N GLY T 329 49.09 53.11 20.11
CA GLY T 329 48.08 52.61 21.02
C GLY T 329 46.73 52.48 20.33
N ALA T 330 45.80 51.87 21.04
CA ALA T 330 44.43 51.72 20.54
C ALA T 330 43.67 52.98 20.89
N LEU T 331 43.91 54.02 20.09
CA LEU T 331 43.24 55.30 20.30
C LEU T 331 41.80 55.20 19.85
N ASP T 332 40.88 55.54 20.74
CA ASP T 332 39.47 55.56 20.37
C ASP T 332 39.11 56.91 19.76
N ASP T 333 37.81 57.16 19.60
CA ASP T 333 37.36 58.17 18.67
C ASP T 333 37.54 59.59 19.20
N VAL T 334 37.50 59.76 20.50
CA VAL T 334 37.56 61.10 21.07
C VAL T 334 38.95 61.68 20.89
N GLU T 335 39.96 60.82 21.00
CA GLU T 335 41.34 61.25 20.87
C GLU T 335 41.86 61.13 19.45
N ILE T 336 41.22 60.34 18.59
CA ILE T 336 41.64 60.27 17.19
C ILE T 336 41.18 61.50 16.43
N LEU T 337 40.22 62.24 16.98
CA LEU T 337 39.70 63.44 16.35
C LEU T 337 40.24 64.70 17.00
N ARG T 338 40.68 64.62 18.25
CA ARG T 338 41.49 65.72 18.77
C ARG T 338 42.87 65.71 18.13
N ALA T 339 43.32 64.57 17.63
CA ALA T 339 44.62 64.50 16.99
C ALA T 339 44.61 65.22 15.64
N ARG T 340 43.59 64.96 14.83
CA ARG T 340 43.61 65.45 13.45
C ARG T 340 43.34 66.94 13.37
N GLN T 341 42.52 67.48 14.26
CA GLN T 341 42.37 68.92 14.27
C GLN T 341 43.47 69.63 15.04
N PHE T 342 44.44 68.90 15.56
CA PHE T 342 45.69 69.52 15.95
C PHE T 342 46.74 69.44 14.86
N VAL T 343 46.84 68.29 14.20
CA VAL T 343 47.82 68.09 13.14
C VAL T 343 47.53 69.01 11.96
N ASP T 344 46.29 69.02 11.50
CA ASP T 344 45.89 69.90 10.42
C ASP T 344 45.88 71.36 10.81
N SER T 345 45.81 71.66 12.11
CA SER T 345 46.03 73.00 12.58
C SER T 345 47.50 73.31 12.82
N TYR T 346 48.36 72.31 12.73
CA TYR T 346 49.78 72.55 12.83
C TYR T 346 50.42 72.71 11.46
N TYR T 347 50.09 71.80 10.53
CA TYR T 347 50.62 71.86 9.18
C TYR T 347 50.10 73.07 8.41
N ARG T 348 48.95 73.60 8.81
CA ARG T 348 48.51 74.88 8.27
C ARG T 348 49.38 76.01 8.79
N THR T 349 49.94 75.86 9.98
CA THR T 349 50.74 76.92 10.56
C THR T 349 52.22 76.80 10.22
N TRP T 350 52.80 75.63 10.45
CA TRP T 350 54.24 75.47 10.35
C TRP T 350 54.70 74.69 9.13
N GLY T 351 53.79 74.06 8.40
CA GLY T 351 54.20 73.16 7.35
C GLY T 351 54.67 71.84 7.94
N GLY T 352 55.10 70.95 7.06
CA GLY T 352 55.47 69.63 7.53
C GLY T 352 56.90 69.25 7.22
N ARG T 353 57.83 70.21 7.29
CA ARG T 353 59.21 69.95 6.93
C ARG T 353 60.14 69.83 8.13
N TYR T 354 59.63 70.00 9.35
CA TYR T 354 60.49 69.87 10.51
C TYR T 354 59.92 68.88 11.51
N VAL T 355 58.59 68.81 11.59
CA VAL T 355 57.91 67.94 12.54
C VAL T 355 57.02 66.99 11.76
N GLN T 356 57.18 65.70 11.98
CA GLN T 356 56.33 64.69 11.36
C GLN T 356 55.53 64.00 12.45
N PHE T 357 54.21 63.98 12.29
CA PHE T 357 53.34 63.29 13.22
C PHE T 357 53.02 61.91 12.66
N ALA T 358 53.30 60.88 13.44
CA ALA T 358 53.05 59.51 13.03
C ALA T 358 51.91 58.97 13.89
N ILE T 359 50.68 59.18 13.43
CA ILE T 359 49.57 58.54 14.11
C ILE T 359 49.45 57.12 13.58
N GLU T 360 50.23 56.23 14.17
CA GLU T 360 50.33 54.83 13.79
C GLU T 360 49.46 54.10 14.80
N LEU T 361 48.38 53.51 14.32
CA LEU T 361 47.29 53.04 15.18
C LEU T 361 47.19 51.52 15.12
N LYS T 362 47.63 50.87 16.19
CA LYS T 362 47.63 49.41 16.26
C LYS T 362 46.98 48.97 17.59
N ASP T 363 46.99 47.66 17.81
CA ASP T 363 46.43 47.07 19.01
C ASP T 363 47.43 47.16 20.15
N ASP T 364 47.17 46.42 21.22
CA ASP T 364 48.08 46.32 22.34
C ASP T 364 48.94 45.07 22.23
N ASP U 20 23.11 72.46 -23.43
CA ASP U 20 23.12 72.37 -24.89
C ASP U 20 23.48 70.94 -25.30
N LYS U 21 24.62 70.46 -24.82
CA LYS U 21 25.08 69.11 -25.16
C LYS U 21 24.55 68.11 -24.14
N ASP U 22 24.03 67.00 -24.64
CA ASP U 22 23.44 65.98 -23.79
C ASP U 22 24.52 65.22 -23.02
N LEU U 23 24.26 64.97 -21.75
CA LEU U 23 25.27 64.36 -20.89
C LEU U 23 24.76 63.15 -20.15
N LEU U 24 23.52 63.17 -19.67
CA LEU U 24 22.93 61.99 -19.04
C LEU U 24 21.45 61.97 -19.41
N LYS U 25 20.93 60.77 -19.64
CA LYS U 25 19.53 60.60 -19.99
C LYS U 25 18.94 59.47 -19.14
N GLY U 26 17.63 59.50 -18.99
CA GLY U 26 16.94 58.41 -18.35
C GLY U 26 17.16 58.27 -16.87
N LEU U 27 17.65 59.32 -16.21
CA LEU U 27 17.85 59.26 -14.77
C LEU U 27 16.51 59.32 -14.06
N ASP U 28 16.42 58.67 -12.91
CA ASP U 28 15.28 58.93 -12.05
C ASP U 28 15.59 60.14 -11.18
N GLN U 29 14.77 60.37 -10.17
CA GLN U 29 14.70 61.68 -9.53
C GLN U 29 15.89 61.94 -8.62
N GLU U 30 16.08 61.09 -7.63
CA GLU U 30 17.15 61.28 -6.65
C GLU U 30 18.54 61.05 -7.23
N GLN U 31 18.66 60.38 -8.37
CA GLN U 31 19.94 60.39 -9.06
C GLN U 31 20.21 61.69 -9.80
N ALA U 32 19.17 62.31 -10.35
CA ALA U 32 19.36 63.53 -11.11
C ALA U 32 19.64 64.72 -10.22
N ASN U 33 19.07 64.74 -9.03
CA ASN U 33 19.31 65.84 -8.11
C ASN U 33 20.68 65.76 -7.48
N GLU U 34 21.30 64.58 -7.50
CA GLU U 34 22.63 64.44 -6.92
C GLU U 34 23.71 64.89 -7.89
N VAL U 35 23.49 64.63 -9.19
CA VAL U 35 24.49 64.96 -10.21
C VAL U 35 24.65 66.47 -10.32
N ILE U 36 23.54 67.21 -10.36
CA ILE U 36 23.58 68.66 -10.42
C ILE U 36 24.22 69.24 -9.19
N ALA U 37 24.05 68.59 -8.04
CA ALA U 37 24.70 69.03 -6.82
C ALA U 37 26.21 68.88 -6.92
N VAL U 38 26.66 67.85 -7.63
CA VAL U 38 28.09 67.69 -7.83
C VAL U 38 28.60 68.69 -8.84
N LEU U 39 27.83 68.91 -9.91
CA LEU U 39 28.29 69.75 -11.00
C LEU U 39 28.34 71.22 -10.60
N GLN U 40 27.30 71.73 -9.96
CA GLN U 40 27.32 73.12 -9.51
C GLN U 40 28.29 73.35 -8.37
N MET U 41 28.77 72.29 -7.72
CA MET U 41 29.89 72.46 -6.83
C MET U 41 31.14 72.85 -7.61
N HIS U 42 31.31 72.27 -8.79
CA HIS U 42 32.50 72.50 -9.60
C HIS U 42 32.23 73.49 -10.72
N ASN U 43 31.35 74.46 -10.45
CA ASN U 43 31.20 75.71 -11.20
C ASN U 43 30.75 75.49 -12.63
N ILE U 44 29.94 74.48 -12.91
CA ILE U 44 29.31 74.39 -14.22
C ILE U 44 27.82 74.20 -14.00
N GLU U 45 27.01 74.96 -14.72
CA GLU U 45 25.58 74.86 -14.51
C GLU U 45 25.00 73.72 -15.33
N ALA U 46 23.92 73.13 -14.82
CA ALA U 46 23.22 72.07 -15.53
C ALA U 46 21.75 72.44 -15.64
N ASN U 47 21.00 71.63 -16.37
CA ASN U 47 19.59 71.88 -16.62
C ASN U 47 18.86 70.55 -16.49
N LYS U 48 18.14 70.34 -15.39
CA LYS U 48 17.39 69.11 -15.25
C LYS U 48 16.18 69.14 -16.15
N ILE U 49 16.33 68.57 -17.35
CA ILE U 49 15.26 68.51 -18.33
C ILE U 49 14.50 67.21 -18.11
N ASP U 50 13.26 67.30 -17.66
CA ASP U 50 12.43 66.10 -17.59
C ASP U 50 12.02 65.68 -18.99
N SER U 51 12.03 64.37 -19.22
CA SER U 51 11.57 63.81 -20.49
C SER U 51 10.37 62.90 -20.27
N GLY U 52 9.50 63.25 -19.33
CA GLY U 52 8.31 62.48 -19.09
C GLY U 52 8.55 61.18 -18.34
N LYS U 53 8.01 60.09 -18.88
CA LYS U 53 8.17 58.75 -18.33
C LYS U 53 9.50 58.12 -18.68
N LEU U 54 10.27 58.73 -19.57
CA LEU U 54 11.61 58.29 -19.91
C LEU U 54 12.67 58.87 -18.98
N GLY U 55 12.29 59.31 -17.79
CA GLY U 55 13.25 59.83 -16.83
C GLY U 55 13.73 61.23 -17.18
N TYR U 56 14.51 61.79 -16.26
CA TYR U 56 15.07 63.11 -16.41
C TYR U 56 16.23 63.11 -17.39
N SER U 57 16.80 64.28 -17.63
CA SER U 57 17.96 64.43 -18.50
C SER U 57 18.73 65.65 -18.07
N ILE U 58 20.04 65.58 -18.15
CA ILE U 58 20.91 66.66 -17.72
C ILE U 58 21.73 67.10 -18.91
N THR U 59 21.65 68.38 -19.26
CA THR U 59 22.40 68.93 -20.37
C THR U 59 23.26 70.07 -19.87
N VAL U 60 24.51 70.10 -20.29
CA VAL U 60 25.41 71.18 -19.96
C VAL U 60 25.75 71.95 -21.23
N ALA U 61 26.36 73.11 -21.06
CA ALA U 61 26.76 73.91 -22.20
C ALA U 61 27.98 73.31 -22.87
N GLU U 62 28.23 73.75 -24.09
CA GLU U 62 29.30 73.18 -24.91
C GLU U 62 30.71 73.44 -24.39
N PRO U 63 31.10 74.61 -23.86
CA PRO U 63 32.46 74.70 -23.31
C PRO U 63 32.67 73.93 -22.02
N ASP U 64 31.60 73.58 -21.32
CA ASP U 64 31.74 72.79 -20.11
C ASP U 64 31.37 71.34 -20.26
N PHE U 65 31.08 70.86 -21.47
CA PHE U 65 30.86 69.42 -21.62
C PHE U 65 32.15 68.67 -21.40
N THR U 66 33.29 69.31 -21.66
CA THR U 66 34.57 68.68 -21.39
C THR U 66 34.80 68.49 -19.91
N ALA U 67 34.61 69.56 -19.14
CA ALA U 67 34.88 69.49 -17.72
C ALA U 67 33.85 68.67 -16.97
N ALA U 68 32.59 68.67 -17.43
CA ALA U 68 31.55 67.97 -16.70
C ALA U 68 31.66 66.47 -16.84
N VAL U 69 32.13 65.99 -17.99
CA VAL U 69 32.28 64.54 -18.17
C VAL U 69 33.50 64.02 -17.42
N TYR U 70 34.39 64.91 -16.99
CA TYR U 70 35.41 64.50 -16.03
C TYR U 70 34.79 64.23 -14.67
N TRP U 71 33.93 65.13 -14.19
CA TRP U 71 33.36 64.93 -12.87
C TRP U 71 32.28 63.87 -12.84
N ILE U 72 31.78 63.43 -13.98
CA ILE U 72 30.98 62.22 -13.98
C ILE U 72 31.87 61.03 -13.70
N LYS U 73 33.12 61.08 -14.16
CA LYS U 73 33.99 59.92 -14.02
C LYS U 73 34.49 59.77 -12.58
N THR U 74 34.97 60.86 -11.98
CA THR U 74 35.60 60.76 -10.67
C THR U 74 34.60 60.44 -9.58
N TYR U 75 33.43 61.05 -9.63
CA TYR U 75 32.42 60.78 -8.63
C TYR U 75 31.60 59.55 -8.94
N GLN U 76 31.83 58.94 -10.11
CA GLN U 76 31.10 57.78 -10.61
C GLN U 76 29.60 58.03 -10.66
N LEU U 77 29.23 59.22 -11.08
CA LEU U 77 27.83 59.56 -11.26
C LEU U 77 27.29 58.84 -12.49
N PRO U 78 26.00 58.52 -12.53
CA PRO U 78 24.92 58.68 -11.55
C PRO U 78 25.08 57.70 -10.40
N PRO U 79 24.65 58.08 -9.21
CA PRO U 79 24.85 57.22 -8.05
C PRO U 79 24.03 55.96 -8.15
N ARG U 80 24.64 54.86 -7.74
CA ARG U 80 23.93 53.61 -7.61
C ARG U 80 22.87 53.74 -6.53
N PRO U 81 21.79 52.96 -6.60
CA PRO U 81 20.76 53.05 -5.55
C PRO U 81 21.30 52.55 -4.23
N ARG U 82 21.05 53.32 -3.18
CA ARG U 82 21.65 53.07 -1.88
C ARG U 82 21.12 51.77 -1.28
N VAL U 83 22.02 50.81 -1.13
CA VAL U 83 21.66 49.43 -0.84
C VAL U 83 21.78 49.17 0.65
N GLU U 84 20.75 48.56 1.22
CA GLU U 84 20.84 47.93 2.52
C GLU U 84 20.72 46.43 2.34
N ILE U 85 21.01 45.72 3.42
CA ILE U 85 21.26 44.29 3.33
C ILE U 85 19.96 43.54 3.05
N ALA U 86 18.85 44.08 3.51
CA ALA U 86 17.58 43.37 3.42
C ALA U 86 16.94 43.44 2.04
N GLN U 87 17.53 44.15 1.09
CA GLN U 87 17.00 44.12 -0.27
C GLN U 87 17.32 42.82 -0.98
N MET U 88 18.24 42.02 -0.45
CA MET U 88 18.62 40.77 -1.09
C MET U 88 18.11 39.57 -0.32
N PHE U 89 17.10 39.77 0.52
CA PHE U 89 16.37 38.69 1.17
C PHE U 89 14.91 39.08 1.19
N PRO U 90 14.22 38.99 0.06
CA PRO U 90 12.88 39.61 -0.02
C PRO U 90 11.81 38.79 0.68
N ALA U 91 11.93 37.46 0.67
CA ALA U 91 10.98 36.51 1.25
C ALA U 91 9.57 36.69 0.70
N ASP U 92 9.42 36.48 -0.60
CA ASP U 92 8.10 36.60 -1.21
C ASP U 92 7.24 35.38 -0.89
N SER U 93 7.68 34.18 -1.25
CA SER U 93 6.96 32.96 -0.95
C SER U 93 7.92 31.81 -0.65
N LEU U 94 9.20 32.11 -0.50
CA LEU U 94 10.20 31.08 -0.22
C LEU U 94 10.22 30.81 1.28
N VAL U 95 10.68 29.62 1.65
CA VAL U 95 10.59 29.14 3.02
C VAL U 95 11.49 29.94 3.97
N SER U 96 12.54 30.59 3.45
CA SER U 96 13.32 31.62 4.14
C SER U 96 13.99 31.07 5.40
N SER U 97 15.03 30.26 5.16
CA SER U 97 15.98 29.68 6.10
C SER U 97 16.43 30.66 7.18
N PRO U 98 16.72 30.17 8.40
CA PRO U 98 16.93 31.08 9.54
C PRO U 98 18.10 32.04 9.43
N ARG U 99 18.99 31.85 8.47
CA ARG U 99 19.94 32.89 8.11
C ARG U 99 19.26 34.09 7.48
N ALA U 100 18.19 33.87 6.74
CA ALA U 100 17.54 34.98 6.05
C ALA U 100 16.77 35.86 7.01
N GLU U 101 16.29 35.31 8.12
CA GLU U 101 15.61 36.13 9.11
C GLU U 101 16.56 37.08 9.81
N LYS U 102 17.72 36.62 10.25
CA LYS U 102 18.66 37.53 10.91
C LYS U 102 19.30 38.49 9.92
N ALA U 103 19.29 38.15 8.63
CA ALA U 103 19.82 39.08 7.66
C ALA U 103 18.93 40.30 7.53
N ARG U 104 17.62 40.12 7.37
CA ARG U 104 16.77 41.29 7.26
C ARG U 104 16.37 41.83 8.63
N LEU U 105 16.64 41.09 9.71
CA LEU U 105 16.40 41.64 11.04
C LEU U 105 17.41 42.73 11.34
N TYR U 106 18.70 42.40 11.30
CA TYR U 106 19.74 43.36 11.60
C TYR U 106 19.80 44.49 10.58
N SER U 107 19.41 44.19 9.33
CA SER U 107 19.43 45.22 8.29
C SER U 107 18.38 46.28 8.55
N ALA U 108 17.22 45.89 9.06
CA ALA U 108 16.24 46.87 9.45
C ALA U 108 16.68 47.63 10.69
N ILE U 109 17.51 47.03 11.52
CA ILE U 109 18.05 47.77 12.66
C ILE U 109 19.13 48.74 12.20
N GLU U 110 19.89 48.38 11.16
CA GLU U 110 20.85 49.32 10.58
C GLU U 110 20.15 50.55 10.03
N GLN U 111 19.00 50.36 9.40
CA GLN U 111 18.28 51.50 8.85
C GLN U 111 17.67 52.34 9.94
N ARG U 112 17.14 51.70 10.99
CA ARG U 112 16.36 52.43 11.97
C ARG U 112 17.25 53.24 12.91
N LEU U 113 18.43 52.74 13.23
CA LEU U 113 19.38 53.55 13.97
C LEU U 113 19.92 54.69 13.13
N GLU U 114 20.02 54.48 11.82
CA GLU U 114 20.39 55.56 10.91
C GLU U 114 19.33 56.64 10.88
N GLN U 115 18.04 56.25 10.90
CA GLN U 115 16.95 57.21 10.93
C GLN U 115 16.91 57.99 12.24
N SER U 116 17.48 57.45 13.30
CA SER U 116 17.38 58.07 14.61
C SER U 116 18.54 59.00 14.92
N LEU U 117 19.75 58.63 14.49
CA LEU U 117 20.87 59.56 14.63
C LEU U 117 20.65 60.80 13.82
N GLN U 118 19.94 60.68 12.68
CA GLN U 118 19.67 61.82 11.83
C GLN U 118 18.76 62.83 12.50
N THR U 119 17.99 62.42 13.52
CA THR U 119 17.16 63.32 14.30
C THR U 119 17.77 63.65 15.65
N MET U 120 19.09 63.70 15.76
CA MET U 120 19.71 64.27 16.93
C MET U 120 19.91 65.76 16.73
N GLU U 121 20.68 66.40 17.61
CA GLU U 121 20.89 67.83 17.53
C GLU U 121 22.06 68.09 16.58
N GLY U 122 21.76 68.49 15.36
CA GLY U 122 22.78 68.92 14.43
C GLY U 122 23.27 67.87 13.46
N VAL U 123 22.89 66.61 13.62
CA VAL U 123 23.33 65.60 12.67
C VAL U 123 22.54 65.78 11.38
N LEU U 124 23.24 66.07 10.28
CA LEU U 124 22.57 66.17 9.00
C LEU U 124 22.26 64.80 8.45
N SER U 125 23.25 63.92 8.41
CA SER U 125 23.10 62.61 7.83
C SER U 125 23.87 61.61 8.67
N ALA U 126 23.53 60.34 8.51
CA ALA U 126 24.17 59.31 9.31
C ALA U 126 24.17 57.99 8.57
N ARG U 127 25.14 57.15 8.89
CA ARG U 127 25.23 55.78 8.41
C ARG U 127 25.63 54.89 9.57
N VAL U 128 24.99 53.74 9.69
CA VAL U 128 25.26 52.80 10.78
C VAL U 128 25.44 51.42 10.19
N HIS U 129 26.52 50.74 10.57
CA HIS U 129 26.76 49.36 10.19
C HIS U 129 26.79 48.49 11.43
N ILE U 130 26.35 47.26 11.30
CA ILE U 130 26.33 46.29 12.38
C ILE U 130 27.19 45.11 11.96
N SER U 131 28.02 44.63 12.87
CA SER U 131 28.74 43.39 12.64
C SER U 131 27.77 42.23 12.60
N TYR U 132 27.83 41.45 11.53
CA TYR U 132 26.90 40.34 11.34
C TYR U 132 27.58 39.05 11.77
N ASP U 133 27.46 38.72 13.05
CA ASP U 133 27.74 37.37 13.53
C ASP U 133 26.47 36.57 13.26
N ILE U 134 26.51 35.74 12.23
CA ILE U 134 25.34 35.04 11.76
C ILE U 134 25.42 33.55 12.04
N ASP U 135 26.60 32.95 11.83
CA ASP U 135 26.74 31.50 11.92
C ASP U 135 27.07 31.03 13.32
N ALA U 136 26.59 31.73 14.34
CA ALA U 136 26.87 31.35 15.73
C ALA U 136 26.17 30.05 16.10
N GLY U 137 24.91 29.87 15.66
CA GLY U 137 24.20 28.63 15.93
C GLY U 137 24.64 27.46 15.09
N GLU U 138 25.14 27.72 13.89
CA GLU U 138 25.56 26.64 13.00
C GLU U 138 26.91 26.06 13.40
N ASN U 139 27.78 26.87 14.00
CA ASN U 139 29.05 26.35 14.52
C ASN U 139 28.90 25.73 15.90
N GLY U 140 27.79 25.92 16.58
CA GLY U 140 27.65 25.42 17.94
C GLY U 140 28.49 26.18 18.94
N ARG U 141 28.50 27.50 18.85
CA ARG U 141 29.34 28.36 19.65
C ARG U 141 28.50 29.51 20.24
N PRO U 142 28.96 30.10 21.33
CA PRO U 142 28.36 31.35 21.79
C PRO U 142 28.71 32.48 20.82
N PRO U 143 27.80 33.41 20.61
CA PRO U 143 28.02 34.43 19.57
C PRO U 143 29.05 35.46 20.00
N LYS U 144 29.54 36.17 19.01
CA LYS U 144 30.56 37.18 19.21
C LYS U 144 29.92 38.44 19.75
N PRO U 145 30.69 39.33 20.37
CA PRO U 145 30.15 40.64 20.73
C PRO U 145 29.79 41.43 19.49
N VAL U 146 28.76 42.25 19.61
CA VAL U 146 28.30 43.05 18.49
C VAL U 146 29.19 44.27 18.35
N HIS U 147 29.72 44.48 17.16
CA HIS U 147 30.50 45.65 16.83
C HIS U 147 29.68 46.53 15.91
N LEU U 148 29.88 47.83 15.97
CA LEU U 148 29.11 48.71 15.10
C LEU U 148 29.86 50.00 14.83
N SER U 149 29.61 50.55 13.65
CA SER U 149 30.28 51.75 13.18
C SER U 149 29.26 52.81 12.85
N ALA U 150 29.67 54.07 12.93
CA ALA U 150 28.74 55.15 12.68
C ALA U 150 29.43 56.32 12.01
N LEU U 151 28.75 56.92 11.04
CA LEU U 151 29.18 58.15 10.40
C LEU U 151 28.15 59.22 10.68
N ALA U 152 28.59 60.48 10.65
CA ALA U 152 27.71 61.56 11.07
C ALA U 152 28.23 62.87 10.51
N VAL U 153 27.35 63.66 9.92
CA VAL U 153 27.72 64.92 9.29
C VAL U 153 27.07 66.04 10.09
N TYR U 154 27.88 66.80 10.81
CA TYR U 154 27.40 67.88 11.64
C TYR U 154 27.40 69.20 10.90
N GLU U 155 26.91 70.24 11.56
CA GLU U 155 26.96 71.58 10.99
C GLU U 155 28.38 72.12 11.05
N ARG U 156 28.56 73.27 10.43
CA ARG U 156 29.70 74.11 10.77
C ARG U 156 29.56 74.62 12.20
N GLY U 157 30.69 74.94 12.81
CA GLY U 157 30.70 75.60 14.10
C GLY U 157 30.44 74.70 15.30
N SER U 158 30.02 73.46 15.10
CA SER U 158 29.80 72.59 16.24
C SER U 158 31.14 72.08 16.76
N PRO U 159 31.32 72.01 18.06
CA PRO U 159 32.55 71.42 18.61
C PRO U 159 32.55 69.90 18.57
N LEU U 160 32.99 69.34 17.44
CA LEU U 160 32.83 67.90 17.12
C LEU U 160 33.46 66.96 18.13
N ALA U 161 34.37 67.41 18.97
CA ALA U 161 35.01 66.52 19.93
C ALA U 161 34.12 66.21 21.14
N HIS U 162 32.89 66.71 21.20
CA HIS U 162 32.01 66.46 22.32
C HIS U 162 30.71 65.79 21.94
N GLN U 163 30.27 65.90 20.70
CA GLN U 163 29.13 65.10 20.25
C GLN U 163 29.53 63.68 19.94
N ILE U 164 30.82 63.36 20.02
CA ILE U 164 31.28 61.98 19.87
C ILE U 164 30.82 61.14 21.05
N SER U 165 30.61 61.75 22.21
CA SER U 165 30.22 60.99 23.39
C SER U 165 28.73 60.70 23.40
N ASP U 166 27.92 61.58 22.81
CA ASP U 166 26.47 61.39 22.79
C ASP U 166 26.09 60.20 21.93
N ILE U 167 26.65 60.12 20.73
CA ILE U 167 26.37 59.00 19.84
C ILE U 167 26.84 57.71 20.46
N LYS U 168 28.09 57.71 20.95
CA LYS U 168 28.71 56.52 21.51
C LYS U 168 28.03 56.07 22.79
N ARG U 169 27.34 56.96 23.50
CA ARG U 169 26.47 56.56 24.60
C ARG U 169 25.13 56.07 24.08
N PHE U 170 24.63 56.68 23.02
CA PHE U 170 23.31 56.36 22.50
C PHE U 170 23.22 54.93 22.01
N LEU U 171 24.05 54.56 21.06
CA LEU U 171 23.85 53.27 20.44
C LEU U 171 24.73 52.19 21.06
N LYS U 172 25.31 52.45 22.23
CA LYS U 172 25.73 51.34 23.09
C LYS U 172 24.54 50.51 23.49
N ASN U 173 23.60 51.11 24.19
CA ASN U 173 22.46 50.38 24.71
C ASN U 173 21.37 50.15 23.68
N SER U 174 21.66 50.32 22.40
CA SER U 174 20.74 49.88 21.37
C SER U 174 20.97 48.43 21.00
N PHE U 175 21.95 47.78 21.61
CA PHE U 175 22.21 46.36 21.40
C PHE U 175 22.58 45.69 22.71
N ALA U 176 22.67 44.36 22.63
CA ALA U 176 22.68 43.53 23.83
C ALA U 176 24.05 43.57 24.51
N ASP U 177 25.08 43.10 23.83
CA ASP U 177 26.41 42.99 24.45
C ASP U 177 27.45 43.75 23.62
N VAL U 178 27.51 45.06 23.81
CA VAL U 178 28.54 45.87 23.18
C VAL U 178 29.30 46.60 24.26
N ASP U 179 30.44 47.18 23.87
CA ASP U 179 31.24 47.95 24.80
C ASP U 179 31.45 49.34 24.23
N TYR U 180 32.32 50.12 24.84
CA TYR U 180 32.78 51.38 24.30
C TYR U 180 34.01 51.22 23.44
N ASP U 181 34.38 49.99 23.13
CA ASP U 181 35.46 49.70 22.23
C ASP U 181 34.99 49.06 20.94
N ASN U 182 33.78 48.54 20.92
CA ASN U 182 33.22 47.97 19.71
C ASN U 182 32.43 49.00 18.92
N ILE U 183 32.47 50.26 19.32
CA ILE U 183 31.74 51.32 18.67
C ILE U 183 32.75 52.27 18.05
N SER U 184 32.68 52.43 16.73
CA SER U 184 33.63 53.26 16.00
C SER U 184 32.88 54.36 15.27
N VAL U 185 32.92 55.56 15.81
CA VAL U 185 32.18 56.69 15.27
C VAL U 185 33.18 57.71 14.78
N VAL U 186 33.18 57.96 13.48
CA VAL U 186 34.07 58.94 12.86
C VAL U 186 33.19 59.99 12.23
N LEU U 187 32.94 61.07 12.96
CA LEU U 187 32.02 62.11 12.53
C LEU U 187 32.78 63.33 12.02
N SER U 188 32.25 63.92 10.97
CA SER U 188 32.94 64.95 10.22
C SER U 188 31.95 66.05 9.87
N GLU U 189 32.34 67.30 10.08
CA GLU U 189 31.44 68.41 9.79
C GLU U 189 31.26 68.58 8.29
N ARG U 190 30.17 69.23 7.90
CA ARG U 190 29.84 69.30 6.49
C ARG U 190 30.76 70.27 5.77
N SER U 191 30.67 70.25 4.46
CA SER U 191 31.51 71.08 3.62
C SER U 191 31.02 72.52 3.64
N ASP U 192 31.70 73.37 2.88
CA ASP U 192 31.25 74.74 2.72
C ASP U 192 29.95 74.75 1.92
N ALA U 193 29.10 75.72 2.24
CA ALA U 193 27.79 75.78 1.61
C ALA U 193 27.91 76.28 0.18
N GLN U 194 27.31 75.55 -0.75
CA GLN U 194 27.22 75.98 -2.14
C GLN U 194 25.91 76.74 -2.29
N LEU U 195 25.98 78.06 -2.16
CA LEU U 195 24.82 78.93 -2.25
C LEU U 195 24.91 79.86 -3.45
N GLN U 196 25.91 79.68 -4.29
CA GLN U 196 26.40 80.71 -5.19
C GLN U 196 26.23 80.25 -6.62
N ALA U 197 25.71 81.12 -7.46
CA ALA U 197 25.36 80.75 -8.83
C ALA U 197 26.61 80.47 -9.65
N PRO U 198 26.66 79.36 -10.39
CA PRO U 198 27.85 79.03 -11.18
C PRO U 198 28.14 80.01 -12.29
N GLY U 199 27.17 80.23 -13.17
CA GLY U 199 27.37 81.18 -14.23
C GLY U 199 27.39 80.56 -15.61
N THR U 200 26.62 81.15 -16.53
CA THR U 200 26.66 80.76 -17.92
C THR U 200 28.00 81.19 -18.54
N PRO U 201 28.53 80.41 -19.48
CA PRO U 201 29.78 80.81 -20.15
C PRO U 201 29.60 82.05 -21.00
N VAL U 202 30.73 82.68 -21.35
CA VAL U 202 30.73 83.87 -22.17
C VAL U 202 30.70 83.45 -23.63
N LYS U 203 30.27 84.37 -24.48
CA LYS U 203 30.12 84.10 -25.91
C LYS U 203 31.25 84.72 -26.72
N ALA V 171 18.42 98.55 -2.02
CA ALA V 171 17.43 98.73 -0.97
C ALA V 171 18.07 98.65 0.41
N GLU V 172 17.27 98.85 1.45
CA GLU V 172 17.76 98.77 2.81
C GLU V 172 17.97 97.32 3.21
N LEU V 173 19.18 97.00 3.68
CA LEU V 173 19.51 95.62 4.01
C LEU V 173 18.78 95.15 5.26
N ASP V 174 18.35 96.08 6.12
CA ASP V 174 17.50 95.74 7.25
C ASP V 174 16.15 95.19 6.82
N SER V 175 15.70 95.51 5.61
CA SER V 175 14.48 94.94 5.07
C SER V 175 14.73 93.88 4.00
N LEU V 176 15.92 93.85 3.40
CA LEU V 176 16.27 92.74 2.51
C LEU V 176 16.45 91.44 3.27
N LEU V 177 16.80 91.53 4.56
CA LEU V 177 16.81 90.38 5.44
C LEU V 177 15.39 90.12 5.92
N GLY V 178 15.24 89.30 6.95
CA GLY V 178 13.91 88.92 7.39
C GLY V 178 13.13 90.03 8.06
N GLN V 179 11.93 89.66 8.53
CA GLN V 179 11.01 90.59 9.15
C GLN V 179 11.54 91.11 10.49
N GLU V 180 12.27 90.29 11.22
CA GLU V 180 12.74 90.65 12.55
C GLU V 180 14.02 91.46 12.46
N LYS V 181 13.97 92.70 12.97
CA LYS V 181 15.14 93.57 12.86
C LYS V 181 16.18 93.24 13.92
N GLU V 182 15.75 92.70 15.06
CA GLU V 182 16.65 92.49 16.18
C GLU V 182 17.62 91.35 15.97
N ARG V 183 17.37 90.47 15.00
CA ARG V 183 18.21 89.29 14.84
C ARG V 183 19.55 89.63 14.21
N PHE V 184 19.58 90.60 13.31
CA PHE V 184 20.82 90.99 12.65
C PHE V 184 21.17 92.41 13.04
N GLN V 185 22.42 92.79 12.77
CA GLN V 185 22.88 94.14 13.06
C GLN V 185 23.88 94.53 11.99
N VAL V 186 23.48 95.42 11.08
CA VAL V 186 24.35 95.80 9.98
C VAL V 186 25.47 96.69 10.48
N LEU V 187 26.61 96.63 9.82
CA LEU V 187 27.81 97.32 10.27
C LEU V 187 28.51 98.00 9.11
N PRO V 188 28.44 99.32 9.01
CA PRO V 188 29.13 100.01 7.92
C PRO V 188 30.63 100.08 8.12
N GLY V 189 31.33 99.07 7.62
CA GLY V 189 32.78 99.02 7.75
C GLY V 189 33.50 100.14 7.01
N ARG V 190 34.78 100.25 7.29
CA ARG V 190 35.57 101.38 6.83
C ARG V 190 36.10 101.22 5.41
N ASP V 191 36.13 100.00 4.86
CA ASP V 191 36.73 99.74 3.57
C ASP V 191 35.71 99.54 2.46
N LYS V 192 34.62 100.33 2.52
CA LYS V 192 33.50 100.47 1.58
C LYS V 192 32.56 99.28 1.58
N MET V 193 32.91 98.20 2.26
CA MET V 193 32.08 97.01 2.31
C MET V 193 31.23 97.05 3.58
N LEU V 194 29.96 96.70 3.45
CA LEU V 194 29.05 96.65 4.58
C LEU V 194 29.05 95.23 5.15
N TYR V 195 28.83 95.12 6.46
CA TYR V 195 28.86 93.84 7.14
C TYR V 195 27.58 93.65 7.94
N VAL V 196 27.13 92.42 8.04
CA VAL V 196 25.95 92.06 8.81
C VAL V 196 26.29 90.94 9.77
N ALA V 197 26.06 91.17 11.06
CA ALA V 197 26.54 90.30 12.12
C ALA V 197 25.45 89.34 12.53
N ALA V 198 25.58 88.09 12.11
CA ALA V 198 24.64 87.08 12.57
C ALA V 198 24.97 86.65 13.99
N GLN V 199 24.10 85.83 14.57
CA GLN V 199 24.30 85.36 15.92
C GLN V 199 24.72 83.91 16.01
N ASN V 200 24.28 83.06 15.09
CA ASN V 200 24.68 81.66 15.08
C ASN V 200 24.70 81.18 13.63
N GLU V 201 24.77 79.87 13.44
CA GLU V 201 24.90 79.34 12.10
C GLU V 201 23.57 79.08 11.41
N ARG V 202 22.44 79.37 12.05
CA ARG V 202 21.21 79.45 11.27
C ARG V 202 21.02 80.84 10.71
N ASP V 203 21.32 81.87 11.49
CA ASP V 203 21.21 83.23 11.00
C ASP V 203 22.27 83.55 9.97
N THR V 204 23.41 82.88 10.03
CA THR V 204 24.44 83.08 9.02
C THR V 204 23.99 82.54 7.68
N LEU V 205 23.41 81.34 7.66
CA LEU V 205 22.82 80.82 6.44
C LEU V 205 21.54 81.53 6.07
N TRP V 206 20.92 82.25 7.01
CA TRP V 206 19.82 83.13 6.65
C TRP V 206 20.32 84.34 5.90
N ALA V 207 21.45 84.90 6.32
CA ALA V 207 21.94 86.13 5.72
C ALA V 207 22.93 85.89 4.59
N ARG V 208 23.64 84.76 4.59
CA ARG V 208 24.41 84.40 3.40
C ARG V 208 23.55 83.87 2.29
N GLN V 209 22.26 83.64 2.54
CA GLN V 209 21.38 83.27 1.45
C GLN V 209 20.95 84.50 0.67
N VAL V 210 20.64 85.59 1.36
CA VAL V 210 20.18 86.82 0.73
C VAL V 210 21.27 87.42 -0.15
N LEU V 211 22.48 87.52 0.36
CA LEU V 211 23.54 88.23 -0.34
C LEU V 211 24.09 87.46 -1.52
N ALA V 212 23.89 86.16 -1.59
CA ALA V 212 24.39 85.36 -2.69
C ALA V 212 23.33 85.05 -3.73
N ARG V 213 22.06 85.14 -3.34
CA ARG V 213 20.96 84.94 -4.27
C ARG V 213 20.79 86.11 -5.21
N GLY V 214 21.01 87.32 -4.72
CA GLY V 214 20.55 88.47 -5.46
C GLY V 214 21.44 89.66 -5.31
N ASP V 215 20.84 90.83 -5.09
CA ASP V 215 21.56 92.09 -5.18
C ASP V 215 21.43 92.91 -3.91
N TYR V 216 22.55 93.41 -3.45
CA TYR V 216 22.65 94.64 -2.68
C TYR V 216 23.56 95.54 -3.50
N ASP V 217 23.24 96.83 -3.57
CA ASP V 217 23.98 97.70 -4.49
C ASP V 217 25.31 98.18 -3.92
N LYS V 218 26.08 97.25 -3.35
CA LYS V 218 27.40 97.40 -2.76
C LYS V 218 27.78 95.99 -2.31
N ASN V 219 29.04 95.81 -1.92
CA ASN V 219 29.47 94.52 -1.41
C ASN V 219 28.97 94.34 0.02
N ALA V 220 28.60 93.11 0.36
CA ALA V 220 28.09 92.80 1.69
C ALA V 220 28.58 91.43 2.10
N ARG V 221 28.89 91.27 3.39
CA ARG V 221 29.64 90.12 3.87
C ARG V 221 29.21 89.77 5.28
N VAL V 222 28.71 88.56 5.47
CA VAL V 222 28.19 88.14 6.78
C VAL V 222 29.36 87.70 7.64
N ILE V 223 29.45 88.25 8.85
CA ILE V 223 30.44 87.82 9.82
C ILE V 223 29.71 87.15 10.97
N ASN V 224 30.37 86.17 11.57
CA ASN V 224 29.80 85.42 12.68
C ASN V 224 30.65 85.66 13.91
N GLU V 225 30.19 85.21 15.06
CA GLU V 225 30.97 85.39 16.28
C GLU V 225 31.99 84.28 16.41
N ASN V 226 31.60 83.06 16.05
CA ASN V 226 32.48 81.91 16.21
C ASN V 226 33.26 81.57 14.95
N GLU V 227 33.09 82.32 13.87
CA GLU V 227 33.87 82.05 12.67
C GLU V 227 34.89 83.16 12.43
N GLU V 228 34.48 84.42 12.63
CA GLU V 228 35.42 85.53 12.52
C GLU V 228 36.45 85.47 13.63
N ASN V 229 36.09 84.92 14.79
CA ASN V 229 37.04 84.58 15.82
C ASN V 229 38.08 83.61 15.29
N LYS V 230 37.64 82.60 14.54
CA LYS V 230 38.58 81.62 14.01
C LYS V 230 39.34 82.17 12.82
N ARG V 231 38.76 83.13 12.10
CA ARG V 231 39.44 83.71 10.94
C ARG V 231 40.65 84.55 11.36
N ILE V 232 40.52 85.26 12.49
CA ILE V 232 41.61 86.09 12.98
C ILE V 232 42.77 85.21 13.43
N SER V 233 42.48 84.08 14.05
CA SER V 233 43.52 83.16 14.50
C SER V 233 44.29 82.52 13.35
N ILE V 234 43.72 82.49 12.14
CA ILE V 234 44.49 82.05 10.99
C ILE V 234 45.47 83.14 10.58
N TRP V 235 45.10 84.40 10.80
CA TRP V 235 46.04 85.50 10.60
C TRP V 235 46.98 85.63 11.78
N LEU V 236 46.48 85.35 12.98
CA LEU V 236 47.21 85.74 14.17
C LEU V 236 48.33 84.77 14.50
N ASP V 237 48.23 83.52 14.08
CA ASP V 237 49.30 82.58 14.40
C ASP V 237 50.53 82.80 13.52
N THR V 238 50.38 83.45 12.38
CA THR V 238 51.55 83.80 11.57
C THR V 238 52.23 85.07 12.07
N TYR V 239 51.47 86.14 12.20
CA TYR V 239 52.06 87.43 12.53
C TYR V 239 52.28 87.62 14.02
N TYR V 240 51.65 86.80 14.86
CA TYR V 240 51.98 86.74 16.29
C TYR V 240 51.90 85.31 16.80
N PRO V 241 52.89 84.47 16.49
CA PRO V 241 52.99 83.19 17.18
C PRO V 241 53.52 83.42 18.58
N GLN V 242 53.37 82.39 19.41
CA GLN V 242 53.61 82.47 20.87
C GLN V 242 52.81 83.59 21.53
N LEU V 243 51.60 83.83 21.03
CA LEU V 243 50.70 84.79 21.65
C LEU V 243 49.68 84.02 22.47
N ALA V 244 49.53 84.39 23.72
CA ALA V 244 48.59 83.73 24.61
C ALA V 244 47.34 84.60 24.73
N TYR V 245 46.27 84.13 24.11
CA TYR V 245 45.01 84.85 24.09
C TYR V 245 43.91 83.81 24.20
N TYR V 246 42.73 84.26 24.59
CA TYR V 246 41.63 83.34 24.79
C TYR V 246 40.66 83.33 23.61
N ARG V 247 40.04 84.48 23.33
CA ARG V 247 38.85 84.56 22.50
C ARG V 247 38.53 86.01 22.26
N ILE V 248 38.07 86.33 21.06
CA ILE V 248 37.56 87.66 20.77
C ILE V 248 36.04 87.62 20.91
N HIS V 249 35.43 88.74 21.27
CA HIS V 249 34.02 88.76 21.66
C HIS V 249 33.27 89.85 20.92
N PHE V 250 32.16 89.46 20.31
CA PHE V 250 31.38 90.30 19.41
C PHE V 250 29.99 90.57 19.95
N ASP V 251 29.90 90.84 21.26
CA ASP V 251 28.60 91.18 21.84
C ASP V 251 28.15 92.56 21.39
N GLU V 252 29.04 93.54 21.50
CA GLU V 252 28.88 94.82 20.83
C GLU V 252 29.84 94.81 19.65
N PRO V 253 29.37 94.49 18.44
CA PRO V 253 30.29 94.27 17.32
C PRO V 253 30.93 95.53 16.78
N ARG V 254 30.52 96.71 17.24
CA ARG V 254 31.24 97.92 16.90
C ARG V 254 32.62 97.95 17.51
N LYS V 255 32.78 97.39 18.71
CA LYS V 255 34.13 97.26 19.26
C LYS V 255 34.28 95.96 20.03
N PRO V 256 35.17 95.07 19.59
CA PRO V 256 35.32 93.78 20.25
C PRO V 256 36.26 93.83 21.43
N VAL V 257 36.03 92.91 22.36
CA VAL V 257 36.85 92.75 23.55
C VAL V 257 37.67 91.49 23.35
N PHE V 258 38.97 91.65 23.20
CA PHE V 258 39.88 90.56 22.86
C PHE V 258 40.75 90.25 24.06
N TRP V 259 40.41 89.16 24.75
CA TRP V 259 41.09 88.80 25.99
C TRP V 259 42.49 88.28 25.69
N LEU V 260 43.41 88.54 26.61
CA LEU V 260 44.74 87.98 26.56
C LEU V 260 45.11 87.42 27.93
N SER V 261 46.12 86.57 27.93
CA SER V 261 46.71 86.10 29.17
C SER V 261 47.56 87.21 29.77
N ARG V 262 47.25 87.62 31.00
CA ARG V 262 48.11 88.55 31.71
C ARG V 262 49.45 87.91 32.04
N GLN V 263 49.44 86.60 32.30
CA GLN V 263 50.64 85.94 32.79
C GLN V 263 51.59 85.58 31.66
N ARG V 264 51.08 85.02 30.57
CA ARG V 264 51.93 84.45 29.54
C ARG V 264 52.20 85.41 28.39
N ASN V 265 52.01 86.71 28.58
CA ASN V 265 52.30 87.69 27.54
C ASN V 265 53.37 88.64 28.03
N THR V 266 54.50 88.65 27.32
CA THR V 266 55.62 89.53 27.59
C THR V 266 55.57 90.78 26.73
N MET V 267 54.47 91.02 26.04
CA MET V 267 54.31 92.22 25.23
C MET V 267 54.18 93.44 26.11
N SER V 268 54.88 94.50 25.74
CA SER V 268 54.80 95.75 26.48
C SER V 268 53.57 96.54 25.99
N LYS V 269 53.28 97.65 26.66
CA LYS V 269 52.07 98.41 26.35
C LYS V 269 52.23 99.24 25.07
N LYS V 270 53.46 99.34 24.56
CA LYS V 270 53.68 100.01 23.29
C LYS V 270 53.09 99.22 22.14
N GLU V 271 53.60 98.01 21.90
CA GLU V 271 53.14 97.21 20.78
C GLU V 271 51.79 96.54 21.04
N LEU V 272 51.29 96.55 22.28
CA LEU V 272 49.93 96.10 22.51
C LEU V 272 48.92 97.07 21.92
N GLU V 273 49.26 98.36 21.88
CA GLU V 273 48.44 99.32 21.16
C GLU V 273 48.62 99.18 19.66
N VAL V 274 49.79 98.71 19.22
CA VAL V 274 49.95 98.31 17.82
C VAL V 274 49.08 97.10 17.52
N LEU V 275 48.97 96.19 18.49
CA LEU V 275 48.13 95.01 18.31
C LEU V 275 46.65 95.37 18.31
N SER V 276 46.26 96.47 18.95
CA SER V 276 44.91 96.99 18.79
C SER V 276 44.70 97.70 17.47
N GLN V 277 45.77 97.90 16.68
CA GLN V 277 45.65 98.48 15.35
C GLN V 277 45.90 97.49 14.23
N LYS V 278 46.62 96.39 14.51
CA LYS V 278 46.73 95.32 13.52
C LYS V 278 45.41 94.58 13.35
N LEU V 279 44.64 94.44 14.43
CA LEU V 279 43.38 93.73 14.34
C LEU V 279 42.31 94.56 13.63
N ARG V 280 42.41 95.89 13.70
CA ARG V 280 41.46 96.74 13.00
C ARG V 280 41.61 96.66 11.49
N ALA V 281 42.78 96.27 11.00
CA ALA V 281 42.93 96.01 9.57
C ALA V 281 42.21 94.75 9.15
N LEU V 282 41.90 93.85 10.08
CA LEU V 282 41.14 92.65 9.77
C LEU V 282 39.65 92.82 10.00
N MET V 283 39.26 93.72 10.88
CA MET V 283 37.85 93.97 11.22
C MET V 283 37.54 95.41 10.87
N PRO V 284 37.15 95.69 9.62
CA PRO V 284 36.87 97.09 9.24
C PRO V 284 35.62 97.63 9.90
N TYR V 285 34.67 96.76 10.22
CA TYR V 285 33.48 97.14 10.95
C TYR V 285 33.79 97.56 12.38
N ALA V 286 34.93 97.14 12.92
CA ALA V 286 35.26 97.43 14.31
C ALA V 286 35.70 98.88 14.47
N ASP V 287 35.37 99.45 15.62
CA ASP V 287 35.84 100.79 15.93
C ASP V 287 37.26 100.74 16.46
N SER V 288 37.45 100.11 17.62
CA SER V 288 38.76 99.97 18.23
C SER V 288 38.71 98.79 19.19
N VAL V 289 39.71 97.90 19.11
CA VAL V 289 39.71 96.67 19.88
C VAL V 289 40.01 96.98 21.35
N ASN V 290 39.17 96.48 22.24
CA ASN V 290 39.34 96.67 23.67
C ASN V 290 40.12 95.49 24.21
N ILE V 291 41.43 95.59 24.17
CA ILE V 291 42.32 94.54 24.67
C ILE V 291 42.36 94.60 26.18
N THR V 292 41.93 93.51 26.83
CA THR V 292 42.09 93.40 28.27
C THR V 292 42.84 92.11 28.58
N LEU V 293 43.12 91.92 29.87
CA LEU V 293 43.96 90.84 30.35
C LEU V 293 43.18 90.03 31.36
N MET V 294 43.31 88.71 31.30
CA MET V 294 42.68 87.82 32.26
C MET V 294 43.74 86.90 32.84
N ASP V 295 43.70 86.68 34.14
CA ASP V 295 44.67 85.79 34.77
C ASP V 295 44.36 84.34 34.44
N ASP V 296 45.42 83.57 34.19
CA ASP V 296 45.24 82.17 33.82
C ASP V 296 44.75 81.31 34.98
N VAL V 297 44.98 81.74 36.22
CA VAL V 297 44.48 80.98 37.34
C VAL V 297 42.97 81.19 37.51
N THR V 298 42.45 82.31 37.03
CA THR V 298 41.01 82.53 37.05
C THR V 298 40.32 81.73 35.97
N ALA V 299 40.99 81.52 34.84
CA ALA V 299 40.41 80.74 33.75
C ALA V 299 40.30 79.27 34.13
N ALA V 300 41.40 78.70 34.64
CA ALA V 300 41.36 77.32 35.09
C ALA V 300 40.60 77.16 36.39
N GLY V 301 40.42 78.25 37.14
CA GLY V 301 39.67 78.17 38.38
C GLY V 301 38.20 77.89 38.15
N GLN V 302 37.55 78.77 37.37
CA GLN V 302 36.12 78.62 37.11
C GLN V 302 35.81 77.38 36.29
N ALA V 303 36.75 76.91 35.49
CA ALA V 303 36.57 75.62 34.82
C ALA V 303 36.62 74.49 35.83
N GLU V 304 37.50 74.58 36.82
CA GLU V 304 37.52 73.56 37.85
C GLU V 304 36.40 73.76 38.86
N ALA V 305 36.12 75.02 39.24
CA ALA V 305 35.08 75.31 40.21
C ALA V 305 33.68 75.14 39.65
N GLY V 306 33.54 74.84 38.37
CA GLY V 306 32.25 74.47 37.84
C GLY V 306 32.16 72.97 37.65
N LEU V 307 33.27 72.35 37.26
CA LEU V 307 33.24 70.95 36.90
C LEU V 307 33.14 70.05 38.13
N LYS V 308 33.59 70.54 39.28
CA LYS V 308 33.28 69.85 40.53
C LYS V 308 31.99 70.35 41.14
N GLN V 309 31.47 71.48 40.66
CA GLN V 309 30.16 71.95 41.09
C GLN V 309 29.05 71.21 40.37
N GLN V 310 29.35 70.60 39.22
CA GLN V 310 28.44 69.68 38.56
C GLN V 310 28.58 68.26 39.07
N ALA V 311 29.47 68.03 40.04
CA ALA V 311 29.78 66.72 40.62
C ALA V 311 30.22 65.74 39.54
N LEU V 312 31.36 66.04 38.93
CA LEU V 312 31.89 65.21 37.88
C LEU V 312 33.28 64.70 38.25
N PRO V 313 33.58 63.43 38.00
CA PRO V 313 34.94 62.93 38.26
C PRO V 313 35.90 63.45 37.21
N TYR V 314 37.09 63.84 37.65
CA TYR V 314 38.06 64.41 36.72
C TYR V 314 39.45 64.23 37.29
N SER V 315 40.44 64.77 36.59
CA SER V 315 41.78 64.90 37.12
C SER V 315 42.45 66.07 36.42
N ARG V 316 42.68 67.15 37.14
CA ARG V 316 43.37 68.31 36.58
C ARG V 316 44.84 67.99 36.38
N ARG V 317 45.25 67.92 35.12
CA ARG V 317 46.67 67.84 34.80
C ARG V 317 47.09 69.17 34.21
N ASN V 318 48.16 69.74 34.77
CA ASN V 318 48.62 71.03 34.32
C ASN V 318 49.74 70.85 33.30
N HIS V 319 49.97 71.89 32.51
CA HIS V 319 51.10 71.92 31.61
C HIS V 319 51.67 73.32 31.57
N LYS V 320 52.79 73.46 30.87
CA LYS V 320 53.41 74.76 30.66
C LYS V 320 52.65 75.44 29.53
N GLY V 321 51.61 76.19 29.88
CA GLY V 321 50.82 76.88 28.88
C GLY V 321 49.51 76.21 28.57
N GLY V 322 48.80 75.78 29.60
CA GLY V 322 47.48 75.19 29.46
C GLY V 322 47.24 74.11 30.48
N VAL V 323 45.97 73.87 30.77
CA VAL V 323 45.55 72.78 31.65
C VAL V 323 44.67 71.84 30.85
N THR V 324 44.32 70.72 31.47
CA THR V 324 43.54 69.70 30.79
C THR V 324 42.71 68.95 31.82
N PHE V 325 41.39 68.89 31.60
CA PHE V 325 40.48 68.22 32.51
C PHE V 325 39.97 66.97 31.82
N VAL V 326 40.68 65.87 31.99
CA VAL V 326 40.17 64.61 31.44
C VAL V 326 39.10 64.06 32.38
N ILE V 327 37.99 63.65 31.80
CA ILE V 327 36.82 63.18 32.53
C ILE V 327 36.57 61.75 32.07
N GLN V 328 36.68 60.80 32.97
CA GLN V 328 36.48 59.42 32.54
C GLN V 328 35.61 58.64 33.52
N GLY V 329 35.40 57.37 33.20
CA GLY V 329 34.44 56.54 33.90
C GLY V 329 33.21 56.28 33.06
N ALA V 330 32.36 55.39 33.57
CA ALA V 330 31.10 55.07 32.90
C ALA V 330 30.07 56.10 33.34
N LEU V 331 30.16 57.28 32.73
CA LEU V 331 29.23 58.35 33.04
C LEU V 331 27.88 58.05 32.44
N ASP V 332 26.83 58.07 33.25
CA ASP V 332 25.49 57.88 32.74
C ASP V 332 24.91 59.22 32.30
N ASP V 333 23.60 59.23 32.02
CA ASP V 333 23.04 60.29 31.20
C ASP V 333 22.87 61.60 31.94
N VAL V 334 22.69 61.55 33.26
CA VAL V 334 22.43 62.76 34.01
C VAL V 334 23.69 63.61 34.08
N GLU V 335 24.85 62.96 34.17
CA GLU V 335 26.10 63.66 34.26
C GLU V 335 26.75 63.88 32.90
N ILE V 336 26.36 63.13 31.87
CA ILE V 336 26.91 63.37 30.54
C ILE V 336 26.26 64.60 29.91
N LEU V 337 25.13 65.05 30.44
CA LEU V 337 24.42 66.22 29.95
C LEU V 337 24.64 67.43 30.83
N ARG V 338 24.98 67.24 32.09
CA ARG V 338 25.51 68.35 32.84
C ARG V 338 26.91 68.72 32.38
N ALA V 339 27.62 67.77 31.78
CA ALA V 339 28.96 68.06 31.28
C ALA V 339 28.91 68.97 30.06
N ARG V 340 28.02 68.67 29.10
CA ARG V 340 28.06 69.37 27.83
C ARG V 340 27.50 70.77 27.94
N GLN V 341 26.51 70.99 28.79
CA GLN V 341 26.07 72.37 28.99
C GLN V 341 26.93 73.13 29.97
N PHE V 342 27.99 72.52 30.49
CA PHE V 342 29.05 73.30 31.10
C PHE V 342 30.19 73.60 30.14
N VAL V 343 30.56 72.62 29.32
CA VAL V 343 31.65 72.78 28.38
C VAL V 343 31.28 73.81 27.32
N ASP V 344 30.11 73.65 26.72
CA ASP V 344 29.62 74.61 25.73
C ASP V 344 29.28 75.95 26.35
N SER V 345 29.05 76.02 27.65
CA SER V 345 28.94 77.29 28.34
C SER V 345 30.29 77.82 28.76
N TYR V 346 31.34 77.03 28.63
CA TYR V 346 32.68 77.51 28.93
C TYR V 346 33.38 78.01 27.67
N TYR V 347 33.31 77.23 26.59
CA TYR V 347 33.93 77.62 25.33
C TYR V 347 33.23 78.80 24.69
N ARG V 348 31.97 79.03 25.03
CA ARG V 348 31.32 80.27 24.64
C ARG V 348 31.91 81.45 25.41
N THR V 349 32.39 81.22 26.63
CA THR V 349 32.90 82.31 27.44
C THR V 349 34.39 82.52 27.25
N TRP V 350 35.19 81.46 27.36
CA TRP V 350 36.63 81.60 27.41
C TRP V 350 37.34 81.13 26.15
N GLY V 351 36.64 80.47 25.24
CA GLY V 351 37.30 79.84 24.12
C GLY V 351 37.99 78.56 24.56
N GLY V 352 38.66 77.92 23.62
CA GLY V 352 39.25 76.64 23.93
C GLY V 352 40.74 76.59 23.73
N ARG V 353 41.45 77.68 24.04
CA ARG V 353 42.88 77.75 23.80
C ARG V 353 43.71 77.62 25.07
N TYR V 354 43.08 77.49 26.23
CA TYR V 354 43.86 77.34 27.45
C TYR V 354 43.42 76.10 28.23
N VAL V 355 42.14 75.77 28.16
CA VAL V 355 41.58 74.64 28.88
C VAL V 355 40.96 73.69 27.87
N GLN V 356 41.36 72.43 27.92
CA GLN V 356 40.79 71.39 27.08
C GLN V 356 40.06 70.39 27.97
N PHE V 357 38.80 70.15 27.65
CA PHE V 357 38.00 69.16 28.37
C PHE V 357 38.03 67.87 27.58
N ALA V 358 38.45 66.79 28.23
CA ALA V 358 38.51 65.48 27.60
C ALA V 358 37.45 64.61 28.24
N ILE V 359 36.24 64.65 27.68
CA ILE V 359 35.22 63.71 28.13
C ILE V 359 35.45 62.39 27.39
N GLU V 360 36.35 61.58 27.93
CA GLU V 360 36.75 60.31 27.37
C GLU V 360 35.98 59.27 28.16
N LEU V 361 35.08 58.57 27.48
CA LEU V 361 34.05 57.77 28.13
C LEU V 361 34.28 56.29 27.85
N LYS V 362 34.75 55.56 28.85
CA LYS V 362 35.04 54.14 28.72
C LYS V 362 34.40 53.39 29.88
N ASP V 363 34.64 52.08 29.91
CA ASP V 363 34.12 51.20 30.94
C ASP V 363 34.99 51.29 32.20
N ASP V 364 34.80 50.34 33.10
CA ASP V 364 35.63 50.25 34.30
C ASP V 364 36.73 49.22 34.09
N ASP W 20 9.53 78.33 -9.70
CA ASP W 20 9.66 78.48 -11.14
C ASP W 20 10.34 77.24 -11.71
N LYS W 21 11.52 76.91 -11.19
CA LYS W 21 12.26 75.75 -11.66
C LYS W 21 11.88 74.51 -10.87
N ASP W 22 11.64 73.42 -11.58
CA ASP W 22 11.21 72.17 -10.95
C ASP W 22 12.35 71.53 -10.19
N LEU W 23 12.07 71.03 -9.01
CA LEU W 23 13.09 70.48 -8.14
C LEU W 23 12.80 69.09 -7.64
N LEU W 24 11.54 68.79 -7.31
CA LEU W 24 11.16 67.44 -6.92
C LEU W 24 9.75 67.19 -7.45
N LYS W 25 9.50 65.98 -7.91
CA LYS W 25 8.20 65.59 -8.43
C LYS W 25 7.80 64.26 -7.83
N GLY W 26 6.50 64.01 -7.82
CA GLY W 26 6.01 62.72 -7.42
C GLY W 26 6.13 62.39 -5.96
N LEU W 27 6.33 63.37 -5.11
CA LEU W 27 6.42 63.13 -3.68
C LEU W 27 5.05 62.81 -3.12
N ASP W 28 5.01 61.97 -2.09
CA ASP W 28 3.78 61.86 -1.33
C ASP W 28 3.77 62.95 -0.26
N GLN W 29 2.83 62.86 0.67
CA GLN W 29 2.45 64.01 1.48
C GLN W 29 3.49 64.33 2.54
N GLU W 30 3.78 63.38 3.41
CA GLU W 30 4.70 63.61 4.52
C GLU W 30 6.15 63.76 4.07
N GLN W 31 6.49 63.32 2.87
CA GLN W 31 7.79 63.67 2.33
C GLN W 31 7.84 65.10 1.83
N ALA W 32 6.75 65.60 1.26
CA ALA W 32 6.74 66.94 0.70
C ALA W 32 6.71 68.00 1.79
N ASN W 33 6.05 67.71 2.91
CA ASN W 33 5.98 68.67 3.99
C ASN W 33 7.29 68.76 4.74
N GLU W 34 8.14 67.73 4.63
CA GLU W 34 9.42 67.76 5.32
C GLU W 34 10.45 68.56 4.54
N VAL W 35 10.40 68.48 3.21
CA VAL W 35 11.38 69.16 2.37
C VAL W 35 11.24 70.67 2.50
N ILE W 36 10.00 71.18 2.44
CA ILE W 36 9.74 72.60 2.59
C ILE W 36 10.16 73.09 3.97
N ALA W 37 10.04 72.23 4.97
CA ALA W 37 10.49 72.58 6.31
C ALA W 37 11.98 72.74 6.36
N VAL W 38 12.70 71.95 5.57
CA VAL W 38 14.15 72.09 5.50
C VAL W 38 14.52 73.33 4.70
N LEU W 39 13.81 73.57 3.60
CA LEU W 39 14.16 74.65 2.70
C LEU W 39 13.88 76.01 3.30
N GLN W 40 12.71 76.20 3.90
CA GLN W 40 12.40 77.48 4.55
C GLN W 40 13.22 77.69 5.81
N MET W 41 13.85 76.66 6.34
CA MET W 41 14.85 76.90 7.37
C MET W 41 16.05 77.64 6.78
N HIS W 42 16.42 77.31 5.57
CA HIS W 42 17.59 77.89 4.93
C HIS W 42 17.21 78.98 3.95
N ASN W 43 16.13 79.70 4.26
CA ASN W 43 15.80 81.00 3.69
C ASN W 43 15.51 80.94 2.20
N ILE W 44 14.94 79.85 1.69
CA ILE W 44 14.45 79.86 0.32
C ILE W 44 13.01 79.36 0.35
N GLU W 45 12.13 80.06 -0.35
CA GLU W 45 10.73 79.66 -0.30
C GLU W 45 10.47 78.57 -1.34
N ALA W 46 9.51 77.70 -1.04
CA ALA W 46 9.09 76.67 -1.97
C ALA W 46 7.59 76.78 -2.19
N ASN W 47 7.09 75.95 -3.10
CA ASN W 47 5.68 75.97 -3.47
C ASN W 47 5.22 74.53 -3.62
N LYS W 48 4.47 74.01 -2.64
CA LYS W 48 3.99 72.65 -2.76
C LYS W 48 2.88 72.58 -3.79
N ILE W 49 3.23 72.26 -5.02
CA ILE W 49 2.27 72.17 -6.11
C ILE W 49 1.79 70.73 -6.17
N ASP W 50 0.53 70.50 -5.85
CA ASP W 50 -0.04 69.17 -6.05
C ASP W 50 -0.24 68.92 -7.53
N SER W 51 0.05 67.69 -7.96
CA SER W 51 -0.18 67.26 -9.33
C SER W 51 -1.18 66.12 -9.37
N GLY W 52 -2.18 66.14 -8.49
CA GLY W 52 -3.19 65.12 -8.50
C GLY W 52 -2.76 63.79 -7.92
N LYS W 53 -3.01 62.72 -8.68
CA LYS W 53 -2.63 61.37 -8.31
C LYS W 53 -1.17 61.07 -8.60
N LEU W 54 -0.48 61.96 -9.30
CA LEU W 54 0.95 61.84 -9.55
C LEU W 54 1.79 62.45 -8.44
N GLY W 55 1.24 62.62 -7.25
CA GLY W 55 1.99 63.14 -6.13
C GLY W 55 2.20 64.64 -6.21
N TYR W 56 2.77 65.17 -5.13
CA TYR W 56 3.06 66.60 -5.04
C TYR W 56 4.27 66.98 -5.87
N SER W 57 4.60 68.25 -5.87
CA SER W 57 5.76 68.75 -6.59
C SER W 57 6.23 70.02 -5.89
N ILE W 58 7.54 70.22 -5.84
CA ILE W 58 8.12 71.35 -5.16
C ILE W 58 8.93 72.13 -6.17
N THR W 59 8.61 73.41 -6.34
CA THR W 59 9.31 74.27 -7.27
C THR W 59 9.87 75.46 -6.52
N VAL W 60 11.13 75.80 -6.80
CA VAL W 60 11.76 76.96 -6.22
C VAL W 60 12.02 77.97 -7.32
N ALA W 61 12.38 79.19 -6.91
CA ALA W 61 12.68 80.22 -7.87
C ALA W 61 14.05 80.00 -8.49
N GLU W 62 14.30 80.66 -9.60
CA GLU W 62 15.53 80.45 -10.37
C GLU W 62 16.82 80.88 -9.67
N PRO W 63 16.91 82.01 -8.93
CA PRO W 63 18.18 82.27 -8.23
C PRO W 63 18.43 81.35 -7.05
N ASP W 64 17.41 80.69 -6.53
CA ASP W 64 17.60 79.75 -5.43
C ASP W 64 17.56 78.30 -5.84
N PHE W 65 17.46 77.98 -7.13
CA PHE W 65 17.57 76.57 -7.50
C PHE W 65 18.97 76.05 -7.26
N THR W 66 19.96 76.93 -7.31
CA THR W 66 21.33 76.53 -7.00
C THR W 66 21.46 76.14 -5.53
N ALA W 67 21.00 77.01 -4.64
CA ALA W 67 21.17 76.76 -3.22
C ALA W 67 20.27 75.65 -2.72
N ALA W 68 19.09 75.49 -3.31
CA ALA W 68 18.16 74.49 -2.81
C ALA W 68 18.59 73.08 -3.16
N VAL W 69 19.24 72.89 -4.30
CA VAL W 69 19.69 71.56 -4.66
C VAL W 69 20.92 71.17 -3.88
N TYR W 70 21.58 72.12 -3.23
CA TYR W 70 22.57 71.76 -2.23
C TYR W 70 21.93 71.16 -1.00
N TRP W 71 20.86 71.78 -0.50
CA TRP W 71 20.25 71.27 0.72
C TRP W 71 19.41 70.02 0.47
N ILE W 72 19.10 69.69 -0.77
CA ILE W 72 18.57 68.37 -1.04
C ILE W 72 19.67 67.33 -0.84
N LYS W 73 20.91 67.69 -1.15
CA LYS W 73 21.98 66.72 -1.07
C LYS W 73 22.39 66.44 0.37
N THR W 74 22.58 67.49 1.16
CA THR W 74 23.13 67.30 2.51
C THR W 74 22.13 66.62 3.43
N TYR W 75 20.86 66.99 3.35
CA TYR W 75 19.85 66.37 4.18
C TYR W 75 19.33 65.07 3.60
N GLN W 76 19.77 64.73 2.38
CA GLN W 76 19.33 63.53 1.65
C GLN W 76 17.82 63.50 1.47
N LEU W 77 17.25 64.65 1.19
CA LEU W 77 15.84 64.75 0.90
C LEU W 77 15.55 64.14 -0.46
N PRO W 78 14.35 63.60 -0.69
CA PRO W 78 13.20 63.38 0.18
C PRO W 78 13.46 62.29 1.18
N PRO W 79 12.87 62.38 2.37
CA PRO W 79 13.15 61.38 3.40
C PRO W 79 12.62 60.03 3.02
N ARG W 80 13.41 59.01 3.33
CA ARG W 80 12.97 57.64 3.20
C ARG W 80 11.83 57.38 4.17
N PRO W 81 10.93 56.44 3.87
CA PRO W 81 9.83 56.15 4.79
C PRO W 81 10.37 55.56 6.08
N ARG W 82 9.87 56.08 7.21
CA ARG W 82 10.41 55.74 8.52
C ARG W 82 10.12 54.29 8.85
N VAL W 83 11.17 53.49 8.97
CA VAL W 83 11.08 52.04 9.00
C VAL W 83 11.14 51.58 10.45
N GLU W 84 10.21 50.70 10.80
CA GLU W 84 10.32 49.89 12.00
C GLU W 84 10.54 48.45 11.59
N ILE W 85 10.88 47.63 12.58
CA ILE W 85 11.42 46.31 12.31
C ILE W 85 10.33 45.38 11.78
N ALA W 86 9.10 45.62 12.19
CA ALA W 86 8.02 44.71 11.86
C ALA W 86 7.49 44.86 10.45
N GLN W 87 8.00 45.83 9.68
CA GLN W 87 7.59 45.93 8.28
C GLN W 87 8.22 44.84 7.44
N MET W 88 9.23 44.16 7.93
CA MET W 88 9.92 43.13 7.16
C MET W 88 9.61 41.74 7.69
N PHE W 89 8.53 41.60 8.44
CA PHE W 89 7.99 40.30 8.84
C PHE W 89 6.47 40.41 8.75
N PRO W 90 5.91 40.37 7.55
CA PRO W 90 4.48 40.73 7.42
C PRO W 90 3.54 39.62 7.86
N ALA W 91 3.95 38.36 7.68
CA ALA W 91 3.17 37.16 8.01
C ALA W 91 1.80 37.16 7.35
N ASP W 92 1.79 37.14 6.01
CA ASP W 92 0.53 37.10 5.28
C ASP W 92 -0.08 35.71 5.33
N SER W 93 0.63 34.70 4.85
CA SER W 93 0.15 33.31 4.89
C SER W 93 1.29 32.34 5.13
N LEU W 94 2.47 32.84 5.45
CA LEU W 94 3.63 32.00 5.69
C LEU W 94 3.59 31.50 7.13
N VAL W 95 4.26 30.37 7.36
CA VAL W 95 4.17 29.66 8.63
C VAL W 95 4.81 30.45 9.79
N SER W 96 5.73 31.37 9.48
CA SER W 96 6.23 32.40 10.39
C SER W 96 6.90 31.80 11.63
N SER W 97 8.10 31.25 11.38
CA SER W 97 9.07 30.71 12.33
C SER W 97 9.23 31.55 13.58
N PRO W 98 9.51 30.95 14.74
CA PRO W 98 9.44 31.68 16.02
C PRO W 98 10.39 32.84 16.18
N ARG W 99 11.37 32.99 15.30
CA ARG W 99 12.12 34.24 15.22
C ARG W 99 11.26 35.38 14.70
N ALA W 100 10.30 35.08 13.81
CA ALA W 100 9.51 36.16 13.23
C ALA W 100 8.49 36.69 14.21
N GLU W 101 8.06 35.87 15.17
CA GLU W 101 7.14 36.39 16.18
C GLU W 101 7.82 37.37 17.12
N LYS W 102 9.03 37.07 17.62
CA LYS W 102 9.68 38.03 18.49
C LYS W 102 10.20 39.23 17.74
N ALA W 103 10.35 39.12 16.42
CA ALA W 103 10.76 40.28 15.65
C ALA W 103 9.65 41.32 15.62
N ARG W 104 8.42 40.92 15.28
CA ARG W 104 7.36 41.90 15.25
C ARG W 104 6.75 42.11 16.63
N LEU W 105 7.08 41.28 17.61
CA LEU W 105 6.64 41.55 18.98
C LEU W 105 7.37 42.75 19.55
N TYR W 106 8.70 42.67 19.60
CA TYR W 106 9.50 43.77 20.14
C TYR W 106 9.40 45.03 19.30
N SER W 107 9.17 44.88 17.99
CA SER W 107 9.06 46.04 17.13
C SER W 107 7.80 46.83 17.42
N ALA W 108 6.72 46.13 17.73
CA ALA W 108 5.52 46.85 18.16
C ALA W 108 5.69 47.45 19.53
N ILE W 109 6.57 46.89 20.37
CA ILE W 109 6.85 47.53 21.64
C ILE W 109 7.73 48.75 21.45
N GLU W 110 8.63 48.72 20.45
CA GLU W 110 9.42 49.91 20.13
C GLU W 110 8.53 51.06 19.69
N GLN W 111 7.50 50.76 18.91
CA GLN W 111 6.61 51.81 18.46
C GLN W 111 5.75 52.33 19.60
N ARG W 112 5.29 51.43 20.47
CA ARG W 112 4.30 51.83 21.45
C ARG W 112 4.92 52.62 22.60
N LEU W 113 6.16 52.31 22.97
CA LEU W 113 6.87 53.16 23.93
C LEU W 113 7.22 54.50 23.32
N GLU W 114 7.46 54.54 22.00
CA GLU W 114 7.67 55.80 21.31
C GLU W 114 6.41 56.65 21.33
N GLN W 115 5.24 56.02 21.14
CA GLN W 115 3.97 56.74 21.20
C GLN W 115 3.67 57.27 22.58
N SER W 116 4.25 56.69 23.62
CA SER W 116 3.93 57.05 24.99
C SER W 116 4.84 58.11 25.56
N LEU W 117 6.13 58.07 25.21
CA LEU W 117 7.03 59.15 25.60
C LEU W 117 6.62 60.46 24.96
N GLN W 118 6.04 60.39 23.76
CA GLN W 118 5.60 61.57 23.05
C GLN W 118 4.44 62.26 23.76
N THR W 119 3.72 61.56 24.61
CA THR W 119 2.65 62.14 25.42
C THR W 119 3.07 62.35 26.86
N MET W 120 4.35 62.64 27.12
CA MET W 120 4.74 63.12 28.43
C MET W 120 4.64 64.63 28.47
N GLU W 121 5.19 65.24 29.50
CA GLU W 121 5.11 66.69 29.66
C GLU W 121 6.27 67.31 28.90
N GLY W 122 5.99 67.85 27.72
CA GLY W 122 6.97 68.61 26.99
C GLY W 122 7.75 67.85 25.93
N VAL W 123 7.62 66.53 25.86
CA VAL W 123 8.32 65.79 24.82
C VAL W 123 7.62 66.03 23.50
N LEU W 124 8.33 66.61 22.53
CA LEU W 124 7.76 66.81 21.21
C LEU W 124 7.78 65.51 20.44
N SER W 125 8.93 64.86 20.38
CA SER W 125 9.10 63.64 19.61
C SER W 125 9.99 62.69 20.37
N ALA W 126 9.94 61.41 19.99
CA ALA W 126 10.72 60.42 20.71
C ALA W 126 11.04 59.27 19.78
N ARG W 127 12.14 58.58 20.08
CA ARG W 127 12.54 57.35 19.41
C ARG W 127 13.03 56.38 20.46
N VAL W 128 12.63 55.12 20.35
CA VAL W 128 13.00 54.09 21.32
C VAL W 128 13.50 52.88 20.56
N HIS W 129 14.67 52.37 20.94
CA HIS W 129 15.21 51.14 20.40
C HIS W 129 15.32 50.10 21.50
N ILE W 130 15.16 48.85 21.13
CA ILE W 130 15.25 47.72 22.06
C ILE W 130 16.36 46.82 21.57
N SER W 131 17.21 46.36 22.48
CA SER W 131 18.18 45.34 22.15
C SER W 131 17.48 44.04 21.83
N TYR W 132 17.79 43.47 20.68
CA TYR W 132 17.12 42.25 20.24
C TYR W 132 18.02 41.05 20.54
N ASP W 133 17.87 40.51 21.74
CA ASP W 133 18.37 39.18 22.05
C ASP W 133 17.33 38.21 21.51
N ILE W 134 17.62 37.58 20.39
CA ILE W 134 16.65 36.75 19.70
C ILE W 134 17.02 35.28 19.76
N ASP W 135 18.31 34.96 19.60
CA ASP W 135 18.73 33.58 19.49
C ASP W 135 19.04 32.93 20.84
N ALA W 136 18.36 33.36 21.90
CA ALA W 136 18.60 32.81 23.23
C ALA W 136 18.15 31.36 23.33
N GLY W 137 17.00 31.03 22.73
CA GLY W 137 16.52 29.66 22.74
C GLY W 137 17.28 28.74 21.80
N GLU W 138 17.81 29.29 20.70
CA GLU W 138 18.50 28.46 19.72
C GLU W 138 19.91 28.09 20.17
N ASN W 139 20.55 28.94 20.98
CA ASN W 139 21.84 28.60 21.56
C ASN W 139 21.74 27.74 22.80
N GLY W 140 20.55 27.61 23.38
CA GLY W 140 20.41 26.87 24.63
C GLY W 140 20.98 27.60 25.81
N ARG W 141 20.73 28.90 25.92
CA ARG W 141 21.32 29.76 26.92
C ARG W 141 20.22 30.61 27.58
N PRO W 142 20.46 31.09 28.79
CA PRO W 142 19.57 32.12 29.35
C PRO W 142 19.76 33.43 28.60
N PRO W 143 18.70 34.20 28.43
CA PRO W 143 18.79 35.39 27.59
C PRO W 143 19.55 36.51 28.27
N LYS W 144 19.96 37.46 27.45
CA LYS W 144 20.73 38.60 27.91
C LYS W 144 19.79 39.61 28.55
N PRO W 145 20.32 40.51 29.38
CA PRO W 145 19.49 41.62 29.86
C PRO W 145 19.08 42.51 28.71
N VAL W 146 17.90 43.09 28.84
CA VAL W 146 17.38 43.96 27.80
C VAL W 146 18.00 45.33 27.95
N HIS W 147 18.56 45.84 26.87
CA HIS W 147 19.11 47.18 26.79
C HIS W 147 18.20 48.02 25.92
N LEU W 148 18.12 49.31 26.21
CA LEU W 148 17.27 50.15 25.39
C LEU W 148 17.75 51.59 25.39
N SER W 149 17.48 52.27 24.28
CA SER W 149 17.93 53.63 24.07
C SER W 149 16.73 54.52 23.79
N ALA W 150 16.86 55.80 24.09
CA ALA W 150 15.75 56.71 23.89
C ALA W 150 16.24 58.09 23.49
N LEU W 151 15.54 58.69 22.55
CA LEU W 151 15.75 60.07 22.15
C LEU W 151 14.50 60.87 22.47
N ALA W 152 14.67 62.17 22.67
CA ALA W 152 13.56 62.98 23.14
C ALA W 152 13.85 64.44 22.83
N VAL W 153 12.87 65.13 22.28
CA VAL W 153 13.01 66.52 21.88
C VAL W 153 12.10 67.36 22.76
N TYR W 154 12.67 68.13 23.67
CA TYR W 154 11.91 68.95 24.60
C TYR W 154 11.70 70.35 24.06
N GLU W 155 10.95 71.14 24.80
CA GLU W 155 10.78 72.54 24.45
C GLU W 155 12.05 73.33 24.74
N ARG W 156 12.04 74.58 24.31
CA ARG W 156 12.94 75.56 24.89
C ARG W 156 12.59 75.78 26.36
N GLY W 157 13.58 76.22 27.13
CA GLY W 157 13.35 76.64 28.50
C GLY W 157 13.19 75.53 29.51
N SER W 158 13.04 74.28 29.09
CA SER W 158 12.92 73.20 30.06
C SER W 158 14.30 72.89 30.65
N PRO W 159 14.38 72.62 31.93
CA PRO W 159 15.66 72.20 32.53
C PRO W 159 15.97 70.73 32.26
N LEU W 160 16.62 70.46 31.12
CA LEU W 160 16.79 69.11 30.59
C LEU W 160 17.51 68.13 31.50
N ALA W 161 18.24 68.62 32.50
CA ALA W 161 18.96 67.72 33.38
C ALA W 161 18.08 67.04 34.42
N HIS W 162 16.76 67.29 34.41
CA HIS W 162 15.86 66.69 35.39
C HIS W 162 14.76 65.86 34.78
N GLN W 163 14.41 66.08 33.51
CA GLN W 163 13.51 65.17 32.84
C GLN W 163 14.21 63.91 32.37
N ILE W 164 15.53 63.84 32.55
CA ILE W 164 16.26 62.62 32.25
C ILE W 164 15.91 61.53 33.23
N SER W 165 15.48 61.89 34.45
CA SER W 165 15.16 60.89 35.45
C SER W 165 13.77 60.32 35.26
N ASP W 166 12.84 61.11 34.71
CA ASP W 166 11.47 60.64 34.50
C ASP W 166 11.42 59.57 33.45
N ILE W 167 12.07 59.79 32.32
CA ILE W 167 12.10 58.81 31.24
C ILE W 167 12.78 57.54 31.72
N LYS W 168 13.94 57.69 32.33
CA LYS W 168 14.76 56.58 32.78
C LYS W 168 14.09 55.79 33.90
N ARG W 169 13.18 56.42 34.65
CA ARG W 169 12.32 55.69 35.58
C ARG W 169 11.16 55.03 34.86
N PHE W 170 10.63 55.70 33.85
CA PHE W 170 9.44 55.22 33.14
C PHE W 170 9.69 53.91 32.45
N LEU W 171 10.66 53.86 31.55
CA LEU W 171 10.77 52.67 30.73
C LEU W 171 11.80 51.70 31.28
N LYS W 172 12.23 51.87 32.53
CA LYS W 172 12.80 50.74 33.26
C LYS W 172 11.77 49.63 33.38
N ASN W 173 10.67 49.92 34.07
CA ASN W 173 9.68 48.91 34.35
C ASN W 173 8.75 48.66 33.19
N SER W 174 9.09 49.09 31.99
CA SER W 174 8.37 48.66 30.81
C SER W 174 8.92 47.36 30.26
N PHE W 175 9.96 46.81 30.88
CA PHE W 175 10.53 45.53 30.49
C PHE W 175 10.92 44.72 31.71
N ALA W 176 11.28 43.46 31.45
CA ALA W 176 11.37 42.48 32.52
C ALA W 176 12.64 42.65 33.34
N ASP W 177 13.81 42.52 32.72
CA ASP W 177 15.07 42.56 33.44
C ASP W 177 15.99 43.64 32.86
N VAL W 178 15.77 44.88 33.25
CA VAL W 178 16.65 45.96 32.85
C VAL W 178 17.17 46.65 34.12
N ASP W 179 18.18 47.48 33.94
CA ASP W 179 18.73 48.23 35.04
C ASP W 179 18.70 49.70 34.70
N TYR W 180 19.34 50.52 35.53
CA TYR W 180 19.56 51.92 35.22
C TYR W 180 20.87 52.14 34.49
N ASP W 181 21.50 51.07 34.05
CA ASP W 181 22.70 51.15 33.25
C ASP W 181 22.47 50.66 31.84
N ASN W 182 21.40 49.91 31.59
CA ASN W 182 21.06 49.46 30.27
C ASN W 182 20.14 50.44 29.55
N ILE W 183 19.88 51.60 30.14
CA ILE W 183 19.00 52.60 29.56
C ILE W 183 19.84 53.80 29.20
N SER W 184 19.84 54.17 27.93
CA SER W 184 20.66 55.26 27.43
C SER W 184 19.76 56.31 26.79
N VAL W 185 19.50 57.39 27.51
CA VAL W 185 18.59 58.43 27.06
C VAL W 185 19.40 59.69 26.84
N VAL W 186 19.45 60.15 25.59
CA VAL W 186 20.17 61.36 25.22
C VAL W 186 19.14 62.32 24.66
N LEU W 187 18.61 63.19 25.51
CA LEU W 187 17.54 64.10 25.14
C LEU W 187 18.07 65.50 24.90
N SER W 188 17.51 66.15 23.88
CA SER W 188 18.03 67.41 23.37
C SER W 188 16.87 68.33 23.09
N GLU W 189 16.98 69.59 23.50
CA GLU W 189 15.89 70.53 23.30
C GLU W 189 15.80 70.90 21.83
N ARG W 190 14.63 71.40 21.43
CA ARG W 190 14.40 71.64 20.00
C ARG W 190 15.16 72.87 19.54
N SER W 191 15.17 73.04 18.22
CA SER W 191 15.89 74.15 17.63
C SER W 191 15.12 75.44 17.80
N ASP W 192 15.67 76.52 17.25
CA ASP W 192 14.95 77.78 17.24
C ASP W 192 13.74 77.69 16.32
N ALA W 193 12.69 78.41 16.67
CA ALA W 193 11.45 78.31 15.93
C ALA W 193 11.57 79.05 14.61
N GLN W 194 11.20 78.39 13.52
CA GLN W 194 11.14 79.03 12.21
C GLN W 194 9.72 79.53 12.02
N LEU W 195 9.51 80.80 12.34
CA LEU W 195 8.21 81.43 12.26
C LEU W 195 8.19 82.55 11.23
N GLN W 196 9.28 82.70 10.49
CA GLN W 196 9.61 83.94 9.80
C GLN W 196 9.64 83.70 8.31
N ALA W 197 9.03 84.58 7.55
CA ALA W 197 8.86 84.38 6.12
C ALA W 197 10.22 84.48 5.41
N PRO W 198 10.54 83.54 4.52
CA PRO W 198 11.83 83.58 3.82
C PRO W 198 12.00 84.77 2.91
N GLY W 199 11.08 84.94 1.97
CA GLY W 199 11.16 86.08 1.08
C GLY W 199 11.41 85.70 -0.36
N THR W 200 10.61 86.27 -1.25
CA THR W 200 10.86 86.13 -2.68
C THR W 200 12.11 86.91 -3.07
N PRO W 201 12.86 86.41 -4.06
CA PRO W 201 14.05 87.14 -4.52
C PRO W 201 13.69 88.45 -5.20
N VAL W 202 14.70 89.32 -5.32
CA VAL W 202 14.52 90.62 -5.96
C VAL W 202 14.67 90.44 -7.46
N LYS W 203 14.13 91.40 -8.21
CA LYS W 203 14.16 91.34 -9.67
C LYS W 203 15.19 92.30 -10.25
N ALA X 171 -2.08 99.18 14.59
CA ALA X 171 -3.16 98.99 15.54
C ALA X 171 -2.63 98.80 16.94
N GLU X 172 -3.54 98.68 17.91
CA GLU X 172 -3.14 98.47 19.30
C GLU X 172 -2.68 97.04 19.50
N LEU X 173 -1.48 96.88 20.04
CA LEU X 173 -0.90 95.56 20.22
C LEU X 173 -1.62 94.76 21.30
N ASP X 174 -2.30 95.44 22.22
CA ASP X 174 -3.15 94.76 23.19
C ASP X 174 -4.32 94.04 22.54
N SER X 175 -4.73 94.47 21.34
CA SER X 175 -5.75 93.77 20.59
C SER X 175 -5.21 92.98 19.42
N LEU X 176 -3.99 93.27 18.95
CA LEU X 176 -3.36 92.40 17.96
C LEU X 176 -2.98 91.06 18.54
N LEU X 177 -2.75 90.99 19.85
CA LEU X 177 -2.58 89.73 20.55
C LEU X 177 -3.96 89.14 20.84
N GLY X 178 -4.02 88.15 21.71
CA GLY X 178 -5.27 87.46 21.93
C GLY X 178 -6.31 88.27 22.68
N GLN X 179 -7.44 87.61 22.94
CA GLN X 179 -8.59 88.24 23.59
C GLN X 179 -8.29 88.62 25.04
N GLU X 180 -7.46 87.85 25.72
CA GLU X 180 -7.19 88.06 27.14
C GLU X 180 -6.09 89.11 27.31
N LYS X 181 -6.43 90.21 27.98
CA LYS X 181 -5.47 91.29 28.13
C LYS X 181 -4.47 90.99 29.24
N GLU X 182 -4.86 90.20 30.23
CA GLU X 182 -4.04 89.99 31.41
C GLU X 182 -2.84 89.09 31.15
N ARG X 183 -2.83 88.37 30.04
CA ARG X 183 -1.76 87.40 29.80
C ARG X 183 -0.46 88.08 29.37
N PHE X 184 -0.55 89.18 28.63
CA PHE X 184 0.62 89.90 28.18
C PHE X 184 0.64 91.27 28.81
N GLN X 185 1.81 91.92 28.74
CA GLN X 185 1.96 93.27 29.27
C GLN X 185 2.94 94.01 28.38
N VAL X 186 2.45 94.95 27.58
CA VAL X 186 3.31 95.66 26.64
C VAL X 186 4.18 96.65 27.40
N LEU X 187 5.36 96.91 26.86
CA LEU X 187 6.35 97.74 27.54
C LEU X 187 6.99 98.71 26.57
N PRO X 188 6.66 99.98 26.66
CA PRO X 188 7.27 100.97 25.77
C PRO X 188 8.71 101.28 26.14
N GLY X 189 9.65 100.52 25.58
CA GLY X 189 11.05 100.73 25.85
C GLY X 189 11.59 102.06 25.37
N ARG X 190 12.80 102.37 25.81
CA ARG X 190 13.37 103.69 25.61
C ARG X 190 14.04 103.86 24.25
N ASP X 191 14.36 102.78 23.54
CA ASP X 191 15.11 102.86 22.30
C ASP X 191 14.23 102.66 21.06
N LYS X 192 13.00 103.19 21.12
CA LYS X 192 11.97 103.28 20.09
C LYS X 192 11.29 101.94 19.80
N MET X 193 11.80 100.85 20.36
CA MET X 193 11.21 99.54 20.15
C MET X 193 10.29 99.22 21.30
N LEU X 194 9.12 98.66 20.98
CA LEU X 194 8.16 98.24 21.98
C LEU X 194 8.40 96.78 22.34
N TYR X 195 8.09 96.43 23.58
CA TYR X 195 8.33 95.08 24.08
C TYR X 195 7.06 94.53 24.69
N VAL X 196 6.86 93.22 24.56
CA VAL X 196 5.71 92.53 25.14
C VAL X 196 6.20 91.35 25.95
N ALA X 197 5.82 91.33 27.23
CA ALA X 197 6.39 90.40 28.20
C ALA X 197 5.48 89.18 28.34
N ALA X 198 5.89 88.07 27.77
CA ALA X 198 5.14 86.85 27.96
C ALA X 198 5.45 86.26 29.33
N GLN X 199 4.72 85.20 29.68
CA GLN X 199 4.90 84.56 30.98
C GLN X 199 5.61 83.22 30.90
N ASN X 200 5.41 82.46 29.83
CA ASN X 200 6.09 81.19 29.64
C ASN X 200 6.32 80.97 28.15
N GLU X 201 6.68 79.74 27.79
CA GLU X 201 7.02 79.47 26.40
C GLU X 201 5.83 79.08 25.55
N ARG X 202 4.62 79.05 26.10
CA ARG X 202 3.46 79.03 25.20
C ARG X 202 3.04 80.43 24.81
N ASP X 203 3.05 81.35 25.77
CA ASP X 203 2.72 82.73 25.48
C ASP X 203 3.76 83.40 24.63
N THR X 204 5.01 82.96 24.72
CA THR X 204 6.06 83.52 23.86
C THR X 204 5.83 83.13 22.42
N LEU X 205 5.52 81.86 22.17
CA LEU X 205 5.14 81.45 20.83
C LEU X 205 3.78 81.95 20.42
N TRP X 206 2.97 82.38 21.38
CA TRP X 206 1.73 83.08 21.03
C TRP X 206 2.03 84.47 20.52
N ALA X 207 2.98 85.16 21.14
CA ALA X 207 3.27 86.54 20.78
C ALA X 207 4.37 86.68 19.76
N ARG X 208 5.29 85.72 19.66
CA ARG X 208 6.21 85.71 18.54
C ARG X 208 5.56 85.21 17.27
N GLN X 209 4.34 84.71 17.33
CA GLN X 209 3.64 84.36 16.11
C GLN X 209 3.04 85.61 15.48
N VAL X 210 2.46 86.49 16.29
CA VAL X 210 1.82 87.70 15.78
C VAL X 210 2.82 88.63 15.12
N LEU X 211 3.94 88.86 15.78
CA LEU X 211 4.88 89.87 15.31
C LEU X 211 5.68 89.42 14.10
N ALA X 212 5.74 88.13 13.84
CA ALA X 212 6.49 87.63 12.68
C ALA X 212 5.61 87.31 11.50
N ARG X 213 4.31 87.10 11.75
CA ARG X 213 3.36 86.83 10.69
C ARG X 213 3.02 88.10 9.91
N GLY X 214 2.96 89.23 10.59
CA GLY X 214 2.33 90.37 9.99
C GLY X 214 2.95 91.69 10.40
N ASP X 215 2.11 92.66 10.73
CA ASP X 215 2.56 94.03 10.89
C ASP X 215 2.16 94.59 12.25
N TYR X 216 3.13 95.21 12.90
CA TYR X 216 2.91 96.29 13.84
C TYR X 216 3.66 97.47 13.26
N ASP X 217 3.11 98.67 13.36
CA ASP X 217 3.72 99.81 12.66
C ASP X 217 4.88 100.43 13.44
N LYS X 218 5.77 99.58 13.96
CA LYS X 218 7.00 99.87 14.70
C LYS X 218 7.61 98.51 14.98
N ASN X 219 8.83 98.50 15.47
CA ASN X 219 9.47 97.26 15.84
C ASN X 219 8.91 96.75 17.16
N ALA X 220 8.77 95.43 17.28
CA ALA X 220 8.24 94.82 18.48
C ALA X 220 8.95 93.50 18.74
N ARG X 221 9.19 93.20 20.02
CA ARG X 221 10.12 92.14 20.40
C ARG X 221 9.66 91.51 21.69
N VAL X 222 9.40 90.21 21.66
CA VAL X 222 8.86 89.49 22.82
C VAL X 222 10.02 89.14 23.74
N ILE X 223 9.90 89.49 25.01
CA ILE X 223 10.88 89.10 26.01
C ILE X 223 10.21 88.13 26.97
N ASN X 224 11.00 87.21 27.49
CA ASN X 224 10.51 86.19 28.40
C ASN X 224 11.20 86.39 29.75
N GLU X 225 10.74 85.66 30.76
CA GLU X 225 11.36 85.80 32.07
C GLU X 225 12.57 84.88 32.16
N ASN X 226 12.48 83.69 31.58
CA ASN X 226 13.56 82.72 31.66
C ASN X 226 14.49 82.74 30.47
N GLU X 227 14.26 83.61 29.50
CA GLU X 227 15.18 83.69 28.37
C GLU X 227 15.96 85.00 28.40
N GLU X 228 15.29 86.11 28.73
CA GLU X 228 15.99 87.38 28.89
C GLU X 228 16.92 87.34 30.09
N ASN X 229 16.58 86.55 31.11
CA ASN X 229 17.51 86.22 32.18
C ASN X 229 18.76 85.56 31.63
N LYS X 230 18.59 84.63 30.70
CA LYS X 230 19.74 83.94 30.15
C LYS X 230 20.47 84.82 29.14
N ARG X 231 19.77 85.76 28.49
CA ARG X 231 20.43 86.63 27.52
C ARG X 231 21.39 87.60 28.20
N ILE X 232 21.02 88.08 29.38
CA ILE X 232 21.88 89.01 30.11
C ILE X 232 23.16 88.31 30.56
N SER X 233 23.06 87.05 30.97
CA SER X 233 24.22 86.28 31.39
C SER X 233 25.19 85.99 30.26
N ILE X 234 24.74 86.05 29.00
CA ILE X 234 25.67 85.97 27.89
C ILE X 234 26.43 87.27 27.74
N TRP X 235 25.80 88.39 28.11
CA TRP X 235 26.52 89.66 28.18
C TRP X 235 27.31 89.78 29.46
N LEU X 236 26.79 89.21 30.55
CA LEU X 236 27.32 89.54 31.87
C LEU X 236 28.59 88.75 32.17
N ASP X 237 28.78 87.58 31.56
CA ASP X 237 29.98 86.83 31.85
C ASP X 237 31.22 87.40 31.16
N THR X 238 31.03 88.21 30.11
CA THR X 238 32.15 88.89 29.50
C THR X 238 32.52 90.16 30.26
N TYR X 239 31.55 91.04 30.45
CA TYR X 239 31.84 92.34 31.03
C TYR X 239 31.89 92.32 32.54
N TYR X 240 31.38 91.27 33.18
CA TYR X 240 31.60 91.05 34.61
C TYR X 240 31.78 89.56 34.89
N PRO X 241 32.93 89.00 34.58
CA PRO X 241 33.24 87.66 35.09
C PRO X 241 33.59 87.75 36.55
N GLN X 242 33.59 86.59 37.21
CA GLN X 242 33.69 86.46 38.68
C GLN X 242 32.62 87.29 39.40
N LEU X 243 31.44 87.39 38.81
CA LEU X 243 30.32 88.04 39.46
C LEU X 243 29.41 86.96 40.04
N ALA X 244 29.09 87.09 41.31
CA ALA X 244 28.24 86.13 41.99
C ALA X 244 26.84 86.71 42.08
N TYR X 245 25.92 86.17 41.29
CA TYR X 245 24.55 86.62 41.24
C TYR X 245 23.68 85.39 41.07
N TYR X 246 22.40 85.55 41.38
CA TYR X 246 21.50 84.41 41.32
C TYR X 246 20.65 84.42 40.06
N ARG X 247 19.85 85.46 39.88
CA ARG X 247 18.73 85.44 38.94
C ARG X 247 18.14 86.83 38.88
N ILE X 248 17.72 87.25 37.70
CA ILE X 248 16.97 88.49 37.55
C ILE X 248 15.49 88.13 37.52
N HIS X 249 14.65 89.06 37.96
CA HIS X 249 13.24 88.75 38.19
C HIS X 249 12.34 89.77 37.54
N PHE X 250 11.38 89.28 36.76
CA PHE X 250 10.53 90.10 35.90
C PHE X 250 9.07 90.02 36.33
N ASP X 251 8.81 90.06 37.63
CA ASP X 251 7.44 90.03 38.11
C ASP X 251 6.75 91.36 37.82
N GLU X 252 7.41 92.45 38.17
CA GLU X 252 7.05 93.78 37.68
C GLU X 252 8.08 94.15 36.62
N PRO X 253 7.79 93.94 35.34
CA PRO X 253 8.82 94.09 34.30
C PRO X 253 9.24 95.52 34.04
N ARG X 254 8.56 96.50 34.60
CA ARG X 254 9.04 97.88 34.52
C ARG X 254 10.33 98.06 35.29
N LYS X 255 10.51 97.35 36.40
CA LYS X 255 11.80 97.40 37.07
C LYS X 255 12.15 96.03 37.65
N PRO X 256 13.24 95.42 37.20
CA PRO X 256 13.59 94.08 37.67
C PRO X 256 14.41 94.11 38.96
N VAL X 257 14.29 93.02 39.70
CA VAL X 257 15.03 92.82 40.94
C VAL X 257 16.10 91.79 40.66
N PHE X 258 17.35 92.22 40.68
CA PHE X 258 18.49 91.40 40.28
C PHE X 258 19.30 91.05 41.51
N TRP X 259 19.13 89.83 42.00
CA TRP X 259 19.77 89.40 43.24
C TRP X 259 21.27 89.21 43.03
N LEU X 260 22.03 89.48 44.07
CA LEU X 260 23.45 89.19 44.09
C LEU X 260 23.81 88.51 45.40
N SER X 261 24.98 87.87 45.39
CA SER X 261 25.55 87.33 46.61
C SER X 261 26.10 88.46 47.45
N ARG X 262 25.61 88.59 48.68
CA ARG X 262 26.22 89.54 49.60
C ARG X 262 27.62 89.12 49.98
N GLN X 263 27.86 87.81 50.06
CA GLN X 263 29.12 87.31 50.58
C GLN X 263 30.21 87.34 49.52
N ARG X 264 29.92 86.88 48.31
CA ARG X 264 30.94 86.65 47.30
C ARG X 264 31.11 87.82 46.34
N ASN X 265 30.64 89.00 46.70
CA ASN X 265 30.80 90.19 45.86
C ASN X 265 31.62 91.23 46.60
N THR X 266 32.77 91.56 46.02
CA THR X 266 33.66 92.59 46.54
C THR X 266 33.43 93.93 45.87
N MET X 267 32.36 94.05 45.10
CA MET X 267 32.05 95.31 44.46
C MET X 267 31.58 96.34 45.49
N SER X 268 32.09 97.57 45.36
CA SER X 268 31.69 98.63 46.26
C SER X 268 30.39 99.24 45.75
N LYS X 269 29.81 100.16 46.54
CA LYS X 269 28.51 100.71 46.20
C LYS X 269 28.60 101.74 45.10
N LYS X 270 29.81 102.17 44.75
CA LYS X 270 30.00 103.07 43.62
C LYS X 270 29.67 102.38 42.30
N GLU X 271 30.43 101.35 41.95
CA GLU X 271 30.23 100.67 40.68
C GLU X 271 29.04 99.72 40.68
N LEU X 272 28.45 99.44 41.86
CA LEU X 272 27.20 98.70 41.85
C LEU X 272 26.06 99.55 41.31
N GLU X 273 26.15 100.87 41.49
CA GLU X 273 25.20 101.76 40.83
C GLU X 273 25.52 101.91 39.36
N VAL X 274 26.79 101.74 38.99
CA VAL X 274 27.15 101.62 37.57
C VAL X 274 26.57 100.33 37.01
N LEU X 275 26.57 99.26 37.81
CA LEU X 275 26.00 97.99 37.38
C LEU X 275 24.47 98.07 37.26
N SER X 276 23.83 98.97 38.00
CA SER X 276 22.42 99.24 37.77
C SER X 276 22.17 100.10 36.55
N GLN X 277 23.23 100.63 35.93
CA GLN X 277 23.10 101.38 34.69
C GLN X 277 23.65 100.64 33.48
N LYS X 278 24.55 99.67 33.66
CA LYS X 278 24.96 98.83 32.55
C LYS X 278 23.84 97.89 32.12
N LEU X 279 23.03 97.43 33.09
CA LEU X 279 21.93 96.52 32.76
C LEU X 279 20.79 97.24 32.06
N ARG X 280 20.61 98.53 32.33
CA ARG X 280 19.56 99.29 31.66
C ARG X 280 19.85 99.49 30.18
N ALA X 281 21.11 99.41 29.78
CA ALA X 281 21.43 99.43 28.35
C ALA X 281 21.01 98.14 27.67
N LEU X 282 20.82 97.06 28.42
CA LEU X 282 20.35 95.80 27.86
C LEU X 282 18.84 95.65 27.94
N MET X 283 18.20 96.31 28.90
CA MET X 283 16.76 96.22 29.10
C MET X 283 16.18 97.61 28.94
N PRO X 284 15.85 98.02 27.70
CA PRO X 284 15.32 99.38 27.50
C PRO X 284 13.94 99.56 28.09
N TYR X 285 13.16 98.49 28.17
CA TYR X 285 11.86 98.52 28.82
C TYR X 285 11.96 98.74 30.32
N ALA X 286 13.12 98.46 30.91
CA ALA X 286 13.26 98.58 32.35
C ALA X 286 13.40 100.03 32.78
N ASP X 287 12.86 100.34 33.95
CA ASP X 287 13.02 101.68 34.50
C ASP X 287 14.37 101.81 35.18
N SER X 288 14.60 101.04 36.24
CA SER X 288 15.86 101.04 36.96
C SER X 288 15.97 99.73 37.73
N VAL X 289 17.14 99.09 37.63
CA VAL X 289 17.31 97.77 38.22
C VAL X 289 17.43 97.88 39.73
N ASN X 290 16.64 97.10 40.44
CA ASN X 290 16.65 97.07 41.91
C ASN X 290 17.62 95.98 42.35
N ILE X 291 18.88 96.34 42.47
CA ILE X 291 19.91 95.40 42.90
C ILE X 291 19.82 95.22 44.40
N THR X 292 19.56 93.99 44.84
CA THR X 292 19.63 93.66 46.26
C THR X 292 20.60 92.51 46.47
N LEU X 293 20.81 92.17 47.73
CA LEU X 293 21.81 91.21 48.14
C LEU X 293 21.12 90.10 48.93
N MET X 294 21.53 88.86 48.69
CA MET X 294 21.02 87.73 49.45
C MET X 294 22.19 86.94 49.99
N ASP X 295 22.09 86.49 51.23
CA ASP X 295 23.17 85.73 51.83
C ASP X 295 23.18 84.31 51.26
N ASP X 296 24.40 83.80 51.03
CA ASP X 296 24.54 82.48 50.44
C ASP X 296 24.14 81.37 51.39
N VAL X 297 24.18 81.62 52.71
CA VAL X 297 23.75 80.60 53.65
C VAL X 297 22.22 80.50 53.68
N THR X 298 21.52 81.57 53.30
CA THR X 298 20.07 81.50 53.20
C THR X 298 19.65 80.76 51.93
N ALA X 299 20.43 80.88 50.87
CA ALA X 299 20.12 80.19 49.63
C ALA X 299 20.29 78.69 49.78
N ALA X 300 21.43 78.25 50.31
CA ALA X 300 21.64 76.84 50.55
C ALA X 300 20.83 76.33 51.73
N GLY X 301 20.37 77.23 52.60
CA GLY X 301 19.56 76.81 53.72
C GLY X 301 18.19 76.30 53.29
N GLN X 302 17.44 77.15 52.57
CA GLN X 302 16.10 76.78 52.14
C GLN X 302 16.11 75.66 51.13
N ALA X 303 17.19 75.50 50.37
CA ALA X 303 17.32 74.34 49.51
C ALA X 303 17.53 73.08 50.34
N GLU X 304 18.29 73.18 51.43
CA GLU X 304 18.43 72.02 52.30
C GLU X 304 17.21 71.84 53.19
N ALA X 305 16.67 72.95 53.72
CA ALA X 305 15.51 72.86 54.60
C ALA X 305 14.22 72.53 53.86
N GLY X 306 14.25 72.43 52.55
CA GLY X 306 13.11 71.91 51.82
C GLY X 306 13.33 70.48 51.41
N LEU X 307 14.57 70.15 51.07
CA LEU X 307 14.86 68.85 50.50
C LEU X 307 14.84 67.76 51.57
N LYS X 308 15.10 68.12 52.82
CA LYS X 308 14.84 67.20 53.91
C LYS X 308 13.42 67.35 54.45
N GLN X 309 12.72 68.41 54.09
CA GLN X 309 11.31 68.55 54.42
C GLN X 309 10.44 67.74 53.49
N GLN X 310 10.95 67.40 52.30
CA GLN X 310 10.31 66.45 51.42
C GLN X 310 10.68 65.02 51.73
N ALA X 311 11.52 64.80 52.75
CA ALA X 311 12.04 63.50 53.16
C ALA X 311 12.77 62.80 52.01
N LEU X 312 13.86 63.40 51.58
CA LEU X 312 14.63 62.88 50.48
C LEU X 312 16.07 62.58 50.92
N PRO X 313 16.63 61.45 50.53
CA PRO X 313 18.04 61.18 50.86
C PRO X 313 18.95 62.03 50.01
N TYR X 314 20.00 62.57 50.64
CA TYR X 314 20.90 63.45 49.91
C TYR X 314 22.26 63.44 50.61
N SER X 315 23.16 64.27 50.10
CA SER X 315 24.41 64.56 50.79
C SER X 315 24.87 65.94 50.34
N ARG X 316 24.83 66.90 51.24
CA ARG X 316 25.31 68.24 50.94
C ARG X 316 26.82 68.25 50.85
N ARG X 317 27.34 68.46 49.65
CA ARG X 317 28.76 68.70 49.48
C ARG X 317 28.96 70.18 49.14
N ASN X 318 29.83 70.84 49.89
CA ASN X 318 30.07 72.25 49.69
C ASN X 318 31.27 72.45 48.78
N HIS X 319 31.35 73.63 48.19
CA HIS X 319 32.52 74.01 47.43
C HIS X 319 32.79 75.48 47.66
N LYS X 320 33.91 75.95 47.12
CA LYS X 320 34.27 77.36 47.18
C LYS X 320 33.48 78.05 46.07
N GLY X 321 32.28 78.53 46.41
CA GLY X 321 31.46 79.21 45.43
C GLY X 321 30.34 78.37 44.89
N GLY X 322 29.66 77.65 45.76
CA GLY X 322 28.50 76.86 45.38
C GLY X 322 28.40 75.59 46.21
N VAL X 323 27.19 75.08 46.31
CA VAL X 323 26.93 73.81 46.98
C VAL X 323 26.33 72.86 45.96
N THR X 324 26.16 71.60 46.37
CA THR X 324 25.65 70.57 45.47
C THR X 324 24.91 69.53 46.27
N PHE X 325 23.66 69.26 45.91
CA PHE X 325 22.83 68.29 46.60
C PHE X 325 22.65 67.09 45.69
N VAL X 326 23.55 66.13 45.76
CA VAL X 326 23.36 64.91 44.99
C VAL X 326 22.35 64.03 45.71
N ILE X 327 21.39 63.51 44.96
CA ILE X 327 20.29 62.71 45.48
C ILE X 327 20.36 61.36 44.79
N GLN X 328 20.60 60.30 45.55
CA GLN X 328 20.72 59.01 44.91
C GLN X 328 19.96 57.93 45.66
N GLY X 329 20.02 56.71 45.14
CA GLY X 329 19.20 55.62 45.60
C GLY X 329 18.13 55.27 44.60
N ALA X 330 17.43 54.16 44.87
CA ALA X 330 16.33 53.73 44.03
C ALA X 330 15.07 54.46 44.49
N LEU X 331 14.97 55.71 44.07
CA LEU X 331 13.82 56.53 44.44
C LEU X 331 12.61 56.09 43.64
N ASP X 332 11.52 55.77 44.33
CA ASP X 332 10.29 55.42 43.64
C ASP X 332 9.49 56.68 43.34
N ASP X 333 8.24 56.49 42.94
CA ASP X 333 7.53 57.54 42.22
C ASP X 333 7.04 58.66 43.12
N VAL X 334 6.77 58.36 44.38
CA VAL X 334 6.21 59.36 45.27
C VAL X 334 7.26 60.41 45.60
N GLU X 335 8.50 59.99 45.72
CA GLU X 335 9.60 60.88 46.05
C GLU X 335 10.29 61.44 44.82
N ILE X 336 10.14 60.81 43.66
CA ILE X 336 10.73 61.36 42.44
C ILE X 336 9.91 62.53 41.94
N LEU X 337 8.66 62.67 42.39
CA LEU X 337 7.78 63.75 42.00
C LEU X 337 7.67 64.82 43.06
N ARG X 338 7.95 64.49 44.32
CA ARG X 338 8.18 65.55 45.28
C ARG X 338 9.51 66.24 45.03
N ALA X 339 10.44 65.56 44.38
CA ALA X 339 11.72 66.17 44.08
C ALA X 339 11.58 67.24 43.01
N ARG X 340 10.86 66.94 41.92
CA ARG X 340 10.85 67.83 40.78
C ARG X 340 10.01 69.07 41.02
N GLN X 341 8.94 68.95 41.78
CA GLN X 341 8.22 70.17 42.12
C GLN X 341 8.82 70.91 43.31
N PHE X 342 9.94 70.44 43.84
CA PHE X 342 10.76 71.29 44.67
C PHE X 342 11.89 71.95 43.90
N VAL X 343 12.53 71.20 43.00
CA VAL X 343 13.63 71.72 42.21
C VAL X 343 13.14 72.82 41.28
N ASP X 344 12.08 72.55 40.54
CA ASP X 344 11.49 73.55 39.65
C ASP X 344 10.83 74.69 40.41
N SER X 345 10.48 74.49 41.67
CA SER X 345 10.07 75.58 42.52
C SER X 345 11.25 76.28 43.18
N TYR X 346 12.45 75.74 43.04
CA TYR X 346 13.62 76.42 43.55
C TYR X 346 14.30 77.23 42.46
N TYR X 347 14.48 76.63 41.29
CA TYR X 347 15.11 77.33 40.18
C TYR X 347 14.25 78.45 39.64
N ARG X 348 12.93 78.39 39.86
CA ARG X 348 12.08 79.53 39.58
C ARG X 348 12.35 80.66 40.58
N THR X 349 12.77 80.32 41.79
CA THR X 349 12.98 81.34 42.81
C THR X 349 14.41 81.86 42.82
N TRP X 350 15.39 80.97 42.87
CA TRP X 350 16.77 81.35 43.09
C TRP X 350 17.65 81.24 41.87
N GLY X 351 17.18 80.63 40.80
CA GLY X 351 18.05 80.31 39.68
C GLY X 351 18.94 79.13 40.00
N GLY X 352 19.80 78.80 39.06
CA GLY X 352 20.62 77.62 39.24
C GLY X 352 22.10 77.89 39.21
N ARG X 353 22.54 79.02 39.74
CA ARG X 353 23.94 79.40 39.69
C ARG X 353 24.67 79.22 41.00
N TYR X 354 24.00 78.79 42.06
CA TYR X 354 24.68 78.58 43.32
C TYR X 354 24.45 77.18 43.86
N VAL X 355 23.27 76.63 43.59
CA VAL X 355 22.89 75.31 44.09
C VAL X 355 22.56 74.43 42.88
N GLN X 356 23.21 73.28 42.80
CA GLN X 356 22.93 72.31 41.75
C GLN X 356 22.35 71.05 42.39
N PHE X 357 21.19 70.63 41.91
CA PHE X 357 20.56 69.41 42.38
C PHE X 357 20.91 68.29 41.43
N ALA X 358 21.49 67.22 41.95
CA ALA X 358 21.87 66.07 41.15
C ALA X 358 20.96 64.92 41.54
N ILE X 359 19.82 64.82 40.86
CA ILE X 359 18.97 63.65 41.05
C ILE X 359 19.52 62.54 40.16
N GLU X 360 20.52 61.84 40.68
CA GLU X 360 21.22 60.77 39.98
C GLU X 360 20.61 59.49 40.51
N LEU X 361 19.94 58.75 39.66
CA LEU X 361 19.04 57.68 40.07
C LEU X 361 19.58 56.34 39.58
N LYS X 362 20.11 55.55 40.53
CA LYS X 362 20.69 54.26 40.23
C LYS X 362 20.13 53.21 41.18
N ASP X 363 20.62 52.00 41.05
CA ASP X 363 20.22 50.87 41.88
C ASP X 363 20.95 50.91 43.22
N ASP X 364 20.88 49.81 43.96
CA ASP X 364 21.60 49.68 45.21
C ASP X 364 22.91 48.92 44.98
N ASP Y 20 -5.78 79.40 3.05
CA ASP Y 20 -5.56 79.81 1.67
C ASP Y 20 -4.60 78.82 1.00
N LYS Y 21 -3.42 78.63 1.60
CA LYS Y 21 -2.42 77.72 1.05
C LYS Y 21 -2.62 76.32 1.61
N ASP Y 22 -2.56 75.34 0.72
CA ASP Y 22 -2.79 73.95 1.10
C ASP Y 22 -1.61 73.42 1.88
N LEU Y 23 -1.89 72.68 2.94
CA LEU Y 23 -0.85 72.20 3.83
C LEU Y 23 -0.90 70.71 4.08
N LEU Y 24 -2.09 70.12 4.21
CA LEU Y 24 -2.24 68.69 4.35
C LEU Y 24 -3.50 68.27 3.63
N LYS Y 25 -3.47 67.13 2.96
CA LYS Y 25 -4.61 66.60 2.25
C LYS Y 25 -4.79 65.14 2.59
N GLY Y 26 -6.01 64.65 2.42
CA GLY Y 26 -6.26 63.23 2.55
C GLY Y 26 -6.20 62.69 3.95
N LEU Y 27 -6.27 63.55 4.97
CA LEU Y 27 -6.25 63.08 6.34
C LEU Y 27 -7.58 62.43 6.68
N ASP Y 28 -7.53 61.43 7.56
CA ASP Y 28 -8.78 60.97 8.14
C ASP Y 28 -9.10 61.85 9.36
N GLN Y 29 -10.08 61.42 10.15
CA GLN Y 29 -10.75 62.33 11.07
C GLN Y 29 -9.89 62.65 12.28
N GLU Y 30 -9.49 61.64 13.03
CA GLU Y 30 -8.74 61.85 14.25
C GLU Y 30 -7.31 62.33 14.01
N GLN Y 31 -6.79 62.17 12.81
CA GLN Y 31 -5.54 62.85 12.49
C GLN Y 31 -5.75 64.33 12.20
N ALA Y 32 -6.86 64.70 11.58
CA ALA Y 32 -7.09 66.10 11.24
C ALA Y 32 -7.44 66.93 12.46
N ASN Y 33 -8.12 66.33 13.43
CA ASN Y 33 -8.46 67.08 14.64
C ASN Y 33 -7.26 67.28 15.54
N GLU Y 34 -6.22 66.47 15.38
CA GLU Y 34 -5.05 66.61 16.22
C GLU Y 34 -4.14 67.70 15.68
N VAL Y 35 -4.05 67.84 14.35
CA VAL Y 35 -3.16 68.82 13.75
C VAL Y 35 -3.62 70.23 14.08
N ILE Y 36 -4.92 70.50 13.96
CA ILE Y 36 -5.46 71.82 14.29
C ILE Y 36 -5.29 72.13 15.76
N ALA Y 37 -5.32 71.10 16.60
CA ALA Y 37 -5.06 71.29 18.03
C ALA Y 37 -3.63 71.73 18.27
N VAL Y 38 -2.70 71.23 17.46
CA VAL Y 38 -1.32 71.65 17.58
C VAL Y 38 -1.14 73.05 17.03
N LEU Y 39 -1.79 73.34 15.90
CA LEU Y 39 -1.58 74.60 15.21
C LEU Y 39 -2.18 75.77 15.98
N GLN Y 40 -3.42 75.63 16.46
CA GLN Y 40 -4.03 76.70 17.25
C GLN Y 40 -3.39 76.85 18.61
N MET Y 41 -2.61 75.87 19.06
CA MET Y 41 -1.76 76.11 20.22
C MET Y 41 -0.70 77.15 19.90
N HIS Y 42 -0.16 77.10 18.70
CA HIS Y 42 0.91 77.99 18.29
C HIS Y 42 0.41 79.14 17.45
N ASN Y 43 -0.81 79.59 17.72
CA ASN Y 43 -1.35 80.89 17.32
C ASN Y 43 -1.49 81.03 15.81
N ILE Y 44 -1.77 79.96 15.09
CA ILE Y 44 -2.14 80.11 13.69
C ILE Y 44 -3.44 79.35 13.47
N GLU Y 45 -4.40 79.97 12.80
CA GLU Y 45 -5.68 79.32 12.61
C GLU Y 45 -5.63 78.39 11.39
N ALA Y 46 -6.41 77.33 11.45
CA ALA Y 46 -6.54 76.40 10.34
C ALA Y 46 -8.00 76.26 9.96
N ASN Y 47 -8.25 75.52 8.88
CA ASN Y 47 -9.60 75.34 8.36
C ASN Y 47 -9.74 73.88 7.95
N LYS Y 48 -10.44 73.09 8.74
CA LYS Y 48 -10.63 71.70 8.37
C LYS Y 48 -11.62 71.60 7.22
N ILE Y 49 -11.10 71.56 6.00
CA ILE Y 49 -11.93 71.48 4.81
C ILE Y 49 -12.09 70.00 4.47
N ASP Y 50 -13.31 69.49 4.61
CA ASP Y 50 -13.58 68.14 4.15
C ASP Y 50 -13.59 68.10 2.63
N SER Y 51 -13.02 67.04 2.07
CA SER Y 51 -13.05 66.82 0.63
C SER Y 51 -13.80 65.53 0.30
N GLY Y 52 -14.84 65.22 1.05
CA GLY Y 52 -15.62 64.04 0.77
C GLY Y 52 -14.98 62.74 1.18
N LYS Y 53 -14.95 61.78 0.26
CA LYS Y 53 -14.33 60.47 0.47
C LYS Y 53 -12.82 60.50 0.30
N LEU Y 54 -12.27 61.62 -0.17
CA LEU Y 54 -10.84 61.81 -0.27
C LEU Y 54 -10.23 62.38 1.01
N GLY Y 55 -10.91 62.22 2.15
CA GLY Y 55 -10.38 62.68 3.41
C GLY Y 55 -10.46 64.18 3.58
N TYR Y 56 -10.10 64.63 4.78
CA TYR Y 56 -10.12 66.04 5.13
C TYR Y 56 -8.95 66.77 4.49
N SER Y 57 -8.88 68.08 4.73
CA SER Y 57 -7.79 68.90 4.24
C SER Y 57 -7.65 70.09 5.16
N ILE Y 58 -6.42 70.52 5.39
CA ILE Y 58 -6.13 71.61 6.30
C ILE Y 58 -5.41 72.69 5.51
N THR Y 59 -5.97 73.89 5.50
CA THR Y 59 -5.38 75.01 4.79
C THR Y 59 -5.13 76.14 5.78
N VAL Y 60 -3.96 76.74 5.71
CA VAL Y 60 -3.62 77.89 6.52
C VAL Y 60 -3.47 79.10 5.62
N ALA Y 61 -3.41 80.27 6.25
CA ALA Y 61 -3.24 81.51 5.49
C ALA Y 61 -1.80 81.64 5.01
N GLU Y 62 -1.60 82.52 4.05
CA GLU Y 62 -0.30 82.68 3.40
C GLU Y 62 0.81 83.21 4.31
N PRO Y 63 0.62 84.18 5.21
CA PRO Y 63 1.74 84.56 6.08
C PRO Y 63 2.07 83.52 7.14
N ASP Y 64 1.16 82.60 7.43
CA ASP Y 64 1.45 81.55 8.39
C ASP Y 64 1.73 80.20 7.78
N PHE Y 65 1.81 80.09 6.45
CA PHE Y 65 2.23 78.81 5.88
C PHE Y 65 3.68 78.53 6.20
N THR Y 66 4.48 79.56 6.42
CA THR Y 66 5.86 79.38 6.82
C THR Y 66 5.95 78.79 8.21
N ALA Y 67 5.25 79.39 9.16
CA ALA Y 67 5.34 78.94 10.54
C ALA Y 67 4.64 77.61 10.76
N ALA Y 68 3.58 77.33 10.01
CA ALA Y 68 2.82 76.11 10.25
C ALA Y 68 3.55 74.90 9.75
N VAL Y 69 4.33 75.02 8.67
CA VAL Y 69 5.07 73.87 8.17
C VAL Y 69 6.29 73.59 9.04
N TYR Y 70 6.68 74.52 9.89
CA TYR Y 70 7.64 74.19 10.93
C TYR Y 70 7.02 73.29 11.98
N TRP Y 71 5.81 73.60 12.43
CA TRP Y 71 5.21 72.79 13.48
C TRP Y 71 4.66 71.48 12.96
N ILE Y 72 4.54 71.31 11.65
CA ILE Y 72 4.31 69.97 11.14
C ILE Y 72 5.57 69.14 11.31
N LYS Y 73 6.73 69.77 11.20
CA LYS Y 73 7.97 69.00 11.25
C LYS Y 73 8.30 68.57 12.66
N THR Y 74 8.21 69.49 13.65
CA THR Y 74 8.67 69.18 14.99
C THR Y 74 7.75 68.18 15.67
N TYR Y 75 6.45 68.32 15.50
CA TYR Y 75 5.52 67.38 16.10
C TYR Y 75 5.32 66.14 15.28
N GLN Y 76 5.92 66.08 14.08
CA GLN Y 76 5.81 64.98 13.14
C GLN Y 76 4.35 64.69 12.78
N LEU Y 77 3.59 65.75 12.62
CA LEU Y 77 2.21 65.63 12.18
C LEU Y 77 2.17 65.21 10.72
N PRO Y 78 1.13 64.50 10.26
CA PRO Y 78 -0.02 63.94 10.96
C PRO Y 78 0.37 62.75 11.81
N PRO Y 79 -0.34 62.53 12.91
CA PRO Y 79 0.06 61.46 13.82
C PRO Y 79 -0.16 60.10 13.18
N ARG Y 80 0.80 59.21 13.42
CA ARG Y 80 0.65 57.83 13.04
C ARG Y 80 -0.50 57.20 13.83
N PRO Y 81 -1.16 56.17 13.28
CA PRO Y 81 -2.25 55.54 14.03
C PRO Y 81 -1.72 54.84 15.27
N ARG Y 82 -2.40 55.06 16.38
CA ARG Y 82 -1.92 54.61 17.69
C ARG Y 82 -1.95 53.10 17.76
N VAL Y 83 -0.76 52.51 17.88
CA VAL Y 83 -0.56 51.09 17.69
C VAL Y 83 -0.52 50.39 19.04
N GLU Y 84 -1.29 49.32 19.15
CA GLU Y 84 -1.12 48.36 20.23
C GLU Y 84 -0.58 47.06 19.63
N ILE Y 85 -0.18 46.17 20.53
CA ILE Y 85 0.65 45.03 20.13
C ILE Y 85 -0.18 44.03 19.35
N ALA Y 86 -1.47 43.96 19.64
CA ALA Y 86 -2.31 42.93 19.05
C ALA Y 86 -2.74 43.22 17.62
N GLN Y 87 -2.37 44.38 17.07
CA GLN Y 87 -2.67 44.63 15.66
C GLN Y 87 -1.76 43.84 14.74
N MET Y 88 -0.67 43.29 15.26
CA MET Y 88 0.27 42.55 14.43
C MET Y 88 0.20 41.06 14.70
N PHE Y 89 -0.90 40.59 15.29
CA PHE Y 89 -1.20 39.17 15.42
C PHE Y 89 -2.68 39.01 15.19
N PRO Y 90 -3.13 39.06 13.92
CA PRO Y 90 -4.57 39.17 13.69
C PRO Y 90 -5.30 37.85 13.84
N ALA Y 91 -4.64 36.73 13.52
CA ALA Y 91 -5.18 35.37 13.57
C ALA Y 91 -6.46 35.23 12.77
N ASP Y 92 -6.35 35.43 11.46
CA ASP Y 92 -7.52 35.28 10.59
C ASP Y 92 -7.84 33.81 10.36
N SER Y 93 -6.89 33.04 9.81
CA SER Y 93 -7.09 31.62 9.59
C SER Y 93 -5.79 30.84 9.82
N LEU Y 94 -4.77 31.50 10.35
CA LEU Y 94 -3.49 30.86 10.59
C LEU Y 94 -3.55 30.12 11.93
N VAL Y 95 -2.69 29.10 12.07
CA VAL Y 95 -2.75 28.19 13.21
C VAL Y 95 -2.39 28.88 14.51
N SER Y 96 -1.63 29.99 14.46
CA SER Y 96 -1.44 30.93 15.57
C SER Y 96 -0.77 30.26 16.78
N SER Y 97 0.52 30.00 16.59
CA SER Y 97 1.51 29.49 17.55
C SER Y 97 1.38 30.13 18.93
N PRO Y 98 1.68 29.40 20.01
CA PRO Y 98 1.35 29.88 21.37
C PRO Y 98 2.03 31.16 21.81
N ARG Y 99 3.03 31.64 21.08
CA ARG Y 99 3.51 32.99 21.27
C ARG Y 99 2.49 34.02 20.83
N ALA Y 100 1.69 33.71 19.81
CA ALA Y 100 0.75 34.70 19.29
C ALA Y 100 -0.44 34.86 20.22
N GLU Y 101 -0.77 33.83 20.99
CA GLU Y 101 -1.85 33.98 21.96
C GLU Y 101 -1.47 34.90 23.11
N LYS Y 102 -0.28 34.76 23.68
CA LYS Y 102 0.10 35.65 24.77
C LYS Y 102 0.41 37.04 24.26
N ALA Y 103 0.70 37.19 22.97
CA ALA Y 103 0.93 38.51 22.43
C ALA Y 103 -0.36 39.32 22.43
N ARG Y 104 -1.45 38.76 21.90
CA ARG Y 104 -2.68 39.52 21.89
C ARG Y 104 -3.43 39.38 23.20
N LEU Y 105 -3.03 38.47 24.08
CA LEU Y 105 -3.63 38.42 25.40
C LEU Y 105 -3.22 39.62 26.23
N TYR Y 106 -1.91 39.79 26.42
CA TYR Y 106 -1.39 40.90 27.21
C TYR Y 106 -1.67 42.24 26.57
N SER Y 107 -1.75 42.27 25.23
CA SER Y 107 -2.01 43.53 24.55
C SER Y 107 -3.43 44.01 24.80
N ALA Y 108 -4.38 43.08 24.87
CA ALA Y 108 -5.72 43.47 25.26
C ALA Y 108 -5.80 43.86 26.73
N ILE Y 109 -4.90 43.35 27.56
CA ILE Y 109 -4.86 43.79 28.94
C ILE Y 109 -4.23 45.17 29.03
N GLU Y 110 -3.26 45.48 28.15
CA GLU Y 110 -2.70 46.83 28.10
C GLU Y 110 -3.77 47.85 27.74
N GLN Y 111 -4.65 47.51 26.82
CA GLN Y 111 -5.69 48.43 26.42
C GLN Y 111 -6.73 48.58 27.51
N ARG Y 112 -7.08 47.48 28.17
CA ARG Y 112 -8.20 47.52 29.10
C ARG Y 112 -7.85 48.21 30.40
N LEU Y 113 -6.62 48.08 30.87
CA LEU Y 113 -6.18 48.86 32.01
C LEU Y 113 -6.05 50.33 31.66
N GLU Y 114 -5.72 50.64 30.40
CA GLU Y 114 -5.71 52.01 29.93
C GLU Y 114 -7.11 52.60 29.92
N GLN Y 115 -8.10 51.81 29.51
CA GLN Y 115 -9.49 52.25 29.53
C GLN Y 115 -10.02 52.47 30.94
N SER Y 116 -9.41 51.84 31.94
CA SER Y 116 -9.92 51.91 33.29
C SER Y 116 -9.30 53.01 34.12
N LEU Y 117 -8.00 53.27 33.92
CA LEU Y 117 -7.38 54.41 34.57
C LEU Y 117 -7.99 55.71 34.08
N GLN Y 118 -8.43 55.73 32.82
CA GLN Y 118 -9.04 56.92 32.26
C GLN Y 118 -10.37 57.26 32.92
N THR Y 119 -11.01 56.29 33.57
CA THR Y 119 -12.23 56.52 34.32
C THR Y 119 -11.99 56.56 35.82
N MET Y 120 -10.83 57.03 36.26
CA MET Y 120 -10.65 57.35 37.67
C MET Y 120 -11.06 58.79 37.92
N GLU Y 121 -10.74 59.31 39.10
CA GLU Y 121 -11.11 60.67 39.45
C GLU Y 121 -10.04 61.62 38.93
N GLY Y 122 -10.33 62.29 37.82
CA GLY Y 122 -9.47 63.33 37.33
C GLY Y 122 -8.46 62.91 36.26
N VAL Y 123 -8.31 61.62 35.98
CA VAL Y 123 -7.38 61.22 34.95
C VAL Y 123 -8.01 61.54 33.59
N LEU Y 124 -7.35 62.40 32.82
CA LEU Y 124 -7.84 62.70 31.48
C LEU Y 124 -7.48 61.57 30.53
N SER Y 125 -6.23 61.17 30.51
CA SER Y 125 -5.75 60.16 29.60
C SER Y 125 -4.75 59.27 30.31
N ALA Y 126 -4.51 58.09 29.74
CA ALA Y 126 -3.62 57.14 30.38
C ALA Y 126 -2.98 56.25 29.33
N ARG Y 127 -1.80 55.74 29.66
CA ARG Y 127 -1.11 54.74 28.87
C ARG Y 127 -0.53 53.71 29.82
N VAL Y 128 -0.64 52.43 29.48
CA VAL Y 128 -0.16 51.34 30.31
C VAL Y 128 0.64 50.39 29.44
N HIS Y 129 1.85 50.06 29.89
CA HIS Y 129 2.67 49.06 29.23
C HIS Y 129 2.89 47.88 30.17
N ILE Y 130 3.02 46.69 29.60
CA ILE Y 130 3.26 45.48 30.35
C ILE Y 130 4.57 44.89 29.87
N SER Y 131 5.41 44.45 30.81
CA SER Y 131 6.59 43.70 30.44
C SER Y 131 6.20 42.36 29.85
N TYR Y 132 6.71 42.06 28.66
CA TYR Y 132 6.34 40.83 27.97
C TYR Y 132 7.43 39.79 28.20
N ASP Y 133 7.29 39.02 29.28
CA ASP Y 133 8.04 37.78 29.44
C ASP Y 133 7.26 36.74 28.66
N ILE Y 134 7.76 36.38 27.49
CA ILE Y 134 7.05 35.51 26.58
C ILE Y 134 7.70 34.14 26.47
N ASP Y 135 9.03 34.09 26.41
CA ASP Y 135 9.73 32.85 26.15
C ASP Y 135 10.06 32.07 27.41
N ALA Y 136 9.20 32.17 28.43
CA ALA Y 136 9.43 31.47 29.69
C ALA Y 136 9.29 29.96 29.52
N GLY Y 137 8.29 29.53 28.75
CA GLY Y 137 8.10 28.11 28.50
C GLY Y 137 9.09 27.51 27.52
N GLU Y 138 9.60 28.33 26.58
CA GLU Y 138 10.53 27.82 25.58
C GLU Y 138 11.93 27.65 26.14
N ASN Y 139 12.31 28.45 27.13
CA ASN Y 139 13.60 28.27 27.80
C ASN Y 139 13.56 27.20 28.88
N GLY Y 140 12.38 26.76 29.30
CA GLY Y 140 12.29 25.81 30.38
C GLY Y 140 12.60 26.42 31.73
N ARG Y 141 12.07 27.61 32.00
CA ARG Y 141 12.39 28.38 33.18
C ARG Y 141 11.08 28.90 33.82
N PRO Y 142 11.13 29.20 35.11
CA PRO Y 142 10.01 29.94 35.71
C PRO Y 142 9.99 31.37 35.19
N PRO Y 143 8.81 31.95 35.02
CA PRO Y 143 8.72 33.25 34.37
C PRO Y 143 9.18 34.37 35.30
N LYS Y 144 9.46 35.50 34.68
CA LYS Y 144 9.94 36.67 35.39
C LYS Y 144 8.78 37.37 36.06
N PRO Y 145 9.03 38.20 37.07
CA PRO Y 145 7.96 39.04 37.61
C PRO Y 145 7.47 40.02 36.57
N VAL Y 146 6.19 40.33 36.64
CA VAL Y 146 5.59 41.25 35.69
C VAL Y 146 5.92 42.67 36.11
N HIS Y 147 6.45 43.45 35.19
CA HIS Y 147 6.72 44.86 35.38
C HIS Y 147 5.74 45.65 34.54
N LEU Y 148 5.38 46.85 35.00
CA LEU Y 148 4.44 47.64 34.23
C LEU Y 148 4.63 49.12 34.49
N SER Y 149 4.32 49.91 33.47
CA SER Y 149 4.50 51.35 33.53
C SER Y 149 3.19 52.03 33.24
N ALA Y 150 3.02 53.25 33.74
CA ALA Y 150 1.78 53.96 33.56
C ALA Y 150 2.01 55.44 33.42
N LEU Y 151 1.28 56.06 32.50
CA LEU Y 151 1.24 57.51 32.33
C LEU Y 151 -0.16 57.99 32.62
N ALA Y 152 -0.28 59.25 33.04
CA ALA Y 152 -1.58 59.76 33.49
C ALA Y 152 -1.55 61.27 33.44
N VAL Y 153 -2.60 61.85 32.88
CA VAL Y 153 -2.71 63.29 32.72
C VAL Y 153 -3.85 63.77 33.59
N TYR Y 154 -3.51 64.48 34.66
CA TYR Y 154 -4.51 64.97 35.60
C TYR Y 154 -4.95 66.39 35.26
N GLU Y 155 -5.91 66.89 36.03
CA GLU Y 155 -6.33 68.27 35.87
C GLU Y 155 -5.27 69.21 36.42
N ARG Y 156 -5.49 70.50 36.18
CA ARG Y 156 -4.87 71.51 37.00
C ARG Y 156 -5.38 71.42 38.43
N GLY Y 157 -4.56 71.89 39.38
CA GLY Y 157 -4.99 72.02 40.75
C GLY Y 157 -5.01 70.75 41.56
N SER Y 158 -4.86 69.59 40.94
CA SER Y 158 -4.85 68.37 41.72
C SER Y 158 -3.49 68.20 42.42
N PRO Y 159 -3.47 67.76 43.66
CA PRO Y 159 -2.19 67.49 44.32
C PRO Y 159 -1.57 66.17 43.88
N LEU Y 160 -0.78 66.21 42.79
CA LEU Y 160 -0.30 65.03 42.08
C LEU Y 160 0.52 64.06 42.93
N ALA Y 161 1.06 64.50 44.05
CA ALA Y 161 1.87 63.61 44.89
C ALA Y 161 1.05 62.62 45.70
N HIS Y 162 -0.28 62.61 45.57
CA HIS Y 162 -1.11 61.70 46.33
C HIS Y 162 -1.97 60.79 45.48
N GLN Y 163 -2.26 61.17 44.23
CA GLN Y 163 -2.90 60.22 43.33
C GLN Y 163 -1.91 59.22 42.77
N ILE Y 164 -0.63 59.35 43.08
CA ILE Y 164 0.35 58.37 42.69
C ILE Y 164 0.15 57.08 43.46
N SER Y 165 -0.44 57.14 44.65
CA SER Y 165 -0.64 55.94 45.45
C SER Y 165 -1.87 55.17 45.02
N ASP Y 166 -2.88 55.86 44.48
CA ASP Y 166 -4.10 55.19 44.06
C ASP Y 166 -3.86 54.31 42.85
N ILE Y 167 -3.16 54.83 41.85
CA ILE Y 167 -2.85 54.06 40.65
C ILE Y 167 -1.97 52.89 41.01
N LYS Y 168 -0.91 53.15 41.77
CA LYS Y 168 0.07 52.14 42.15
C LYS Y 168 -0.53 51.07 43.05
N ARG Y 169 -1.60 51.39 43.77
CA ARG Y 169 -2.36 50.36 44.48
C ARG Y 169 -3.31 49.63 43.54
N PHE Y 170 -3.88 50.35 42.57
CA PHE Y 170 -4.88 49.79 41.67
C PHE Y 170 -4.30 48.68 40.82
N LEU Y 171 -3.28 48.97 40.04
CA LEU Y 171 -2.85 47.97 39.08
C LEU Y 171 -1.71 47.13 39.59
N LYS Y 172 -1.43 47.16 40.89
CA LYS Y 172 -0.71 46.06 41.52
C LYS Y 172 -1.50 44.77 41.36
N ASN Y 173 -2.68 44.73 41.94
CA ASN Y 173 -3.47 43.52 41.95
C ASN Y 173 -4.23 43.30 40.67
N SER Y 174 -3.88 43.97 39.59
CA SER Y 174 -4.41 43.62 38.29
C SER Y 174 -3.55 42.56 37.61
N PHE Y 175 -2.47 42.12 38.26
CA PHE Y 175 -1.63 41.06 37.75
C PHE Y 175 -1.20 40.14 38.88
N ALA Y 176 -0.56 39.04 38.49
CA ALA Y 176 -0.37 37.91 39.39
C ALA Y 176 0.76 38.19 40.38
N ASP Y 177 1.98 38.37 39.88
CA ASP Y 177 3.15 38.53 40.76
C ASP Y 177 3.87 39.83 40.44
N VAL Y 178 3.37 40.93 40.99
CA VAL Y 178 4.05 42.21 40.87
C VAL Y 178 4.31 42.75 42.26
N ASP Y 179 5.14 43.78 42.32
CA ASP Y 179 5.43 44.43 43.60
C ASP Y 179 5.13 45.90 43.48
N TYR Y 180 5.52 46.68 44.48
CA TYR Y 180 5.49 48.12 44.41
C TYR Y 180 6.78 48.70 43.89
N ASP Y 181 7.65 47.86 43.37
CA ASP Y 181 8.88 48.29 42.72
C ASP Y 181 8.87 48.01 41.24
N ASN Y 182 8.00 47.14 40.77
CA ASN Y 182 7.86 46.85 39.35
C ASN Y 182 6.84 47.75 38.69
N ILE Y 183 6.31 48.72 39.41
CA ILE Y 183 5.29 49.62 38.89
C ILE Y 183 5.90 51.01 38.82
N SER Y 184 5.92 51.58 37.61
CA SER Y 184 6.55 52.87 37.38
C SER Y 184 5.51 53.82 36.81
N VAL Y 185 4.99 54.71 37.64
CA VAL Y 185 3.93 55.62 37.24
C VAL Y 185 4.48 57.02 37.31
N VAL Y 186 4.54 57.69 36.16
CA VAL Y 186 5.03 59.05 36.06
C VAL Y 186 3.88 59.89 35.53
N LEU Y 187 3.12 60.50 36.43
CA LEU Y 187 1.92 61.24 36.08
C LEU Y 187 2.17 62.73 36.12
N SER Y 188 1.58 63.43 35.15
CA SER Y 188 1.88 64.82 34.90
C SER Y 188 0.58 65.56 34.61
N GLU Y 189 0.40 66.71 35.22
CA GLU Y 189 -0.82 67.47 35.04
C GLU Y 189 -0.87 68.06 33.63
N ARG Y 190 -2.07 68.37 33.17
CA ARG Y 190 -2.23 68.82 31.79
C ARG Y 190 -1.70 70.22 31.60
N SER Y 191 -1.61 70.61 30.34
CA SER Y 191 -1.07 71.92 29.99
C SER Y 191 -2.11 73.00 30.28
N ASP Y 192 -1.75 74.24 29.96
CA ASP Y 192 -2.69 75.34 30.05
C ASP Y 192 -3.77 75.17 29.00
N ALA Y 193 -4.98 75.61 29.33
CA ALA Y 193 -6.11 75.42 28.43
C ALA Y 193 -6.03 76.39 27.26
N GLN Y 194 -6.16 75.85 26.05
CA GLN Y 194 -6.23 76.67 24.85
C GLN Y 194 -7.70 76.92 24.58
N LEU Y 195 -8.18 78.07 25.05
CA LEU Y 195 -9.58 78.45 24.91
C LEU Y 195 -9.73 79.70 24.06
N GLN Y 196 -8.64 80.17 23.48
CA GLN Y 196 -8.50 81.55 23.04
C GLN Y 196 -8.30 81.58 21.54
N ALA Y 197 -9.02 82.45 20.86
CA ALA Y 197 -9.01 82.45 19.39
C ALA Y 197 -7.66 82.93 18.87
N PRO Y 198 -7.06 82.23 17.90
CA PRO Y 198 -5.75 82.62 17.37
C PRO Y 198 -5.75 83.96 16.67
N GLY Y 199 -6.60 84.11 15.67
CA GLY Y 199 -6.68 85.37 14.97
C GLY Y 199 -6.24 85.30 13.53
N THR Y 200 -7.05 85.85 12.64
CA THR Y 200 -6.67 86.01 11.25
C THR Y 200 -5.57 87.05 11.13
N PRO Y 201 -4.64 86.88 10.17
CA PRO Y 201 -3.59 87.89 9.97
C PRO Y 201 -4.15 89.21 9.46
N VAL Y 202 -3.34 90.24 9.58
CA VAL Y 202 -3.72 91.58 9.12
C VAL Y 202 -3.40 91.70 7.65
N LYS Y 203 -4.05 92.64 6.99
CA LYS Y 203 -3.90 92.84 5.56
C LYS Y 203 -3.03 94.06 5.24
N ALA Z 171 -23.52 93.15 28.64
CA ALA Z 171 -24.62 92.60 29.43
C ALA Z 171 -24.18 92.29 30.85
N GLU Z 172 -25.12 91.84 31.67
CA GLU Z 172 -24.80 91.48 33.04
C GLU Z 172 -24.06 90.15 33.08
N LEU Z 173 -22.90 90.14 33.74
CA LEU Z 173 -22.09 88.93 33.77
C LEU Z 173 -22.72 87.84 34.63
N ASP Z 174 -23.58 88.22 35.57
CA ASP Z 174 -24.35 87.24 36.33
C ASP Z 174 -25.30 86.43 35.44
N SER Z 175 -25.68 86.97 34.29
CA SER Z 175 -26.49 86.22 33.33
C SER Z 175 -25.69 85.75 32.13
N LEU Z 176 -24.53 86.34 31.84
CA LEU Z 176 -23.66 85.79 30.82
C LEU Z 176 -23.06 84.46 31.23
N LEU Z 177 -22.93 84.22 32.53
CA LEU Z 177 -22.57 82.92 33.06
C LEU Z 177 -23.80 82.04 33.09
N GLY Z 178 -23.74 80.92 33.80
CA GLY Z 178 -24.83 79.98 33.78
C GLY Z 178 -26.07 80.45 34.50
N GLN Z 179 -27.06 79.54 34.54
CA GLN Z 179 -28.36 79.83 35.14
C GLN Z 179 -28.26 80.02 36.66
N GLU Z 180 -27.35 79.31 37.31
CA GLU Z 180 -27.24 79.33 38.75
C GLU Z 180 -26.41 80.52 39.20
N LYS Z 181 -27.02 81.42 39.99
CA LYS Z 181 -26.31 82.61 40.40
C LYS Z 181 -25.37 82.33 41.56
N GLU Z 182 -25.67 81.33 42.38
CA GLU Z 182 -24.92 81.08 43.60
C GLU Z 182 -23.54 80.48 43.34
N ARG Z 183 -23.29 79.96 42.14
CA ARG Z 183 -22.04 79.28 41.89
C ARG Z 183 -20.88 80.25 41.71
N PHE Z 184 -21.13 81.42 41.14
CA PHE Z 184 -20.10 82.41 40.93
C PHE Z 184 -20.40 83.65 41.76
N GLN Z 185 -19.39 84.50 41.93
CA GLN Z 185 -19.57 85.75 42.65
C GLN Z 185 -18.68 86.80 42.00
N VAL Z 186 -19.30 87.74 41.29
CA VAL Z 186 -18.53 88.75 40.58
C VAL Z 186 -17.95 89.76 41.57
N LEU Z 187 -16.81 90.32 41.21
CA LEU Z 187 -16.06 91.19 42.12
C LEU Z 187 -15.56 92.42 41.38
N PRO Z 188 -16.15 93.58 41.61
CA PRO Z 188 -15.68 94.79 40.95
C PRO Z 188 -14.37 95.31 41.53
N GLY Z 189 -13.26 94.84 40.97
CA GLY Z 189 -11.95 95.26 41.43
C GLY Z 189 -11.66 96.73 41.21
N ARG Z 190 -10.58 97.19 41.82
CA ARG Z 190 -10.27 98.61 41.89
C ARG Z 190 -9.55 99.13 40.66
N ASP Z 191 -8.96 98.26 39.84
CA ASP Z 191 -8.14 98.68 38.70
C ASP Z 191 -8.85 98.53 37.36
N LYS Z 192 -10.16 98.81 37.35
CA LYS Z 192 -11.11 98.87 36.25
C LYS Z 192 -11.48 97.49 35.69
N MET Z 193 -10.80 96.45 36.13
CA MET Z 193 -11.08 95.10 35.67
C MET Z 193 -12.02 94.42 36.65
N LEU Z 194 -13.01 93.70 36.12
CA LEU Z 194 -13.95 92.95 36.93
C LEU Z 194 -13.45 91.52 37.09
N TYR Z 195 -13.76 90.92 38.23
CA TYR Z 195 -13.30 89.57 38.54
C TYR Z 195 -14.48 88.69 38.92
N VAL Z 196 -14.40 87.42 38.57
CA VAL Z 196 -15.42 86.44 38.91
C VAL Z 196 -14.77 85.24 39.59
N ALA Z 197 -15.24 84.94 40.80
CA ALA Z 197 -14.56 83.98 41.68
C ALA Z 197 -15.22 82.62 41.53
N ALA Z 198 -14.54 81.71 40.86
CA ALA Z 198 -15.04 80.35 40.78
C ALA Z 198 -14.73 79.61 42.08
N GLN Z 199 -15.25 78.40 42.19
CA GLN Z 199 -15.05 77.60 43.38
C GLN Z 199 -14.08 76.44 43.18
N ASN Z 200 -14.03 75.85 42.00
CA ASN Z 200 -13.09 74.78 41.71
C ASN Z 200 -12.70 74.86 40.24
N GLU Z 201 -12.07 73.81 39.74
CA GLU Z 201 -11.56 73.84 38.36
C GLU Z 201 -12.58 73.37 37.34
N ARG Z 202 -13.80 73.03 37.74
CA ARG Z 202 -14.84 72.93 36.73
C ARG Z 202 -15.52 74.26 36.51
N ASP Z 203 -15.77 75.01 37.58
CA ASP Z 203 -16.36 76.32 37.45
C ASP Z 203 -15.40 77.32 36.84
N THR Z 204 -14.09 77.12 37.01
CA THR Z 204 -13.13 77.99 36.38
C THR Z 204 -13.16 77.81 34.87
N LEU Z 205 -13.18 76.57 34.40
CA LEU Z 205 -13.34 76.32 32.98
C LEU Z 205 -14.75 76.62 32.49
N TRP Z 206 -15.71 76.72 33.41
CA TRP Z 206 -17.03 77.22 33.03
C TRP Z 206 -16.98 78.72 32.77
N ALA Z 207 -16.24 79.45 33.58
CA ALA Z 207 -16.22 80.90 33.48
C ALA Z 207 -15.09 81.42 32.61
N ARG Z 208 -13.99 80.68 32.49
CA ARG Z 208 -13.00 81.03 31.48
C ARG Z 208 -13.43 80.64 30.08
N GLN Z 209 -14.52 79.91 29.93
CA GLN Z 209 -15.02 79.65 28.60
C GLN Z 209 -15.81 80.84 28.09
N VAL Z 210 -16.62 81.45 28.96
CA VAL Z 210 -17.47 82.58 28.57
C VAL Z 210 -16.62 83.78 28.17
N LEU Z 211 -15.63 84.11 28.98
CA LEU Z 211 -14.88 85.34 28.77
C LEU Z 211 -13.92 85.27 27.60
N ALA Z 212 -13.56 84.07 27.16
CA ALA Z 212 -12.63 83.93 26.04
C ALA Z 212 -13.34 83.64 24.73
N ARG Z 213 -14.57 83.15 24.79
CA ARG Z 213 -15.37 82.89 23.60
C ARG Z 213 -15.88 84.18 22.99
N GLY Z 214 -16.24 85.15 23.82
CA GLY Z 214 -17.04 86.24 23.32
C GLY Z 214 -16.74 87.55 24.00
N ASP Z 215 -17.79 88.28 24.37
CA ASP Z 215 -17.64 89.66 24.78
C ASP Z 215 -18.26 89.91 26.15
N TYR Z 216 -17.49 90.58 26.99
CA TYR Z 216 -18.01 91.43 28.06
C TYR Z 216 -17.45 92.81 27.74
N ASP Z 217 -18.26 93.86 27.94
CA ASP Z 217 -17.83 95.18 27.50
C ASP Z 217 -16.89 95.87 28.48
N LYS Z 218 -15.89 95.14 28.97
CA LYS Z 218 -14.82 95.53 29.88
C LYS Z 218 -13.97 94.28 30.02
N ASN Z 219 -12.81 94.43 30.65
CA ASN Z 219 -11.96 93.26 30.90
C ASN Z 219 -12.51 92.46 32.06
N ALA Z 220 -12.39 91.13 31.96
CA ALA Z 220 -12.88 90.24 33.00
C ALA Z 220 -11.94 89.06 33.14
N ARG Z 221 -11.74 88.60 34.37
CA ARG Z 221 -10.66 87.69 34.70
C ARG Z 221 -11.08 86.76 35.82
N VAL Z 222 -11.06 85.47 35.57
CA VAL Z 222 -11.53 84.48 36.53
C VAL Z 222 -10.41 84.21 37.52
N ILE Z 223 -10.70 84.31 38.81
CA ILE Z 223 -9.74 83.95 39.85
C ILE Z 223 -10.27 82.72 40.57
N ASN Z 224 -9.36 81.89 41.04
CA ASN Z 224 -9.70 80.66 41.72
C ASN Z 224 -9.17 80.76 43.15
N GLU Z 225 -9.56 79.80 43.99
CA GLU Z 225 -9.08 79.83 45.36
C GLU Z 225 -7.73 79.17 45.45
N ASN Z 226 -7.53 78.09 44.70
CA ASN Z 226 -6.28 77.34 44.77
C ASN Z 226 -5.28 77.73 43.69
N GLU Z 227 -5.61 78.70 42.84
CA GLU Z 227 -4.64 79.14 41.85
C GLU Z 227 -4.14 80.54 42.16
N GLU Z 228 -5.04 81.43 42.58
CA GLU Z 228 -4.64 82.76 43.01
C GLU Z 228 -3.82 82.71 44.28
N ASN Z 229 -4.09 81.70 45.12
CA ASN Z 229 -3.19 81.39 46.23
C ASN Z 229 -1.79 81.08 45.73
N LYS Z 230 -1.69 80.30 44.67
CA LYS Z 230 -0.38 79.94 44.15
C LYS Z 230 0.23 81.10 43.38
N ARG Z 231 -0.59 81.99 42.80
CA ARG Z 231 -0.05 83.12 42.05
C ARG Z 231 0.63 84.12 42.96
N ILE Z 232 0.08 84.32 44.16
CA ILE Z 232 0.67 85.25 45.12
C ILE Z 232 2.02 84.75 45.59
N SER Z 233 2.15 83.44 45.79
CA SER Z 233 3.41 82.85 46.23
C SER Z 233 4.51 82.95 45.18
N ILE Z 234 4.15 83.13 43.91
CA ILE Z 234 5.17 83.41 42.90
C ILE Z 234 5.66 84.84 43.04
N TRP Z 235 4.78 85.74 43.49
CA TRP Z 235 5.20 87.09 43.83
C TRP Z 235 5.86 87.14 45.20
N LEU Z 236 5.38 86.31 46.13
CA LEU Z 236 5.73 86.50 47.52
C LEU Z 236 7.10 85.94 47.85
N ASP Z 237 7.57 84.94 47.10
CA ASP Z 237 8.88 84.40 47.42
C ASP Z 237 10.01 85.30 46.96
N THR Z 238 9.76 86.22 46.03
CA THR Z 238 10.77 87.20 45.65
C THR Z 238 10.79 88.37 46.62
N TYR Z 239 9.66 89.00 46.84
CA TYR Z 239 9.62 90.22 47.63
C TYR Z 239 9.56 89.96 49.12
N TYR Z 240 9.22 88.74 49.54
CA TYR Z 240 9.36 88.32 50.93
C TYR Z 240 9.82 86.87 51.01
N PRO Z 241 11.09 86.59 50.75
CA PRO Z 241 11.62 85.27 51.08
C PRO Z 241 11.82 85.18 52.58
N GLN Z 242 12.00 83.95 53.05
CA GLN Z 242 12.01 83.60 54.48
C GLN Z 242 10.74 84.09 55.19
N LEU Z 243 9.62 84.05 54.51
CA LEU Z 243 8.33 84.36 55.10
C LEU Z 243 7.63 83.05 55.41
N ALA Z 244 7.18 82.90 56.64
CA ALA Z 244 6.49 81.70 57.07
C ALA Z 244 4.99 81.98 57.09
N TYR Z 245 4.29 81.41 56.13
CA TYR Z 245 2.86 81.60 55.99
C TYR Z 245 2.28 80.28 55.55
N TYR Z 246 0.97 80.13 55.73
CA TYR Z 246 0.33 78.86 55.41
C TYR Z 246 -0.40 78.92 54.07
N ARG Z 247 -1.39 79.81 53.95
CA ARG Z 247 -2.39 79.73 52.90
C ARG Z 247 -3.24 80.98 52.98
N ILE Z 248 -3.65 81.51 51.83
CA ILE Z 248 -4.61 82.59 51.78
C ILE Z 248 -5.98 81.97 51.53
N HIS Z 249 -7.04 82.62 52.01
CA HIS Z 249 -8.36 82.02 52.02
C HIS Z 249 -9.40 82.95 51.43
N PHE Z 250 -10.17 82.43 50.48
CA PHE Z 250 -11.10 83.20 49.67
C PHE Z 250 -12.54 82.77 49.92
N ASP Z 251 -12.91 82.53 51.17
CA ASP Z 251 -14.28 82.17 51.48
C ASP Z 251 -15.20 83.38 51.32
N GLU Z 252 -14.80 84.51 51.89
CA GLU Z 252 -15.39 85.81 51.57
C GLU Z 252 -14.37 86.53 50.70
N PRO Z 253 -14.51 86.49 49.37
CA PRO Z 253 -13.44 87.00 48.49
C PRO Z 253 -13.31 88.51 48.48
N ARG Z 254 -14.23 89.24 49.12
CA ARG Z 254 -14.03 90.67 49.30
C ARG Z 254 -12.88 90.96 50.22
N LYS Z 255 -12.65 90.12 51.23
CA LYS Z 255 -11.45 90.29 52.04
C LYS Z 255 -10.88 88.95 52.46
N PRO Z 256 -9.65 88.63 52.04
CA PRO Z 256 -9.06 87.34 52.35
C PRO Z 256 -8.39 87.30 53.70
N VAL Z 257 -8.34 86.10 54.26
CA VAL Z 257 -7.68 85.85 55.54
C VAL Z 257 -6.39 85.09 55.23
N PHE Z 258 -5.27 85.74 55.45
CA PHE Z 258 -3.96 85.23 55.06
C PHE Z 258 -3.20 84.85 56.32
N TRP Z 259 -3.15 83.55 56.59
CA TRP Z 259 -2.54 83.04 57.82
C TRP Z 259 -1.03 83.18 57.76
N LEU Z 260 -0.42 83.41 58.91
CA LEU Z 260 1.03 83.40 59.05
C LEU Z 260 1.42 82.58 60.26
N SER Z 261 2.68 82.20 60.30
CA SER Z 261 3.25 81.57 61.48
C SER Z 261 3.48 82.64 62.54
N ARG Z 262 2.88 82.46 63.71
CA ARG Z 262 3.20 83.34 64.83
C ARG Z 262 4.63 83.13 65.30
N GLN Z 263 5.12 81.90 65.21
CA GLN Z 263 6.41 81.57 65.78
C GLN Z 263 7.56 81.98 64.87
N ARG Z 264 7.46 81.68 63.58
CA ARG Z 264 8.59 81.82 62.68
C ARG Z 264 8.59 83.14 61.93
N ASN Z 265 7.86 84.15 62.40
CA ASN Z 265 7.84 85.46 61.76
C ASN Z 265 8.37 86.49 62.73
N THR Z 266 9.47 87.14 62.35
CA THR Z 266 10.09 88.20 63.11
C THR Z 266 9.64 89.58 62.63
N MET Z 267 8.64 89.62 61.76
CA MET Z 267 8.12 90.90 61.29
C MET Z 267 7.39 91.62 62.40
N SER Z 268 7.62 92.92 62.50
CA SER Z 268 6.95 93.73 63.50
C SER Z 268 5.59 94.16 62.95
N LYS Z 269 4.77 94.80 63.80
CA LYS Z 269 3.42 95.15 63.40
C LYS Z 269 3.38 96.35 62.47
N LYS Z 270 4.51 97.05 62.33
CA LYS Z 270 4.60 98.15 61.37
C LYS Z 270 4.53 97.64 59.94
N GLU Z 271 5.51 96.84 59.52
CA GLU Z 271 5.57 96.36 58.15
C GLU Z 271 4.58 95.22 57.89
N LEU Z 272 3.98 94.64 58.93
CA LEU Z 272 2.91 93.68 58.69
C LEU Z 272 1.67 94.38 58.14
N GLU Z 273 1.46 95.64 58.52
CA GLU Z 273 0.41 96.43 57.90
C GLU Z 273 0.82 96.89 56.50
N VAL Z 274 2.13 97.03 56.26
CA VAL Z 274 2.61 97.21 54.90
C VAL Z 274 2.36 95.95 54.09
N LEU Z 275 2.51 94.78 54.72
CA LEU Z 275 2.24 93.52 54.04
C LEU Z 275 0.76 93.32 53.76
N SER Z 276 -0.12 93.94 54.54
CA SER Z 276 -1.54 93.97 54.21
C SER Z 276 -1.84 94.98 53.10
N GLN Z 277 -0.87 95.79 52.69
CA GLN Z 277 -1.05 96.70 51.57
C GLN Z 277 -0.27 96.28 50.33
N LYS Z 278 0.80 95.49 50.48
CA LYS Z 278 1.46 94.93 49.30
C LYS Z 278 0.59 93.89 48.62
N LEU Z 279 -0.18 93.13 49.40
CA LEU Z 279 -1.03 92.10 48.82
C LEU Z 279 -2.24 92.69 48.12
N ARG Z 280 -2.70 93.86 48.55
CA ARG Z 280 -3.82 94.51 47.88
C ARG Z 280 -3.47 95.00 46.49
N ALA Z 281 -2.18 95.24 46.22
CA ALA Z 281 -1.77 95.54 44.87
C ALA Z 281 -1.85 94.34 43.94
N LEU Z 282 -1.88 93.12 44.51
CA LEU Z 282 -2.04 91.92 43.72
C LEU Z 282 -3.49 91.46 43.60
N MET Z 283 -4.32 91.83 44.57
CA MET Z 283 -5.73 91.43 44.60
C MET Z 283 -6.55 92.71 44.58
N PRO Z 284 -6.87 93.24 43.39
CA PRO Z 284 -7.64 94.49 43.32
C PRO Z 284 -9.07 94.31 43.78
N TYR Z 285 -9.62 93.10 43.61
CA TYR Z 285 -10.95 92.78 44.10
C TYR Z 285 -11.01 92.77 45.63
N ALA Z 286 -9.88 92.62 46.30
CA ALA Z 286 -9.87 92.51 47.75
C ALA Z 286 -10.09 93.87 48.39
N ASP Z 287 -10.77 93.87 49.54
CA ASP Z 287 -10.93 95.10 50.29
C ASP Z 287 -9.69 95.38 51.13
N SER Z 288 -9.41 94.50 52.08
CA SER Z 288 -8.24 94.62 52.94
C SER Z 288 -7.92 93.25 53.51
N VAL Z 289 -6.64 92.85 53.45
CA VAL Z 289 -6.25 91.51 53.85
C VAL Z 289 -6.28 91.40 55.37
N ASN Z 290 -6.94 90.36 55.86
CA ASN Z 290 -7.05 90.10 57.30
C ASN Z 290 -5.92 89.15 57.68
N ILE Z 291 -4.77 89.71 58.00
CA ILE Z 291 -3.61 88.93 58.40
C ILE Z 291 -3.79 88.49 59.84
N THR Z 292 -3.81 87.18 60.06
CA THR Z 292 -3.80 86.64 61.41
C THR Z 292 -2.63 85.67 61.55
N LEU Z 293 -2.46 85.17 62.77
CA LEU Z 293 -1.32 84.35 63.14
C LEU Z 293 -1.83 83.03 63.68
N MET Z 294 -1.16 81.94 63.30
CA MET Z 294 -1.49 80.62 63.81
C MET Z 294 -0.22 79.99 64.37
N ASP Z 295 -0.33 79.34 65.52
CA ASP Z 295 0.83 78.69 66.11
C ASP Z 295 1.18 77.42 65.35
N ASP Z 296 2.49 77.20 65.17
CA ASP Z 296 2.94 76.05 64.41
C ASP Z 296 2.71 74.74 65.14
N VAL Z 297 2.59 74.77 66.47
CA VAL Z 297 2.30 73.55 67.20
C VAL Z 297 0.84 73.15 67.04
N THR Z 298 -0.04 74.12 66.75
CA THR Z 298 -1.43 73.79 66.48
C THR Z 298 -1.59 73.22 65.08
N ALA Z 299 -0.76 73.65 64.13
CA ALA Z 299 -0.83 73.13 62.78
C ALA Z 299 -0.38 71.68 62.73
N ALA Z 300 0.78 71.40 63.32
CA ALA Z 300 1.27 70.02 63.36
C ALA Z 300 0.48 69.18 64.35
N GLY Z 301 -0.23 69.81 65.29
CA GLY Z 301 -1.02 69.06 66.24
C GLY Z 301 -2.21 68.39 65.58
N GLN Z 302 -3.06 69.19 64.93
CA GLN Z 302 -4.26 68.66 64.28
C GLN Z 302 -3.93 67.73 63.13
N ALA Z 303 -2.79 67.92 62.49
CA ALA Z 303 -2.35 66.96 61.49
C ALA Z 303 -1.97 65.65 62.14
N GLU Z 304 -1.33 65.70 63.30
CA GLU Z 304 -1.03 64.46 64.01
C GLU Z 304 -2.25 63.91 64.72
N ALA Z 305 -3.05 64.79 65.34
CA ALA Z 305 -4.23 64.34 66.07
C ALA Z 305 -5.36 63.89 65.15
N GLY Z 306 -5.21 64.02 63.84
CA GLY Z 306 -6.15 63.43 62.93
C GLY Z 306 -5.60 62.15 62.34
N LEU Z 307 -4.30 62.13 62.09
CA LEU Z 307 -3.70 61.01 61.37
C LEU Z 307 -3.58 59.78 62.26
N LYS Z 308 -3.51 59.97 63.56
CA LYS Z 308 -3.67 58.84 64.47
C LYS Z 308 -5.12 58.63 64.86
N GLN Z 309 -5.99 59.59 64.58
CA GLN Z 309 -7.42 59.40 64.78
C GLN Z 309 -8.03 58.61 63.64
N GLN Z 310 -7.36 58.57 62.49
CA GLN Z 310 -7.73 57.68 61.40
C GLN Z 310 -7.09 56.30 61.54
N ALA Z 311 -6.31 56.09 62.61
CA ALA Z 311 -5.57 54.86 62.88
C ALA Z 311 -4.64 54.51 61.72
N LEU Z 312 -3.64 55.37 61.51
CA LEU Z 312 -2.70 55.20 60.44
C LEU Z 312 -1.28 55.11 61.00
N PRO Z 313 -0.46 54.18 60.51
CA PRO Z 313 0.94 54.14 60.95
C PRO Z 313 1.73 55.28 60.35
N TYR Z 314 2.59 55.89 61.16
CA TYR Z 314 3.35 57.04 60.68
C TYR Z 314 4.61 57.16 61.52
N SER Z 315 5.36 58.23 61.24
CA SER Z 315 6.46 58.63 62.11
C SER Z 315 6.68 60.13 61.91
N ARG Z 316 6.35 60.90 62.94
CA ARG Z 316 6.57 62.34 62.89
C ARG Z 316 8.05 62.64 62.98
N ARG Z 317 8.62 63.15 61.89
CA ARG Z 317 9.97 63.68 61.92
C ARG Z 317 9.89 65.20 61.84
N ASN Z 318 10.54 65.87 62.76
CA ASN Z 318 10.50 67.32 62.79
C ASN Z 318 11.70 67.89 62.07
N HIS Z 319 11.59 69.15 61.67
CA HIS Z 319 12.71 69.87 61.10
C HIS Z 319 12.66 71.31 61.59
N LYS Z 320 13.69 72.06 61.26
CA LYS Z 320 13.75 73.48 61.55
C LYS Z 320 12.94 74.20 60.49
N GLY Z 321 11.64 74.37 60.75
CA GLY Z 321 10.78 75.04 59.80
C GLY Z 321 9.89 74.10 59.01
N GLY Z 322 9.31 73.12 59.69
CA GLY Z 322 8.37 72.21 59.07
C GLY Z 322 8.47 70.83 59.68
N VAL Z 323 7.38 70.07 59.57
CA VAL Z 323 7.34 68.69 60.01
C VAL Z 323 7.02 67.82 58.79
N THR Z 324 7.09 66.51 59.00
CA THR Z 324 6.88 65.58 57.90
C THR Z 324 6.31 64.28 58.45
N PHE Z 325 5.17 63.85 57.92
CA PHE Z 325 4.51 62.63 58.36
C PHE Z 325 4.65 61.60 57.26
N VAL Z 326 5.72 60.83 57.30
CA VAL Z 326 5.83 59.74 56.34
C VAL Z 326 4.98 58.57 56.81
N ILE Z 327 4.21 58.01 55.88
CA ILE Z 327 3.26 56.95 56.15
C ILE Z 327 3.67 55.77 55.27
N GLN Z 328 4.05 54.67 55.90
CA GLN Z 328 4.48 53.54 55.09
C GLN Z 328 3.90 52.23 55.57
N GLY Z 329 4.26 51.14 54.90
CA GLY Z 329 3.64 49.85 55.10
C GLY Z 329 2.75 49.48 53.94
N ALA Z 330 2.28 48.23 53.96
CA ALA Z 330 1.36 47.75 52.94
C ALA Z 330 -0.05 48.13 53.37
N LEU Z 331 -0.38 49.40 53.13
CA LEU Z 331 -1.69 49.91 53.49
C LEU Z 331 -2.72 49.38 52.49
N ASP Z 332 -3.77 48.76 53.00
CA ASP Z 332 -4.84 48.30 52.14
C ASP Z 332 -5.86 49.41 51.94
N ASP Z 333 -7.01 49.07 51.37
CA ASP Z 333 -7.86 50.07 50.73
C ASP Z 333 -8.63 50.91 51.73
N VAL Z 334 -8.95 50.36 52.89
CA VAL Z 334 -9.76 51.08 53.85
C VAL Z 334 -8.99 52.22 54.46
N GLU Z 335 -7.69 52.04 54.65
CA GLU Z 335 -6.85 53.06 55.23
C GLU Z 335 -6.17 53.93 54.18
N ILE Z 336 -6.10 53.49 52.93
CA ILE Z 336 -5.54 54.34 51.88
C ILE Z 336 -6.55 55.40 51.47
N LEU Z 337 -7.82 55.21 51.80
CA LEU Z 337 -8.88 56.15 51.46
C LEU Z 337 -9.28 57.00 52.65
N ARG Z 338 -9.04 56.52 53.87
CA ARG Z 338 -9.12 57.43 55.00
C ARG Z 338 -7.95 58.39 55.01
N ALA Z 339 -6.84 58.02 54.37
CA ALA Z 339 -5.69 58.91 54.31
C ALA Z 339 -5.96 60.10 53.40
N ARG Z 340 -6.50 59.84 52.21
CA ARG Z 340 -6.61 60.90 51.21
C ARG Z 340 -7.70 61.90 51.54
N GLN Z 341 -8.79 61.45 52.15
CA GLN Z 341 -9.77 62.43 52.59
C GLN Z 341 -9.43 63.06 53.92
N PHE Z 342 -8.29 62.73 54.51
CA PHE Z 342 -7.72 63.58 55.55
C PHE Z 342 -6.70 64.55 55.01
N VAL Z 343 -5.85 64.10 54.08
CA VAL Z 343 -4.82 64.95 53.50
C VAL Z 343 -5.45 66.07 52.70
N ASP Z 344 -6.38 65.73 51.81
CA ASP Z 344 -7.07 66.73 51.02
C ASP Z 344 -8.01 67.58 51.86
N SER Z 345 -8.41 67.11 53.03
CA SER Z 345 -9.11 67.96 53.98
C SER Z 345 -8.16 68.74 54.86
N TYR Z 346 -6.86 68.47 54.78
CA TYR Z 346 -5.90 69.26 55.52
C TYR Z 346 -5.31 70.36 54.66
N TYR Z 347 -4.92 70.02 53.42
CA TYR Z 347 -4.36 71.00 52.51
C TYR Z 347 -5.39 72.01 52.05
N ARG Z 348 -6.67 71.66 52.11
CA ARG Z 348 -7.72 72.65 51.91
C ARG Z 348 -7.76 73.62 53.07
N THR Z 349 -7.38 73.18 54.27
CA THR Z 349 -7.47 74.02 55.44
C THR Z 349 -6.19 74.80 55.69
N TRP Z 350 -5.05 74.11 55.73
CA TRP Z 350 -3.80 74.71 56.15
C TRP Z 350 -2.82 74.98 55.03
N GLY Z 351 -3.07 74.47 53.84
CA GLY Z 351 -2.06 74.53 52.80
C GLY Z 351 -0.98 73.49 53.04
N GLY Z 352 0.01 73.49 52.16
CA GLY Z 352 1.03 72.48 52.25
C GLY Z 352 2.43 73.02 52.43
N ARG Z 353 2.57 74.11 53.17
CA ARG Z 353 3.87 74.75 53.33
C ARG Z 353 4.52 74.49 54.68
N TYR Z 354 3.85 73.77 55.58
CA TYR Z 354 4.47 73.49 56.86
C TYR Z 354 4.48 72.01 57.16
N VAL Z 355 3.47 71.29 56.69
CA VAL Z 355 3.32 69.86 56.93
C VAL Z 355 3.29 69.15 55.59
N GLN Z 356 4.16 68.17 55.41
CA GLN Z 356 4.17 67.36 54.19
C GLN Z 356 3.81 65.92 54.58
N PHE Z 357 2.80 65.38 53.91
CA PHE Z 357 2.40 64.00 54.13
C PHE Z 357 3.06 63.14 53.06
N ALA Z 358 3.79 62.13 53.48
CA ALA Z 358 4.46 61.22 52.57
C ALA Z 358 3.78 59.86 52.68
N ILE Z 359 2.75 59.67 51.86
CA ILE Z 359 2.15 58.34 51.79
C ILE Z 359 2.98 57.52 50.81
N GLU Z 360 4.06 56.95 51.33
CA GLU Z 360 5.02 56.16 50.56
C GLU Z 360 4.64 54.72 50.84
N LEU Z 361 4.20 54.02 49.80
CA LEU Z 361 3.52 52.75 49.94
C LEU Z 361 4.36 51.62 49.34
N LYS Z 362 4.96 50.82 50.20
CA LYS Z 362 5.81 49.71 49.79
C LYS Z 362 5.40 48.44 50.51
N ASP Z 363 6.14 47.38 50.25
CA ASP Z 363 5.92 46.08 50.85
C ASP Z 363 6.51 46.03 52.26
N ASP Z 364 6.61 44.83 52.82
CA ASP Z 364 7.24 44.63 54.11
C ASP Z 364 8.68 44.18 53.92
N ASP AA 20 -22.18 75.33 13.94
CA ASP AA 20 -21.93 76.00 12.67
C ASP AA 20 -20.73 75.35 11.99
N LYS AA 21 -19.60 75.29 12.69
CA LYS AA 21 -18.39 74.69 12.14
C LYS AA 21 -18.34 73.21 12.45
N ASP AA 22 -18.01 72.41 11.45
CA ASP AA 22 -17.98 70.96 11.59
C ASP AA 22 -16.78 70.54 12.42
N LEU AA 23 -17.00 69.58 13.32
CA LEU AA 23 -15.95 69.18 14.25
C LEU AA 23 -15.73 67.68 14.27
N LEU AA 24 -16.77 66.88 14.17
CA LEU AA 24 -16.62 65.43 14.07
C LEU AA 24 -17.72 64.91 13.17
N LYS AA 25 -17.39 63.92 12.35
CA LYS AA 25 -18.34 63.31 11.43
C LYS AA 25 -18.23 61.80 11.54
N GLY AA 26 -19.31 61.13 11.15
CA GLY AA 26 -19.28 59.69 11.05
C GLY AA 26 -19.23 58.94 12.36
N LEU AA 27 -19.56 59.59 13.47
CA LEU AA 27 -19.56 58.92 14.75
C LEU AA 27 -20.74 57.98 14.84
N ASP AA 28 -20.58 56.88 15.56
CA ASP AA 28 -21.74 56.09 15.92
C ASP AA 28 -22.34 56.68 17.20
N GLN AA 29 -23.27 55.95 17.81
CA GLN AA 29 -24.19 56.54 18.77
C GLN AA 29 -23.53 56.83 20.11
N GLU AA 30 -23.00 55.80 20.74
CA GLU AA 30 -22.40 55.94 22.06
C GLU AA 30 -21.10 56.71 22.06
N GLN AA 31 -20.44 56.86 20.91
CA GLN AA 31 -19.34 57.81 20.84
C GLN AA 31 -19.81 59.25 20.75
N ALA AA 32 -20.94 59.50 20.07
CA ALA AA 32 -21.42 60.86 19.91
C ALA AA 32 -22.03 61.40 21.19
N ASN AA 33 -22.65 60.53 21.98
CA ASN AA 33 -23.24 60.98 23.23
C ASN AA 33 -22.20 61.25 24.29
N GLU AA 34 -21.00 60.69 24.13
CA GLU AA 34 -19.95 60.92 25.11
C GLU AA 34 -19.24 62.23 24.86
N VAL AA 35 -19.08 62.61 23.58
CA VAL AA 35 -18.36 63.83 23.23
C VAL AA 35 -19.12 65.06 23.70
N ILE AA 36 -20.44 65.09 23.48
CA ILE AA 36 -21.27 66.20 23.92
C ILE AA 36 -21.29 66.29 25.43
N ALA AA 37 -21.17 65.15 26.12
CA ALA AA 37 -21.08 65.15 27.57
C ALA AA 37 -19.80 65.79 28.04
N VAL AA 38 -18.72 65.63 27.27
CA VAL AA 38 -17.47 66.27 27.62
C VAL AA 38 -17.54 67.76 27.30
N LEU AA 39 -18.14 68.10 26.16
CA LEU AA 39 -18.13 69.48 25.70
C LEU AA 39 -19.02 70.37 26.55
N GLN AA 40 -20.24 69.92 26.85
CA GLN AA 40 -21.12 70.71 27.71
C GLN AA 40 -20.65 70.75 29.15
N MET AA 41 -19.73 69.87 29.53
CA MET AA 41 -19.05 70.08 30.81
C MET AA 41 -18.19 71.33 30.77
N HIS AA 42 -17.56 71.59 29.64
CA HIS AA 42 -16.66 72.72 29.50
C HIS AA 42 -17.32 73.88 28.78
N ASN AA 43 -18.63 74.03 28.98
CA ASN AA 43 -19.38 75.25 28.71
C ASN AA 43 -19.42 75.61 27.23
N ILE AA 44 -19.42 74.64 26.33
CA ILE AA 44 -19.69 74.95 24.93
C ILE AA 44 -20.78 74.01 24.45
N GLU AA 45 -21.78 74.53 23.77
CA GLU AA 45 -22.88 73.68 23.34
C GLU AA 45 -22.53 73.01 22.03
N ALA AA 46 -23.09 71.82 21.83
CA ALA AA 46 -22.92 71.08 20.59
C ALA AA 46 -24.28 70.74 20.03
N ASN AA 47 -24.28 70.16 18.83
CA ASN AA 47 -25.51 69.81 18.14
C ASN AA 47 -25.32 68.45 17.50
N LYS AA 48 -25.91 67.41 18.08
CA LYS AA 48 -25.77 66.08 17.49
C LYS AA 48 -26.62 65.99 16.23
N ILE AA 49 -26.00 66.26 15.10
CA ILE AA 49 -26.68 66.22 13.81
C ILE AA 49 -26.52 64.81 13.24
N ASP AA 50 -27.62 64.06 13.16
CA ASP AA 50 -27.56 62.78 12.49
C ASP AA 50 -27.44 62.99 10.99
N SER AA 51 -26.62 62.17 10.34
CA SER AA 51 -26.47 62.18 8.90
C SER AA 51 -26.91 60.85 8.29
N GLY AA 52 -27.92 60.24 8.86
CA GLY AA 52 -28.43 58.99 8.33
C GLY AA 52 -27.57 57.77 8.63
N LYS AA 53 -27.25 57.02 7.58
CA LYS AA 53 -26.40 55.83 7.67
C LYS AA 53 -24.92 56.18 7.69
N LEU AA 54 -24.57 57.44 7.45
CA LEU AA 54 -23.20 57.91 7.54
C LEU AA 54 -22.84 58.36 8.96
N GLY AA 55 -23.57 57.90 9.97
CA GLY AA 55 -23.25 58.24 11.34
C GLY AA 55 -23.66 59.64 11.72
N TYR AA 56 -23.50 59.94 13.00
CA TYR AA 56 -23.85 61.25 13.54
C TYR AA 56 -22.79 62.28 13.17
N SER AA 57 -23.02 63.52 13.59
CA SER AA 57 -22.08 64.60 13.36
C SER AA 57 -22.27 65.63 14.45
N ILE AA 58 -21.18 66.24 14.89
CA ILE AA 58 -21.19 67.21 15.97
C ILE AA 58 -20.65 68.51 15.44
N THR AA 59 -21.44 69.57 15.54
CA THR AA 59 -21.04 70.88 15.08
C THR AA 59 -21.11 71.86 16.23
N VAL AA 60 -20.08 72.67 16.38
CA VAL AA 60 -20.06 73.72 17.40
C VAL AA 60 -20.09 75.07 16.71
N ALA AA 61 -20.32 76.11 17.50
CA ALA AA 61 -20.34 77.45 16.95
C ALA AA 61 -18.93 77.94 16.67
N GLU AA 62 -18.83 78.98 15.87
CA GLU AA 62 -17.54 79.49 15.41
C GLU AA 62 -16.65 80.07 16.52
N PRO AA 63 -17.12 80.83 17.51
CA PRO AA 63 -16.17 81.26 18.56
C PRO AA 63 -15.73 80.14 19.48
N ASP AA 64 -16.44 79.03 19.53
CA ASP AA 64 -16.03 77.91 20.36
C ASP AA 64 -15.42 76.76 19.58
N PHE AA 65 -15.21 76.89 18.27
CA PHE AA 65 -14.49 75.82 17.58
C PHE AA 65 -13.05 75.77 18.03
N THR AA 66 -12.50 76.90 18.48
CA THR AA 66 -11.15 76.90 19.01
C THR AA 66 -11.06 76.12 20.31
N ALA AA 67 -11.95 76.41 21.24
CA ALA AA 67 -11.89 75.76 22.54
C ALA AA 67 -12.31 74.31 22.48
N ALA AA 68 -13.23 73.96 21.58
CA ALA AA 68 -13.73 72.60 21.55
C ALA AA 68 -12.72 71.64 20.97
N VAL AA 69 -11.90 72.10 20.01
CA VAL AA 69 -10.91 71.20 19.44
C VAL AA 69 -9.73 71.02 20.39
N TYR AA 70 -9.62 71.85 21.42
CA TYR AA 70 -8.70 71.54 22.50
C TYR AA 70 -9.20 70.37 23.33
N TRP AA 71 -10.49 70.38 23.68
CA TRP AA 71 -10.98 69.29 24.52
C TRP AA 71 -11.21 68.01 23.76
N ILE AA 72 -11.18 68.04 22.43
CA ILE AA 72 -11.09 66.78 21.69
C ILE AA 72 -9.70 66.19 21.89
N LYS AA 73 -8.69 67.04 22.01
CA LYS AA 73 -7.34 66.53 22.09
C LYS AA 73 -7.04 65.94 23.47
N THR AA 74 -7.39 66.65 24.54
CA THR AA 74 -7.00 66.21 25.88
C THR AA 74 -7.75 64.96 26.30
N TYR AA 75 -9.03 64.87 26.00
CA TYR AA 75 -9.80 63.69 26.35
C TYR AA 75 -9.67 62.58 25.33
N GLN AA 76 -8.97 62.85 24.22
CA GLN AA 76 -8.77 61.91 23.11
C GLN AA 76 -10.10 61.41 22.55
N LEU AA 77 -11.05 62.33 22.46
CA LEU AA 77 -12.34 62.01 21.85
C LEU AA 77 -12.16 61.86 20.34
N PRO AA 78 -12.99 61.04 19.68
CA PRO AA 78 -14.06 60.16 20.14
C PRO AA 78 -13.50 58.94 20.85
N PRO AA 79 -14.24 58.42 21.82
CA PRO AA 79 -13.71 57.29 22.60
C PRO AA 79 -13.59 56.05 21.75
N ARG AA 80 -12.49 55.33 21.98
CA ARG AA 80 -12.31 54.03 21.38
C ARG AA 80 -13.37 53.07 21.92
N PRO AA 81 -13.76 52.05 21.16
CA PRO AA 81 -14.76 51.10 21.67
C PRO AA 81 -14.20 50.32 22.85
N ARG AA 82 -15.02 50.22 23.90
CA ARG AA 82 -14.56 49.66 25.16
C ARG AA 82 -14.28 48.18 25.02
N VAL AA 83 -13.01 47.82 25.20
CA VAL AA 83 -12.50 46.50 24.82
C VAL AA 83 -12.45 45.61 26.05
N GLU AA 84 -12.98 44.41 25.91
CA GLU AA 84 -12.71 43.34 26.85
C GLU AA 84 -11.87 42.28 26.14
N ILE AA 85 -11.36 41.35 26.93
CA ILE AA 85 -10.29 40.48 26.47
C ILE AA 85 -10.83 39.47 25.47
N ALA AA 86 -12.10 39.11 25.58
CA ALA AA 86 -12.65 38.05 24.77
C ALA AA 86 -13.00 38.49 23.36
N GLN AA 87 -12.84 39.78 23.03
CA GLN AA 87 -13.06 40.19 21.65
C GLN AA 87 -11.94 39.75 20.73
N MET AA 88 -10.80 39.34 21.28
CA MET AA 88 -9.66 38.94 20.47
C MET AA 88 -9.45 37.44 20.50
N PHE AA 89 -10.47 36.69 20.89
CA PHE AA 89 -10.48 35.23 20.78
C PHE AA 89 -11.87 34.83 20.35
N PRO AA 90 -12.22 35.01 19.07
CA PRO AA 90 -13.63 34.88 18.69
C PRO AA 90 -14.08 33.43 18.55
N ALA AA 91 -13.18 32.53 18.16
CA ALA AA 91 -13.44 31.10 17.95
C ALA AA 91 -14.58 30.86 16.98
N ASP AA 92 -14.40 31.30 15.74
CA ASP AA 92 -15.43 31.06 14.73
C ASP AA 92 -15.43 29.62 14.24
N SER AA 93 -14.30 29.15 13.71
CA SER AA 93 -14.17 27.77 13.27
C SER AA 93 -12.77 27.23 13.52
N LEU AA 94 -11.96 27.97 14.26
CA LEU AA 94 -10.60 27.55 14.55
C LEU AA 94 -10.62 26.60 15.75
N VAL AA 95 -9.58 25.76 15.85
CA VAL AA 95 -9.55 24.68 16.81
C VAL AA 95 -9.45 25.20 18.26
N SER AA 96 -8.94 26.42 18.45
CA SER AA 96 -9.03 27.18 19.70
C SER AA 96 -8.35 26.46 20.86
N SER AA 97 -7.01 26.48 20.80
CA SER AA 97 -6.04 26.02 21.78
C SER AA 97 -6.41 26.39 23.21
N PRO AA 98 -6.06 25.56 24.20
CA PRO AA 98 -6.59 25.73 25.57
C PRO AA 98 -6.23 27.03 26.27
N ARG AA 99 -5.29 27.80 25.74
CA ARG AA 99 -5.11 29.17 26.17
C ARG AA 99 -6.29 30.05 25.77
N ALA AA 100 -6.91 29.76 24.63
CA ALA AA 100 -7.99 30.62 24.16
C ALA AA 100 -9.26 30.41 24.96
N GLU AA 101 -9.45 29.21 25.52
CA GLU AA 101 -10.61 29.00 26.37
C GLU AA 101 -10.53 29.77 27.67
N LYS AA 102 -9.38 29.76 28.36
CA LYS AA 102 -9.30 30.52 29.61
C LYS AA 102 -9.22 32.01 29.34
N ALA AA 103 -8.86 32.41 28.13
CA ALA AA 103 -8.87 33.84 27.82
C ALA AA 103 -10.30 34.37 27.78
N ARG AA 104 -11.19 33.71 27.05
CA ARG AA 104 -12.56 34.21 27.01
C ARG AA 104 -13.37 33.72 28.19
N LEU AA 105 -12.86 32.76 28.97
CA LEU AA 105 -13.55 32.38 30.20
C LEU AA 105 -13.46 33.49 31.22
N TYR AA 106 -12.24 33.86 31.59
CA TYR AA 106 -12.04 34.91 32.60
C TYR AA 106 -12.52 36.26 32.11
N SER AA 107 -12.49 36.50 30.80
CA SER AA 107 -12.95 37.77 30.28
C SER AA 107 -14.45 37.93 30.44
N ALA AA 108 -15.20 36.84 30.27
CA ALA AA 108 -16.62 36.90 30.55
C ALA AA 108 -16.90 37.02 32.03
N ILE AA 109 -15.98 36.56 32.88
CA ILE AA 109 -16.16 36.76 34.30
C ILE AA 109 -15.82 38.20 34.67
N GLU AA 110 -14.88 38.83 33.97
CA GLU AA 110 -14.61 40.25 34.18
C GLU AA 110 -15.82 41.10 33.85
N GLN AA 111 -16.53 40.74 32.78
CA GLN AA 111 -17.71 41.51 32.41
C GLN AA 111 -18.84 41.28 33.39
N ARG AA 112 -19.01 40.04 33.84
CA ARG AA 112 -20.20 39.70 34.62
C ARG AA 112 -20.11 40.22 36.04
N LEU AA 113 -18.91 40.25 36.61
CA LEU AA 113 -18.75 40.91 37.91
C LEU AA 113 -18.90 42.42 37.79
N GLU AA 114 -18.52 42.97 36.65
CA GLU AA 114 -18.76 44.39 36.39
C GLU AA 114 -20.25 44.69 36.29
N GLN AA 115 -21.02 43.81 35.66
CA GLN AA 115 -22.46 43.97 35.58
C GLN AA 115 -23.14 43.86 36.93
N SER AA 116 -22.51 43.20 37.89
CA SER AA 116 -23.14 42.93 39.18
C SER AA 116 -22.82 43.98 40.22
N LEU AA 117 -21.59 44.50 40.22
CA LEU AA 117 -21.28 45.62 41.09
C LEU AA 117 -22.09 46.84 40.73
N GLN AA 118 -22.42 47.00 39.45
CA GLN AA 118 -23.21 48.12 38.99
C GLN AA 118 -24.63 48.09 39.54
N THR AA 119 -25.12 46.92 39.96
CA THR AA 119 -26.41 46.79 40.59
C THR AA 119 -26.32 46.62 42.10
N MET AA 120 -25.32 47.22 42.74
CA MET AA 120 -25.33 47.33 44.19
C MET AA 120 -26.04 48.61 44.60
N GLU AA 121 -25.94 48.98 45.87
CA GLU AA 121 -26.62 50.16 46.36
C GLU AA 121 -25.73 51.37 46.12
N GLY AA 122 -26.05 52.15 45.09
CA GLY AA 122 -25.37 53.40 44.86
C GLY AA 122 -24.22 53.36 43.87
N VAL AA 123 -23.79 52.19 43.43
CA VAL AA 123 -22.72 52.15 42.46
C VAL AA 123 -23.28 52.56 41.10
N LEU AA 124 -22.74 53.65 40.55
CA LEU AA 124 -23.16 54.07 39.22
C LEU AA 124 -22.51 53.21 38.15
N SER AA 125 -21.20 53.06 38.23
CA SER AA 125 -20.45 52.32 37.23
C SER AA 125 -19.35 51.53 37.92
N ALA AA 126 -18.83 50.53 37.22
CA ALA AA 126 -17.81 49.68 37.81
C ALA AA 126 -16.93 49.10 36.73
N ARG AA 127 -15.69 48.79 37.12
CA ARG AA 127 -14.74 48.08 36.27
C ARG AA 127 -14.05 47.04 37.12
N VAL AA 128 -13.87 45.83 36.58
CA VAL AA 128 -13.25 44.73 37.30
C VAL AA 128 -12.19 44.10 36.40
N HIS AA 129 -10.98 43.94 36.92
CA HIS AA 129 -9.92 43.24 36.24
C HIS AA 129 -9.54 41.99 37.01
N ILE AA 130 -9.13 40.96 36.29
CA ILE AA 130 -8.71 39.70 36.90
C ILE AA 130 -7.27 39.46 36.48
N SER AA 131 -6.44 39.03 37.43
CA SER AA 131 -5.10 38.59 37.10
C SER AA 131 -5.16 37.33 36.28
N TYR AA 132 -4.50 37.32 35.13
CA TYR AA 132 -4.55 36.17 34.23
C TYR AA 132 -3.28 35.34 34.43
N ASP AA 133 -3.36 34.40 35.36
CA ASP AA 133 -2.39 33.31 35.42
C ASP AA 133 -2.87 32.28 34.41
N ILE AA 134 -2.20 32.22 33.27
CA ILE AA 134 -2.65 31.40 32.16
C ILE AA 134 -1.72 30.22 31.94
N ASP AA 135 -0.40 30.44 32.03
CA ASP AA 135 0.56 29.41 31.66
C ASP AA 135 0.92 28.50 32.84
N ALA AA 136 -0.02 28.27 33.76
CA ALA AA 136 0.25 27.42 34.91
C ALA AA 136 0.43 25.97 34.51
N GLY AA 137 -0.39 25.48 33.57
CA GLY AA 137 -0.26 24.11 33.10
C GLY AA 137 0.91 23.89 32.17
N GLU AA 138 1.32 24.93 31.42
CA GLU AA 138 2.42 24.79 30.48
C GLU AA 138 3.78 24.79 31.17
N ASN AA 139 3.89 25.48 32.30
CA ASN AA 139 5.13 25.43 33.08
C ASN AA 139 5.22 24.22 33.99
N GLY AA 140 4.12 23.48 34.18
CA GLY AA 140 4.14 22.38 35.11
C GLY AA 140 4.20 22.80 36.56
N ARG AA 141 3.42 23.81 36.93
CA ARG AA 141 3.46 24.42 38.24
C ARG AA 141 2.04 24.57 38.79
N PRO AA 142 1.91 24.65 40.11
CA PRO AA 142 0.61 25.05 40.67
C PRO AA 142 0.34 26.52 40.38
N PRO AA 143 -0.91 26.88 40.14
CA PRO AA 143 -1.20 28.24 39.69
C PRO AA 143 -1.07 29.26 40.82
N LYS AA 144 -0.97 30.51 40.41
CA LYS AA 144 -0.80 31.61 41.33
C LYS AA 144 -2.15 31.94 41.95
N PRO AA 145 -2.15 32.64 43.10
CA PRO AA 145 -3.42 33.15 43.63
C PRO AA 145 -4.01 34.18 42.70
N VAL AA 146 -5.32 34.24 42.66
CA VAL AA 146 -6.02 35.18 41.78
C VAL AA 146 -6.03 36.54 42.45
N HIS AA 147 -5.58 37.54 41.71
CA HIS AA 147 -5.63 38.93 42.14
C HIS AA 147 -6.68 39.64 41.31
N LEU AA 148 -7.32 40.65 41.90
CA LEU AA 148 -8.33 41.37 41.15
C LEU AA 148 -8.48 42.79 41.65
N SER AA 149 -8.85 43.67 40.73
CA SER AA 149 -8.97 45.09 41.00
C SER AA 149 -10.38 45.54 40.67
N ALA AA 150 -10.83 46.61 41.33
CA ALA AA 150 -12.17 47.09 41.10
C ALA AA 150 -12.24 48.60 41.21
N LEU AA 151 -13.00 49.21 40.32
CA LEU AA 151 -13.31 50.62 40.35
C LEU AA 151 -14.81 50.78 40.54
N ALA AA 152 -15.22 51.91 41.12
CA ALA AA 152 -16.62 52.08 41.49
C ALA AA 152 -16.92 53.55 41.66
N VAL AA 153 -18.01 54.01 41.07
CA VAL AA 153 -18.39 55.41 41.11
C VAL AA 153 -19.68 55.52 41.91
N TYR AA 154 -19.59 56.08 43.11
CA TYR AA 154 -20.74 56.22 43.98
C TYR AA 154 -21.43 57.56 43.80
N GLU AA 155 -22.53 57.74 44.52
CA GLU AA 155 -23.21 59.02 44.51
C GLU AA 155 -22.42 60.05 45.31
N ARG AA 156 -22.89 61.28 45.24
CA ARG AA 156 -22.55 62.25 46.26
C ARG AA 156 -23.16 61.82 47.60
N GLY AA 157 -22.54 62.28 48.68
CA GLY AA 157 -23.09 62.10 50.00
C GLY AA 157 -22.92 60.73 50.62
N SER AA 158 -22.49 59.73 49.86
CA SER AA 158 -22.29 58.42 50.45
C SER AA 158 -20.99 58.41 51.26
N PRO AA 159 -20.99 57.77 52.41
CA PRO AA 159 -19.74 57.64 53.18
C PRO AA 159 -18.82 56.57 52.63
N LEU AA 160 -17.97 56.94 51.66
CA LEU AA 160 -17.19 55.99 50.84
C LEU AA 160 -16.26 55.08 51.62
N ALA AA 161 -15.93 55.40 52.87
CA ALA AA 161 -15.03 54.57 53.64
C ALA AA 161 -15.70 53.31 54.20
N HIS AA 162 -16.97 53.09 53.92
CA HIS AA 162 -17.67 51.92 54.44
C HIS AA 162 -18.25 51.02 53.37
N GLN AA 163 -18.49 51.53 52.17
CA GLN AA 163 -18.85 50.65 51.07
C GLN AA 163 -17.64 49.95 50.48
N ILE AA 164 -16.44 50.27 50.96
CA ILE AA 164 -15.24 49.58 50.55
C ILE AA 164 -15.24 48.16 51.09
N SER AA 165 -15.93 47.91 52.20
CA SER AA 165 -15.94 46.58 52.79
C SER AA 165 -16.95 45.67 52.11
N ASP AA 166 -18.04 46.24 51.57
CA ASP AA 166 -19.05 45.42 50.91
C ASP AA 166 -18.53 44.82 49.62
N ILE AA 167 -17.87 45.63 48.80
CA ILE AA 167 -17.31 45.14 47.55
C ILE AA 167 -16.24 44.11 47.83
N LYS AA 168 -15.33 44.44 48.74
CA LYS AA 168 -14.19 43.59 49.08
C LYS AA 168 -14.63 42.29 49.73
N ARG AA 169 -15.81 42.26 50.37
CA ARG AA 169 -16.40 41.01 50.82
C ARG AA 169 -17.08 40.29 49.68
N PHE AA 170 -17.71 41.04 48.77
CA PHE AA 170 -18.50 40.45 47.69
C PHE AA 170 -17.63 39.62 46.75
N LEU AA 171 -16.62 40.22 46.16
CA LEU AA 171 -15.92 39.50 45.12
C LEU AA 171 -14.67 38.82 45.62
N LYS AA 172 -14.52 38.69 46.95
CA LYS AA 172 -13.64 37.65 47.47
C LYS AA 172 -14.13 36.28 47.04
N ASN AA 173 -15.33 35.92 47.47
CA ASN AA 173 -15.85 34.60 47.21
C ASN AA 173 -16.44 34.45 45.83
N SER AA 174 -16.15 35.35 44.91
CA SER AA 174 -16.47 35.13 43.52
C SER AA 174 -15.36 34.38 42.81
N PHE AA 175 -14.28 34.05 43.50
CA PHE AA 175 -13.20 33.26 42.94
C PHE AA 175 -12.68 32.27 43.97
N ALA AA 176 -11.80 31.39 43.49
CA ALA AA 176 -11.45 30.19 44.25
C ALA AA 176 -10.49 30.51 45.38
N ASP AA 177 -9.30 31.00 45.07
CA ASP AA 177 -8.27 31.23 46.08
C ASP AA 177 -7.81 32.67 46.06
N VAL AA 178 -8.56 33.56 46.69
CA VAL AA 178 -8.15 34.95 46.83
C VAL AA 178 -8.13 35.28 48.32
N ASP AA 179 -7.54 36.42 48.62
CA ASP AA 179 -7.50 36.89 50.00
C ASP AA 179 -8.08 38.28 50.06
N TYR AA 180 -7.95 38.94 51.20
CA TYR AA 180 -8.28 40.35 51.34
C TYR AA 180 -7.09 41.24 51.06
N ASP AA 181 -6.02 40.68 50.52
CA ASP AA 181 -4.86 41.43 50.10
C ASP AA 181 -4.68 41.41 48.60
N ASN AA 182 -5.32 40.47 47.91
CA ASN AA 182 -5.27 40.41 46.47
C ASN AA 182 -6.39 41.19 45.82
N ILE AA 183 -7.18 41.92 46.61
CA ILE AA 183 -8.31 42.68 46.11
C ILE AA 183 -7.99 44.14 46.31
N SER AA 184 -7.97 44.91 45.22
CA SER AA 184 -7.62 46.32 45.26
C SER AA 184 -8.78 47.13 44.72
N VAL AA 185 -9.54 47.75 45.59
CA VAL AA 185 -10.73 48.49 45.22
C VAL AA 185 -10.48 49.95 45.54
N VAL AA 186 -10.46 50.80 44.52
CA VAL AA 186 -10.26 52.23 44.68
C VAL AA 186 -11.52 52.90 44.15
N LEU AA 187 -12.45 53.19 45.04
CA LEU AA 187 -13.74 53.73 44.66
C LEU AA 187 -13.81 55.23 44.94
N SER AA 188 -14.44 55.96 44.02
CA SER AA 188 -14.42 57.40 44.01
C SER AA 188 -15.81 57.92 43.68
N GLU AA 189 -16.28 58.90 44.44
CA GLU AA 189 -17.61 59.43 44.21
C GLU AA 189 -17.66 60.22 42.92
N ARG AA 190 -18.86 60.38 42.37
CA ARG AA 190 -18.98 60.99 41.06
C ARG AA 190 -18.74 62.49 41.15
N SER AA 191 -18.62 63.11 39.98
CA SER AA 191 -18.34 64.53 39.89
C SER AA 191 -19.60 65.33 40.20
N ASP AA 192 -19.48 66.65 40.11
CA ASP AA 192 -20.63 67.51 40.25
C ASP AA 192 -21.55 67.32 39.06
N ALA AA 193 -22.85 67.46 39.31
CA ALA AA 193 -23.84 67.21 38.27
C ALA AA 193 -23.85 68.36 37.28
N GLN AA 194 -23.77 68.02 35.99
CA GLN AA 194 -23.91 69.00 34.92
C GLN AA 194 -25.37 69.01 34.51
N LEU AA 195 -26.12 69.94 35.10
CA LEU AA 195 -27.55 70.07 34.86
C LEU AA 195 -27.87 71.40 34.19
N GLN AA 196 -26.86 72.16 33.80
CA GLN AA 196 -26.98 73.59 33.59
C GLN AA 196 -26.66 73.90 32.14
N ALA AA 197 -27.47 74.72 31.51
CA ALA AA 197 -27.34 74.97 30.08
C ALA AA 197 -26.07 75.77 29.80
N PRO AA 198 -25.28 75.37 28.80
CA PRO AA 198 -24.04 76.08 28.50
C PRO AA 198 -24.25 77.50 28.00
N GLY AA 199 -25.03 77.65 26.94
CA GLY AA 199 -25.30 78.97 26.43
C GLY AA 199 -24.73 79.23 25.05
N THR AA 200 -25.56 79.75 24.16
CA THR AA 200 -25.10 80.21 22.87
C THR AA 200 -24.23 81.45 23.02
N PRO AA 201 -23.22 81.62 22.18
CA PRO AA 201 -22.38 82.83 22.24
C PRO AA 201 -23.15 84.08 21.86
N VAL AA 202 -22.59 85.22 22.23
CA VAL AA 202 -23.19 86.51 21.94
C VAL AA 202 -22.78 86.93 20.54
N LYS AA 203 -23.55 87.84 19.95
CA LYS AA 203 -23.32 88.29 18.59
C LYS AA 203 -22.69 89.68 18.56
N ALA BA 171 -44.30 80.94 39.12
CA ALA BA 171 -45.32 80.07 39.68
C ALA BA 171 -44.94 79.61 41.08
N GLU BA 172 -45.83 78.86 41.71
CA GLU BA 172 -45.55 78.34 43.04
C GLU BA 172 -44.57 77.18 42.97
N LEU BA 173 -43.49 77.28 43.74
CA LEU BA 173 -42.45 76.26 43.69
C LEU BA 173 -42.90 74.96 44.31
N ASP BA 174 -43.91 74.99 45.18
CA ASP BA 174 -44.52 73.77 45.69
C ASP BA 174 -45.21 72.96 44.60
N SER BA 175 -45.60 73.59 43.49
CA SER BA 175 -46.14 72.88 42.35
C SER BA 175 -45.17 72.78 41.19
N LEU BA 176 -44.14 73.62 41.13
CA LEU BA 176 -43.08 73.43 40.14
C LEU BA 176 -42.27 72.19 40.42
N LEU BA 177 -42.20 71.76 41.68
CA LEU BA 177 -41.62 70.49 42.05
C LEU BA 177 -42.65 69.39 41.81
N GLY BA 178 -42.40 68.20 42.34
CA GLY BA 178 -43.27 67.09 42.06
C GLY BA 178 -44.64 67.18 42.70
N GLN BA 179 -45.42 66.12 42.49
CA GLN BA 179 -46.80 66.04 42.97
C GLN BA 179 -46.87 65.98 44.50
N GLU BA 180 -45.89 65.37 45.14
CA GLU BA 180 -45.91 65.17 46.57
C GLU BA 180 -45.37 66.40 47.28
N LYS BA 181 -46.21 67.02 48.12
CA LYS BA 181 -45.80 68.24 48.79
C LYS BA 181 -44.92 67.96 49.99
N GLU BA 182 -45.08 66.78 50.61
CA GLU BA 182 -44.40 66.49 51.85
C GLU BA 182 -42.91 66.21 51.68
N ARG BA 183 -42.46 65.96 50.45
CA ARG BA 183 -41.07 65.58 50.24
C ARG BA 183 -40.14 66.78 50.34
N PHE BA 184 -40.58 67.95 49.93
CA PHE BA 184 -39.75 69.14 49.99
C PHE BA 184 -40.38 70.13 50.95
N GLN BA 185 -39.58 71.13 51.35
CA GLN BA 185 -40.07 72.18 52.23
C GLN BA 185 -39.37 73.47 51.86
N VAL BA 186 -40.10 74.39 51.22
CA VAL BA 186 -39.51 75.63 50.76
C VAL BA 186 -39.22 76.54 51.95
N LEU BA 187 -38.20 77.38 51.81
CA LEU BA 187 -37.73 78.20 52.91
C LEU BA 187 -37.43 79.61 52.43
N PRO BA 188 -38.27 80.57 52.76
CA PRO BA 188 -38.01 81.96 52.34
C PRO BA 188 -36.88 82.60 53.14
N GLY BA 189 -35.65 82.46 52.64
CA GLY BA 189 -34.50 83.03 53.31
C GLY BA 189 -34.51 84.56 53.34
N ARG BA 190 -33.59 85.09 54.14
CA ARG BA 190 -33.59 86.51 54.45
C ARG BA 190 -32.89 87.37 53.39
N ASP BA 191 -32.07 86.77 52.53
CA ASP BA 191 -31.27 87.53 51.57
C ASP BA 191 -31.83 87.47 50.16
N LYS BA 192 -33.16 87.49 50.04
CA LYS BA 192 -34.00 87.56 48.84
C LYS BA 192 -34.03 86.26 48.05
N MET BA 193 -33.19 85.29 48.41
CA MET BA 193 -33.15 84.01 47.73
C MET BA 193 -34.00 83.01 48.48
N LEU BA 194 -34.78 82.22 47.74
CA LEU BA 194 -35.60 81.18 48.32
C LEU BA 194 -34.84 79.87 48.32
N TYR BA 195 -35.11 79.02 49.31
CA TYR BA 195 -34.41 77.77 49.48
C TYR BA 195 -35.40 76.63 49.58
N VAL BA 196 -35.03 75.46 49.06
CA VAL BA 196 -35.85 74.27 49.13
C VAL BA 196 -35.03 73.12 49.70
N ALA BA 197 -35.52 72.53 50.79
CA ALA BA 197 -34.74 71.60 51.59
C ALA BA 197 -35.09 70.17 51.18
N ALA BA 198 -34.18 69.53 50.44
CA ALA BA 198 -34.38 68.14 50.11
C ALA BA 198 -34.04 67.27 51.31
N GLN BA 199 -34.30 65.97 51.17
CA GLN BA 199 -34.04 65.03 52.25
C GLN BA 199 -32.84 64.14 52.00
N ASN BA 200 -32.58 63.77 50.75
CA ASN BA 200 -31.40 62.97 50.42
C ASN BA 200 -30.92 63.37 49.03
N GLU BA 201 -30.05 62.55 48.45
CA GLU BA 201 -29.45 62.90 47.18
C GLU BA 201 -30.27 62.44 45.98
N ARG BA 202 -31.41 61.80 46.18
CA ARG BA 202 -32.33 61.67 45.05
C ARG BA 202 -33.24 62.88 44.96
N ASP BA 203 -33.72 63.36 46.10
CA ASP BA 203 -34.57 64.55 46.10
C ASP BA 203 -33.79 65.81 45.75
N THR BA 204 -32.49 65.82 46.04
CA THR BA 204 -31.67 66.96 45.65
C THR BA 204 -31.53 67.04 44.15
N LEU BA 205 -31.26 65.90 43.49
CA LEU BA 205 -31.25 65.87 42.04
C LEU BA 205 -32.65 65.98 41.45
N TRP BA 206 -33.68 65.73 42.26
CA TRP BA 206 -35.03 66.03 41.81
C TRP BA 206 -35.28 67.53 41.77
N ALA BA 207 -34.78 68.25 42.78
CA ALA BA 207 -35.05 69.67 42.88
C ALA BA 207 -33.97 70.53 42.24
N ARG BA 208 -32.74 70.05 42.13
CA ARG BA 208 -31.77 70.75 41.30
C ARG BA 208 -31.99 70.52 39.83
N GLN BA 209 -32.89 69.63 39.45
CA GLN BA 209 -33.22 69.51 38.04
C GLN BA 209 -34.20 70.59 37.63
N VAL BA 210 -35.18 70.89 38.48
CA VAL BA 210 -36.20 71.88 38.16
C VAL BA 210 -35.60 73.27 38.05
N LEU BA 211 -34.76 73.65 39.00
CA LEU BA 211 -34.27 75.01 39.07
C LEU BA 211 -33.23 75.32 38.02
N ALA BA 212 -32.59 74.30 37.45
CA ALA BA 212 -31.57 74.52 36.43
C ALA BA 212 -32.08 74.33 35.02
N ARG BA 213 -33.20 73.61 34.87
CA ARG BA 213 -33.82 73.42 33.57
C ARG BA 213 -34.54 74.67 33.10
N GLY BA 214 -35.15 75.40 34.03
CA GLY BA 214 -36.11 76.38 33.61
C GLY BA 214 -36.15 77.60 34.49
N ASP BA 215 -37.35 78.04 34.84
CA ASP BA 215 -37.52 79.34 35.48
C ASP BA 215 -38.29 79.23 36.79
N TYR BA 216 -37.76 79.88 37.80
CA TYR BA 216 -38.52 80.42 38.90
C TYR BA 216 -38.23 81.92 38.87
N ASP BA 217 -39.25 82.74 39.14
CA ASP BA 217 -39.08 84.18 38.95
C ASP BA 217 -38.38 84.86 40.12
N LYS BA 218 -37.30 84.25 40.60
CA LYS BA 218 -36.41 84.69 41.67
C LYS BA 218 -35.32 83.61 41.73
N ASN BA 219 -34.28 83.87 42.50
CA ASN BA 219 -33.24 82.89 42.67
C ASN BA 219 -33.70 81.80 43.62
N ALA BA 220 -33.30 80.55 43.35
CA ALA BA 220 -33.68 79.42 44.17
C ALA BA 220 -32.53 78.44 44.25
N ARG BA 221 -32.34 77.82 45.41
CA ARG BA 221 -31.13 77.09 45.72
C ARG BA 221 -31.44 75.92 46.64
N VAL BA 222 -31.14 74.72 46.20
CA VAL BA 222 -31.46 73.51 46.95
C VAL BA 222 -30.39 73.30 48.01
N ILE BA 223 -30.81 73.13 49.25
CA ILE BA 223 -29.89 72.78 50.33
C ILE BA 223 -30.21 71.38 50.80
N ASN BA 224 -29.18 70.67 51.24
CA ASN BA 224 -29.32 69.30 51.70
C ASN BA 224 -28.95 69.25 53.17
N GLU BA 225 -29.20 68.11 53.81
CA GLU BA 225 -28.85 68.00 55.22
C GLU BA 225 -27.39 67.61 55.36
N ASN BA 226 -26.92 66.72 54.49
CA ASN BA 226 -25.55 66.22 54.58
C ASN BA 226 -24.56 66.97 53.70
N GLU BA 227 -25.01 67.99 52.98
CA GLU BA 227 -24.08 68.77 52.17
C GLU BA 227 -23.91 70.17 52.74
N GLU BA 228 -25.01 70.79 53.17
CA GLU BA 228 -24.93 72.08 53.84
C GLU BA 228 -24.22 71.96 55.18
N ASN BA 229 -24.33 70.81 55.83
CA ASN BA 229 -23.49 70.48 56.97
C ASN BA 229 -22.02 70.54 56.60
N LYS BA 230 -21.67 69.98 55.44
CA LYS BA 230 -20.28 69.97 55.03
C LYS BA 230 -19.85 71.34 54.51
N ARG BA 231 -20.79 72.14 53.99
CA ARG BA 231 -20.45 73.46 53.48
C ARG BA 231 -20.06 74.41 54.60
N ILE BA 232 -20.73 74.30 55.74
CA ILE BA 232 -20.44 75.15 56.89
C ILE BA 232 -19.05 74.85 57.43
N SER BA 233 -18.68 73.56 57.45
CA SER BA 233 -17.36 73.16 57.94
C SER BA 233 -16.23 73.64 57.05
N ILE BA 234 -16.50 73.96 55.79
CA ILE BA 234 -15.48 74.59 54.95
C ILE BA 234 -15.32 76.05 55.36
N TRP BA 235 -16.39 76.67 55.83
CA TRP BA 235 -16.28 78.00 56.42
C TRP BA 235 -15.78 77.94 57.84
N LEU BA 236 -16.15 76.90 58.57
CA LEU BA 236 -15.96 76.92 60.01
C LEU BA 236 -14.54 76.57 60.41
N ASP BA 237 -13.80 75.83 59.58
CA ASP BA 237 -12.45 75.49 59.97
C ASP BA 237 -11.48 76.66 59.77
N THR BA 238 -11.85 77.65 58.97
CA THR BA 238 -11.04 78.86 58.85
C THR BA 238 -11.33 79.84 59.98
N TYR BA 239 -12.59 80.20 60.16
CA TYR BA 239 -12.94 81.23 61.12
C TYR BA 239 -13.07 80.72 62.53
N TYR BA 240 -13.19 79.41 62.72
CA TYR BA 240 -13.07 78.80 64.04
C TYR BA 240 -12.34 77.47 63.97
N PRO BA 241 -11.02 77.48 63.81
CA PRO BA 241 -10.25 76.25 64.00
C PRO BA 241 -10.16 75.95 65.49
N GLN BA 242 -9.76 74.71 65.79
CA GLN BA 242 -9.80 74.14 67.14
C GLN BA 242 -11.20 74.24 67.77
N LEU BA 243 -12.24 74.11 66.95
CA LEU BA 243 -13.60 74.06 67.45
C LEU BA 243 -14.05 72.61 67.47
N ALA BA 244 -14.55 72.17 68.60
CA ALA BA 244 -15.01 70.81 68.77
C ALA BA 244 -16.52 70.80 68.66
N TYR BA 245 -17.02 70.26 67.56
CA TYR BA 245 -18.43 70.21 67.28
C TYR BA 245 -18.69 68.88 66.58
N TYR BA 246 -19.96 68.46 66.59
CA TYR BA 246 -20.29 67.17 66.01
C TYR BA 246 -20.91 67.32 64.62
N ARG BA 247 -22.04 68.00 64.52
CA ARG BA 247 -22.92 67.91 63.37
C ARG BA 247 -24.02 68.95 63.54
N ILE BA 248 -24.42 69.56 62.45
CA ILE BA 248 -25.59 70.43 62.44
C ILE BA 248 -26.77 69.62 61.94
N HIS BA 249 -27.98 69.97 62.39
CA HIS BA 249 -29.14 69.13 62.17
C HIS BA 249 -30.30 69.94 61.60
N PHE BA 250 -30.86 69.44 60.51
CA PHE BA 250 -31.86 70.15 59.71
C PHE BA 250 -33.20 69.42 59.72
N ASP BA 251 -33.60 68.91 60.89
CA ASP BA 251 -34.90 68.25 60.97
C ASP BA 251 -36.03 69.27 60.90
N GLU BA 252 -35.93 70.34 61.68
CA GLU BA 252 -36.73 71.53 61.47
C GLU BA 252 -35.83 72.58 60.85
N PRO BA 253 -35.84 72.73 59.52
CA PRO BA 253 -34.84 73.57 58.86
C PRO BA 253 -35.02 75.06 59.09
N ARG BA 254 -36.12 75.49 59.71
CA ARG BA 254 -36.24 76.88 60.12
C ARG BA 254 -35.24 77.22 61.21
N LYS BA 255 -34.92 76.29 62.09
CA LYS BA 255 -33.86 76.55 63.05
C LYS BA 255 -33.05 75.29 63.33
N PRO BA 256 -31.77 75.29 63.01
CA PRO BA 256 -30.95 74.09 63.19
C PRO BA 256 -30.40 73.95 64.60
N VAL BA 257 -30.15 72.72 64.98
CA VAL BA 257 -29.55 72.38 66.26
C VAL BA 257 -28.12 71.95 65.99
N PHE BA 258 -27.18 72.75 66.43
CA PHE BA 258 -25.76 72.57 66.13
C PHE BA 258 -25.04 72.13 67.40
N TRP BA 259 -24.75 70.84 67.48
CA TRP BA 259 -24.15 70.27 68.67
C TRP BA 259 -22.70 70.69 68.81
N LEU BA 260 -22.25 70.85 70.04
CA LEU BA 260 -20.85 71.08 70.33
C LEU BA 260 -20.40 70.17 71.47
N SER BA 261 -19.10 70.03 71.58
CA SER BA 261 -18.51 69.33 72.72
C SER BA 261 -18.58 70.23 73.94
N ARG BA 262 -19.22 69.75 75.00
CA ARG BA 262 -19.19 70.47 76.26
C ARG BA 262 -17.80 70.46 76.86
N GLN BA 263 -17.06 69.38 76.63
CA GLN BA 263 -15.78 69.21 77.30
C GLN BA 263 -14.67 69.97 76.60
N ARG BA 264 -14.59 69.88 75.28
CA ARG BA 264 -13.45 70.39 74.54
C ARG BA 264 -13.65 71.80 74.00
N ASN BA 265 -14.61 72.54 74.53
CA ASN BA 265 -14.85 73.92 74.09
C ASN BA 265 -14.63 74.86 75.26
N THR BA 266 -13.66 75.75 75.09
CA THR BA 266 -13.34 76.77 76.08
C THR BA 266 -14.01 78.10 75.75
N MET BA 267 -14.94 78.10 74.80
CA MET BA 267 -15.67 79.31 74.46
C MET BA 267 -16.63 79.68 75.58
N SER BA 268 -16.66 80.97 75.90
CA SER BA 268 -17.57 81.46 76.92
C SER BA 268 -18.95 81.70 76.28
N LYS BA 269 -19.93 82.02 77.12
CA LYS BA 269 -21.30 82.17 76.62
C LYS BA 269 -21.50 83.49 75.89
N LYS BA 270 -20.54 84.40 75.98
CA LYS BA 270 -20.60 85.63 75.21
C LYS BA 270 -20.44 85.37 73.72
N GLU BA 271 -19.29 84.86 73.32
CA GLU BA 271 -19.02 84.62 71.90
C GLU BA 271 -19.71 83.38 71.36
N LEU BA 272 -20.28 82.53 72.22
CA LEU BA 272 -21.11 81.44 71.72
C LEU BA 272 -22.41 81.98 71.15
N GLU BA 273 -22.90 83.09 71.69
CA GLU BA 273 -24.04 83.76 71.08
C GLU BA 273 -23.63 84.51 69.82
N VAL BA 274 -22.36 84.94 69.75
CA VAL BA 274 -21.82 85.44 68.49
C VAL BA 274 -21.74 84.31 67.48
N LEU BA 275 -21.40 83.10 67.94
CA LEU BA 275 -21.34 81.94 67.06
C LEU BA 275 -22.72 81.51 66.59
N SER BA 276 -23.77 81.81 67.36
CA SER BA 276 -25.13 81.63 66.86
C SER BA 276 -25.55 82.73 65.89
N GLN BA 277 -24.74 83.77 65.71
CA GLN BA 277 -25.00 84.80 64.73
C GLN BA 277 -24.05 84.76 63.54
N LYS BA 278 -22.87 84.17 63.69
CA LYS BA 278 -22.01 83.96 62.53
C LYS BA 278 -22.59 82.89 61.61
N LEU BA 279 -23.24 81.88 62.17
CA LEU BA 279 -23.81 80.81 61.35
C LEU BA 279 -25.05 81.27 60.60
N ARG BA 280 -25.78 82.26 61.15
CA ARG BA 280 -26.96 82.77 60.46
C ARG BA 280 -26.59 83.56 59.21
N ALA BA 281 -25.37 84.07 59.12
CA ALA BA 281 -24.91 84.68 57.89
C ALA BA 281 -24.67 83.65 56.80
N LEU BA 282 -24.50 82.38 57.18
CA LEU BA 282 -24.33 81.31 56.19
C LEU BA 282 -25.64 80.61 55.85
N MET BA 283 -26.62 80.64 56.76
CA MET BA 283 -27.91 79.99 56.57
C MET BA 283 -28.98 81.06 56.64
N PRO BA 284 -29.29 81.72 55.51
CA PRO BA 284 -30.30 82.79 55.55
C PRO BA 284 -31.70 82.27 55.81
N TYR BA 285 -31.97 81.03 55.39
CA TYR BA 285 -33.23 80.38 55.68
C TYR BA 285 -33.42 80.10 57.16
N ALA BA 286 -32.34 80.06 57.94
CA ALA BA 286 -32.43 79.72 59.34
C ALA BA 286 -32.96 80.88 60.15
N ASP BA 287 -33.73 80.55 61.20
CA ASP BA 287 -34.21 81.59 62.11
C ASP BA 287 -33.12 81.96 63.12
N SER BA 288 -32.74 81.00 63.95
CA SER BA 288 -31.70 81.19 64.95
C SER BA 288 -31.14 79.83 65.34
N VAL BA 289 -29.83 79.70 65.37
CA VAL BA 289 -29.19 78.42 65.60
C VAL BA 289 -29.32 78.04 67.07
N ASN BA 290 -29.79 76.83 67.33
CA ASN BA 290 -29.97 76.31 68.70
C ASN BA 290 -28.70 75.55 69.05
N ILE BA 291 -27.72 76.27 69.57
CA ILE BA 291 -26.46 75.66 69.98
C ILE BA 291 -26.66 74.95 71.33
N THR BA 292 -26.43 73.64 71.34
CA THR BA 292 -26.42 72.89 72.59
C THR BA 292 -25.09 72.17 72.72
N LEU BA 293 -24.93 71.51 73.86
CA LEU BA 293 -23.67 70.88 74.23
C LEU BA 293 -23.93 69.40 74.51
N MET BA 294 -23.03 68.54 74.06
CA MET BA 294 -23.12 67.11 74.33
C MET BA 294 -21.80 66.65 74.91
N ASP BA 295 -21.87 65.81 75.94
CA ASP BA 295 -20.65 65.31 76.56
C ASP BA 295 -19.98 64.28 75.66
N ASP BA 296 -18.65 64.34 75.60
CA ASP BA 296 -17.90 63.43 74.75
C ASP BA 296 -17.92 62.01 75.25
N VAL BA 297 -18.15 61.79 76.54
CA VAL BA 297 -18.25 60.42 77.05
C VAL BA 297 -19.58 59.79 76.65
N THR BA 298 -20.61 60.60 76.42
CA THR BA 298 -21.87 60.07 75.93
C THR BA 298 -21.79 59.71 74.46
N ALA BA 299 -21.00 60.46 73.70
CA ALA BA 299 -20.85 60.17 72.28
C ALA BA 299 -20.10 58.86 72.06
N ALA BA 300 -18.96 58.71 72.73
CA ALA BA 300 -18.21 57.47 72.63
C ALA BA 300 -18.88 56.34 73.39
N GLY BA 301 -19.78 56.65 74.31
CA GLY BA 301 -20.48 55.61 75.05
C GLY BA 301 -21.44 54.85 74.18
N GLN BA 302 -22.38 55.58 73.54
CA GLN BA 302 -23.39 54.93 72.70
C GLN BA 302 -22.79 54.29 71.47
N ALA BA 303 -21.65 54.81 70.99
CA ALA BA 303 -20.95 54.13 69.92
C ALA BA 303 -20.36 52.82 70.41
N GLU BA 304 -19.84 52.79 71.63
CA GLU BA 304 -19.35 51.55 72.18
C GLU BA 304 -20.49 50.66 72.65
N ALA BA 305 -21.49 51.24 73.30
CA ALA BA 305 -22.62 50.46 73.81
C ALA BA 305 -23.55 49.98 72.72
N GLY BA 306 -23.31 50.35 71.47
CA GLY BA 306 -24.04 49.75 70.37
C GLY BA 306 -23.19 48.72 69.67
N LEU BA 307 -21.90 48.98 69.57
CA LEU BA 307 -21.03 48.13 68.77
C LEU BA 307 -20.73 46.82 69.48
N LYS BA 308 -20.80 46.80 70.80
CA LYS BA 308 -20.81 45.52 71.50
C LYS BA 308 -22.20 44.97 71.69
N GLN BA 309 -23.23 45.79 71.46
CA GLN BA 309 -24.61 45.29 71.45
C GLN BA 309 -24.94 44.61 70.14
N GLN BA 310 -24.19 44.89 69.09
CA GLN BA 310 -24.27 44.14 67.84
C GLN BA 310 -23.37 42.91 67.85
N ALA BA 311 -22.66 42.67 68.96
CA ALA BA 311 -21.70 41.58 69.13
C ALA BA 311 -20.62 41.61 68.04
N LEU BA 312 -19.82 42.67 68.08
CA LEU BA 312 -18.77 42.86 67.11
C LEU BA 312 -17.42 42.96 67.80
N PRO BA 313 -16.39 42.30 67.28
CA PRO BA 313 -15.05 42.43 67.87
C PRO BA 313 -14.47 43.80 67.54
N TYR BA 314 -13.82 44.42 68.53
CA TYR BA 314 -13.28 45.75 68.31
C TYR BA 314 -12.14 45.98 69.29
N SER BA 315 -11.61 47.20 69.26
CA SER BA 315 -10.69 47.64 70.30
C SER BA 315 -10.77 49.16 70.36
N ARG BA 316 -11.33 49.68 71.45
CA ARG BA 316 -11.41 51.12 71.64
C ARG BA 316 -10.03 51.69 71.94
N ARG BA 317 -9.50 52.47 71.01
CA ARG BA 317 -8.29 53.23 71.27
C ARG BA 317 -8.69 54.69 71.39
N ASN BA 318 -8.26 55.32 72.48
CA ASN BA 318 -8.60 56.70 72.73
C ASN BA 318 -7.49 57.61 72.23
N HIS BA 319 -7.83 58.87 72.02
CA HIS BA 319 -6.84 59.88 71.70
C HIS BA 319 -7.22 61.18 72.38
N LYS BA 320 -6.34 62.15 72.28
CA LYS BA 320 -6.61 63.49 72.79
C LYS BA 320 -7.46 64.21 71.75
N GLY BA 321 -8.78 64.08 71.88
CA GLY BA 321 -9.68 64.73 70.96
C GLY BA 321 -10.28 63.78 69.95
N GLY BA 322 -10.71 62.61 70.40
CA GLY BA 322 -11.38 61.65 69.55
C GLY BA 322 -11.05 60.24 69.95
N VAL BA 323 -11.95 59.32 69.61
CA VAL BA 323 -11.74 57.89 69.83
C VAL BA 323 -11.76 57.19 68.48
N THR BA 324 -11.45 55.91 68.48
CA THR BA 324 -11.37 55.15 67.24
C THR BA 324 -11.70 53.69 67.53
N PHE BA 325 -12.68 53.15 66.80
CA PHE BA 325 -13.11 51.78 66.98
C PHE BA 325 -12.67 50.98 65.77
N VAL BA 326 -11.48 50.44 65.81
CA VAL BA 326 -11.06 49.57 64.73
C VAL BA 326 -11.68 48.19 64.91
N ILE BA 327 -12.24 47.66 63.83
CA ILE BA 327 -12.97 46.41 63.82
C ILE BA 327 -12.26 45.50 62.85
N GLN BA 328 -11.71 44.39 63.33
CA GLN BA 328 -10.99 43.52 62.41
C GLN BA 328 -11.33 42.06 62.64
N GLY BA 329 -10.70 41.20 61.85
CA GLY BA 329 -11.04 39.80 61.79
C GLY BA 329 -11.75 39.47 60.49
N ALA BA 330 -11.95 38.17 60.29
CA ALA BA 330 -12.66 37.69 59.11
C ALA BA 330 -14.15 37.73 59.42
N LEU BA 331 -14.71 38.92 59.34
CA LEU BA 331 -16.12 39.11 59.61
C LEU BA 331 -16.94 38.57 58.44
N ASP BA 332 -17.89 37.68 58.73
CA ASP BA 332 -18.75 37.18 57.69
C ASP BA 332 -19.96 38.09 57.54
N ASP BA 333 -20.97 37.63 56.79
CA ASP BA 333 -21.95 38.55 56.22
C ASP BA 333 -22.97 39.05 57.23
N VAL BA 334 -23.24 38.25 58.27
CA VAL BA 334 -24.27 38.63 59.21
C VAL BA 334 -23.80 39.79 60.06
N GLU BA 335 -22.51 39.82 60.38
CA GLU BA 335 -21.94 40.87 61.20
C GLU BA 335 -21.39 42.03 60.37
N ILE BA 336 -21.12 41.82 59.09
CA ILE BA 336 -20.67 42.92 58.25
C ILE BA 336 -21.83 43.83 57.88
N LEU BA 337 -23.06 43.35 58.02
CA LEU BA 337 -24.25 44.12 57.73
C LEU BA 337 -24.92 44.65 58.98
N ARG BA 338 -24.69 44.04 60.12
CA ARG BA 338 -25.05 44.70 61.35
C ARG BA 338 -24.10 45.86 61.65
N ALA BA 339 -22.89 45.82 61.09
CA ALA BA 339 -21.95 46.91 61.30
C ALA BA 339 -22.38 48.16 60.55
N ARG BA 340 -22.77 48.01 59.27
CA ARG BA 340 -23.01 49.18 58.44
C ARG BA 340 -24.31 49.88 58.79
N GLN BA 341 -25.32 49.14 59.20
CA GLN BA 341 -26.51 49.83 59.66
C GLN BA 341 -26.42 50.29 61.10
N PHE BA 342 -25.29 50.08 61.76
CA PHE BA 342 -25.00 50.83 62.96
C PHE BA 342 -24.16 52.06 62.70
N VAL BA 343 -23.16 51.94 61.82
CA VAL BA 343 -22.28 53.06 61.50
C VAL BA 343 -23.06 54.16 60.80
N ASP BA 344 -23.82 53.80 59.77
CA ASP BA 344 -24.64 54.76 59.07
C ASP BA 344 -25.81 55.27 59.90
N SER BA 345 -26.20 54.54 60.94
CA SER BA 345 -27.13 55.06 61.92
C SER BA 345 -26.43 55.86 63.01
N TYR BA 346 -25.11 55.85 63.04
CA TYR BA 346 -24.39 56.68 63.99
C TYR BA 346 -23.98 58.00 63.37
N TYR BA 347 -23.43 57.95 62.16
CA TYR BA 347 -23.00 59.16 61.46
C TYR BA 347 -24.18 60.01 61.05
N ARG BA 348 -25.36 59.42 60.90
CA ARG BA 348 -26.56 60.22 60.74
C ARG BA 348 -26.91 60.95 62.02
N THR BA 349 -26.55 60.39 63.17
CA THR BA 349 -26.90 61.00 64.44
C THR BA 349 -25.83 61.95 64.95
N TRP BA 350 -24.58 61.49 65.01
CA TRP BA 350 -23.52 62.25 65.66
C TRP BA 350 -22.52 62.87 64.71
N GLY BA 351 -22.56 62.53 63.43
CA GLY BA 351 -21.52 62.96 62.54
C GLY BA 351 -20.27 62.13 62.73
N GLY BA 352 -19.23 62.46 61.98
CA GLY BA 352 -18.03 61.65 62.05
C GLY BA 352 -16.80 62.42 62.47
N ARG BA 353 -16.94 63.38 63.38
CA ARG BA 353 -15.82 64.22 63.77
C ARG BA 353 -15.25 63.87 65.13
N TYR BA 354 -15.82 62.90 65.84
CA TYR BA 354 -15.26 62.53 67.13
C TYR BA 354 -14.97 61.04 67.19
N VAL BA 355 -15.78 60.23 66.50
CA VAL BA 355 -15.64 58.78 66.52
C VAL BA 355 -15.43 58.32 65.09
N GLN BA 356 -14.36 57.56 64.87
CA GLN BA 356 -14.07 56.97 63.56
C GLN BA 356 -14.17 55.47 63.68
N PHE BA 357 -14.97 54.86 62.83
CA PHE BA 357 -15.10 53.40 62.79
C PHE BA 357 -14.20 52.88 61.69
N ALA BA 358 -13.31 51.97 62.04
CA ALA BA 358 -12.38 51.37 61.09
C ALA BA 358 -12.78 49.92 60.91
N ILE BA 359 -13.69 49.66 59.97
CA ILE BA 359 -13.99 48.29 59.63
C ILE BA 359 -12.92 47.80 58.64
N GLU BA 360 -11.80 47.37 59.19
CA GLU BA 360 -10.63 46.93 58.43
C GLU BA 360 -10.73 45.42 58.44
N LEU BA 361 -10.92 44.83 57.27
CA LEU BA 361 -11.34 43.44 57.14
C LEU BA 361 -10.25 42.62 56.48
N LYS BA 362 -9.56 41.80 57.28
CA LYS BA 362 -8.47 40.97 56.80
C LYS BA 362 -8.66 39.54 57.28
N ASP BA 363 -7.69 38.69 56.95
CA ASP BA 363 -7.70 37.29 57.32
C ASP BA 363 -7.23 37.12 58.76
N ASP BA 364 -6.94 35.89 59.14
CA ASP BA 364 -6.38 35.60 60.45
C ASP BA 364 -4.86 35.47 60.37
N ASP CA 20 -38.15 66.23 22.18
CA ASP CA 20 -37.93 67.13 21.06
C ASP CA 20 -36.58 66.84 20.42
N LYS CA 21 -35.52 66.87 21.22
CA LYS CA 21 -34.17 66.61 20.72
C LYS CA 21 -33.85 65.13 20.82
N ASP CA 22 -33.29 64.59 19.74
CA ASP CA 22 -32.98 63.17 19.69
C ASP CA 22 -31.79 62.84 20.57
N LEU CA 23 -31.88 61.74 21.29
CA LEU CA 23 -30.84 61.39 22.26
C LEU CA 23 -30.32 59.98 22.08
N LEU CA 24 -31.17 59.01 21.76
CA LEU CA 24 -30.73 57.66 21.48
C LEU CA 24 -31.62 57.10 20.38
N LYS CA 25 -31.03 56.34 19.47
CA LYS CA 25 -31.77 55.72 18.38
C LYS CA 25 -31.36 54.26 18.28
N GLY CA 26 -32.26 53.47 17.68
CA GLY CA 26 -31.92 52.09 17.37
C GLY CA 26 -31.81 51.18 18.55
N LEU CA 27 -32.36 51.55 19.71
CA LEU CA 27 -32.32 50.69 20.87
C LEU CA 27 -33.29 49.54 20.69
N ASP CA 28 -32.97 48.39 21.26
CA ASP CA 28 -33.97 47.36 21.38
C ASP CA 28 -34.77 47.59 22.65
N GLN CA 29 -35.58 46.62 23.04
CA GLN CA 29 -36.68 46.86 23.97
C GLN CA 29 -36.19 47.04 25.40
N GLU CA 30 -35.51 46.03 25.93
CA GLU CA 30 -35.07 46.07 27.33
C GLU CA 30 -33.94 47.07 27.56
N GLN CA 31 -33.25 47.53 26.53
CA GLN CA 31 -32.36 48.67 26.72
C GLN CA 31 -33.11 49.98 26.79
N ALA CA 32 -34.20 50.12 26.04
CA ALA CA 32 -34.93 51.38 26.02
C ALA CA 32 -35.74 51.57 27.30
N ASN CA 33 -36.23 50.49 27.88
CA ASN CA 33 -37.00 50.61 29.11
C ASN CA 33 -36.11 50.89 30.30
N GLU CA 34 -34.82 50.59 30.19
CA GLU CA 34 -33.92 50.85 31.31
C GLU CA 34 -33.47 52.31 31.32
N VAL CA 35 -33.29 52.91 30.14
CA VAL CA 35 -32.81 54.28 30.05
C VAL CA 35 -33.83 55.25 30.62
N ILE CA 36 -35.10 55.07 30.25
CA ILE CA 36 -36.18 55.91 30.76
C ILE CA 36 -36.33 55.75 32.26
N ALA CA 37 -36.05 54.56 32.78
CA ALA CA 37 -36.07 54.34 34.22
C ALA CA 37 -34.98 55.13 34.91
N VAL CA 38 -33.84 55.29 34.26
CA VAL CA 38 -32.78 56.10 34.83
C VAL CA 38 -33.12 57.58 34.71
N LEU CA 39 -33.68 57.98 33.58
CA LEU CA 39 -33.92 59.39 33.32
C LEU CA 39 -35.04 59.94 34.19
N GLN CA 40 -36.15 59.22 34.30
CA GLN CA 40 -37.24 59.68 35.16
C GLN CA 40 -36.90 59.58 36.63
N MET CA 41 -35.85 58.85 36.98
CA MET CA 41 -35.33 58.95 38.33
C MET CA 41 -34.75 60.34 38.58
N HIS CA 42 -34.10 60.90 37.57
CA HIS CA 42 -33.44 62.18 37.70
C HIS CA 42 -34.25 63.30 37.08
N ASN CA 43 -35.58 63.16 37.16
CA ASN CA 43 -36.54 64.25 36.99
C ASN CA 43 -36.54 64.84 35.58
N ILE CA 44 -36.27 64.04 34.55
CA ILE CA 44 -36.49 64.52 33.20
C ILE CA 44 -37.32 63.48 32.47
N GLU CA 45 -38.36 63.92 31.77
CA GLU CA 45 -39.22 62.97 31.10
C GLU CA 45 -38.64 62.58 29.75
N ALA CA 46 -38.93 61.35 29.33
CA ALA CA 46 -38.52 60.88 28.02
C ALA CA 46 -39.74 60.38 27.27
N ASN CA 47 -39.53 60.02 26.01
CA ASN CA 47 -40.61 59.56 25.14
C ASN CA 47 -40.09 58.38 24.34
N LYS CA 48 -40.50 57.17 24.69
CA LYS CA 48 -40.05 56.01 23.93
C LYS CA 48 -40.77 55.97 22.59
N ILE CA 49 -40.13 56.52 21.57
CA ILE CA 49 -40.69 56.57 20.23
C ILE CA 49 -40.20 55.34 19.49
N ASP CA 50 -41.11 54.43 19.18
CA ASP CA 50 -40.74 53.29 18.33
C ASP CA 50 -40.55 53.77 16.90
N SER CA 51 -39.52 53.24 16.25
CA SER CA 51 -39.28 53.52 14.83
C SER CA 51 -39.38 52.24 14.01
N GLY CA 52 -40.30 51.36 14.37
CA GLY CA 52 -40.49 50.14 13.61
C GLY CA 52 -39.43 49.09 13.81
N LYS CA 53 -38.89 48.58 12.71
CA LYS CA 53 -37.83 47.58 12.71
C LYS CA 53 -36.45 48.19 12.95
N LEU CA 54 -36.35 49.51 12.92
CA LEU CA 54 -35.12 50.21 13.24
C LEU CA 54 -34.96 50.49 14.73
N GLY CA 55 -35.65 49.74 15.58
CA GLY CA 55 -35.52 49.90 17.01
C GLY CA 55 -36.24 51.11 17.54
N TYR CA 56 -36.24 51.22 18.86
CA TYR CA 56 -36.88 52.34 19.55
C TYR CA 56 -36.04 53.60 19.45
N SER CA 57 -36.54 54.68 20.03
CA SER CA 57 -35.83 55.94 20.05
C SER CA 57 -36.30 56.73 21.26
N ILE CA 58 -35.39 57.45 21.89
CA ILE CA 58 -35.69 58.20 23.10
C ILE CA 58 -35.38 59.66 22.82
N THR CA 59 -36.37 60.52 22.98
CA THR CA 59 -36.21 61.94 22.77
C THR CA 59 -36.58 62.69 24.04
N VAL CA 60 -35.75 63.65 24.42
CA VAL CA 60 -36.02 64.49 25.57
C VAL CA 60 -36.27 65.91 25.08
N ALA CA 61 -36.77 66.75 25.99
CA ALA CA 61 -37.02 68.13 25.65
C ALA CA 61 -35.71 68.91 25.59
N GLU CA 62 -35.77 70.08 24.98
CA GLU CA 62 -34.58 70.88 24.73
C GLU CA 62 -33.90 71.44 26.00
N PRO CA 63 -34.60 71.92 27.04
CA PRO CA 63 -33.85 72.33 28.24
C PRO CA 63 -33.25 71.19 29.02
N ASP CA 64 -33.73 69.97 28.84
CA ASP CA 64 -33.16 68.83 29.53
C ASP CA 64 -32.28 67.95 28.66
N PHE CA 65 -31.99 68.33 27.42
CA PHE CA 65 -31.03 67.55 26.66
C PHE CA 65 -29.63 67.69 27.25
N THR CA 66 -29.37 68.81 27.91
CA THR CA 66 -28.09 68.99 28.58
C THR CA 66 -27.94 68.03 29.75
N ALA CA 67 -28.94 68.00 30.61
CA ALA CA 67 -28.85 67.17 31.81
C ALA CA 67 -28.96 65.70 31.49
N ALA CA 68 -29.72 65.33 30.47
CA ALA CA 68 -29.93 63.92 30.18
C ALA CA 68 -28.71 63.28 29.57
N VAL CA 69 -27.93 64.02 28.80
CA VAL CA 69 -26.73 63.44 28.21
C VAL CA 69 -25.62 63.33 29.24
N TYR CA 70 -25.76 63.99 30.39
CA TYR CA 70 -24.88 63.68 31.50
C TYR CA 70 -25.20 62.33 32.10
N TRP CA 71 -26.48 62.02 32.30
CA TRP CA 71 -26.82 60.75 32.92
C TRP CA 71 -26.71 59.59 31.95
N ILE CA 72 -26.59 59.84 30.65
CA ILE CA 72 -26.19 58.76 29.77
C ILE CA 72 -24.73 58.42 30.01
N LYS CA 73 -23.92 59.41 30.38
CA LYS CA 73 -22.51 59.16 30.53
C LYS CA 73 -22.20 58.42 31.82
N THR CA 74 -22.79 58.86 32.94
CA THR CA 74 -22.41 58.29 34.23
C THR CA 74 -22.92 56.87 34.38
N TYR CA 75 -24.13 56.59 33.94
CA TYR CA 75 -24.67 55.25 34.03
C TYR CA 75 -24.23 54.37 32.88
N GLN CA 76 -23.52 54.93 31.91
CA GLN CA 76 -23.05 54.24 30.70
C GLN CA 76 -24.20 53.61 29.94
N LEU CA 77 -25.31 54.33 29.86
CA LEU CA 77 -26.45 53.89 29.09
C LEU CA 77 -26.13 54.01 27.60
N PRO CA 78 -26.73 53.17 26.73
CA PRO CA 78 -27.63 52.04 26.94
C PRO CA 78 -26.89 50.86 27.53
N PRO CA 79 -27.58 50.04 28.32
CA PRO CA 79 -26.89 48.93 28.98
C PRO CA 79 -26.46 47.89 27.99
N ARG CA 80 -25.26 47.36 28.22
CA ARG CA 80 -24.78 46.23 27.45
C ARG CA 80 -25.66 45.02 27.74
N PRO CA 81 -25.78 44.07 26.81
CA PRO CA 81 -26.59 42.89 27.05
C PRO CA 81 -25.98 42.04 28.16
N ARG CA 82 -26.83 41.62 29.09
CA ARG CA 82 -26.38 40.96 30.31
C ARG CA 82 -25.78 39.60 29.98
N VAL CA 83 -24.50 39.45 30.23
CA VAL CA 83 -23.70 38.34 29.73
C VAL CA 83 -23.56 37.29 30.82
N GLU CA 84 -23.82 36.04 30.45
CA GLU CA 84 -23.41 34.90 31.24
C GLU CA 84 -22.33 34.16 30.49
N ILE CA 85 -21.71 33.22 31.18
CA ILE CA 85 -20.45 32.65 30.72
C ILE CA 85 -20.69 31.74 29.53
N ALA CA 86 -21.86 31.13 29.45
CA ALA CA 86 -22.12 30.14 28.43
C ALA CA 86 -22.46 30.73 27.07
N GLN CA 87 -22.53 32.06 26.95
CA GLN CA 87 -22.72 32.65 25.63
C GLN CA 87 -21.46 32.58 24.79
N MET CA 88 -20.31 32.31 25.39
CA MET CA 88 -19.06 32.26 24.66
C MET CA 88 -18.55 30.85 24.50
N PHE CA 89 -19.42 29.87 24.66
CA PHE CA 89 -19.13 28.46 24.34
C PHE CA 89 -20.37 27.88 23.70
N PRO CA 90 -20.65 28.21 22.44
CA PRO CA 90 -21.96 27.88 21.88
C PRO CA 90 -22.11 26.42 21.50
N ALA CA 91 -21.01 25.78 21.08
CA ALA CA 91 -20.95 24.38 20.63
C ALA CA 91 -21.95 24.08 19.52
N ASP CA 92 -21.76 24.75 18.38
CA ASP CA 92 -22.65 24.50 17.25
C ASP CA 92 -22.31 23.18 16.57
N SER CA 93 -21.07 23.02 16.09
CA SER CA 93 -20.63 21.78 15.46
C SER CA 93 -19.17 21.48 15.79
N LEU CA 94 -18.59 22.22 16.70
CA LEU CA 94 -17.20 22.03 17.09
C LEU CA 94 -17.12 20.91 18.12
N VAL CA 95 -15.95 20.28 18.20
CA VAL CA 95 -15.77 19.08 19.01
C VAL CA 95 -15.89 19.36 20.50
N SER CA 96 -15.67 20.61 20.93
CA SER CA 96 -16.00 21.13 22.26
C SER CA 96 -15.27 20.36 23.38
N SER CA 97 -13.97 20.65 23.45
CA SER CA 97 -13.00 20.23 24.46
C SER CA 97 -13.55 20.27 25.88
N PRO CA 98 -13.11 19.37 26.77
CA PRO CA 98 -13.78 19.22 28.09
C PRO CA 98 -13.74 20.43 29.00
N ARG CA 99 -12.94 21.43 28.69
CA ARG CA 99 -13.08 22.73 29.34
C ARG CA 99 -14.37 23.42 28.94
N ALA CA 100 -14.84 23.21 27.72
CA ALA CA 100 -16.02 23.93 27.26
C ALA CA 100 -17.28 23.35 27.87
N GLU CA 101 -17.26 22.06 28.24
CA GLU CA 101 -18.43 21.49 28.91
C GLU CA 101 -18.60 22.05 30.32
N LYS CA 102 -17.53 22.13 31.12
CA LYS CA 102 -17.69 22.69 32.45
C LYS CA 102 -17.91 24.18 32.43
N ALA CA 103 -17.55 24.84 31.33
CA ALA CA 103 -17.82 26.26 31.23
C ALA CA 103 -19.31 26.52 31.12
N ARG CA 104 -20.00 25.84 30.21
CA ARG CA 104 -21.43 26.07 30.09
C ARG CA 104 -22.22 25.24 31.09
N LEU CA 105 -21.58 24.29 31.77
CA LEU CA 105 -22.28 23.59 32.85
C LEU CA 105 -22.49 24.51 34.03
N TYR CA 106 -21.41 25.05 34.59
CA TYR CA 106 -21.50 25.92 35.75
C TYR CA 106 -22.20 27.23 35.42
N SER CA 107 -22.12 27.68 34.17
CA SER CA 107 -22.80 28.91 33.78
C SER CA 107 -24.30 28.75 33.80
N ALA CA 108 -24.80 27.59 33.40
CA ALA CA 108 -26.22 27.33 33.52
C ALA CA 108 -26.63 27.15 34.96
N ILE CA 109 -25.71 26.73 35.83
CA ILE CA 109 -26.03 26.67 37.25
C ILE CA 109 -26.02 28.07 37.86
N GLU CA 110 -25.18 28.97 37.36
CA GLU CA 110 -25.21 30.37 37.80
C GLU CA 110 -26.55 31.01 37.47
N GLN CA 111 -27.09 30.71 36.29
CA GLN CA 111 -28.35 31.28 35.90
C GLN CA 111 -29.49 30.69 36.71
N ARG CA 112 -29.45 29.38 36.96
CA ARG CA 112 -30.59 28.71 37.53
C ARG CA 112 -30.72 29.00 39.02
N LEU CA 113 -29.61 29.15 39.73
CA LEU CA 113 -29.68 29.60 41.11
C LEU CA 113 -30.13 31.06 41.20
N GLU CA 114 -29.78 31.86 40.19
CA GLU CA 114 -30.27 33.23 40.12
C GLU CA 114 -31.78 33.25 39.92
N GLN CA 115 -32.31 32.35 39.08
CA GLN CA 115 -33.74 32.25 38.86
C GLN CA 115 -34.49 31.79 40.10
N SER CA 116 -33.81 31.11 41.02
CA SER CA 116 -34.47 30.53 42.17
C SER CA 116 -34.46 31.43 43.39
N LEU CA 117 -33.36 32.17 43.59
CA LEU CA 117 -33.35 33.18 44.65
C LEU CA 117 -34.36 34.26 44.39
N GLN CA 118 -34.62 34.55 43.11
CA GLN CA 118 -35.58 35.57 42.74
C GLN CA 118 -37.00 35.19 43.12
N THR CA 119 -37.27 33.89 43.31
CA THR CA 119 -38.57 33.42 43.78
C THR CA 119 -38.56 33.03 45.24
N MET CA 120 -37.76 33.69 46.06
CA MET CA 120 -37.90 33.56 47.51
C MET CA 120 -38.89 34.59 48.01
N GLU CA 121 -38.95 34.76 49.33
CA GLU CA 121 -39.89 35.70 49.92
C GLU CA 121 -39.25 37.08 49.95
N GLY CA 122 -39.64 37.93 49.02
CA GLY CA 122 -39.22 39.32 49.04
C GLY CA 122 -38.02 39.66 48.19
N VAL CA 123 -37.32 38.67 47.63
CA VAL CA 123 -36.18 39.00 46.79
C VAL CA 123 -36.71 39.52 45.46
N LEU CA 124 -36.36 40.77 45.13
CA LEU CA 124 -36.76 41.30 43.83
C LEU CA 124 -35.86 40.77 42.73
N SER CA 125 -34.56 40.85 42.92
CA SER CA 125 -33.59 40.45 41.92
C SER CA 125 -32.42 39.78 42.61
N ALA CA 126 -31.66 39.02 41.82
CA ALA CA 126 -30.54 38.29 42.39
C ALA CA 126 -29.47 38.08 41.34
N ARG CA 127 -28.24 37.94 41.81
CA ARG CA 127 -27.09 37.57 40.98
C ARG CA 127 -26.27 36.55 41.74
N VAL CA 128 -25.81 35.51 41.05
CA VAL CA 128 -25.04 34.45 41.67
C VAL CA 128 -23.81 34.18 40.81
N HIS CA 129 -22.64 34.16 41.43
CA HIS CA 129 -21.40 33.79 40.76
C HIS CA 129 -20.84 32.54 41.38
N ILE CA 130 -20.18 31.72 40.57
CA ILE CA 130 -19.55 30.49 41.03
C ILE CA 130 -18.06 30.59 40.74
N SER CA 131 -17.25 30.18 41.71
CA SER CA 131 -15.82 30.07 41.46
C SER CA 131 -15.56 28.95 40.46
N TYR CA 132 -14.83 29.26 39.41
CA TYR CA 132 -14.57 28.30 38.35
C TYR CA 132 -13.18 27.70 38.56
N ASP CA 133 -13.14 26.62 39.33
CA ASP CA 133 -11.98 25.73 39.34
C ASP CA 133 -12.16 24.81 38.15
N ILE CA 134 -11.40 25.06 37.08
CA ILE CA 134 -11.59 24.37 35.83
C ILE CA 134 -10.42 23.43 35.53
N ASP CA 135 -9.19 23.88 35.79
CA ASP CA 135 -8.01 23.12 35.40
C ASP CA 135 -7.56 22.12 36.45
N ALA CA 136 -8.51 21.57 37.22
CA ALA CA 136 -8.17 20.60 38.27
C ALA CA 136 -7.66 19.30 37.68
N GLY CA 137 -8.29 18.82 36.60
CA GLY CA 137 -7.85 17.60 35.94
C GLY CA 137 -6.58 17.77 35.13
N GLU CA 138 -6.34 18.97 34.59
CA GLU CA 138 -5.17 19.20 33.76
C GLU CA 138 -3.90 19.34 34.58
N ASN CA 139 -4.01 19.85 35.81
CA ASN CA 139 -2.86 19.90 36.71
C ASN CA 139 -2.60 18.59 37.42
N GLY CA 140 -3.54 17.65 37.39
CA GLY CA 140 -3.37 16.42 38.14
C GLY CA 140 -3.50 16.61 39.63
N ARG CA 141 -4.50 17.37 40.06
CA ARG CA 141 -4.68 17.77 41.45
C ARG CA 141 -6.15 17.55 41.86
N PRO CA 142 -6.40 17.39 43.15
CA PRO CA 142 -7.78 17.44 43.63
C PRO CA 142 -8.31 18.86 43.52
N PRO CA 143 -9.59 19.01 43.20
CA PRO CA 143 -10.13 20.35 42.93
C PRO CA 143 -10.28 21.17 44.19
N LYS CA 144 -10.41 22.46 43.99
CA LYS CA 144 -10.54 23.41 45.07
C LYS CA 144 -11.97 23.39 45.59
N PRO CA 145 -12.20 23.87 46.82
CA PRO CA 145 -13.58 24.04 47.27
C PRO CA 145 -14.29 25.08 46.43
N VAL CA 146 -15.59 24.90 46.27
CA VAL CA 146 -16.39 25.81 45.47
C VAL CA 146 -16.73 27.02 46.32
N HIS CA 147 -16.44 28.20 45.79
CA HIS CA 147 -16.80 29.46 46.41
C HIS CA 147 -17.91 30.10 45.59
N LEU CA 148 -18.78 30.85 46.24
CA LEU CA 148 -19.85 31.48 45.50
C LEU CA 148 -20.32 32.75 46.17
N SER CA 149 -20.80 33.68 45.36
CA SER CA 149 -21.23 34.99 45.82
C SER CA 149 -22.67 35.22 45.41
N ALA CA 150 -23.37 36.05 46.16
CA ALA CA 150 -24.76 36.31 45.86
C ALA CA 150 -25.14 37.73 46.18
N LEU CA 151 -25.94 38.33 45.31
CA LEU CA 151 -26.54 39.64 45.52
C LEU CA 151 -28.04 39.47 45.56
N ALA CA 152 -28.71 40.39 46.25
CA ALA CA 152 -30.14 40.23 46.48
C ALA CA 152 -30.75 41.58 46.84
N VAL CA 153 -31.86 41.92 46.21
CA VAL CA 153 -32.52 43.19 46.41
C VAL CA 153 -33.85 42.92 47.07
N TYR CA 154 -33.98 43.28 48.34
CA TYR CA 154 -35.19 43.06 49.09
C TYR CA 154 -36.13 44.25 49.04
N GLU CA 155 -37.30 44.10 49.64
CA GLU CA 155 -38.22 45.22 49.75
C GLU CA 155 -37.72 46.23 50.77
N ARG CA 156 -38.42 47.35 50.83
CA ARG CA 156 -38.37 48.18 52.02
C ARG CA 156 -38.97 47.44 53.20
N GLY CA 157 -38.55 47.81 54.41
CA GLY CA 157 -39.16 47.32 55.62
C GLY CA 157 -38.76 45.92 56.05
N SER CA 158 -38.08 45.17 55.19
CA SER CA 158 -37.66 43.84 55.61
C SER CA 158 -36.46 43.94 56.54
N PRO CA 159 -36.40 43.14 57.58
CA PRO CA 159 -35.22 43.12 58.46
C PRO CA 159 -34.07 42.34 57.85
N LEU CA 160 -33.24 43.02 57.05
CA LEU CA 160 -32.23 42.38 56.19
C LEU CA 160 -31.20 41.54 56.93
N ALA CA 161 -31.03 41.72 58.23
CA ALA CA 161 -30.05 40.95 58.97
C ALA CA 161 -30.48 39.52 59.27
N HIS CA 162 -31.66 39.10 58.82
CA HIS CA 162 -32.15 37.76 59.09
C HIS CA 162 -32.44 36.96 57.84
N GLN CA 163 -32.69 37.59 56.71
CA GLN CA 163 -32.77 36.85 55.46
C GLN CA 163 -31.40 36.51 54.91
N ILE CA 164 -30.34 36.97 55.56
CA ILE CA 164 -28.99 36.58 55.18
C ILE CA 164 -28.75 35.12 55.51
N SER CA 165 -29.46 34.57 56.50
CA SER CA 165 -29.25 33.18 56.88
C SER CA 165 -30.00 32.23 55.96
N ASP CA 166 -31.12 32.66 55.40
CA ASP CA 166 -31.90 31.79 54.53
C ASP CA 166 -31.16 31.51 53.23
N ILE CA 167 -30.63 32.56 52.60
CA ILE CA 167 -29.88 32.40 51.36
C ILE CA 167 -28.64 31.56 51.61
N LYS CA 168 -27.90 31.90 52.65
CA LYS CA 168 -26.64 31.23 52.98
C LYS CA 168 -26.86 29.78 53.39
N ARG CA 169 -28.06 29.43 53.88
CA ARG CA 169 -28.41 28.03 54.08
C ARG CA 169 -28.84 27.38 52.78
N PHE CA 170 -29.53 28.14 51.93
CA PHE CA 170 -30.09 27.60 50.69
C PHE CA 170 -29.02 27.12 49.75
N LEU CA 171 -28.11 27.99 49.36
CA LEU CA 171 -27.20 27.60 48.30
C LEU CA 171 -25.88 27.08 48.84
N LYS CA 172 -25.81 26.77 50.13
CA LYS CA 172 -24.78 25.85 50.60
C LYS CA 172 -24.95 24.50 49.92
N ASN CA 173 -26.07 23.85 50.16
CA ASN CA 173 -26.29 22.51 49.66
C ASN CA 173 -26.73 22.49 48.21
N SER CA 174 -26.56 23.57 47.48
CA SER CA 174 -26.72 23.52 46.04
C SER CA 174 -25.43 23.12 45.34
N PHE CA 175 -24.36 22.88 46.10
CA PHE CA 175 -23.10 22.42 45.55
C PHE CA 175 -22.47 21.38 46.47
N ALA CA 176 -21.39 20.78 45.97
CA ALA CA 176 -20.88 19.56 46.57
C ALA CA 176 -20.08 19.86 47.84
N ASP CA 177 -19.00 20.61 47.73
CA ASP CA 177 -18.12 20.86 48.88
C ASP CA 177 -17.96 22.36 49.11
N VAL CA 178 -18.93 22.96 49.78
CA VAL CA 178 -18.82 24.36 50.17
C VAL CA 178 -18.98 24.45 51.67
N ASP CA 179 -18.66 25.62 52.21
CA ASP CA 179 -18.81 25.85 53.63
C ASP CA 179 -19.68 27.08 53.84
N TYR CA 180 -19.77 27.55 55.08
CA TYR CA 180 -20.39 28.83 55.38
C TYR CA 180 -19.39 29.96 55.36
N ASP CA 181 -18.19 29.71 54.87
CA ASP CA 181 -17.18 30.73 54.69
C ASP CA 181 -16.88 30.98 53.23
N ASN CA 182 -17.25 30.06 52.34
CA ASN CA 182 -17.09 30.25 50.92
C ASN CA 182 -18.29 30.91 50.27
N ILE CA 183 -19.26 31.33 51.07
CA ILE CA 183 -20.48 31.94 50.57
C ILE CA 183 -20.48 33.39 51.01
N SER CA 184 -20.55 34.30 50.05
CA SER CA 184 -20.48 35.73 50.33
C SER CA 184 -21.73 36.39 49.79
N VAL CA 185 -22.68 36.69 50.66
CA VAL CA 185 -23.96 37.26 50.26
C VAL CA 185 -24.04 38.67 50.83
N VAL CA 186 -24.10 39.65 49.95
CA VAL CA 186 -24.22 41.06 50.34
C VAL CA 186 -25.53 41.56 49.78
N LEU CA 187 -26.58 41.51 50.59
CA LEU CA 187 -27.92 41.87 50.15
C LEU CA 187 -28.31 43.25 50.64
N SER CA 188 -29.01 43.98 49.78
CA SER CA 188 -29.27 45.40 49.97
C SER CA 188 -30.70 45.68 49.58
N GLU CA 189 -31.43 46.42 50.41
CA GLU CA 189 -32.82 46.71 50.13
C GLU CA 189 -32.92 47.69 48.97
N ARG CA 190 -34.08 47.71 48.32
CA ARG CA 190 -34.23 48.50 47.11
C ARG CA 190 -34.30 49.98 47.43
N SER CA 191 -34.21 50.79 46.38
CA SER CA 191 -34.22 52.23 46.53
C SER CA 191 -35.64 52.72 46.82
N ASP CA 192 -35.78 54.04 46.94
CA ASP CA 192 -37.10 54.63 47.08
C ASP CA 192 -37.87 54.46 45.78
N ALA CA 193 -39.18 54.32 45.90
CA ALA CA 193 -40.00 54.06 44.75
C ALA CA 193 -40.18 55.33 43.92
N GLN CA 194 -39.92 55.22 42.62
CA GLN CA 194 -40.18 56.32 41.69
C GLN CA 194 -41.57 56.12 41.14
N LEU CA 195 -42.54 56.79 41.76
CA LEU CA 195 -43.94 56.69 41.39
C LEU CA 195 -44.48 58.02 40.90
N GLN CA 196 -43.62 59.01 40.74
CA GLN CA 196 -44.01 60.41 40.72
C GLN CA 196 -43.64 61.01 39.38
N ALA CA 197 -44.56 61.75 38.79
CA ALA CA 197 -44.37 62.26 37.44
C ALA CA 197 -43.27 63.32 37.40
N PRO CA 198 -42.33 63.24 36.46
CA PRO CA 198 -41.24 64.22 36.40
C PRO CA 198 -41.69 65.63 36.09
N GLY CA 199 -42.40 65.80 34.98
CA GLY CA 199 -42.90 67.11 34.65
C GLY CA 199 -42.29 67.69 33.40
N THR CA 200 -43.14 68.19 32.51
CA THR CA 200 -42.68 68.94 31.35
C THR CA 200 -42.09 70.28 31.77
N PRO CA 201 -41.07 70.76 31.07
CA PRO CA 201 -40.51 72.08 31.40
C PRO CA 201 -41.48 73.21 31.13
N VAL CA 202 -41.19 74.36 31.72
CA VAL CA 202 -42.03 75.55 31.55
C VAL CA 202 -41.59 76.26 30.28
N LYS CA 203 -42.49 77.08 29.76
CA LYS CA 203 -42.25 77.80 28.51
C LYS CA 203 -41.92 79.27 28.75
N ALA DA 171 -63.01 63.44 45.31
CA ALA DA 171 -63.87 62.30 45.61
C ALA DA 171 -63.53 61.71 46.96
N GLU DA 172 -64.29 60.70 47.37
CA GLU DA 172 -64.04 60.03 48.64
C GLU DA 172 -62.83 59.10 48.50
N LEU DA 173 -61.85 59.27 49.40
CA LEU DA 173 -60.62 58.50 49.32
C LEU DA 173 -60.85 57.04 49.67
N ASP DA 174 -61.91 56.74 50.44
CA ASP DA 174 -62.30 55.36 50.68
C ASP DA 174 -62.72 54.63 49.42
N SER DA 175 -63.13 55.36 48.38
CA SER DA 175 -63.43 54.75 47.10
C SER DA 175 -62.37 55.03 46.04
N LEU DA 176 -61.52 56.05 46.23
CA LEU DA 176 -60.38 56.22 45.34
C LEU DA 176 -59.35 55.13 45.53
N LEU DA 177 -59.30 54.53 46.71
CA LEU DA 177 -58.50 53.34 46.95
C LEU DA 177 -59.26 52.13 46.44
N GLY DA 178 -58.82 50.93 46.81
CA GLY DA 178 -59.41 49.73 46.27
C GLY DA 178 -60.83 49.45 46.76
N GLN DA 179 -61.36 48.31 46.31
CA GLN DA 179 -62.72 47.90 46.63
C GLN DA 179 -62.90 47.58 48.10
N GLU DA 180 -61.87 47.06 48.75
CA GLU DA 180 -61.97 46.63 50.14
C GLU DA 180 -61.75 47.81 51.08
N LYS DA 181 -62.77 48.10 51.89
CA LYS DA 181 -62.67 49.25 52.77
C LYS DA 181 -61.85 48.94 54.01
N GLU DA 182 -61.82 47.67 54.42
CA GLU DA 182 -61.19 47.31 55.69
C GLU DA 182 -59.67 47.35 55.64
N ARG DA 183 -59.08 47.40 54.44
CA ARG DA 183 -57.64 47.33 54.34
C ARG DA 183 -56.97 48.64 54.73
N PHE DA 184 -57.60 49.77 54.44
CA PHE DA 184 -57.05 51.07 54.77
C PHE DA 184 -57.94 51.75 55.79
N GLN DA 185 -57.40 52.79 56.42
CA GLN DA 185 -58.16 53.58 57.38
C GLN DA 185 -57.72 55.02 57.27
N VAL DA 186 -58.57 55.87 56.71
CA VAL DA 186 -58.20 57.27 56.51
C VAL DA 186 -58.20 58.01 57.84
N LEU DA 187 -57.37 59.02 57.93
CA LEU DA 187 -57.16 59.73 59.19
C LEU DA 187 -57.13 61.23 58.95
N PRO DA 188 -58.16 61.95 59.34
CA PRO DA 188 -58.16 63.41 59.16
C PRO DA 188 -57.26 64.12 60.16
N GLY DA 189 -55.99 64.29 59.80
CA GLY DA 189 -55.04 64.95 60.66
C GLY DA 189 -55.36 66.42 60.92
N ARG DA 190 -54.65 66.99 61.88
CA ARG DA 190 -54.95 68.30 62.39
C ARG DA 190 -54.36 69.44 61.56
N ASP DA 191 -53.36 69.17 60.71
CA ASP DA 191 -52.66 70.20 59.98
C ASP DA 191 -53.08 70.28 58.51
N LYS DA 192 -54.37 70.07 58.25
CA LYS DA 192 -55.12 70.17 56.99
C LYS DA 192 -54.81 69.03 56.03
N MET DA 193 -53.82 68.19 56.33
CA MET DA 193 -53.46 67.09 55.46
C MET DA 193 -54.16 65.83 55.96
N LEU DA 194 -54.68 65.04 55.04
CA LEU DA 194 -55.34 63.78 55.36
C LEU DA 194 -54.31 62.65 55.26
N TYR DA 195 -54.49 61.63 56.08
CA TYR DA 195 -53.56 60.51 56.13
C TYR DA 195 -54.31 59.20 55.95
N VAL DA 196 -53.66 58.23 55.31
CA VAL DA 196 -54.23 56.91 55.11
C VAL DA 196 -53.23 55.86 55.60
N ALA DA 197 -53.68 55.02 56.53
CA ALA DA 197 -52.80 54.12 57.26
C ALA DA 197 -52.80 52.75 56.61
N ALA DA 198 -51.74 52.43 55.90
CA ALA DA 198 -51.61 51.09 55.34
C ALA DA 198 -51.20 50.12 56.43
N GLN DA 199 -51.18 48.83 56.08
CA GLN DA 199 -50.82 47.79 57.03
C GLN DA 199 -49.45 47.20 56.79
N ASN DA 200 -49.01 47.11 55.53
CA ASN DA 200 -47.69 46.60 55.22
C ASN DA 200 -47.18 47.31 53.97
N GLU DA 201 -46.11 46.77 53.38
CA GLU DA 201 -45.50 47.45 52.24
C GLU DA 201 -46.09 47.04 50.91
N ARG DA 202 -47.11 46.18 50.89
CA ARG DA 202 -47.88 46.06 49.65
C ARG DA 202 -49.01 47.08 49.64
N ASP DA 203 -49.68 47.26 50.77
CA ASP DA 203 -50.74 48.25 50.86
C ASP DA 203 -50.21 49.67 50.79
N THR DA 204 -48.96 49.88 51.21
CA THR DA 204 -48.37 51.21 51.09
C THR DA 204 -48.13 51.55 49.64
N LEU DA 205 -47.58 50.62 48.86
CA LEU DA 205 -47.45 50.83 47.43
C LEU DA 205 -48.78 50.76 46.72
N TRP DA 206 -49.80 50.20 47.34
CA TRP DA 206 -51.15 50.32 46.80
C TRP DA 206 -51.69 51.72 46.97
N ALA DA 207 -51.43 52.34 48.10
CA ALA DA 207 -51.99 53.65 48.39
C ALA DA 207 -51.08 54.79 48.00
N ARG DA 208 -49.76 54.58 47.96
CA ARG DA 208 -48.88 55.58 47.37
C ARG DA 208 -48.93 55.56 45.86
N GLN DA 209 -49.60 54.59 45.26
CA GLN DA 209 -49.79 54.64 43.82
C GLN DA 209 -50.93 55.58 43.46
N VAL DA 210 -52.02 55.54 44.22
CA VAL DA 210 -53.19 56.36 43.94
C VAL DA 210 -52.88 57.83 44.11
N LEU DA 211 -52.21 58.20 45.20
CA LEU DA 211 -52.02 59.60 45.51
C LEU DA 211 -50.97 60.27 44.64
N ALA DA 212 -50.10 59.50 44.00
CA ALA DA 212 -49.07 60.08 43.16
C ALA DA 212 -49.41 60.03 41.68
N ARG DA 213 -50.34 59.15 41.31
CA ARG DA 213 -50.80 59.06 39.93
C ARG DA 213 -51.72 60.21 39.57
N GLY DA 214 -52.55 60.65 40.52
CA GLY DA 214 -53.65 61.49 40.14
C GLY DA 214 -54.01 62.51 41.18
N ASP DA 215 -55.29 62.66 41.46
CA ASP DA 215 -55.79 63.77 42.25
C ASP DA 215 -56.62 63.30 43.43
N TYR DA 216 -56.31 63.87 44.59
CA TYR DA 216 -57.25 64.06 45.67
C TYR DA 216 -57.29 65.56 45.88
N ASP DA 217 -58.46 66.13 46.15
CA ASP DA 217 -58.57 67.59 46.19
C ASP DA 217 -58.13 68.18 47.52
N LYS DA 218 -56.98 67.73 48.04
CA LYS DA 218 -56.29 68.13 49.25
C LYS DA 218 -55.02 67.29 49.28
N ASN DA 219 -54.12 67.60 50.18
CA ASN DA 219 -52.90 66.81 50.32
C ASN DA 219 -53.22 65.52 51.05
N ALA DA 220 -52.55 64.44 50.65
CA ALA DA 220 -52.75 63.13 51.24
C ALA DA 220 -51.43 62.39 51.30
N ARG DA 221 -51.23 61.62 52.38
CA ARG DA 221 -49.92 61.10 52.71
C ARG DA 221 -50.06 59.76 53.40
N VAL DA 222 -49.47 58.72 52.83
CA VAL DA 222 -49.61 57.37 53.36
C VAL DA 222 -48.61 57.18 54.49
N ILE DA 223 -49.08 56.73 55.64
CA ILE DA 223 -48.20 56.40 56.75
C ILE DA 223 -48.26 54.90 56.97
N ASN DA 224 -47.15 54.34 57.40
CA ASN DA 224 -47.04 52.91 57.65
C ASN DA 224 -46.79 52.69 59.12
N GLU DA 225 -46.85 51.43 59.55
CA GLU DA 225 -46.60 51.15 60.96
C GLU DA 225 -45.11 51.02 61.21
N ASN DA 226 -44.40 50.41 60.28
CA ASN DA 226 -42.97 50.16 60.45
C ASN DA 226 -42.09 51.22 59.80
N GLU DA 227 -42.68 52.24 59.18
CA GLU DA 227 -41.86 53.30 58.62
C GLU DA 227 -42.03 54.59 59.40
N GLU DA 228 -43.26 54.92 59.80
CA GLU DA 228 -43.50 56.08 60.66
C GLU DA 228 -42.90 55.87 62.03
N ASN DA 229 -42.83 54.63 62.48
CA ASN DA 229 -42.03 54.29 63.65
C ASN DA 229 -40.58 54.67 63.46
N LYS DA 230 -40.03 54.39 62.29
CA LYS DA 230 -38.64 54.72 62.03
C LYS DA 230 -38.46 56.21 61.77
N ARG DA 231 -39.50 56.88 61.27
CA ARG DA 231 -39.39 58.32 61.00
C ARG DA 231 -39.30 59.12 62.29
N ILE DA 232 -40.02 58.70 63.32
CA ILE DA 232 -39.99 59.38 64.60
C ILE DA 232 -38.63 59.26 65.25
N SER DA 233 -38.00 58.08 65.12
CA SER DA 233 -36.68 57.86 65.69
C SER DA 233 -35.59 58.69 65.01
N ILE DA 234 -35.83 59.16 63.79
CA ILE DA 234 -34.89 60.10 63.18
C ILE DA 234 -35.06 61.48 63.81
N TRP DA 235 -36.28 61.81 64.24
CA TRP DA 235 -36.49 63.02 65.03
C TRP DA 235 -36.10 62.81 66.48
N LEU DA 236 -36.31 61.61 67.01
CA LEU DA 236 -36.25 61.42 68.44
C LEU DA 236 -34.82 61.30 68.93
N ASP DA 237 -33.89 60.85 68.09
CA ASP DA 237 -32.52 60.72 68.57
C ASP DA 237 -31.81 62.07 68.67
N THR DA 238 -32.30 63.09 67.98
CA THR DA 238 -31.75 64.43 68.15
C THR DA 238 -32.33 65.13 69.36
N TYR DA 239 -33.65 65.21 69.44
CA TYR DA 239 -34.27 65.99 70.49
C TYR DA 239 -34.41 65.23 71.80
N TYR DA 240 -34.26 63.91 71.78
CA TYR DA 240 -34.14 63.12 73.00
C TYR DA 240 -33.15 61.98 72.81
N PRO DA 241 -31.85 62.27 72.81
CA PRO DA 241 -30.88 61.19 72.90
C PRO DA 241 -30.84 60.68 74.33
N GLN DA 242 -30.22 59.50 74.49
CA GLN DA 242 -30.26 58.72 75.73
C GLN DA 242 -31.69 58.45 76.20
N LEU DA 243 -32.60 58.26 75.26
CA LEU DA 243 -33.96 57.87 75.59
C LEU DA 243 -34.10 56.38 75.36
N ALA DA 244 -34.60 55.67 76.35
CA ALA DA 244 -34.78 54.24 76.25
C ALA DA 244 -36.25 53.95 75.98
N TYR DA 245 -36.53 53.54 74.76
CA TYR DA 245 -37.88 53.25 74.31
C TYR DA 245 -37.81 52.04 73.41
N TYR DA 246 -38.95 51.40 73.21
CA TYR DA 246 -38.96 50.18 72.41
C TYR DA 246 -39.48 50.43 71.00
N ARG DA 247 -40.72 50.89 70.88
CA ARG DA 247 -41.46 50.85 69.63
C ARG DA 247 -42.76 51.60 69.83
N ILE DA 248 -43.19 52.30 68.79
CA ILE DA 248 -44.50 52.93 68.79
C ILE DA 248 -45.46 51.99 68.05
N HIS DA 249 -46.74 52.03 68.41
CA HIS DA 249 -47.70 51.04 67.93
C HIS DA 249 -48.93 51.70 67.36
N PHE DA 250 -49.30 51.30 66.15
CA PHE DA 250 -50.35 51.92 65.36
C PHE DA 250 -51.51 50.95 65.11
N ASP DA 251 -51.89 50.20 66.14
CA ASP DA 251 -53.03 49.30 65.98
C ASP DA 251 -54.33 50.07 65.92
N GLU DA 252 -54.51 51.00 66.85
CA GLU DA 252 -55.53 52.05 66.75
C GLU DA 252 -54.80 53.33 66.38
N PRO DA 253 -54.75 53.70 65.10
CA PRO DA 253 -53.88 54.81 64.69
C PRO DA 253 -54.39 56.18 65.11
N ARG DA 254 -55.59 56.28 65.66
CA ARG DA 254 -56.03 57.53 66.25
C ARG DA 254 -55.21 57.88 67.48
N LYS DA 255 -54.79 56.89 68.26
CA LYS DA 255 -53.87 57.18 69.36
C LYS DA 255 -52.85 56.07 69.53
N PRO DA 256 -51.58 56.36 69.36
CA PRO DA 256 -50.55 55.32 69.45
C PRO DA 256 -50.09 55.07 70.88
N VAL DA 257 -49.63 53.85 71.10
CA VAL DA 257 -49.09 53.43 72.38
C VAL DA 257 -47.58 53.31 72.21
N PHE DA 258 -46.86 54.20 72.87
CA PHE DA 258 -45.42 54.34 72.70
C PHE DA 258 -44.73 53.85 73.96
N TRP DA 259 -44.18 52.64 73.89
CA TRP DA 259 -43.58 52.00 75.05
C TRP DA 259 -42.26 52.66 75.41
N LEU DA 260 -41.96 52.69 76.70
CA LEU DA 260 -40.66 53.13 77.18
C LEU DA 260 -40.13 52.15 78.20
N SER DA 261 -38.83 52.23 78.44
CA SER DA 261 -38.21 51.48 79.52
C SER DA 261 -38.57 52.14 80.85
N ARG DA 262 -39.18 51.37 81.75
CA ARG DA 262 -39.40 51.88 83.09
C ARG DA 262 -38.09 52.03 83.83
N GLN DA 263 -37.13 51.16 83.54
CA GLN DA 263 -35.89 51.12 84.31
C GLN DA 263 -34.91 52.19 83.86
N ARG DA 264 -34.71 52.34 82.56
CA ARG DA 264 -33.64 53.16 82.04
C ARG DA 264 -34.09 54.57 81.68
N ASN DA 265 -35.22 55.03 82.20
CA ASN DA 265 -35.69 56.39 81.96
C ASN DA 265 -35.76 57.14 83.27
N THR DA 266 -34.99 58.22 83.35
CA THR DA 266 -34.96 59.11 84.50
C THR DA 266 -35.87 60.31 84.30
N MET DA 267 -36.69 60.30 83.26
CA MET DA 267 -37.62 61.40 83.02
C MET DA 267 -38.73 61.39 84.06
N SER DA 268 -39.05 62.57 84.57
CA SER DA 268 -40.12 62.70 85.54
C SER DA 268 -41.45 62.78 84.80
N LYS DA 269 -42.56 62.77 85.55
CA LYS DA 269 -43.88 62.74 84.94
C LYS DA 269 -44.29 64.10 84.39
N LYS DA 270 -43.54 65.14 84.71
CA LYS DA 270 -43.78 66.46 84.14
C LYS DA 270 -43.46 66.48 82.64
N GLU DA 271 -42.20 66.27 82.30
CA GLU DA 271 -41.77 66.32 80.91
C GLU DA 271 -42.15 65.09 80.12
N LEU DA 272 -42.60 64.02 80.77
CA LEU DA 272 -43.15 62.89 80.03
C LEU DA 272 -44.48 63.25 79.40
N GLU DA 273 -45.23 64.14 80.03
CA GLU DA 273 -46.43 64.68 79.40
C GLU DA 273 -46.07 65.69 78.32
N VAL DA 274 -44.92 66.36 78.46
CA VAL DA 274 -44.39 67.16 77.36
C VAL DA 274 -44.00 66.24 76.21
N LEU DA 275 -43.46 65.07 76.52
CA LEU DA 275 -43.09 64.10 75.50
C LEU DA 275 -44.31 63.50 74.82
N SER DA 276 -45.46 63.47 75.49
CA SER DA 276 -46.70 63.12 74.82
C SER DA 276 -47.26 64.25 73.98
N GLN DA 277 -46.67 65.45 74.05
CA GLN DA 277 -47.07 66.56 73.21
C GLN DA 277 -46.04 66.90 72.14
N LYS DA 278 -44.77 66.54 72.33
CA LYS DA 278 -43.79 66.68 71.26
C LYS DA 278 -44.06 65.69 70.13
N LEU DA 279 -44.54 64.49 70.47
CA LEU DA 279 -44.81 63.49 69.44
C LEU DA 279 -46.05 63.83 68.64
N ARG DA 280 -47.01 64.54 69.24
CA ARG DA 280 -48.20 64.94 68.51
C ARG DA 280 -47.92 65.97 67.43
N ALA DA 281 -46.81 66.71 67.56
CA ALA DA 281 -46.40 67.59 66.48
C ALA DA 281 -45.86 66.82 65.29
N LEU DA 282 -45.46 65.57 65.48
CA LEU DA 282 -45.00 64.72 64.39
C LEU DA 282 -46.11 63.87 63.80
N MET DA 283 -47.13 63.56 64.59
CA MET DA 283 -48.25 62.71 64.16
C MET DA 283 -49.52 63.54 64.26
N PRO DA 284 -49.86 64.30 63.23
CA PRO DA 284 -51.07 65.14 63.30
C PRO DA 284 -52.35 64.33 63.32
N TYR DA 285 -52.33 63.15 62.71
CA TYR DA 285 -53.45 62.23 62.75
C TYR DA 285 -53.70 61.67 64.14
N ALA DA 286 -52.70 61.71 65.02
CA ALA DA 286 -52.83 61.13 66.33
C ALA DA 286 -53.66 62.02 67.25
N ASP DA 287 -54.42 61.39 68.14
CA ASP DA 287 -55.17 62.16 69.13
C ASP DA 287 -54.27 62.54 70.29
N SER DA 288 -53.76 61.55 71.02
CA SER DA 288 -52.87 61.77 72.14
C SER DA 288 -52.08 60.48 72.38
N VAL DA 289 -50.77 60.61 72.56
CA VAL DA 289 -49.91 59.44 72.66
C VAL DA 289 -50.08 58.82 74.04
N ASN DA 290 -50.32 57.51 74.06
CA ASN DA 290 -50.49 56.75 75.30
C ASN DA 290 -49.13 56.19 75.69
N ILE DA 291 -48.36 56.98 76.42
CA ILE DA 291 -47.04 56.56 76.88
C ILE DA 291 -47.20 55.62 78.06
N THR DA 292 -46.71 54.40 77.91
CA THR DA 292 -46.65 53.47 79.03
C THR DA 292 -45.21 52.99 79.20
N LEU DA 293 -45.01 52.19 80.24
CA LEU DA 293 -43.69 51.76 80.65
C LEU DA 293 -43.66 50.23 80.68
N MET DA 294 -42.57 49.65 80.22
CA MET DA 294 -42.39 48.20 80.26
C MET DA 294 -41.06 47.91 80.92
N ASP DA 295 -41.03 46.90 81.79
CA ASP DA 295 -39.79 46.55 82.47
C ASP DA 295 -38.86 45.83 81.51
N ASP DA 296 -37.56 46.14 81.61
CA ASP DA 296 -36.58 45.56 80.72
C ASP DA 296 -36.35 44.09 80.99
N VAL DA 297 -36.64 43.62 82.21
CA VAL DA 297 -36.49 42.20 82.49
C VAL DA 297 -37.63 41.40 81.87
N THR DA 298 -38.78 42.03 81.65
CA THR DA 298 -39.86 41.35 80.95
C THR DA 298 -39.60 41.27 79.45
N ALA DA 299 -38.91 42.27 78.90
CA ALA DA 299 -38.58 42.26 77.48
C ALA DA 299 -37.56 41.17 77.17
N ALA DA 300 -36.48 41.12 77.92
CA ALA DA 300 -35.49 40.07 77.73
C ALA DA 300 -35.97 38.72 78.24
N GLY DA 301 -36.99 38.72 79.09
CA GLY DA 301 -37.52 37.46 79.58
C GLY DA 301 -38.24 36.68 78.49
N GLN DA 302 -39.25 37.30 77.88
CA GLN DA 302 -40.03 36.64 76.84
C GLN DA 302 -39.21 36.34 75.60
N ALA DA 303 -38.17 37.12 75.35
CA ALA DA 303 -37.25 36.78 74.27
C ALA DA 303 -36.45 35.55 74.62
N GLU DA 304 -36.05 35.41 75.88
CA GLU DA 304 -35.35 34.21 76.29
C GLU DA 304 -36.32 33.06 76.49
N ALA DA 305 -37.47 33.32 77.10
CA ALA DA 305 -38.46 32.28 77.37
C ALA DA 305 -39.18 31.80 76.11
N GLY DA 306 -38.92 32.42 74.97
CA GLY DA 306 -39.42 31.87 73.72
C GLY DA 306 -38.33 31.16 72.97
N LEU DA 307 -37.10 31.69 73.06
CA LEU DA 307 -36.02 31.15 72.25
C LEU DA 307 -35.51 29.83 72.78
N LYS DA 308 -35.69 29.56 74.07
CA LYS DA 308 -35.48 28.21 74.57
C LYS DA 308 -36.75 27.38 74.52
N GLN DA 309 -37.91 28.02 74.30
CA GLN DA 309 -39.14 27.29 74.07
C GLN DA 309 -39.21 26.77 72.64
N GLN DA 310 -38.47 27.37 71.73
CA GLN DA 310 -38.29 26.83 70.39
C GLN DA 310 -37.16 25.81 70.32
N ALA DA 311 -36.50 25.53 71.45
CA ALA DA 311 -35.36 24.63 71.56
C ALA DA 311 -34.23 25.04 70.62
N LEU DA 312 -33.67 26.21 70.91
CA LEU DA 312 -32.60 26.76 70.10
C LEU DA 312 -31.36 26.98 70.95
N PRO DA 313 -30.18 26.63 70.45
CA PRO DA 313 -28.95 26.92 71.20
C PRO DA 313 -28.63 28.41 71.14
N TYR DA 314 -28.21 28.96 72.27
CA TYR DA 314 -27.93 30.39 72.32
C TYR DA 314 -26.95 30.66 73.44
N SER DA 315 -26.68 31.95 73.65
CA SER DA 315 -25.95 32.38 74.85
C SER DA 315 -26.35 33.83 75.11
N ARG DA 316 -27.09 34.04 76.20
CA ARG DA 316 -27.48 35.39 76.58
C ARG DA 316 -26.28 36.14 77.12
N ARG DA 317 -25.84 37.15 76.38
CA ARG DA 317 -24.84 38.08 76.89
C ARG DA 317 -25.53 39.40 77.18
N ASN DA 318 -25.33 39.91 78.38
CA ASN DA 318 -25.97 41.15 78.79
C ASN DA 318 -25.03 42.31 78.57
N HIS DA 319 -25.60 43.50 78.51
CA HIS DA 319 -24.81 44.72 78.45
C HIS DA 319 -25.51 45.79 79.27
N LYS DA 320 -24.83 46.92 79.41
CA LYS DA 320 -25.41 48.08 80.07
C LYS DA 320 -26.30 48.78 79.07
N GLY DA 321 -27.57 48.39 79.03
CA GLY DA 321 -28.51 48.99 78.11
C GLY DA 321 -28.83 48.13 76.91
N GLY DA 322 -29.04 46.85 77.14
CA GLY DA 322 -29.44 45.93 76.08
C GLY DA 322 -28.85 44.56 76.31
N VAL DA 323 -29.51 43.55 75.73
CA VAL DA 323 -29.03 42.18 75.76
C VAL DA 323 -28.80 41.73 74.33
N THR DA 324 -28.24 40.53 74.19
CA THR DA 324 -27.91 40.02 72.86
C THR DA 324 -27.96 38.50 72.90
N PHE DA 325 -28.73 37.92 72.00
CA PHE DA 325 -28.89 36.48 71.92
C PHE DA 325 -28.20 35.99 70.66
N VAL DA 326 -26.93 35.69 70.76
CA VAL DA 326 -26.25 35.11 69.61
C VAL DA 326 -26.60 33.62 69.52
N ILE DA 327 -26.95 33.18 68.32
CA ILE DA 327 -27.41 31.83 68.05
C ILE DA 327 -26.44 31.25 67.03
N GLN DA 328 -25.71 30.20 67.40
CA GLN DA 328 -24.76 29.64 66.46
C GLN DA 328 -24.81 28.12 66.43
N GLY DA 329 -23.96 27.54 65.60
CA GLY DA 329 -24.01 26.13 65.29
C GLY DA 329 -24.51 25.89 63.88
N ALA DA 330 -24.43 24.63 63.47
CA ALA DA 330 -24.94 24.23 62.16
C ALA DA 330 -26.42 23.93 62.30
N LEU DA 331 -27.21 25.01 62.34
CA LEU DA 331 -28.65 24.87 62.47
C LEU DA 331 -29.23 24.39 61.15
N ASP DA 332 -29.99 23.30 61.20
CA ASP DA 332 -30.66 22.82 60.00
C ASP DA 332 -32.01 23.50 59.85
N ASP DA 333 -32.84 22.99 58.95
CA ASP DA 333 -33.93 23.79 58.41
C ASP DA 333 -35.11 23.91 59.36
N VAL DA 334 -35.30 22.92 60.22
CA VAL DA 334 -36.46 22.94 61.10
C VAL DA 334 -36.31 24.01 62.16
N GLU DA 335 -35.08 24.22 62.62
CA GLU DA 335 -34.81 25.21 63.64
C GLU DA 335 -34.44 26.57 63.06
N ILE DA 336 -34.03 26.64 61.80
CA ILE DA 336 -33.74 27.93 61.18
C ILE DA 336 -35.03 28.65 60.82
N LEU DA 337 -36.14 27.93 60.76
CA LEU DA 337 -37.44 28.49 60.44
C LEU DA 337 -38.30 28.69 61.67
N ARG DA 338 -38.05 27.93 62.74
CA ARG DA 338 -38.63 28.32 64.01
C ARG DA 338 -37.97 29.57 64.56
N ALA DA 339 -36.74 29.84 64.15
CA ALA DA 339 -36.06 31.04 64.62
C ALA DA 339 -36.67 32.29 64.01
N ARG DA 340 -36.92 32.28 62.71
CA ARG DA 340 -37.31 33.51 62.03
C ARG DA 340 -38.76 33.88 62.32
N GLN DA 341 -39.64 32.91 62.50
CA GLN DA 341 -40.98 33.27 62.92
C GLN DA 341 -41.10 33.49 64.41
N PHE DA 342 -40.01 33.40 65.16
CA PHE DA 342 -39.97 33.98 66.49
C PHE DA 342 -39.38 35.37 66.51
N VAL DA 343 -38.31 35.58 65.73
CA VAL DA 343 -37.66 36.89 65.68
C VAL DA 343 -38.58 37.92 65.08
N ASP DA 344 -39.16 37.61 63.93
CA ASP DA 344 -40.11 38.50 63.28
C ASP DA 344 -41.41 38.64 64.05
N SER DA 345 -41.73 37.68 64.92
CA SER DA 345 -42.83 37.85 65.85
C SER DA 345 -42.40 38.57 67.11
N TYR DA 346 -41.11 38.81 67.29
CA TYR DA 346 -40.66 39.58 68.43
C TYR DA 346 -40.48 41.04 68.05
N TYR DA 347 -39.82 41.30 66.92
CA TYR DA 347 -39.60 42.67 66.47
C TYR DA 347 -40.89 43.34 66.04
N ARG DA 348 -41.91 42.57 65.69
CA ARG DA 348 -43.24 43.14 65.50
C ARG DA 348 -43.83 43.57 66.84
N THR DA 349 -43.45 42.90 67.93
CA THR DA 349 -44.03 43.22 69.22
C THR DA 349 -43.21 44.25 69.98
N TRP DA 350 -41.91 44.04 70.11
CA TRP DA 350 -41.09 44.86 70.98
C TRP DA 350 -40.16 45.81 70.25
N GLY DA 351 -40.02 45.69 68.94
CA GLY DA 351 -39.01 46.45 68.25
C GLY DA 351 -37.65 45.84 68.46
N GLY DA 352 -36.64 46.49 67.89
CA GLY DA 352 -35.31 45.93 67.96
C GLY DA 352 -34.30 46.84 68.63
N ARG DA 353 -34.71 47.58 69.64
CA ARG DA 353 -33.82 48.53 70.29
C ARG DA 353 -33.30 48.07 71.63
N TYR DA 354 -33.72 46.91 72.11
CA TYR DA 354 -33.21 46.45 73.39
C TYR DA 354 -32.62 45.05 73.27
N VAL DA 355 -33.18 44.22 72.39
CA VAL DA 355 -32.76 42.85 72.20
C VAL DA 355 -32.33 42.68 70.76
N GLN DA 356 -31.12 42.19 70.54
CA GLN DA 356 -30.62 41.89 69.21
C GLN DA 356 -30.40 40.39 69.09
N PHE DA 357 -31.00 39.79 68.08
CA PHE DA 357 -30.82 38.37 67.81
C PHE DA 357 -29.74 38.22 66.75
N ALA DA 358 -28.72 37.45 67.07
CA ALA DA 358 -27.62 37.20 66.14
C ALA DA 358 -27.70 35.75 65.71
N ILE DA 359 -28.45 35.49 64.65
CA ILE DA 359 -28.43 34.15 64.08
C ILE DA 359 -27.22 34.06 63.16
N GLU DA 360 -26.08 33.75 63.76
CA GLU DA 360 -24.80 33.67 63.08
C GLU DA 360 -24.58 32.18 62.85
N LEU DA 361 -24.55 31.78 61.60
CA LEU DA 361 -24.66 30.37 61.22
C LEU DA 361 -23.38 29.89 60.58
N LYS DA 362 -22.61 29.11 61.31
CA LYS DA 362 -21.33 28.59 60.85
C LYS DA 362 -21.26 27.09 61.08
N ASP DA 363 -20.11 26.51 60.74
CA ASP DA 363 -19.87 25.08 60.91
C ASP DA 363 -19.49 24.77 62.35
N ASP DA 364 -18.98 23.56 62.58
CA ASP DA 364 -18.49 23.17 63.89
C ASP DA 364 -16.98 23.35 63.96
N ASP EA 20 -52.57 53.23 27.16
CA ASP EA 20 -52.46 54.32 26.20
C ASP EA 20 -51.03 54.40 25.68
N LYS EA 21 -50.06 54.51 26.60
CA LYS EA 21 -48.66 54.60 26.21
C LYS EA 21 -48.04 53.21 26.13
N ASP EA 22 -47.30 52.96 25.06
CA ASP EA 22 -46.71 51.66 24.83
C ASP EA 22 -45.55 51.42 25.79
N LEU EA 23 -45.46 50.21 26.31
CA LEU EA 23 -44.47 49.91 27.33
C LEU EA 23 -43.65 48.67 27.01
N LEU EA 24 -44.26 47.63 26.47
CA LEU EA 24 -43.53 46.45 26.03
C LEU EA 24 -44.20 45.92 24.78
N LYS EA 25 -43.39 45.44 23.84
CA LYS EA 25 -43.90 44.88 22.60
C LYS EA 25 -43.21 43.57 22.33
N GLY EA 26 -43.86 42.73 21.52
CA GLY EA 26 -43.23 41.51 21.06
C GLY EA 26 -43.03 40.44 22.10
N LEU EA 27 -43.73 40.52 23.23
CA LEU EA 27 -43.62 39.49 24.24
C LEU EA 27 -44.31 38.23 23.80
N ASP EA 28 -43.81 37.09 24.23
CA ASP EA 28 -44.59 35.88 24.08
C ASP EA 28 -45.52 35.75 25.27
N GLN EA 29 -46.14 34.58 25.43
CA GLN EA 29 -47.33 34.46 26.26
C GLN EA 29 -47.00 34.49 27.74
N GLU EA 30 -46.18 33.56 28.20
CA GLU EA 30 -45.87 33.45 29.61
C GLU EA 30 -44.99 34.58 30.12
N GLN EA 31 -44.33 35.34 29.25
CA GLN EA 31 -43.71 36.56 29.70
C GLN EA 31 -44.71 37.69 29.88
N ALA EA 32 -45.74 37.74 29.03
CA ALA EA 32 -46.71 38.83 29.12
C ALA EA 32 -47.64 38.66 30.31
N ASN EA 33 -47.94 37.42 30.68
CA ASN EA 33 -48.82 37.18 31.81
C ASN EA 33 -48.11 37.43 33.13
N GLU EA 34 -46.78 37.40 33.13
CA GLU EA 34 -46.03 37.64 34.35
C GLU EA 34 -45.89 39.13 34.63
N VAL EA 35 -45.75 39.94 33.58
CA VAL EA 35 -45.55 41.38 33.74
C VAL EA 35 -46.80 42.02 34.32
N ILE EA 36 -47.98 41.67 33.80
CA ILE EA 36 -49.23 42.20 34.30
C ILE EA 36 -49.47 41.78 35.75
N ALA EA 37 -48.98 40.59 36.11
CA ALA EA 37 -49.07 40.13 37.48
C ALA EA 37 -48.24 40.98 38.40
N VAL EA 38 -47.10 41.47 37.91
CA VAL EA 38 -46.28 42.35 38.71
C VAL EA 38 -46.90 43.74 38.77
N LEU EA 39 -47.44 44.21 37.65
CA LEU EA 39 -47.94 45.57 37.58
C LEU EA 39 -49.22 45.75 38.40
N GLN EA 40 -50.17 44.83 38.27
CA GLN EA 40 -51.38 44.93 39.06
C GLN EA 40 -51.15 44.64 40.53
N MET EA 41 -50.00 44.08 40.89
CA MET EA 41 -49.63 44.06 42.29
C MET EA 41 -49.37 45.47 42.79
N HIS EA 42 -48.76 46.30 41.95
CA HIS EA 42 -48.39 47.64 42.34
C HIS EA 42 -49.37 48.68 41.81
N ASN EA 43 -50.64 48.28 41.72
CA ASN EA 43 -51.79 49.18 41.60
C ASN EA 43 -51.79 49.97 40.30
N ILE EA 44 -51.27 49.43 39.20
CA ILE EA 44 -51.48 50.08 37.92
C ILE EA 44 -52.03 49.03 36.96
N GLU EA 45 -53.08 49.38 36.22
CA GLU EA 45 -53.66 48.39 35.33
C GLU EA 45 -52.93 48.37 34.01
N ALA EA 46 -52.91 47.19 33.38
CA ALA EA 46 -52.31 47.02 32.07
C ALA EA 46 -53.33 46.43 31.13
N ASN EA 47 -52.96 46.33 29.85
CA ASN EA 47 -53.85 45.82 28.82
C ASN EA 47 -53.04 44.91 27.92
N LYS EA 48 -53.22 43.60 28.04
CA LYS EA 48 -52.48 42.69 27.17
C LYS EA 48 -53.07 42.74 25.77
N ILE EA 49 -52.48 43.56 24.92
CA ILE EA 49 -52.93 43.72 23.55
C ILE EA 49 -52.14 42.75 22.70
N ASP EA 50 -52.81 41.73 22.16
CA ASP EA 50 -52.16 40.85 21.20
C ASP EA 50 -51.95 41.59 19.89
N SER EA 51 -50.80 41.37 19.27
CA SER EA 51 -50.50 41.91 17.96
C SER EA 51 -50.28 40.80 16.94
N GLY EA 52 -51.02 39.71 17.07
CA GLY EA 52 -50.89 38.63 16.11
C GLY EA 52 -49.66 37.77 16.29
N LYS EA 53 -48.94 37.56 15.18
CA LYS EA 53 -47.70 36.79 15.16
C LYS EA 53 -46.51 37.60 15.63
N LEU EA 54 -46.67 38.91 15.82
CA LEU EA 54 -45.63 39.77 16.37
C LEU EA 54 -45.66 39.81 17.89
N GLY EA 55 -46.25 38.82 18.54
CA GLY EA 55 -46.26 38.76 19.99
C GLY EA 55 -47.26 39.73 20.61
N TYR EA 56 -47.39 39.61 21.92
CA TYR EA 56 -48.30 40.45 22.69
C TYR EA 56 -47.72 41.85 22.87
N SER EA 57 -48.49 42.71 23.53
CA SER EA 57 -48.04 44.07 23.83
C SER EA 57 -48.76 44.53 25.07
N ILE EA 58 -48.07 45.30 25.89
CA ILE EA 58 -48.61 45.77 27.16
C ILE EA 58 -48.59 47.29 27.13
N THR EA 59 -49.74 47.91 27.31
CA THR EA 59 -49.86 49.35 27.32
C THR EA 59 -50.46 49.80 28.63
N VAL EA 60 -49.88 50.82 29.25
CA VAL EA 60 -50.41 51.39 30.47
C VAL EA 60 -50.90 52.80 30.17
N ALA EA 61 -51.63 53.36 31.12
CA ALA EA 61 -52.13 54.71 30.96
C ALA EA 61 -51.02 55.72 31.17
N GLU EA 62 -51.26 56.94 30.72
CA GLU EA 62 -50.24 57.99 30.74
C GLU EA 62 -49.79 58.44 32.13
N PRO EA 63 -50.65 58.61 33.16
CA PRO EA 63 -50.10 58.96 34.47
C PRO EA 63 -49.35 57.83 35.15
N ASP EA 64 -49.56 56.59 34.73
CA ASP EA 64 -48.82 55.47 35.30
C ASP EA 64 -47.71 54.94 34.43
N PHE EA 65 -47.42 55.56 33.29
CA PHE EA 65 -46.24 55.12 32.53
C PHE EA 65 -44.96 55.41 33.29
N THR EA 66 -44.99 56.44 34.14
CA THR EA 66 -43.83 56.75 34.96
C THR EA 66 -43.59 55.66 35.99
N ALA EA 67 -44.62 55.29 36.73
CA ALA EA 67 -44.46 54.31 37.79
C ALA EA 67 -44.24 52.91 37.24
N ALA EA 68 -44.82 52.59 36.09
CA ALA EA 68 -44.73 51.23 35.60
C ALA EA 68 -43.35 50.94 35.04
N VAL EA 69 -42.68 51.93 34.46
CA VAL EA 69 -41.34 51.70 33.94
C VAL EA 69 -40.31 51.63 35.06
N TYR EA 70 -40.68 52.05 36.26
CA TYR EA 70 -39.85 51.73 37.42
C TYR EA 70 -39.93 50.27 37.77
N TRP EA 71 -41.13 49.70 37.78
CA TRP EA 71 -41.26 48.30 38.17
C TRP EA 71 -40.84 47.35 37.06
N ILE EA 72 -40.67 47.83 35.83
CA ILE EA 72 -39.99 47.01 34.85
C ILE EA 72 -38.51 46.92 35.20
N LYS EA 73 -37.96 47.96 35.79
CA LYS EA 73 -36.53 47.96 36.07
C LYS EA 73 -36.19 47.09 37.25
N THR EA 74 -36.93 47.23 38.36
CA THR EA 74 -36.56 46.53 39.59
C THR EA 74 -36.77 45.03 39.47
N TYR EA 75 -37.87 44.61 38.86
CA TYR EA 75 -38.12 43.19 38.70
C TYR EA 75 -37.43 42.61 37.48
N GLN EA 76 -36.78 43.46 36.69
CA GLN EA 76 -36.08 43.07 35.45
C GLN EA 76 -37.01 42.36 34.48
N LEU EA 77 -38.23 42.87 34.40
CA LEU EA 77 -39.19 42.35 33.43
C LEU EA 77 -38.79 42.78 32.02
N PRO EA 78 -39.13 42.00 30.99
CA PRO EA 78 -39.79 40.70 30.93
C PRO EA 78 -38.88 39.59 31.42
N PRO EA 79 -39.44 38.55 32.01
CA PRO EA 79 -38.61 37.48 32.57
C PRO EA 79 -37.89 36.72 31.49
N ARG EA 80 -36.64 36.40 31.77
CA ARG EA 80 -35.87 35.52 30.92
C ARG EA 80 -36.51 34.13 30.92
N PRO EA 81 -36.35 33.36 29.85
CA PRO EA 81 -36.93 32.01 29.83
C PRO EA 81 -36.25 31.13 30.86
N ARG EA 82 -37.06 30.40 31.63
CA ARG EA 82 -36.58 29.65 32.77
C ARG EA 82 -35.71 28.50 32.32
N VAL EA 83 -34.43 28.56 32.68
CA VAL EA 83 -33.39 27.72 32.12
C VAL EA 83 -33.13 26.54 33.05
N GLU EA 84 -33.10 25.35 32.48
CA GLU EA 84 -32.54 24.19 33.13
C GLU EA 84 -31.26 23.80 32.40
N ILE EA 85 -30.51 22.90 33.02
CA ILE EA 85 -29.14 22.66 32.62
C ILE EA 85 -29.09 21.93 31.29
N ALA EA 86 -30.11 21.13 31.00
CA ALA EA 86 -30.08 20.28 29.82
C ALA EA 86 -30.41 21.02 28.53
N GLN EA 87 -30.75 22.31 28.60
CA GLN EA 87 -30.95 23.06 27.36
C GLN EA 87 -29.65 23.38 26.67
N MET EA 88 -28.52 23.23 27.35
CA MET EA 88 -27.23 23.54 26.76
C MET EA 88 -26.42 22.29 26.46
N PHE EA 89 -27.09 21.15 26.37
CA PHE EA 89 -26.49 19.91 25.89
C PHE EA 89 -27.54 19.21 25.04
N PRO EA 90 -27.77 19.68 23.81
CA PRO EA 90 -28.94 19.20 23.07
C PRO EA 90 -28.75 17.82 22.46
N ALA EA 91 -27.51 17.49 22.07
CA ALA EA 91 -27.13 16.21 21.45
C ALA EA 91 -27.97 15.93 20.20
N ASP EA 92 -27.83 16.79 19.19
CA ASP EA 92 -28.55 16.56 17.95
C ASP EA 92 -27.89 15.46 17.11
N SER EA 93 -26.62 15.62 16.77
CA SER EA 93 -25.89 14.61 16.02
C SER EA 93 -24.43 14.54 16.45
N LEU EA 94 -24.09 15.22 17.53
CA LEU EA 94 -22.73 15.23 18.03
C LEU EA 94 -22.51 13.99 18.90
N VAL EA 95 -21.23 13.60 19.02
CA VAL EA 95 -20.87 12.32 19.65
C VAL EA 95 -21.17 12.33 21.15
N SER EA 96 -21.23 13.51 21.78
CA SER EA 96 -21.77 13.73 23.12
C SER EA 96 -21.00 12.95 24.19
N SER EA 97 -19.79 13.46 24.45
CA SER EA 97 -18.84 13.06 25.49
C SER EA 97 -19.50 12.77 26.83
N PRO EA 98 -18.97 11.83 27.63
CA PRO EA 98 -19.69 11.35 28.82
C PRO EA 98 -19.97 12.37 29.90
N ARG EA 99 -19.36 13.55 29.82
CA ARG EA 99 -19.82 14.67 30.63
C ARG EA 99 -21.19 15.16 30.20
N ALA EA 100 -21.50 15.08 28.91
CA ALA EA 100 -22.77 15.61 28.44
C ALA EA 100 -23.93 14.71 28.82
N GLU EA 101 -23.68 13.41 28.99
CA GLU EA 101 -24.75 12.54 29.45
C GLU EA 101 -25.15 12.80 30.89
N LYS EA 102 -24.18 12.97 31.80
CA LYS EA 102 -24.56 13.24 33.18
C LYS EA 102 -25.08 14.66 33.35
N ALA EA 103 -24.76 15.54 32.41
CA ALA EA 103 -25.31 16.89 32.49
C ALA EA 103 -26.81 16.88 32.25
N ARG EA 104 -27.27 16.23 31.18
CA ARG EA 104 -28.70 16.21 30.93
C ARG EA 104 -29.39 15.09 31.71
N LEU EA 105 -28.63 14.18 32.32
CA LEU EA 105 -29.25 13.19 33.20
C LEU EA 105 -29.74 13.84 34.47
N TYR EA 106 -28.82 14.47 35.21
CA TYR EA 106 -29.19 15.12 36.47
C TYR EA 106 -30.13 16.30 36.25
N SER EA 107 -30.03 16.96 35.10
CA SER EA 107 -30.91 18.08 34.83
C SER EA 107 -32.35 17.65 34.66
N ALA EA 108 -32.56 16.49 34.03
CA ALA EA 108 -33.91 15.96 33.96
C ALA EA 108 -34.38 15.47 35.31
N ILE EA 109 -33.47 15.10 36.20
CA ILE EA 109 -33.88 14.73 37.55
C ILE EA 109 -34.22 15.99 38.35
N GLU EA 110 -33.53 17.10 38.09
CA GLU EA 110 -33.88 18.38 38.72
C GLU EA 110 -35.29 18.81 38.34
N GLN EA 111 -35.66 18.60 37.08
CA GLN EA 111 -36.99 18.99 36.64
C GLN EA 111 -38.04 18.07 37.22
N ARG EA 112 -37.75 16.78 37.28
CA ARG EA 112 -38.78 15.80 37.62
C ARG EA 112 -39.08 15.81 39.12
N LEU EA 113 -38.08 16.06 39.95
CA LEU EA 113 -38.35 16.26 41.38
C LEU EA 113 -39.08 17.56 41.62
N GLU EA 114 -38.84 18.57 40.79
CA GLU EA 114 -39.59 19.81 40.86
C GLU EA 114 -41.05 19.59 40.49
N GLN EA 115 -41.31 18.75 39.48
CA GLN EA 115 -42.69 18.42 39.10
C GLN EA 115 -43.42 17.64 40.17
N SER EA 116 -42.68 16.95 41.05
CA SER EA 116 -43.30 16.08 42.03
C SER EA 116 -43.57 16.75 43.35
N LEU EA 117 -42.66 17.64 43.78
CA LEU EA 117 -42.95 18.44 44.97
C LEU EA 117 -44.14 19.34 44.76
N GLN EA 118 -44.35 19.78 43.51
CA GLN EA 118 -45.46 20.65 43.18
C GLN EA 118 -46.80 19.95 43.35
N THR EA 119 -46.81 18.61 43.32
CA THR EA 119 -48.02 17.83 43.56
C THR EA 119 -48.05 17.21 44.95
N MET EA 120 -47.46 17.87 45.94
CA MET EA 120 -47.69 17.48 47.32
C MET EA 120 -48.91 18.21 47.86
N GLU EA 121 -49.12 18.15 49.17
CA GLU EA 121 -50.27 18.78 49.79
C GLU EA 121 -49.92 20.23 50.09
N GLY EA 122 -50.40 21.14 49.26
CA GLY EA 122 -50.27 22.55 49.53
C GLY EA 122 -49.10 23.24 48.87
N VAL EA 123 -48.17 22.52 48.26
CA VAL EA 123 -47.07 23.19 47.59
C VAL EA 123 -47.58 23.81 46.31
N LEU EA 124 -47.47 25.14 46.21
CA LEU EA 124 -47.86 25.80 44.97
C LEU EA 124 -46.80 25.63 43.90
N SER EA 125 -45.54 25.93 44.25
CA SER EA 125 -44.45 25.88 43.32
C SER EA 125 -43.22 25.34 44.01
N ALA EA 126 -42.26 24.89 43.22
CA ALA EA 126 -41.07 24.29 43.80
C ALA EA 126 -39.90 24.46 42.86
N ARG EA 127 -38.69 24.48 43.43
CA ARG EA 127 -37.44 24.47 42.68
C ARG EA 127 -36.50 23.52 43.38
N VAL EA 128 -35.78 22.72 42.60
CA VAL EA 128 -34.85 21.73 43.14
C VAL EA 128 -33.53 21.85 42.39
N HIS EA 129 -32.44 21.94 43.13
CA HIS EA 129 -31.10 21.93 42.56
C HIS EA 129 -30.35 20.71 43.06
N ILE EA 130 -29.47 20.19 42.21
CA ILE EA 130 -28.65 19.04 42.54
C ILE EA 130 -27.19 19.47 42.44
N SER EA 131 -26.39 19.07 43.42
CA SER EA 131 -24.96 19.26 43.32
C SER EA 131 -24.40 18.40 42.20
N TYR EA 132 -23.66 19.01 41.29
CA TYR EA 132 -23.12 18.30 40.14
C TYR EA 132 -21.67 17.94 40.41
N ASP EA 133 -21.46 16.77 41.02
CA ASP EA 133 -20.16 16.14 41.03
C ASP EA 133 -20.04 15.41 39.70
N ILE EA 134 -19.28 15.97 38.78
CA ILE EA 134 -19.22 15.47 37.42
C ILE EA 134 -17.86 14.84 37.12
N ASP EA 135 -16.78 15.46 37.58
CA ASP EA 135 -15.44 15.01 37.21
C ASP EA 135 -14.88 13.95 38.16
N ALA EA 136 -15.74 13.11 38.73
CA ALA EA 136 -15.30 12.08 39.65
C ALA EA 136 -14.50 11.00 38.93
N GLY EA 137 -14.93 10.60 37.74
CA GLY EA 137 -14.20 9.61 36.96
C GLY EA 137 -12.93 10.14 36.33
N GLU EA 138 -12.90 11.43 36.00
CA GLU EA 138 -11.73 12.02 35.34
C GLU EA 138 -10.58 12.26 36.31
N ASN EA 139 -10.89 12.52 37.58
CA ASN EA 139 -9.86 12.65 38.60
C ASN EA 139 -9.39 11.31 39.14
N GLY EA 140 -10.11 10.23 38.88
CA GLY EA 140 -9.76 8.94 39.45
C GLY EA 140 -10.04 8.86 40.93
N ARG EA 141 -11.20 9.34 41.35
CA ARG EA 141 -11.57 9.46 42.75
C ARG EA 141 -12.99 8.91 42.96
N PRO EA 142 -13.31 8.49 44.18
CA PRO EA 142 -14.71 8.20 44.50
C PRO EA 142 -15.51 9.48 44.53
N PRO EA 143 -16.76 9.45 44.11
CA PRO EA 143 -17.53 10.69 43.97
C PRO EA 143 -17.96 11.24 45.33
N LYS EA 144 -18.33 12.51 45.29
CA LYS EA 144 -18.74 13.22 46.48
C LYS EA 144 -20.18 12.84 46.83
N PRO EA 145 -20.59 13.06 48.08
CA PRO EA 145 -22.00 12.89 48.40
C PRO EA 145 -22.84 13.90 47.65
N VAL EA 146 -24.06 13.50 47.32
CA VAL EA 146 -24.96 14.37 46.58
C VAL EA 146 -25.61 15.34 47.55
N HIS EA 147 -25.53 16.63 47.24
CA HIS EA 147 -26.18 17.67 47.99
C HIS EA 147 -27.32 18.21 47.15
N LEU EA 148 -28.38 18.67 47.81
CA LEU EA 148 -29.50 19.21 47.05
C LEU EA 148 -30.27 20.23 47.84
N SER EA 149 -30.86 21.19 47.12
CA SER EA 149 -31.57 22.29 47.72
C SER EA 149 -33.00 22.30 47.19
N ALA EA 150 -33.91 22.87 47.97
CA ALA EA 150 -35.30 22.89 47.57
C ALA EA 150 -35.99 24.15 48.04
N LEU EA 151 -36.82 24.72 47.18
CA LEU EA 151 -37.68 25.84 47.51
C LEU EA 151 -39.12 25.38 47.37
N ALA EA 152 -40.02 26.04 48.10
CA ALA EA 152 -41.41 25.58 48.15
C ALA EA 152 -42.30 26.71 48.63
N VAL EA 153 -43.40 26.92 47.94
CA VAL EA 153 -44.31 28.00 48.24
C VAL EA 153 -45.62 27.38 48.71
N TYR EA 154 -45.91 27.50 49.99
CA TYR EA 154 -47.11 26.93 50.57
C TYR EA 154 -48.27 27.93 50.58
N GLU EA 155 -49.43 27.45 51.03
CA GLU EA 155 -50.56 28.35 51.19
C GLU EA 155 -50.36 29.24 52.40
N ARG EA 156 -51.27 30.19 52.55
CA ARG EA 156 -51.49 30.81 53.84
C ARG EA 156 -52.02 29.78 54.83
N GLY EA 157 -51.78 30.03 56.12
CA GLY EA 157 -52.37 29.23 57.16
C GLY EA 157 -51.72 27.89 57.42
N SER EA 158 -50.84 27.42 56.55
CA SER EA 158 -50.20 26.15 56.82
C SER EA 158 -49.12 26.32 57.88
N PRO EA 159 -48.99 25.38 58.79
CA PRO EA 159 -47.90 25.44 59.78
C PRO EA 159 -46.56 25.00 59.20
N LEU EA 160 -45.83 25.95 58.59
CA LEU EA 160 -44.65 25.67 57.78
C LEU EA 160 -43.53 24.93 58.50
N ALA EA 161 -43.52 24.92 59.82
CA ALA EA 161 -42.44 24.24 60.55
C ALA EA 161 -42.60 22.72 60.58
N HIS EA 162 -43.64 22.17 59.95
CA HIS EA 162 -43.85 20.73 59.96
C HIS EA 162 -43.88 20.10 58.58
N GLN EA 163 -44.16 20.86 57.53
CA GLN EA 163 -44.00 20.34 56.19
C GLN EA 163 -42.54 20.34 55.75
N ILE EA 164 -41.66 20.88 56.58
CA ILE EA 164 -40.23 20.83 56.30
C ILE EA 164 -39.72 19.40 56.44
N SER EA 165 -40.38 18.58 57.24
CA SER EA 165 -39.93 17.21 57.44
C SER EA 165 -40.38 16.29 56.32
N ASP EA 166 -41.52 16.58 55.70
CA ASP EA 166 -42.03 15.75 54.63
C ASP EA 166 -41.16 15.83 53.39
N ILE EA 167 -40.79 17.04 52.99
CA ILE EA 167 -39.94 17.23 51.83
C ILE EA 167 -38.58 16.61 52.10
N LYS EA 168 -38.00 16.91 53.24
CA LYS EA 168 -36.67 16.45 53.60
C LYS EA 168 -36.61 14.94 53.78
N ARG EA 169 -37.74 14.29 54.08
CA ARG EA 169 -37.83 12.84 54.04
C ARG EA 169 -38.02 12.34 52.61
N PHE EA 170 -38.77 13.09 51.81
CA PHE EA 170 -39.11 12.66 50.46
C PHE EA 170 -37.89 12.55 49.58
N LEU EA 171 -37.15 13.64 49.41
CA LEU EA 171 -36.10 13.60 48.42
C LEU EA 171 -34.74 13.26 49.02
N LYS EA 172 -34.72 12.76 50.26
CA LYS EA 172 -33.56 11.98 50.70
C LYS EA 172 -33.39 10.75 49.82
N ASN EA 173 -34.39 9.88 49.83
CA ASN EA 173 -34.30 8.63 49.12
C ASN EA 173 -34.60 8.75 47.65
N SER EA 174 -34.59 9.95 47.09
CA SER EA 174 -34.62 10.12 45.66
C SER EA 174 -33.23 10.08 45.06
N PHE EA 175 -32.20 9.94 45.88
CA PHE EA 175 -30.82 9.81 45.42
C PHE EA 175 -30.08 8.79 46.24
N ALA EA 176 -28.86 8.48 45.78
CA ALA EA 176 -28.15 7.29 46.26
C ALA EA 176 -27.54 7.52 47.63
N ASP EA 177 -26.63 8.48 47.75
CA ASP EA 177 -25.91 8.69 49.01
C ASP EA 177 -26.08 10.14 49.48
N VAL EA 178 -27.20 10.42 50.12
CA VAL EA 178 -27.41 11.74 50.72
C VAL EA 178 -27.71 11.54 52.20
N ASP EA 179 -27.68 12.65 52.93
CA ASP EA 179 -27.99 12.61 54.34
C ASP EA 179 -29.10 13.60 54.63
N TYR EA 180 -29.38 13.84 55.90
CA TYR EA 180 -30.27 14.91 56.32
C TYR EA 180 -29.52 16.20 56.57
N ASP EA 181 -28.26 16.25 56.19
CA ASP EA 181 -27.47 17.47 56.27
C ASP EA 181 -27.11 18.01 54.90
N ASN EA 182 -27.22 17.20 53.86
CA ASN EA 182 -26.97 17.65 52.50
C ASN EA 182 -28.24 18.16 51.83
N ILE EA 183 -29.34 18.25 52.57
CA ILE EA 183 -30.61 18.69 52.03
C ILE EA 183 -30.95 20.03 52.68
N SER EA 184 -31.11 21.06 51.86
CA SER EA 184 -31.36 22.40 52.34
C SER EA 184 -32.68 22.90 51.77
N VAL EA 185 -33.73 22.87 52.58
CA VAL EA 185 -35.06 23.25 52.12
C VAL EA 185 -35.47 24.49 52.88
N VAL EA 186 -35.67 25.58 52.14
CA VAL EA 186 -36.09 26.85 52.72
C VAL EA 186 -37.44 27.18 52.09
N LEU EA 187 -38.51 26.82 52.76
CA LEU EA 187 -39.86 26.97 52.24
C LEU EA 187 -40.56 28.16 52.88
N SER EA 188 -41.31 28.88 52.06
CA SER EA 188 -41.88 30.16 52.43
C SER EA 188 -43.31 30.23 51.93
N GLU EA 189 -44.23 30.68 52.77
CA GLU EA 189 -45.62 30.75 52.38
C GLU EA 189 -45.83 31.86 51.37
N ARG EA 190 -46.91 31.76 50.61
CA ARG EA 190 -47.12 32.70 49.51
C ARG EA 190 -47.52 34.07 50.04
N SER EA 191 -47.52 35.04 49.14
CA SER EA 191 -47.83 36.41 49.49
C SER EA 191 -49.34 36.57 49.69
N ASP EA 192 -49.74 37.80 49.98
CA ASP EA 192 -51.17 38.10 50.06
C ASP EA 192 -51.78 38.01 48.67
N ALA EA 193 -53.04 37.60 48.63
CA ALA EA 193 -53.71 37.39 47.36
C ALA EA 193 -54.07 38.72 46.72
N GLN EA 194 -53.70 38.88 45.45
CA GLN EA 194 -54.09 40.05 44.67
C GLN EA 194 -55.38 39.68 43.95
N LEU EA 195 -56.50 40.04 44.55
CA LEU EA 195 -57.82 39.74 44.01
C LEU EA 195 -58.57 41.01 43.65
N GLN EA 196 -57.91 42.16 43.75
CA GLN EA 196 -58.58 43.44 43.88
C GLN EA 196 -58.23 44.32 42.70
N ALA EA 197 -59.24 44.96 42.12
CA ALA EA 197 -59.05 45.70 40.88
C ALA EA 197 -58.19 46.94 41.13
N PRO EA 198 -57.18 47.19 40.30
CA PRO EA 198 -56.31 48.36 40.49
C PRO EA 198 -57.03 49.69 40.35
N GLY EA 199 -57.65 49.91 39.22
CA GLY EA 199 -58.39 51.14 39.01
C GLY EA 199 -57.81 52.02 37.94
N THR EA 200 -58.67 52.50 37.04
CA THR EA 200 -58.28 53.48 36.05
C THR EA 200 -58.00 54.83 36.74
N PRO EA 201 -57.06 55.61 36.24
CA PRO EA 201 -56.80 56.92 36.82
C PRO EA 201 -57.96 57.89 36.60
N VAL EA 202 -57.96 58.97 37.38
CA VAL EA 202 -59.00 59.97 37.29
C VAL EA 202 -58.62 60.96 36.19
N LYS EA 203 -59.63 61.68 35.70
CA LYS EA 203 -59.43 62.62 34.60
C LYS EA 203 -59.43 64.06 35.09
N ALA FA 171 -78.08 42.00 46.55
CA ALA FA 171 -78.72 40.69 46.58
C ALA FA 171 -78.37 39.96 47.86
N GLU FA 172 -78.95 38.77 48.03
CA GLU FA 172 -78.67 37.96 49.21
C GLU FA 172 -77.30 37.31 49.09
N LEU FA 173 -76.46 37.52 50.10
CA LEU FA 173 -75.10 37.01 50.06
C LEU FA 173 -75.05 35.49 50.17
N ASP FA 174 -76.09 34.88 50.75
CA ASP FA 174 -76.20 33.42 50.75
C ASP FA 174 -76.36 32.85 49.34
N SER FA 175 -76.83 33.65 48.38
CA SER FA 175 -76.87 33.22 47.00
C SER FA 175 -75.81 33.85 46.13
N LEU FA 176 -75.20 34.97 46.56
CA LEU FA 176 -74.05 35.50 45.85
C LEU FA 176 -72.83 34.61 45.99
N LEU FA 177 -72.76 33.84 47.07
CA LEU FA 177 -71.77 32.79 47.23
C LEU FA 177 -72.22 31.56 46.47
N GLY FA 178 -71.58 30.43 46.71
CA GLY FA 178 -71.87 29.23 45.93
C GLY FA 178 -73.24 28.63 46.21
N GLN FA 179 -73.47 27.50 45.54
CA GLN FA 179 -74.76 26.80 45.62
C GLN FA 179 -75.00 26.21 47.02
N GLU FA 180 -73.94 25.79 47.69
CA GLU FA 180 -74.06 25.12 48.98
C GLU FA 180 -74.17 26.14 50.10
N LYS FA 181 -75.30 26.10 50.83
CA LYS FA 181 -75.51 27.09 51.87
C LYS FA 181 -74.75 26.74 53.14
N GLU FA 182 -74.50 25.45 53.36
CA GLU FA 182 -73.93 25.01 54.63
C GLU FA 182 -72.45 25.35 54.76
N ARG FA 183 -71.78 25.69 53.67
CA ARG FA 183 -70.34 25.92 53.73
C ARG FA 183 -70.00 27.25 54.37
N PHE FA 184 -70.82 28.26 54.18
CA PHE FA 184 -70.57 29.57 54.76
C PHE FA 184 -71.66 29.90 55.75
N GLN FA 185 -71.41 30.91 56.57
CA GLN FA 185 -72.39 31.36 57.55
C GLN FA 185 -72.24 32.87 57.71
N VAL FA 186 -73.19 33.63 57.17
CA VAL FA 186 -73.10 35.08 57.22
C VAL FA 186 -73.38 35.57 58.64
N LEU FA 187 -72.77 36.70 58.98
CA LEU FA 187 -72.82 37.21 60.34
C LEU FA 187 -73.07 38.71 60.33
N PRO FA 188 -74.25 39.16 60.68
CA PRO FA 188 -74.52 40.59 60.72
C PRO FA 188 -73.89 41.28 61.91
N GLY FA 189 -72.65 41.75 61.73
CA GLY FA 189 -71.93 42.43 62.79
C GLY FA 189 -72.57 43.75 63.21
N ARG FA 190 -72.06 44.26 64.33
CA ARG FA 190 -72.68 45.41 64.98
C ARG FA 190 -72.26 46.75 64.40
N ASP FA 191 -71.16 46.80 63.65
CA ASP FA 191 -70.62 48.07 63.15
C ASP FA 191 -70.92 48.31 61.68
N LYS FA 192 -72.12 47.90 61.23
CA LYS FA 192 -72.75 48.07 59.93
C LYS FA 192 -72.13 47.18 58.85
N MET FA 193 -71.04 46.51 59.15
CA MET FA 193 -70.38 45.64 58.18
C MET FA 193 -70.85 44.21 58.41
N LEU FA 194 -71.12 43.51 57.32
CA LEU FA 194 -71.53 42.11 57.38
C LEU FA 194 -70.30 41.23 57.23
N TYR FA 195 -70.33 40.06 57.86
CA TYR FA 195 -69.19 39.14 57.86
C TYR FA 195 -69.65 37.77 57.42
N VAL FA 196 -68.76 37.06 56.72
CA VAL FA 196 -69.03 35.70 56.27
C VAL FA 196 -67.89 34.79 56.71
N ALA FA 197 -68.23 33.74 57.45
CA ALA FA 197 -67.26 32.92 58.14
C ALA FA 197 -66.92 31.69 57.29
N ALA FA 198 -65.76 31.69 56.69
CA ALA FA 198 -65.32 30.52 55.96
C ALA FA 198 -64.82 29.47 56.94
N GLN FA 199 -64.51 28.29 56.41
CA GLN FA 199 -64.02 27.19 57.23
C GLN FA 199 -62.54 26.91 57.06
N ASN FA 200 -61.99 27.11 55.87
CA ASN FA 200 -60.56 26.92 55.65
C ASN FA 200 -60.11 27.91 54.57
N GLU FA 201 -58.91 27.69 54.04
CA GLU FA 201 -58.34 28.64 53.10
C GLU FA 201 -58.74 28.36 51.65
N ARG FA 202 -59.54 27.33 51.38
CA ARG FA 202 -60.16 27.29 50.07
C ARG FA 202 -61.47 28.06 50.07
N ASP FA 203 -62.26 27.93 51.14
CA ASP FA 203 -63.50 28.67 51.23
C ASP FA 203 -63.27 30.15 51.43
N THR FA 204 -62.13 30.52 52.03
CA THR FA 204 -61.81 31.94 52.18
C THR FA 204 -61.53 32.56 50.82
N LEU FA 205 -60.73 31.88 49.99
CA LEU FA 205 -60.52 32.35 48.63
C LEU FA 205 -61.76 32.16 47.76
N TRP FA 206 -62.69 31.31 48.18
CA TRP FA 206 -63.97 31.27 47.50
C TRP FA 206 -64.80 32.50 47.81
N ALA FA 207 -64.77 32.96 49.05
CA ALA FA 207 -65.61 34.08 49.45
C ALA FA 207 -64.91 35.42 49.34
N ARG FA 208 -63.58 35.46 49.43
CA ARG FA 208 -62.88 36.69 49.09
C ARG FA 208 -62.80 36.92 47.60
N GLN FA 209 -63.20 35.94 46.79
CA GLN FA 209 -63.27 36.20 45.36
C GLN FA 209 -64.54 36.95 45.01
N VAL FA 210 -65.66 36.58 45.63
CA VAL FA 210 -66.95 37.20 45.34
C VAL FA 210 -66.95 38.67 45.74
N LEU FA 211 -66.47 38.96 46.95
CA LEU FA 211 -66.59 40.31 47.48
C LEU FA 211 -65.63 41.29 46.85
N ALA FA 212 -64.57 40.82 46.21
CA ALA FA 212 -63.61 41.71 45.59
C ALA FA 212 -63.81 41.84 44.09
N ARG FA 213 -64.50 40.88 43.48
CA ARG FA 213 -64.81 40.93 42.06
C ARG FA 213 -65.92 41.93 41.77
N GLY FA 214 -66.89 42.05 42.66
CA GLY FA 214 -68.10 42.72 42.29
C GLY FA 214 -68.75 43.46 43.42
N ASP FA 215 -70.06 43.32 43.55
CA ASP FA 215 -70.83 44.18 44.44
C ASP FA 215 -71.65 43.37 45.43
N TYR FA 216 -71.56 43.78 46.69
CA TYR FA 216 -72.62 43.63 47.67
C TYR FA 216 -72.97 45.03 48.09
N ASP FA 217 -74.26 45.32 48.31
CA ASP FA 217 -74.67 46.70 48.54
C ASP FA 217 -74.47 47.14 49.99
N LYS FA 218 -73.30 46.83 50.55
CA LYS FA 218 -72.82 47.15 51.89
C LYS FA 218 -71.41 46.57 51.94
N ASN FA 219 -70.66 46.89 52.98
CA ASN FA 219 -69.34 46.33 53.14
C ASN FA 219 -69.44 44.90 53.64
N ALA FA 220 -68.53 44.04 53.16
CA ALA FA 220 -68.53 42.64 53.54
C ALA FA 220 -67.09 42.16 53.64
N ARG FA 221 -66.83 41.28 54.61
CA ARG FA 221 -65.47 40.96 55.02
C ARG FA 221 -65.40 39.52 55.49
N VAL FA 222 -64.57 38.73 54.84
CA VAL FA 222 -64.47 37.31 55.15
C VAL FA 222 -63.55 37.13 56.34
N ILE FA 223 -64.02 36.41 57.35
CA ILE FA 223 -63.19 36.07 58.50
C ILE FA 223 -62.97 34.56 58.49
N ASN FA 224 -61.80 34.15 58.98
CA ASN FA 224 -61.43 32.75 59.01
C ASN FA 224 -61.27 32.34 60.46
N GLU FA 225 -61.11 31.04 60.70
CA GLU FA 225 -60.93 30.59 62.08
C GLU FA 225 -59.48 30.69 62.47
N ASN FA 226 -58.57 30.40 61.54
CA ASN FA 226 -57.14 30.40 61.85
C ASN FA 226 -56.45 31.68 61.47
N GLU FA 227 -57.17 32.66 60.95
CA GLU FA 227 -56.54 33.94 60.64
C GLU FA 227 -57.04 35.03 61.57
N GLU FA 228 -58.34 35.05 61.87
CA GLU FA 228 -58.88 35.98 62.84
C GLU FA 228 -58.37 35.67 64.23
N ASN FA 229 -58.08 34.40 64.51
CA ASN FA 229 -57.34 34.03 65.71
C ASN FA 229 -55.99 34.70 65.74
N LYS FA 230 -55.29 34.73 64.61
CA LYS FA 230 -53.98 35.35 64.58
C LYS FA 230 -54.08 36.86 64.55
N ARG FA 231 -55.19 37.41 64.04
CA ARG FA 231 -55.35 38.86 63.99
C ARG FA 231 -55.53 39.45 65.38
N ILE FA 232 -56.24 38.73 66.25
CA ILE FA 232 -56.48 39.19 67.61
C ILE FA 232 -55.16 39.22 68.39
N SER FA 233 -54.30 38.23 68.17
CA SER FA 233 -53.02 38.16 68.85
C SER FA 233 -52.07 39.28 68.43
N ILE FA 234 -52.29 39.89 67.27
CA ILE FA 234 -51.52 41.07 66.92
C ILE FA 234 -52.01 42.27 67.71
N TRP FA 235 -53.30 42.29 68.05
CA TRP FA 235 -53.83 43.29 68.96
C TRP FA 235 -53.53 42.93 70.41
N LEU FA 236 -53.53 41.64 70.73
CA LEU FA 236 -53.56 41.23 72.12
C LEU FA 236 -52.19 41.29 72.75
N ASP FA 237 -51.11 41.18 71.98
CA ASP FA 237 -49.80 41.23 72.59
C ASP FA 237 -49.38 42.65 72.95
N THR FA 238 -50.01 43.67 72.37
CA THR FA 238 -49.75 45.03 72.79
C THR FA 238 -50.56 45.40 74.02
N TYR FA 239 -51.88 45.22 73.96
CA TYR FA 239 -52.73 45.69 75.03
C TYR FA 239 -52.83 44.71 76.19
N TYR FA 240 -52.42 43.46 75.99
CA TYR FA 240 -52.24 42.51 77.09
C TYR FA 240 -51.02 41.63 76.86
N PRO FA 241 -49.82 42.16 77.05
CA PRO FA 241 -48.65 41.28 77.10
C PRO FA 241 -48.64 40.54 78.43
N GLN FA 242 -47.81 39.49 78.48
CA GLN FA 242 -47.79 38.53 79.59
C GLN FA 242 -49.17 37.92 79.85
N LEU FA 243 -49.95 37.73 78.79
CA LEU FA 243 -51.23 37.04 78.89
C LEU FA 243 -51.04 35.61 78.43
N ALA FA 244 -51.47 34.67 79.24
CA ALA FA 244 -51.34 33.25 78.93
C ALA FA 244 -52.70 32.76 78.44
N TYR FA 245 -52.78 32.50 77.15
CA TYR FA 245 -54.00 32.04 76.52
C TYR FA 245 -53.61 31.03 75.45
N TYR FA 246 -54.57 30.23 75.03
CA TYR FA 246 -54.28 29.18 74.07
C TYR FA 246 -54.71 29.56 72.66
N ARG FA 247 -55.99 29.80 72.47
CA ARG FA 247 -56.60 29.82 71.15
C ARG FA 247 -58.04 30.27 71.29
N ILE FA 248 -58.51 31.05 70.34
CA ILE FA 248 -59.92 31.41 70.26
C ILE FA 248 -60.60 30.44 69.29
N HIS FA 249 -61.88 30.19 69.50
CA HIS FA 249 -62.57 29.13 68.77
C HIS FA 249 -63.87 29.62 68.17
N PHE FA 250 -64.03 29.36 66.87
CA PHE FA 250 -65.12 29.90 66.07
C PHE FA 250 -66.03 28.79 65.55
N ASP FA 251 -66.35 27.82 66.39
CA ASP FA 251 -67.25 26.76 65.98
C ASP FA 251 -68.68 27.28 65.88
N GLU FA 252 -69.12 28.00 66.92
CA GLU FA 252 -70.32 28.83 66.83
C GLU FA 252 -69.84 30.26 66.76
N PRO FA 253 -69.75 30.85 65.55
CA PRO FA 253 -69.09 32.15 65.40
C PRO FA 253 -69.89 33.32 65.96
N ARG FA 254 -71.14 33.09 66.38
CA ARG FA 254 -71.87 34.14 67.09
C ARG FA 254 -71.26 34.42 68.44
N LYS FA 255 -70.70 33.41 69.10
CA LYS FA 255 -69.98 33.68 70.34
C LYS FA 255 -68.77 32.76 70.46
N PRO FA 256 -67.56 33.32 70.50
CA PRO FA 256 -66.36 32.49 70.56
C PRO FA 256 -65.99 32.09 71.98
N VAL FA 257 -65.30 30.96 72.07
CA VAL FA 257 -64.80 30.44 73.33
C VAL FA 257 -63.29 30.65 73.32
N PHE FA 258 -62.82 31.53 74.19
CA PHE FA 258 -61.44 31.96 74.21
C PHE FA 258 -60.77 31.40 75.46
N TRP FA 259 -59.99 30.34 75.27
CA TRP FA 259 -59.37 29.64 76.39
C TRP FA 259 -58.25 30.48 76.99
N LEU FA 260 -58.07 30.35 78.30
CA LEU FA 260 -56.94 30.94 78.99
C LEU FA 260 -56.31 29.92 79.91
N SER FA 261 -55.08 30.21 80.31
CA SER FA 261 -54.42 29.41 81.33
C SER FA 261 -55.00 29.77 82.69
N ARG FA 262 -55.53 28.76 83.39
CA ARG FA 262 -55.96 28.98 84.76
C ARG FA 262 -54.77 29.24 85.66
N GLN FA 263 -53.63 28.63 85.37
CA GLN FA 263 -52.49 28.71 86.27
C GLN FA 263 -51.71 30.00 86.09
N ARG FA 264 -51.44 30.39 84.86
CA ARG FA 264 -50.52 31.48 84.59
C ARG FA 264 -51.20 32.82 84.39
N ASN FA 265 -52.44 32.97 84.84
CA ASN FA 265 -53.16 34.24 84.73
C ASN FA 265 -53.49 34.74 86.12
N THR FA 266 -52.97 35.91 86.45
CA THR FA 266 -53.23 36.59 87.71
C THR FA 266 -54.33 37.61 87.59
N MET FA 267 -55.04 37.62 86.46
CA MET FA 267 -56.16 38.54 86.28
C MET FA 267 -57.32 38.16 87.17
N SER FA 268 -57.92 39.16 87.80
CA SER FA 268 -59.07 38.93 88.65
C SER FA 268 -60.33 38.89 87.78
N LYS FA 269 -61.47 38.54 88.39
CA LYS FA 269 -62.69 38.36 87.62
C LYS FA 269 -63.32 39.69 87.23
N LYS FA 270 -62.83 40.79 87.80
CA LYS FA 270 -63.29 42.11 87.38
C LYS FA 270 -62.84 42.43 85.97
N GLU FA 271 -61.54 42.52 85.74
CA GLU FA 271 -61.02 42.89 84.43
C GLU FA 271 -61.07 41.75 83.43
N LEU FA 272 -61.35 40.52 83.87
CA LEU FA 272 -61.58 39.45 82.91
C LEU FA 272 -62.90 39.66 82.19
N GLU FA 273 -63.87 40.28 82.85
CA GLU FA 273 -65.10 40.68 82.17
C GLU FA 273 -64.86 41.90 81.30
N VAL FA 274 -63.89 42.75 81.66
CA VAL FA 274 -63.43 43.79 80.76
C VAL FA 274 -62.77 43.17 79.54
N LEU FA 275 -62.03 42.08 79.75
CA LEU FA 275 -61.39 41.38 78.64
C LEU FA 275 -62.40 40.69 77.74
N SER FA 276 -63.58 40.33 78.26
CA SER FA 276 -64.66 39.87 77.41
C SER FA 276 -65.36 41.01 76.68
N GLN FA 277 -65.03 42.26 77.00
CA GLN FA 277 -65.56 43.40 76.28
C GLN FA 277 -64.53 44.10 75.40
N LYS FA 278 -63.24 43.94 75.69
CA LYS FA 278 -62.22 44.45 74.77
C LYS FA 278 -62.19 43.63 73.49
N LEU FA 279 -62.45 42.32 73.59
CA LEU FA 279 -62.42 41.47 72.40
C LEU FA 279 -63.63 41.70 71.51
N ARG FA 280 -64.75 42.11 72.09
CA ARG FA 280 -65.94 42.39 71.30
C ARG FA 280 -65.77 43.63 70.42
N ALA FA 281 -64.86 44.53 70.78
CA ALA FA 281 -64.54 45.64 69.90
C ALA FA 281 -63.76 45.18 68.68
N LEU FA 282 -63.13 44.01 68.74
CA LEU FA 282 -62.42 43.46 67.59
C LEU FA 282 -63.27 42.52 66.76
N MET FA 283 -64.28 41.90 67.37
CA MET FA 283 -65.15 40.94 66.70
C MET FA 283 -66.57 41.49 66.77
N PRO FA 284 -66.98 42.34 65.82
CA PRO FA 284 -68.33 42.92 65.87
C PRO FA 284 -69.41 41.89 65.62
N TYR FA 285 -69.10 40.85 64.85
CA TYR FA 285 -70.01 39.73 64.62
C TYR FA 285 -70.26 38.93 65.89
N ALA FA 286 -69.37 39.01 66.87
CA ALA FA 286 -69.50 38.20 68.06
C ALA FA 286 -70.56 38.76 68.99
N ASP FA 287 -71.25 37.85 69.69
CA ASP FA 287 -72.22 38.29 70.69
C ASP FA 287 -71.52 38.65 71.99
N SER FA 288 -70.89 37.66 72.62
CA SER FA 288 -70.16 37.85 73.87
C SER FA 288 -69.15 36.71 74.01
N VAL FA 289 -67.91 37.05 74.34
CA VAL FA 289 -66.85 36.06 74.38
C VAL FA 289 -67.01 35.19 75.63
N ASN FA 290 -66.97 33.88 75.43
CA ASN FA 290 -67.09 32.91 76.52
C ASN FA 290 -65.69 32.56 76.97
N ILE FA 291 -65.16 33.36 77.90
CA ILE FA 291 -63.83 33.12 78.44
C ILE FA 291 -63.89 31.98 79.44
N THR FA 292 -63.15 30.91 79.18
CA THR FA 292 -63.00 29.84 80.15
C THR FA 292 -61.52 29.61 80.41
N LEU FA 293 -61.25 28.71 81.35
CA LEU FA 293 -59.91 28.46 81.85
C LEU FA 293 -59.58 27.00 81.65
N MET FA 294 -58.34 26.71 81.24
CA MET FA 294 -57.88 25.33 81.10
C MET FA 294 -56.58 25.18 81.86
N ASP FA 295 -56.43 24.07 82.58
CA ASP FA 295 -55.20 23.85 83.33
C ASP FA 295 -54.07 23.49 82.39
N ASP FA 296 -52.88 24.02 82.69
CA ASP FA 296 -51.72 23.79 81.84
C ASP FA 296 -51.22 22.35 81.93
N VAL FA 297 -51.51 21.65 83.02
CA VAL FA 297 -51.10 20.25 83.11
C VAL FA 297 -52.00 19.36 82.25
N THR FA 298 -53.24 19.80 81.98
CA THR FA 298 -54.09 19.06 81.07
C THR FA 298 -53.69 19.27 79.64
N ALA FA 299 -53.17 20.46 79.31
CA ALA FA 299 -52.73 20.74 77.95
C ALA FA 299 -51.49 19.93 77.60
N ALA FA 300 -50.48 19.96 78.47
CA ALA FA 300 -49.29 19.16 78.24
C ALA FA 300 -49.53 17.69 78.48
N GLY FA 301 -50.60 17.34 79.20
CA GLY FA 301 -50.90 15.95 79.44
C GLY FA 301 -51.35 15.24 78.18
N GLN FA 302 -52.40 15.76 77.55
CA GLN FA 302 -52.95 15.13 76.34
C GLN FA 302 -51.98 15.20 75.18
N ALA FA 303 -51.10 16.20 75.16
CA ALA FA 303 -50.04 16.22 74.16
C ALA FA 303 -49.04 15.11 74.42
N GLU FA 304 -48.73 14.85 75.69
CA GLU FA 304 -47.84 13.75 75.99
C GLU FA 304 -48.57 12.41 75.92
N ALA FA 305 -49.80 12.36 76.42
CA ALA FA 305 -50.57 11.12 76.41
C ALA FA 305 -51.07 10.74 75.03
N GLY FA 306 -50.84 11.56 74.01
CA GLY FA 306 -51.12 11.16 72.66
C GLY FA 306 -49.83 10.79 71.94
N LEU FA 307 -48.76 11.51 72.26
CA LEU FA 307 -47.52 11.33 71.50
C LEU FA 307 -46.81 10.05 71.89
N LYS FA 308 -47.04 9.56 73.10
CA LYS FA 308 -46.60 8.21 73.42
C LYS FA 308 -47.68 7.17 73.10
N GLN FA 309 -48.91 7.61 72.83
CA GLN FA 309 -49.94 6.71 72.36
C GLN FA 309 -49.79 6.42 70.88
N GLN FA 310 -49.09 7.30 70.16
CA GLN FA 310 -48.69 7.03 68.78
C GLN FA 310 -47.39 6.26 68.69
N ALA FA 311 -46.79 5.93 69.84
CA ALA FA 311 -45.50 5.24 69.95
C ALA FA 311 -44.40 6.02 69.22
N LEU FA 312 -44.11 7.20 69.74
CA LEU FA 312 -43.11 8.07 69.15
C LEU FA 312 -42.02 8.39 70.16
N PRO FA 313 -40.76 8.34 69.77
CA PRO FA 313 -39.68 8.73 70.68
C PRO FA 313 -39.66 10.23 70.88
N TYR FA 314 -39.46 10.67 72.12
CA TYR FA 314 -39.48 12.09 72.41
C TYR FA 314 -38.68 12.35 73.67
N SER FA 315 -38.69 13.61 74.09
CA SER FA 315 -38.18 13.98 75.41
C SER FA 315 -38.88 15.26 75.84
N ARG FA 316 -39.74 15.15 76.84
CA ARG FA 316 -40.43 16.31 77.38
C ARG FA 316 -39.46 17.18 78.15
N ARG FA 317 -39.17 18.36 77.63
CA ARG FA 317 -38.42 19.36 78.37
C ARG FA 317 -39.39 20.47 78.77
N ASN FA 318 -39.40 20.79 80.05
CA ASN FA 318 -40.31 21.81 80.56
C ASN FA 318 -39.61 23.15 80.61
N HIS FA 319 -40.41 24.21 80.65
CA HIS FA 319 -39.88 25.54 80.87
C HIS FA 319 -40.85 26.31 81.75
N LYS FA 320 -40.43 27.50 82.13
CA LYS FA 320 -41.29 28.42 82.88
C LYS FA 320 -42.21 29.09 81.89
N GLY FA 321 -43.37 28.49 81.65
CA GLY FA 321 -44.34 29.05 80.73
C GLY FA 321 -44.36 28.35 79.38
N GLY FA 322 -44.32 27.03 79.39
CA GLY FA 322 -44.42 26.24 78.18
C GLY FA 322 -43.60 24.98 78.27
N VAL FA 323 -43.99 23.97 77.48
CA VAL FA 323 -43.25 22.74 77.37
C VAL FA 323 -42.82 22.58 75.92
N THR FA 324 -42.01 21.55 75.67
CA THR FA 324 -41.47 21.33 74.34
C THR FA 324 -41.21 19.85 74.15
N PHE FA 325 -41.77 19.28 73.09
CA PHE FA 325 -41.63 17.87 72.78
C PHE FA 325 -40.74 17.74 71.56
N VAL FA 326 -39.45 17.66 71.76
CA VAL FA 326 -38.57 17.42 70.62
C VAL FA 326 -38.61 15.93 70.28
N ILE FA 327 -38.75 15.65 68.99
CA ILE FA 327 -38.90 14.29 68.47
C ILE FA 327 -37.75 14.07 67.51
N GLN FA 328 -36.87 13.13 67.82
CA GLN FA 328 -35.74 12.93 66.91
C GLN FA 328 -35.48 11.45 66.66
N GLY FA 329 -34.46 11.19 65.85
CA GLY FA 329 -34.19 9.86 65.35
C GLY FA 329 -34.51 9.77 63.87
N ALA FA 330 -34.14 8.64 63.29
CA ALA FA 330 -34.45 8.36 61.88
C ALA FA 330 -35.84 7.77 61.81
N LEU FA 331 -36.83 8.65 61.90
CA LEU FA 331 -38.21 8.24 61.84
C LEU FA 331 -38.58 7.88 60.41
N ASP FA 332 -39.10 6.67 60.21
CA ASP FA 332 -39.55 6.28 58.89
C ASP FA 332 -41.00 6.72 58.69
N ASP FA 333 -41.62 6.22 57.62
CA ASP FA 333 -42.80 6.88 57.08
C ASP FA 333 -44.05 6.61 57.89
N VAL FA 334 -44.13 5.48 58.58
CA VAL FA 334 -45.33 5.13 59.31
C VAL FA 334 -45.49 6.02 60.52
N GLU FA 335 -44.37 6.38 61.14
CA GLU FA 335 -44.40 7.22 62.32
C GLU FA 335 -44.26 8.70 61.99
N ILE FA 336 -43.76 9.05 60.81
CA ILE FA 336 -43.69 10.46 60.43
C ILE FA 336 -45.06 10.98 60.04
N LEU FA 337 -46.01 10.07 59.73
CA LEU FA 337 -47.35 10.44 59.35
C LEU FA 337 -48.34 10.26 60.48
N ARG FA 338 -48.03 9.40 61.46
CA ARG FA 338 -48.79 9.45 62.69
C ARG FA 338 -48.44 10.69 63.49
N ALA FA 339 -47.26 11.26 63.27
CA ALA FA 339 -46.88 12.47 63.98
C ALA FA 339 -47.68 13.67 63.50
N ARG FA 340 -47.81 13.83 62.19
CA ARG FA 340 -48.39 15.06 61.65
C ARG FA 340 -49.90 15.10 61.83
N GLN FA 341 -50.57 13.97 61.76
CA GLN FA 341 -51.98 14.00 62.06
C GLN FA 341 -52.28 13.94 63.55
N PHE FA 342 -51.25 13.93 64.40
CA PHE FA 342 -51.46 14.28 65.79
C PHE FA 342 -51.16 15.74 66.08
N VAL FA 343 -50.10 16.27 65.48
CA VAL FA 343 -49.72 17.66 65.68
C VAL FA 343 -50.78 18.60 65.13
N ASP FA 344 -51.19 18.36 63.89
CA ASP FA 344 -52.23 19.17 63.28
C ASP FA 344 -53.59 18.92 63.89
N SER FA 345 -53.79 17.79 64.57
CA SER FA 345 -54.96 17.60 65.39
C SER FA 345 -54.81 18.17 66.79
N TYR FA 346 -53.61 18.61 67.15
CA TYR FA 346 -53.42 19.26 68.43
C TYR FA 346 -53.51 20.76 68.29
N TYR FA 347 -52.83 21.33 67.30
CA TYR FA 347 -52.85 22.76 67.07
C TYR FA 347 -54.21 23.24 66.61
N ARG FA 348 -55.03 22.37 66.02
CA ARG FA 348 -56.41 22.70 65.77
C ARG FA 348 -57.19 22.79 67.07
N THR FA 349 -56.78 22.04 68.09
CA THR FA 349 -57.52 22.02 69.33
C THR FA 349 -57.01 23.05 70.33
N TRP FA 350 -55.70 23.07 70.58
CA TRP FA 350 -55.13 23.87 71.66
C TRP FA 350 -54.37 25.09 71.18
N GLY FA 351 -54.10 25.20 69.89
CA GLY FA 351 -53.21 26.25 69.43
C GLY FA 351 -51.76 25.88 69.72
N GLY FA 352 -50.87 26.79 69.36
CA GLY FA 352 -49.47 26.48 69.52
C GLY FA 352 -48.71 27.43 70.41
N ARG FA 353 -49.35 27.91 71.48
CA ARG FA 353 -48.73 28.90 72.34
C ARG FA 353 -48.26 28.33 73.67
N TYR FA 354 -48.46 27.05 73.92
CA TYR FA 354 -47.98 26.47 75.17
C TYR FA 354 -47.12 25.26 74.92
N VAL FA 355 -47.42 24.50 73.86
CA VAL FA 355 -46.71 23.27 73.54
C VAL FA 355 -46.14 23.44 72.13
N GLN FA 356 -44.83 23.21 72.00
CA GLN FA 356 -44.17 23.24 70.71
C GLN FA 356 -43.65 21.85 70.40
N PHE FA 357 -44.02 21.32 69.25
CA PHE FA 357 -43.54 20.02 68.79
C PHE FA 357 -42.37 20.25 67.86
N ALA FA 358 -41.23 19.64 68.18
CA ALA FA 358 -40.04 19.76 67.36
C ALA FA 358 -39.78 18.41 66.71
N ILE FA 359 -40.36 18.19 65.55
CA ILE FA 359 -40.02 17.00 64.80
C ILE FA 359 -38.75 17.28 64.02
N GLU FA 360 -37.63 17.10 64.70
CA GLU FA 360 -36.29 17.38 64.17
C GLU FA 360 -35.76 16.02 63.76
N LEU FA 361 -35.54 15.84 62.46
CA LEU FA 361 -35.34 14.51 61.88
C LEU FA 361 -33.92 14.40 61.33
N LYS FA 362 -33.07 13.66 62.03
CA LYS FA 362 -31.69 13.47 61.65
C LYS FA 362 -31.35 11.99 61.67
N ASP FA 363 -30.08 11.69 61.39
CA ASP FA 363 -29.57 10.34 61.37
C ASP FA 363 -29.26 9.87 62.79
N ASP FA 364 -28.53 8.77 62.90
CA ASP FA 364 -28.09 8.25 64.18
C ASP FA 364 -26.65 8.70 64.46
N ASP GA 20 -64.45 37.07 28.51
CA ASP GA 20 -64.49 38.31 27.75
C ASP GA 20 -63.07 38.75 27.41
N LYS GA 21 -62.23 38.89 28.44
CA LYS GA 21 -60.85 39.30 28.25
C LYS GA 21 -59.95 38.09 28.03
N ASP GA 22 -59.09 38.17 27.02
CA ASP GA 22 -58.21 37.07 26.67
C ASP GA 22 -57.12 36.91 27.72
N LEU GA 23 -56.83 35.66 28.07
CA LEU GA 23 -55.88 35.38 29.13
C LEU GA 23 -54.80 34.41 28.74
N LEU GA 24 -55.13 33.37 27.96
CA LEU GA 24 -54.13 32.45 27.45
C LEU GA 24 -54.57 32.02 26.06
N LYS GA 25 -53.61 31.87 25.16
CA LYS GA 25 -53.88 31.45 23.80
C LYS GA 25 -52.91 30.35 23.42
N GLY GA 26 -53.31 29.55 22.43
CA GLY GA 26 -52.40 28.57 21.87
C GLY GA 26 -52.07 27.41 22.75
N LEU GA 27 -52.86 27.15 23.79
CA LEU GA 27 -52.63 26.01 24.65
C LEU GA 27 -53.00 24.73 23.94
N ASP GA 28 -52.30 23.65 24.26
CA ASP GA 28 -52.80 22.35 23.84
C ASP GA 28 -53.78 21.84 24.89
N GLN GA 29 -54.16 20.58 24.79
CA GLN GA 29 -55.36 20.09 25.44
C GLN GA 29 -55.18 19.93 26.95
N GLU GA 30 -54.21 19.11 27.35
CA GLU GA 30 -54.01 18.83 28.76
C GLU GA 30 -53.43 20.00 29.53
N GLN GA 31 -52.87 20.99 28.86
CA GLN GA 31 -52.56 22.24 29.56
C GLN GA 31 -53.79 23.10 29.78
N ALA GA 32 -54.73 23.10 28.85
CA ALA GA 32 -55.91 23.94 28.98
C ALA GA 32 -56.87 23.40 30.01
N ASN GA 33 -56.95 22.07 30.15
CA ASN GA 33 -57.84 21.49 31.13
C ASN GA 33 -57.31 21.65 32.54
N GLU GA 34 -56.02 21.88 32.70
CA GLU GA 34 -55.44 22.04 34.02
C GLU GA 34 -55.65 23.46 34.54
N VAL GA 35 -55.58 24.44 33.63
CA VAL GA 35 -55.71 25.84 34.03
C VAL GA 35 -57.09 26.13 34.55
N ILE GA 36 -58.12 25.66 33.84
CA ILE GA 36 -59.51 25.84 34.28
C ILE GA 36 -59.77 25.13 35.60
N ALA GA 37 -59.08 24.02 35.83
CA ALA GA 37 -59.19 23.33 37.11
C ALA GA 37 -58.62 24.16 38.24
N VAL GA 38 -57.58 24.93 37.95
CA VAL GA 38 -57.03 25.81 38.97
C VAL GA 38 -57.93 27.02 39.17
N LEU GA 39 -58.45 27.55 38.07
CA LEU GA 39 -59.22 28.79 38.15
C LEU GA 39 -60.57 28.59 38.83
N GLN GA 40 -61.30 27.53 38.45
CA GLN GA 40 -62.57 27.25 39.10
C GLN GA 40 -62.41 26.77 40.53
N MET GA 41 -61.21 26.38 40.93
CA MET GA 41 -60.95 26.21 42.35
C MET GA 41 -61.03 27.54 43.08
N HIS GA 42 -60.54 28.60 42.46
CA HIS GA 42 -60.49 29.90 43.08
C HIS GA 42 -61.62 30.80 42.60
N ASN GA 43 -62.77 30.19 42.31
CA ASN GA 43 -64.06 30.85 42.18
C ASN GA 43 -64.11 31.85 41.03
N ILE GA 44 -63.42 31.60 39.93
CA ILE GA 44 -63.64 32.41 38.74
C ILE GA 44 -63.88 31.45 37.57
N GLU GA 45 -64.90 31.71 36.78
CA GLU GA 45 -65.21 30.80 35.69
C GLU GA 45 -64.36 31.13 34.47
N ALA GA 46 -64.06 30.11 33.69
CA ALA GA 46 -63.32 30.29 32.44
C ALA GA 46 -64.12 29.67 31.30
N ASN GA 47 -63.62 29.86 30.08
CA ASN GA 47 -64.30 29.38 28.89
C ASN GA 47 -63.24 28.80 27.96
N LYS GA 48 -63.16 27.48 27.87
CA LYS GA 48 -62.17 26.90 26.97
C LYS GA 48 -62.63 27.07 25.53
N ILE GA 49 -62.16 28.12 24.89
CA ILE GA 49 -62.52 28.43 23.51
C ILE GA 49 -61.48 27.77 22.62
N ASP GA 50 -61.87 26.76 21.86
CA ASP GA 50 -60.98 26.20 20.87
C ASP GA 50 -60.81 27.17 19.71
N SER GA 51 -59.59 27.28 19.20
CA SER GA 51 -59.30 28.09 18.04
C SER GA 51 -58.77 27.23 16.90
N GLY GA 52 -59.27 26.01 16.77
CA GLY GA 52 -58.86 25.15 15.69
C GLY GA 52 -57.48 24.53 15.88
N LYS GA 53 -56.64 24.65 14.85
CA LYS GA 53 -55.28 24.15 14.85
C LYS GA 53 -54.32 25.08 15.57
N LEU GA 54 -54.77 26.29 15.93
CA LEU GA 54 -53.98 27.22 16.72
C LEU GA 54 -54.15 27.01 18.22
N GLY GA 55 -54.56 25.81 18.64
CA GLY GA 55 -54.69 25.51 20.05
C GLY GA 55 -55.91 26.14 20.69
N TYR GA 56 -56.13 25.78 21.95
CA TYR GA 56 -57.26 26.29 22.72
C TYR GA 56 -57.00 27.73 23.17
N SER GA 57 -57.98 28.31 23.86
CA SER GA 57 -57.85 29.65 24.40
C SER GA 57 -58.75 29.75 25.61
N ILE GA 58 -58.31 30.48 26.61
CA ILE GA 58 -59.04 30.62 27.87
C ILE GA 58 -59.33 32.10 28.06
N THR GA 59 -60.60 32.44 28.20
CA THR GA 59 -61.02 33.82 28.41
C THR GA 59 -61.81 33.90 29.70
N VAL GA 60 -61.51 34.90 30.52
CA VAL GA 60 -62.25 35.14 31.75
C VAL GA 60 -62.99 36.46 31.60
N ALA GA 61 -63.90 36.70 32.54
CA ALA GA 61 -64.66 37.95 32.51
C ALA GA 61 -63.79 39.10 33.00
N GLU GA 62 -64.25 40.31 32.72
CA GLU GA 62 -63.48 41.51 33.00
C GLU GA 62 -63.26 41.80 34.50
N PRO GA 63 -64.21 41.62 35.42
CA PRO GA 63 -63.86 41.84 36.83
C PRO GA 63 -62.95 40.78 37.42
N ASP GA 64 -62.85 39.61 36.80
CA ASP GA 64 -61.95 38.58 37.28
C ASP GA 64 -60.69 38.42 36.47
N PHE GA 65 -60.44 39.28 35.48
CA PHE GA 65 -59.14 39.19 34.82
C PHE GA 65 -58.01 39.61 35.75
N THR GA 66 -58.32 40.45 36.73
CA THR GA 66 -57.33 40.83 37.72
C THR GA 66 -56.95 39.65 38.59
N ALA GA 67 -57.95 38.96 39.15
CA ALA GA 67 -57.67 37.87 40.05
C ALA GA 67 -57.13 36.65 39.34
N ALA GA 68 -57.53 36.42 38.09
CA ALA GA 68 -57.10 35.21 37.41
C ALA GA 68 -55.65 35.29 36.98
N VAL GA 69 -55.16 36.48 36.65
CA VAL GA 69 -53.77 36.60 36.25
C VAL GA 69 -52.84 36.54 37.46
N TYR GA 70 -53.39 36.68 38.66
CA TYR GA 70 -52.62 36.33 39.85
C TYR GA 70 -52.41 34.83 39.96
N TRP GA 71 -53.47 34.06 39.75
CA TRP GA 71 -53.32 32.61 39.90
C TRP GA 71 -52.63 31.97 38.73
N ILE GA 72 -52.46 32.67 37.61
CA ILE GA 72 -51.54 32.18 36.61
C ILE GA 72 -50.12 32.30 37.12
N LYS GA 73 -49.85 33.32 37.91
CA LYS GA 73 -48.48 33.55 38.35
C LYS GA 73 -48.06 32.56 39.43
N THR GA 74 -48.91 32.37 40.44
CA THR GA 74 -48.50 31.56 41.59
C THR GA 74 -48.39 30.09 41.22
N TYR GA 75 -49.32 29.59 40.43
CA TYR GA 75 -49.25 28.19 40.03
C TYR GA 75 -48.36 27.97 38.84
N GLN GA 76 -47.83 29.05 38.26
CA GLN GA 76 -46.97 29.02 37.07
C GLN GA 76 -47.65 28.32 35.90
N LEU GA 77 -48.93 28.58 35.75
CA LEU GA 77 -49.68 28.06 34.62
C LEU GA 77 -49.25 28.79 33.35
N PRO GA 78 -49.33 28.15 32.17
CA PRO GA 78 -49.71 26.77 31.84
C PRO GA 78 -48.64 25.80 32.26
N PRO GA 79 -49.01 24.58 32.62
CA PRO GA 79 -48.03 23.62 33.10
C PRO GA 79 -47.07 23.20 32.01
N ARG GA 80 -45.81 23.09 32.39
CA ARG GA 80 -44.80 22.53 31.50
C ARG GA 80 -45.14 21.07 31.23
N PRO GA 81 -44.74 20.52 30.08
CA PRO GA 81 -45.01 19.11 29.80
C PRO GA 81 -44.26 18.22 30.76
N ARG GA 82 -44.96 17.23 31.31
CA ARG GA 82 -44.43 16.40 32.37
C ARG GA 82 -43.30 15.53 31.85
N VAL GA 83 -42.10 15.78 32.38
CA VAL GA 83 -40.87 15.25 31.81
C VAL GA 83 -40.45 14.01 32.59
N GLU GA 84 -40.12 12.96 31.86
CA GLU GA 84 -39.38 11.84 32.39
C GLU GA 84 -38.00 11.83 31.76
N ILE GA 85 -37.13 11.00 32.33
CA ILE GA 85 -35.71 11.10 32.06
C ILE GA 85 -35.40 10.63 30.64
N ALA GA 86 -36.20 9.71 30.12
CA ALA GA 86 -35.90 9.10 28.84
C ALA GA 86 -36.27 9.96 27.65
N GLN GA 87 -36.87 11.13 27.87
CA GLN GA 87 -37.12 12.03 26.74
C GLN GA 87 -35.85 12.70 26.25
N MET GA 88 -34.77 12.65 27.03
CA MET GA 88 -33.54 13.32 26.66
C MET GA 88 -32.46 12.31 26.27
N PHE GA 89 -32.87 11.09 25.93
CA PHE GA 89 -31.99 10.09 25.34
C PHE GA 89 -32.79 9.36 24.28
N PRO GA 90 -33.01 9.97 23.12
CA PRO GA 90 -33.99 9.41 22.19
C PRO GA 90 -33.47 8.22 21.41
N ALA GA 91 -32.16 8.20 21.12
CA ALA GA 91 -31.47 7.15 20.35
C ALA GA 91 -32.12 6.92 18.99
N ASP GA 92 -32.08 7.95 18.15
CA ASP GA 92 -32.63 7.82 16.80
C ASP GA 92 -31.69 7.01 15.90
N SER GA 93 -30.45 7.47 15.74
CA SER GA 93 -29.47 6.76 14.93
C SER GA 93 -28.07 6.89 15.51
N LEU GA 94 -27.97 7.44 16.72
CA LEU GA 94 -26.68 7.63 17.37
C LEU GA 94 -26.28 6.33 18.06
N VAL GA 95 -24.97 6.16 18.27
CA VAL GA 95 -24.41 4.90 18.74
C VAL GA 95 -24.83 4.58 20.18
N SER GA 96 -25.19 5.61 20.96
CA SER GA 96 -25.88 5.50 22.25
C SER GA 96 -25.04 4.70 23.27
N SER GA 97 -24.00 5.38 23.76
CA SER GA 97 -23.07 5.01 24.82
C SER GA 97 -23.77 4.38 26.01
N PRO GA 98 -23.12 3.44 26.72
CA PRO GA 98 -23.81 2.62 27.73
C PRO GA 98 -24.40 3.38 28.92
N ARG GA 99 -24.05 4.64 29.09
CA ARG GA 99 -24.79 5.50 30.00
C ARG GA 99 -26.20 5.79 29.49
N ALA GA 100 -26.37 5.87 28.17
CA ALA GA 100 -27.68 6.22 27.64
C ALA GA 100 -28.66 5.06 27.75
N GLU GA 101 -28.16 3.83 27.76
CA GLU GA 101 -29.05 2.70 27.94
C GLU GA 101 -29.62 2.63 29.34
N LYS GA 102 -28.79 2.81 30.38
CA LYS GA 102 -29.34 2.78 31.73
C LYS GA 102 -30.15 4.02 32.05
N ALA GA 103 -29.95 5.10 31.29
CA ALA GA 103 -30.77 6.28 31.51
C ALA GA 103 -32.20 6.02 31.10
N ARG GA 104 -32.42 5.49 29.90
CA ARG GA 104 -33.79 5.23 29.49
C ARG GA 104 -34.29 3.89 30.01
N LEU GA 105 -33.42 3.05 30.56
CA LEU GA 105 -33.89 1.83 31.19
C LEU GA 105 -34.61 2.15 32.48
N TYR GA 106 -33.92 2.81 33.42
CA TYR GA 106 -34.51 3.16 34.70
C TYR GA 106 -35.65 4.14 34.56
N SER GA 107 -35.60 4.99 33.54
CA SER GA 107 -36.67 5.97 33.33
C SER GA 107 -37.96 5.29 32.93
N ALA GA 108 -37.87 4.24 32.13
CA ALA GA 108 -39.06 3.47 31.81
C ALA GA 108 -39.55 2.69 33.01
N ILE GA 109 -38.66 2.35 33.95
CA ILE GA 109 -39.10 1.70 35.16
C ILE GA 109 -39.75 2.70 36.10
N GLU GA 110 -39.29 3.96 36.09
CA GLU GA 110 -39.95 5.02 36.85
C GLU GA 110 -41.37 5.23 36.39
N GLN GA 111 -41.60 5.16 35.06
CA GLN GA 111 -42.93 5.36 34.54
C GLN GA 111 -43.81 4.17 34.85
N ARG GA 112 -43.26 2.96 34.74
CA ARG GA 112 -44.10 1.77 34.83
C ARG GA 112 -44.52 1.47 36.25
N LEU GA 113 -43.66 1.76 37.23
CA LEU GA 113 -44.09 1.66 38.63
C LEU GA 113 -45.10 2.73 38.97
N GLU GA 114 -45.00 3.89 38.34
CA GLU GA 114 -45.99 4.94 38.50
C GLU GA 114 -47.34 4.50 37.94
N GLN GA 115 -47.34 3.82 36.79
CA GLN GA 115 -48.56 3.31 36.20
C GLN GA 115 -49.21 2.22 37.05
N SER GA 116 -48.42 1.55 37.90
CA SER GA 116 -48.92 0.41 38.65
C SER GA 116 -49.44 0.80 40.02
N LEU GA 117 -48.79 1.76 40.68
CA LEU GA 117 -49.32 2.27 41.94
C LEU GA 117 -50.66 2.95 41.72
N GLN GA 118 -50.84 3.55 40.55
CA GLN GA 118 -52.09 4.23 40.23
C GLN GA 118 -53.25 3.26 40.13
N THR GA 119 -52.98 1.98 39.90
CA THR GA 119 -54.01 0.94 39.88
C THR GA 119 -54.03 0.11 41.15
N MET GA 120 -53.69 0.69 42.29
CA MET GA 120 -53.94 0.04 43.56
C MET GA 120 -55.32 0.42 44.06
N GLU GA 121 -55.62 0.09 45.30
CA GLU GA 121 -56.94 0.38 45.86
C GLU GA 121 -56.92 1.79 46.42
N GLY GA 122 -57.51 2.73 45.68
CA GLY GA 122 -57.70 4.07 46.17
C GLY GA 122 -56.65 5.08 45.77
N VAL GA 123 -55.55 4.66 45.17
CA VAL GA 123 -54.55 5.62 44.75
C VAL GA 123 -55.07 6.35 43.52
N LEU GA 124 -55.23 7.67 43.62
CA LEU GA 124 -55.65 8.44 42.46
C LEU GA 124 -54.49 8.66 41.52
N SER GA 125 -53.36 9.13 42.06
CA SER GA 125 -52.19 9.46 41.25
C SER GA 125 -50.94 9.05 42.00
N ALA GA 126 -49.85 8.93 41.27
CA ALA GA 126 -48.61 8.49 41.89
C ALA GA 126 -47.43 9.04 41.12
N ARG GA 127 -46.31 9.19 41.83
CA ARG GA 127 -45.03 9.55 41.24
C ARG GA 127 -43.96 8.69 41.89
N VAL GA 128 -43.03 8.19 41.09
CA VAL GA 128 -41.96 7.32 41.57
C VAL GA 128 -40.64 7.81 41.01
N HIS GA 129 -39.66 7.99 41.88
CA HIS GA 129 -38.30 8.33 41.47
C HIS GA 129 -37.36 7.21 41.87
N ILE GA 130 -36.32 7.02 41.07
CA ILE GA 130 -35.30 6.01 41.31
C ILE GA 130 -33.97 6.72 41.45
N SER GA 131 -33.19 6.32 42.44
CA SER GA 131 -31.82 6.80 42.54
C SER GA 131 -31.01 6.27 41.38
N TYR GA 132 -30.34 7.16 40.66
CA TYR GA 132 -29.57 6.76 39.48
C TYR GA 132 -28.10 6.65 39.88
N ASP GA 133 -27.71 5.47 40.32
CA ASP GA 133 -26.30 5.10 40.38
C ASP GA 133 -25.92 4.64 38.98
N ILE GA 134 -25.22 5.48 38.26
CA ILE GA 134 -24.94 5.25 36.86
C ILE GA 134 -23.47 4.94 36.62
N ASP GA 135 -22.58 5.67 37.29
CA ASP GA 135 -21.15 5.57 37.02
C ASP GA 135 -20.47 4.49 37.85
N ALA GA 136 -21.19 3.41 38.19
CA ALA GA 136 -20.61 2.34 38.99
C ALA GA 136 -19.54 1.57 38.22
N GLY GA 137 -19.78 1.31 36.94
CA GLY GA 137 -18.80 0.62 36.12
C GLY GA 137 -17.62 1.49 35.71
N GLU GA 138 -17.83 2.80 35.59
CA GLU GA 138 -16.75 3.70 35.16
C GLU GA 138 -15.77 3.98 36.30
N ASN GA 139 -16.23 3.96 37.54
CA ASN GA 139 -15.33 4.12 38.68
C ASN GA 139 -14.64 2.82 39.07
N GLY GA 140 -15.10 1.68 38.56
CA GLY GA 140 -14.53 0.42 38.98
C GLY GA 140 -14.93 0.03 40.38
N ARG GA 141 -16.19 0.20 40.73
CA ARG GA 141 -16.68 0.00 42.08
C ARG GA 141 -17.97 -0.85 42.04
N PRO GA 142 -18.30 -1.52 43.14
CA PRO GA 142 -19.63 -2.11 43.25
C PRO GA 142 -20.68 -1.03 43.39
N PRO GA 143 -21.87 -1.24 42.81
CA PRO GA 143 -22.86 -0.17 42.77
C PRO GA 143 -23.50 0.06 44.13
N LYS GA 144 -24.13 1.21 44.25
CA LYS GA 144 -24.77 1.62 45.48
C LYS GA 144 -26.11 0.92 45.59
N PRO GA 145 -26.67 0.83 46.80
CA PRO GA 145 -28.05 0.35 46.92
C PRO GA 145 -29.02 1.30 46.25
N VAL GA 146 -30.08 0.74 45.72
CA VAL GA 146 -31.08 1.52 45.01
C VAL GA 146 -32.00 2.17 46.03
N HIS GA 147 -32.16 3.48 45.92
CA HIS GA 147 -33.08 4.24 46.74
C HIS GA 147 -34.24 4.69 45.87
N LEU GA 148 -35.41 4.82 46.46
CA LEU GA 148 -36.55 5.25 45.65
C LEU GA 148 -37.58 5.96 46.50
N SER GA 149 -38.30 6.89 45.87
CA SER GA 149 -39.27 7.71 46.54
C SER GA 149 -40.63 7.55 45.86
N ALA GA 150 -41.69 7.78 46.60
CA ALA GA 150 -43.01 7.60 46.04
C ALA GA 150 -43.99 8.61 46.62
N LEU GA 151 -44.84 9.15 45.76
CA LEU GA 151 -45.95 10.00 46.16
C LEU GA 151 -47.25 9.32 45.78
N ALA GA 152 -48.32 9.65 46.49
CA ALA GA 152 -49.57 8.92 46.31
C ALA GA 152 -50.71 9.77 46.84
N VAL GA 153 -51.77 9.88 46.06
CA VAL GA 153 -52.92 10.70 46.42
C VAL GA 153 -54.11 9.77 46.63
N TYR GA 154 -54.52 9.61 47.88
CA TYR GA 154 -55.62 8.73 48.22
C TYR GA 154 -56.95 9.47 48.24
N GLU GA 155 -58.02 8.71 48.48
CA GLU GA 155 -59.33 9.33 48.64
C GLU GA 155 -59.42 10.03 49.98
N ARG GA 156 -60.52 10.75 50.16
CA ARG GA 156 -60.97 11.09 51.50
C ARG GA 156 -61.36 9.81 52.26
N GLY GA 157 -61.28 9.88 53.58
CA GLY GA 157 -61.78 8.82 54.43
C GLY GA 157 -60.90 7.61 54.55
N SER GA 158 -59.86 7.47 53.74
CA SER GA 158 -58.99 6.32 53.87
C SER GA 158 -58.07 6.51 55.07
N PRO GA 159 -57.81 5.47 55.85
CA PRO GA 159 -56.85 5.58 56.95
C PRO GA 159 -55.41 5.51 56.47
N LEU GA 160 -54.84 6.66 56.11
CA LEU GA 160 -53.56 6.75 55.39
C LEU GA 160 -52.38 6.14 56.12
N ALA GA 161 -52.47 5.91 57.43
CA ALA GA 161 -51.35 5.33 58.16
C ALA GA 161 -51.19 3.83 57.95
N HIS GA 162 -52.03 3.20 57.12
CA HIS GA 162 -51.94 1.77 56.90
C HIS GA 162 -51.72 1.39 55.45
N GLN GA 163 -52.07 2.25 54.50
CA GLN GA 163 -51.68 2.00 53.12
C GLN GA 163 -50.23 2.36 52.86
N ILE GA 164 -49.54 2.92 53.86
CA ILE GA 164 -48.13 3.18 53.74
C ILE GA 164 -47.34 1.88 53.72
N SER GA 165 -47.88 0.82 54.31
CA SER GA 165 -47.17 -0.45 54.36
C SER GA 165 -47.33 -1.24 53.07
N ASP GA 166 -48.45 -1.06 52.37
CA ASP GA 166 -48.68 -1.79 51.13
C ASP GA 166 -47.74 -1.34 50.03
N ILE GA 167 -47.62 -0.02 49.86
CA ILE GA 167 -46.71 0.52 48.85
C ILE GA 167 -45.28 0.14 49.17
N LYS GA 168 -44.88 0.34 50.42
CA LYS GA 168 -43.52 0.09 50.85
C LYS GA 168 -43.16 -1.39 50.81
N ARG GA 169 -44.16 -2.28 50.87
CA ARG GA 169 -43.93 -3.69 50.60
C ARG GA 169 -43.89 -3.97 49.11
N PHE GA 170 -44.72 -3.25 48.35
CA PHE GA 170 -44.85 -3.50 46.91
C PHE GA 170 -43.55 -3.23 46.18
N LEU GA 171 -43.04 -2.01 46.26
CA LEU GA 171 -41.92 -1.68 45.41
C LEU GA 171 -40.59 -1.84 46.11
N LYS GA 172 -40.56 -2.53 47.25
CA LYS GA 172 -39.31 -3.14 47.70
C LYS GA 172 -38.82 -4.14 46.67
N ASN GA 173 -39.60 -5.18 46.43
CA ASN GA 173 -39.19 -6.25 45.56
C ASN GA 173 -39.39 -5.94 44.11
N SER GA 174 -39.59 -4.68 43.74
CA SER GA 174 -39.53 -4.29 42.35
C SER GA 174 -38.12 -3.95 41.91
N PHE GA 175 -37.15 -4.04 42.83
CA PHE GA 175 -35.74 -3.82 42.51
C PHE GA 175 -34.87 -4.81 43.26
N ALA GA 176 -33.59 -4.79 42.89
CA ALA GA 176 -32.69 -5.87 43.27
C ALA GA 176 -32.26 -5.77 44.72
N ASP GA 177 -31.58 -4.69 45.09
CA ASP GA 177 -31.03 -4.56 46.44
C ASP GA 177 -31.53 -3.28 47.10
N VAL GA 178 -32.74 -3.31 47.64
CA VAL GA 178 -33.27 -2.19 48.40
C VAL GA 178 -33.64 -2.69 49.78
N ASP GA 179 -33.90 -1.74 50.67
CA ASP GA 179 -34.32 -2.07 52.02
C ASP GA 179 -35.63 -1.38 52.32
N TYR GA 180 -36.06 -1.41 53.57
CA TYR GA 180 -37.18 -0.63 54.04
C TYR GA 180 -36.75 0.72 54.57
N ASP GA 181 -35.50 1.09 54.33
CA ASP GA 181 -34.99 2.39 54.69
C ASP GA 181 -34.63 3.22 53.47
N ASN GA 182 -34.49 2.59 52.32
CA ASN GA 182 -34.22 3.30 51.08
C ASN GA 182 -35.51 3.67 50.35
N ILE GA 183 -36.66 3.42 50.96
CA ILE GA 183 -37.95 3.69 50.35
C ILE GA 183 -38.60 4.80 51.14
N SER GA 184 -38.91 5.91 50.47
CA SER GA 184 -39.49 7.08 51.13
C SER GA 184 -40.81 7.40 50.48
N VAL GA 185 -41.90 7.03 51.14
CA VAL GA 185 -43.24 7.21 50.60
C VAL GA 185 -43.96 8.22 51.48
N VAL GA 186 -44.33 9.36 50.90
CA VAL GA 186 -45.04 10.41 51.60
C VAL GA 186 -46.37 10.57 50.88
N LEU GA 187 -47.40 9.90 51.36
CA LEU GA 187 -48.70 9.88 50.71
C LEU GA 187 -49.68 10.79 51.44
N SER GA 188 -50.50 11.48 50.65
CA SER GA 188 -51.35 12.54 51.14
C SER GA 188 -52.71 12.42 50.49
N GLU GA 189 -53.78 12.53 51.28
CA GLU GA 189 -55.11 12.40 50.74
C GLU GA 189 -55.47 13.61 49.88
N ARG GA 190 -56.44 13.44 49.00
CA ARG GA 190 -56.74 14.49 48.05
C ARG GA 190 -57.45 15.65 48.72
N SER GA 191 -57.59 16.73 47.97
CA SER GA 191 -58.21 17.94 48.49
C SER GA 191 -59.72 17.77 48.54
N ASP GA 192 -60.40 18.83 48.95
CA ASP GA 192 -61.85 18.83 48.91
C ASP GA 192 -62.32 18.87 47.46
N ALA GA 193 -63.46 18.24 47.21
CA ALA GA 193 -63.95 18.12 45.86
C ALA GA 193 -64.53 19.43 45.39
N GLN GA 194 -64.09 19.88 44.21
CA GLN GA 194 -64.66 21.07 43.58
C GLN GA 194 -65.77 20.59 42.66
N LEU GA 195 -67.00 20.62 43.17
CA LEU GA 195 -68.17 20.16 42.44
C LEU GA 195 -69.14 21.30 42.19
N GLN GA 196 -68.76 22.53 42.53
CA GLN GA 196 -69.67 23.62 42.79
C GLN GA 196 -69.43 24.73 41.78
N ALA GA 197 -70.48 25.26 41.20
CA ALA GA 197 -70.35 26.23 40.12
C ALA GA 197 -69.80 27.54 40.65
N PRO GA 198 -68.80 28.13 39.98
CA PRO GA 198 -68.21 29.38 40.45
C PRO GA 198 -69.16 30.56 40.43
N GLY GA 199 -69.73 30.84 39.26
CA GLY GA 199 -70.68 31.92 39.17
C GLY GA 199 -70.21 33.07 38.30
N THR GA 200 -71.07 33.51 37.39
CA THR GA 200 -70.81 34.71 36.62
C THR GA 200 -70.89 35.94 37.53
N PRO GA 201 -70.09 36.96 37.25
CA PRO GA 201 -70.16 38.20 38.05
C PRO GA 201 -71.48 38.93 37.85
N VAL GA 202 -71.76 39.84 38.78
CA VAL GA 202 -72.98 40.64 38.72
C VAL GA 202 -72.73 41.84 37.83
N LYS GA 203 -73.82 42.43 37.34
CA LYS GA 203 -73.73 43.55 36.42
C LYS GA 203 -74.06 44.87 37.11
N ALA HA 171 -88.63 18.18 43.11
CA ALA HA 171 -89.00 16.79 42.87
C ALA HA 171 -88.61 15.93 44.07
N GLU HA 172 -88.94 14.64 43.99
CA GLU HA 172 -88.61 13.71 45.06
C GLU HA 172 -87.12 13.36 44.99
N LEU HA 173 -86.43 13.55 46.12
CA LEU HA 173 -84.98 13.32 46.15
C LEU HA 173 -84.65 11.84 46.04
N ASP HA 174 -85.57 10.95 46.40
CA ASP HA 174 -85.40 9.53 46.17
C ASP HA 174 -85.31 9.17 44.69
N SER HA 175 -85.85 10.02 43.81
CA SER HA 175 -85.71 9.84 42.38
C SER HA 175 -84.72 10.80 41.74
N LEU HA 176 -84.40 11.92 42.40
CA LEU HA 176 -83.32 12.77 41.90
C LEU HA 176 -81.97 12.11 42.04
N LEU HA 177 -81.83 11.19 43.00
CA LEU HA 177 -80.66 10.34 43.11
C LEU HA 177 -80.78 9.19 42.12
N GLY HA 178 -79.96 8.18 42.27
CA GLY HA 178 -79.94 7.10 41.30
C GLY HA 178 -81.17 6.21 41.33
N GLN HA 179 -81.11 5.18 40.48
CA GLN HA 179 -82.23 4.25 40.31
C GLN HA 179 -82.45 3.40 41.56
N GLU HA 180 -81.38 3.08 42.29
CA GLU HA 180 -81.47 2.20 43.44
C GLU HA 180 -81.89 2.97 44.67
N LYS HA 181 -83.02 2.61 45.26
CA LYS HA 181 -83.52 3.35 46.41
C LYS HA 181 -82.80 2.94 47.69
N GLU HA 182 -82.32 1.70 47.75
CA GLU HA 182 -81.77 1.16 48.98
C GLU HA 182 -80.40 1.75 49.32
N ARG HA 183 -79.74 2.40 48.38
CA ARG HA 183 -78.38 2.87 48.62
C ARG HA 183 -78.36 4.11 49.50
N PHE HA 184 -79.36 4.97 49.37
CA PHE HA 184 -79.42 6.19 50.16
C PHE HA 184 -80.64 6.14 51.06
N GLN HA 185 -80.67 7.03 52.06
CA GLN HA 185 -81.79 7.11 52.97
C GLN HA 185 -81.97 8.56 53.37
N VAL HA 186 -83.01 9.22 52.85
CA VAL HA 186 -83.22 10.62 53.12
C VAL HA 186 -83.69 10.82 54.56
N LEU HA 187 -83.36 11.96 55.12
CA LEU HA 187 -83.62 12.22 56.53
C LEU HA 187 -84.17 13.62 56.72
N PRO HA 188 -85.45 13.77 57.00
CA PRO HA 188 -86.01 15.11 57.22
C PRO HA 188 -85.62 15.70 58.56
N GLY HA 189 -84.50 16.41 58.59
CA GLY HA 189 -84.01 17.03 59.81
C GLY HA 189 -84.94 18.11 60.36
N ARG HA 190 -84.65 18.52 61.58
CA ARG HA 190 -85.52 19.39 62.33
C ARG HA 190 -85.35 20.87 62.00
N ASP HA 191 -84.22 21.26 61.40
CA ASP HA 191 -83.92 22.67 61.15
C ASP HA 191 -84.13 23.09 59.71
N LYS HA 192 -85.18 22.55 59.08
CA LYS HA 192 -85.73 22.81 57.75
C LYS HA 192 -84.87 22.25 56.62
N MET HA 193 -83.68 21.75 56.94
CA MET HA 193 -82.79 21.19 55.93
C MET HA 193 -82.96 19.69 55.89
N LEU HA 194 -83.01 19.14 54.69
CA LEU HA 194 -83.12 17.70 54.49
C LEU HA 194 -81.73 17.10 54.36
N TYR HA 195 -81.58 15.86 54.80
CA TYR HA 195 -80.29 15.19 54.79
C TYR HA 195 -80.42 13.85 54.10
N VAL HA 196 -79.35 13.44 53.41
CA VAL HA 196 -79.29 12.16 52.73
C VAL HA 196 -78.04 11.41 53.16
N ALA HA 197 -78.22 10.21 53.69
CA ALA HA 197 -77.14 9.48 54.35
C ALA HA 197 -76.51 8.50 53.37
N ALA HA 198 -75.32 8.83 52.91
CA ALA HA 198 -74.59 7.89 52.07
C ALA HA 198 -73.96 6.80 52.93
N GLN HA 199 -73.38 5.82 52.26
CA GLN HA 199 -72.76 4.70 52.97
C GLN HA 199 -71.24 4.74 52.93
N ASN HA 200 -70.65 5.24 51.85
CA ASN HA 200 -69.20 5.35 51.76
C ASN HA 200 -68.87 6.57 50.90
N GLU HA 201 -67.62 6.68 50.48
CA GLU HA 201 -67.18 7.86 49.76
C GLU HA 201 -67.39 7.76 48.25
N ARG HA 202 -67.94 6.66 47.75
CA ARG HA 202 -68.45 6.72 46.38
C ARG HA 202 -69.87 7.22 46.35
N ASP HA 203 -70.70 6.76 47.28
CA ASP HA 203 -72.07 7.24 47.35
C ASP HA 203 -72.16 8.68 47.80
N THR HA 204 -71.18 9.16 48.56
CA THR HA 204 -71.16 10.55 48.95
C THR HA 204 -70.90 11.45 47.75
N LEU HA 205 -69.92 11.08 46.92
CA LEU HA 205 -69.71 11.79 45.67
C LEU HA 205 -70.80 11.52 44.65
N TRP HA 206 -71.57 10.47 44.84
CA TRP HA 206 -72.76 10.28 44.02
C TRP HA 206 -73.84 11.27 44.40
N ALA HA 207 -74.01 11.51 45.70
CA ALA HA 207 -75.09 12.37 46.16
C ALA HA 207 -74.67 13.82 46.34
N ARG HA 208 -73.39 14.09 46.58
CA ARG HA 208 -72.93 15.47 46.51
C ARG HA 208 -72.76 15.96 45.08
N GLN HA 209 -72.90 15.08 44.09
CA GLN HA 209 -72.91 15.55 42.73
C GLN HA 209 -74.26 16.10 42.35
N VAL HA 210 -75.33 15.43 42.78
CA VAL HA 210 -76.70 15.83 42.45
C VAL HA 210 -77.03 17.19 43.06
N LEU HA 211 -76.72 17.35 44.34
CA LEU HA 211 -77.16 18.54 45.05
C LEU HA 211 -76.37 19.79 44.69
N ALA HA 212 -75.18 19.63 44.10
CA ALA HA 212 -74.37 20.78 43.73
C ALA HA 212 -74.48 21.13 42.25
N ARG HA 213 -74.91 20.17 41.44
CA ARG HA 213 -75.12 20.39 40.02
C ARG HA 213 -76.37 21.20 39.76
N GLY HA 214 -77.41 20.98 40.54
CA GLY HA 214 -78.71 21.46 40.14
C GLY HA 214 -79.58 21.88 41.29
N ASP HA 215 -80.84 21.47 41.26
CA ASP HA 215 -81.83 22.00 42.16
C ASP HA 215 -82.55 20.90 42.94
N TYR HA 216 -82.66 21.11 44.24
CA TYR HA 216 -83.73 20.58 45.06
C TYR HA 216 -84.39 21.82 45.65
N ASP HA 217 -85.72 21.82 45.75
CA ASP HA 217 -86.42 23.04 46.14
C ASP HA 217 -86.43 23.25 47.66
N LYS HA 218 -85.28 23.08 48.30
CA LYS HA 218 -84.97 23.25 49.71
C LYS HA 218 -83.49 22.95 49.83
N ASN HA 219 -82.92 23.23 50.99
CA ASN HA 219 -81.51 22.91 51.22
C ASN HA 219 -81.36 21.41 51.46
N ALA HA 220 -80.26 20.84 50.98
CA ALA HA 220 -80.00 19.42 51.14
C ALA HA 220 -78.51 19.21 51.32
N ARG HA 221 -78.16 18.25 52.18
CA ARG HA 221 -76.79 18.13 52.68
C ARG HA 221 -76.46 16.67 52.94
N VAL HA 222 -75.44 16.16 52.27
CA VAL HA 222 -75.08 14.75 52.38
C VAL HA 222 -74.25 14.55 53.63
N ILE HA 223 -74.63 13.60 54.46
CA ILE HA 223 -73.85 13.23 55.63
C ILE HA 223 -73.32 11.83 55.42
N ASN HA 224 -72.14 11.56 55.97
CA ASN HA 224 -71.50 10.27 55.84
C ASN HA 224 -71.38 9.66 57.22
N GLU HA 225 -70.97 8.40 57.28
CA GLU HA 225 -70.82 7.75 58.57
C GLU HA 225 -69.45 8.07 59.14
N ASN HA 226 -68.43 8.10 58.30
CA ASN HA 226 -67.07 8.32 58.75
C ASN HA 226 -66.62 9.77 58.65
N GLU HA 227 -67.48 10.67 58.20
CA GLU HA 227 -67.10 12.07 58.15
C GLU HA 227 -67.88 12.88 59.17
N GLU HA 228 -69.18 12.60 59.33
CA GLU HA 228 -69.98 13.24 60.36
C GLU HA 228 -69.53 12.80 61.74
N ASN HA 229 -69.01 11.58 61.85
CA ASN HA 229 -68.31 11.15 63.05
C ASN HA 229 -67.12 12.06 63.34
N LYS HA 230 -66.35 12.40 62.32
CA LYS HA 230 -65.19 13.25 62.52
C LYS HA 230 -65.61 14.70 62.71
N ARG HA 231 -66.75 15.11 62.16
CA ARG HA 231 -67.20 16.50 62.30
C ARG HA 231 -67.62 16.80 63.74
N ILE HA 232 -68.23 15.82 64.41
CA ILE HA 232 -68.65 16.00 65.79
C ILE HA 232 -67.45 16.13 66.71
N SER HA 233 -66.40 15.37 66.43
CA SER HA 233 -65.18 15.43 67.24
C SER HA 233 -64.44 16.76 67.10
N ILE HA 234 -64.69 17.51 66.02
CA ILE HA 234 -64.15 18.86 65.94
C ILE HA 234 -64.94 19.79 66.86
N TRP HA 235 -66.22 19.51 67.03
CA TRP HA 235 -67.02 20.23 68.03
C TRP HA 235 -66.76 19.70 69.42
N LEU HA 236 -66.53 18.39 69.55
CA LEU HA 236 -66.59 17.76 70.85
C LEU HA 236 -65.31 17.97 71.64
N ASP HA 237 -64.18 18.18 70.96
CA ASP HA 237 -62.95 18.38 71.72
C ASP HA 237 -62.86 19.77 72.35
N THR HA 238 -63.64 20.74 71.85
CA THR HA 238 -63.70 22.04 72.49
C THR HA 238 -64.66 22.04 73.67
N TYR HA 239 -65.90 21.62 73.44
CA TYR HA 239 -66.92 21.73 74.47
C TYR HA 239 -66.91 20.57 75.44
N TYR HA 240 -66.24 19.48 75.12
CA TYR HA 240 -65.96 18.41 76.08
C TYR HA 240 -64.58 17.82 75.85
N PRO HA 241 -63.52 18.53 76.24
CA PRO HA 241 -62.21 17.89 76.29
C PRO HA 241 -62.15 16.96 77.50
N GLN HA 242 -61.14 16.09 77.48
CA GLN HA 242 -61.00 14.97 78.43
C GLN HA 242 -62.25 14.08 78.44
N LEU HA 243 -62.89 13.92 77.28
CA LEU HA 243 -64.00 13.00 77.15
C LEU HA 243 -63.49 11.74 76.49
N ALA HA 244 -63.79 10.60 77.11
CA ALA HA 244 -63.35 9.32 76.60
C ALA HA 244 -64.53 8.65 75.90
N TYR HA 245 -64.46 8.61 74.57
CA TYR HA 245 -65.49 8.05 73.75
C TYR HA 245 -64.82 7.32 72.61
N TYR HA 246 -65.56 6.42 71.97
CA TYR HA 246 -64.99 5.63 70.89
C TYR HA 246 -65.38 6.16 69.52
N ARG HA 247 -66.67 6.18 69.22
CA ARG HA 247 -67.16 6.30 67.85
C ARG HA 247 -68.67 6.45 67.90
N ILE HA 248 -69.21 7.27 67.03
CA ILE HA 248 -70.66 7.37 66.86
C ILE HA 248 -71.03 6.47 65.68
N HIS HA 249 -72.25 5.95 65.70
CA HIS HA 249 -72.65 4.91 64.76
C HIS HA 249 -73.97 5.25 64.09
N PHE HA 250 -73.97 5.18 62.77
CA PHE HA 250 -75.08 5.63 61.93
C PHE HA 250 -75.70 4.48 61.16
N ASP HA 251 -75.88 3.33 61.81
CA ASP HA 251 -76.52 2.20 61.14
C ASP HA 251 -78.01 2.46 60.97
N GLU HA 252 -78.67 2.89 62.04
CA GLU HA 252 -79.99 3.49 61.95
C GLU HA 252 -79.82 4.98 62.13
N PRO HA 253 -79.75 5.77 61.05
CA PRO HA 253 -79.36 7.18 61.18
C PRO HA 253 -80.43 8.06 61.81
N ARG HA 254 -81.64 7.55 62.04
CA ARG HA 254 -82.61 8.29 62.82
C ARG HA 254 -82.18 8.46 64.26
N LYS HA 255 -81.49 7.47 64.82
CA LYS HA 255 -80.93 7.66 66.16
C LYS HA 255 -79.57 6.97 66.27
N PRO HA 256 -78.51 7.73 66.52
CA PRO HA 256 -77.17 7.15 66.59
C PRO HA 256 -76.84 6.60 67.96
N VAL HA 257 -75.96 5.62 67.96
CA VAL HA 257 -75.46 4.99 69.19
C VAL HA 257 -74.03 5.49 69.38
N PHE HA 258 -73.82 6.28 70.40
CA PHE HA 258 -72.56 6.96 70.65
C PHE HA 258 -71.89 6.32 71.87
N TRP HA 259 -70.89 5.48 71.62
CA TRP HA 259 -70.24 4.73 72.67
C TRP HA 259 -69.36 5.65 73.51
N LEU HA 260 -69.26 5.34 74.80
CA LEU HA 260 -68.34 6.01 75.69
C LEU HA 260 -67.59 4.98 76.52
N SER HA 261 -66.48 5.42 77.09
CA SER HA 261 -65.75 4.62 78.05
C SER HA 261 -66.51 4.61 79.37
N ARG HA 262 -66.87 3.42 79.84
CA ARG HA 262 -67.44 3.33 81.18
C ARG HA 262 -66.42 3.66 82.25
N GLN HA 263 -65.15 3.33 81.99
CA GLN HA 263 -64.13 3.46 83.00
C GLN HA 263 -63.62 4.89 83.12
N ARG HA 264 -63.33 5.53 81.99
CA ARG HA 264 -62.62 6.80 81.99
C ARG HA 264 -63.56 8.00 81.93
N ASN HA 265 -64.83 7.83 82.25
CA ASN HA 265 -65.78 8.94 82.25
C ASN HA 265 -66.33 9.14 83.65
N THR HA 266 -66.07 10.31 84.21
CA THR HA 266 -66.56 10.70 85.52
C THR HA 266 -67.85 11.52 85.42
N MET HA 267 -68.45 11.57 84.24
CA MET HA 267 -69.70 12.29 84.07
C MET HA 267 -70.83 11.55 84.77
N SER HA 268 -71.67 12.30 85.46
CA SER HA 268 -72.82 11.72 86.14
C SER HA 268 -73.96 11.58 85.13
N LYS HA 269 -75.06 10.93 85.55
CA LYS HA 269 -76.15 10.66 84.64
C LYS HA 269 -77.00 11.89 84.38
N LYS HA 270 -76.80 12.96 85.15
CA LYS HA 270 -77.48 14.22 84.90
C LYS HA 270 -77.00 14.86 83.60
N GLU HA 271 -75.73 15.22 83.54
CA GLU HA 271 -75.19 15.89 82.36
C GLU HA 271 -74.93 14.95 81.20
N LEU HA 272 -74.98 13.63 81.42
CA LEU HA 272 -74.91 12.72 80.30
C LEU HA 272 -76.19 12.79 79.47
N GLU HA 273 -77.31 13.10 80.10
CA GLU HA 273 -78.54 13.37 79.36
C GLU HA 273 -78.49 14.74 78.72
N VAL HA 274 -77.74 15.68 79.30
CA VAL HA 274 -77.43 16.92 78.62
C VAL HA 274 -76.57 16.66 77.41
N LEU HA 275 -75.64 15.70 77.52
CA LEU HA 275 -74.78 15.34 76.41
C LEU HA 275 -75.56 14.63 75.30
N SER HA 276 -76.66 13.97 75.64
CA SER HA 276 -77.56 13.46 74.61
C SER HA 276 -78.42 14.55 73.99
N GLN HA 277 -78.37 15.77 74.52
CA GLN HA 277 -79.07 16.90 73.92
C GLN HA 277 -78.15 17.91 73.28
N LYS HA 278 -76.88 17.97 73.68
CA LYS HA 278 -75.91 18.80 72.96
C LYS HA 278 -75.61 18.22 71.59
N LEU HA 279 -75.59 16.90 71.46
CA LEU HA 279 -75.30 16.27 70.18
C LEU HA 279 -76.46 16.42 69.20
N ARG HA 280 -77.69 16.50 69.71
CA ARG HA 280 -78.84 16.69 68.83
C ARG HA 280 -78.86 18.06 68.18
N ALA HA 281 -78.18 19.05 68.76
CA ALA HA 281 -78.03 20.34 68.10
C ALA HA 281 -77.07 20.24 66.92
N LEU HA 282 -76.22 19.22 66.88
CA LEU HA 282 -75.33 19.02 65.75
C LEU HA 282 -75.90 18.08 64.70
N MET HA 283 -76.81 17.18 65.09
CA MET HA 283 -77.41 16.21 64.18
C MET HA 283 -78.91 16.46 64.19
N PRO HA 284 -79.40 17.37 63.33
CA PRO HA 284 -80.85 17.66 63.32
C PRO HA 284 -81.68 16.50 62.80
N TYR HA 285 -81.10 15.68 61.93
CA TYR HA 285 -81.74 14.47 61.43
C TYR HA 285 -81.92 13.44 62.53
N ALA HA 286 -81.15 13.51 63.60
CA ALA HA 286 -81.20 12.50 64.64
C ALA HA 286 -82.42 12.69 65.52
N ASP HA 287 -82.98 11.58 65.99
CA ASP HA 287 -84.09 11.64 66.93
C ASP HA 287 -83.58 11.90 68.35
N SER HA 288 -82.81 10.95 68.88
CA SER HA 288 -82.24 11.07 70.21
C SER HA 288 -81.04 10.14 70.29
N VAL HA 289 -79.93 10.64 70.81
CA VAL HA 289 -78.69 9.88 70.83
C VAL HA 289 -78.76 8.79 71.90
N ASN HA 290 -78.44 7.57 71.51
CA ASN HA 290 -78.45 6.42 72.43
C ASN HA 290 -77.05 6.27 72.98
N ILE HA 291 -76.77 6.98 74.07
CA ILE HA 291 -75.46 6.91 74.71
C ILE HA 291 -75.37 5.63 75.52
N THR HA 292 -74.42 4.78 75.19
CA THR HA 292 -74.12 3.61 75.99
C THR HA 292 -72.65 3.62 76.39
N LEU HA 293 -72.28 2.64 77.20
CA LEU HA 293 -70.96 2.58 77.81
C LEU HA 293 -70.33 1.25 77.43
N MET HA 294 -69.03 1.27 77.11
CA MET HA 294 -68.29 0.05 76.82
C MET HA 294 -67.04 0.02 77.70
N ASP HA 295 -66.73 -1.14 78.25
CA ASP HA 295 -65.56 -1.25 79.10
C ASP HA 295 -64.30 -1.23 78.25
N ASP HA 296 -63.27 -0.55 78.76
CA ASP HA 296 -62.02 -0.42 78.01
C ASP HA 296 -61.25 -1.72 77.94
N VAL HA 297 -61.47 -2.64 78.88
CA VAL HA 297 -60.80 -3.93 78.81
C VAL HA 297 -61.43 -4.81 77.73
N THR HA 298 -62.70 -4.58 77.39
CA THR HA 298 -63.31 -5.30 76.29
C THR HA 298 -62.85 -4.77 74.95
N ALA HA 299 -62.56 -3.47 74.87
CA ALA HA 299 -62.07 -2.89 73.62
C ALA HA 299 -60.67 -3.39 73.29
N ALA HA 300 -59.76 -3.31 74.27
CA ALA HA 300 -58.42 -3.82 74.06
C ALA HA 300 -58.37 -5.33 74.05
N GLY HA 301 -59.40 -5.99 74.59
CA GLY HA 301 -59.43 -7.44 74.58
C GLY HA 301 -59.62 -8.00 73.19
N GLN HA 302 -60.71 -7.59 72.52
CA GLN HA 302 -61.02 -8.09 71.18
C GLN HA 302 -59.99 -7.65 70.16
N ALA HA 303 -59.33 -6.51 70.38
CA ALA HA 303 -58.23 -6.12 69.52
C ALA HA 303 -57.05 -7.05 69.73
N GLU HA 304 -56.80 -7.45 70.97
CA GLU HA 304 -55.72 -8.41 71.20
C GLU HA 304 -56.15 -9.83 70.85
N ALA HA 305 -57.39 -10.20 71.20
CA ALA HA 305 -57.88 -11.54 70.92
C ALA HA 305 -58.18 -11.77 69.45
N GLY HA 306 -58.05 -10.76 68.60
CA GLY HA 306 -58.12 -10.98 67.18
C GLY HA 306 -56.74 -10.98 66.56
N LEU HA 307 -55.87 -10.12 67.09
CA LEU HA 307 -54.57 -9.94 66.47
C LEU HA 307 -53.64 -11.11 66.74
N LYS HA 308 -53.86 -11.83 67.82
CA LYS HA 308 -53.19 -13.12 67.99
C LYS HA 308 -53.99 -14.25 67.40
N GLN HA 309 -55.25 -14.03 67.07
CA GLN HA 309 -56.05 -15.02 66.36
C GLN HA 309 -55.73 -15.01 64.87
N GLN HA 310 -55.17 -13.92 64.37
CA GLN HA 310 -54.62 -13.86 63.03
C GLN HA 310 -53.18 -14.35 62.97
N ALA HA 311 -52.61 -14.75 64.11
CA ALA HA 311 -51.23 -15.18 64.27
C ALA HA 311 -50.25 -14.12 63.79
N LEU HA 312 -50.26 -12.99 64.51
CA LEU HA 312 -49.40 -11.87 64.17
C LEU HA 312 -48.49 -11.53 65.33
N PRO HA 313 -47.21 -11.27 65.07
CA PRO HA 313 -46.31 -10.84 66.15
C PRO HA 313 -46.62 -9.42 66.57
N TYR HA 314 -46.61 -9.17 67.87
CA TYR HA 314 -46.95 -7.84 68.36
C TYR HA 314 -46.32 -7.65 69.73
N SER HA 315 -46.61 -6.50 70.34
CA SER HA 315 -46.29 -6.28 71.74
C SER HA 315 -47.28 -5.24 72.27
N ARG HA 316 -48.18 -5.67 73.15
CA ARG HA 316 -49.12 -4.76 73.77
C ARG HA 316 -48.41 -3.87 74.77
N ARG HA 317 -48.33 -2.59 74.46
CA ARG HA 317 -47.87 -1.60 75.42
C ARG HA 317 -49.07 -0.79 75.88
N ASN HA 318 -49.25 -0.69 77.18
CA ASN HA 318 -50.38 0.03 77.72
C ASN HA 318 -49.98 1.46 78.06
N HIS HA 319 -50.97 2.32 78.17
CA HIS HA 319 -50.74 3.67 78.63
C HIS HA 319 -51.91 4.09 79.50
N LYS HA 320 -51.78 5.27 80.10
CA LYS HA 320 -52.86 5.86 80.88
C LYS HA 320 -53.83 6.51 79.91
N GLY HA 321 -54.81 5.74 79.45
CA GLY HA 321 -55.79 6.26 78.52
C GLY HA 321 -55.56 5.80 77.10
N GLY HA 322 -55.27 4.53 76.91
CA GLY HA 322 -55.11 3.96 75.59
C GLY HA 322 -54.06 2.87 75.59
N VAL HA 323 -54.17 1.96 74.62
CA VAL HA 323 -53.18 0.91 74.41
C VAL HA 323 -52.60 1.09 73.01
N THR HA 324 -51.59 0.29 72.70
CA THR HA 324 -50.92 0.41 71.42
C THR HA 324 -50.35 -0.95 71.04
N PHE HA 325 -50.70 -1.43 69.85
CA PHE HA 325 -50.24 -2.72 69.36
C PHE HA 325 -49.25 -2.47 68.23
N VAL HA 326 -47.99 -2.34 68.56
CA VAL HA 326 -46.99 -2.22 67.51
C VAL HA 326 -46.70 -3.60 66.94
N ILE HA 327 -46.68 -3.69 65.62
CA ILE HA 327 -46.50 -4.94 64.90
C ILE HA 327 -45.27 -4.78 64.04
N GLN HA 328 -44.24 -5.57 64.30
CA GLN HA 328 -43.03 -5.41 63.51
C GLN HA 328 -42.44 -6.74 63.06
N GLY HA 329 -41.33 -6.67 62.35
CA GLY HA 329 -40.76 -7.81 61.69
C GLY HA 329 -40.95 -7.73 60.18
N ALA HA 330 -40.30 -8.66 59.48
CA ALA HA 330 -40.43 -8.74 58.02
C ALA HA 330 -41.67 -9.55 57.71
N LEU HA 331 -42.82 -8.90 57.83
CA LEU HA 331 -44.09 -9.56 57.56
C LEU HA 331 -44.26 -9.74 56.06
N ASP HA 332 -44.50 -10.97 55.62
CA ASP HA 332 -44.75 -11.20 54.21
C ASP HA 332 -46.24 -11.03 53.92
N ASP HA 333 -46.66 -11.44 52.73
CA ASP HA 333 -47.90 -10.94 52.16
C ASP HA 333 -49.14 -11.57 52.78
N VAL HA 334 -49.03 -12.79 53.28
CA VAL HA 334 -50.19 -13.49 53.81
C VAL HA 334 -50.62 -12.85 55.12
N GLU HA 335 -49.66 -12.39 55.90
CA GLU HA 335 -49.94 -11.78 57.18
C GLU HA 335 -50.09 -10.28 57.10
N ILE HA 336 -49.58 -9.64 56.04
CA ILE HA 336 -49.77 -8.20 55.88
C ILE HA 336 -51.19 -7.90 55.42
N LEU HA 337 -51.88 -8.89 54.89
CA LEU HA 337 -53.25 -8.73 54.41
C LEU HA 337 -54.27 -9.28 55.39
N ARG HA 338 -53.86 -10.21 56.25
CA ARG HA 338 -54.71 -10.52 57.39
C ARG HA 338 -54.70 -9.39 58.40
N ALA HA 339 -53.64 -8.58 58.40
CA ALA HA 339 -53.57 -7.45 59.32
C ALA HA 339 -54.56 -6.37 58.93
N ARG HA 340 -54.61 -6.00 57.65
CA ARG HA 340 -55.38 -4.84 57.25
C ARG HA 340 -56.88 -5.11 57.26
N GLN HA 341 -57.29 -6.33 56.95
CA GLN HA 341 -58.71 -6.62 57.10
C GLN HA 341 -59.10 -6.97 58.52
N PHE HA 342 -58.17 -6.93 59.46
CA PHE HA 342 -58.55 -6.87 60.86
C PHE HA 342 -58.58 -5.45 61.39
N VAL HA 343 -57.60 -4.62 61.00
CA VAL HA 343 -57.53 -3.25 61.45
C VAL HA 343 -58.71 -2.45 60.93
N ASP HA 344 -58.96 -2.54 59.62
CA ASP HA 344 -60.10 -1.86 59.02
C ASP HA 344 -61.43 -2.46 59.45
N SER HA 345 -61.44 -3.69 59.93
CA SER HA 345 -62.62 -4.25 60.56
C SER HA 345 -62.69 -3.90 62.04
N TYR HA 346 -61.64 -3.31 62.59
CA TYR HA 346 -61.69 -2.86 63.97
C TYR HA 346 -62.08 -1.39 64.05
N TYR HA 347 -61.45 -0.56 63.22
CA TYR HA 347 -61.74 0.87 63.22
C TYR HA 347 -63.12 1.15 62.68
N ARG HA 348 -63.69 0.26 61.89
CA ARG HA 348 -65.09 0.36 61.53
C ARG HA 348 -65.98 0.07 62.74
N THR HA 349 -65.51 -0.75 63.67
CA THR HA 349 -66.31 -1.11 64.81
C THR HA 349 -66.10 -0.19 66.00
N TRP HA 350 -64.86 0.03 66.39
CA TRP HA 350 -64.56 0.74 67.63
C TRP HA 350 -64.02 2.14 67.44
N GLY HA 351 -63.68 2.53 66.22
CA GLY HA 351 -62.98 3.78 66.01
C GLY HA 351 -61.52 3.65 66.41
N GLY HA 352 -60.80 4.75 66.29
CA GLY HA 352 -59.38 4.68 66.56
C GLY HA 352 -58.91 5.60 67.66
N ARG HA 353 -59.72 5.77 68.70
CA ARG HA 353 -59.39 6.69 69.77
C ARG HA 353 -58.91 6.01 71.04
N TYR HA 354 -58.87 4.68 71.08
CA TYR HA 354 -58.39 4.02 72.28
C TYR HA 354 -57.27 3.04 71.94
N VAL HA 355 -57.33 2.43 70.76
CA VAL HA 355 -56.36 1.44 70.33
C VAL HA 355 -55.72 1.92 69.05
N GLN HA 356 -54.39 1.98 69.02
CA GLN HA 356 -53.66 2.35 67.83
C GLN HA 356 -52.84 1.16 67.38
N PHE HA 357 -53.00 0.76 66.13
CA PHE HA 357 -52.23 -0.33 65.55
C PHE HA 357 -51.06 0.27 64.79
N ALA HA 358 -49.85 -0.15 65.13
CA ALA HA 358 -48.65 0.32 64.49
C ALA HA 358 -48.07 -0.83 63.68
N ILE HA 359 -48.50 -0.95 62.44
CA ILE HA 359 -47.87 -1.92 61.56
C ILE HA 359 -46.61 -1.27 60.97
N GLU HA 360 -45.54 -1.34 61.74
CA GLU HA 360 -44.25 -0.74 61.41
C GLU HA 360 -43.42 -1.89 60.87
N LEU HA 361 -43.08 -1.81 59.59
CA LEU HA 361 -42.56 -2.95 58.84
C LEU HA 361 -41.11 -2.70 58.44
N LYS HA 362 -40.19 -3.39 59.12
CA LYS HA 362 -38.76 -3.23 58.86
C LYS HA 362 -38.13 -4.60 58.70
N ASP HA 363 -36.80 -4.60 58.53
CA ASP HA 363 -36.03 -5.82 58.36
C ASP HA 363 -35.75 -6.46 59.72
N ASP HA 364 -34.83 -7.40 59.74
CA ASP HA 364 -34.39 -8.03 60.99
C ASP HA 364 -33.10 -7.37 61.47
N ASP IA 20 -72.74 18.83 25.88
CA ASP IA 20 -72.96 20.14 25.29
C ASP IA 20 -71.64 20.89 25.19
N LYS IA 21 -70.94 21.02 26.31
CA LYS IA 21 -69.65 21.71 26.33
C LYS IA 21 -68.52 20.74 26.06
N ASP IA 22 -67.61 21.14 25.19
CA ASP IA 22 -66.50 20.29 24.79
C ASP IA 22 -65.49 20.17 25.92
N LEU IA 23 -64.98 18.96 26.14
CA LEU IA 23 -64.09 18.71 27.25
C LEU IA 23 -62.81 18.01 26.86
N LEU IA 24 -62.85 17.07 25.92
CA LEU IA 24 -61.65 16.44 25.40
C LEU IA 24 -61.87 16.16 23.92
N LYS IA 25 -60.82 16.34 23.13
CA LYS IA 25 -60.88 16.08 21.71
C LYS IA 25 -59.68 15.26 21.30
N GLY IA 26 -59.82 14.57 20.17
CA GLY IA 26 -58.69 13.88 19.59
C GLY IA 26 -58.21 12.67 20.33
N LEU IA 27 -59.01 12.11 21.23
CA LEU IA 27 -58.63 10.91 21.95
C LEU IA 27 -58.68 9.72 21.03
N ASP IA 28 -57.80 8.75 21.28
CA ASP IA 28 -57.99 7.47 20.63
C ASP IA 28 -58.94 6.63 21.48
N GLN IA 29 -59.04 5.34 21.17
CA GLN IA 29 -60.17 4.54 21.61
C GLN IA 29 -60.10 4.18 23.09
N GLU IA 30 -59.03 3.50 23.49
CA GLU IA 30 -58.89 3.05 24.85
C GLU IA 30 -58.64 4.18 25.85
N GLN IA 31 -58.22 5.36 25.39
CA GLN IA 31 -58.24 6.50 26.27
C GLN IA 31 -59.63 7.07 26.47
N ALA IA 32 -60.46 7.05 25.44
CA ALA IA 32 -61.80 7.62 25.55
C ALA IA 32 -62.72 6.75 26.38
N ASN IA 33 -62.54 5.44 26.32
CA ASN IA 33 -63.38 4.55 27.11
C ASN IA 33 -63.01 4.57 28.58
N GLU IA 34 -61.81 5.02 28.91
CA GLU IA 34 -61.40 5.08 30.30
C GLU IA 34 -61.93 6.34 30.97
N VAL IA 35 -61.99 7.45 30.23
CA VAL IA 35 -62.42 8.72 30.80
C VAL IA 35 -63.89 8.65 31.19
N ILE IA 36 -64.73 8.12 30.32
CA ILE IA 36 -66.15 7.97 30.60
C ILE IA 36 -66.38 7.03 31.77
N ALA IA 37 -65.50 6.04 31.94
CA ALA IA 37 -65.59 5.15 33.08
C ALA IA 37 -65.30 5.88 34.37
N VAL IA 38 -64.41 6.86 34.32
CA VAL IA 38 -64.13 7.67 35.50
C VAL IA 38 -65.27 8.64 35.75
N LEU IA 39 -65.81 9.24 34.69
CA LEU IA 39 -66.81 10.28 34.83
C LEU IA 39 -68.14 9.72 35.32
N GLN IA 40 -68.60 8.62 34.73
CA GLN IA 40 -69.85 8.02 35.19
C GLN IA 40 -69.72 7.36 36.54
N MET IA 41 -68.50 7.15 37.03
CA MET IA 41 -68.34 6.79 38.42
C MET IA 41 -68.75 7.96 39.31
N HIS IA 42 -68.43 9.18 38.90
CA HIS IA 42 -68.70 10.35 39.70
C HIS IA 42 -69.94 11.08 39.21
N ASN IA 43 -70.91 10.33 38.71
CA ASN IA 43 -72.30 10.74 38.53
C ASN IA 43 -72.46 11.87 37.52
N ILE IA 44 -71.62 11.95 36.48
CA ILE IA 44 -71.90 12.87 35.40
C ILE IA 44 -71.84 12.08 34.10
N GLU IA 45 -72.82 12.26 33.23
CA GLU IA 45 -72.84 11.50 32.00
C GLU IA 45 -71.97 12.16 30.95
N ALA IA 46 -71.40 11.35 30.08
CA ALA IA 46 -70.61 11.85 28.95
C ALA IA 46 -71.16 11.29 27.66
N ASN IA 47 -70.61 11.75 26.55
CA ASN IA 47 -71.06 11.34 25.22
C ASN IA 47 -69.84 11.13 24.35
N LYS IA 48 -69.49 9.88 24.09
CA LYS IA 48 -68.33 9.63 23.24
C LYS IA 48 -68.69 9.93 21.79
N ILE IA 49 -68.38 11.14 21.36
CA ILE IA 49 -68.67 11.59 20.02
C ILE IA 49 -67.44 11.29 19.16
N ASP IA 50 -67.56 10.35 18.23
CA ASP IA 50 -66.48 10.13 17.29
C ASP IA 50 -66.42 11.28 16.29
N SER IA 51 -65.21 11.69 15.96
CA SER IA 51 -64.99 12.72 14.94
C SER IA 51 -64.20 12.16 13.77
N GLY IA 52 -64.43 10.90 13.43
CA GLY IA 52 -63.75 10.31 12.29
C GLY IA 52 -62.31 9.94 12.55
N LYS IA 53 -61.43 10.37 11.65
CA LYS IA 53 -59.99 10.14 11.75
C LYS IA 53 -59.30 11.11 12.69
N LEU IA 54 -60.02 12.14 13.17
CA LEU IA 54 -59.50 13.07 14.16
C LEU IA 54 -59.75 12.60 15.58
N GLY IA 55 -59.96 11.29 15.79
CA GLY IA 55 -60.15 10.77 17.11
C GLY IA 55 -61.52 11.05 17.69
N TYR IA 56 -61.76 10.47 18.85
CA TYR IA 56 -63.03 10.62 19.55
C TYR IA 56 -63.12 12.00 20.21
N SER IA 57 -64.25 12.26 20.87
CA SER IA 57 -64.44 13.51 21.59
C SER IA 57 -65.45 13.25 22.69
N ILE IA 58 -65.25 13.88 23.83
CA ILE IA 58 -66.11 13.69 24.99
C ILE IA 58 -66.70 15.03 25.36
N THR IA 59 -68.02 15.11 25.39
CA THR IA 59 -68.72 16.34 25.74
C THR IA 59 -69.62 16.07 26.92
N VAL IA 60 -69.60 16.97 27.90
CA VAL IA 60 -70.48 16.87 29.05
C VAL IA 60 -71.47 18.04 29.01
N ALA IA 61 -72.48 17.96 29.85
CA ALA IA 61 -73.47 19.02 29.91
C ALA IA 61 -72.90 20.23 30.65
N GLU IA 62 -73.56 21.35 30.48
CA GLU IA 62 -73.08 22.63 31.01
C GLU IA 62 -73.05 22.71 32.55
N PRO IA 63 -74.02 22.21 33.32
CA PRO IA 63 -73.85 22.28 34.78
C PRO IA 63 -72.80 21.32 35.32
N ASP IA 64 -72.41 20.31 34.56
CA ASP IA 64 -71.38 19.39 35.00
C ASP IA 64 -70.04 19.61 34.33
N PHE IA 65 -69.87 20.64 33.50
CA PHE IA 65 -68.53 20.90 32.98
C PHE IA 65 -67.61 21.37 34.08
N THR IA 66 -68.16 21.98 35.13
CA THR IA 66 -67.35 22.38 36.28
C THR IA 66 -66.82 21.16 37.02
N ALA IA 67 -67.70 20.23 37.35
CA ALA IA 67 -67.30 19.09 38.13
C ALA IA 67 -66.45 18.11 37.33
N ALA IA 68 -66.70 18.00 36.03
CA ALA IA 68 -65.97 17.02 35.24
C ALA IA 68 -64.54 17.43 34.99
N VAL IA 69 -64.26 18.73 34.89
CA VAL IA 69 -62.89 19.16 34.67
C VAL IA 69 -62.09 19.09 35.96
N TYR IA 70 -62.75 18.93 37.10
CA TYR IA 70 -62.03 18.57 38.31
C TYR IA 70 -61.55 17.13 38.24
N TRP IA 71 -62.40 16.21 37.80
CA TRP IA 71 -61.98 14.81 37.77
C TRP IA 71 -61.07 14.49 36.61
N ILE IA 72 -60.95 15.39 35.63
CA ILE IA 72 -59.86 15.24 34.68
C ILE IA 72 -58.54 15.55 35.36
N LYS IA 73 -58.56 16.47 36.31
CA LYS IA 73 -57.30 16.88 36.93
C LYS IA 73 -56.80 15.83 37.91
N THR IA 74 -57.67 15.33 38.78
CA THR IA 74 -57.21 14.43 39.85
C THR IA 74 -56.77 13.08 39.30
N TYR IA 75 -57.50 12.54 38.35
CA TYR IA 75 -57.13 11.26 37.77
C TYR IA 75 -56.10 11.40 36.68
N GLN IA 76 -55.75 12.64 36.31
CA GLN IA 76 -54.80 12.95 35.24
C GLN IA 76 -55.22 12.33 33.91
N LEU IA 77 -56.51 12.37 33.64
CA LEU IA 77 -57.04 11.90 32.38
C LEU IA 77 -56.67 12.89 31.28
N PRO IA 78 -56.51 12.43 30.02
CA PRO IA 78 -56.57 11.08 29.47
C PRO IA 78 -55.36 10.27 29.87
N PRO IA 79 -55.52 8.96 30.02
CA PRO IA 79 -54.40 8.14 30.48
C PRO IA 79 -53.30 8.08 29.46
N ARG IA 80 -52.06 8.14 29.96
CA ARG IA 80 -50.90 7.93 29.14
C ARG IA 80 -50.91 6.48 28.63
N PRO IA 81 -50.30 6.22 27.46
CA PRO IA 81 -50.26 4.84 26.96
C PRO IA 81 -49.42 3.97 27.88
N ARG IA 82 -49.97 2.79 28.19
CA ARG IA 82 -49.37 1.92 29.20
C ARG IA 82 -48.05 1.37 28.70
N VAL IA 83 -46.98 1.75 29.38
CA VAL IA 83 -45.62 1.56 28.91
C VAL IA 83 -45.03 0.32 29.55
N GLU IA 84 -44.43 -0.53 28.72
CA GLU IA 84 -43.52 -1.56 29.18
C GLU IA 84 -42.13 -1.21 28.73
N ILE IA 85 -41.16 -1.95 29.26
CA ILE IA 85 -39.77 -1.54 29.17
C ILE IA 85 -39.24 -1.72 27.76
N ALA IA 86 -39.80 -2.68 27.03
CA ALA IA 86 -39.26 -3.02 25.72
C ALA IA 86 -39.70 -2.06 24.62
N GLN IA 87 -40.54 -1.07 24.92
CA GLN IA 87 -40.86 -0.07 23.92
C GLN IA 87 -39.72 0.89 23.67
N MET IA 88 -38.73 0.93 24.56
CA MET IA 88 -37.62 1.86 24.42
C MET IA 88 -36.35 1.14 24.02
N PHE IA 89 -36.46 -0.06 23.48
CA PHE IA 89 -35.35 -0.78 22.86
C PHE IA 89 -35.89 -1.47 21.63
N PRO IA 90 -36.13 -0.73 20.54
CA PRO IA 90 -36.89 -1.32 19.44
C PRO IA 90 -36.07 -2.26 18.57
N ALA IA 91 -34.77 -1.99 18.43
CA ALA IA 91 -33.81 -2.76 17.62
C ALA IA 91 -34.28 -2.89 16.17
N ASP IA 92 -34.38 -1.75 15.49
CA ASP IA 92 -34.77 -1.78 14.08
C ASP IA 92 -33.62 -2.25 13.20
N SER IA 93 -32.48 -1.54 13.24
CA SER IA 93 -31.31 -1.92 12.46
C SER IA 93 -30.03 -1.62 13.22
N LEU IA 94 -30.14 -1.25 14.49
CA LEU IA 94 -28.97 -0.93 15.31
C LEU IA 94 -28.39 -2.23 15.85
N VAL IA 95 -27.09 -2.18 16.19
CA VAL IA 95 -26.33 -3.38 16.55
C VAL IA 95 -26.80 -3.97 17.88
N SER IA 96 -27.43 -3.17 18.74
CA SER IA 96 -28.19 -3.62 19.91
C SER IA 96 -27.31 -4.38 20.90
N SER IA 97 -26.46 -3.60 21.59
CA SER IA 97 -25.58 -3.96 22.70
C SER IA 97 -26.24 -4.90 23.71
N PRO IA 98 -25.47 -5.79 24.35
CA PRO IA 98 -26.08 -6.87 25.16
C PRO IA 98 -26.90 -6.43 26.36
N ARG IA 99 -26.83 -5.16 26.74
CA ARG IA 99 -27.81 -4.61 27.67
C ARG IA 99 -29.19 -4.51 27.03
N ALA IA 100 -29.26 -4.27 25.73
CA ALA IA 100 -30.56 -4.08 25.10
C ALA IA 100 -31.29 -5.41 24.94
N GLU IA 101 -30.56 -6.51 24.84
CA GLU IA 101 -31.22 -7.81 24.77
C GLU IA 101 -31.87 -8.19 26.07
N LYS IA 102 -31.21 -8.02 27.21
CA LYS IA 102 -31.84 -8.37 28.47
C LYS IA 102 -32.91 -7.37 28.85
N ALA IA 103 -32.87 -6.17 28.28
CA ALA IA 103 -33.93 -5.21 28.56
C ALA IA 103 -35.24 -5.67 27.96
N ARG IA 104 -35.25 -6.03 26.67
CA ARG IA 104 -36.49 -6.48 26.08
C ARG IA 104 -36.76 -7.95 26.35
N LEU IA 105 -35.77 -8.69 26.88
CA LEU IA 105 -36.04 -10.06 27.28
C LEU IA 105 -36.92 -10.09 28.51
N TYR IA 106 -36.46 -9.46 29.60
CA TYR IA 106 -37.23 -9.44 30.84
C TYR IA 106 -38.53 -8.67 30.70
N SER IA 107 -38.56 -7.67 29.82
CA SER IA 107 -39.77 -6.90 29.63
C SER IA 107 -40.87 -7.73 28.99
N ALA IA 108 -40.50 -8.61 28.06
CA ALA IA 108 -41.49 -9.53 27.52
C ALA IA 108 -41.89 -10.57 28.54
N ILE IA 109 -41.04 -10.87 29.50
CA ILE IA 109 -41.44 -11.78 30.56
C ILE IA 109 -42.37 -11.07 31.54
N GLU IA 110 -42.16 -9.76 31.76
CA GLU IA 110 -43.09 -8.99 32.58
C GLU IA 110 -44.49 -8.98 31.98
N GLN IA 111 -44.57 -8.87 30.65
CA GLN IA 111 -45.88 -8.84 30.01
C GLN IA 111 -46.52 -10.21 30.04
N ARG IA 112 -45.72 -11.26 29.85
CA ARG IA 112 -46.30 -12.58 29.67
C ARG IA 112 -46.78 -13.19 30.98
N LEU IA 113 -46.09 -12.89 32.08
CA LEU IA 113 -46.61 -13.29 33.38
C LEU IA 113 -47.84 -12.49 33.76
N GLU IA 114 -47.92 -11.24 33.31
CA GLU IA 114 -49.12 -10.45 33.49
C GLU IA 114 -50.29 -11.02 32.72
N GLN IA 115 -50.05 -11.51 31.49
CA GLN IA 115 -51.10 -12.15 30.71
C GLN IA 115 -51.57 -13.45 31.32
N SER IA 116 -50.76 -14.09 32.15
CA SER IA 116 -51.08 -15.40 32.68
C SER IA 116 -51.78 -15.34 34.02
N LEU IA 117 -51.38 -14.39 34.88
CA LEU IA 117 -52.13 -14.19 36.13
C LEU IA 117 -53.54 -13.75 35.85
N GLN IA 118 -53.75 -13.02 34.76
CA GLN IA 118 -55.07 -12.54 34.39
C GLN IA 118 -56.00 -13.68 34.01
N THR IA 119 -55.46 -14.84 33.65
CA THR IA 119 -56.26 -16.03 33.37
C THR IA 119 -56.21 -17.04 34.51
N MET IA 120 -56.09 -16.59 35.74
CA MET IA 120 -56.32 -17.47 36.87
C MET IA 120 -57.79 -17.44 37.26
N GLU IA 121 -58.12 -18.00 38.41
CA GLU IA 121 -59.51 -18.05 38.84
C GLU IA 121 -59.83 -16.77 39.59
N GLY IA 122 -60.53 -15.85 38.91
CA GLY IA 122 -61.04 -14.67 39.56
C GLY IA 122 -60.18 -13.43 39.43
N VAL IA 123 -58.96 -13.54 38.91
CA VAL IA 123 -58.14 -12.35 38.74
C VAL IA 123 -58.69 -11.55 37.57
N LEU IA 124 -59.12 -10.32 37.83
CA LEU IA 124 -59.59 -9.46 36.74
C LEU IA 124 -58.41 -8.88 35.98
N SER IA 125 -57.47 -8.29 36.70
CA SER IA 125 -56.32 -7.64 36.08
C SER IA 125 -55.09 -7.92 36.91
N ALA IA 126 -53.93 -7.72 36.31
CA ALA IA 126 -52.69 -8.02 37.00
C ALA IA 126 -51.58 -7.15 36.46
N ARG IA 127 -50.58 -6.89 37.30
CA ARG IA 127 -49.34 -6.21 36.93
C ARG IA 127 -48.19 -6.95 37.56
N VAL IA 128 -47.11 -7.14 36.82
CA VAL IA 128 -45.94 -7.86 37.30
C VAL IA 128 -44.70 -7.05 36.98
N HIS IA 129 -43.85 -6.82 37.97
CA HIS IA 129 -42.57 -6.18 37.76
C HIS IA 129 -41.45 -7.14 38.11
N ILE IA 130 -40.33 -7.01 37.42
CA ILE IA 130 -39.16 -7.84 37.64
C ILE IA 130 -38.01 -6.93 38.03
N SER IA 131 -37.25 -7.33 39.04
CA SER IA 131 -36.02 -6.62 39.36
C SER IA 131 -35.02 -6.80 38.24
N TYR IA 132 -34.48 -5.71 37.74
CA TYR IA 132 -33.55 -5.76 36.62
C TYR IA 132 -32.13 -5.65 37.15
N ASP IA 133 -31.55 -6.80 37.47
CA ASP IA 133 -30.10 -6.90 37.65
C ASP IA 133 -29.53 -7.07 36.25
N ILE IA 134 -28.94 -6.00 35.73
CA ILE IA 134 -28.50 -5.96 34.36
C ILE IA 134 -26.98 -5.93 34.26
N ASP IA 135 -26.32 -5.17 35.12
CA ASP IA 135 -24.88 -4.97 35.00
C ASP IA 135 -24.07 -6.01 35.75
N ALA IA 136 -24.58 -7.24 35.86
CA ALA IA 136 -23.88 -8.30 36.57
C ALA IA 136 -22.61 -8.72 35.83
N GLY IA 137 -22.68 -8.82 34.50
CA GLY IA 137 -21.51 -9.17 33.72
C GLY IA 137 -20.49 -8.06 33.57
N GLU IA 138 -20.96 -6.81 33.61
CA GLU IA 138 -20.06 -5.67 33.43
C GLU IA 138 -19.26 -5.38 34.69
N ASN IA 139 -19.81 -5.68 35.87
CA ASN IA 139 -19.06 -5.53 37.11
C ASN IA 139 -18.16 -6.73 37.40
N GLY IA 140 -18.33 -7.84 36.70
CA GLY IA 140 -17.56 -9.03 37.00
C GLY IA 140 -17.98 -9.70 38.29
N ARG IA 141 -19.28 -9.82 38.51
CA ARG IA 141 -19.86 -10.32 39.74
C ARG IA 141 -20.92 -11.37 39.43
N PRO IA 142 -21.20 -12.25 40.39
CA PRO IA 142 -22.40 -13.10 40.26
C PRO IA 142 -23.65 -12.26 40.41
N PRO IA 143 -24.71 -12.60 39.69
CA PRO IA 143 -25.89 -11.74 39.69
C PRO IA 143 -26.69 -11.85 40.98
N LYS IA 144 -27.54 -10.87 41.18
CA LYS IA 144 -28.36 -10.77 42.36
C LYS IA 144 -29.54 -11.73 42.23
N PRO IA 145 -30.17 -12.10 43.34
CA PRO IA 145 -31.43 -12.85 43.24
C PRO IA 145 -32.50 -12.01 42.59
N VAL IA 146 -33.38 -12.67 41.86
CA VAL IA 146 -34.45 -11.98 41.17
C VAL IA 146 -35.57 -11.68 42.15
N HIS IA 147 -35.98 -10.43 42.20
CA HIS IA 147 -37.10 -9.98 43.01
C HIS IA 147 -38.23 -9.64 42.07
N LEU IA 148 -39.47 -9.82 42.53
CA LEU IA 148 -40.59 -9.50 41.67
C LEU IA 148 -41.82 -9.13 42.48
N SER IA 149 -42.64 -8.26 41.91
CA SER IA 149 -43.83 -7.75 42.56
C SER IA 149 -45.05 -8.06 41.71
N ALA IA 150 -46.21 -8.15 42.34
CA ALA IA 150 -47.41 -8.47 41.62
C ALA IA 150 -48.61 -7.77 42.21
N LEU IA 151 -49.48 -7.28 41.34
CA LEU IA 151 -50.77 -6.72 41.70
C LEU IA 151 -51.86 -7.56 41.10
N ALA IA 152 -53.03 -7.55 41.71
CA ALA IA 152 -54.09 -8.46 41.29
C ALA IA 152 -55.42 -7.94 41.80
N VAL IA 153 -56.42 -7.91 40.92
CA VAL IA 153 -57.73 -7.38 41.25
C VAL IA 153 -58.72 -8.54 41.20
N TYR IA 154 -59.20 -8.97 42.36
CA TYR IA 154 -60.13 -10.08 42.44
C TYR IA 154 -61.57 -9.61 42.42
N GLU IA 155 -62.48 -10.58 42.42
CA GLU IA 155 -63.90 -10.25 42.52
C GLU IA 155 -64.25 -9.80 43.93
N ARG IA 156 -65.48 -9.34 44.07
CA ARG IA 156 -66.10 -9.30 45.37
C ARG IA 156 -66.29 -10.72 45.89
N GLY IA 157 -66.34 -10.85 47.22
CA GLY IA 157 -66.70 -12.10 47.85
C GLY IA 157 -65.60 -13.14 47.91
N SER IA 158 -64.49 -12.95 47.21
CA SER IA 158 -63.42 -13.92 47.30
C SER IA 158 -62.66 -13.75 48.61
N PRO IA 159 -62.27 -14.83 49.25
CA PRO IA 159 -61.45 -14.72 50.46
C PRO IA 159 -59.99 -14.44 50.15
N LEU IA 160 -59.63 -13.16 50.02
CA LEU IA 160 -58.34 -12.72 49.48
C LEU IA 160 -57.13 -13.22 50.25
N ALA IA 161 -57.28 -13.66 51.49
CA ALA IA 161 -56.14 -14.12 52.26
C ALA IA 161 -55.67 -15.52 51.87
N HIS IA 162 -56.28 -16.16 50.88
CA HIS IA 162 -55.89 -17.50 50.48
C HIS IA 162 -55.47 -17.60 49.02
N GLN IA 163 -55.90 -16.69 48.16
CA GLN IA 163 -55.35 -16.63 46.82
C GLN IA 163 -53.99 -15.97 46.78
N ILE IA 164 -53.52 -15.46 47.91
CA ILE IA 164 -52.17 -14.92 48.00
C ILE IA 164 -51.15 -16.03 47.89
N SER IA 165 -51.51 -17.26 48.27
CA SER IA 165 -50.57 -18.36 48.23
C SER IA 165 -50.44 -18.95 46.83
N ASP IA 166 -51.52 -18.88 46.04
CA ASP IA 166 -51.48 -19.44 44.69
C ASP IA 166 -50.56 -18.65 43.78
N ILE IA 167 -50.69 -17.33 43.81
CA ILE IA 167 -49.83 -16.47 42.99
C ILE IA 167 -48.39 -16.63 43.42
N LYS IA 168 -48.14 -16.55 44.72
CA LYS IA 168 -46.81 -16.60 45.28
C LYS IA 168 -46.15 -17.97 45.07
N ARG IA 169 -46.95 -19.02 44.90
CA ARG IA 169 -46.41 -20.31 44.46
C ARG IA 169 -46.19 -20.34 42.97
N PHE IA 170 -47.08 -19.68 42.22
CA PHE IA 170 -47.02 -19.72 40.76
C PHE IA 170 -45.76 -19.10 40.22
N LEU IA 171 -45.52 -17.84 40.52
CA LEU IA 171 -44.42 -17.18 39.86
C LEU IA 171 -43.15 -17.20 40.68
N LYS IA 172 -43.08 -18.03 41.71
CA LYS IA 172 -41.77 -18.47 42.22
C LYS IA 172 -41.00 -19.19 41.12
N ASN IA 173 -41.54 -20.30 40.66
CA ASN IA 173 -40.84 -21.13 39.71
C ASN IA 173 -40.97 -20.63 38.29
N SER IA 174 -41.38 -19.39 38.09
CA SER IA 174 -41.29 -18.79 36.78
C SER IA 174 -39.93 -18.14 36.56
N PHE IA 175 -39.05 -18.17 37.56
CA PHE IA 175 -37.70 -17.64 37.44
C PHE IA 175 -36.72 -18.56 38.14
N ALA IA 176 -35.44 -18.25 37.94
CA ALA IA 176 -34.38 -19.19 38.26
C ALA IA 176 -34.10 -19.24 39.76
N ASP IA 177 -33.69 -18.12 40.34
CA ASP IA 177 -33.30 -18.10 41.76
C ASP IA 177 -34.10 -17.05 42.51
N VAL IA 178 -35.33 -17.40 42.89
CA VAL IA 178 -36.13 -16.52 43.74
C VAL IA 178 -36.51 -17.29 44.99
N ASP IA 179 -37.04 -16.55 45.96
CA ASP IA 179 -37.50 -17.17 47.20
C ASP IA 179 -38.95 -16.78 47.43
N TYR IA 180 -39.46 -17.09 48.60
CA TYR IA 180 -40.76 -16.61 49.04
C TYR IA 180 -40.65 -15.31 49.80
N ASP IA 181 -39.49 -14.69 49.77
CA ASP IA 181 -39.28 -13.38 50.35
C ASP IA 181 -39.00 -12.33 49.30
N ASN IA 182 -38.63 -12.72 48.10
CA ASN IA 182 -38.40 -11.80 47.01
C ASN IA 182 -39.67 -11.57 46.20
N ILE IA 183 -40.80 -12.11 46.63
CA ILE IA 183 -42.05 -11.99 45.91
C ILE IA 183 -42.99 -11.16 46.77
N SER IA 184 -43.45 -10.05 46.23
CA SER IA 184 -44.30 -9.11 46.96
C SER IA 184 -45.61 -8.95 46.22
N VAL IA 185 -46.65 -9.61 46.69
CA VAL IA 185 -47.95 -9.61 46.02
C VAL IA 185 -48.94 -8.90 46.94
N VAL IA 186 -49.46 -7.77 46.49
CA VAL IA 186 -50.45 -7.00 47.23
C VAL IA 186 -51.70 -6.97 46.39
N LEU IA 187 -52.62 -7.90 46.66
CA LEU IA 187 -53.82 -8.06 45.86
C LEU IA 187 -55.03 -7.47 46.58
N SER IA 188 -55.90 -6.84 45.80
CA SER IA 188 -56.99 -6.04 46.34
C SER IA 188 -58.23 -6.31 45.52
N GLU IA 189 -59.36 -6.52 46.19
CA GLU IA 189 -60.59 -6.82 45.48
C GLU IA 189 -61.11 -5.57 44.77
N ARG IA 190 -61.94 -5.79 43.76
CA ARG IA 190 -62.36 -4.67 42.93
C ARG IA 190 -63.36 -3.79 43.66
N SER IA 191 -63.63 -2.65 43.07
CA SER IA 191 -64.53 -1.67 43.66
C SER IA 191 -65.98 -2.13 43.50
N ASP IA 192 -66.89 -1.29 43.99
CA ASP IA 192 -68.31 -1.55 43.78
C ASP IA 192 -68.64 -1.38 42.30
N ALA IA 193 -69.60 -2.16 41.84
CA ALA IA 193 -69.95 -2.16 40.43
C ALA IA 193 -70.73 -0.91 40.07
N GLN IA 194 -70.29 -0.22 39.03
CA GLN IA 194 -71.03 0.92 38.51
C GLN IA 194 -71.94 0.40 37.41
N LEU IA 195 -73.18 0.12 37.77
CA LEU IA 195 -74.17 -0.43 36.86
C LEU IA 195 -75.33 0.54 36.66
N GLN IA 196 -75.23 1.74 37.19
CA GLN IA 196 -76.36 2.59 37.49
C GLN IA 196 -76.25 3.86 36.68
N ALA IA 197 -77.35 4.27 36.05
CA ALA IA 197 -77.31 5.40 35.14
C ALA IA 197 -77.09 6.70 35.90
N PRO IA 198 -76.17 7.56 35.44
CA PRO IA 198 -75.89 8.81 36.14
C PRO IA 198 -77.06 9.78 36.17
N GLY IA 199 -77.56 10.13 34.99
CA GLY IA 199 -78.71 11.02 34.93
C GLY IA 199 -78.41 12.35 34.30
N THR IA 200 -79.26 12.76 33.37
CA THR IA 200 -79.18 14.09 32.79
C THR IA 200 -79.58 15.13 33.85
N PRO IA 201 -78.98 16.32 33.81
CA PRO IA 201 -79.37 17.37 34.75
C PRO IA 201 -80.78 17.87 34.50
N VAL IA 202 -81.33 18.55 35.51
CA VAL IA 202 -82.67 19.11 35.41
C VAL IA 202 -82.59 20.47 34.73
N LYS IA 203 -83.72 20.91 34.21
CA LYS IA 203 -83.79 22.17 33.46
C LYS IA 203 -84.44 23.27 34.28
N ALA JA 171 -93.81 -6.30 35.02
CA ALA JA 171 -93.86 -7.68 34.54
C ALA JA 171 -93.41 -8.64 35.62
N GLU JA 172 -93.47 -9.93 35.32
CA GLU JA 172 -93.03 -10.94 36.26
C GLU JA 172 -91.51 -10.99 36.32
N LEU JA 173 -90.96 -10.87 37.53
CA LEU JA 173 -89.51 -10.82 37.68
C LEU JA 173 -88.87 -12.17 37.40
N ASP JA 174 -89.63 -13.26 37.51
CA ASP JA 174 -89.14 -14.58 37.11
C ASP JA 174 -88.87 -14.65 35.60
N SER JA 175 -89.50 -13.79 34.81
CA SER JA 175 -89.20 -13.71 33.39
C SER JA 175 -88.38 -12.48 33.01
N LEU JA 176 -88.35 -11.45 33.85
CA LEU JA 176 -87.44 -10.34 33.63
C LEU JA 176 -85.99 -10.75 33.82
N LEU JA 177 -85.75 -11.77 34.63
CA LEU JA 177 -84.44 -12.38 34.75
C LEU JA 177 -84.24 -13.36 33.60
N GLY JA 178 -83.24 -14.21 33.68
CA GLY JA 178 -82.92 -15.09 32.57
C GLY JA 178 -83.95 -16.19 32.34
N GLN JA 179 -83.62 -17.03 31.36
CA GLN JA 179 -84.50 -18.11 30.92
C GLN JA 179 -84.65 -19.19 32.00
N GLU JA 180 -83.61 -19.42 32.79
CA GLU JA 180 -83.60 -20.48 33.78
C GLU JA 180 -84.26 -20.01 35.07
N LYS JA 181 -85.35 -20.68 35.45
CA LYS JA 181 -86.07 -20.25 36.64
C LYS JA 181 -85.41 -20.73 37.91
N GLU JA 182 -84.68 -21.84 37.85
CA GLU JA 182 -84.12 -22.46 39.05
C GLU JA 182 -82.95 -21.70 39.63
N ARG JA 183 -82.35 -20.78 38.87
CA ARG JA 183 -81.15 -20.12 39.33
C ARG JA 183 -81.46 -19.05 40.37
N PHE JA 184 -82.59 -18.38 40.26
CA PHE JA 184 -82.96 -17.35 41.20
C PHE JA 184 -84.22 -17.78 41.95
N GLN JA 185 -84.49 -17.09 43.05
CA GLN JA 185 -85.70 -17.37 43.84
C GLN JA 185 -86.18 -16.05 44.42
N VAL JA 186 -87.29 -15.54 43.89
CA VAL JA 186 -87.81 -14.26 44.35
C VAL JA 186 -88.42 -14.40 45.72
N LEU JA 187 -88.38 -13.32 46.50
CA LEU JA 187 -88.80 -13.36 47.89
C LEU JA 187 -89.64 -12.13 48.21
N PRO JA 188 -90.94 -12.28 48.37
CA PRO JA 188 -91.78 -11.13 48.72
C PRO JA 188 -91.63 -10.71 50.18
N GLY JA 189 -90.67 -9.81 50.43
CA GLY JA 189 -90.43 -9.33 51.77
C GLY JA 189 -91.59 -8.54 52.36
N ARG JA 190 -91.49 -8.30 53.66
CA ARG JA 190 -92.59 -7.74 54.43
C ARG JA 190 -92.69 -6.22 54.34
N ASP JA 191 -91.62 -5.53 53.92
CA ASP JA 191 -91.59 -4.07 53.94
C ASP JA 191 -91.77 -3.47 52.55
N LYS JA 192 -92.63 -4.09 51.73
CA LYS JA 192 -93.11 -3.71 50.40
C LYS JA 192 -92.06 -3.91 49.31
N MET JA 193 -90.83 -4.21 49.68
CA MET JA 193 -89.76 -4.41 48.71
C MET JA 193 -89.63 -5.90 48.43
N LEU JA 194 -89.46 -6.25 47.16
CA LEU JA 194 -89.27 -7.62 46.74
C LEU JA 194 -87.77 -7.91 46.68
N TYR JA 195 -87.41 -9.16 46.96
CA TYR JA 195 -86.01 -9.57 46.98
C TYR JA 195 -85.80 -10.78 46.09
N VAL JA 196 -84.63 -10.85 45.47
CA VAL JA 196 -84.25 -11.98 44.62
C VAL JA 196 -82.91 -12.53 45.08
N ALA JA 197 -82.88 -13.82 45.40
CA ALA JA 197 -81.75 -14.43 46.07
C ALA JA 197 -80.85 -15.10 45.04
N ALA JA 198 -79.71 -14.48 44.76
CA ALA JA 198 -78.76 -15.11 43.87
C ALA JA 198 -77.99 -16.19 44.63
N GLN JA 199 -77.16 -16.92 43.90
CA GLN JA 199 -76.38 -18.01 44.49
C GLN JA 199 -74.91 -17.68 44.63
N ASN JA 200 -74.34 -16.91 43.71
CA ASN JA 200 -72.94 -16.50 43.80
C ASN JA 200 -72.80 -15.12 43.18
N GLU JA 201 -71.56 -14.71 42.93
CA GLU JA 201 -71.33 -13.35 42.43
C GLU JA 201 -71.38 -13.25 40.92
N ARG JA 202 -71.67 -14.33 40.19
CA ARG JA 202 -72.05 -14.14 38.80
C ARG JA 202 -73.55 -13.93 38.68
N ASP JA 203 -74.33 -14.67 39.45
CA ASP JA 203 -75.77 -14.49 39.43
C ASP JA 203 -76.18 -13.18 40.07
N THR JA 204 -75.39 -12.66 41.00
CA THR JA 204 -75.69 -11.37 41.59
C THR JA 204 -75.51 -10.26 40.57
N LEU JA 205 -74.42 -10.29 39.81
CA LEU JA 205 -74.25 -9.34 38.72
C LEU JA 205 -75.18 -9.64 37.55
N TRP JA 206 -75.74 -10.85 37.48
CA TRP JA 206 -76.80 -11.12 36.52
C TRP JA 206 -78.08 -10.43 36.93
N ALA JA 207 -78.40 -10.43 38.22
CA ALA JA 207 -79.66 -9.89 38.68
C ALA JA 207 -79.56 -8.43 39.11
N ARG JA 208 -78.39 -7.96 39.53
CA ARG JA 208 -78.21 -6.53 39.72
C ARG JA 208 -78.04 -5.79 38.40
N GLN JA 209 -77.91 -6.51 37.29
CA GLN JA 209 -77.91 -5.82 36.02
C GLN JA 209 -79.31 -5.49 35.57
N VAL JA 210 -80.25 -6.42 35.77
CA VAL JA 210 -81.63 -6.21 35.35
C VAL JA 210 -82.28 -5.08 36.12
N LEU JA 211 -82.13 -5.06 37.43
CA LEU JA 211 -82.86 -4.11 38.26
C LEU JA 211 -82.30 -2.70 38.17
N ALA JA 212 -81.07 -2.53 37.71
CA ALA JA 212 -80.48 -1.20 37.60
C ALA JA 212 -80.54 -0.64 36.19
N ARG JA 213 -80.69 -1.52 35.20
CA ARG JA 213 -80.82 -1.11 33.81
C ARG JA 213 -82.19 -0.52 33.54
N GLY JA 214 -83.23 -1.06 34.16
CA GLY JA 214 -84.55 -0.76 33.69
C GLY JA 214 -85.59 -0.72 34.79
N ASP JA 215 -86.73 -1.34 34.55
CA ASP JA 215 -87.88 -1.16 35.40
C ASP JA 215 -88.42 -2.49 35.93
N TYR JA 216 -88.67 -2.53 37.23
CA TYR JA 216 -89.67 -3.37 37.83
C TYR JA 216 -90.62 -2.40 38.52
N ASP JA 217 -91.93 -2.67 38.47
CA ASP JA 217 -92.89 -1.69 38.95
C ASP JA 217 -93.07 -1.73 40.47
N LYS JA 218 -91.96 -1.79 41.21
CA LYS JA 218 -91.81 -1.80 42.65
C LYS JA 218 -90.30 -1.83 42.89
N ASN JA 219 -89.90 -1.65 44.14
CA ASN JA 219 -88.49 -1.74 44.47
C ASN JA 219 -88.05 -3.18 44.51
N ALA JA 220 -86.82 -3.46 44.07
CA ALA JA 220 -86.29 -4.81 44.05
C ALA JA 220 -84.81 -4.77 44.37
N ARG JA 221 -84.34 -5.77 45.11
CA ARG JA 221 -83.03 -5.71 45.73
C ARG JA 221 -82.44 -7.10 45.81
N VAL JA 222 -81.27 -7.30 45.20
CA VAL JA 222 -80.65 -8.62 45.13
C VAL JA 222 -79.89 -8.86 46.43
N ILE JA 223 -80.15 -10.00 47.07
CA ILE JA 223 -79.40 -10.39 48.25
C ILE JA 223 -78.58 -11.62 47.89
N ASN JA 224 -77.42 -11.74 48.51
CA ASN JA 224 -76.52 -12.85 48.27
C ASN JA 224 -76.38 -13.65 49.56
N GLU JA 225 -75.74 -14.81 49.48
CA GLU JA 225 -75.56 -15.61 50.67
C GLU JA 225 -74.33 -15.15 51.44
N ASN JA 226 -73.28 -14.79 50.71
CA ASN JA 226 -72.04 -14.39 51.35
C ASN JA 226 -71.88 -12.89 51.51
N GLU JA 227 -72.87 -12.10 51.10
CA GLU JA 227 -72.78 -10.67 51.31
C GLU JA 227 -73.79 -10.21 52.35
N GLU JA 228 -75.01 -10.75 52.30
CA GLU JA 228 -76.00 -10.45 53.33
C GLU JA 228 -75.59 -11.02 54.68
N ASN JA 229 -74.84 -12.13 54.66
CA ASN JA 229 -74.17 -12.61 55.86
C ASN JA 229 -73.22 -11.55 56.40
N LYS JA 230 -72.46 -10.91 55.53
CA LYS JA 230 -71.52 -9.90 55.99
C LYS JA 230 -72.23 -8.60 56.34
N ARG JA 231 -73.39 -8.33 55.73
CA ARG JA 231 -74.12 -7.10 56.03
C ARG JA 231 -74.70 -7.12 57.44
N ILE JA 232 -75.15 -8.30 57.89
CA ILE JA 232 -75.71 -8.44 59.22
C ILE JA 232 -74.64 -8.22 60.27
N SER JA 233 -73.44 -8.73 60.01
CA SER JA 233 -72.33 -8.56 60.96
C SER JA 233 -71.87 -7.12 61.09
N ILE JA 234 -72.17 -6.26 60.12
CA ILE JA 234 -71.92 -4.83 60.30
C ILE JA 234 -72.95 -4.24 61.24
N TRP JA 235 -74.17 -4.78 61.23
CA TRP JA 235 -75.15 -4.40 62.22
C TRP JA 235 -74.92 -5.11 63.55
N LEU JA 236 -74.44 -6.34 63.50
CA LEU JA 236 -74.47 -7.18 64.69
C LEU JA 236 -73.32 -6.87 65.63
N ASP JA 237 -72.22 -6.34 65.13
CA ASP JA 237 -71.12 -6.04 66.05
C ASP JA 237 -71.37 -4.78 66.87
N THR JA 238 -72.28 -3.92 66.44
CA THR JA 238 -72.65 -2.77 67.25
C THR JA 238 -73.69 -3.14 68.30
N TYR JA 239 -74.79 -3.74 67.87
CA TYR JA 239 -75.90 -4.00 68.78
C TYR JA 239 -75.72 -5.28 69.58
N TYR JA 240 -74.82 -6.16 69.17
CA TYR JA 240 -74.41 -7.30 69.99
C TYR JA 240 -72.92 -7.57 69.83
N PRO JA 241 -72.06 -6.75 70.45
CA PRO JA 241 -70.66 -7.14 70.54
C PRO JA 241 -70.51 -8.22 71.59
N GLN JA 242 -69.34 -8.88 71.57
CA GLN JA 242 -69.07 -10.10 72.34
C GLN JA 242 -70.10 -11.18 72.09
N LEU JA 243 -70.60 -11.27 70.86
CA LEU JA 243 -71.48 -12.35 70.46
C LEU JA 243 -70.67 -13.37 69.69
N ALA JA 244 -70.78 -14.62 70.10
CA ALA JA 244 -70.05 -15.71 69.45
C ALA JA 244 -71.01 -16.44 68.53
N TYR JA 245 -70.83 -16.26 67.24
CA TYR JA 245 -71.66 -16.86 66.23
C TYR JA 245 -70.77 -17.24 65.07
N TYR JA 246 -71.26 -18.14 64.23
CA TYR JA 246 -70.45 -18.63 63.12
C TYR JA 246 -70.81 -17.97 61.81
N ARG JA 247 -72.06 -18.13 61.37
CA ARG JA 247 -72.45 -17.88 60.00
C ARG JA 247 -73.96 -18.03 59.89
N ILE JA 248 -74.58 -17.19 59.08
CA ILE JA 248 -75.99 -17.34 58.77
C ILE JA 248 -76.10 -18.08 57.45
N HIS JA 249 -77.18 -18.82 57.25
CA HIS JA 249 -77.27 -19.75 56.12
C HIS JA 249 -78.58 -19.55 55.37
N PHE JA 250 -78.46 -19.40 54.06
CA PHE JA 250 -79.57 -19.03 53.18
C PHE JA 250 -79.87 -20.14 52.18
N ASP JA 251 -79.86 -21.39 52.63
CA ASP JA 251 -80.20 -22.49 51.74
C ASP JA 251 -81.70 -22.49 51.43
N GLU JA 252 -82.51 -22.38 52.48
CA GLU JA 252 -83.92 -22.03 52.33
C GLU JA 252 -84.07 -20.58 52.75
N PRO JA 253 -84.07 -19.64 51.81
CA PRO JA 253 -84.00 -18.21 52.18
C PRO JA 253 -85.27 -17.67 52.81
N ARG JA 254 -86.36 -18.43 52.84
CA ARG JA 254 -87.53 -18.02 53.59
C ARG JA 254 -87.26 -18.02 55.09
N LYS JA 255 -86.42 -18.94 55.57
CA LYS JA 255 -86.02 -18.87 56.97
C LYS JA 255 -84.57 -19.30 57.14
N PRO JA 256 -83.72 -18.40 57.62
CA PRO JA 256 -82.29 -18.73 57.75
C PRO JA 256 -81.97 -19.43 59.05
N VAL JA 257 -80.91 -20.22 59.01
CA VAL JA 257 -80.39 -20.93 60.16
C VAL JA 257 -79.11 -20.22 60.59
N PHE JA 258 -79.15 -19.58 61.74
CA PHE JA 258 -78.08 -18.73 62.22
C PHE JA 258 -77.39 -19.41 63.41
N TRP JA 259 -76.24 -20.00 63.14
CA TRP JA 259 -75.52 -20.78 64.15
C TRP JA 259 -74.93 -19.87 65.21
N LEU JA 260 -74.87 -20.37 66.44
CA LEU JA 260 -74.18 -19.69 67.52
C LEU JA 260 -73.30 -20.69 68.25
N SER JA 261 -72.36 -20.14 69.01
CA SER JA 261 -71.56 -20.94 69.92
C SER JA 261 -72.41 -21.31 71.13
N ARG JA 262 -72.56 -22.61 71.38
CA ARG JA 262 -73.21 -23.03 72.62
C ARG JA 262 -72.36 -22.70 73.82
N GLN JA 263 -71.04 -22.74 73.66
CA GLN JA 263 -70.14 -22.58 74.79
C GLN JA 263 -69.95 -21.13 75.17
N ARG JA 264 -69.70 -20.26 74.19
CA ARG JA 264 -69.27 -18.90 74.46
C ARG JA 264 -70.42 -17.90 74.47
N ASN JA 265 -71.66 -18.36 74.61
CA ASN JA 265 -72.81 -17.46 74.68
C ASN JA 265 -73.50 -17.61 76.02
N THR JA 266 -73.53 -16.52 76.77
CA THR JA 266 -74.19 -16.44 78.06
C THR JA 266 -75.60 -15.88 77.95
N MET JA 267 -76.10 -15.75 76.73
CA MET JA 267 -77.46 -15.26 76.51
C MET JA 267 -78.46 -16.30 76.97
N SER JA 268 -79.50 -15.86 77.67
CA SER JA 268 -80.55 -16.75 78.12
C SER JA 268 -81.57 -16.92 76.98
N LYS JA 269 -82.53 -17.83 77.18
CA LYS JA 269 -83.47 -18.15 76.12
C LYS JA 269 -84.53 -17.07 75.95
N LYS JA 270 -84.62 -16.13 76.88
CA LYS JA 270 -85.51 -14.99 76.75
C LYS JA 270 -85.07 -14.08 75.61
N GLU JA 271 -83.89 -13.46 75.76
CA GLU JA 271 -83.42 -12.52 74.76
C GLU JA 271 -82.88 -13.19 73.51
N LEU JA 272 -82.67 -14.51 73.53
CA LEU JA 272 -82.33 -15.20 72.28
C LEU JA 272 -83.52 -15.24 71.34
N GLU JA 273 -84.74 -15.26 71.89
CA GLU JA 273 -85.92 -15.10 71.06
C GLU JA 273 -86.10 -13.64 70.63
N VAL JA 274 -85.61 -12.70 71.43
CA VAL JA 274 -85.51 -11.32 70.98
C VAL JA 274 -84.51 -11.22 69.84
N LEU JA 275 -83.42 -11.98 69.92
CA LEU JA 275 -82.42 -11.99 68.87
C LEU JA 275 -82.94 -12.64 67.60
N SER JA 276 -83.92 -13.53 67.70
CA SER JA 276 -84.61 -14.03 66.52
C SER JA 276 -85.61 -13.04 65.97
N GLN JA 277 -85.86 -11.93 66.68
CA GLN JA 277 -86.72 -10.87 66.18
C GLN JA 277 -85.97 -9.60 65.79
N LYS JA 278 -84.77 -9.39 66.34
CA LYS JA 278 -83.95 -8.29 65.86
C LYS JA 278 -83.42 -8.56 64.46
N LEU JA 279 -83.13 -9.82 64.14
CA LEU JA 279 -82.61 -10.14 62.82
C LEU JA 279 -83.70 -10.06 61.76
N ARG JA 280 -84.95 -10.29 62.13
CA ARG JA 280 -86.04 -10.18 61.17
C ARG JA 280 -86.29 -8.74 60.72
N ALA JA 281 -85.87 -7.77 61.52
CA ALA JA 281 -85.92 -6.38 61.08
C ALA JA 281 -84.88 -6.09 60.01
N LEU JA 282 -83.84 -6.92 59.91
CA LEU JA 282 -82.84 -6.77 58.87
C LEU JA 282 -83.13 -7.60 57.64
N MET JA 283 -83.86 -8.70 57.79
CA MET JA 283 -84.17 -9.61 56.69
C MET JA 283 -85.69 -9.64 56.55
N PRO JA 284 -86.28 -8.72 55.80
CA PRO JA 284 -87.75 -8.71 55.66
C PRO JA 284 -88.28 -9.90 54.89
N TYR JA 285 -87.48 -10.43 53.98
CA TYR JA 285 -87.82 -11.64 53.25
C TYR JA 285 -87.87 -12.87 54.14
N ALA JA 286 -87.22 -12.82 55.30
CA ALA JA 286 -87.15 -13.99 56.17
C ALA JA 286 -88.46 -14.18 56.91
N ASP JA 287 -88.81 -15.44 57.16
CA ASP JA 287 -89.98 -15.73 57.97
C ASP JA 287 -89.65 -15.63 59.44
N SER JA 288 -88.76 -16.50 59.92
CA SER JA 288 -88.32 -16.49 61.32
C SER JA 288 -86.98 -17.19 61.40
N VAL JA 289 -86.03 -16.58 62.10
CA VAL JA 289 -84.67 -17.08 62.14
C VAL JA 289 -84.61 -18.32 63.02
N ASN JA 290 -84.03 -19.39 62.51
CA ASN JA 290 -83.87 -20.65 63.23
C ASN JA 290 -82.51 -20.62 63.92
N ILE JA 291 -82.47 -20.06 65.11
CA ILE JA 291 -81.24 -19.99 65.88
C ILE JA 291 -80.95 -21.35 66.50
N THR JA 292 -79.82 -21.94 66.16
CA THR JA 292 -79.36 -23.15 66.82
C THR JA 292 -77.96 -22.93 67.37
N LEU JA 293 -77.46 -23.94 68.06
CA LEU JA 293 -76.20 -23.86 68.79
C LEU JA 293 -75.28 -24.96 68.30
N MET JA 294 -74.01 -24.65 68.15
CA MET JA 294 -73.01 -25.64 67.76
C MET JA 294 -71.87 -25.57 68.75
N ASP JA 295 -71.37 -26.73 69.16
CA ASP JA 295 -70.26 -26.76 70.10
C ASP JA 295 -68.97 -26.37 69.42
N ASP JA 296 -68.15 -25.59 70.13
CA ASP JA 296 -66.90 -25.10 69.56
C ASP JA 296 -65.87 -26.21 69.39
N VAL JA 297 -65.98 -27.31 70.14
CA VAL JA 297 -65.05 -28.40 69.96
C VAL JA 297 -65.40 -29.20 68.70
N THR JA 298 -66.65 -29.15 68.25
CA THR JA 298 -67.02 -29.79 67.00
C THR JA 298 -66.56 -28.97 65.81
N ALA JA 299 -66.54 -27.65 65.95
CA ALA JA 299 -66.09 -26.78 64.87
C ALA JA 299 -64.59 -26.95 64.65
N ALA JA 300 -63.81 -26.86 65.71
CA ALA JA 300 -62.37 -27.07 65.57
C ALA JA 300 -62.01 -28.52 65.35
N GLY JA 301 -62.93 -29.44 65.67
CA GLY JA 301 -62.66 -30.85 65.44
C GLY JA 301 -62.62 -31.19 63.98
N GLN JA 302 -63.71 -30.89 63.25
CA GLN JA 302 -63.80 -31.21 61.83
C GLN JA 302 -62.81 -30.42 61.00
N ALA JA 303 -62.42 -29.23 61.47
CA ALA JA 303 -61.35 -28.52 60.79
C ALA JA 303 -60.02 -29.22 61.01
N GLU JA 304 -59.79 -29.77 62.19
CA GLU JA 304 -58.57 -30.53 62.40
C GLU JA 304 -58.68 -31.92 61.80
N ALA JA 305 -59.84 -32.57 61.94
CA ALA JA 305 -60.02 -33.92 61.42
C ALA JA 305 -60.14 -33.96 59.90
N GLY JA 306 -60.16 -32.81 59.24
CA GLY JA 306 -60.07 -32.80 57.79
C GLY JA 306 -58.67 -32.43 57.34
N LEU JA 307 -58.03 -31.53 58.09
CA LEU JA 307 -56.75 -31.00 57.65
C LEU JA 307 -55.63 -32.00 57.85
N LYS JA 308 -55.78 -32.93 58.78
CA LYS JA 308 -54.88 -34.07 58.84
C LYS JA 308 -55.39 -35.23 58.00
N GLN JA 309 -56.64 -35.19 57.56
CA GLN JA 309 -57.16 -36.18 56.63
C GLN JA 309 -56.72 -35.86 55.20
N GLN JA 310 -56.36 -34.62 54.94
CA GLN JA 310 -55.72 -34.23 53.69
C GLN JA 310 -54.21 -34.43 53.72
N ALA JA 311 -53.68 -34.91 54.84
CA ALA JA 311 -52.24 -35.09 55.09
C ALA JA 311 -51.48 -33.79 54.89
N LEU JA 312 -51.76 -32.82 55.76
CA LEU JA 312 -51.14 -31.52 55.68
C LEU JA 312 -50.40 -31.21 56.98
N PRO JA 313 -49.18 -30.67 56.91
CA PRO JA 313 -48.49 -30.27 58.13
C PRO JA 313 -49.11 -29.02 58.71
N TYR JA 314 -49.25 -29.00 60.03
CA TYR JA 314 -49.90 -27.85 60.68
C TYR JA 314 -49.43 -27.78 62.12
N SER JA 315 -50.00 -26.82 62.85
CA SER JA 315 -49.86 -26.78 64.30
C SER JA 315 -51.06 -26.06 64.87
N ARG JA 316 -51.92 -26.79 65.56
CA ARG JA 316 -53.08 -26.19 66.20
C ARG JA 316 -52.64 -25.36 67.39
N ARG JA 317 -52.81 -24.05 67.29
CA ARG JA 317 -52.63 -23.17 68.43
C ARG JA 317 -54.01 -22.67 68.85
N ASN JA 318 -54.31 -22.84 70.14
CA ASN JA 318 -55.61 -22.43 70.65
C ASN JA 318 -55.52 -21.04 71.23
N HIS JA 319 -56.68 -20.40 71.36
CA HIS JA 319 -56.77 -19.13 72.04
C HIS JA 319 -58.07 -19.09 72.82
N LYS JA 320 -58.23 -18.04 73.61
CA LYS JA 320 -59.47 -17.79 74.34
C LYS JA 320 -60.46 -17.18 73.36
N GLY JA 321 -61.23 -18.04 72.70
CA GLY JA 321 -62.21 -17.56 71.74
C GLY JA 321 -61.79 -17.73 70.30
N GLY JA 322 -61.22 -18.87 69.97
CA GLY JA 322 -60.84 -19.17 68.60
C GLY JA 322 -59.59 -20.02 68.55
N VAL JA 323 -59.44 -20.77 67.46
CA VAL JA 323 -58.25 -21.56 67.20
C VAL JA 323 -57.61 -21.05 65.92
N THR JA 324 -56.44 -21.57 65.61
CA THR JA 324 -55.69 -21.12 64.45
C THR JA 324 -54.83 -22.27 63.94
N PHE JA 325 -54.98 -22.59 62.66
CA PHE JA 325 -54.23 -23.69 62.04
C PHE JA 325 -53.23 -23.07 61.08
N VAL JA 326 -52.04 -22.76 61.56
CA VAL JA 326 -51.01 -22.28 60.66
C VAL JA 326 -50.40 -23.47 59.93
N ILE JA 327 -50.25 -23.34 58.62
CA ILE JA 327 -49.77 -24.39 57.74
C ILE JA 327 -48.53 -23.85 57.06
N GLN JA 328 -47.38 -24.47 57.32
CA GLN JA 328 -46.17 -23.96 56.71
C GLN JA 328 -45.30 -25.06 56.14
N GLY JA 329 -44.17 -24.67 55.57
CA GLY JA 329 -43.33 -25.56 54.81
C GLY JA 329 -43.40 -25.25 53.33
N ALA JA 330 -42.52 -25.91 52.58
CA ALA JA 330 -42.51 -25.78 51.13
C ALA JA 330 -43.53 -26.75 50.55
N LEU JA 331 -44.80 -26.36 50.64
CA LEU JA 331 -45.88 -27.18 50.13
C LEU JA 331 -45.88 -27.13 48.60
N ASP JA 332 -45.83 -28.29 47.97
CA ASP JA 332 -45.92 -28.34 46.52
C ASP JA 332 -47.38 -28.40 46.09
N ASP JA 333 -47.61 -28.69 44.82
CA ASP JA 333 -48.88 -28.34 44.19
C ASP JA 333 -50.01 -29.28 44.57
N VAL JA 334 -49.69 -30.52 44.89
CA VAL JA 334 -50.72 -31.50 45.17
C VAL JA 334 -51.39 -31.19 46.51
N GLU JA 335 -50.60 -30.69 47.46
CA GLU JA 335 -51.11 -30.37 48.78
C GLU JA 335 -51.55 -28.93 48.90
N ILE JA 336 -51.09 -28.04 48.01
CA ILE JA 336 -51.56 -26.65 48.05
C ILE JA 336 -52.96 -26.55 47.47
N LEU JA 337 -53.41 -27.55 46.72
CA LEU JA 337 -54.73 -27.58 46.13
C LEU JA 337 -55.68 -28.47 46.90
N ARG JA 338 -55.18 -29.43 47.65
CA ARG JA 338 -56.04 -30.08 48.62
C ARG JA 338 -56.33 -29.15 49.79
N ALA JA 339 -55.46 -28.17 50.02
CA ALA JA 339 -55.70 -27.22 51.10
C ALA JA 339 -56.86 -26.29 50.78
N ARG JA 340 -56.88 -25.74 49.56
CA ARG JA 340 -57.84 -24.69 49.24
C ARG JA 340 -59.23 -25.23 49.06
N GLN JA 341 -59.37 -26.44 48.52
CA GLN JA 341 -60.71 -27.00 48.47
C GLN JA 341 -61.13 -27.66 49.76
N PHE JA 342 -60.31 -27.60 50.80
CA PHE JA 342 -60.80 -27.84 52.14
C PHE JA 342 -61.17 -26.57 52.86
N VAL JA 343 -60.34 -25.52 52.71
CA VAL JA 343 -60.60 -24.25 53.37
C VAL JA 343 -61.87 -23.62 52.84
N ASP JA 344 -61.98 -23.53 51.52
CA ASP JA 344 -63.19 -22.98 50.90
C ASP JA 344 -64.40 -23.88 51.09
N SER JA 345 -64.19 -25.17 51.36
CA SER JA 345 -65.28 -26.02 51.78
C SER JA 345 -65.54 -25.95 53.27
N TYR JA 346 -64.69 -25.28 54.02
CA TYR JA 346 -64.94 -25.07 55.44
C TYR JA 346 -65.62 -23.74 55.69
N TYR JA 347 -65.10 -22.67 55.07
CA TYR JA 347 -65.68 -21.35 55.24
C TYR JA 347 -67.05 -21.24 54.61
N ARG JA 348 -67.35 -22.09 53.62
CA ARG JA 348 -68.72 -22.20 53.14
C ARG JA 348 -69.62 -22.83 54.18
N THR JA 349 -69.07 -23.69 55.03
CA THR JA 349 -69.88 -24.40 56.01
C THR JA 349 -69.95 -23.65 57.33
N TRP JA 350 -68.81 -23.27 57.89
CA TRP JA 350 -68.76 -22.74 59.24
C TRP JA 350 -68.51 -21.24 59.31
N GLY JA 351 -68.15 -20.61 58.21
CA GLY JA 351 -67.70 -19.23 58.28
C GLY JA 351 -66.30 -19.16 58.80
N GLY JA 352 -65.81 -17.93 58.95
CA GLY JA 352 -64.44 -17.77 59.35
C GLY JA 352 -64.25 -16.97 60.62
N ARG JA 353 -65.16 -17.14 61.58
CA ARG JA 353 -65.11 -16.36 62.81
C ARG JA 353 -64.60 -17.14 64.00
N TYR JA 354 -64.29 -18.42 63.85
CA TYR JA 354 -63.79 -19.18 64.99
C TYR JA 354 -62.47 -19.86 64.63
N VAL JA 355 -62.32 -20.27 63.38
CA VAL JA 355 -61.12 -20.98 62.92
C VAL JA 355 -60.50 -20.16 61.80
N GLN JA 356 -59.22 -19.86 61.94
CA GLN JA 356 -58.47 -19.16 60.90
C GLN JA 356 -57.39 -20.09 60.38
N PHE JA 357 -57.37 -20.29 59.06
CA PHE JA 357 -56.35 -21.10 58.42
C PHE JA 357 -55.27 -20.17 57.90
N ALA JA 358 -54.04 -20.42 58.32
CA ALA JA 358 -52.90 -19.62 57.88
C ALA JA 358 -52.03 -20.50 56.99
N ILE JA 359 -52.33 -20.49 55.69
CA ILE JA 359 -51.45 -21.17 54.75
C ILE JA 359 -50.31 -20.20 54.42
N GLU JA 360 -49.30 -20.20 55.29
CA GLU JA 360 -48.15 -19.32 55.20
C GLU JA 360 -47.06 -20.18 54.58
N LEU JA 361 -46.63 -19.83 53.37
CA LEU JA 361 -45.84 -20.71 52.54
C LEU JA 361 -44.44 -20.13 52.34
N LYS JA 362 -43.45 -20.72 53.01
CA LYS JA 362 -42.08 -20.27 52.94
C LYS JA 362 -41.16 -21.46 52.65
N ASP JA 363 -39.87 -21.18 52.63
CA ASP JA 363 -38.85 -22.19 52.38
C ASP JA 363 -38.55 -22.97 53.65
N ASP JA 364 -37.45 -23.72 53.63
CA ASP JA 364 -37.00 -24.44 54.81
C ASP JA 364 -35.92 -23.65 55.53
N ASP KA 20 -76.99 0.28 20.01
CA ASP KA 20 -77.44 1.60 19.62
C ASP KA 20 -76.28 2.59 19.79
N LYS KA 21 -75.72 2.65 20.99
CA LYS KA 21 -74.61 3.55 21.27
C LYS KA 21 -73.29 2.87 20.98
N ASP KA 22 -72.40 3.59 20.30
CA ASP KA 22 -71.11 3.05 19.90
C ASP KA 22 -70.19 2.93 21.10
N LEU KA 23 -69.48 1.81 21.18
CA LEU KA 23 -68.65 1.53 22.34
C LEU KA 23 -67.22 1.18 21.99
N LEU KA 24 -66.99 0.43 20.92
CA LEU KA 24 -65.65 0.14 20.46
C LEU KA 24 -65.68 0.08 18.94
N LYS KA 25 -64.63 0.59 18.30
CA LYS KA 25 -64.52 0.59 16.86
C LYS KA 25 -63.14 0.10 16.46
N GLY KA 26 -63.04 -0.40 15.24
CA GLY KA 26 -61.76 -0.75 14.69
C GLY KA 26 -61.10 -1.96 15.29
N LEU KA 27 -61.85 -2.81 15.99
CA LEU KA 27 -61.29 -4.02 16.55
C LEU KA 27 -61.01 -5.03 15.46
N ASP KA 28 -59.98 -5.83 15.64
CA ASP KA 28 -59.84 -7.00 14.78
C ASP KA 28 -60.67 -8.14 15.38
N GLN KA 29 -60.48 -9.34 14.86
CA GLN KA 29 -61.46 -10.41 15.04
C GLN KA 29 -61.43 -11.00 16.43
N GLU KA 30 -60.28 -11.53 16.84
CA GLU KA 30 -60.15 -12.18 18.13
C GLU KA 30 -60.23 -11.22 19.31
N GLN KA 31 -60.03 -9.93 19.09
CA GLN KA 31 -60.34 -8.97 20.14
C GLN KA 31 -61.84 -8.72 20.27
N ALA KA 32 -62.56 -8.72 19.14
CA ALA KA 32 -63.99 -8.44 19.20
C ALA KA 32 -64.78 -9.60 19.77
N ASN KA 33 -64.33 -10.82 19.53
CA ASN KA 33 -65.03 -11.99 20.06
C ASN KA 33 -64.80 -12.14 21.55
N GLU KA 34 -63.74 -11.54 22.08
CA GLU KA 34 -63.48 -11.66 23.50
C GLU KA 34 -64.30 -10.66 24.30
N VAL KA 35 -64.52 -9.47 23.74
CA VAL KA 35 -65.25 -8.42 24.45
C VAL KA 35 -66.70 -8.83 24.65
N ILE KA 36 -67.34 -9.36 23.61
CA ILE KA 36 -68.72 -9.81 23.70
C ILE KA 36 -68.84 -10.98 24.68
N ALA KA 37 -67.81 -11.80 24.78
CA ALA KA 37 -67.80 -12.88 25.76
C ALA KA 37 -67.77 -12.33 27.17
N VAL KA 38 -67.10 -11.21 27.37
CA VAL KA 38 -67.11 -10.59 28.69
C VAL KA 38 -68.43 -9.91 28.96
N LEU KA 39 -68.98 -9.25 27.94
CA LEU KA 39 -70.19 -8.46 28.14
C LEU KA 39 -71.41 -9.34 28.37
N GLN KA 40 -71.59 -10.38 27.57
CA GLN KA 40 -72.72 -11.29 27.77
C GLN KA 40 -72.57 -12.13 29.02
N MET KA 41 -71.37 -12.19 29.59
CA MET KA 41 -71.26 -12.74 30.94
C MET KA 41 -71.97 -11.87 31.94
N HIS KA 42 -71.88 -10.56 31.77
CA HIS KA 42 -72.44 -9.61 32.71
C HIS KA 42 -73.76 -9.05 32.20
N ASN KA 43 -74.52 -9.87 31.47
CA ASN KA 43 -75.94 -9.70 31.21
C ASN KA 43 -76.24 -8.46 30.37
N ILE KA 44 -75.36 -8.06 29.47
CA ILE KA 44 -75.73 -7.01 28.51
C ILE KA 44 -75.40 -7.54 27.12
N GLU KA 45 -76.32 -7.39 26.18
CA GLU KA 45 -76.08 -7.92 24.85
C GLU KA 45 -75.29 -6.92 24.02
N ALA KA 46 -74.49 -7.44 23.11
CA ALA KA 46 -73.74 -6.62 22.19
C ALA KA 46 -74.05 -7.04 20.76
N ASN KA 47 -73.52 -6.28 19.81
CA ASN KA 47 -73.77 -6.53 18.39
C ASN KA 47 -72.46 -6.35 17.64
N LYS KA 48 -71.83 -7.44 17.23
CA LYS KA 48 -70.58 -7.32 16.49
C LYS KA 48 -70.88 -6.83 15.08
N ILE KA 49 -70.80 -5.53 14.88
CA ILE KA 49 -71.05 -4.92 13.59
C ILE KA 49 -69.73 -4.83 12.86
N ASP KA 50 -69.58 -5.60 11.78
CA ASP KA 50 -68.40 -5.44 10.94
C ASP KA 50 -68.49 -4.14 10.15
N SER KA 51 -67.37 -3.44 10.03
CA SER KA 51 -67.28 -2.24 9.23
C SER KA 51 -66.29 -2.42 8.08
N GLY KA 52 -66.24 -3.62 7.51
CA GLY KA 52 -65.36 -3.86 6.39
C GLY KA 52 -63.89 -3.99 6.75
N LYS KA 53 -63.05 -3.25 6.05
CA LYS KA 53 -61.61 -3.22 6.27
C LYS KA 53 -61.22 -2.32 7.43
N LEU KA 54 -62.17 -1.55 7.97
CA LEU KA 54 -61.94 -0.72 9.15
C LEU KA 54 -62.20 -1.49 10.44
N GLY KA 55 -62.15 -2.81 10.41
CA GLY KA 55 -62.34 -3.59 11.61
C GLY KA 55 -63.78 -3.68 12.06
N TYR KA 56 -64.00 -4.50 13.08
CA TYR KA 56 -65.32 -4.70 13.64
C TYR KA 56 -65.74 -3.52 14.50
N SER KA 57 -66.95 -3.58 15.04
CA SER KA 57 -67.45 -2.55 15.93
C SER KA 57 -68.47 -3.18 16.85
N ILE KA 58 -68.51 -2.73 18.09
CA ILE KA 58 -69.39 -3.29 19.11
C ILE KA 58 -70.28 -2.17 19.60
N THR KA 59 -71.58 -2.35 19.49
CA THR KA 59 -72.55 -1.36 19.95
C THR KA 59 -73.47 -1.99 20.97
N VAL KA 60 -73.72 -1.30 22.07
CA VAL KA 60 -74.65 -1.76 23.07
C VAL KA 60 -75.84 -0.82 23.10
N ALA KA 61 -76.89 -1.23 23.80
CA ALA KA 61 -78.07 -0.40 23.92
C ALA KA 61 -77.82 0.74 24.89
N GLU KA 62 -78.69 1.74 24.83
CA GLU KA 62 -78.52 2.95 25.61
C GLU KA 62 -78.63 2.78 27.13
N PRO KA 63 -79.56 1.98 27.70
CA PRO KA 63 -79.51 1.81 29.15
C PRO KA 63 -78.34 0.99 29.65
N ASP KA 64 -77.69 0.21 28.81
CA ASP KA 64 -76.52 -0.54 29.21
C ASP KA 64 -75.21 0.03 28.74
N PHE KA 65 -75.19 1.21 28.11
CA PHE KA 65 -73.90 1.81 27.80
C PHE KA 65 -73.18 2.24 29.05
N THR KA 66 -73.93 2.53 30.11
CA THR KA 66 -73.33 2.87 31.39
C THR KA 66 -72.62 1.66 31.99
N ALA KA 67 -73.32 0.54 32.07
CA ALA KA 67 -72.74 -0.63 32.70
C ALA KA 67 -71.65 -1.27 31.86
N ALA KA 68 -71.76 -1.18 30.54
CA ALA KA 68 -70.79 -1.86 29.69
C ALA KA 68 -69.45 -1.15 29.68
N VAL KA 69 -69.45 0.18 29.81
CA VAL KA 69 -68.18 0.89 29.82
C VAL KA 69 -67.49 0.75 31.18
N TYR KA 70 -68.19 0.26 32.19
CA TYR KA 70 -67.52 -0.17 33.40
C TYR KA 70 -66.74 -1.46 33.16
N TRP KA 71 -67.35 -2.43 32.49
CA TRP KA 71 -66.66 -3.69 32.29
C TRP KA 71 -65.60 -3.61 31.20
N ILE KA 72 -65.58 -2.56 30.40
CA ILE KA 72 -64.42 -2.33 29.56
C ILE KA 72 -63.25 -1.91 30.43
N LYS KA 73 -63.53 -1.19 31.51
CA LYS KA 73 -62.45 -0.67 32.34
C LYS KA 73 -61.82 -1.75 33.19
N THR KA 74 -62.63 -2.56 33.87
CA THR KA 74 -62.09 -3.53 34.82
C THR KA 74 -61.34 -4.65 34.13
N TYR KA 75 -61.86 -5.14 33.02
CA TYR KA 75 -61.19 -6.20 32.29
C TYR KA 75 -60.12 -5.68 31.36
N GLN KA 76 -60.01 -4.36 31.23
CA GLN KA 76 -59.06 -3.68 30.34
C GLN KA 76 -59.24 -4.13 28.89
N LEU KA 77 -60.48 -4.29 28.49
CA LEU KA 77 -60.79 -4.61 27.12
C LEU KA 77 -60.54 -3.40 26.24
N PRO KA 78 -60.20 -3.59 24.95
CA PRO KA 78 -59.93 -4.80 24.19
C PRO KA 78 -58.61 -5.43 24.60
N PRO KA 79 -58.50 -6.75 24.51
CA PRO KA 79 -57.29 -7.41 24.97
C PRO KA 79 -56.11 -7.08 24.09
N ARG KA 80 -54.97 -6.87 24.73
CA ARG KA 80 -53.72 -6.72 24.02
C ARG KA 80 -53.39 -8.03 23.29
N PRO KA 81 -52.64 -7.95 22.19
CA PRO KA 81 -52.30 -9.19 21.49
C PRO KA 81 -51.36 -10.04 22.34
N ARG KA 82 -51.68 -11.33 22.40
CA ARG KA 82 -51.01 -12.25 23.32
C ARG KA 82 -49.56 -12.44 22.89
N VAL KA 83 -48.65 -11.99 23.75
CA VAL KA 83 -47.25 -11.83 23.41
C VAL KA 83 -46.46 -13.04 23.90
N GLU KA 84 -45.65 -13.60 23.03
CA GLU KA 84 -44.58 -14.50 23.43
C GLU KA 84 -43.25 -13.82 23.19
N ILE KA 85 -42.20 -14.45 23.72
CA ILE KA 85 -40.92 -13.78 23.86
C ILE KA 85 -40.26 -13.60 22.50
N ALA KA 86 -40.54 -14.50 21.57
CA ALA KA 86 -39.85 -14.49 20.30
C ALA KA 86 -40.38 -13.46 19.32
N GLN KA 87 -41.42 -12.71 19.68
CA GLN KA 87 -41.86 -11.63 18.81
C GLN KA 87 -40.93 -10.44 18.85
N MET KA 88 -40.04 -10.38 19.84
CA MET KA 88 -39.14 -9.24 19.97
C MET KA 88 -37.71 -9.62 19.63
N PHE KA 89 -37.54 -10.71 18.89
CA PHE KA 89 -36.26 -11.09 18.30
C PHE KA 89 -36.54 -11.64 16.92
N PRO KA 90 -36.83 -10.78 15.95
CA PRO KA 90 -37.37 -11.29 14.68
C PRO KA 90 -36.30 -11.89 13.78
N ALA KA 91 -35.07 -11.36 13.84
CA ALA KA 91 -33.91 -11.78 13.02
C ALA KA 91 -34.22 -11.74 11.54
N ASP KA 92 -34.50 -10.54 11.03
CA ASP KA 92 -34.76 -10.39 9.60
C ASP KA 92 -33.47 -10.46 8.79
N SER KA 93 -32.51 -9.58 9.07
CA SER KA 93 -31.22 -9.58 8.39
C SER KA 93 -30.10 -9.19 9.33
N LEU KA 94 -30.38 -9.08 10.62
CA LEU KA 94 -29.38 -8.70 11.61
C LEU KA 94 -28.58 -9.93 12.00
N VAL KA 95 -27.36 -9.70 12.49
CA VAL KA 95 -26.41 -10.77 12.75
C VAL KA 95 -26.85 -11.68 13.90
N SER KA 96 -27.70 -11.17 14.80
CA SER KA 96 -28.44 -11.95 15.79
C SER KA 96 -27.51 -12.70 16.75
N SER KA 97 -26.89 -11.91 17.64
CA SER KA 97 -26.06 -12.29 18.77
C SER KA 97 -26.59 -13.49 19.54
N PRO KA 98 -25.71 -14.33 20.11
CA PRO KA 98 -26.15 -15.63 20.66
C PRO KA 98 -27.14 -15.57 21.81
N ARG KA 99 -27.36 -14.41 22.40
CA ARG KA 99 -28.51 -14.22 23.28
C ARG KA 99 -29.82 -14.28 22.52
N ALA KA 100 -29.84 -13.82 21.28
CA ALA KA 100 -31.09 -13.77 20.54
C ALA KA 100 -31.51 -15.17 20.08
N GLU KA 101 -30.56 -16.08 19.89
CA GLU KA 101 -30.94 -17.44 19.54
C GLU KA 101 -31.60 -18.16 20.69
N LYS KA 102 -31.08 -18.07 21.91
CA LYS KA 102 -31.73 -18.75 23.02
C LYS KA 102 -33.01 -18.05 23.42
N ALA KA 103 -33.17 -16.79 23.06
CA ALA KA 103 -34.43 -16.11 23.35
C ALA KA 103 -35.56 -16.69 22.54
N ARG KA 104 -35.38 -16.82 21.22
CA ARG KA 104 -36.46 -17.38 20.43
C ARG KA 104 -36.44 -18.90 20.43
N LEU KA 105 -35.37 -19.51 20.94
CA LEU KA 105 -35.39 -20.96 21.09
C LEU KA 105 -36.34 -21.37 22.19
N TYR KA 106 -36.11 -20.87 23.41
CA TYR KA 106 -36.96 -21.22 24.55
C TYR KA 106 -38.37 -20.69 24.38
N SER KA 107 -38.54 -19.59 23.67
CA SER KA 107 -39.87 -19.03 23.47
C SER KA 107 -40.71 -19.93 22.57
N ALA KA 108 -40.10 -20.54 21.58
CA ALA KA 108 -40.82 -21.52 20.77
C ALA KA 108 -41.10 -22.79 21.57
N ILE KA 109 -40.27 -23.09 22.57
CA ILE KA 109 -40.57 -24.22 23.42
C ILE KA 109 -41.69 -23.89 24.38
N GLU KA 110 -41.78 -22.62 24.83
CA GLU KA 110 -42.92 -22.20 25.65
C GLU KA 110 -44.23 -22.34 24.90
N GLN KA 111 -44.23 -22.02 23.60
CA GLN KA 111 -45.44 -22.12 22.83
C GLN KA 111 -45.80 -23.58 22.57
N ARG KA 112 -44.79 -24.41 22.29
CA ARG KA 112 -45.07 -25.76 21.85
C ARG KA 112 -45.51 -26.66 22.99
N LEU KA 113 -45.00 -26.45 24.19
CA LEU KA 113 -45.53 -27.16 25.35
C LEU KA 113 -46.92 -26.69 25.70
N GLU KA 114 -47.22 -25.41 25.43
CA GLU KA 114 -48.57 -24.90 25.61
C GLU KA 114 -49.53 -25.55 24.62
N GLN KA 115 -49.10 -25.76 23.38
CA GLN KA 115 -49.92 -26.43 22.38
C GLN KA 115 -50.17 -27.89 22.73
N SER KA 116 -49.30 -28.49 23.54
CA SER KA 116 -49.39 -29.92 23.81
C SER KA 116 -50.20 -30.23 25.06
N LEU KA 117 -50.08 -29.39 26.09
CA LEU KA 117 -50.95 -29.55 27.25
C LEU KA 117 -52.40 -29.34 26.89
N GLN KA 118 -52.65 -28.48 25.91
CA GLN KA 118 -54.01 -28.21 25.47
C GLN KA 118 -54.66 -29.43 24.82
N THR KA 119 -53.86 -30.38 24.34
CA THR KA 119 -54.38 -31.62 23.79
C THR KA 119 -54.21 -32.79 24.75
N MET KA 120 -54.30 -32.55 26.04
CA MET KA 120 -54.42 -33.64 26.99
C MET KA 120 -55.90 -33.96 27.20
N GLU KA 121 -56.20 -34.78 28.20
CA GLU KA 121 -57.58 -35.16 28.46
C GLU KA 121 -58.22 -34.11 29.35
N GLY KA 122 -59.03 -33.25 28.76
CA GLY KA 122 -59.82 -32.31 29.52
C GLY KA 122 -59.22 -30.93 29.68
N VAL KA 123 -57.98 -30.71 29.30
CA VAL KA 123 -57.41 -29.37 29.41
C VAL KA 123 -58.01 -28.50 28.32
N LEU KA 124 -58.71 -27.44 28.73
CA LEU KA 124 -59.24 -26.51 27.74
C LEU KA 124 -58.16 -25.58 27.22
N SER KA 125 -57.41 -24.97 28.13
CA SER KA 125 -56.39 -24.02 27.76
C SER KA 125 -55.19 -24.19 28.67
N ALA KA 126 -54.05 -23.68 28.24
CA ALA KA 126 -52.84 -23.85 29.02
C ALA KA 126 -51.88 -22.70 28.75
N ARG KA 127 -51.04 -22.42 29.74
CA ARG KA 127 -49.94 -21.47 29.62
C ARG KA 127 -48.72 -22.07 30.27
N VAL KA 128 -47.56 -21.93 29.62
CA VAL KA 128 -46.31 -22.48 30.12
C VAL KA 128 -45.24 -21.41 30.07
N HIS KA 129 -44.54 -21.20 31.18
CA HIS KA 129 -43.40 -20.30 31.23
C HIS KA 129 -42.15 -21.08 31.55
N ILE KA 130 -41.02 -20.62 31.02
CA ILE KA 130 -39.73 -21.24 31.24
C ILE KA 130 -38.83 -20.21 31.89
N SER KA 131 -38.09 -20.63 32.92
CA SER KA 131 -37.07 -19.78 33.48
C SER KA 131 -35.95 -19.57 32.48
N TYR KA 132 -35.61 -18.31 32.22
CA TYR KA 132 -34.60 -17.99 31.22
C TYR KA 132 -33.28 -17.72 31.92
N ASP KA 133 -32.50 -18.77 32.12
CA ASP KA 133 -31.10 -18.63 32.45
C ASP KA 133 -30.39 -18.43 31.12
N ILE KA 134 -29.99 -17.20 30.85
CA ILE KA 134 -29.45 -16.83 29.55
C ILE KA 134 -27.97 -16.51 29.64
N ASP KA 135 -27.55 -15.79 30.67
CA ASP KA 135 -26.18 -15.31 30.76
C ASP KA 135 -25.23 -16.29 31.42
N ALA KA 136 -25.49 -17.60 31.27
CA ALA KA 136 -24.65 -18.61 31.89
C ALA KA 136 -23.26 -18.65 31.24
N GLY KA 137 -23.20 -18.53 29.92
CA GLY KA 137 -21.91 -18.51 29.23
C GLY KA 137 -21.15 -17.22 29.38
N GLU KA 138 -21.86 -16.09 29.56
CA GLU KA 138 -21.20 -14.80 29.67
C GLU KA 138 -20.58 -14.59 31.04
N ASN KA 139 -21.16 -15.19 32.08
CA ASN KA 139 -20.57 -15.14 33.41
C ASN KA 139 -19.46 -16.17 33.62
N GLY KA 140 -19.34 -17.15 32.72
CA GLY KA 140 -18.37 -18.21 32.92
C GLY KA 140 -18.75 -19.16 34.03
N ARG KA 141 -20.02 -19.57 34.08
CA ARG KA 141 -20.56 -20.38 35.15
C ARG KA 141 -21.37 -21.53 34.56
N PRO KA 142 -21.53 -22.61 35.33
CA PRO KA 142 -22.51 -23.64 34.92
C PRO KA 142 -23.92 -23.09 35.07
N PRO KA 143 -24.83 -23.48 34.18
CA PRO KA 143 -26.16 -22.87 34.17
C PRO KA 143 -27.01 -23.36 35.33
N LYS KA 144 -28.06 -22.60 35.59
CA LYS KA 144 -28.98 -22.88 36.67
C LYS KA 144 -29.93 -23.99 36.25
N PRO KA 145 -30.55 -24.68 37.20
CA PRO KA 145 -31.62 -25.62 36.84
C PRO KA 145 -32.79 -24.89 36.21
N VAL KA 146 -33.44 -25.57 35.29
CA VAL KA 146 -34.58 -24.99 34.59
C VAL KA 146 -35.81 -25.08 35.48
N HIS KA 147 -36.47 -23.95 35.68
CA HIS KA 147 -37.72 -23.88 36.41
C HIS KA 147 -38.82 -23.59 35.41
N LEU KA 148 -40.03 -24.08 35.69
CA LEU KA 148 -41.12 -23.84 34.77
C LEU KA 148 -42.47 -23.85 35.48
N SER KA 149 -43.39 -23.07 34.96
CA SER KA 149 -44.70 -22.91 35.54
C SER KA 149 -45.76 -23.28 34.51
N ALA KA 150 -46.93 -23.70 34.99
CA ALA KA 150 -47.98 -24.12 34.09
C ALA KA 150 -49.34 -23.77 34.64
N LEU KA 151 -50.22 -23.30 33.77
CA LEU KA 151 -51.61 -23.07 34.07
C LEU KA 151 -52.46 -23.98 33.20
N ALA KA 152 -53.65 -24.30 33.68
CA ALA KA 152 -54.47 -25.31 33.00
C ALA KA 152 -55.92 -25.14 33.43
N VAL KA 153 -56.82 -25.14 32.46
CA VAL KA 153 -58.23 -24.95 32.71
C VAL KA 153 -58.96 -26.23 32.36
N TYR KA 154 -59.43 -26.94 33.37
CA TYR KA 154 -60.11 -28.22 33.18
C TYR KA 154 -61.61 -28.03 33.05
N GLU KA 155 -62.31 -29.13 32.80
CA GLU KA 155 -63.77 -29.10 32.78
C GLU KA 155 -64.31 -28.98 34.19
N ARG KA 156 -65.63 -28.79 34.26
CA ARG KA 156 -66.34 -29.11 35.48
C ARG KA 156 -66.27 -30.60 35.75
N GLY KA 157 -66.42 -30.98 37.02
CA GLY KA 157 -66.54 -32.36 37.40
C GLY KA 157 -65.26 -33.17 37.42
N SER KA 158 -64.17 -32.65 36.90
CA SER KA 158 -62.93 -33.40 36.95
C SER KA 158 -62.34 -33.33 38.35
N PRO KA 159 -61.80 -34.42 38.86
CA PRO KA 159 -61.11 -34.37 40.16
C PRO KA 159 -59.71 -33.76 40.07
N LEU KA 160 -59.62 -32.44 40.17
CA LEU KA 160 -58.41 -31.67 39.87
C LEU KA 160 -57.18 -32.06 40.69
N ALA KA 161 -57.35 -32.73 41.81
CA ALA KA 161 -56.20 -33.11 42.62
C ALA KA 161 -55.42 -34.29 42.08
N HIS KA 162 -55.80 -34.85 40.93
CA HIS KA 162 -55.12 -35.99 40.37
C HIS KA 162 -54.56 -35.76 38.98
N GLN KA 163 -55.10 -34.80 38.23
CA GLN KA 163 -54.46 -34.42 36.98
C GLN KA 163 -53.27 -33.51 37.20
N ILE KA 164 -53.01 -33.13 38.46
CA ILE KA 164 -51.82 -32.37 38.78
C ILE KA 164 -50.58 -33.23 38.62
N SER KA 165 -50.71 -34.55 38.76
CA SER KA 165 -49.55 -35.43 38.65
C SER KA 165 -49.21 -35.73 37.20
N ASP KA 166 -50.20 -35.73 36.31
CA ASP KA 166 -49.94 -36.02 34.91
C ASP KA 166 -49.14 -34.93 34.24
N ILE KA 167 -49.53 -33.67 34.47
CA ILE KA 167 -48.81 -32.55 33.90
C ILE KA 167 -47.39 -32.50 34.46
N LYS KA 168 -47.28 -32.61 35.77
CA LYS KA 168 -46.01 -32.50 36.47
C LYS KA 168 -45.08 -33.66 36.13
N ARG KA 169 -45.64 -34.80 35.70
CA ARG KA 169 -44.80 -35.87 35.13
C ARG KA 169 -44.46 -35.59 33.69
N PHE KA 170 -45.40 -34.99 32.95
CA PHE KA 170 -45.22 -34.76 31.53
C PHE KA 170 -44.06 -33.82 31.24
N LEU KA 171 -44.11 -32.62 31.76
CA LEU KA 171 -43.12 -31.65 31.34
C LEU KA 171 -41.95 -31.58 32.29
N LYS KA 172 -41.79 -32.56 33.18
CA LYS KA 172 -40.47 -32.81 33.76
C LYS KA 172 -39.49 -33.17 32.66
N ASN KA 173 -39.73 -34.27 31.97
CA ASN KA 173 -38.81 -34.76 30.98
C ASN KA 173 -38.93 -34.06 29.66
N SER KA 174 -39.56 -32.90 29.60
CA SER KA 174 -39.48 -32.06 28.42
C SER KA 174 -38.28 -31.14 28.48
N PHE KA 175 -37.50 -31.19 29.55
CA PHE KA 175 -36.28 -30.40 29.67
C PHE KA 175 -35.19 -31.22 30.33
N ALA KA 176 -33.99 -30.65 30.33
CA ALA KA 176 -32.78 -31.42 30.62
C ALA KA 176 -32.63 -31.67 32.11
N ASP KA 177 -32.51 -30.62 32.91
CA ASP KA 177 -32.25 -30.78 34.34
C ASP KA 177 -33.31 -30.05 35.16
N VAL KA 178 -34.46 -30.69 35.34
CA VAL KA 178 -35.49 -30.14 36.21
C VAL KA 178 -35.81 -31.18 37.27
N ASP KA 179 -36.55 -30.74 38.28
CA ASP KA 179 -36.98 -31.64 39.34
C ASP KA 179 -38.49 -31.58 39.46
N TYR KA 180 -39.03 -32.18 40.50
CA TYR KA 180 -40.42 -32.05 40.86
C TYR KA 180 -40.65 -30.89 41.82
N ASP KA 181 -39.64 -30.06 42.02
CA ASP KA 181 -39.76 -28.86 42.82
C ASP KA 181 -39.61 -27.61 42.00
N ASN KA 182 -39.07 -27.71 40.80
CA ASN KA 182 -38.96 -26.58 39.90
C ASN KA 182 -40.17 -26.45 38.99
N ILE KA 183 -41.19 -27.27 39.20
CA ILE KA 183 -42.38 -27.27 38.36
C ILE KA 183 -43.54 -26.79 39.23
N SER KA 184 -44.17 -25.70 38.81
CA SER KA 184 -45.25 -25.10 39.59
C SER KA 184 -46.50 -25.05 38.72
N VAL KA 185 -47.42 -25.97 38.97
CA VAL KA 185 -48.63 -26.09 38.17
C VAL KA 185 -49.81 -25.75 39.06
N VAL KA 186 -50.52 -24.69 38.73
CA VAL KA 186 -51.69 -24.26 39.48
C VAL KA 186 -52.86 -24.32 38.51
N LEU KA 187 -53.58 -25.43 38.51
CA LEU KA 187 -54.66 -25.68 37.57
C LEU KA 187 -56.02 -25.47 38.22
N SER KA 188 -56.93 -24.87 37.48
CA SER KA 188 -58.20 -24.41 37.99
C SER KA 188 -59.29 -24.76 37.00
N GLU KA 189 -60.41 -25.29 37.49
CA GLU KA 189 -61.49 -25.68 36.61
C GLU KA 189 -62.18 -24.46 36.04
N ARG KA 190 -62.88 -24.64 34.93
CA ARG KA 190 -63.45 -23.50 34.23
C ARG KA 190 -64.65 -22.97 34.99
N SER KA 191 -65.11 -21.80 34.54
CA SER KA 191 -66.23 -21.15 35.18
C SER KA 191 -67.55 -21.82 34.79
N ASP KA 192 -68.64 -21.28 35.29
CA ASP KA 192 -69.95 -21.75 34.87
C ASP KA 192 -70.19 -21.39 33.42
N ALA KA 193 -70.93 -22.25 32.73
CA ALA KA 193 -71.15 -22.06 31.31
C ALA KA 193 -72.14 -20.93 31.07
N GLN KA 194 -71.78 -20.00 30.20
CA GLN KA 194 -72.68 -18.94 29.78
C GLN KA 194 -73.36 -19.43 28.51
N LEU KA 195 -74.56 -19.99 28.69
CA LEU KA 195 -75.33 -20.55 27.58
C LEU KA 195 -76.64 -19.80 27.41
N GLN KA 196 -76.83 -18.71 28.14
CA GLN KA 196 -78.15 -18.16 28.42
C GLN KA 196 -78.23 -16.75 27.85
N ALA KA 197 -79.33 -16.48 27.17
CA ALA KA 197 -79.46 -15.21 26.45
C ALA KA 197 -79.56 -14.04 27.43
N PRO KA 198 -78.81 -12.95 27.22
CA PRO KA 198 -78.85 -11.82 28.14
C PRO KA 198 -80.19 -11.11 28.18
N GLY KA 199 -80.67 -10.66 27.03
CA GLY KA 199 -81.95 -10.01 26.98
C GLY KA 199 -81.88 -8.54 26.60
N THR KA 200 -82.72 -8.15 25.65
CA THR KA 200 -82.86 -6.75 25.31
C THR KA 200 -83.55 -6.00 26.45
N PRO KA 201 -83.21 -4.74 26.68
CA PRO KA 201 -83.88 -3.96 27.72
C PRO KA 201 -85.34 -3.70 27.39
N VAL KA 202 -86.10 -3.32 28.42
CA VAL KA 202 -87.52 -3.03 28.26
C VAL KA 202 -87.66 -1.58 27.82
N LYS KA 203 -88.82 -1.27 27.24
CA LYS KA 203 -89.06 0.06 26.70
C LYS KA 203 -90.01 0.86 27.60
N ALA LA 171 -93.03 -29.66 22.73
CA ALA LA 171 -92.75 -30.91 22.06
C ALA LA 171 -92.19 -31.94 23.03
N GLU LA 172 -91.97 -33.15 22.53
CA GLU LA 172 -91.39 -34.20 23.36
C GLU LA 172 -89.91 -33.96 23.59
N LEU LA 173 -89.50 -33.95 24.86
CA LEU LA 173 -88.11 -33.65 25.19
C LEU LA 173 -87.18 -34.78 24.77
N ASP LA 174 -87.70 -36.01 24.64
CA ASP LA 174 -86.91 -37.10 24.09
C ASP LA 174 -86.51 -36.87 22.64
N SER LA 175 -87.24 -36.02 21.91
CA SER LA 175 -86.85 -35.64 20.57
C SER LA 175 -86.28 -34.24 20.48
N LEU LA 176 -86.53 -33.38 21.46
CA LEU LA 176 -85.85 -32.08 21.51
C LEU LA 176 -84.37 -32.24 21.81
N LEU LA 177 -83.99 -33.32 22.49
CA LEU LA 177 -82.59 -33.68 22.67
C LEU LA 177 -82.11 -34.39 21.41
N GLY LA 178 -80.96 -35.03 21.47
CA GLY LA 178 -80.38 -35.62 20.29
C GLY LA 178 -81.11 -36.84 19.77
N GLN LA 179 -80.53 -37.43 18.72
CA GLN LA 179 -81.13 -38.57 18.04
C GLN LA 179 -81.14 -39.82 18.92
N GLU LA 180 -80.15 -39.97 19.77
CA GLU LA 180 -80.00 -41.17 20.59
C GLU LA 180 -80.86 -41.07 21.84
N LYS LA 181 -81.80 -41.98 22.00
CA LYS LA 181 -82.70 -41.91 23.14
C LYS LA 181 -82.05 -42.46 24.40
N GLU LA 182 -81.10 -43.39 24.25
CA GLU LA 182 -80.54 -44.09 25.40
C GLU LA 182 -79.60 -43.22 26.22
N ARG LA 183 -79.14 -42.10 25.68
CA ARG LA 183 -78.15 -41.29 26.37
C ARG LA 183 -78.76 -40.50 27.52
N PHE LA 184 -80.00 -40.05 27.38
CA PHE LA 184 -80.66 -39.29 28.42
C PHE LA 184 -81.85 -40.08 28.95
N GLN LA 185 -82.36 -39.65 30.10
CA GLN LA 185 -83.53 -40.29 30.69
C GLN LA 185 -84.34 -39.22 31.39
N VAL LA 186 -85.48 -38.85 30.83
CA VAL LA 186 -86.29 -37.79 31.40
C VAL LA 186 -86.97 -38.28 32.67
N LEU LA 187 -87.22 -37.36 33.58
CA LEU LA 187 -87.75 -37.71 34.90
C LEU LA 187 -88.85 -36.75 35.30
N PRO LA 188 -90.10 -37.17 35.29
CA PRO LA 188 -91.18 -36.28 35.71
C PRO LA 188 -91.24 -36.09 37.21
N GLY LA 189 -90.52 -35.08 37.71
CA GLY LA 189 -90.50 -34.80 39.13
C GLY LA 189 -91.85 -34.38 39.69
N ARG LA 190 -91.90 -34.34 41.02
CA ARG LA 190 -93.16 -34.14 41.72
C ARG LA 190 -93.57 -32.67 41.86
N ASP LA 191 -92.63 -31.73 41.68
CA ASP LA 191 -92.91 -30.31 41.90
C ASP LA 191 -93.10 -29.53 40.62
N LYS LA 192 -93.75 -30.16 39.63
CA LYS LA 192 -94.18 -29.66 38.32
C LYS LA 192 -93.03 -29.45 37.34
N MET LA 193 -91.78 -29.57 37.80
CA MET LA 193 -90.63 -29.40 36.94
C MET LA 193 -90.16 -30.77 36.46
N LEU LA 194 -89.82 -30.84 35.18
CA LEU LA 194 -89.31 -32.06 34.59
C LEU LA 194 -87.78 -32.05 34.66
N TYR LA 195 -87.19 -33.23 34.78
CA TYR LA 195 -85.74 -33.36 34.91
C TYR LA 195 -85.22 -34.33 33.87
N VAL LA 196 -84.00 -34.07 33.39
CA VAL LA 196 -83.33 -34.94 32.44
C VAL LA 196 -81.95 -35.29 32.96
N ALA LA 197 -81.68 -36.58 33.08
CA ALA LA 197 -80.50 -37.08 33.77
C ALA LA 197 -79.40 -37.37 32.77
N ALA LA 198 -78.40 -36.51 32.72
CA ALA LA 198 -77.24 -36.78 31.87
C ALA LA 198 -76.33 -37.80 32.54
N GLN LA 199 -75.32 -38.23 31.81
CA GLN LA 199 -74.39 -39.22 32.32
C GLN LA 199 -73.03 -38.64 32.68
N ASN LA 200 -72.56 -37.63 31.96
CA ASN LA 200 -71.30 -36.98 32.27
C ASN LA 200 -71.40 -35.51 31.89
N GLU LA 201 -70.25 -34.83 31.84
CA GLU LA 201 -70.27 -33.40 31.59
C GLU LA 201 -70.22 -33.05 30.11
N ARG LA 202 -70.19 -34.02 29.21
CA ARG LA 202 -70.50 -33.67 27.82
C ARG LA 202 -71.99 -33.74 27.57
N ASP LA 203 -72.67 -34.74 28.11
CA ASP LA 203 -74.11 -34.83 27.95
C ASP LA 203 -74.84 -33.75 28.73
N THR LA 204 -74.25 -33.27 29.81
CA THR LA 204 -74.87 -32.17 30.55
C THR LA 204 -74.84 -30.90 29.74
N LEU LA 205 -73.70 -30.59 29.11
CA LEU LA 205 -73.64 -29.45 28.20
C LEU LA 205 -74.38 -29.72 26.91
N TRP LA 206 -74.67 -30.98 26.60
CA TRP LA 206 -75.56 -31.28 25.48
C TRP LA 206 -77.00 -30.93 25.84
N ALA LA 207 -77.41 -31.22 27.06
CA ALA LA 207 -78.80 -31.01 27.45
C ALA LA 207 -79.04 -29.66 28.11
N ARG LA 208 -78.03 -29.06 28.72
CA ARG LA 208 -78.17 -27.67 29.14
C ARG LA 208 -78.05 -26.70 27.99
N GLN LA 209 -77.68 -27.17 26.81
CA GLN LA 209 -77.72 -26.29 25.66
C GLN LA 209 -79.12 -26.16 25.11
N VAL LA 210 -79.86 -27.28 25.05
CA VAL LA 210 -81.21 -27.28 24.51
C VAL LA 210 -82.15 -26.44 25.36
N LEU LA 211 -82.11 -26.62 26.66
CA LEU LA 211 -83.07 -25.99 27.54
C LEU LA 211 -82.83 -24.50 27.74
N ALA LA 212 -81.63 -24.01 27.45
CA ALA LA 212 -81.33 -22.60 27.61
C ALA LA 212 -81.38 -21.83 26.31
N ARG LA 213 -81.26 -22.54 25.18
CA ARG LA 213 -81.36 -21.92 23.86
C ARG LA 213 -82.80 -21.57 23.52
N GLY LA 214 -83.75 -22.40 23.93
CA GLY LA 214 -85.06 -22.29 23.36
C GLY LA 214 -86.16 -22.63 24.32
N ASP LA 215 -87.13 -23.41 23.86
CA ASP LA 215 -88.36 -23.61 24.60
C ASP LA 215 -88.65 -25.09 24.83
N TYR LA 216 -88.99 -25.40 26.08
CA TYR LA 216 -89.85 -26.51 26.44
C TYR LA 216 -91.03 -25.88 27.14
N ASP LA 217 -92.24 -26.38 26.89
CA ASP LA 217 -93.42 -25.70 27.42
C ASP LA 217 -93.72 -26.03 28.87
N LYS LA 218 -92.68 -26.01 29.71
CA LYS LA 218 -92.66 -26.23 31.15
C LYS LA 218 -91.21 -26.01 31.55
N ASN LA 219 -90.96 -25.96 32.85
CA ASN LA 219 -89.59 -25.83 33.33
C ASN LA 219 -88.87 -27.17 33.21
N ALA LA 220 -87.58 -27.11 32.87
CA ALA LA 220 -86.77 -28.31 32.72
C ALA LA 220 -85.36 -28.04 33.21
N ARG LA 221 -84.75 -29.05 33.83
CA ARG LA 221 -83.54 -28.84 34.62
C ARG LA 221 -82.68 -30.09 34.55
N VAL LA 222 -81.46 -29.95 34.06
CA VAL LA 222 -80.56 -31.09 33.86
C VAL LA 222 -79.89 -31.39 35.19
N ILE LA 223 -79.95 -32.65 35.62
CA ILE LA 223 -79.23 -33.09 36.80
C ILE LA 223 -78.15 -34.06 36.36
N ASN LA 224 -77.05 -34.06 37.09
CA ASN LA 224 -75.92 -34.91 36.79
C ASN LA 224 -75.73 -35.88 37.95
N GLU LA 225 -74.85 -36.86 37.77
CA GLU LA 225 -74.61 -37.81 38.84
C GLU LA 225 -73.58 -37.26 39.80
N ASN LA 226 -72.56 -36.58 39.27
CA ASN LA 226 -71.48 -36.07 40.10
C ASN LA 226 -71.66 -34.61 40.51
N GLU LA 227 -72.75 -33.97 40.11
CA GLU LA 227 -72.99 -32.61 40.54
C GLU LA 227 -74.15 -32.53 41.51
N GLU LA 228 -75.22 -33.29 41.25
CA GLU LA 228 -76.34 -33.36 42.18
C GLU LA 228 -75.93 -34.06 43.46
N ASN LA 229 -74.97 -34.98 43.37
CA ASN LA 229 -74.31 -35.52 44.55
C ASN LA 229 -73.65 -34.41 45.36
N LYS LA 230 -72.98 -33.49 44.68
CA LYS LA 230 -72.31 -32.41 45.39
C LYS LA 230 -73.31 -31.37 45.85
N ARG LA 231 -74.44 -31.22 45.16
CA ARG LA 231 -75.44 -30.22 45.56
C ARG LA 231 -76.12 -30.60 46.87
N ILE LA 232 -76.35 -31.89 47.07
CA ILE LA 232 -76.99 -32.37 48.30
C ILE LA 232 -76.06 -32.14 49.49
N SER LA 233 -74.76 -32.34 49.30
CA SER LA 233 -73.79 -32.13 50.38
C SER LA 233 -73.66 -30.67 50.79
N ILE LA 234 -74.06 -29.74 49.92
CA ILE LA 234 -74.13 -28.34 50.34
C ILE LA 234 -75.34 -28.13 51.23
N TRP LA 235 -76.41 -28.88 51.00
CA TRP LA 235 -77.53 -28.88 51.92
C TRP LA 235 -77.27 -29.73 53.14
N LEU LA 236 -76.53 -30.83 52.96
CA LEU LA 236 -76.49 -31.85 53.99
C LEU LA 236 -75.52 -31.49 55.10
N ASP LA 237 -74.51 -30.68 54.83
CA ASP LA 237 -73.57 -30.33 55.90
C ASP LA 237 -74.15 -29.31 56.87
N THR LA 238 -75.19 -28.58 56.47
CA THR LA 238 -75.86 -27.68 57.39
C THR LA 238 -76.88 -28.42 58.25
N TYR LA 239 -77.79 -29.14 57.61
CA TYR LA 239 -78.88 -29.76 58.33
C TYR LA 239 -78.52 -31.10 58.94
N TYR LA 240 -77.42 -31.70 58.51
CA TYR LA 240 -76.85 -32.86 59.19
C TYR LA 240 -75.33 -32.81 59.17
N PRO LA 241 -74.72 -31.96 60.00
CA PRO LA 241 -73.28 -32.08 60.21
C PRO LA 241 -72.99 -33.28 61.08
N GLN LA 242 -71.71 -33.68 61.10
CA GLN LA 242 -71.26 -34.93 61.71
C GLN LA 242 -72.01 -36.14 61.17
N LEU LA 243 -72.38 -36.12 59.89
CA LEU LA 243 -72.99 -37.26 59.23
C LEU LA 243 -71.91 -37.95 58.42
N ALA LA 244 -71.78 -39.26 58.62
CA ALA LA 244 -70.79 -40.05 57.91
C ALA LA 244 -71.50 -40.79 56.78
N TYR LA 245 -71.25 -40.36 55.57
CA TYR LA 245 -71.85 -40.93 54.38
C TYR LA 245 -70.80 -40.92 53.29
N TYR LA 246 -71.01 -41.75 52.27
CA TYR LA 246 -70.04 -41.86 51.21
C TYR LA 246 -70.42 -41.07 49.97
N ARG LA 247 -71.57 -41.40 49.38
CA ARG LA 247 -71.88 -41.00 48.01
C ARG LA 247 -73.32 -41.41 47.72
N ILE LA 248 -74.03 -40.58 46.98
CA ILE LA 248 -75.35 -40.95 46.49
C ILE LA 248 -75.17 -41.45 45.06
N HIS LA 249 -76.06 -42.35 44.63
CA HIS LA 249 -75.86 -43.07 43.38
C HIS LA 249 -77.11 -43.01 42.51
N PHE LA 250 -76.92 -42.60 41.25
CA PHE LA 250 -78.00 -42.31 40.32
C PHE LA 250 -77.99 -43.26 39.14
N ASP LA 251 -77.75 -44.55 39.39
CA ASP LA 251 -77.78 -45.53 38.31
C ASP LA 251 -79.20 -45.77 37.84
N GLU LA 252 -80.12 -46.00 38.78
CA GLU LA 252 -81.55 -45.91 38.52
C GLU LA 252 -82.03 -44.61 39.14
N PRO LA 253 -82.15 -43.53 38.36
CA PRO LA 253 -82.42 -42.21 38.95
C PRO LA 253 -83.81 -42.04 39.50
N ARG LA 254 -84.71 -42.99 39.28
CA ARG LA 254 -86.00 -42.95 39.94
C ARG LA 254 -85.86 -43.15 41.45
N LYS LA 255 -84.90 -43.96 41.88
CA LYS LA 255 -84.65 -44.05 43.31
C LYS LA 255 -83.15 -44.22 43.59
N PRO LA 256 -82.55 -43.27 44.28
CA PRO LA 256 -81.11 -43.34 44.53
C PRO LA 256 -80.75 -44.17 45.75
N VAL LA 257 -79.54 -44.71 45.70
CA VAL LA 257 -78.99 -45.50 46.80
C VAL LA 257 -77.93 -44.64 47.47
N PHE LA 258 -78.20 -44.24 48.69
CA PHE LA 258 -77.37 -43.28 49.42
C PHE LA 258 -76.66 -44.02 50.56
N TRP LA 259 -75.39 -44.32 50.34
CA TRP LA 259 -74.61 -45.10 51.29
C TRP LA 259 -74.32 -44.29 52.55
N LEU LA 260 -74.26 -44.97 53.69
CA LEU LA 260 -73.82 -44.37 54.92
C LEU LA 260 -72.82 -45.28 55.61
N SER LA 261 -72.08 -44.70 56.54
CA SER LA 261 -71.21 -45.49 57.40
C SER LA 261 -72.05 -46.21 58.43
N ARG LA 262 -71.95 -47.54 58.47
CA ARG LA 262 -72.60 -48.29 59.54
C ARG LA 262 -71.94 -48.00 60.87
N GLN LA 263 -70.63 -47.75 60.86
CA GLN LA 263 -69.89 -47.63 62.11
C GLN LA 263 -70.04 -46.24 62.72
N ARG LA 264 -69.89 -45.20 61.92
CA ARG LA 264 -69.79 -43.84 62.43
C ARG LA 264 -71.12 -43.10 62.46
N ASN LA 265 -72.24 -43.81 62.39
CA ASN LA 265 -73.56 -43.18 62.45
C ASN LA 265 -74.30 -43.69 63.67
N THR LA 266 -74.63 -42.76 64.57
CA THR LA 266 -75.40 -43.05 65.76
C THR LA 266 -76.88 -42.76 65.57
N MET LA 267 -77.30 -42.50 64.34
CA MET LA 267 -78.71 -42.27 64.05
C MET LA 267 -79.50 -43.55 64.21
N SER LA 268 -80.66 -43.43 64.85
CA SER LA 268 -81.53 -44.57 65.02
C SER LA 268 -82.39 -44.75 63.77
N LYS LA 269 -83.15 -45.84 63.71
CA LYS LA 269 -83.91 -46.15 62.51
C LYS LA 269 -85.16 -45.28 62.38
N LYS LA 270 -85.52 -44.55 63.44
CA LYS LA 270 -86.62 -43.60 63.36
C LYS LA 270 -86.29 -42.44 62.44
N GLU LA 271 -85.28 -41.65 62.81
CA GLU LA 271 -84.93 -40.46 62.03
C GLU LA 271 -84.16 -40.80 60.76
N LEU LA 272 -83.68 -42.03 60.60
CA LEU LA 272 -83.10 -42.43 59.33
C LEU LA 272 -84.17 -42.52 58.26
N GLU LA 273 -85.40 -42.87 58.65
CA GLU LA 273 -86.52 -42.81 57.71
C GLU LA 273 -86.96 -41.36 57.50
N VAL LA 274 -86.74 -40.50 58.48
CA VAL LA 274 -86.91 -39.07 58.26
C VAL LA 274 -85.85 -38.58 57.28
N LEU LA 275 -84.64 -39.12 57.38
CA LEU LA 275 -83.57 -38.75 56.45
C LEU LA 275 -83.84 -39.26 55.04
N SER LA 276 -84.61 -40.34 54.89
CA SER LA 276 -85.08 -40.75 53.57
C SER LA 276 -86.22 -39.88 53.07
N GLN LA 277 -86.75 -38.98 53.90
CA GLN LA 277 -87.77 -38.04 53.48
C GLN LA 277 -87.29 -36.61 53.38
N LYS LA 278 -86.21 -36.25 54.09
CA LYS LA 278 -85.58 -34.95 53.88
C LYS LA 278 -84.91 -34.87 52.52
N LEU LA 279 -84.33 -35.98 52.06
CA LEU LA 279 -83.64 -35.96 50.77
C LEU LA 279 -84.62 -35.91 49.61
N ARG LA 280 -85.84 -36.44 49.79
CA ARG LA 280 -86.84 -36.38 48.74
C ARG LA 280 -87.34 -34.97 48.50
N ALA LA 281 -87.21 -34.08 49.47
CA ALA LA 281 -87.52 -32.68 49.23
C ALA LA 281 -86.47 -32.02 48.36
N LEU LA 282 -85.27 -32.60 48.26
CA LEU LA 282 -84.24 -32.07 47.37
C LEU LA 282 -84.24 -32.72 46.00
N MET LA 283 -84.73 -33.96 45.90
CA MET LA 283 -84.76 -34.71 44.65
C MET LA 283 -86.22 -35.01 44.33
N PRO LA 284 -86.93 -34.10 43.66
CA PRO LA 284 -88.34 -34.36 43.36
C PRO LA 284 -88.55 -35.47 42.36
N TYR LA 285 -87.58 -35.67 41.47
CA TYR LA 285 -87.60 -36.79 40.53
C TYR LA 285 -87.46 -38.13 41.22
N ALA LA 286 -86.94 -38.16 42.45
CA ALA LA 286 -86.70 -39.42 43.13
C ALA LA 286 -88.00 -39.99 43.68
N ASP LA 287 -88.09 -41.31 43.68
CA ASP LA 287 -89.24 -41.96 44.30
C ASP LA 287 -89.07 -42.05 45.80
N SER LA 288 -88.05 -42.79 46.24
CA SER LA 288 -87.75 -42.95 47.67
C SER LA 288 -86.30 -43.37 47.80
N VAL LA 289 -85.56 -42.72 48.69
CA VAL LA 289 -84.13 -42.95 48.81
C VAL LA 289 -83.89 -44.29 49.50
N ASN LA 290 -83.05 -45.12 48.90
CA ASN LA 290 -82.70 -46.43 49.44
C ASN LA 290 -81.44 -46.26 50.27
N ILE LA 291 -81.61 -45.91 51.54
CA ILE LA 291 -80.49 -45.74 52.45
C ILE LA 291 -79.99 -47.10 52.89
N THR LA 292 -78.72 -47.40 52.59
CA THR LA 292 -78.08 -48.59 53.10
C THR LA 292 -76.81 -48.20 53.84
N LEU LA 293 -76.17 -49.20 54.44
CA LEU LA 293 -75.02 -49.01 55.31
C LEU LA 293 -73.86 -49.81 54.77
N MET LA 294 -72.66 -49.23 54.82
CA MET LA 294 -71.46 -49.93 54.40
C MET LA 294 -70.43 -49.81 55.52
N ASP LA 295 -69.74 -50.91 55.81
CA ASP LA 295 -68.74 -50.89 56.86
C ASP LA 295 -67.50 -50.14 56.39
N ASP LA 296 -66.92 -49.35 57.31
CA ASP LA 296 -65.76 -48.54 56.97
C ASP LA 296 -64.51 -49.39 56.75
N VAL LA 297 -64.46 -50.59 57.31
CA VAL LA 297 -63.30 -51.45 57.07
C VAL LA 297 -63.36 -52.06 55.68
N THR LA 298 -64.56 -52.19 55.11
CA THR LA 298 -64.68 -52.66 53.74
C THR LA 298 -64.31 -51.57 52.75
N ALA LA 299 -64.58 -50.32 53.09
CA ALA LA 299 -64.23 -49.21 52.21
C ALA LA 299 -62.72 -49.03 52.13
N ALA LA 300 -62.05 -48.98 53.28
CA ALA LA 300 -60.60 -48.87 53.28
C ALA LA 300 -59.93 -50.19 52.89
N GLY LA 301 -60.65 -51.30 52.96
CA GLY LA 301 -60.08 -52.56 52.55
C GLY LA 301 -59.85 -52.64 51.07
N GLN LA 302 -60.92 -52.43 50.27
CA GLN LA 302 -60.81 -52.51 48.82
C GLN LA 302 -59.95 -51.42 48.24
N ALA LA 303 -59.86 -50.27 48.92
CA ALA LA 303 -58.90 -49.26 48.50
C ALA LA 303 -57.48 -49.72 48.74
N GLU LA 304 -57.24 -50.41 49.86
CA GLU LA 304 -55.90 -50.94 50.09
C GLU LA 304 -55.67 -52.21 49.28
N ALA LA 305 -56.68 -53.08 49.19
CA ALA LA 305 -56.53 -54.33 48.45
C ALA LA 305 -56.52 -54.13 46.94
N GLY LA 306 -56.72 -52.92 46.45
CA GLY LA 306 -56.51 -52.63 45.06
C GLY LA 306 -55.19 -51.93 44.84
N LEU LA 307 -54.81 -51.07 45.77
CA LEU LA 307 -53.64 -50.23 45.58
C LEU LA 307 -52.36 -51.02 45.76
N LYS LA 308 -52.39 -52.11 46.51
CA LYS LA 308 -51.28 -53.04 46.49
C LYS LA 308 -51.45 -54.11 45.43
N GLN LA 309 -52.65 -54.24 44.87
CA GLN LA 309 -52.86 -55.14 43.74
C GLN LA 309 -52.39 -54.51 42.44
N GLN LA 310 -52.27 -53.19 42.41
CA GLN LA 310 -51.63 -52.48 41.31
C GLN LA 310 -50.12 -52.38 41.49
N ALA LA 311 -49.59 -52.93 42.59
CA ALA LA 311 -48.18 -52.88 42.97
C ALA LA 311 -47.69 -51.43 43.06
N LEU LA 312 -48.24 -50.70 44.03
CA LEU LA 312 -47.89 -49.31 44.21
C LEU LA 312 -47.35 -49.10 45.62
N PRO LA 313 -46.27 -48.33 45.78
CA PRO LA 313 -45.79 -48.02 47.13
C PRO LA 313 -46.70 -47.02 47.81
N TYR LA 314 -46.96 -47.26 49.09
CA TYR LA 314 -47.88 -46.39 49.83
C TYR LA 314 -47.56 -46.47 51.30
N SER LA 315 -48.38 -45.79 52.10
CA SER LA 315 -48.36 -45.97 53.55
C SER LA 315 -49.75 -45.60 54.07
N ARG LA 316 -50.48 -46.59 54.54
CA ARG LA 316 -51.78 -46.34 55.12
C ARG LA 316 -51.64 -45.65 56.46
N ARG LA 317 -52.06 -44.41 56.54
CA ARG LA 317 -52.18 -43.71 57.82
C ARG LA 317 -53.66 -43.59 58.15
N ASN LA 318 -54.02 -44.01 59.35
CA ASN LA 318 -55.42 -43.97 59.76
C ASN LA 318 -55.68 -42.70 60.55
N HIS LA 319 -56.95 -42.33 60.64
CA HIS LA 319 -57.36 -41.24 61.49
C HIS LA 319 -58.70 -41.58 62.11
N LYS LA 320 -59.14 -40.73 63.01
CA LYS LA 320 -60.46 -40.86 63.62
C LYS LA 320 -61.47 -40.29 62.64
N GLY LA 321 -61.99 -41.16 61.77
CA GLY LA 321 -62.96 -40.73 60.79
C GLY LA 321 -62.39 -40.55 59.40
N GLY LA 322 -61.57 -41.49 58.97
CA GLY LA 322 -61.02 -41.48 57.62
C GLY LA 322 -59.63 -42.05 57.60
N VAL LA 323 -59.23 -42.55 56.43
CA VAL LA 323 -57.88 -43.04 56.20
C VAL LA 323 -57.26 -42.21 55.09
N THR LA 324 -55.98 -42.43 54.85
CA THR LA 324 -55.25 -41.66 53.86
C THR LA 324 -54.13 -42.51 53.29
N PHE LA 325 -54.09 -42.63 51.96
CA PHE LA 325 -53.09 -43.43 51.28
C PHE LA 325 -52.16 -42.48 50.55
N VAL LA 326 -51.12 -42.03 51.20
CA VAL LA 326 -50.13 -41.21 50.51
C VAL LA 326 -49.23 -42.12 49.70
N ILE LA 327 -49.00 -41.74 48.44
CA ILE LA 327 -48.24 -42.52 47.48
C ILE LA 327 -47.08 -41.63 47.04
N GLN LA 328 -45.86 -42.06 47.32
CA GLN LA 328 -44.74 -41.22 46.95
C GLN LA 328 -43.61 -42.02 46.33
N GLY LA 329 -42.54 -41.32 45.96
CA GLY LA 329 -41.47 -41.90 45.18
C GLY LA 329 -41.48 -41.36 43.76
N ALA LA 330 -40.42 -41.70 43.02
CA ALA LA 330 -40.32 -41.31 41.62
C ALA LA 330 -41.06 -42.35 40.79
N LEU LA 331 -42.38 -42.24 40.79
CA LEU LA 331 -43.21 -43.15 40.03
C LEU LA 331 -43.10 -42.85 38.55
N ASP LA 332 -42.76 -43.85 37.75
CA ASP LA 332 -42.71 -43.67 36.32
C ASP LA 332 -44.09 -43.94 35.72
N ASP LA 333 -44.15 -44.03 34.39
CA ASP LA 333 -45.40 -43.83 33.69
C ASP LA 333 -46.34 -45.03 33.79
N VAL LA 334 -45.79 -46.23 33.95
CA VAL LA 334 -46.62 -47.41 33.96
C VAL LA 334 -47.44 -47.47 35.23
N GLU LA 335 -46.86 -47.00 36.34
CA GLU LA 335 -47.53 -47.02 37.61
C GLU LA 335 -48.28 -45.72 37.90
N ILE LA 336 -47.95 -44.63 37.21
CA ILE LA 336 -48.69 -43.39 37.41
C ILE LA 336 -50.03 -43.46 36.70
N LEU LA 337 -50.19 -44.39 35.76
CA LEU LA 337 -51.42 -44.57 35.02
C LEU LA 337 -52.24 -45.74 35.52
N ARG LA 338 -51.60 -46.71 36.17
CA ARG LA 338 -52.38 -47.66 36.94
C ARG LA 338 -52.96 -47.02 38.18
N ALA LA 339 -52.34 -45.94 38.67
CA ALA LA 339 -52.87 -45.26 39.84
C ALA LA 339 -54.16 -44.53 39.53
N ARG LA 340 -54.19 -43.78 38.41
CA ARG LA 340 -55.31 -42.91 38.15
C ARG LA 340 -56.55 -43.67 37.71
N GLN LA 341 -56.39 -44.77 36.99
CA GLN LA 341 -57.57 -45.56 36.70
C GLN LA 341 -57.95 -46.50 37.82
N PHE LA 342 -57.25 -46.47 38.94
CA PHE LA 342 -57.79 -47.03 40.17
C PHE LA 342 -58.48 -45.98 41.03
N VAL LA 343 -57.88 -44.79 41.13
CA VAL LA 343 -58.44 -43.72 41.95
C VAL LA 343 -59.77 -43.26 41.37
N ASP LA 344 -59.79 -42.98 40.07
CA ASP LA 344 -61.02 -42.57 39.41
C ASP LA 344 -62.03 -43.71 39.31
N SER LA 345 -61.58 -44.96 39.41
CA SER LA 345 -62.51 -46.07 39.56
C SER LA 345 -62.90 -46.30 41.01
N TYR LA 346 -62.27 -45.61 41.95
CA TYR LA 346 -62.67 -45.72 43.34
C TYR LA 346 -63.63 -44.59 43.70
N TYR LA 347 -63.30 -43.37 43.32
CA TYR LA 347 -64.16 -42.23 43.62
C TYR LA 347 -65.47 -42.27 42.85
N ARG LA 348 -65.49 -42.98 41.73
CA ARG LA 348 -66.76 -43.27 41.08
C ARG LA 348 -67.60 -44.24 41.90
N THR LA 349 -66.94 -45.11 42.66
CA THR LA 349 -67.67 -46.11 43.41
C THR LA 349 -68.02 -45.63 44.83
N TRP LA 350 -67.03 -45.14 45.57
CA TRP LA 350 -67.21 -44.85 46.98
C TRP LA 350 -67.27 -43.37 47.30
N GLY LA 351 -66.97 -42.50 46.36
CA GLY LA 351 -66.84 -41.09 46.68
C GLY LA 351 -65.52 -40.83 47.38
N GLY LA 352 -65.31 -39.58 47.76
CA GLY LA 352 -64.05 -39.23 48.34
C GLY LA 352 -64.13 -38.64 49.73
N ARG LA 353 -65.07 -39.14 50.54
CA ARG LA 353 -65.29 -38.59 51.86
C ARG LA 353 -64.73 -39.45 52.98
N TYR LA 354 -64.15 -40.61 52.67
CA TYR LA 354 -63.59 -41.43 53.73
C TYR LA 354 -62.14 -41.77 53.44
N VAL LA 355 -61.78 -41.92 52.16
CA VAL LA 355 -60.45 -42.29 51.74
C VAL LA 355 -59.91 -41.20 50.84
N GLN LA 356 -58.74 -40.68 51.17
CA GLN LA 356 -58.07 -39.68 50.34
C GLN LA 356 -56.78 -40.29 49.81
N PHE LA 357 -56.60 -40.25 48.50
CA PHE LA 357 -55.39 -40.73 47.87
C PHE LA 357 -54.48 -39.53 47.62
N ALA LA 358 -53.26 -39.60 48.14
CA ALA LA 358 -52.30 -38.54 47.97
C ALA LA 358 -51.19 -39.06 47.05
N ILE LA 359 -51.38 -38.89 45.75
CA ILE LA 359 -50.30 -39.21 44.84
C ILE LA 359 -49.36 -38.01 44.79
N GLU LA 360 -48.45 -37.96 45.76
CA GLU LA 360 -47.50 -36.87 45.93
C GLU LA 360 -46.21 -37.39 45.33
N LEU LA 361 -45.77 -36.76 44.25
CA LEU LA 361 -44.73 -37.31 43.38
C LEU LA 361 -43.48 -36.44 43.44
N LYS LA 362 -42.45 -36.94 44.12
CA LYS LA 362 -41.20 -36.23 44.28
C LYS LA 362 -40.03 -37.15 43.93
N ASP LA 363 -38.83 -36.62 44.10
CA ASP LA 363 -37.61 -37.35 43.82
C ASP LA 363 -37.26 -38.27 44.99
N ASP LA 364 -36.04 -38.79 44.98
CA ASP LA 364 -35.54 -39.60 46.09
C ASP LA 364 -34.71 -38.75 47.03
N ASP MA 20 -76.82 -17.66 10.99
CA ASP MA 20 -77.49 -16.39 10.74
C ASP MA 20 -76.59 -15.24 11.18
N LYS MA 21 -76.14 -15.27 12.43
CA LYS MA 21 -75.27 -14.23 12.96
C LYS MA 21 -73.81 -14.59 12.74
N ASP MA 22 -73.05 -13.61 12.25
CA ASP MA 22 -71.64 -13.83 11.94
C ASP MA 22 -70.82 -13.97 13.20
N LEU MA 23 -69.90 -14.92 13.20
CA LEU MA 23 -69.13 -15.21 14.39
C LEU MA 23 -67.63 -15.23 14.15
N LEU MA 24 -67.17 -15.74 13.02
CA LEU MA 24 -65.77 -15.69 12.67
C LEU MA 24 -65.66 -15.49 11.17
N LYS MA 25 -64.69 -14.70 10.74
CA LYS MA 25 -64.47 -14.44 9.33
C LYS MA 25 -62.99 -14.60 9.03
N GLY MA 26 -62.69 -14.85 7.76
CA GLY MA 26 -61.32 -14.85 7.31
C GLY MA 26 -60.47 -16.00 7.80
N LEU MA 27 -61.09 -17.07 8.28
CA LEU MA 27 -60.34 -18.23 8.73
C LEU MA 27 -59.77 -18.98 7.53
N ASP MA 28 -58.61 -19.59 7.72
CA ASP MA 28 -58.17 -20.55 6.72
C ASP MA 28 -58.79 -21.91 7.04
N GLN MA 29 -58.30 -22.95 6.39
CA GLN MA 29 -59.06 -24.20 6.30
C GLN MA 29 -59.02 -25.00 7.59
N GLU MA 30 -57.82 -25.35 8.04
CA GLU MA 30 -57.67 -26.18 9.23
C GLU MA 30 -58.03 -25.45 10.52
N GLN MA 31 -58.09 -24.12 10.52
CA GLN MA 31 -58.68 -23.43 11.65
C GLN MA 31 -60.20 -23.49 11.63
N ALA MA 32 -60.82 -23.45 10.45
CA ALA MA 32 -62.28 -23.46 10.39
C ALA MA 32 -62.84 -24.83 10.69
N ASN MA 33 -62.14 -25.89 10.33
CA ASN MA 33 -62.62 -27.23 10.61
C ASN MA 33 -62.48 -27.59 12.07
N GLU MA 34 -61.62 -26.89 12.80
CA GLU MA 34 -61.44 -27.18 14.21
C GLU MA 34 -62.52 -26.50 15.04
N VAL MA 35 -62.94 -25.30 14.65
CA VAL MA 35 -63.94 -24.55 15.41
C VAL MA 35 -65.28 -25.25 15.39
N ILE MA 36 -65.70 -25.72 14.22
CA ILE MA 36 -66.96 -26.44 14.09
C ILE MA 36 -66.93 -27.74 14.87
N ALA MA 37 -65.75 -28.36 14.97
CA ALA MA 37 -65.59 -29.55 15.77
C ALA MA 37 -65.80 -29.26 17.24
N VAL MA 38 -65.39 -28.08 17.68
CA VAL MA 38 -65.62 -27.70 19.06
C VAL MA 38 -67.08 -27.34 19.28
N LEU MA 39 -67.68 -26.63 18.32
CA LEU MA 39 -69.04 -26.13 18.48
C LEU MA 39 -70.06 -27.26 18.45
N GLN MA 40 -69.96 -28.17 17.49
CA GLN MA 40 -70.89 -29.29 17.43
C GLN MA 40 -70.66 -30.29 18.55
N MET MA 41 -69.53 -30.21 19.24
CA MET MA 41 -69.41 -30.95 20.49
C MET MA 41 -70.38 -30.40 21.53
N HIS MA 42 -70.54 -29.08 21.56
CA HIS MA 42 -71.36 -28.42 22.55
C HIS MA 42 -72.72 -28.05 21.99
N ASN MA 43 -73.23 -28.87 21.07
CA ASN MA 43 -74.64 -28.94 20.67
C ASN MA 43 -75.12 -27.66 20.00
N ILE MA 44 -74.26 -26.95 19.27
CA ILE MA 44 -74.76 -25.86 18.44
C ILE MA 44 -74.22 -26.07 17.03
N GLU MA 45 -75.08 -25.95 16.02
CA GLU MA 45 -74.62 -26.21 14.67
C GLU MA 45 -74.00 -24.95 14.09
N ALA MA 46 -73.03 -25.15 13.19
CA ALA MA 46 -72.39 -24.06 12.49
C ALA MA 46 -72.50 -24.29 10.99
N ASN MA 47 -72.06 -23.30 10.23
CA ASN MA 47 -72.13 -23.36 8.77
C ASN MA 47 -70.83 -22.81 8.21
N LYS MA 48 -69.96 -23.68 7.72
CA LYS MA 48 -68.72 -23.20 7.15
C LYS MA 48 -68.99 -22.56 5.80
N ILE MA 49 -69.16 -21.24 5.80
CA ILE MA 49 -69.43 -20.49 4.60
C ILE MA 49 -68.10 -20.03 4.03
N ASP MA 50 -67.70 -20.56 2.88
CA ASP MA 50 -66.52 -20.05 2.21
C ASP MA 50 -66.82 -18.69 1.61
N SER MA 51 -65.86 -17.78 1.72
CA SER MA 51 -65.96 -16.45 1.11
C SER MA 51 -64.86 -16.26 0.06
N GLY MA 52 -64.52 -17.32 -0.66
CA GLY MA 52 -63.52 -17.20 -1.69
C GLY MA 52 -62.09 -17.10 -1.20
N LYS MA 53 -61.37 -16.10 -1.69
CA LYS MA 53 -59.99 -15.83 -1.31
C LYS MA 53 -59.89 -15.08 0.00
N LEU MA 54 -61.01 -14.60 0.54
CA LEU MA 54 -61.05 -13.96 1.84
C LEU MA 54 -61.26 -14.95 2.97
N GLY MA 55 -60.94 -16.22 2.76
CA GLY MA 55 -61.05 -17.22 3.80
C GLY MA 55 -62.47 -17.65 4.07
N TYR MA 56 -62.60 -18.64 4.93
CA TYR MA 56 -63.90 -19.19 5.32
C TYR MA 56 -64.62 -18.26 6.29
N SER MA 57 -65.83 -18.66 6.68
CA SER MA 57 -66.60 -17.89 7.63
C SER MA 57 -67.54 -18.86 8.34
N ILE MA 58 -67.77 -18.62 9.62
CA ILE MA 58 -68.60 -19.50 10.44
C ILE MA 58 -69.74 -18.67 10.98
N THR MA 59 -70.97 -19.07 10.70
CA THR MA 59 -72.14 -18.38 11.18
C THR MA 59 -72.99 -19.34 11.99
N VAL MA 60 -73.47 -18.88 13.14
CA VAL MA 60 -74.36 -19.67 13.97
C VAL MA 60 -75.72 -18.99 14.00
N ALA MA 61 -76.71 -19.71 14.51
CA ALA MA 61 -78.05 -19.15 14.60
C ALA MA 61 -78.12 -18.16 15.76
N GLU MA 62 -79.16 -17.36 15.74
CA GLU MA 62 -79.31 -16.27 16.70
C GLU MA 62 -79.52 -16.72 18.16
N PRO MA 63 -80.29 -17.76 18.50
CA PRO MA 63 -80.33 -18.15 19.92
C PRO MA 63 -79.06 -18.79 20.42
N ASP MA 64 -78.19 -19.28 19.54
CA ASP MA 64 -76.93 -19.86 19.96
C ASP MA 64 -75.73 -18.97 19.73
N PHE MA 65 -75.90 -17.73 19.28
CA PHE MA 65 -74.75 -16.85 19.20
C PHE MA 65 -74.24 -16.51 20.59
N THR MA 66 -75.12 -16.53 21.59
CA THR MA 66 -74.70 -16.31 22.96
C THR MA 66 -73.80 -17.43 23.45
N ALA MA 67 -74.25 -18.66 23.30
CA ALA MA 67 -73.51 -19.80 23.81
C ALA MA 67 -72.25 -20.07 23.00
N ALA MA 68 -72.26 -19.79 21.71
CA ALA MA 68 -71.11 -20.12 20.89
C ALA MA 68 -69.96 -19.18 21.13
N VAL MA 69 -70.23 -17.92 21.45
CA VAL MA 69 -69.15 -16.98 21.71
C VAL MA 69 -68.55 -17.21 23.09
N TYR MA 70 -69.22 -17.98 23.94
CA TYR MA 70 -68.57 -18.46 25.15
C TYR MA 70 -67.53 -19.51 24.81
N TRP MA 71 -67.87 -20.47 23.94
CA TRP MA 71 -66.91 -21.52 23.65
C TRP MA 71 -65.80 -21.07 22.71
N ILE MA 72 -65.95 -19.91 22.07
CA ILE MA 72 -64.79 -19.33 21.41
C ILE MA 72 -63.81 -18.83 22.46
N LYS MA 73 -64.32 -18.38 23.59
CA LYS MA 73 -63.43 -17.79 24.59
C LYS MA 73 -62.66 -18.87 25.35
N THR MA 74 -63.36 -19.92 25.80
CA THR MA 74 -62.70 -20.90 26.67
C THR MA 74 -61.68 -21.73 25.91
N TYR MA 75 -62.00 -22.13 24.69
CA TYR MA 75 -61.06 -22.91 23.90
C TYR MA 75 -60.05 -22.04 23.17
N GLN MA 76 -60.20 -20.71 23.26
CA GLN MA 76 -59.36 -19.74 22.58
C GLN MA 76 -59.31 -19.96 21.07
N LEU MA 77 -60.46 -20.29 20.51
CA LEU MA 77 -60.58 -20.44 19.08
C LEU MA 77 -60.51 -19.07 18.42
N PRO MA 78 -60.04 -18.98 17.17
CA PRO MA 78 -59.46 -19.99 16.27
C PRO MA 78 -58.09 -20.40 16.73
N PRO MA 79 -57.70 -21.64 16.47
CA PRO MA 79 -56.41 -22.13 16.96
C PRO MA 79 -55.26 -21.43 16.27
N ARG MA 80 -54.25 -21.13 17.06
CA ARG MA 80 -53.00 -20.62 16.53
C ARG MA 80 -52.35 -21.69 15.66
N PRO MA 81 -51.55 -21.31 14.66
CA PRO MA 81 -50.88 -22.32 13.83
C PRO MA 81 -49.89 -23.11 14.65
N ARG MA 82 -49.92 -24.43 14.50
CA ARG MA 82 -49.15 -25.33 15.34
C ARG MA 82 -47.67 -25.17 15.06
N VAL MA 83 -46.94 -24.70 16.07
CA VAL MA 83 -45.58 -24.23 15.91
C VAL MA 83 -44.61 -25.32 16.32
N GLU MA 84 -43.62 -25.56 15.47
CA GLU MA 84 -42.44 -26.30 15.84
C GLU MA 84 -41.26 -25.35 15.87
N ILE MA 85 -40.14 -25.84 16.40
CA ILE MA 85 -39.05 -24.97 16.78
C ILE MA 85 -38.33 -24.45 15.55
N ALA MA 86 -38.34 -25.22 14.47
CA ALA MA 86 -37.56 -24.87 13.30
C ALA MA 86 -38.22 -23.81 12.43
N GLN MA 87 -39.42 -23.35 12.77
CA GLN MA 87 -40.00 -22.24 12.02
C GLN MA 87 -39.34 -20.92 12.34
N MET MA 88 -38.57 -20.85 13.42
CA MET MA 88 -37.94 -19.61 13.81
C MET MA 88 -36.44 -19.64 13.58
N PHE MA 89 -35.98 -20.54 12.72
CA PHE MA 89 -34.60 -20.56 12.23
C PHE MA 89 -34.66 -20.92 10.76
N PRO MA 90 -35.04 -19.99 9.89
CA PRO MA 90 -35.35 -20.38 8.51
C PRO MA 90 -34.11 -20.60 7.66
N ALA MA 91 -33.04 -19.87 7.93
CA ALA MA 91 -31.76 -19.92 7.20
C ALA MA 91 -31.95 -19.70 5.71
N ASP MA 92 -32.43 -18.50 5.35
CA ASP MA 92 -32.59 -18.18 3.95
C ASP MA 92 -31.25 -17.86 3.28
N SER MA 93 -30.52 -16.87 3.79
CA SER MA 93 -29.21 -16.52 3.27
C SER MA 93 -28.27 -16.07 4.37
N LEU MA 94 -28.67 -16.23 5.63
CA LEU MA 94 -27.86 -15.83 6.76
C LEU MA 94 -26.85 -16.94 7.06
N VAL MA 95 -25.75 -16.56 7.71
CA VAL MA 95 -24.62 -17.46 7.91
C VAL MA 95 -24.96 -18.61 8.87
N SER MA 96 -25.96 -18.42 9.73
CA SER MA 96 -26.61 -19.49 10.51
C SER MA 96 -25.62 -20.19 11.45
N SER MA 97 -25.26 -19.46 12.51
CA SER MA 97 -24.45 -19.85 13.66
C SER MA 97 -24.78 -21.23 14.18
N PRO MA 98 -23.81 -21.97 14.72
CA PRO MA 98 -24.01 -23.40 15.03
C PRO MA 98 -25.08 -23.73 16.05
N ARG MA 99 -25.58 -22.73 16.78
CA ARG MA 99 -26.81 -22.92 17.54
C ARG MA 99 -28.02 -23.11 16.64
N ALA MA 100 -28.02 -22.46 15.47
CA ALA MA 100 -29.19 -22.54 14.61
C ALA MA 100 -29.28 -23.88 13.92
N GLU MA 101 -28.15 -24.55 13.71
CA GLU MA 101 -28.21 -25.88 13.13
C GLU MA 101 -28.80 -26.91 14.08
N LYS MA 102 -28.40 -26.91 15.34
CA LYS MA 102 -28.99 -27.88 16.27
C LYS MA 102 -30.42 -27.52 16.62
N ALA MA 103 -30.81 -26.26 16.43
CA ALA MA 103 -32.19 -25.89 16.68
C ALA MA 103 -33.11 -26.54 15.67
N ARG MA 104 -32.80 -26.42 14.37
CA ARG MA 104 -33.68 -27.04 13.39
C ARG MA 104 -33.34 -28.50 13.17
N LEU MA 105 -32.21 -28.98 13.71
CA LEU MA 105 -31.94 -30.41 13.64
C LEU MA 105 -32.88 -31.17 14.57
N TYR MA 106 -32.86 -30.84 15.86
CA TYR MA 106 -33.70 -31.52 16.84
C TYR MA 106 -35.18 -31.26 16.59
N SER MA 107 -35.51 -30.10 16.02
CA SER MA 107 -36.91 -29.79 15.75
C SER MA 107 -37.47 -30.67 14.66
N ALA MA 108 -36.66 -30.98 13.65
CA ALA MA 108 -37.10 -31.93 12.65
C ALA MA 108 -37.17 -33.34 13.21
N ILE MA 109 -36.39 -33.64 14.25
CA ILE MA 109 -36.51 -34.94 14.88
C ILE MA 109 -37.75 -34.99 15.76
N GLU MA 110 -38.14 -33.85 16.36
CA GLU MA 110 -39.40 -33.79 17.10
C GLU MA 110 -40.59 -34.06 16.19
N GLN MA 111 -40.55 -33.54 14.97
CA GLN MA 111 -41.65 -33.74 14.05
C GLN MA 111 -41.67 -35.17 13.56
N ARG MA 112 -40.50 -35.75 13.28
CA ARG MA 112 -40.45 -37.03 12.61
C ARG MA 112 -40.80 -38.17 13.56
N LEU MA 113 -40.43 -38.07 14.83
CA LEU MA 113 -40.89 -39.04 15.81
C LEU MA 113 -42.39 -38.91 16.06
N GLU MA 114 -42.91 -37.69 15.96
CA GLU MA 114 -44.35 -37.48 16.04
C GLU MA 114 -45.07 -38.14 14.87
N GLN MA 115 -44.50 -38.05 13.67
CA GLN MA 115 -45.08 -38.70 12.50
C GLN MA 115 -45.05 -40.22 12.60
N SER MA 116 -44.15 -40.77 13.41
CA SER MA 116 -43.97 -42.20 13.46
C SER MA 116 -44.78 -42.86 14.55
N LEU MA 117 -44.94 -42.20 15.70
CA LEU MA 117 -45.84 -42.71 16.73
C LEU MA 117 -47.27 -42.72 16.24
N GLN MA 118 -47.62 -41.78 15.37
CA GLN MA 118 -48.96 -41.70 14.83
C GLN MA 118 -49.29 -42.90 13.93
N THR MA 119 -48.28 -43.58 13.42
CA THR MA 119 -48.47 -44.80 12.64
C THR MA 119 -48.15 -46.06 13.43
N MET MA 120 -48.38 -46.05 14.73
CA MET MA 120 -48.36 -47.30 15.48
C MET MA 120 -49.75 -47.91 15.48
N GLU MA 121 -49.95 -48.93 16.32
CA GLU MA 121 -51.23 -49.61 16.36
C GLU MA 121 -52.15 -48.86 17.32
N GLY MA 122 -53.08 -48.08 16.77
CA GLY MA 122 -54.10 -47.45 17.57
C GLY MA 122 -53.82 -46.02 17.99
N VAL MA 123 -52.61 -45.51 17.78
CA VAL MA 123 -52.35 -44.13 18.15
C VAL MA 123 -53.02 -43.22 17.13
N LEU MA 124 -53.96 -42.39 17.61
CA LEU MA 124 -54.60 -41.43 16.71
C LEU MA 124 -53.68 -40.25 16.45
N SER MA 125 -53.16 -39.66 17.52
CA SER MA 125 -52.32 -38.48 17.42
C SER MA 125 -51.19 -38.58 18.42
N ALA MA 126 -50.15 -37.78 18.19
CA ALA MA 126 -48.99 -37.84 19.07
C ALA MA 126 -48.29 -36.51 19.08
N ARG MA 127 -47.59 -36.24 20.18
CA ARG MA 127 -46.72 -35.08 20.33
C ARG MA 127 -45.45 -35.54 21.01
N VAL MA 128 -44.30 -35.07 20.54
CA VAL MA 128 -43.01 -35.46 21.08
C VAL MA 128 -42.18 -34.19 21.31
N HIS MA 129 -41.63 -34.04 22.50
CA HIS MA 129 -40.72 -32.96 22.81
C HIS MA 129 -39.35 -33.53 23.16
N ILE MA 130 -38.31 -32.79 22.83
CA ILE MA 130 -36.94 -33.17 23.10
C ILE MA 130 -36.32 -32.11 23.99
N SER MA 131 -35.60 -32.54 25.02
CA SER MA 131 -34.83 -31.60 25.82
C SER MA 131 -33.71 -31.03 24.98
N TYR MA 132 -33.61 -29.70 24.94
CA TYR MA 132 -32.61 -29.03 24.12
C TYR MA 132 -31.44 -28.64 25.00
N ASP MA 133 -30.48 -29.54 25.13
CA ASP MA 133 -29.15 -29.18 25.63
C ASP MA 133 -28.40 -28.63 24.43
N ILE MA 134 -28.25 -27.32 24.38
CA ILE MA 134 -27.70 -26.65 23.22
C ILE MA 134 -26.32 -26.07 23.52
N ASP MA 135 -26.14 -25.47 24.69
CA ASP MA 135 -24.92 -24.75 25.00
C ASP MA 135 -23.84 -25.64 25.62
N ALA MA 136 -23.82 -26.92 25.25
CA ALA MA 136 -22.83 -27.84 25.80
C ALA MA 136 -21.41 -27.51 25.32
N GLY MA 137 -21.27 -27.15 24.04
CA GLY MA 137 -19.97 -26.78 23.51
C GLY MA 137 -19.51 -25.40 23.92
N GLU MA 138 -20.45 -24.49 24.18
CA GLU MA 138 -20.08 -23.12 24.55
C GLU MA 138 -19.63 -23.03 26.01
N ASN MA 139 -20.15 -23.89 26.88
CA ASN MA 139 -19.69 -23.94 28.25
C ASN MA 139 -18.41 -24.76 28.43
N GLY MA 140 -18.03 -25.54 27.43
CA GLY MA 140 -16.87 -26.41 27.58
C GLY MA 140 -17.14 -27.59 28.49
N ARG MA 141 -18.28 -28.23 28.34
CA ARG MA 141 -18.75 -29.29 29.21
C ARG MA 141 -19.25 -30.48 28.37
N PRO MA 142 -19.25 -31.67 28.96
CA PRO MA 142 -19.96 -32.78 28.30
C PRO MA 142 -21.46 -32.55 28.37
N PRO MA 143 -22.18 -32.96 27.34
CA PRO MA 143 -23.60 -32.62 27.26
C PRO MA 143 -24.43 -33.45 28.24
N LYS MA 144 -25.63 -32.96 28.48
CA LYS MA 144 -26.56 -33.59 29.39
C LYS MA 144 -27.21 -34.77 28.72
N PRO MA 145 -27.77 -35.71 29.50
CA PRO MA 145 -28.58 -36.77 28.89
C PRO MA 145 -29.81 -36.18 28.23
N VAL MA 146 -30.25 -36.81 27.16
CA VAL MA 146 -31.42 -36.35 26.43
C VAL MA 146 -32.66 -36.83 27.15
N HIS MA 147 -33.56 -35.90 27.44
CA HIS MA 147 -34.86 -36.18 28.03
C HIS MA 147 -35.91 -35.95 26.97
N LEU MA 148 -37.00 -36.71 27.03
CA LEU MA 148 -38.04 -36.52 26.04
C LEU MA 148 -39.40 -36.92 26.58
N SER MA 149 -40.43 -36.24 26.07
CA SER MA 149 -41.80 -36.44 26.53
C SER MA 149 -42.66 -36.83 25.35
N ALA MA 150 -43.75 -37.54 25.63
CA ALA MA 150 -44.61 -38.00 24.56
C ALA MA 150 -46.06 -38.01 25.01
N LEU MA 151 -46.94 -37.58 24.11
CA LEU MA 151 -48.38 -37.68 24.28
C LEU MA 151 -48.94 -38.59 23.21
N ALA MA 152 -50.09 -39.21 23.49
CA ALA MA 152 -50.62 -40.21 22.59
C ALA MA 152 -52.09 -40.41 22.87
N VAL MA 153 -52.89 -40.43 21.82
CA VAL MA 153 -54.34 -40.55 21.94
C VAL MA 153 -54.74 -41.88 21.33
N TYR MA 154 -55.15 -42.81 22.16
CA TYR MA 154 -55.52 -44.14 21.72
C TYR MA 154 -57.02 -44.24 21.45
N GLU MA 155 -57.45 -45.39 20.96
CA GLU MA 155 -58.87 -45.64 20.79
C GLU MA 155 -59.55 -45.85 22.13
N ARG MA 156 -60.87 -45.94 22.08
CA ARG MA 156 -61.60 -46.58 23.15
C ARG MA 156 -61.25 -48.06 23.21
N GLY MA 157 -61.42 -48.64 24.39
CA GLY MA 157 -61.29 -50.08 24.55
C GLY MA 157 -59.87 -50.62 24.60
N SER MA 158 -58.86 -49.82 24.28
CA SER MA 158 -57.50 -50.32 24.36
C SER MA 158 -57.05 -50.36 25.82
N PRO MA 159 -56.34 -51.40 26.22
CA PRO MA 159 -55.80 -51.43 27.58
C PRO MA 159 -54.55 -50.57 27.73
N LEU MA 160 -54.74 -49.27 28.04
CA LEU MA 160 -53.69 -48.26 27.98
C LEU MA 160 -52.49 -48.53 28.87
N ALA MA 161 -52.59 -49.41 29.86
CA ALA MA 161 -51.47 -49.66 30.74
C ALA MA 161 -50.41 -50.59 30.12
N HIS MA 162 -50.59 -51.01 28.87
CA HIS MA 162 -49.63 -51.89 28.23
C HIS MA 162 -49.03 -51.33 26.96
N GLN MA 163 -49.68 -50.38 26.29
CA GLN MA 163 -49.05 -49.68 25.19
C GLN MA 163 -48.09 -48.61 25.68
N ILE MA 164 -48.01 -48.40 26.99
CA ILE MA 164 -47.03 -47.49 27.56
C ILE MA 164 -45.63 -48.06 27.41
N SER MA 165 -45.50 -49.39 27.34
CA SER MA 165 -44.19 -50.00 27.23
C SER MA 165 -43.67 -49.98 25.81
N ASP MA 166 -44.56 -50.02 24.83
CA ASP MA 166 -44.14 -50.03 23.42
C ASP MA 166 -43.52 -48.71 23.03
N ILE MA 167 -44.19 -47.60 23.38
CA ILE MA 167 -43.67 -46.29 23.07
C ILE MA 167 -42.35 -46.06 23.78
N LYS MA 168 -42.32 -46.36 25.08
CA LYS MA 168 -41.15 -46.13 25.91
C LYS MA 168 -39.98 -47.01 25.51
N ARG MA 169 -40.24 -48.15 24.86
CA ARG MA 169 -39.18 -48.93 24.25
C ARG MA 169 -38.78 -48.36 22.90
N PHE MA 170 -39.76 -47.84 22.16
CA PHE MA 170 -39.51 -47.35 20.81
C PHE MA 170 -38.57 -46.18 20.79
N LEU MA 171 -38.91 -45.10 21.49
CA LEU MA 171 -38.10 -43.91 21.33
C LEU MA 171 -37.05 -43.76 22.39
N LYS MA 172 -36.76 -44.83 23.14
CA LYS MA 172 -35.48 -44.91 23.82
C LYS MA 172 -34.35 -44.90 22.81
N ASN MA 173 -34.31 -45.89 21.94
CA ASN MA 173 -33.22 -46.03 21.01
C ASN MA 173 -33.38 -45.16 19.78
N SER MA 174 -34.23 -44.15 19.82
CA SER MA 174 -34.24 -43.13 18.80
C SER MA 174 -33.25 -42.02 19.11
N PHE MA 175 -32.57 -42.09 20.25
CA PHE MA 175 -31.55 -41.11 20.62
C PHE MA 175 -30.37 -41.81 21.27
N ALA MA 176 -29.32 -41.02 21.49
CA ALA MA 176 -28.01 -41.58 21.80
C ALA MA 176 -27.93 -42.05 23.25
N ASP MA 177 -28.09 -41.14 24.20
CA ASP MA 177 -27.92 -41.47 25.61
C ASP MA 177 -29.17 -41.10 26.40
N VAL MA 178 -30.18 -41.97 26.36
CA VAL MA 178 -31.37 -41.78 27.18
C VAL MA 178 -31.55 -43.02 28.04
N ASP MA 179 -32.44 -42.90 29.01
CA ASP MA 179 -32.76 -44.02 29.87
C ASP MA 179 -34.26 -44.28 29.83
N TYR MA 180 -34.73 -45.14 30.71
CA TYR MA 180 -36.16 -45.33 30.93
C TYR MA 180 -36.70 -44.42 32.01
N ASP MA 181 -35.90 -43.45 32.44
CA ASP MA 181 -36.32 -42.45 33.39
C ASP MA 181 -36.37 -41.07 32.77
N ASN MA 182 -35.72 -40.86 31.63
CA ASN MA 182 -35.78 -39.61 30.93
C ASN MA 182 -36.91 -39.56 29.92
N ILE MA 183 -37.76 -40.58 29.89
CA ILE MA 183 -38.86 -40.67 28.94
C ILE MA 183 -40.15 -40.57 29.73
N SER MA 184 -40.96 -39.58 29.41
CA SER MA 184 -42.20 -39.32 30.13
C SER MA 184 -43.36 -39.37 29.15
N VAL MA 185 -44.09 -40.49 29.15
CA VAL MA 185 -45.18 -40.70 28.21
C VAL MA 185 -46.47 -40.75 29.01
N VAL MA 186 -47.35 -39.80 28.76
CA VAL MA 186 -48.65 -39.73 29.42
C VAL MA 186 -49.69 -39.85 28.33
N LEU MA 187 -50.17 -41.07 28.10
CA LEU MA 187 -51.09 -41.36 27.01
C LEU MA 187 -52.51 -41.53 27.54
N SER MA 188 -53.46 -41.00 26.77
CA SER MA 188 -54.84 -40.88 27.21
C SER MA 188 -55.75 -41.27 26.06
N GLU MA 189 -56.77 -42.08 26.35
CA GLU MA 189 -57.67 -42.52 25.30
C GLU MA 189 -58.55 -41.37 24.85
N ARG MA 190 -59.10 -41.50 23.64
CA ARG MA 190 -59.84 -40.40 23.07
C ARG MA 190 -61.19 -40.23 23.74
N SER MA 191 -61.83 -39.12 23.42
CA SER MA 191 -63.12 -38.79 24.02
C SER MA 191 -64.23 -39.64 23.39
N ASP MA 192 -65.45 -39.40 23.84
CA ASP MA 192 -66.59 -40.06 23.21
C ASP MA 192 -66.79 -39.50 21.80
N ALA MA 193 -67.28 -40.37 20.93
CA ALA MA 193 -67.41 -39.99 19.53
C ALA MA 193 -68.59 -39.06 19.34
N GLN MA 194 -68.36 -37.94 18.67
CA GLN MA 194 -69.42 -37.02 18.30
C GLN MA 194 -69.89 -37.42 16.91
N LEU MA 195 -70.95 -38.22 16.86
CA LEU MA 195 -71.50 -38.73 15.61
C LEU MA 195 -72.92 -38.22 15.40
N GLN MA 196 -73.38 -37.33 16.26
CA GLN MA 196 -74.80 -37.09 16.47
C GLN MA 196 -75.14 -35.66 16.09
N ALA MA 197 -76.21 -35.48 15.35
CA ALA MA 197 -76.54 -34.16 14.82
C ALA MA 197 -76.96 -33.22 15.93
N PRO MA 198 -76.43 -31.99 15.96
CA PRO MA 198 -76.78 -31.05 17.03
C PRO MA 198 -78.24 -30.62 17.01
N GLY MA 199 -78.70 -30.10 15.90
CA GLY MA 199 -80.08 -29.70 15.80
C GLY MA 199 -80.29 -28.21 15.65
N THR MA 200 -81.11 -27.83 14.67
CA THR MA 200 -81.52 -26.44 14.53
C THR MA 200 -82.44 -26.05 15.68
N PRO MA 201 -82.38 -24.79 16.12
CA PRO MA 201 -83.29 -24.34 17.18
C PRO MA 201 -84.73 -24.31 16.73
N VAL MA 202 -85.64 -24.25 17.72
CA VAL MA 202 -87.06 -24.22 17.44
C VAL MA 202 -87.46 -22.77 17.20
N LYS MA 203 -88.61 -22.60 16.54
CA LYS MA 203 -89.09 -21.27 16.18
C LYS MA 203 -90.24 -20.83 17.07
N ALA NA 171 -86.61 -50.04 7.45
CA ALA NA 171 -86.02 -51.09 6.63
C ALA NA 171 -85.35 -52.14 7.50
N GLU NA 172 -84.83 -53.19 6.86
CA GLU NA 172 -84.14 -54.24 7.58
C GLU NA 172 -82.76 -53.77 8.01
N LEU NA 173 -82.47 -53.89 9.31
CA LEU NA 173 -81.20 -53.39 9.82
C LEU NA 173 -80.03 -54.24 9.37
N ASP NA 174 -80.27 -55.49 9.00
CA ASP NA 174 -79.24 -56.33 8.38
C ASP NA 174 -78.77 -55.78 7.04
N SER NA 175 -79.60 -54.98 6.37
CA SER NA 175 -79.17 -54.31 5.15
C SER NA 175 -78.90 -52.83 5.32
N LEU NA 176 -79.40 -52.21 6.39
CA LEU NA 176 -79.00 -50.84 6.71
C LEU NA 176 -77.56 -50.76 7.14
N LEU NA 177 -77.02 -51.84 7.70
CA LEU NA 177 -75.60 -51.96 7.98
C LEU NA 177 -74.89 -52.35 6.70
N GLY NA 178 -73.64 -52.76 6.80
CA GLY NA 178 -72.85 -53.03 5.62
C GLY NA 178 -73.27 -54.26 4.84
N GLN NA 179 -72.50 -54.55 3.79
CA GLN NA 179 -72.80 -55.65 2.88
C GLN NA 179 -72.63 -57.01 3.56
N GLU NA 180 -71.69 -57.11 4.50
CA GLU NA 180 -71.37 -58.38 5.13
C GLU NA 180 -72.33 -58.64 6.29
N LYS NA 181 -73.09 -59.74 6.19
CA LYS NA 181 -74.07 -60.03 7.23
C LYS NA 181 -73.43 -60.65 8.45
N GLU NA 182 -72.31 -61.34 8.28
CA GLU NA 182 -71.70 -62.10 9.37
C GLU NA 182 -71.03 -61.23 10.41
N ARG NA 183 -70.77 -59.96 10.10
CA ARG NA 183 -70.03 -59.11 11.01
C ARG NA 183 -70.88 -58.66 12.19
N PHE NA 184 -72.16 -58.43 11.97
CA PHE NA 184 -73.05 -57.98 13.03
C PHE NA 184 -74.10 -59.06 13.29
N GLN NA 185 -74.77 -58.94 14.43
CA GLN NA 185 -75.84 -59.88 14.78
C GLN NA 185 -76.90 -59.11 15.55
N VAL NA 186 -78.04 -58.86 14.91
CA VAL NA 186 -79.09 -58.08 15.54
C VAL NA 186 -79.77 -58.90 16.63
N LEU NA 187 -80.27 -58.21 17.65
CA LEU NA 187 -80.82 -58.87 18.82
C LEU NA 187 -82.13 -58.20 19.24
N PRO NA 188 -83.26 -58.85 19.02
CA PRO NA 188 -84.53 -58.26 19.43
C PRO NA 188 -84.75 -58.34 20.94
N GLY NA 189 -84.30 -57.31 21.65
CA GLY NA 189 -84.45 -57.28 23.09
C GLY NA 189 -85.90 -57.21 23.55
N ARG NA 190 -86.07 -57.40 24.85
CA ARG NA 190 -87.40 -57.57 25.43
C ARG NA 190 -88.10 -56.25 25.73
N ASP NA 191 -87.38 -55.13 25.79
CA ASP NA 191 -87.95 -53.85 26.20
C ASP NA 191 -88.18 -52.90 25.03
N LYS NA 192 -88.60 -53.47 23.89
CA LYS NA 192 -89.03 -52.85 22.63
C LYS NA 192 -87.86 -52.27 21.83
N MET NA 193 -86.66 -52.23 22.40
CA MET NA 193 -85.49 -51.71 21.72
C MET NA 193 -84.72 -52.86 21.10
N LEU NA 194 -84.26 -52.66 19.87
CA LEU NA 194 -83.47 -53.64 19.16
C LEU NA 194 -81.99 -53.35 19.41
N TYR NA 195 -81.18 -54.40 19.42
CA TYR NA 195 -79.76 -54.28 19.70
C TYR NA 195 -78.95 -54.95 18.60
N VAL NA 196 -77.79 -54.39 18.31
CA VAL NA 196 -76.88 -54.94 17.31
C VAL NA 196 -75.49 -55.11 17.92
N ALA NA 197 -74.98 -56.33 17.89
CA ALA NA 197 -73.78 -56.70 18.63
C ALA NA 197 -72.56 -56.61 17.72
N ALA NA 198 -71.76 -55.58 17.92
CA ALA NA 198 -70.52 -55.49 17.18
C ALA NA 198 -69.48 -56.41 17.79
N GLN NA 199 -68.34 -56.53 17.13
CA GLN NA 199 -67.28 -57.39 17.59
C GLN NA 199 -66.09 -56.64 18.18
N ASN NA 200 -65.78 -55.44 17.68
CA ASN NA 200 -64.71 -54.64 18.21
C ASN NA 200 -65.07 -53.16 18.04
N GLU NA 201 -64.08 -52.29 18.23
CA GLU NA 201 -64.37 -50.86 18.19
C GLU NA 201 -64.27 -50.26 16.80
N ARG NA 202 -63.98 -51.05 15.77
CA ARG NA 202 -64.23 -50.54 14.43
C ARG NA 202 -65.65 -50.84 13.99
N ASP NA 203 -66.15 -52.03 14.30
CA ASP NA 203 -67.53 -52.36 13.96
C ASP NA 203 -68.52 -51.59 14.81
N THR NA 204 -68.13 -51.18 16.01
CA THR NA 204 -69.02 -50.37 16.83
C THR NA 204 -69.18 -48.99 16.22
N LEU NA 205 -68.09 -48.37 15.78
CA LEU NA 205 -68.19 -47.11 15.07
C LEU NA 205 -68.75 -47.30 13.66
N TRP NA 206 -68.75 -48.52 13.14
CA TRP NA 206 -69.47 -48.78 11.90
C TRP NA 206 -70.96 -48.77 12.14
N ALA NA 207 -71.42 -49.34 13.26
CA ALA NA 207 -72.84 -49.47 13.51
C ALA NA 207 -73.40 -48.32 14.32
N ARG NA 208 -72.59 -47.64 15.13
CA ARG NA 208 -73.05 -46.39 15.73
C ARG NA 208 -73.04 -45.24 14.75
N GLN NA 209 -72.48 -45.43 13.56
CA GLN NA 209 -72.59 -44.39 12.56
C GLN NA 209 -73.95 -44.44 11.88
N VAL NA 210 -74.44 -45.64 11.58
CA VAL NA 210 -75.71 -45.81 10.89
C VAL NA 210 -76.87 -45.31 11.74
N LEU NA 211 -76.89 -45.70 13.00
CA LEU NA 211 -78.04 -45.41 13.84
C LEU NA 211 -78.13 -43.96 14.28
N ALA NA 212 -77.02 -43.21 14.21
CA ALA NA 212 -77.03 -41.83 14.61
C ALA NA 212 -77.13 -40.88 13.43
N ARG NA 213 -76.78 -41.34 12.24
CA ARG NA 213 -76.89 -40.55 11.02
C ARG NA 213 -78.34 -40.42 10.58
N GLY NA 214 -79.13 -41.47 10.75
CA GLY NA 214 -80.38 -41.52 10.05
C GLY NA 214 -81.47 -42.21 10.81
N ASP NA 215 -82.21 -43.08 10.15
CA ASP NA 215 -83.44 -43.62 10.70
C ASP NA 215 -83.44 -45.15 10.68
N TYR NA 216 -83.81 -45.71 11.82
CA TYR NA 216 -84.45 -47.01 11.91
C TYR NA 216 -85.79 -46.74 12.56
N ASP NA 217 -86.85 -47.41 12.11
CA ASP NA 217 -88.19 -47.06 12.58
C ASP NA 217 -88.52 -47.68 13.94
N LYS NA 218 -87.59 -47.60 14.88
CA LYS NA 218 -87.64 -48.06 16.26
C LYS NA 218 -86.31 -47.64 16.86
N ASN NA 219 -86.17 -47.76 18.17
CA ASN NA 219 -84.91 -47.46 18.81
C ASN NA 219 -83.92 -48.59 18.58
N ALA NA 220 -82.65 -48.24 18.41
CA ALA NA 220 -81.60 -49.22 18.17
C ALA NA 220 -80.32 -48.77 18.85
N ARG NA 221 -79.58 -49.74 19.39
CA ARG NA 221 -78.51 -49.45 20.33
C ARG NA 221 -77.40 -50.48 20.17
N VAL NA 222 -76.20 -50.03 19.85
CA VAL NA 222 -75.08 -50.93 19.60
C VAL NA 222 -74.47 -51.33 20.93
N ILE NA 223 -74.31 -52.62 21.15
CA ILE NA 223 -73.61 -53.11 22.33
C ILE NA 223 -72.33 -53.78 21.88
N ASN NA 224 -71.31 -53.69 22.74
CA ASN NA 224 -70.01 -54.26 22.44
C ASN NA 224 -69.72 -55.35 23.46
N GLU NA 225 -68.65 -56.10 23.24
CA GLU NA 225 -68.31 -57.15 24.18
C GLU NA 225 -67.50 -56.58 25.32
N ASN NA 226 -66.61 -55.65 25.02
CA ASN NA 226 -65.72 -55.09 26.03
C ASN NA 226 -66.23 -53.79 26.62
N GLU NA 227 -67.39 -53.30 26.19
CA GLU NA 227 -67.93 -52.09 26.80
C GLU NA 227 -69.16 -52.40 27.63
N GLU NA 228 -70.03 -53.29 27.13
CA GLU NA 228 -71.18 -53.73 27.91
C GLU NA 228 -70.74 -54.54 29.12
N ASN NA 229 -69.62 -55.24 29.00
CA ASN NA 229 -68.96 -55.83 30.16
C ASN NA 229 -68.61 -54.77 31.19
N LYS NA 230 -68.09 -53.64 30.74
CA LYS NA 230 -67.72 -52.60 31.67
C LYS NA 230 -68.94 -51.83 32.16
N ARG NA 231 -70.01 -51.79 31.37
CA ARG NA 231 -71.22 -51.08 31.80
C ARG NA 231 -71.91 -51.79 32.95
N ILE NA 232 -71.89 -53.13 32.93
CA ILE NA 232 -72.52 -53.91 34.00
C ILE NA 232 -71.77 -53.71 35.31
N SER NA 233 -70.44 -53.63 35.24
CA SER NA 233 -69.63 -53.42 36.44
C SER NA 233 -69.83 -52.05 37.06
N ILE NA 234 -70.33 -51.08 36.32
CA ILE NA 234 -70.71 -49.81 36.92
C ILE NA 234 -72.02 -49.98 37.69
N TRP NA 235 -72.88 -50.87 37.24
CA TRP NA 235 -74.07 -51.23 38.01
C TRP NA 235 -73.73 -52.21 39.11
N LEU NA 236 -72.78 -53.11 38.85
CA LEU NA 236 -72.62 -54.26 39.72
C LEU NA 236 -71.83 -53.92 40.98
N ASP NA 237 -70.98 -52.88 40.95
CA ASP NA 237 -70.23 -52.56 42.15
C ASP NA 237 -71.09 -51.84 43.19
N THR NA 238 -72.21 -51.25 42.78
CA THR NA 238 -73.14 -50.67 43.75
C THR NA 238 -74.05 -51.72 44.36
N TYR NA 239 -74.73 -52.48 43.53
CA TYR NA 239 -75.74 -53.41 44.02
C TYR NA 239 -75.16 -54.74 44.47
N TYR NA 240 -73.93 -55.04 44.08
CA TYR NA 240 -73.19 -56.18 44.64
C TYR NA 240 -71.71 -55.83 44.81
N PRO NA 241 -71.36 -55.04 45.81
CA PRO NA 241 -69.95 -54.92 46.16
C PRO NA 241 -69.50 -56.17 46.88
N GLN NA 242 -68.17 -56.32 46.99
CA GLN NA 242 -67.52 -57.55 47.45
C GLN NA 242 -67.97 -58.77 46.66
N LEU NA 243 -68.22 -58.59 45.37
CA LEU NA 243 -68.53 -59.71 44.48
C LEU NA 243 -67.28 -60.05 43.70
N ALA NA 244 -66.90 -61.31 43.72
CA ALA NA 244 -65.72 -61.77 43.02
C ALA NA 244 -66.15 -62.44 41.72
N TYR NA 245 -65.90 -61.77 40.61
CA TYR NA 245 -66.28 -62.23 39.30
C TYR NA 245 -65.16 -61.86 38.35
N TYR NA 246 -65.12 -62.52 37.21
CA TYR NA 246 -64.05 -62.28 36.26
C TYR NA 246 -64.49 -61.37 35.11
N ARG NA 247 -65.48 -61.80 34.34
CA ARG NA 247 -65.76 -61.25 33.03
C ARG NA 247 -67.05 -61.87 32.52
N ILE NA 248 -67.85 -61.09 31.84
CA ILE NA 248 -69.03 -61.60 31.14
C ILE NA 248 -68.63 -61.82 29.68
N HIS NA 249 -69.28 -62.79 29.03
CA HIS NA 249 -68.84 -63.23 27.72
C HIS NA 249 -70.00 -63.27 26.73
N PHE NA 250 -69.79 -62.63 25.59
CA PHE NA 250 -70.83 -62.39 24.58
C PHE NA 250 -70.52 -63.12 23.28
N ASP NA 251 -70.05 -64.36 23.37
CA ASP NA 251 -69.79 -65.13 22.16
C ASP NA 251 -71.09 -65.55 21.50
N GLU NA 252 -72.01 -66.10 22.29
CA GLU NA 252 -73.40 -66.24 21.89
C GLU NA 252 -74.19 -65.18 22.63
N PRO NA 253 -74.46 -64.03 22.01
CA PRO NA 253 -75.04 -62.89 22.74
C PRO NA 253 -76.49 -63.08 23.15
N ARG NA 254 -77.16 -64.14 22.69
CA ARG NA 254 -78.47 -64.45 23.21
C ARG NA 254 -78.41 -64.87 24.67
N LYS NA 255 -77.36 -65.54 25.08
CA LYS NA 255 -77.20 -65.83 26.51
C LYS NA 255 -75.73 -65.75 26.92
N PRO NA 256 -75.40 -64.83 27.82
CA PRO NA 256 -73.99 -64.67 28.21
C PRO NA 256 -73.58 -65.62 29.33
N VAL NA 257 -72.29 -65.91 29.35
CA VAL NA 257 -71.68 -66.75 30.37
C VAL NA 257 -70.87 -65.82 31.27
N PHE NA 258 -71.32 -65.69 32.51
CA PHE NA 258 -70.77 -64.73 33.45
C PHE NA 258 -70.02 -65.50 34.54
N TRP NA 259 -68.70 -65.51 34.43
CA TRP NA 259 -67.87 -66.29 35.34
C TRP NA 259 -67.84 -65.65 36.72
N LEU NA 260 -67.75 -66.49 37.75
CA LEU NA 260 -67.54 -66.03 39.10
C LEU NA 260 -66.43 -66.84 39.75
N SER NA 261 -65.89 -66.30 40.84
CA SER NA 261 -64.97 -67.03 41.67
C SER NA 261 -65.74 -68.06 42.48
N ARG NA 262 -65.37 -69.33 42.34
CA ARG NA 262 -65.93 -70.36 43.21
C ARG NA 262 -65.46 -70.19 44.63
N GLN NA 263 -64.24 -69.70 44.81
CA GLN NA 263 -63.64 -69.65 46.13
C GLN NA 263 -64.11 -68.43 46.93
N ARG NA 264 -64.12 -67.26 46.30
CA ARG NA 264 -64.33 -66.02 47.02
C ARG NA 264 -65.79 -65.55 47.00
N ASN NA 265 -66.73 -66.43 46.70
CA ASN NA 265 -68.15 -66.08 46.71
C ASN NA 265 -68.88 -66.91 47.75
N THR NA 266 -69.46 -66.23 48.73
CA THR NA 266 -70.24 -66.84 49.77
C THR NA 266 -71.73 -66.82 49.46
N MET NA 267 -72.09 -66.45 48.23
CA MET NA 267 -73.48 -66.43 47.82
C MET NA 267 -74.02 -67.84 47.71
N SER NA 268 -75.23 -68.06 48.22
CA SER NA 268 -75.85 -69.36 48.12
C SER NA 268 -76.55 -69.48 46.76
N LYS NA 269 -77.07 -70.67 46.46
CA LYS NA 269 -77.65 -70.91 45.14
C LYS NA 269 -79.03 -70.29 45.00
N LYS NA 270 -79.62 -69.82 46.11
CA LYS NA 270 -80.87 -69.10 46.05
C LYS NA 270 -80.71 -67.75 45.36
N GLU NA 271 -79.93 -66.86 45.95
CA GLU NA 271 -79.76 -65.53 45.40
C GLU NA 271 -78.83 -65.48 44.19
N LEU NA 272 -78.10 -66.56 43.91
CA LEU NA 272 -77.35 -66.63 42.67
C LEU NA 272 -78.29 -66.75 41.47
N GLU NA 273 -79.45 -67.38 41.67
CA GLU NA 273 -80.48 -67.37 40.64
C GLU NA 273 -81.19 -66.02 40.58
N VAL NA 274 -81.23 -65.31 41.70
CA VAL NA 274 -81.66 -63.91 41.68
C VAL NA 274 -80.65 -63.07 40.89
N LEU NA 275 -79.36 -63.39 41.05
CA LEU NA 275 -78.32 -62.68 40.32
C LEU NA 275 -78.36 -62.99 38.82
N SER NA 276 -78.88 -64.16 38.44
CA SER NA 276 -79.15 -64.41 37.03
C SER NA 276 -80.40 -63.71 36.53
N GLN NA 277 -81.17 -63.08 37.42
CA GLN NA 277 -82.32 -62.28 37.02
C GLN NA 277 -82.12 -60.79 37.19
N LYS NA 278 -81.20 -60.36 38.06
CA LYS NA 278 -80.85 -58.95 38.12
C LYS NA 278 -80.09 -58.52 36.88
N LEU NA 279 -79.26 -59.40 36.32
CA LEU NA 279 -78.49 -59.05 35.15
C LEU NA 279 -79.36 -58.99 33.89
N ARG NA 280 -80.45 -59.76 33.85
CA ARG NA 280 -81.35 -59.72 32.71
C ARG NA 280 -82.10 -58.40 32.62
N ALA NA 281 -82.24 -57.68 33.73
CA ALA NA 281 -82.81 -56.35 33.67
C ALA NA 281 -81.85 -55.35 33.02
N LEU NA 282 -80.56 -55.68 32.97
CA LEU NA 282 -79.58 -54.83 32.30
C LEU NA 282 -79.33 -55.23 30.86
N MET NA 283 -79.56 -56.49 30.53
CA MET NA 283 -79.34 -57.01 29.18
C MET NA 283 -80.66 -57.54 28.66
N PRO NA 284 -81.49 -56.68 28.05
CA PRO NA 284 -82.79 -57.14 27.56
C PRO NA 284 -82.68 -58.09 26.39
N TYR NA 285 -81.62 -57.95 25.59
CA TYR NA 285 -81.33 -58.88 24.51
C TYR NA 285 -80.99 -60.28 25.00
N ALA NA 286 -80.57 -60.41 26.26
CA ALA NA 286 -80.14 -61.69 26.78
C ALA NA 286 -81.33 -62.58 27.09
N ASP NA 287 -81.15 -63.88 26.88
CA ASP NA 287 -82.19 -64.83 27.26
C ASP NA 287 -82.12 -65.14 28.75
N SER NA 288 -81.02 -65.73 29.19
CA SER NA 288 -80.82 -66.06 30.59
C SER NA 288 -79.32 -66.22 30.82
N VAL NA 289 -78.81 -65.60 31.89
CA VAL NA 289 -77.38 -65.58 32.13
C VAL NA 289 -76.93 -66.94 32.64
N ASN NA 290 -75.89 -67.48 32.03
CA ASN NA 290 -75.32 -68.78 32.40
C ASN NA 290 -74.19 -68.51 33.39
N ILE NA 291 -74.54 -68.43 34.67
CA ILE NA 291 -73.56 -68.20 35.72
C ILE NA 291 -72.82 -69.50 36.01
N THR NA 292 -71.51 -69.49 35.80
CA THR NA 292 -70.68 -70.62 36.22
C THR NA 292 -69.59 -70.11 37.15
N LEU NA 293 -68.81 -71.07 37.65
CA LEU NA 293 -67.80 -70.80 38.66
C LEU NA 293 -66.46 -71.28 38.15
N MET NA 294 -65.42 -70.49 38.41
CA MET NA 294 -64.06 -70.88 38.05
C MET NA 294 -63.18 -70.77 39.28
N ASP NA 295 -62.30 -71.75 39.48
CA ASP NA 295 -61.41 -71.70 40.64
C ASP NA 295 -60.32 -70.67 40.42
N ASP NA 296 -59.99 -69.95 41.50
CA ASP NA 296 -59.00 -68.90 41.42
C ASP NA 296 -57.59 -69.43 41.22
N VAL NA 297 -57.33 -70.69 41.61
CA VAL NA 297 -56.02 -71.26 41.38
C VAL NA 297 -55.84 -71.64 39.91
N THR NA 298 -56.94 -71.89 39.19
CA THR NA 298 -56.84 -72.13 37.77
C THR NA 298 -56.61 -70.85 37.00
N ALA NA 299 -57.16 -69.74 37.48
CA ALA NA 299 -56.97 -68.45 36.82
C ALA NA 299 -55.52 -67.99 36.94
N ALA NA 300 -54.98 -68.00 38.16
CA ALA NA 300 -53.60 -67.63 38.35
C ALA NA 300 -52.64 -68.70 37.84
N GLY NA 301 -53.13 -69.94 37.66
CA GLY NA 301 -52.27 -70.99 37.14
C GLY NA 301 -51.91 -70.76 35.69
N GLN NA 302 -52.92 -70.64 34.83
CA GLN NA 302 -52.68 -70.46 33.40
C GLN NA 302 -52.02 -69.13 33.09
N ALA NA 303 -52.22 -68.13 33.93
CA ALA NA 303 -51.46 -66.89 33.78
C ALA NA 303 -50.00 -67.10 34.12
N GLU NA 304 -49.72 -67.92 35.14
CA GLU NA 304 -48.32 -68.22 35.44
C GLU NA 304 -47.77 -69.27 34.48
N ALA NA 305 -48.56 -70.29 34.15
CA ALA NA 305 -48.11 -71.34 33.25
C ALA NA 305 -48.01 -70.90 31.80
N GLY NA 306 -48.41 -69.68 31.48
CA GLY NA 306 -48.15 -69.14 30.17
C GLY NA 306 -46.99 -68.17 30.21
N LEU NA 307 -46.87 -67.42 31.30
CA LEU NA 307 -45.88 -66.35 31.36
C LEU NA 307 -44.48 -66.91 31.56
N LYS NA 308 -44.35 -68.09 32.15
CA LYS NA 308 -43.08 -68.79 32.12
C LYS NA 308 -42.94 -69.68 30.91
N GLN NA 309 -44.04 -69.93 30.19
CA GLN NA 309 -43.97 -70.66 28.93
C GLN NA 309 -43.53 -69.74 27.80
N GLN NA 310 -43.68 -68.44 27.98
CA GLN NA 310 -43.11 -67.45 27.08
C GLN NA 310 -41.68 -67.09 27.43
N ALA NA 311 -41.14 -67.71 28.50
CA ALA NA 311 -39.80 -67.46 29.04
C ALA NA 311 -39.63 -65.99 29.39
N LEU NA 312 -40.39 -65.54 30.38
CA LEU NA 312 -40.35 -64.17 30.82
C LEU NA 312 -39.99 -64.09 32.29
N PRO NA 313 -39.11 -63.16 32.67
CA PRO NA 313 -38.80 -63.00 34.10
C PRO NA 313 -39.95 -62.32 34.82
N TYR NA 314 -40.27 -62.82 36.02
CA TYR NA 314 -41.40 -62.26 36.75
C TYR NA 314 -41.19 -62.53 38.23
N SER NA 315 -42.19 -62.15 39.03
CA SER NA 315 -42.27 -62.56 40.42
C SER NA 315 -43.73 -62.55 40.83
N ARG NA 316 -44.29 -63.72 41.06
CA ARG NA 316 -45.66 -63.83 41.52
C ARG NA 316 -45.77 -63.37 42.96
N ARG NA 317 -46.44 -62.24 43.17
CA ARG NA 317 -46.79 -61.81 44.51
C ARG NA 317 -48.29 -62.02 44.69
N ASN NA 318 -48.67 -62.70 45.77
CA ASN NA 318 -50.06 -62.99 46.02
C ASN NA 318 -50.64 -61.95 46.95
N HIS NA 319 -51.97 -61.84 46.95
CA HIS NA 319 -52.66 -61.00 47.89
C HIS NA 319 -53.95 -61.70 48.30
N LYS NA 320 -54.63 -61.09 49.26
CA LYS NA 320 -55.94 -61.57 49.70
C LYS NA 320 -56.95 -61.05 48.70
N GLY NA 321 -57.21 -61.83 47.65
CA GLY NA 321 -58.17 -61.44 46.65
C GLY NA 321 -57.54 -60.93 45.37
N GLY NA 322 -56.51 -61.61 44.90
CA GLY NA 322 -55.87 -61.28 43.64
C GLY NA 322 -54.38 -61.56 43.69
N VAL NA 323 -53.81 -61.78 42.52
CA VAL NA 323 -52.37 -61.96 42.38
C VAL NA 323 -51.84 -60.86 41.48
N THR NA 324 -50.52 -60.80 41.36
CA THR NA 324 -49.89 -59.73 40.58
C THR NA 324 -48.58 -60.25 40.02
N PHE NA 325 -48.41 -60.15 38.71
CA PHE NA 325 -47.20 -60.61 38.03
C PHE NA 325 -46.43 -59.41 37.55
N VAL NA 326 -45.56 -58.88 38.38
CA VAL NA 326 -44.70 -57.79 37.93
C VAL NA 326 -43.57 -58.37 37.10
N ILE NA 327 -43.33 -57.74 35.96
CA ILE NA 327 -42.34 -58.19 34.98
C ILE NA 327 -41.36 -57.05 34.81
N GLN NA 328 -40.10 -57.28 35.18
CA GLN NA 328 -39.14 -56.20 35.05
C GLN NA 328 -37.82 -56.65 34.45
N GLY NA 329 -36.90 -55.71 34.32
CA GLY NA 329 -35.68 -55.93 33.58
C GLY NA 329 -35.68 -55.19 32.27
N ALA NA 330 -34.52 -55.19 31.62
CA ALA NA 330 -34.38 -54.57 30.31
C ALA NA 330 -34.82 -55.57 29.25
N LEU NA 331 -36.13 -55.71 29.12
CA LEU NA 331 -36.70 -56.63 28.14
C LEU NA 331 -36.52 -56.07 26.74
N ASP NA 332 -35.92 -56.84 25.85
CA ASP NA 332 -35.79 -56.40 24.47
C ASP NA 332 -37.04 -56.82 23.69
N ASP NA 333 -36.96 -56.71 22.36
CA ASP NA 333 -38.17 -56.64 21.55
C ASP NA 333 -38.84 -57.99 21.37
N VAL NA 334 -38.08 -59.07 21.42
CA VAL NA 334 -38.65 -60.38 21.16
C VAL NA 334 -39.54 -60.80 22.31
N GLU NA 335 -39.16 -60.42 23.53
CA GLU NA 335 -39.92 -60.77 24.71
C GLU NA 335 -40.94 -59.71 25.10
N ILE NA 336 -40.77 -58.48 24.62
CA ILE NA 336 -41.77 -57.45 24.90
C ILE NA 336 -43.01 -57.65 24.04
N LEU NA 337 -42.90 -58.42 22.97
CA LEU NA 337 -44.00 -58.70 22.08
C LEU NA 337 -44.59 -60.07 22.30
N ARG NA 338 -43.83 -61.00 22.88
CA ARG NA 338 -44.46 -62.20 23.39
C ARG NA 338 -45.26 -61.89 24.65
N ALA NA 339 -44.93 -60.81 25.35
CA ALA NA 339 -45.66 -60.44 26.54
C ALA NA 339 -47.05 -59.92 26.19
N ARG NA 340 -47.13 -59.03 25.20
CA ARG NA 340 -48.40 -58.34 24.95
C ARG NA 340 -49.41 -59.24 24.26
N GLN NA 341 -48.96 -60.15 23.42
CA GLN NA 341 -49.93 -61.10 22.87
C GLN NA 341 -50.21 -62.27 23.80
N PHE NA 342 -49.62 -62.29 24.99
CA PHE NA 342 -50.13 -63.14 26.04
C PHE NA 342 -51.09 -62.40 26.97
N VAL NA 343 -50.75 -61.15 27.31
CA VAL NA 343 -51.60 -60.36 28.20
C VAL NA 343 -52.94 -60.06 27.55
N ASP NA 344 -52.91 -59.58 26.31
CA ASP NA 344 -54.13 -59.31 25.58
C ASP NA 344 -54.87 -60.57 25.20
N SER NA 345 -54.20 -61.72 25.18
CA SER NA 345 -54.88 -62.99 25.06
C SER NA 345 -55.34 -63.54 26.39
N TYR NA 346 -54.94 -62.90 27.49
CA TYR NA 346 -55.42 -63.31 28.79
C TYR NA 346 -56.63 -62.46 29.21
N TYR NA 347 -56.52 -61.15 29.06
CA TYR NA 347 -57.62 -60.26 29.42
C TYR NA 347 -58.81 -60.42 28.50
N ARG NA 348 -58.61 -60.93 27.29
CA ARG NA 348 -59.73 -61.33 26.47
C ARG NA 348 -60.41 -62.56 27.03
N THR NA 349 -59.67 -63.41 27.73
CA THR NA 349 -60.24 -64.65 28.25
C THR NA 349 -60.79 -64.48 29.66
N TRP NA 350 -59.99 -63.94 30.57
CA TRP NA 350 -60.33 -63.93 31.98
C TRP NA 350 -60.72 -62.57 32.51
N GLY NA 351 -60.53 -61.50 31.75
CA GLY NA 351 -60.71 -60.18 32.29
C GLY NA 351 -59.54 -59.79 33.16
N GLY NA 352 -59.62 -58.60 33.73
CA GLY NA 352 -58.50 -58.12 34.51
C GLY NA 352 -58.82 -57.80 35.94
N ARG NA 353 -59.71 -58.59 36.56
CA ARG NA 353 -60.14 -58.32 37.92
C ARG NA 353 -59.51 -59.23 38.95
N TYR NA 354 -58.68 -60.19 38.55
CA TYR NA 354 -58.06 -61.06 39.53
C TYR NA 354 -56.54 -61.08 39.37
N VAL NA 355 -56.07 -60.94 38.13
CA VAL NA 355 -54.65 -60.98 37.81
C VAL NA 355 -54.28 -59.66 37.15
N GLN NA 356 -53.27 -59.00 37.68
CA GLN NA 356 -52.75 -57.77 37.10
C GLN NA 356 -51.32 -58.03 36.63
N PHE NA 357 -51.05 -57.73 35.37
CA PHE NA 357 -49.71 -57.86 34.82
C PHE NA 357 -49.05 -56.50 34.85
N ALA NA 358 -47.90 -56.43 35.49
CA ALA NA 358 -47.15 -55.18 35.58
C ALA NA 358 -45.89 -55.33 34.73
N ILE NA 359 -45.99 -54.99 33.46
CA ILE NA 359 -44.81 -54.94 32.64
C ILE NA 359 -44.13 -53.58 32.87
N GLU NA 360 -43.34 -53.53 33.93
CA GLU NA 360 -42.64 -52.33 34.37
C GLU NA 360 -41.23 -52.48 33.86
N LEU NA 361 -40.83 -51.61 32.94
CA LEU NA 361 -39.65 -51.81 32.11
C LEU NA 361 -38.61 -50.75 32.45
N LYS NA 362 -37.56 -51.15 33.16
CA LYS NA 362 -36.50 -50.25 33.57
C LYS NA 362 -35.14 -50.86 33.22
N ASP NA 363 -34.09 -50.15 33.60
CA ASP NA 363 -32.72 -50.58 33.35
C ASP NA 363 -32.29 -51.60 34.41
N ASP NA 364 -30.99 -51.86 34.47
CA ASP NA 364 -30.43 -52.76 35.48
C ASP NA 364 -29.88 -51.93 36.64
N ASP OA 20 -72.23 -33.49 -0.47
CA ASP OA 20 -73.13 -32.35 -0.59
C ASP OA 20 -72.52 -31.15 0.12
N LYS OA 21 -72.19 -31.31 1.39
CA LYS OA 21 -71.60 -30.23 2.17
C LYS OA 21 -70.09 -30.24 2.06
N ASP OA 22 -69.51 -29.07 1.83
CA ASP OA 22 -68.07 -28.96 1.65
C ASP OA 22 -67.34 -29.16 2.97
N LEU OA 23 -66.25 -29.90 2.93
CA LEU OA 23 -65.53 -30.24 4.15
C LEU OA 23 -64.05 -29.93 4.09
N LEU OA 24 -63.40 -30.14 2.96
CA LEU OA 24 -62.01 -29.76 2.78
C LEU OA 24 -61.82 -29.30 1.35
N LYS OA 25 -61.01 -28.26 1.16
CA LYS OA 25 -60.72 -27.74 -0.15
C LYS OA 25 -59.23 -27.55 -0.31
N GLY OA 26 -58.77 -27.52 -1.55
CA GLY OA 26 -57.40 -27.18 -1.83
C GLY OA 26 -56.38 -28.21 -1.42
N LEU OA 27 -56.80 -29.45 -1.19
CA LEU OA 27 -55.85 -30.50 -0.84
C LEU OA 27 -55.05 -30.90 -2.05
N ASP OA 28 -53.81 -31.31 -1.83
CA ASP OA 28 -53.09 -31.98 -2.90
C ASP OA 28 -53.44 -33.47 -2.86
N GLN OA 29 -52.70 -34.27 -3.61
CA GLN OA 29 -53.16 -35.60 -3.98
C GLN OA 29 -53.07 -36.59 -2.82
N GLU OA 30 -51.87 -36.77 -2.29
CA GLU OA 30 -51.65 -37.75 -1.23
C GLU OA 30 -52.26 -37.34 0.10
N GLN OA 31 -52.60 -36.07 0.29
CA GLN OA 31 -53.41 -35.71 1.44
C GLN OA 31 -54.87 -36.06 1.24
N ALA OA 32 -55.38 -35.94 0.01
CA ALA OA 32 -56.80 -36.21 -0.23
C ALA OA 32 -57.10 -37.69 -0.21
N ASN OA 33 -56.15 -38.52 -0.64
CA ASN OA 33 -56.37 -39.95 -0.62
C ASN OA 33 -56.29 -40.52 0.78
N GLU OA 34 -55.64 -39.82 1.71
CA GLU OA 34 -55.54 -40.30 3.07
C GLU OA 34 -56.79 -40.00 3.86
N VAL OA 35 -57.42 -38.84 3.60
CA VAL OA 35 -58.61 -38.45 4.35
C VAL OA 35 -59.78 -39.37 4.06
N ILE OA 36 -60.00 -39.70 2.79
CA ILE OA 36 -61.06 -40.62 2.40
C ILE OA 36 -60.82 -42.01 2.98
N ALA OA 37 -59.55 -42.40 3.12
CA ALA OA 37 -59.22 -43.66 3.74
C ALA OA 37 -59.60 -43.67 5.20
N VAL OA 38 -59.49 -42.52 5.87
CA VAL OA 38 -59.91 -42.43 7.25
C VAL OA 38 -61.43 -42.40 7.34
N LEU OA 39 -62.08 -41.67 6.44
CA LEU OA 39 -63.51 -41.48 6.52
C LEU OA 39 -64.27 -42.75 6.21
N GLN OA 40 -63.90 -43.44 5.13
CA GLN OA 40 -64.57 -44.70 4.80
C GLN OA 40 -64.25 -45.81 5.77
N MET OA 41 -63.21 -45.64 6.59
CA MET OA 41 -63.05 -46.55 7.73
C MET OA 41 -64.19 -46.38 8.72
N HIS OA 42 -64.62 -45.14 8.91
CA HIS OA 42 -65.65 -44.83 9.89
C HIS OA 42 -67.01 -44.64 9.25
N ASN OA 43 -67.25 -45.37 8.16
CA ASN OA 43 -68.57 -45.63 7.59
C ASN OA 43 -69.26 -44.37 7.07
N ILE OA 44 -68.51 -43.40 6.56
CA ILE OA 44 -69.15 -42.30 5.84
C ILE OA 44 -68.45 -42.16 4.50
N GLU OA 45 -69.23 -42.04 3.43
CA GLU OA 45 -68.62 -41.96 2.11
C GLU OA 45 -68.21 -40.53 1.81
N ALA OA 46 -67.17 -40.39 1.01
CA ALA OA 46 -66.71 -39.09 0.56
C ALA OA 46 -66.64 -39.07 -0.95
N ASN OA 47 -66.35 -37.90 -1.52
CA ASN OA 47 -66.29 -37.72 -2.96
C ASN OA 47 -65.09 -36.85 -3.27
N LYS OA 48 -64.01 -37.44 -3.79
CA LYS OA 48 -62.86 -36.63 -4.12
C LYS OA 48 -63.14 -35.83 -5.38
N ILE OA 49 -63.58 -34.60 -5.20
CA ILE OA 49 -63.90 -33.72 -6.31
C ILE OA 49 -62.65 -32.92 -6.63
N ASP OA 50 -62.05 -33.16 -7.79
CA ASP OA 50 -60.96 -32.33 -8.24
C ASP OA 50 -61.48 -30.96 -8.65
N SER OA 51 -60.74 -29.92 -8.30
CA SER OA 51 -61.06 -28.56 -8.71
C SER OA 51 -59.95 -27.97 -9.58
N GLY OA 52 -59.33 -28.81 -10.40
CA GLY OA 52 -58.29 -28.32 -11.29
C GLY OA 52 -56.97 -28.05 -10.61
N LYS OA 53 -56.42 -26.85 -10.87
CA LYS OA 53 -55.17 -26.39 -10.28
C LYS OA 53 -55.34 -25.87 -8.87
N LEU OA 54 -56.58 -25.72 -8.40
CA LEU OA 54 -56.87 -25.33 -7.03
C LEU OA 54 -56.95 -26.52 -6.09
N GLY OA 55 -56.36 -27.65 -6.45
CA GLY OA 55 -56.35 -28.81 -5.59
C GLY OA 55 -57.67 -29.54 -5.56
N TYR OA 56 -57.66 -30.68 -4.89
CA TYR OA 56 -58.84 -31.52 -4.74
C TYR OA 56 -59.82 -30.93 -3.75
N SER OA 57 -60.94 -31.60 -3.56
CA SER OA 57 -61.94 -31.18 -2.59
C SER OA 57 -62.71 -32.41 -2.16
N ILE OA 58 -63.09 -32.46 -0.90
CA ILE OA 58 -63.78 -33.60 -0.32
C ILE OA 58 -65.12 -33.11 0.21
N THR OA 59 -66.20 -33.69 -0.27
CA THR OA 59 -67.54 -33.32 0.16
C THR OA 59 -68.24 -34.55 0.71
N VAL OA 60 -68.89 -34.41 1.86
CA VAL OA 60 -69.66 -35.48 2.45
C VAL OA 60 -71.14 -35.08 2.42
N ALA OA 61 -71.99 -36.06 2.69
CA ALA OA 61 -73.42 -35.79 2.71
C ALA OA 61 -73.80 -35.05 3.98
N GLU OA 62 -74.98 -34.46 3.97
CA GLU OA 62 -75.44 -33.61 5.06
C GLU OA 62 -75.66 -34.33 6.40
N PRO OA 63 -76.22 -35.54 6.49
CA PRO OA 63 -76.30 -36.17 7.81
C PRO OA 63 -74.97 -36.64 8.36
N ASP OA 64 -73.96 -36.79 7.52
CA ASP OA 64 -72.64 -37.18 7.99
C ASP OA 64 -71.64 -36.06 8.04
N PHE OA 65 -72.03 -34.82 7.77
CA PHE OA 65 -71.08 -33.73 7.97
C PHE OA 65 -70.77 -33.54 9.43
N THR OA 66 -71.70 -33.90 10.31
CA THR OA 66 -71.46 -33.84 11.74
C THR OA 66 -70.40 -34.83 12.16
N ALA OA 67 -70.57 -36.08 11.76
CA ALA OA 67 -69.64 -37.13 12.18
C ALA OA 67 -68.29 -37.01 11.51
N ALA OA 68 -68.25 -36.52 10.27
CA ALA OA 68 -66.99 -36.47 9.55
C ALA OA 68 -66.08 -35.38 10.07
N VAL OA 69 -66.65 -34.27 10.54
CA VAL OA 69 -65.80 -33.20 11.07
C VAL OA 69 -65.29 -33.55 12.45
N TYR OA 70 -65.86 -34.57 13.10
CA TYR OA 70 -65.22 -35.12 14.28
C TYR OA 70 -63.96 -35.88 13.91
N TRP OA 71 -64.01 -36.71 12.88
CA TRP OA 71 -62.83 -37.49 12.54
C TRP OA 71 -61.78 -36.70 11.81
N ILE OA 72 -62.11 -35.49 11.34
CA ILE OA 72 -61.04 -34.59 10.93
C ILE OA 72 -60.28 -34.11 12.14
N LYS OA 73 -60.96 -33.95 13.27
CA LYS OA 73 -60.31 -33.39 14.44
C LYS OA 73 -59.40 -34.42 15.10
N THR OA 74 -59.89 -35.64 15.32
CA THR OA 74 -59.13 -36.61 16.09
C THR OA 74 -57.89 -37.09 15.34
N TYR OA 75 -58.02 -37.32 14.05
CA TYR OA 75 -56.87 -37.76 13.26
C TYR OA 75 -56.01 -36.61 12.80
N GLN OA 76 -56.44 -35.38 13.06
CA GLN OA 76 -55.76 -34.14 12.65
C GLN OA 76 -55.54 -34.10 11.14
N LEU OA 77 -56.54 -34.54 10.41
CA LEU OA 77 -56.52 -34.46 8.96
C LEU OA 77 -56.68 -33.01 8.53
N PRO OA 78 -56.13 -32.62 7.37
CA PRO OA 78 -55.28 -33.32 6.41
C PRO OA 78 -53.89 -33.54 6.95
N PRO OA 79 -53.23 -34.62 6.56
CA PRO OA 79 -51.92 -34.93 7.12
C PRO OA 79 -50.89 -33.92 6.68
N ARG OA 80 -50.02 -33.56 7.63
CA ARG OA 80 -48.88 -32.74 7.31
C ARG OA 80 -47.95 -33.51 6.39
N PRO OA 81 -47.16 -32.81 5.56
CA PRO OA 81 -46.24 -33.52 4.67
C PRO OA 81 -45.16 -34.23 5.47
N ARG OA 82 -44.91 -35.48 5.11
CA ARG OA 82 -44.05 -36.35 5.90
C ARG OA 82 -42.60 -35.87 5.82
N VAL OA 83 -42.08 -35.44 6.97
CA VAL OA 83 -40.84 -34.69 7.05
C VAL OA 83 -39.70 -35.65 7.39
N GLU OA 84 -38.61 -35.54 6.64
CA GLU OA 84 -37.34 -36.09 7.03
C GLU OA 84 -36.39 -34.94 7.33
N ILE OA 85 -35.25 -35.30 7.92
CA ILE OA 85 -34.40 -34.32 8.56
C ILE OA 85 -33.70 -33.46 7.50
N ALA OA 86 -33.45 -34.02 6.33
CA ALA OA 86 -32.67 -33.34 5.32
C ALA OA 86 -33.45 -32.30 4.55
N GLN OA 87 -34.75 -32.14 4.81
CA GLN OA 87 -35.49 -31.05 4.17
C GLN OA 87 -35.15 -29.69 4.77
N MET OA 88 -34.51 -29.67 5.93
CA MET OA 88 -34.18 -28.41 6.59
C MET OA 88 -32.69 -28.12 6.52
N PHE OA 89 -31.98 -28.75 5.60
CA PHE OA 89 -30.60 -28.43 5.27
C PHE OA 89 -30.45 -28.54 3.77
N PRO OA 90 -30.94 -27.55 3.02
CA PRO OA 90 -31.05 -27.75 1.56
C PRO OA 90 -29.72 -27.59 0.84
N ALA OA 91 -28.85 -26.71 1.34
CA ALA OA 91 -27.53 -26.40 0.76
C ALA OA 91 -27.63 -25.96 -0.69
N ASP OA 92 -28.32 -24.84 -0.91
CA ASP OA 92 -28.43 -24.31 -2.26
C ASP OA 92 -27.13 -23.63 -2.72
N SER OA 93 -26.67 -22.62 -1.97
CA SER OA 93 -25.42 -21.95 -2.29
C SER OA 93 -24.70 -21.52 -1.02
N LEU OA 94 -25.16 -21.98 0.14
CA LEU OA 94 -24.55 -21.62 1.40
C LEU OA 94 -23.37 -22.56 1.66
N VAL OA 95 -22.42 -22.08 2.49
CA VAL OA 95 -21.15 -22.78 2.68
C VAL OA 95 -21.32 -24.11 3.40
N SER OA 96 -22.42 -24.28 4.16
CA SER OA 96 -22.88 -25.56 4.69
C SER OA 96 -21.86 -26.21 5.61
N SER OA 97 -21.75 -25.62 6.81
CA SER OA 97 -20.97 -26.03 7.98
C SER OA 97 -21.05 -27.53 8.24
N PRO OA 98 -19.99 -28.14 8.78
CA PRO OA 98 -19.92 -29.62 8.85
C PRO OA 98 -20.98 -30.31 9.67
N ARG OA 99 -21.74 -29.58 10.47
CA ARG OA 99 -22.95 -30.12 11.05
C ARG OA 99 -24.02 -30.38 9.99
N ALA OA 100 -24.06 -29.56 8.94
CA ALA OA 100 -25.11 -29.71 7.95
C ALA OA 100 -24.86 -30.91 7.06
N GLU OA 101 -23.60 -31.30 6.88
CA GLU OA 101 -23.33 -32.49 6.09
C GLU OA 101 -23.78 -33.76 6.80
N LYS OA 102 -23.49 -33.91 8.10
CA LYS OA 102 -23.95 -35.12 8.79
C LYS OA 102 -25.44 -35.10 9.02
N ALA OA 103 -26.07 -33.92 8.98
CA ALA OA 103 -27.51 -33.87 9.12
C ALA OA 103 -28.19 -34.51 7.92
N ARG OA 104 -27.80 -34.11 6.70
CA ARG OA 104 -28.44 -34.71 5.54
C ARG OA 104 -27.79 -36.02 5.15
N LEU OA 105 -26.65 -36.35 5.73
CA LEU OA 105 -26.07 -37.68 5.49
C LEU OA 105 -26.90 -38.75 6.17
N TYR OA 106 -27.05 -38.65 7.49
CA TYR OA 106 -27.82 -39.63 8.24
C TYR OA 106 -29.29 -39.62 7.87
N SER OA 107 -29.81 -38.46 7.44
CA SER OA 107 -31.22 -38.38 7.06
C SER OA 107 -31.49 -39.16 5.80
N ALA OA 108 -30.55 -39.14 4.85
CA ALA OA 108 -30.70 -39.96 3.67
C ALA OA 108 -30.52 -41.44 4.00
N ILE OA 109 -29.78 -41.75 5.06
CA ILE OA 109 -29.69 -43.14 5.48
C ILE OA 109 -30.96 -43.57 6.18
N GLU OA 110 -31.62 -42.66 6.90
CA GLU OA 110 -32.92 -42.97 7.49
C GLU OA 110 -33.96 -43.29 6.42
N GLN OA 111 -33.92 -42.58 5.31
CA GLN OA 111 -34.87 -42.82 4.24
C GLN OA 111 -34.54 -44.13 3.54
N ARG OA 112 -33.27 -44.40 3.32
CA ARG OA 112 -32.90 -45.53 2.47
C ARG OA 112 -33.07 -46.86 3.18
N LEU OA 113 -32.85 -46.91 4.49
CA LEU OA 113 -33.18 -48.11 5.25
C LEU OA 113 -34.68 -48.30 5.35
N GLU OA 114 -35.44 -47.20 5.36
CA GLU OA 114 -36.89 -47.30 5.31
C GLU OA 114 -37.35 -47.87 3.99
N GLN OA 115 -36.72 -47.46 2.88
CA GLN OA 115 -37.06 -48.01 1.57
C GLN OA 115 -36.71 -49.48 1.44
N SER OA 116 -35.79 -49.98 2.25
CA SER OA 116 -35.31 -51.34 2.11
C SER OA 116 -36.07 -52.33 2.99
N LEU OA 117 -36.45 -51.91 4.20
CA LEU OA 117 -37.32 -52.75 5.02
C LEU OA 117 -38.66 -52.96 4.36
N GLN OA 118 -39.12 -51.96 3.61
CA GLN OA 118 -40.39 -52.05 2.93
C GLN OA 118 -40.40 -53.11 1.85
N THR OA 119 -39.22 -53.50 1.35
CA THR OA 119 -39.09 -54.57 0.38
C THR OA 119 -38.59 -55.86 1.01
N MET OA 120 -38.93 -56.13 2.26
CA MET OA 120 -38.71 -57.46 2.82
C MET OA 120 -39.93 -58.32 2.55
N GLU OA 121 -40.00 -59.47 3.19
CA GLU OA 121 -41.11 -60.39 2.99
C GLU OA 121 -42.23 -60.01 3.93
N GLY OA 122 -43.25 -59.34 3.40
CA GLY OA 122 -44.45 -59.05 4.15
C GLY OA 122 -44.50 -57.69 4.82
N VAL OA 123 -43.42 -56.93 4.83
CA VAL OA 123 -43.49 -55.61 5.44
C VAL OA 123 -44.25 -54.69 4.50
N LEU OA 124 -45.36 -54.15 4.98
CA LEU OA 124 -46.12 -53.19 4.18
C LEU OA 124 -45.44 -51.83 4.20
N SER OA 125 -45.15 -51.34 5.40
CA SER OA 125 -44.56 -50.02 5.57
C SER OA 125 -43.53 -50.07 6.67
N ALA OA 126 -42.67 -49.07 6.70
CA ALA OA 126 -41.60 -49.06 7.69
C ALA OA 126 -41.19 -47.63 7.99
N ARG OA 127 -40.66 -47.42 9.18
CA ARG OA 127 -40.06 -46.16 9.61
C ARG OA 127 -38.79 -46.48 10.36
N VAL OA 128 -37.73 -45.73 10.10
CA VAL OA 128 -36.43 -45.94 10.73
C VAL OA 128 -35.91 -44.61 11.22
N HIS OA 129 -35.50 -44.56 12.50
CA HIS OA 129 -34.86 -43.40 13.07
C HIS OA 129 -33.45 -43.74 13.47
N ILE OA 130 -32.56 -42.76 13.39
CA ILE OA 130 -31.16 -42.93 13.76
C ILE OA 130 -30.86 -41.94 14.87
N SER OA 131 -30.16 -42.38 15.90
CA SER OA 131 -29.66 -41.48 16.91
C SER OA 131 -28.61 -40.55 16.31
N TYR OA 132 -28.80 -39.26 16.48
CA TYR OA 132 -27.90 -38.28 15.89
C TYR OA 132 -26.91 -37.81 16.95
N ASP OA 133 -25.79 -38.53 17.06
CA ASP OA 133 -24.62 -38.02 17.76
C ASP OA 133 -23.90 -37.13 16.76
N ILE OA 134 -24.03 -35.82 16.93
CA ILE OA 134 -23.52 -34.88 15.96
C ILE OA 134 -22.33 -34.10 16.50
N ASP OA 135 -22.38 -33.69 17.75
CA ASP OA 135 -21.37 -32.81 18.30
C ASP OA 135 -20.19 -33.57 18.91
N ALA OA 136 -19.86 -34.74 18.35
CA ALA OA 136 -18.75 -35.53 18.87
C ALA OA 136 -17.41 -34.86 18.62
N GLY OA 137 -17.23 -34.27 17.43
CA GLY OA 137 -16.00 -33.57 17.12
C GLY OA 137 -15.87 -32.22 17.80
N GLU OA 138 -16.99 -31.56 18.07
CA GLU OA 138 -16.95 -30.24 18.69
C GLU OA 138 -16.66 -30.31 20.18
N ASN OA 139 -17.06 -31.39 20.84
CA ASN OA 139 -16.71 -31.58 22.25
C ASN OA 139 -15.31 -32.17 22.44
N GLY OA 140 -14.69 -32.67 21.39
CA GLY OA 140 -13.40 -33.32 21.54
C GLY OA 140 -13.49 -34.67 22.23
N ARG OA 141 -14.47 -35.48 21.84
CA ARG OA 141 -14.76 -36.74 22.49
C ARG OA 141 -14.94 -37.84 21.42
N PRO OA 142 -14.73 -39.10 21.81
CA PRO OA 142 -15.14 -40.19 20.92
C PRO OA 142 -16.66 -40.26 20.84
N PRO OA 143 -17.19 -40.62 19.69
CA PRO OA 143 -18.64 -40.56 19.51
C PRO OA 143 -19.36 -41.68 20.23
N LYS OA 144 -20.64 -41.48 20.40
CA LYS OA 144 -21.49 -42.41 21.10
C LYS OA 144 -21.83 -43.57 20.18
N PRO OA 145 -22.25 -44.71 20.73
CA PRO OA 145 -22.76 -45.79 19.87
C PRO OA 145 -24.03 -45.35 19.19
N VAL OA 146 -24.23 -45.86 17.98
CA VAL OA 146 -25.40 -45.51 17.21
C VAL OA 146 -26.58 -46.34 17.69
N HIS OA 147 -27.67 -45.66 18.00
CA HIS OA 147 -28.92 -46.28 18.38
C HIS OA 147 -29.91 -46.08 17.25
N LEU OA 148 -30.82 -47.02 17.08
CA LEU OA 148 -31.80 -46.87 16.01
C LEU OA 148 -33.08 -47.61 16.32
N SER OA 149 -34.18 -47.08 15.81
CA SER OA 149 -35.51 -47.60 16.06
C SER OA 149 -36.17 -47.95 14.74
N ALA OA 150 -37.11 -48.89 14.78
CA ALA OA 150 -37.76 -49.31 13.56
C ALA OA 150 -39.21 -49.68 13.82
N LEU OA 151 -40.08 -49.27 12.91
CA LEU OA 151 -41.48 -49.67 12.90
C LEU OA 151 -41.74 -50.48 11.64
N ALA OA 152 -42.75 -51.35 11.69
CA ALA OA 152 -42.98 -52.27 10.59
C ALA OA 152 -44.41 -52.77 10.67
N VAL OA 153 -45.10 -52.77 9.53
CA VAL OA 153 -46.48 -53.18 9.47
C VAL OA 153 -46.55 -54.44 8.62
N TYR OA 154 -46.81 -55.57 9.25
CA TYR OA 154 -46.87 -56.85 8.56
C TYR OA 154 -48.29 -57.18 8.11
N GLU OA 155 -48.42 -58.30 7.41
CA GLU OA 155 -49.75 -58.78 7.03
C GLU OA 155 -50.47 -59.35 8.23
N ARG OA 156 -51.73 -59.67 8.02
CA ARG OA 156 -52.41 -60.61 8.89
C ARG OA 156 -51.76 -61.99 8.76
N GLY OA 157 -51.90 -62.79 9.82
CA GLY OA 157 -51.49 -64.17 9.77
C GLY OA 157 -50.01 -64.43 9.90
N SER OA 158 -49.16 -63.42 9.82
CA SER OA 158 -47.74 -63.65 9.99
C SER OA 158 -47.42 -63.86 11.47
N PRO OA 159 -46.54 -64.79 11.79
CA PRO OA 159 -46.11 -64.95 13.19
C PRO OA 159 -45.09 -63.91 13.61
N LEU OA 160 -45.58 -62.75 14.08
CA LEU OA 160 -44.76 -61.55 14.30
C LEU OA 160 -43.60 -61.73 15.28
N ALA OA 161 -43.62 -62.76 16.11
CA ALA OA 161 -42.53 -62.96 17.06
C ALA OA 161 -41.27 -63.54 16.43
N HIS OA 162 -41.23 -63.76 15.13
CA HIS OA 162 -40.06 -64.33 14.47
C HIS OA 162 -39.49 -63.45 13.38
N GLN OA 163 -40.27 -62.55 12.80
CA GLN OA 163 -39.71 -61.56 11.90
C GLN OA 163 -39.03 -60.43 12.65
N ILE OA 164 -39.11 -60.43 13.98
CA ILE OA 164 -38.40 -59.46 14.79
C ILE OA 164 -36.90 -59.71 14.72
N SER OA 165 -36.48 -60.96 14.47
CA SER OA 165 -35.07 -61.28 14.43
C SER OA 165 -34.45 -60.92 13.09
N ASP OA 166 -35.23 -60.97 12.01
CA ASP OA 166 -34.70 -60.66 10.69
C ASP OA 166 -34.34 -59.19 10.57
N ILE OA 167 -35.24 -58.31 11.00
CA ILE OA 167 -34.99 -56.88 10.96
C ILE OA 167 -33.81 -56.54 11.85
N LYS OA 168 -33.83 -57.03 13.08
CA LYS OA 168 -32.81 -56.73 14.07
C LYS OA 168 -31.45 -57.30 13.68
N ARG OA 169 -31.41 -58.34 12.84
CA ARG OA 169 -30.16 -58.78 12.24
C ARG OA 169 -29.78 -57.92 11.05
N PHE OA 170 -30.77 -57.48 10.30
CA PHE OA 170 -30.54 -56.72 9.07
C PHE OA 170 -29.84 -55.41 9.34
N LEU OA 171 -30.46 -54.56 10.14
CA LEU OA 171 -29.92 -53.21 10.26
C LEU OA 171 -29.01 -53.06 11.47
N LYS OA 172 -28.57 -54.16 12.07
CA LYS OA 172 -27.36 -54.12 12.86
C LYS OA 172 -26.18 -53.70 12.01
N ASN OA 173 -25.85 -54.52 11.02
CA ASN OA 173 -24.69 -54.28 10.20
C ASN OA 173 -24.92 -53.26 9.12
N SER OA 174 -25.97 -52.45 9.21
CA SER OA 174 -26.09 -51.30 8.35
C SER OA 174 -25.40 -50.08 8.94
N PHE OA 175 -24.81 -50.21 10.13
CA PHE OA 175 -24.06 -49.15 10.76
C PHE OA 175 -22.82 -49.70 11.43
N ALA OA 176 -21.98 -48.77 11.89
CA ALA OA 176 -20.61 -49.12 12.26
C ALA OA 176 -20.56 -49.80 13.62
N ASP OA 177 -20.98 -49.12 14.68
CA ASP OA 177 -20.86 -49.64 16.03
C ASP OA 177 -22.23 -49.67 16.71
N VAL OA 178 -23.02 -50.69 16.42
CA VAL OA 178 -24.29 -50.87 17.11
C VAL OA 178 -24.28 -52.26 17.75
N ASP OA 179 -25.26 -52.49 18.62
CA ASP OA 179 -25.41 -53.77 19.26
C ASP OA 179 -26.80 -54.30 19.01
N TYR OA 180 -27.17 -55.37 19.68
CA TYR OA 180 -28.53 -55.87 19.70
C TYR OA 180 -29.34 -55.28 20.84
N ASP OA 181 -28.80 -54.26 21.50
CA ASP OA 181 -29.50 -53.53 22.53
C ASP OA 181 -29.79 -52.11 22.13
N ASN OA 182 -29.10 -51.59 21.12
CA ASN OA 182 -29.36 -50.27 20.61
C ASN OA 182 -30.38 -50.26 19.49
N ILE OA 183 -30.99 -51.41 19.21
CA ILE OA 183 -31.97 -51.55 18.14
C ILE OA 183 -33.30 -51.83 18.77
N SER OA 184 -34.28 -50.96 18.51
CA SER OA 184 -35.60 -51.08 19.11
C SER OA 184 -36.64 -51.19 18.01
N VAL OA 185 -37.12 -52.40 17.76
CA VAL OA 185 -38.06 -52.66 16.68
C VAL OA 185 -39.36 -53.09 17.30
N VAL OA 186 -40.41 -52.30 17.09
CA VAL OA 186 -41.74 -52.59 17.59
C VAL OA 186 -42.65 -52.72 16.38
N LEU OA 187 -42.83 -53.95 15.91
CA LEU OA 187 -43.58 -54.22 14.71
C LEU OA 187 -44.98 -54.75 15.03
N SER OA 188 -45.94 -54.29 14.25
CA SER OA 188 -47.35 -54.51 14.52
C SER OA 188 -48.06 -54.86 13.24
N GLU OA 189 -48.91 -55.89 13.28
CA GLU OA 189 -49.61 -56.31 12.07
C GLU OA 189 -50.67 -55.29 11.70
N ARG OA 190 -51.07 -55.32 10.43
CA ARG OA 190 -51.97 -54.28 9.94
C ARG OA 190 -53.38 -54.50 10.47
N SER OA 191 -54.22 -53.50 10.26
CA SER OA 191 -55.59 -53.54 10.74
C SER OA 191 -56.42 -54.46 9.86
N ASP OA 192 -57.71 -54.53 10.19
CA ASP OA 192 -58.64 -55.27 9.35
C ASP OA 192 -58.82 -54.54 8.03
N ALA OA 193 -59.04 -55.31 6.97
CA ALA OA 193 -59.13 -54.74 5.65
C ALA OA 193 -60.46 -54.03 5.46
N GLN OA 194 -60.41 -52.80 5.00
CA GLN OA 194 -61.61 -52.04 4.65
C GLN OA 194 -61.87 -52.27 3.18
N LEU OA 195 -62.73 -53.25 2.88
CA LEU OA 195 -63.05 -53.62 1.53
C LEU OA 195 -64.52 -53.38 1.21
N GLN OA 196 -65.24 -52.75 2.14
CA GLN OA 196 -66.68 -52.83 2.21
C GLN OA 196 -67.27 -51.44 2.02
N ALA OA 197 -68.30 -51.34 1.20
CA ALA OA 197 -68.85 -50.05 0.83
C ALA OA 197 -69.55 -49.41 2.02
N PRO OA 198 -69.29 -48.13 2.30
CA PRO OA 198 -69.92 -47.45 3.44
C PRO OA 198 -71.42 -47.33 3.32
N GLY OA 199 -71.89 -46.71 2.25
CA GLY OA 199 -73.32 -46.58 2.05
C GLY OA 199 -73.80 -45.16 2.10
N THR OA 200 -74.61 -44.77 1.11
CA THR OA 200 -75.28 -43.49 1.13
C THR OA 200 -76.36 -43.48 2.21
N PRO OA 201 -76.60 -42.33 2.84
CA PRO OA 201 -77.66 -42.25 3.85
C PRO OA 201 -79.05 -42.42 3.23
N VAL OA 202 -80.01 -42.71 4.10
CA VAL OA 202 -81.40 -42.90 3.68
C VAL OA 202 -82.06 -41.54 3.60
N LYS OA 203 -83.16 -41.48 2.85
CA LYS OA 203 -83.88 -40.23 2.64
C LYS OA 203 -85.16 -40.17 3.45
N ALA PA 171 -74.80 -65.88 -9.87
CA ALA PA 171 -73.95 -66.65 -10.77
C ALA PA 171 -73.15 -67.69 -9.99
N GLU PA 172 -72.39 -68.50 -10.71
CA GLU PA 172 -71.56 -69.52 -10.07
C GLU PA 172 -70.35 -68.87 -9.42
N LEU PA 173 -70.14 -69.15 -8.14
CA LEU PA 173 -69.05 -68.52 -7.40
C LEU PA 173 -67.69 -69.05 -7.84
N ASP PA 174 -67.65 -70.25 -8.42
CA ASP PA 174 -66.43 -70.76 -9.02
C ASP PA 174 -65.96 -69.92 -10.21
N SER PA 175 -66.87 -69.18 -10.85
CA SER PA 175 -66.49 -68.26 -11.90
C SER PA 175 -66.54 -66.80 -11.47
N LEU PA 176 -67.25 -66.47 -10.38
CA LEU PA 176 -67.16 -65.12 -9.83
C LEU PA 176 -65.80 -64.85 -9.22
N LEU PA 177 -65.10 -65.90 -8.78
CA LEU PA 177 -63.72 -65.79 -8.35
C LEU PA 177 -62.83 -65.82 -9.58
N GLY PA 178 -61.54 -66.01 -9.40
CA GLY PA 178 -60.61 -65.92 -10.51
C GLY PA 178 -60.72 -67.07 -11.50
N GLN PA 179 -59.82 -67.02 -12.49
CA GLN PA 179 -59.81 -67.99 -13.58
C GLN PA 179 -59.42 -69.39 -13.09
N GLU PA 180 -58.57 -69.47 -12.07
CA GLU PA 180 -58.06 -70.75 -11.60
C GLU PA 180 -59.04 -71.37 -10.62
N LYS PA 181 -59.55 -72.56 -10.96
CA LYS PA 181 -60.54 -73.19 -10.11
C LYS PA 181 -59.90 -73.87 -8.91
N GLU PA 182 -58.64 -74.32 -9.06
CA GLU PA 182 -58.00 -75.12 -8.03
C GLU PA 182 -57.61 -74.32 -6.80
N ARG PA 183 -57.58 -73.00 -6.89
CA ARG PA 183 -57.10 -72.19 -5.77
C ARG PA 183 -58.12 -72.10 -4.65
N PHE PA 184 -59.41 -72.08 -4.98
CA PHE PA 184 -60.45 -72.00 -3.98
C PHE PA 184 -61.28 -73.28 -4.01
N GLN PA 185 -62.06 -73.48 -2.95
CA GLN PA 185 -62.95 -74.64 -2.87
C GLN PA 185 -64.20 -74.22 -2.13
N VAL PA 186 -65.31 -74.09 -2.84
CA VAL PA 186 -66.54 -73.63 -2.24
C VAL PA 186 -67.13 -74.74 -1.36
N LEU PA 187 -67.85 -74.33 -0.33
CA LEU PA 187 -68.35 -75.26 0.66
C LEU PA 187 -69.79 -74.93 1.03
N PRO PA 188 -70.75 -75.72 0.58
CA PRO PA 188 -72.15 -75.46 0.92
C PRO PA 188 -72.47 -75.83 2.36
N GLY PA 189 -72.30 -74.87 3.27
CA GLY PA 189 -72.58 -75.10 4.68
C GLY PA 189 -74.05 -75.37 4.97
N ARG PA 190 -74.29 -75.82 6.20
CA ARG PA 190 -75.60 -76.33 6.59
C ARG PA 190 -76.57 -75.23 6.99
N ASP PA 191 -76.09 -74.02 7.31
CA ASP PA 191 -76.95 -72.96 7.83
C ASP PA 191 -77.28 -71.89 6.79
N LYS PA 192 -77.47 -72.32 5.54
CA LYS PA 192 -77.89 -71.59 4.34
C LYS PA 192 -76.80 -70.68 3.78
N MET PA 193 -75.69 -70.52 4.49
CA MET PA 193 -74.61 -69.67 4.03
C MET PA 193 -73.56 -70.54 3.34
N LEU PA 194 -73.05 -70.06 2.22
CA LEU PA 194 -72.01 -70.75 1.46
C LEU PA 194 -70.65 -70.24 1.92
N TYR PA 195 -69.65 -71.10 1.88
CA TYR PA 195 -68.31 -70.77 2.34
C TYR PA 195 -67.30 -71.08 1.24
N VAL PA 196 -66.24 -70.28 1.17
CA VAL PA 196 -65.16 -70.48 0.22
C VAL PA 196 -63.84 -70.49 0.97
N ALA PA 197 -63.08 -71.58 0.81
CA ALA PA 197 -61.91 -71.83 1.63
C ALA PA 197 -60.66 -71.37 0.89
N ALA PA 198 -60.10 -70.25 1.33
CA ALA PA 198 -58.84 -69.81 0.76
C ALA PA 198 -57.69 -70.62 1.34
N GLN PA 199 -56.50 -70.39 0.81
CA GLN PA 199 -55.32 -71.11 1.27
C GLN PA 199 -54.37 -70.26 2.09
N ASN PA 200 -54.27 -68.97 1.80
CA ASN PA 200 -53.43 -68.07 2.58
C ASN PA 200 -54.06 -66.70 2.59
N GLU PA 201 -53.29 -65.69 3.02
CA GLU PA 201 -53.86 -64.36 3.16
C GLU PA 201 -53.77 -63.52 1.88
N ARG PA 202 -53.23 -64.06 0.79
CA ARG PA 202 -53.47 -63.39 -0.48
C ARG PA 202 -54.75 -63.87 -1.11
N ASP PA 203 -55.03 -65.16 -1.04
CA ASP PA 203 -56.27 -65.69 -1.58
C ASP PA 203 -57.47 -65.27 -0.76
N THR PA 204 -57.28 -65.00 0.52
CA THR PA 204 -58.37 -64.51 1.34
C THR PA 204 -58.76 -63.11 0.93
N LEU PA 205 -57.78 -62.23 0.72
CA LEU PA 205 -58.07 -60.91 0.19
C LEU PA 205 -58.46 -60.96 -1.28
N TRP PA 206 -58.17 -62.05 -1.97
CA TRP PA 206 -58.71 -62.24 -3.31
C TRP PA 206 -60.20 -62.54 -3.25
N ALA PA 207 -60.61 -63.36 -2.29
CA ALA PA 207 -62.00 -63.79 -2.23
C ALA PA 207 -62.86 -62.92 -1.33
N ARG PA 208 -62.27 -62.25 -0.34
CA ARG PA 208 -63.02 -61.23 0.38
C ARG PA 208 -63.15 -59.95 -0.41
N GLN PA 209 -62.47 -59.83 -1.54
CA GLN PA 209 -62.70 -58.67 -2.39
C GLN PA 209 -63.95 -58.85 -3.22
N VAL PA 210 -64.16 -60.06 -3.75
CA VAL PA 210 -65.31 -60.34 -4.59
C VAL PA 210 -66.61 -60.21 -3.82
N LEU PA 211 -66.68 -60.81 -2.65
CA LEU PA 211 -67.93 -60.89 -1.91
C LEU PA 211 -68.33 -59.56 -1.28
N ALA PA 212 -67.40 -58.63 -1.10
CA ALA PA 212 -67.73 -57.35 -0.51
C ALA PA 212 -67.91 -56.25 -1.54
N ARG PA 213 -67.37 -56.45 -2.74
CA ARG PA 213 -67.55 -55.49 -3.82
C ARG PA 213 -68.94 -55.56 -4.42
N GLY PA 214 -69.51 -56.74 -4.49
CA GLY PA 214 -70.67 -56.90 -5.34
C GLY PA 214 -71.65 -57.91 -4.81
N ASP PA 215 -72.14 -58.78 -5.68
CA ASP PA 215 -73.28 -59.63 -5.37
C ASP PA 215 -72.97 -61.10 -5.60
N TYR PA 216 -73.32 -61.90 -4.61
CA TYR PA 216 -73.68 -63.30 -4.79
C TYR PA 216 -75.11 -63.38 -4.27
N ASP PA 217 -75.96 -64.16 -4.93
CA ASP PA 217 -77.39 -64.14 -4.57
C ASP PA 217 -77.70 -65.03 -3.38
N LYS PA 218 -76.89 -64.94 -2.32
CA LYS PA 218 -76.96 -65.63 -1.04
C LYS PA 218 -75.79 -65.07 -0.24
N ASN PA 219 -75.75 -65.38 1.05
CA ASN PA 219 -74.64 -64.97 1.87
C ASN PA 219 -73.42 -65.84 1.59
N ALA PA 220 -72.24 -65.24 1.62
CA ALA PA 220 -71.00 -65.96 1.36
C ALA PA 220 -69.90 -65.41 2.24
N ARG PA 221 -69.03 -66.29 2.71
CA ARG PA 221 -68.11 -65.96 3.81
C ARG PA 221 -66.82 -66.73 3.63
N VAL PA 222 -65.71 -66.02 3.52
CA VAL PA 222 -64.41 -66.65 3.27
C VAL PA 222 -63.85 -67.13 4.59
N ILE PA 223 -63.46 -68.40 4.64
CA ILE PA 223 -62.78 -68.94 5.81
C ILE PA 223 -61.35 -69.28 5.42
N ASN PA 224 -60.45 -69.15 6.39
CA ASN PA 224 -59.03 -69.40 6.17
C ASN PA 224 -58.63 -70.58 7.04
N GLU PA 225 -57.42 -71.07 6.83
CA GLU PA 225 -56.95 -72.19 7.64
C GLU PA 225 -56.37 -71.67 8.95
N ASN PA 226 -55.66 -70.55 8.89
CA ASN PA 226 -54.99 -70.01 10.07
C ASN PA 226 -55.80 -68.94 10.78
N GLU PA 227 -57.00 -68.62 10.30
CA GLU PA 227 -57.82 -67.65 11.01
C GLU PA 227 -59.03 -68.32 11.64
N GLU PA 228 -59.66 -69.26 10.92
CA GLU PA 228 -60.77 -70.02 11.48
C GLU PA 228 -60.28 -70.93 12.60
N ASN PA 229 -59.02 -71.38 12.51
CA ASN PA 229 -58.36 -72.02 13.63
C ASN PA 229 -58.33 -71.11 14.84
N LYS PA 230 -58.00 -69.84 14.63
CA LYS PA 230 -57.93 -68.91 15.74
C LYS PA 230 -59.32 -68.48 16.20
N ARG PA 231 -60.31 -68.51 15.30
CA ARG PA 231 -61.67 -68.12 15.68
C ARG PA 231 -62.29 -69.13 16.63
N ILE PA 232 -62.00 -70.42 16.42
CA ILE PA 232 -62.55 -71.46 17.28
C ILE PA 232 -61.98 -71.35 18.68
N SER PA 233 -60.69 -71.02 18.78
CA SER PA 233 -60.04 -70.87 20.08
C SER PA 233 -60.56 -69.69 20.88
N ILE PA 234 -61.19 -68.71 20.22
CA ILE PA 234 -61.86 -67.65 20.96
C ILE PA 234 -63.17 -68.18 21.55
N TRP PA 235 -63.80 -69.13 20.86
CA TRP PA 235 -64.94 -69.83 21.42
C TRP PA 235 -64.51 -70.91 22.41
N LEU PA 236 -63.39 -71.56 22.14
CA LEU PA 236 -63.06 -72.78 22.84
C LEU PA 236 -62.48 -72.51 24.21
N ASP PA 237 -61.85 -71.35 24.43
CA ASP PA 237 -61.29 -71.10 25.75
C ASP PA 237 -62.36 -70.73 26.78
N THR PA 238 -63.54 -70.31 26.33
CA THR PA 238 -64.64 -70.08 27.27
C THR PA 238 -65.37 -71.37 27.60
N TYR PA 239 -65.82 -72.09 26.59
CA TYR PA 239 -66.65 -73.25 26.82
C TYR PA 239 -65.85 -74.51 27.12
N TYR PA 240 -64.56 -74.51 26.85
CA TYR PA 240 -63.66 -75.56 27.32
C TYR PA 240 -62.31 -74.99 27.70
N PRO PA 241 -62.21 -74.32 28.85
CA PRO PA 241 -60.88 -73.99 29.38
C PRO PA 241 -60.26 -75.25 29.95
N GLN PA 242 -58.93 -75.17 30.18
CA GLN PA 242 -58.09 -76.32 30.54
C GLN PA 242 -58.21 -77.45 29.52
N LEU PA 243 -58.39 -77.11 28.26
CA LEU PA 243 -58.39 -78.09 27.19
C LEU PA 243 -57.03 -78.07 26.51
N ALA PA 244 -56.41 -79.23 26.39
CA ALA PA 244 -55.10 -79.34 25.77
C ALA PA 244 -55.29 -79.84 24.35
N TYR PA 245 -55.08 -78.96 23.39
CA TYR PA 245 -55.24 -79.26 21.98
C TYR PA 245 -54.14 -78.53 21.24
N TYR PA 246 -53.87 -78.97 20.02
CA TYR PA 246 -52.80 -78.37 19.25
C TYR PA 246 -53.31 -77.39 18.21
N ARG PA 247 -54.12 -77.87 17.28
CA ARG PA 247 -54.40 -77.16 16.03
C ARG PA 247 -55.48 -77.91 15.29
N ILE PA 248 -56.37 -77.19 14.64
CA ILE PA 248 -57.35 -77.79 13.75
C ILE PA 248 -56.80 -77.69 12.32
N HIS PA 249 -57.18 -78.63 11.46
CA HIS PA 249 -56.55 -78.76 10.17
C HIS PA 249 -57.58 -78.85 9.05
N PHE PA 250 -57.42 -78.00 8.04
CA PHE PA 250 -58.38 -77.79 6.98
C PHE PA 250 -57.83 -78.22 5.62
N ASP PA 251 -57.13 -79.35 5.59
CA ASP PA 251 -56.61 -79.84 4.31
C ASP PA 251 -57.74 -80.38 3.45
N GLU PA 252 -58.60 -81.21 4.03
CA GLU PA 252 -59.89 -81.55 3.45
C GLU PA 252 -60.93 -80.78 4.25
N PRO PA 253 -61.38 -79.61 3.78
CA PRO PA 253 -62.23 -78.75 4.60
C PRO PA 253 -63.64 -79.26 4.81
N ARG PA 254 -64.04 -80.34 4.13
CA ARG PA 254 -65.31 -80.97 4.43
C ARG PA 254 -65.29 -81.61 5.81
N LYS PA 255 -64.15 -82.14 6.24
CA LYS PA 255 -64.07 -82.62 7.61
C LYS PA 255 -62.70 -82.34 8.20
N PRO PA 256 -62.62 -81.54 9.26
CA PRO PA 256 -61.33 -81.19 9.84
C PRO PA 256 -60.83 -82.22 10.84
N VAL PA 257 -59.51 -82.26 10.96
CA VAL PA 257 -58.84 -83.13 11.92
C VAL PA 257 -58.31 -82.25 13.03
N PHE PA 258 -58.89 -82.40 14.21
CA PHE PA 258 -58.62 -81.53 15.35
C PHE PA 258 -57.83 -82.31 16.39
N TRP PA 259 -56.52 -82.06 16.44
CA TRP PA 259 -55.63 -82.82 17.31
C TRP PA 259 -55.86 -82.43 18.77
N LEU PA 260 -55.68 -83.39 19.66
CA LEU PA 260 -55.69 -83.13 21.09
C LEU PA 260 -54.50 -83.83 21.73
N SER PA 261 -54.19 -83.38 22.95
CA SER PA 261 -53.19 -84.06 23.76
C SER PA 261 -53.81 -85.34 24.31
N ARG PA 262 -53.18 -86.48 24.02
CA ARG PA 262 -53.60 -87.71 24.66
C ARG PA 262 -53.30 -87.70 26.15
N GLN PA 263 -52.22 -87.03 26.53
CA GLN PA 263 -51.76 -87.09 27.91
C GLN PA 263 -52.53 -86.14 28.81
N ARG PA 264 -52.72 -84.90 28.37
CA ARG PA 264 -53.24 -83.86 29.24
C ARG PA 264 -54.75 -83.66 29.12
N ASN PA 265 -55.47 -84.65 28.58
CA ASN PA 265 -56.92 -84.57 28.47
C ASN PA 265 -57.55 -85.68 29.28
N THR PA 266 -58.34 -85.29 30.28
CA THR PA 266 -59.08 -86.21 31.12
C THR PA 266 -60.51 -86.41 30.65
N MET PA 267 -60.83 -85.90 29.45
CA MET PA 267 -62.15 -86.08 28.90
C MET PA 267 -62.38 -87.54 28.50
N SER PA 268 -63.56 -88.05 28.83
CA SER PA 268 -63.91 -89.41 28.48
C SER PA 268 -64.44 -89.42 27.05
N LYS PA 269 -64.69 -90.62 26.51
CA LYS PA 269 -65.10 -90.74 25.11
C LYS PA 269 -66.56 -90.38 24.91
N LYS PA 270 -67.31 -90.21 26.00
CA LYS PA 270 -68.69 -89.74 25.90
C LYS PA 270 -68.73 -88.29 25.44
N GLU PA 271 -68.19 -87.37 26.24
CA GLU PA 271 -68.25 -85.96 25.92
C GLU PA 271 -67.25 -85.55 24.85
N LEU PA 272 -66.30 -86.41 24.50
CA LEU PA 272 -65.46 -86.13 23.34
C LEU PA 272 -66.24 -86.22 22.05
N GLU PA 273 -67.26 -87.08 22.01
CA GLU PA 273 -68.17 -87.08 20.88
C GLU PA 273 -69.13 -85.90 20.93
N VAL PA 274 -69.42 -85.40 22.15
CA VAL PA 274 -70.11 -84.12 22.27
C VAL PA 274 -69.24 -83.00 21.75
N LEU PA 275 -67.93 -83.09 22.00
CA LEU PA 275 -66.98 -82.09 21.51
C LEU PA 275 -66.84 -82.15 20.00
N SER PA 276 -67.08 -83.30 19.37
CA SER PA 276 -67.16 -83.37 17.93
C SER PA 276 -68.49 -82.83 17.40
N GLN PA 277 -69.44 -82.52 18.27
CA GLN PA 277 -70.69 -81.91 17.87
C GLN PA 277 -70.81 -80.44 18.28
N LYS PA 278 -70.08 -80.01 19.30
CA LYS PA 278 -70.02 -78.58 19.61
C LYS PA 278 -69.25 -77.81 18.55
N LEU PA 279 -68.22 -78.43 17.96
CA LEU PA 279 -67.44 -77.73 16.94
C LEU PA 279 -68.19 -77.64 15.63
N ARG PA 280 -69.10 -78.57 15.35
CA ARG PA 280 -69.89 -78.50 14.13
C ARG PA 280 -70.88 -77.36 14.14
N ALA PA 281 -71.25 -76.87 15.33
CA ALA PA 281 -72.07 -75.67 15.40
C ALA PA 281 -71.28 -74.43 15.02
N LEU PA 282 -69.95 -74.49 15.07
CA LEU PA 282 -69.11 -73.38 14.65
C LEU PA 282 -68.66 -73.48 13.21
N MET PA 283 -68.60 -74.69 12.66
CA MET PA 283 -68.16 -74.93 11.29
C MET PA 283 -69.31 -75.59 10.55
N PRO PA 284 -70.23 -74.81 9.98
CA PRO PA 284 -71.37 -75.41 9.28
C PRO PA 284 -70.97 -76.11 8.00
N TYR PA 285 -69.90 -75.66 7.37
CA TYR PA 285 -69.34 -76.32 6.20
C TYR PA 285 -68.77 -77.69 6.51
N ALA PA 286 -68.43 -77.95 7.78
CA ALA PA 286 -67.80 -79.20 8.14
C ALA PA 286 -68.81 -80.33 8.18
N ASP PA 287 -68.35 -81.53 7.81
CA ASP PA 287 -69.21 -82.70 7.92
C ASP PA 287 -69.22 -83.24 9.34
N SER PA 288 -68.05 -83.69 9.81
CA SER PA 288 -67.91 -84.20 11.17
C SER PA 288 -66.44 -84.12 11.55
N VAL PA 289 -66.16 -83.60 12.74
CA VAL PA 289 -64.78 -83.35 13.15
C VAL PA 289 -64.11 -84.67 13.51
N ASN PA 290 -62.93 -84.90 12.94
CA ASN PA 290 -62.16 -86.12 13.19
C ASN PA 290 -61.20 -85.81 14.33
N ILE PA 291 -61.65 -86.01 15.55
CA ILE PA 291 -60.84 -85.79 16.73
C ILE PA 291 -59.89 -86.95 16.91
N THR PA 292 -58.58 -86.67 16.87
CA THR PA 292 -57.59 -87.67 17.21
C THR PA 292 -56.70 -87.14 18.32
N LEU PA 293 -55.78 -88.01 18.76
CA LEU PA 293 -54.95 -87.74 19.92
C LEU PA 293 -53.49 -87.85 19.50
N MET PA 294 -52.65 -86.95 20.00
CA MET PA 294 -51.22 -87.01 19.74
C MET PA 294 -50.49 -86.94 21.07
N ASP PA 295 -49.46 -87.76 21.22
CA ASP PA 295 -48.70 -87.75 22.46
C ASP PA 295 -47.82 -86.51 22.54
N ASP PA 296 -47.74 -85.94 23.74
CA ASP PA 296 -46.97 -84.71 23.93
C ASP PA 296 -45.47 -84.95 23.82
N VAL PA 297 -45.00 -86.17 24.04
CA VAL PA 297 -43.59 -86.45 23.89
C VAL PA 297 -43.21 -86.53 22.41
N THR PA 298 -44.17 -86.86 21.55
CA THR PA 298 -43.90 -86.84 20.12
C THR PA 298 -43.88 -85.42 19.58
N ALA PA 299 -44.68 -84.53 20.16
CA ALA PA 299 -44.69 -83.15 19.72
C ALA PA 299 -43.38 -82.45 20.08
N ALA PA 300 -42.96 -82.57 21.33
CA ALA PA 300 -41.69 -81.99 21.73
C ALA PA 300 -40.51 -82.76 21.19
N GLY PA 301 -40.71 -84.01 20.78
CA GLY PA 301 -39.62 -84.78 20.20
C GLY PA 301 -39.19 -84.26 18.86
N GLN PA 302 -40.14 -84.17 17.91
CA GLN PA 302 -39.82 -83.72 16.57
C GLN PA 302 -39.40 -82.26 16.54
N ALA PA 303 -39.87 -81.46 17.49
CA ALA PA 303 -39.37 -80.10 17.61
C ALA PA 303 -37.93 -80.10 18.08
N GLU PA 304 -37.58 -81.00 18.98
CA GLU PA 304 -36.19 -81.09 19.40
C GLU PA 304 -35.35 -81.83 18.37
N ALA PA 305 -35.90 -82.92 17.80
CA ALA PA 305 -35.16 -83.71 16.82
C ALA PA 305 -35.03 -83.02 15.47
N GLY PA 306 -35.64 -81.85 15.29
CA GLY PA 306 -35.37 -81.06 14.12
C GLY PA 306 -34.45 -79.91 14.43
N LEU PA 307 -34.58 -79.35 15.62
CA LEU PA 307 -33.82 -78.15 15.96
C LEU PA 307 -32.37 -78.45 16.24
N LYS PA 308 -32.06 -79.68 16.66
CA LYS PA 308 -30.67 -80.10 16.67
C LYS PA 308 -30.26 -80.75 15.36
N GLN PA 309 -31.21 -81.08 14.49
CA GLN PA 309 -30.89 -81.54 13.16
C GLN PA 309 -30.55 -80.39 12.24
N GLN PA 310 -30.98 -79.19 12.59
CA GLN PA 310 -30.54 -77.97 11.91
C GLN PA 310 -29.24 -77.42 12.48
N ALA PA 311 -28.68 -78.11 13.50
CA ALA PA 311 -27.47 -77.69 14.22
C ALA PA 311 -27.63 -76.29 14.81
N LEU PA 312 -28.54 -76.18 15.76
CA LEU PA 312 -28.83 -74.91 16.40
C LEU PA 312 -28.61 -75.01 17.90
N PRO PA 313 -27.97 -74.02 18.52
CA PRO PA 313 -27.83 -74.04 19.97
C PRO PA 313 -29.15 -73.72 20.65
N TYR PA 314 -29.46 -74.45 21.71
CA TYR PA 314 -30.74 -74.26 22.38
C TYR PA 314 -30.61 -74.72 23.82
N SER PA 315 -31.74 -74.68 24.53
CA SER PA 315 -31.84 -75.32 25.84
C SER PA 315 -33.30 -75.65 26.07
N ARG PA 316 -33.63 -76.93 26.06
CA ARG PA 316 -34.99 -77.37 26.34
C ARG PA 316 -35.32 -77.17 27.81
N ARG PA 317 -36.21 -76.24 28.10
CA ARG PA 317 -36.76 -76.12 29.45
C ARG PA 317 -38.20 -76.62 29.40
N ASN PA 318 -38.52 -77.53 30.32
CA ASN PA 318 -39.84 -78.11 30.35
C ASN PA 318 -40.70 -77.36 31.37
N HIS PA 319 -42.00 -77.50 31.22
CA HIS PA 319 -42.94 -76.99 32.20
C HIS PA 319 -44.09 -77.96 32.34
N LYS PA 320 -44.95 -77.67 33.29
CA LYS PA 320 -46.18 -78.45 33.50
C LYS PA 320 -47.19 -77.97 32.48
N GLY PA 321 -47.19 -78.59 31.31
CA GLY PA 321 -48.12 -78.22 30.26
C GLY PA 321 -47.50 -77.39 29.16
N GLY PA 322 -46.31 -77.78 28.72
CA GLY PA 322 -45.65 -77.13 27.60
C GLY PA 322 -44.15 -77.14 27.78
N VAL PA 323 -43.43 -77.04 26.67
CA VAL PA 323 -41.99 -76.93 26.67
C VAL PA 323 -41.61 -75.61 26.01
N THR PA 324 -40.33 -75.29 26.05
CA THR PA 324 -39.86 -74.02 25.53
C THR PA 324 -38.43 -74.19 25.04
N PHE PA 325 -38.17 -73.84 23.80
CA PHE PA 325 -36.84 -73.95 23.21
C PHE PA 325 -36.29 -72.55 23.00
N VAL PA 326 -35.62 -72.02 24.00
CA VAL PA 326 -34.97 -70.74 23.81
C VAL PA 326 -33.67 -70.94 23.05
N ILE PA 327 -33.46 -70.10 22.04
CA ILE PA 327 -32.32 -70.19 21.13
C ILE PA 327 -31.58 -68.87 21.25
N GLN PA 328 -30.34 -68.92 21.71
CA GLN PA 328 -29.61 -67.67 21.87
C GLN PA 328 -28.19 -67.77 21.36
N GLY PA 329 -27.46 -66.67 21.48
CA GLY PA 329 -26.16 -66.53 20.87
C GLY PA 329 -26.20 -65.59 19.68
N ALA PA 330 -25.01 -65.27 19.18
CA ALA PA 330 -24.88 -64.42 18.00
C ALA PA 330 -25.03 -65.31 16.77
N LEU PA 331 -26.27 -65.65 16.46
CA LEU PA 331 -26.55 -66.48 15.31
C LEU PA 331 -26.38 -65.68 14.04
N ASP PA 332 -25.56 -66.16 13.12
CA ASP PA 332 -25.39 -65.49 11.84
C ASP PA 332 -26.46 -65.99 10.86
N ASP PA 333 -26.29 -65.64 9.58
CA ASP PA 333 -27.42 -65.67 8.66
C ASP PA 333 -27.79 -67.06 8.21
N VAL PA 334 -26.83 -67.98 8.18
CA VAL PA 334 -27.10 -69.32 7.67
C VAL PA 334 -27.98 -70.07 8.64
N GLU PA 335 -27.79 -69.84 9.93
CA GLU PA 335 -28.56 -70.52 10.95
C GLU PA 335 -29.80 -69.74 11.37
N ILE PA 336 -29.85 -68.44 11.10
CA ILE PA 336 -31.06 -67.68 11.41
C ILE PA 336 -32.15 -67.96 10.39
N LEU PA 337 -31.79 -68.50 9.23
CA LEU PA 337 -32.73 -68.83 8.18
C LEU PA 337 -33.06 -70.30 8.14
N ARG PA 338 -32.18 -71.15 8.65
CA ARG PA 338 -32.59 -72.52 8.92
C ARG PA 338 -33.55 -72.58 10.10
N ALA PA 339 -33.49 -71.59 10.99
CA ALA PA 339 -34.40 -71.57 12.12
C ALA PA 339 -35.82 -71.27 11.69
N ARG PA 340 -36.00 -70.26 10.85
CA ARG PA 340 -37.34 -69.78 10.56
C ARG PA 340 -38.09 -70.72 9.63
N GLN PA 341 -37.40 -71.38 8.71
CA GLN PA 341 -38.10 -72.38 7.93
C GLN PA 341 -38.22 -73.72 8.63
N PHE PA 342 -37.75 -73.83 9.86
CA PHE PA 342 -38.17 -74.92 10.72
C PHE PA 342 -39.33 -74.53 11.62
N VAL PA 343 -39.28 -73.33 12.18
CA VAL PA 343 -40.34 -72.86 13.07
C VAL PA 343 -41.65 -72.72 12.32
N ASP PA 344 -41.62 -72.04 11.18
CA ASP PA 344 -42.81 -71.88 10.36
C ASP PA 344 -43.24 -73.18 9.71
N SER PA 345 -42.35 -74.16 9.59
CA SER PA 345 -42.74 -75.49 9.22
C SER PA 345 -43.19 -76.33 10.39
N TYR PA 346 -43.03 -75.83 11.61
CA TYR PA 346 -43.54 -76.53 12.77
C TYR PA 346 -44.91 -76.02 13.17
N TYR PA 347 -45.07 -74.69 13.22
CA TYR PA 347 -46.33 -74.09 13.58
C TYR PA 347 -47.39 -74.31 12.51
N ARG PA 348 -46.99 -74.57 11.28
CA ARG PA 348 -47.94 -75.02 10.27
C ARG PA 348 -48.40 -76.44 10.58
N THR PA 349 -47.56 -77.24 11.23
CA THR PA 349 -47.92 -78.63 11.47
C THR PA 349 -48.60 -78.80 12.82
N TRP PA 350 -48.01 -78.29 13.90
CA TRP PA 350 -48.47 -78.57 15.24
C TRP PA 350 -49.18 -77.42 15.92
N GLY PA 351 -49.14 -76.22 15.35
CA GLY PA 351 -49.62 -75.06 16.05
C GLY PA 351 -48.62 -74.63 17.10
N GLY PA 352 -48.99 -73.57 17.83
CA GLY PA 352 -48.07 -73.03 18.79
C GLY PA 352 -48.58 -73.02 20.21
N ARG PA 353 -49.32 -74.06 20.60
CA ARG PA 353 -49.91 -74.10 21.93
C ARG PA 353 -49.20 -75.05 22.88
N TYR PA 354 -48.17 -75.75 22.44
CA TYR PA 354 -47.47 -76.64 23.34
C TYR PA 354 -45.98 -76.34 23.35
N VAL PA 355 -45.44 -75.92 22.21
CA VAL PA 355 -44.02 -75.64 22.07
C VAL PA 355 -43.86 -74.20 21.65
N GLN PA 356 -43.06 -73.44 22.39
CA GLN PA 356 -42.74 -72.07 22.06
C GLN PA 356 -41.27 -71.97 21.73
N PHE PA 357 -40.96 -71.42 20.56
CA PHE PA 357 -39.57 -71.22 20.16
C PHE PA 357 -39.20 -69.78 20.47
N ALA PA 358 -38.14 -69.59 21.24
CA ALA PA 358 -37.67 -68.27 21.61
C ALA PA 358 -36.35 -68.03 20.90
N ILE PA 359 -36.42 -67.51 19.69
CA ILE PA 359 -35.18 -67.10 19.02
C ILE PA 359 -34.82 -65.71 19.54
N GLU PA 360 -34.15 -65.68 20.68
CA GLU PA 360 -33.75 -64.46 21.37
C GLU PA 360 -32.30 -64.27 21.00
N LEU PA 361 -32.01 -63.20 20.27
CA LEU PA 361 -30.74 -63.03 19.58
C LEU PA 361 -29.96 -61.86 20.17
N LYS PA 362 -28.92 -62.18 20.94
CA LYS PA 362 -28.10 -61.18 21.60
C LYS PA 362 -26.63 -61.46 21.32
N ASP PA 363 -25.77 -60.64 21.93
CA ASP PA 363 -24.33 -60.77 21.78
C ASP PA 363 -23.79 -61.85 22.71
N ASP PA 364 -22.49 -61.88 22.89
CA ASP PA 364 -21.85 -62.80 23.82
C ASP PA 364 -21.57 -62.10 25.14
N ASP QA 20 -63.57 -45.97 -13.66
CA ASP QA 20 -64.68 -45.01 -13.71
C ASP QA 20 -64.38 -43.85 -12.77
N LYS QA 21 -64.13 -44.16 -11.50
CA LYS QA 21 -63.85 -43.13 -10.51
C LYS QA 21 -62.36 -42.84 -10.44
N ASP QA 22 -62.01 -41.56 -10.44
CA ASP QA 22 -60.62 -41.15 -10.43
C ASP QA 22 -59.98 -41.41 -9.08
N LEU QA 23 -58.76 -41.91 -9.10
CA LEU QA 23 -58.08 -42.32 -7.87
C LEU QA 23 -56.70 -41.72 -7.71
N LEU QA 24 -55.94 -41.61 -8.79
CA LEU QA 24 -54.65 -40.95 -8.74
C LEU QA 24 -54.43 -40.23 -10.06
N LYS QA 25 -53.84 -39.05 -10.00
CA LYS QA 25 -53.56 -38.26 -11.18
C LYS QA 25 -52.13 -37.77 -11.13
N GLY QA 26 -51.59 -37.46 -12.31
CA GLY QA 26 -50.30 -36.81 -12.37
C GLY QA 26 -49.12 -37.69 -12.01
N LEU QA 27 -49.30 -39.00 -12.01
CA LEU QA 27 -48.19 -39.90 -11.70
C LEU QA 27 -47.22 -39.93 -12.88
N ASP QA 28 -45.95 -40.14 -12.57
CA ASP QA 28 -45.03 -40.47 -13.64
C ASP QA 28 -45.06 -41.98 -13.85
N GLN QA 29 -44.11 -42.48 -14.63
CA GLN QA 29 -44.25 -43.81 -15.23
C GLN QA 29 -44.05 -44.93 -14.23
N GLU QA 30 -42.89 -44.98 -13.59
CA GLU QA 30 -42.56 -46.06 -12.68
C GLU QA 30 -43.36 -45.99 -11.38
N GLN QA 31 -43.96 -44.85 -11.04
CA GLN QA 31 -44.93 -44.85 -9.95
C GLN QA 31 -46.26 -45.44 -10.37
N ALA QA 32 -46.68 -45.21 -11.61
CA ALA QA 32 -47.98 -45.71 -12.05
C ALA QA 32 -47.98 -47.20 -12.28
N ASN QA 33 -46.85 -47.75 -12.71
CA ASN QA 33 -46.77 -49.19 -12.94
C ASN QA 33 -46.68 -49.96 -11.63
N GLU QA 34 -46.28 -49.29 -10.55
CA GLU QA 34 -46.19 -49.97 -9.27
C GLU QA 34 -47.54 -50.05 -8.59
N VAL QA 35 -48.37 -49.01 -8.75
CA VAL QA 35 -49.68 -48.97 -8.09
C VAL QA 35 -50.59 -50.04 -8.64
N ILE QA 36 -50.63 -50.19 -9.96
CA ILE QA 36 -51.46 -51.23 -10.60
C ILE QA 36 -50.98 -52.62 -10.21
N ALA QA 37 -49.67 -52.77 -9.98
CA ALA QA 37 -49.13 -54.03 -9.51
C ALA QA 37 -49.63 -54.36 -8.12
N VAL QA 38 -49.82 -53.34 -7.30
CA VAL QA 38 -50.37 -53.56 -5.97
C VAL QA 38 -51.85 -53.84 -6.04
N LEU QA 39 -52.56 -53.10 -6.91
CA LEU QA 39 -54.01 -53.20 -6.96
C LEU QA 39 -54.46 -54.53 -7.54
N GLN QA 40 -53.87 -54.94 -8.66
CA GLN QA 40 -54.24 -56.23 -9.25
C GLN QA 40 -53.77 -57.41 -8.41
N MET QA 41 -52.87 -57.19 -7.46
CA MET QA 41 -52.62 -58.22 -6.46
C MET QA 41 -53.85 -58.43 -5.59
N HIS QA 42 -54.54 -57.35 -5.27
CA HIS QA 42 -55.68 -57.41 -4.38
C HIS QA 42 -56.99 -57.38 -5.14
N ASN QA 43 -56.99 -57.95 -6.35
CA ASN QA 43 -58.17 -58.36 -7.09
C ASN QA 43 -59.06 -57.18 -7.49
N ILE QA 44 -58.48 -56.01 -7.78
CA ILE QA 44 -59.28 -54.96 -8.39
C ILE QA 44 -58.52 -54.47 -9.61
N GLU QA 45 -59.21 -54.32 -10.73
CA GLU QA 45 -58.52 -53.90 -11.94
C GLU QA 45 -58.40 -52.40 -11.99
N ALA QA 46 -57.34 -51.92 -12.63
CA ALA QA 46 -57.12 -50.50 -12.83
C ALA QA 46 -56.93 -50.22 -14.31
N ASN QA 47 -56.85 -48.94 -14.65
CA ASN QA 47 -56.71 -48.52 -16.04
C ASN QA 47 -55.69 -47.39 -16.07
N LYS QA 48 -54.48 -47.68 -16.55
CA LYS QA 48 -53.48 -46.62 -16.63
C LYS QA 48 -53.82 -45.69 -17.78
N ILE QA 49 -54.52 -44.61 -17.47
CA ILE QA 49 -54.92 -43.64 -18.47
C ILE QA 49 -53.84 -42.57 -18.53
N ASP QA 50 -53.11 -42.50 -19.65
CA ASP QA 50 -52.18 -41.41 -19.83
C ASP QA 50 -52.93 -40.12 -20.10
N SER QA 51 -52.45 -39.03 -19.51
CA SER QA 51 -53.01 -37.70 -19.74
C SER QA 51 -51.98 -36.78 -20.38
N GLY QA 52 -51.14 -37.33 -21.25
CA GLY QA 52 -50.15 -36.52 -21.94
C GLY QA 52 -48.97 -36.11 -21.08
N LYS QA 53 -48.66 -34.81 -21.10
CA LYS QA 53 -47.59 -34.23 -20.31
C LYS QA 53 -47.98 -33.99 -18.86
N LEU QA 54 -49.26 -34.16 -18.52
CA LEU QA 54 -49.73 -34.06 -17.15
C LEU QA 54 -49.64 -35.38 -16.41
N GLY QA 55 -48.80 -36.30 -16.87
CA GLY QA 55 -48.62 -37.57 -16.19
C GLY QA 55 -49.76 -38.54 -16.42
N TYR QA 56 -49.57 -39.75 -15.92
CA TYR QA 56 -50.56 -40.81 -16.04
C TYR QA 56 -51.73 -40.59 -15.07
N SER QA 57 -52.70 -41.48 -15.12
CA SER QA 57 -53.84 -41.43 -14.23
C SER QA 57 -54.38 -42.84 -14.06
N ILE QA 58 -54.84 -43.16 -12.87
CA ILE QA 58 -55.34 -44.49 -12.57
C ILE QA 58 -56.77 -44.36 -12.12
N THR QA 59 -57.67 -45.05 -12.80
CA THR QA 59 -59.09 -45.01 -12.47
C THR QA 59 -59.56 -46.43 -12.19
N VAL QA 60 -60.32 -46.60 -11.11
CA VAL QA 60 -60.90 -47.89 -10.78
C VAL QA 60 -62.41 -47.78 -10.93
N ALA QA 61 -63.08 -48.93 -10.89
CA ALA QA 61 -64.52 -48.95 -11.00
C ALA QA 61 -65.15 -48.51 -9.68
N GLU QA 62 -66.42 -48.16 -9.75
CA GLU QA 62 -67.13 -47.61 -8.60
C GLU QA 62 -67.31 -48.57 -7.42
N PRO QA 63 -67.62 -49.86 -7.57
CA PRO QA 63 -67.68 -50.71 -6.37
C PRO QA 63 -66.33 -50.99 -5.75
N ASP QA 64 -65.24 -50.82 -6.48
CA ASP QA 64 -63.91 -51.02 -5.93
C ASP QA 64 -63.17 -49.75 -5.60
N PHE QA 65 -63.78 -48.57 -5.73
CA PHE QA 65 -63.09 -47.37 -5.26
C PHE QA 65 -62.95 -47.37 -3.76
N THR QA 66 -63.86 -48.06 -3.06
CA THR QA 66 -63.75 -48.18 -1.62
C THR QA 66 -62.55 -49.01 -1.23
N ALA QA 67 -62.42 -50.19 -1.83
CA ALA QA 67 -61.35 -51.09 -1.45
C ALA QA 67 -60.00 -50.61 -1.95
N ALA QA 68 -59.96 -49.92 -3.09
CA ALA QA 68 -58.68 -49.52 -3.64
C ALA QA 68 -58.06 -48.38 -2.88
N VAL QA 69 -58.87 -47.49 -2.31
CA VAL QA 69 -58.32 -46.39 -1.54
C VAL QA 69 -57.85 -46.85 -0.17
N TYR QA 70 -58.26 -48.04 0.25
CA TYR QA 70 -57.62 -48.66 1.40
C TYR QA 70 -56.20 -49.09 1.08
N TRP QA 71 -56.00 -49.74 -0.06
CA TRP QA 71 -54.66 -50.22 -0.38
C TRP QA 71 -53.74 -49.12 -0.87
N ILE QA 72 -54.26 -47.94 -1.18
CA ILE QA 72 -53.38 -46.80 -1.34
C ILE QA 72 -52.83 -46.39 0.02
N LYS QA 73 -53.63 -46.55 1.06
CA LYS QA 73 -53.20 -46.09 2.37
C LYS QA 73 -52.15 -47.01 2.98
N THR QA 74 -52.39 -48.33 2.95
CA THR QA 74 -51.51 -49.25 3.66
C THR QA 74 -50.15 -49.35 3.00
N TYR QA 75 -50.12 -49.39 1.67
CA TYR QA 75 -48.86 -49.46 0.97
C TYR QA 75 -48.21 -48.11 0.79
N GLN QA 76 -48.91 -47.04 1.17
CA GLN QA 76 -48.46 -45.65 1.03
C GLN QA 76 -48.13 -45.31 -0.42
N LEU QA 77 -48.96 -45.81 -1.33
CA LEU QA 77 -48.82 -45.49 -2.73
C LEU QA 77 -49.25 -44.04 -2.97
N PRO QA 78 -48.70 -43.37 -3.98
CA PRO QA 78 -47.65 -43.73 -4.94
C PRO QA 78 -46.29 -43.77 -4.27
N PRO QA 79 -45.40 -44.62 -4.75
CA PRO QA 79 -44.10 -44.76 -4.09
C PRO QA 79 -43.26 -43.52 -4.26
N ARG QA 80 -42.57 -43.16 -3.18
CA ARG QA 80 -41.60 -42.09 -3.23
C ARG QA 80 -40.45 -42.51 -4.15
N PRO QA 81 -39.77 -41.55 -4.77
CA PRO QA 81 -38.64 -41.91 -5.65
C PRO QA 81 -37.51 -42.53 -4.84
N ARG QA 82 -36.98 -43.64 -5.35
CA ARG QA 82 -36.02 -44.44 -4.60
C ARG QA 82 -34.72 -43.68 -4.44
N VAL QA 83 -34.38 -43.37 -3.19
CA VAL QA 83 -33.33 -42.42 -2.87
C VAL QA 83 -32.05 -43.17 -2.53
N GLU QA 84 -30.96 -42.75 -3.13
CA GLU QA 84 -29.63 -43.10 -2.68
C GLU QA 84 -28.97 -41.86 -2.11
N ILE QA 85 -27.83 -42.09 -1.45
CA ILE QA 85 -27.26 -41.08 -0.58
C ILE QA 85 -26.67 -39.95 -1.42
N ALA QA 86 -26.22 -40.25 -2.63
CA ALA QA 86 -25.51 -39.27 -3.42
C ALA QA 86 -26.43 -38.28 -4.12
N GLN QA 87 -27.75 -38.41 -3.99
CA GLN QA 87 -28.63 -37.40 -4.54
C GLN QA 87 -28.63 -36.12 -3.71
N MET QA 88 -28.10 -36.16 -2.49
CA MET QA 88 -28.09 -35.00 -1.64
C MET QA 88 -26.70 -34.42 -1.49
N PHE QA 89 -25.80 -34.75 -2.40
CA PHE QA 89 -24.48 -34.11 -2.52
C PHE QA 89 -24.20 -33.94 -4.00
N PRO QA 90 -24.82 -32.96 -4.65
CA PRO QA 90 -24.76 -32.93 -6.12
C PRO QA 90 -23.44 -32.40 -6.66
N ALA QA 91 -22.81 -31.47 -5.93
CA ALA QA 91 -21.55 -30.83 -6.30
C ALA QA 91 -21.61 -30.17 -7.67
N ASP QA 92 -22.49 -29.18 -7.81
CA ASP QA 92 -22.60 -28.46 -9.08
C ASP QA 92 -21.43 -27.50 -9.27
N SER QA 93 -21.26 -26.55 -8.34
CA SER QA 93 -20.15 -25.60 -8.41
C SER QA 93 -19.63 -25.26 -7.02
N LEU QA 94 -20.09 -25.98 -6.00
CA LEU QA 94 -19.67 -25.74 -4.63
C LEU QA 94 -18.34 -26.46 -4.39
N VAL QA 95 -17.59 -25.96 -3.41
CA VAL QA 95 -16.22 -26.42 -3.16
C VAL QA 95 -16.18 -27.86 -2.67
N SER QA 96 -17.27 -28.36 -2.07
CA SER QA 96 -17.51 -29.78 -1.80
C SER QA 96 -16.44 -30.36 -0.87
N SER QA 97 -16.56 -29.97 0.41
CA SER QA 97 -15.82 -30.42 1.59
C SER QA 97 -15.61 -31.93 1.61
N PRO QA 98 -14.50 -32.41 2.17
CA PRO QA 98 -14.12 -33.83 2.03
C PRO QA 98 -15.09 -34.84 2.62
N ARG QA 99 -16.04 -34.41 3.43
CA ARG QA 99 -17.16 -35.26 3.77
C ARG QA 99 -18.06 -35.53 2.58
N ALA QA 100 -18.19 -34.57 1.67
CA ALA QA 100 -19.10 -34.76 0.55
C ALA QA 100 -18.53 -35.72 -0.48
N GLU QA 101 -17.21 -35.83 -0.57
CA GLU QA 101 -16.63 -36.81 -1.47
C GLU QA 101 -16.87 -38.23 -1.02
N LYS QA 102 -16.67 -38.54 0.26
CA LYS QA 102 -16.92 -39.90 0.72
C LYS QA 102 -18.40 -40.21 0.78
N ALA QA 103 -19.24 -39.20 0.83
CA ALA QA 103 -20.67 -39.44 0.82
C ALA QA 103 -21.11 -39.98 -0.54
N ARG QA 104 -20.72 -39.32 -1.62
CA ARG QA 104 -21.12 -39.82 -2.94
C ARG QA 104 -20.18 -40.90 -3.43
N LEU QA 105 -19.04 -41.11 -2.78
CA LEU QA 105 -18.19 -42.24 -3.15
C LEU QA 105 -18.84 -43.55 -2.73
N TYR QA 106 -19.13 -43.69 -1.43
CA TYR QA 106 -19.72 -44.92 -0.93
C TYR QA 106 -21.13 -45.12 -1.46
N SER QA 107 -21.84 -44.04 -1.76
CA SER QA 107 -23.19 -44.16 -2.29
C SER QA 107 -23.19 -44.75 -3.68
N ALA QA 108 -22.21 -44.40 -4.49
CA ALA QA 108 -22.08 -45.03 -5.80
C ALA QA 108 -21.63 -46.47 -5.67
N ILE QA 109 -20.94 -46.82 -4.58
CA ILE QA 109 -20.59 -48.21 -4.36
C ILE QA 109 -21.81 -48.99 -3.88
N GLU QA 110 -22.70 -48.35 -3.12
CA GLU QA 110 -23.96 -48.99 -2.73
C GLU QA 110 -24.80 -49.33 -3.95
N GLN QA 111 -24.82 -48.44 -4.93
CA GLN QA 111 -25.61 -48.69 -6.13
C GLN QA 111 -24.97 -49.76 -6.97
N ARG QA 112 -23.65 -49.76 -7.08
CA ARG QA 112 -22.99 -50.63 -8.04
C ARG QA 112 -22.95 -52.07 -7.55
N LEU QA 113 -22.83 -52.28 -6.25
CA LEU QA 113 -22.96 -53.64 -5.72
C LEU QA 113 -24.38 -54.13 -5.82
N GLU QA 114 -25.36 -53.22 -5.73
CA GLU QA 114 -26.76 -53.57 -5.96
C GLU QA 114 -26.98 -53.99 -7.40
N GLN QA 115 -26.35 -53.30 -8.36
CA GLN QA 115 -26.46 -53.67 -9.76
C GLN QA 115 -25.81 -55.01 -10.06
N SER QA 116 -24.87 -55.45 -9.23
CA SER QA 116 -24.12 -56.66 -9.51
C SER QA 116 -24.72 -57.90 -8.88
N LEU QA 117 -25.28 -57.77 -7.67
CA LEU QA 117 -26.02 -58.88 -7.10
C LEU QA 117 -27.24 -59.22 -7.92
N GLN QA 118 -27.83 -58.23 -8.57
CA GLN QA 118 -29.00 -58.44 -9.39
C GLN QA 118 -28.69 -59.29 -10.62
N THR QA 119 -27.43 -59.35 -11.03
CA THR QA 119 -27.00 -60.21 -12.12
C THR QA 119 -26.29 -61.48 -11.64
N MET QA 120 -26.66 -62.00 -10.48
CA MET QA 120 -26.23 -63.34 -10.11
C MET QA 120 -27.22 -64.36 -10.63
N GLU QA 121 -27.10 -65.59 -10.17
CA GLU QA 121 -27.98 -66.66 -10.64
C GLU QA 121 -29.24 -66.66 -9.79
N GLY QA 122 -30.32 -66.11 -10.33
CA GLY QA 122 -31.60 -66.19 -9.68
C GLY QA 122 -31.99 -65.01 -8.83
N VAL QA 123 -31.10 -64.06 -8.59
CA VAL QA 123 -31.48 -62.90 -7.80
C VAL QA 123 -32.34 -61.99 -8.69
N LEU QA 124 -33.58 -61.76 -8.26
CA LEU QA 124 -34.44 -60.84 -8.99
C LEU QA 124 -34.06 -59.40 -8.69
N SER QA 125 -33.98 -59.08 -7.41
CA SER QA 125 -33.71 -57.71 -6.98
C SER QA 125 -32.77 -57.75 -5.79
N ALA QA 126 -32.13 -56.62 -5.51
CA ALA QA 126 -31.17 -56.57 -4.42
C ALA QA 126 -31.09 -55.16 -3.87
N ARG QA 127 -30.72 -55.06 -2.60
CA ARG QA 127 -30.43 -53.80 -1.93
C ARG QA 127 -29.18 -53.98 -1.10
N VAL QA 128 -28.28 -53.01 -1.12
CA VAL QA 128 -27.03 -53.07 -0.39
C VAL QA 128 -26.83 -51.77 0.36
N HIS QA 129 -26.56 -51.86 1.66
CA HIS QA 129 -26.22 -50.71 2.46
C HIS QA 129 -24.80 -50.84 2.98
N ILE QA 130 -24.12 -49.71 3.13
CA ILE QA 130 -22.76 -49.66 3.63
C ILE QA 130 -22.77 -48.83 4.91
N SER QA 131 -22.06 -49.31 5.93
CA SER QA 131 -21.85 -48.49 7.11
C SER QA 131 -20.98 -47.31 6.78
N TYR QA 132 -21.44 -46.12 7.12
CA TYR QA 132 -20.71 -44.89 6.78
C TYR QA 132 -19.93 -44.44 8.01
N ASP QA 133 -18.70 -44.94 8.14
CA ASP QA 133 -17.72 -44.33 9.02
C ASP QA 133 -17.12 -43.18 8.25
N ILE QA 134 -17.52 -41.97 8.60
CA ILE QA 134 -17.14 -40.79 7.84
C ILE QA 134 -16.19 -39.90 8.61
N ASP QA 135 -16.43 -39.71 9.91
CA ASP QA 135 -15.66 -38.76 10.71
C ASP QA 135 -14.41 -39.37 11.31
N ALA QA 136 -13.80 -40.35 10.64
CA ALA QA 136 -12.59 -41.00 11.16
C ALA QA 136 -11.41 -40.05 11.16
N GLY QA 137 -11.26 -39.25 10.09
CA GLY QA 137 -10.17 -38.29 10.04
C GLY QA 137 -10.38 -37.07 10.91
N GLU QA 138 -11.64 -36.68 11.15
CA GLU QA 138 -11.92 -35.50 11.95
C GLU QA 138 -11.74 -35.76 13.45
N ASN QA 139 -11.97 -37.00 13.89
CA ASN QA 139 -11.71 -37.35 15.28
C ASN QA 139 -10.24 -37.68 15.55
N GLY QA 140 -9.43 -37.88 14.51
CA GLY QA 140 -8.06 -38.29 14.71
C GLY QA 140 -7.93 -39.71 15.18
N ARG QA 141 -8.68 -40.62 14.57
CA ARG QA 141 -8.76 -42.01 14.98
C ARG QA 141 -8.61 -42.93 13.76
N PRO QA 142 -8.19 -44.17 13.98
CA PRO QA 142 -8.29 -45.16 12.91
C PRO QA 142 -9.74 -45.50 12.64
N PRO QA 143 -10.10 -45.76 11.38
CA PRO QA 143 -11.51 -45.94 11.04
C PRO QA 143 -12.04 -47.29 11.52
N LYS QA 144 -13.36 -47.36 11.57
CA LYS QA 144 -14.04 -48.55 12.03
C LYS QA 144 -14.06 -49.58 10.91
N PRO QA 145 -14.27 -50.86 11.24
CA PRO QA 145 -14.48 -51.85 10.18
C PRO QA 145 -15.76 -51.55 9.43
N VAL QA 146 -15.74 -51.89 8.15
CA VAL QA 146 -16.90 -51.64 7.30
C VAL QA 146 -17.92 -52.73 7.52
N HIS QA 147 -19.14 -52.34 7.80
CA HIS QA 147 -20.27 -53.25 7.94
C HIS QA 147 -21.18 -53.06 6.75
N LEU QA 148 -21.87 -54.12 6.34
CA LEU QA 148 -22.75 -53.97 5.19
C LEU QA 148 -23.88 -54.99 5.25
N SER QA 149 -25.02 -54.59 4.70
CA SER QA 149 -26.22 -55.40 4.71
C SER QA 149 -26.69 -55.63 3.30
N ALA QA 150 -27.41 -56.73 3.09
CA ALA QA 150 -27.87 -57.05 1.75
C ALA QA 150 -29.23 -57.73 1.79
N LEU QA 151 -30.08 -57.36 0.85
CA LEU QA 151 -31.36 -58.01 0.63
C LEU QA 151 -31.36 -58.61 -0.76
N ALA QA 152 -32.16 -59.66 -0.95
CA ALA QA 152 -32.10 -60.41 -2.19
C ALA QA 152 -33.39 -61.19 -2.36
N VAL QA 153 -33.97 -61.13 -3.54
CA VAL QA 153 -35.24 -61.77 -3.83
C VAL QA 153 -34.98 -62.87 -4.86
N TYR QA 154 -35.06 -64.12 -4.43
CA TYR QA 154 -34.79 -65.25 -5.30
C TYR QA 154 -36.07 -65.76 -5.96
N GLU QA 155 -35.90 -66.76 -6.82
CA GLU QA 155 -37.06 -67.41 -7.41
C GLU QA 155 -37.76 -68.30 -6.40
N ARG QA 156 -38.91 -68.81 -6.80
CA ARG QA 156 -39.44 -70.00 -6.16
C ARG QA 156 -38.52 -71.19 -6.42
N GLY QA 157 -38.58 -72.17 -5.51
CA GLY QA 157 -37.89 -73.42 -5.71
C GLY QA 157 -36.39 -73.41 -5.46
N SER QA 158 -35.78 -72.25 -5.28
CA SER QA 158 -34.36 -72.24 -4.99
C SER QA 158 -34.12 -72.62 -3.54
N PRO QA 159 -33.10 -73.41 -3.26
CA PRO QA 159 -32.76 -73.72 -1.86
C PRO QA 159 -32.02 -72.58 -1.17
N LEU QA 160 -32.77 -71.63 -0.59
CA LEU QA 160 -32.24 -70.35 -0.10
C LEU QA 160 -31.14 -70.47 0.96
N ALA QA 161 -31.01 -71.62 1.61
CA ALA QA 161 -30.00 -71.75 2.65
C ALA QA 161 -28.60 -71.97 2.10
N HIS QA 162 -28.42 -71.96 0.77
CA HIS QA 162 -27.10 -72.18 0.18
C HIS QA 162 -26.63 -71.04 -0.69
N GLN QA 163 -27.54 -70.22 -1.22
CA GLN QA 163 -27.11 -69.00 -1.90
C GLN QA 163 -26.75 -67.91 -0.91
N ILE QA 164 -26.93 -68.14 0.38
CA ILE QA 164 -26.50 -67.20 1.39
C ILE QA 164 -24.98 -67.16 1.47
N SER QA 165 -24.31 -68.24 1.08
CA SER QA 165 -22.86 -68.27 1.16
C SER QA 165 -22.21 -67.59 -0.03
N ASP QA 166 -22.87 -67.60 -1.19
CA ASP QA 166 -22.31 -66.97 -2.38
C ASP QA 166 -22.25 -65.47 -2.24
N ILE QA 167 -23.35 -64.87 -1.80
CA ILE QA 167 -23.38 -63.42 -1.60
C ILE QA 167 -22.39 -63.01 -0.54
N LYS QA 168 -22.40 -63.71 0.59
CA LYS QA 168 -21.56 -63.39 1.73
C LYS QA 168 -20.08 -63.61 1.42
N ARG QA 169 -19.76 -64.47 0.45
CA ARG QA 169 -18.41 -64.57 -0.06
C ARG QA 169 -18.11 -63.46 -1.06
N PHE QA 170 -19.11 -63.10 -1.86
CA PHE QA 170 -18.92 -62.11 -2.92
C PHE QA 170 -18.54 -60.75 -2.38
N LEU QA 171 -19.38 -60.18 -1.54
CA LEU QA 171 -19.14 -58.80 -1.17
C LEU QA 171 -18.39 -58.67 0.14
N LYS QA 172 -17.78 -59.76 0.62
CA LYS QA 172 -16.67 -59.62 1.55
C LYS QA 172 -15.54 -58.86 0.90
N ASN QA 173 -14.98 -59.42 -0.16
CA ASN QA 173 -13.82 -58.82 -0.79
C ASN QA 173 -14.16 -57.70 -1.72
N SER QA 174 -15.36 -57.13 -1.64
CA SER QA 174 -15.66 -55.89 -2.32
C SER QA 174 -15.28 -54.69 -1.49
N PHE QA 175 -14.77 -54.91 -0.27
CA PHE QA 175 -14.30 -53.83 0.59
C PHE QA 175 -13.03 -54.25 1.31
N ALA QA 176 -12.44 -53.26 1.99
CA ALA QA 176 -11.08 -53.39 2.46
C ALA QA 176 -10.99 -54.28 3.71
N ASP QA 177 -11.63 -53.86 4.79
CA ASP QA 177 -11.52 -54.58 6.06
C ASP QA 177 -12.91 -54.98 6.58
N VAL QA 178 -13.44 -56.07 6.05
CA VAL QA 178 -14.70 -56.61 6.54
C VAL QA 178 -14.47 -58.05 6.97
N ASP QA 179 -15.45 -58.60 7.68
CA ASP QA 179 -15.37 -59.98 8.11
C ASP QA 179 -16.61 -60.71 7.62
N TYR QA 180 -16.79 -61.93 8.09
CA TYR QA 180 -18.03 -62.67 7.87
C TYR QA 180 -19.03 -62.44 8.98
N ASP QA 181 -18.76 -61.46 9.84
CA ASP QA 181 -19.69 -61.07 10.88
C ASP QA 181 -20.23 -59.68 10.67
N ASN QA 182 -19.57 -58.88 9.83
CA ASN QA 182 -20.06 -57.55 9.49
C ASN QA 182 -20.97 -57.56 8.28
N ILE QA 183 -21.30 -58.74 7.76
CA ILE QA 183 -22.13 -58.88 6.58
C ILE QA 183 -23.44 -59.52 7.02
N SER QA 184 -24.54 -58.83 6.77
CA SER QA 184 -25.86 -59.28 7.20
C SER QA 184 -26.75 -59.40 5.97
N VAL QA 185 -26.95 -60.62 5.50
CA VAL QA 185 -27.72 -60.87 4.29
C VAL QA 185 -28.97 -61.64 4.69
N VAL QA 186 -30.13 -61.04 4.48
CA VAL QA 186 -31.41 -61.66 4.78
C VAL QA 186 -32.16 -61.75 3.47
N LEU QA 187 -32.06 -62.90 2.81
CA LEU QA 187 -32.63 -63.10 1.49
C LEU QA 187 -33.91 -63.93 1.58
N SER QA 188 -34.88 -63.55 0.76
CA SER QA 188 -36.23 -64.07 0.84
C SER QA 188 -36.74 -64.33 -0.55
N GLU QA 189 -37.35 -65.50 -0.76
CA GLU QA 189 -37.85 -65.84 -2.08
C GLU QA 189 -39.06 -64.98 -2.42
N ARG QA 190 -39.35 -64.88 -3.72
CA ARG QA 190 -40.41 -63.96 -4.15
C ARG QA 190 -41.77 -64.53 -3.82
N SER QA 191 -42.78 -63.69 -3.99
CA SER QA 191 -44.14 -64.06 -3.67
C SER QA 191 -44.71 -64.97 -4.76
N ASP QA 192 -45.97 -65.35 -4.60
CA ASP QA 192 -46.65 -66.09 -5.64
C ASP QA 192 -46.87 -65.21 -6.85
N ALA QA 193 -46.84 -65.81 -8.03
CA ALA QA 193 -46.93 -65.05 -9.26
C ALA QA 193 -48.37 -64.60 -9.48
N GLN QA 194 -48.52 -63.30 -9.75
CA GLN QA 194 -49.83 -62.75 -10.13
C GLN QA 194 -49.91 -62.77 -11.64
N LEU QA 195 -50.52 -63.84 -12.17
CA LEU QA 195 -50.65 -64.03 -13.60
C LEU QA 195 -52.11 -64.02 -14.02
N GLN QA 196 -53.02 -63.70 -13.12
CA GLN QA 196 -54.41 -64.06 -13.22
C GLN QA 196 -55.26 -62.81 -13.26
N ALA QA 197 -56.21 -62.77 -14.18
CA ALA QA 197 -56.97 -61.56 -14.42
C ALA QA 197 -57.89 -61.26 -13.24
N PRO QA 198 -57.92 -60.02 -12.74
CA PRO QA 198 -58.77 -59.69 -11.59
C PRO QA 198 -60.26 -59.83 -11.85
N GLY QA 199 -60.75 -59.14 -12.87
CA GLY QA 199 -62.15 -59.25 -13.21
C GLY QA 199 -62.92 -57.97 -13.01
N THR QA 200 -63.70 -57.60 -14.02
CA THR QA 200 -64.62 -56.48 -13.90
C THR QA 200 -65.76 -56.86 -12.96
N PRO QA 201 -66.29 -55.90 -12.19
CA PRO QA 201 -67.43 -56.19 -11.31
C PRO QA 201 -68.69 -56.52 -12.09
N VAL QA 202 -69.65 -57.12 -11.40
CA VAL QA 202 -70.92 -57.50 -12.00
C VAL QA 202 -71.84 -56.29 -11.94
N LYS QA 203 -72.86 -56.32 -12.80
CA LYS QA 203 -73.80 -55.21 -12.91
C LYS QA 203 -75.13 -55.53 -12.26
N ALA RA 171 -58.69 -76.48 -27.87
CA ALA RA 171 -57.62 -76.90 -28.77
C ALA RA 171 -56.69 -77.89 -28.06
N GLU RA 172 -55.71 -78.40 -28.81
CA GLU RA 172 -54.74 -79.31 -28.23
C GLU RA 172 -53.75 -78.57 -27.37
N LEU RA 173 -53.60 -79.01 -26.11
CA LEU RA 173 -52.73 -78.32 -25.17
C LEU RA 173 -51.25 -78.48 -25.53
N ASP RA 174 -50.91 -79.54 -26.28
CA ASP RA 174 -49.56 -79.69 -26.80
C ASP RA 174 -49.19 -78.59 -27.79
N SER RA 175 -50.18 -77.95 -28.41
CA SER RA 175 -49.92 -76.81 -29.27
C SER RA 175 -50.31 -75.48 -28.64
N LEU RA 176 -51.16 -75.48 -27.61
CA LEU RA 176 -51.41 -74.26 -26.86
C LEU RA 176 -50.18 -73.82 -26.06
N LEU RA 177 -49.33 -74.77 -25.71
CA LEU RA 177 -48.03 -74.47 -25.12
C LEU RA 177 -47.06 -74.11 -26.23
N GLY RA 178 -45.78 -74.08 -25.93
CA GLY RA 178 -44.80 -73.62 -26.90
C GLY RA 178 -44.58 -74.59 -28.06
N GLN RA 179 -43.64 -74.20 -28.92
CA GLN RA 179 -43.33 -74.96 -30.13
C GLN RA 179 -42.70 -76.31 -29.81
N GLU RA 180 -41.93 -76.39 -28.73
CA GLU RA 180 -41.20 -77.61 -28.39
C GLU RA 180 -42.10 -78.58 -27.63
N LYS RA 181 -42.32 -79.76 -28.20
CA LYS RA 181 -43.22 -80.71 -27.55
C LYS RA 181 -42.55 -81.44 -26.41
N GLU RA 182 -41.22 -81.60 -26.47
CA GLU RA 182 -40.51 -82.42 -25.51
C GLU RA 182 -40.39 -81.77 -24.13
N ARG RA 183 -40.64 -80.46 -24.03
CA ARG RA 183 -40.43 -79.78 -22.77
C ARG RA 183 -41.54 -80.08 -21.77
N PHE RA 184 -42.76 -80.27 -22.23
CA PHE RA 184 -43.89 -80.55 -21.35
C PHE RA 184 -44.41 -81.94 -21.66
N GLN RA 185 -45.22 -82.46 -20.74
CA GLN RA 185 -45.84 -83.78 -20.92
C GLN RA 185 -47.21 -83.74 -20.27
N VAL RA 186 -48.26 -83.71 -21.09
CA VAL RA 186 -49.62 -83.62 -20.57
C VAL RA 186 -50.02 -84.94 -19.93
N LEU RA 187 -50.89 -84.85 -18.93
CA LEU RA 187 -51.26 -86.03 -18.15
C LEU RA 187 -52.76 -86.04 -17.91
N PRO RA 188 -53.49 -86.92 -18.57
CA PRO RA 188 -54.94 -87.00 -18.35
C PRO RA 188 -55.29 -87.67 -17.03
N GLY RA 189 -55.40 -86.86 -15.98
CA GLY RA 189 -55.74 -87.37 -14.66
C GLY RA 189 -57.13 -87.96 -14.58
N ARG RA 190 -57.38 -88.64 -13.46
CA ARG RA 190 -58.57 -89.45 -13.30
C ARG RA 190 -59.79 -88.65 -12.85
N ASP RA 191 -59.60 -87.44 -12.32
CA ASP RA 191 -60.71 -86.67 -11.74
C ASP RA 191 -61.16 -85.53 -12.64
N LYS RA 192 -61.16 -85.78 -13.96
CA LYS RA 192 -61.63 -84.95 -15.08
C LYS RA 192 -60.71 -83.77 -15.38
N MET RA 193 -59.73 -83.51 -14.54
CA MET RA 193 -58.80 -82.41 -14.74
C MET RA 193 -57.55 -82.93 -15.43
N LEU RA 194 -57.07 -82.17 -16.40
CA LEU RA 194 -55.85 -82.51 -17.12
C LEU RA 194 -54.67 -81.83 -16.44
N TYR RA 195 -53.50 -82.46 -16.50
CA TYR RA 195 -52.32 -81.95 -15.85
C TYR RA 195 -51.17 -81.87 -16.86
N VAL RA 196 -50.31 -80.87 -16.68
CA VAL RA 196 -49.13 -80.70 -17.52
C VAL RA 196 -47.89 -80.57 -16.65
N ALA RA 197 -46.92 -81.45 -16.88
CA ALA RA 197 -45.79 -81.60 -15.98
C ALA RA 197 -44.61 -80.79 -16.50
N ALA RA 198 -44.34 -79.67 -15.84
CA ALA RA 198 -43.16 -78.90 -16.19
C ALA RA 198 -41.92 -79.55 -15.60
N GLN RA 199 -40.76 -79.01 -15.97
CA GLN RA 199 -39.50 -79.55 -15.49
C GLN RA 199 -38.82 -78.68 -14.45
N ASN RA 200 -38.97 -77.37 -14.52
CA ASN RA 200 -38.41 -76.47 -13.54
C ASN RA 200 -39.32 -75.25 -13.40
N GLU RA 201 -38.81 -74.20 -12.75
CA GLU RA 201 -39.65 -73.04 -12.48
C GLU RA 201 -39.63 -72.02 -13.60
N ARG RA 202 -38.91 -72.26 -14.70
CA ARG RA 202 -39.18 -71.44 -15.87
C ARG RA 202 -40.29 -72.05 -16.71
N ASP RA 203 -40.29 -73.36 -16.86
CA ASP RA 203 -41.34 -74.03 -17.60
C ASP RA 203 -42.67 -73.99 -16.87
N THR RA 204 -42.64 -73.91 -15.55
CA THR RA 204 -43.88 -73.79 -14.79
C THR RA 204 -44.53 -72.43 -15.04
N LEU RA 205 -43.73 -71.36 -15.00
CA LEU RA 205 -44.25 -70.05 -15.38
C LEU RA 205 -44.50 -69.93 -16.87
N TRP RA 206 -43.93 -70.82 -17.67
CA TRP RA 206 -44.31 -70.88 -19.07
C TRP RA 206 -45.69 -71.48 -19.23
N ALA RA 207 -46.01 -72.50 -18.45
CA ALA RA 207 -47.27 -73.21 -18.61
C ALA RA 207 -48.36 -72.68 -17.70
N ARG RA 208 -48.01 -72.08 -16.56
CA ARG RA 208 -49.01 -71.36 -15.79
C ARG RA 208 -49.36 -70.02 -16.39
N GLN RA 209 -48.62 -69.58 -17.41
CA GLN RA 209 -49.02 -68.37 -18.10
C GLN RA 209 -50.14 -68.66 -19.08
N VAL RA 210 -50.04 -69.78 -19.80
CA VAL RA 210 -51.03 -70.14 -20.81
C VAL RA 210 -52.39 -70.40 -20.17
N LEU RA 211 -52.42 -71.18 -19.11
CA LEU RA 211 -53.68 -71.62 -18.55
C LEU RA 211 -54.41 -70.52 -17.77
N ALA RA 212 -53.72 -69.47 -17.37
CA ALA RA 212 -54.35 -68.39 -16.63
C ALA RA 212 -54.68 -67.19 -17.51
N ARG RA 213 -54.02 -67.08 -18.65
CA ARG RA 213 -54.30 -66.01 -19.60
C ARG RA 213 -55.59 -66.25 -20.34
N GLY RA 214 -55.90 -67.50 -20.66
CA GLY RA 214 -56.92 -67.75 -21.64
C GLY RA 214 -57.71 -69.00 -21.38
N ASP RA 215 -57.93 -69.78 -22.43
CA ASP RA 215 -58.89 -70.88 -22.36
C ASP RA 215 -58.26 -72.20 -22.77
N TYR RA 216 -58.51 -73.21 -21.96
CA TYR RA 216 -58.55 -74.60 -22.38
C TYR RA 216 -59.96 -75.05 -22.03
N ASP RA 217 -60.57 -75.86 -22.90
CA ASP RA 217 -61.99 -76.18 -22.70
C ASP RA 217 -62.21 -77.31 -21.69
N LYS RA 218 -61.52 -77.23 -20.55
CA LYS RA 218 -61.56 -78.12 -19.40
C LYS RA 218 -60.59 -77.48 -18.40
N ASN RA 219 -60.59 -78.00 -17.17
CA ASN RA 219 -59.66 -77.51 -16.18
C ASN RA 219 -58.27 -78.06 -16.45
N ALA RA 220 -57.25 -77.26 -16.20
CA ALA RA 220 -55.87 -77.67 -16.42
C ALA RA 220 -54.99 -77.07 -15.34
N ARG RA 221 -53.99 -77.82 -14.90
CA ARG RA 221 -53.25 -77.51 -13.69
C ARG RA 221 -51.82 -77.97 -13.82
N VAL RA 222 -50.87 -77.04 -13.70
CA VAL RA 222 -49.46 -77.35 -13.89
C VAL RA 222 -48.92 -77.94 -12.60
N ILE RA 223 -48.27 -79.09 -12.69
CA ILE RA 223 -47.59 -79.68 -11.54
C ILE RA 223 -46.09 -79.65 -11.82
N ASN RA 224 -45.32 -79.50 -10.75
CA ASN RA 224 -43.88 -79.44 -10.84
C ASN RA 224 -43.30 -80.64 -10.10
N GLU RA 225 -41.99 -80.84 -10.24
CA GLU RA 225 -41.36 -81.96 -9.56
C GLU RA 225 -41.02 -81.56 -8.13
N ASN RA 226 -40.55 -80.33 -7.95
CA ASN RA 226 -40.12 -79.88 -6.64
C ASN RA 226 -41.20 -79.12 -5.87
N GLU RA 227 -42.39 -78.97 -6.43
CA GLU RA 227 -43.45 -78.31 -5.69
C GLU RA 227 -44.54 -79.30 -5.30
N GLU RA 228 -44.90 -80.21 -6.21
CA GLU RA 228 -45.86 -81.26 -5.90
C GLU RA 228 -45.27 -82.22 -4.88
N ASN RA 229 -43.95 -82.39 -4.89
CA ASN RA 229 -43.26 -83.07 -3.81
C ASN RA 229 -43.52 -82.38 -2.47
N LYS RA 230 -43.45 -81.05 -2.47
CA LYS RA 230 -43.67 -80.33 -1.23
C LYS RA 230 -45.15 -80.27 -0.88
N ARG RA 231 -46.03 -80.34 -1.87
CA ARG RA 231 -47.47 -80.29 -1.60
C ARG RA 231 -47.95 -81.54 -0.88
N ILE RA 232 -47.38 -82.70 -1.24
CA ILE RA 232 -47.75 -83.96 -0.61
C ILE RA 232 -47.33 -83.97 0.84
N SER RA 233 -46.16 -83.41 1.14
CA SER RA 233 -45.66 -83.35 2.51
C SER RA 233 -46.49 -82.45 3.40
N ILE RA 234 -47.25 -81.52 2.84
CA ILE RA 234 -48.19 -80.75 3.64
C ILE RA 234 -49.39 -81.61 3.99
N TRP RA 235 -49.75 -82.55 3.11
CA TRP RA 235 -50.77 -83.54 3.43
C TRP RA 235 -50.19 -84.66 4.28
N LEU RA 236 -48.94 -85.01 4.06
CA LEU RA 236 -48.42 -86.25 4.61
C LEU RA 236 -48.02 -86.11 6.06
N ASP RA 237 -47.67 -84.90 6.51
CA ASP RA 237 -47.29 -84.76 7.90
C ASP RA 237 -48.48 -84.79 8.85
N THR RA 238 -49.69 -84.54 8.35
CA THR RA 238 -50.88 -84.68 9.17
C THR RA 238 -51.35 -86.12 9.23
N TYR RA 239 -51.56 -86.74 8.08
CA TYR RA 239 -52.14 -88.08 8.05
C TYR RA 239 -51.12 -89.18 8.25
N TYR RA 240 -49.84 -88.88 8.12
CA TYR RA 240 -48.78 -89.81 8.53
C TYR RA 240 -47.60 -89.04 9.15
N PRO RA 241 -47.75 -88.57 10.39
CA PRO RA 241 -46.57 -88.08 11.09
C PRO RA 241 -45.74 -89.27 11.55
N GLN RA 242 -44.49 -88.96 11.94
CA GLN RA 242 -43.46 -89.97 12.22
C GLN RA 242 -43.25 -90.92 11.04
N LEU RA 243 -43.38 -90.42 9.82
CA LEU RA 243 -43.10 -91.19 8.63
C LEU RA 243 -41.72 -90.78 8.13
N ALA RA 244 -40.87 -91.76 7.91
CA ALA RA 244 -39.51 -91.51 7.43
C ALA RA 244 -39.47 -91.80 5.94
N TYR RA 245 -39.38 -90.75 5.15
CA TYR RA 245 -39.36 -90.84 3.70
C TYR RA 245 -38.38 -89.79 3.20
N TYR RA 246 -37.94 -89.97 1.96
CA TYR RA 246 -36.95 -89.05 1.41
C TYR RA 246 -37.57 -88.03 0.48
N ARG RA 247 -38.19 -88.49 -0.60
CA ARG RA 247 -38.51 -87.65 -1.75
C ARG RA 247 -39.35 -88.48 -2.71
N ILE RA 248 -40.31 -87.84 -3.35
CA ILE RA 248 -41.06 -88.47 -4.42
C ILE RA 248 -40.43 -88.02 -5.74
N HIS RA 249 -40.54 -88.87 -6.76
CA HIS RA 249 -39.79 -88.66 -8.00
C HIS RA 249 -40.69 -88.75 -9.21
N PHE RA 250 -40.62 -87.74 -10.06
CA PHE RA 250 -41.52 -87.55 -11.19
C PHE RA 250 -40.78 -87.64 -12.52
N ASP RA 251 -39.86 -88.59 -12.64
CA ASP RA 251 -39.15 -88.75 -13.90
C ASP RA 251 -40.06 -89.35 -14.96
N GLU RA 252 -40.77 -90.42 -14.60
CA GLU RA 252 -41.92 -90.90 -15.37
C GLU RA 252 -43.16 -90.49 -14.59
N PRO RA 253 -43.81 -89.37 -14.94
CA PRO RA 253 -44.88 -88.84 -14.09
C PRO RA 253 -46.16 -89.65 -14.13
N ARG RA 254 -46.27 -90.65 -15.00
CA ARG RA 254 -47.40 -91.56 -14.94
C ARG RA 254 -47.36 -92.40 -13.67
N LYS RA 255 -46.17 -92.76 -13.20
CA LYS RA 255 -46.10 -93.44 -11.90
C LYS RA 255 -44.87 -93.00 -11.13
N PRO RA 256 -45.05 -92.39 -9.97
CA PRO RA 256 -43.91 -91.89 -9.20
C PRO RA 256 -43.29 -92.95 -8.31
N VAL RA 257 -42.00 -92.76 -8.04
CA VAL RA 257 -41.24 -93.62 -7.16
C VAL RA 257 -41.00 -92.85 -5.88
N PHE RA 258 -41.63 -93.31 -4.81
CA PHE RA 258 -41.64 -92.59 -3.53
C PHE RA 258 -40.79 -93.37 -2.53
N TRP RA 259 -39.57 -92.88 -2.30
CA TRP RA 259 -38.62 -93.58 -1.45
C TRP RA 259 -39.04 -93.48 0.01
N LEU RA 260 -38.73 -94.53 0.77
CA LEU RA 260 -38.91 -94.52 2.21
C LEU RA 260 -37.65 -95.06 2.87
N SER RA 261 -37.54 -94.78 4.17
CA SER RA 261 -36.50 -95.37 4.98
C SER RA 261 -36.87 -96.81 5.27
N ARG RA 262 -36.00 -97.74 4.89
CA ARG RA 262 -36.19 -99.13 5.29
C ARG RA 262 -36.02 -99.30 6.79
N GLN RA 263 -35.14 -98.50 7.39
CA GLN RA 263 -34.79 -98.71 8.79
C GLN RA 263 -35.81 -98.08 9.72
N ARG RA 264 -36.23 -96.85 9.45
CA ARG RA 264 -37.02 -96.08 10.39
C ARG RA 264 -38.52 -96.19 10.13
N ASN RA 265 -38.98 -97.18 9.38
CA ASN RA 265 -40.40 -97.38 9.12
C ASN RA 265 -40.84 -98.71 9.69
N THR RA 266 -41.77 -98.65 10.64
CA THR RA 266 -42.37 -99.83 11.25
C THR RA 266 -43.67 -100.21 10.59
N MET RA 267 -43.99 -99.59 9.45
CA MET RA 267 -45.21 -99.93 8.72
C MET RA 267 -45.10 -101.32 8.11
N SER RA 268 -46.16 -102.10 8.22
CA SER RA 268 -46.18 -103.42 7.63
C SER RA 268 -46.59 -103.30 6.16
N LYS RA 269 -46.52 -104.43 5.44
CA LYS RA 269 -46.79 -104.39 4.01
C LYS RA 269 -48.27 -104.28 3.69
N LYS RA 270 -49.12 -104.46 4.69
CA LYS RA 270 -50.55 -104.25 4.52
C LYS RA 270 -50.87 -102.79 4.26
N GLU RA 271 -50.60 -101.93 5.25
CA GLU RA 271 -50.94 -100.52 5.13
C GLU RA 271 -49.97 -99.75 4.24
N LEU RA 272 -48.82 -100.33 3.88
CA LEU RA 272 -47.97 -99.71 2.89
C LEU RA 272 -48.62 -99.73 1.52
N GLU RA 273 -49.42 -100.75 1.24
CA GLU RA 273 -50.21 -100.75 0.02
C GLU RA 273 -51.40 -99.81 0.14
N VAL RA 274 -51.89 -99.58 1.37
CA VAL RA 274 -52.85 -98.51 1.60
C VAL RA 274 -52.18 -97.16 1.36
N LEU RA 275 -50.91 -97.03 1.74
CA LEU RA 275 -50.17 -95.80 1.50
C LEU RA 275 -49.88 -95.58 0.02
N SER RA 276 -49.83 -96.64 -0.78
CA SER RA 276 -49.78 -96.48 -2.23
C SER RA 276 -51.13 -96.14 -2.82
N GLN RA 277 -52.20 -96.16 -2.02
CA GLN RA 277 -53.51 -95.74 -2.47
C GLN RA 277 -53.98 -94.42 -1.87
N LYS RA 278 -53.43 -94.02 -0.72
CA LYS RA 278 -53.71 -92.69 -0.20
C LYS RA 278 -53.04 -91.62 -1.05
N LEU RA 279 -51.86 -91.92 -1.59
CA LEU RA 279 -51.16 -90.93 -2.41
C LEU RA 279 -51.80 -90.76 -3.77
N ARG RA 280 -52.47 -91.80 -4.28
CA ARG RA 280 -53.15 -91.69 -5.56
C ARG RA 280 -54.37 -90.77 -5.50
N ALA RA 281 -54.93 -90.57 -4.31
CA ALA RA 281 -55.98 -89.58 -4.16
C ALA RA 281 -55.45 -88.16 -4.25
N LEU RA 282 -54.14 -87.97 -4.06
CA LEU RA 282 -53.53 -86.66 -4.21
C LEU RA 282 -52.96 -86.44 -5.60
N MET RA 283 -52.60 -87.50 -6.30
CA MET RA 283 -52.01 -87.42 -7.64
C MET RA 283 -52.92 -88.16 -8.59
N PRO RA 284 -53.94 -87.49 -9.14
CA PRO RA 284 -54.86 -88.18 -10.05
C PRO RA 284 -54.22 -88.57 -11.36
N TYR RA 285 -53.21 -87.82 -11.80
CA TYR RA 285 -52.45 -88.15 -12.98
C TYR RA 285 -51.62 -89.42 -12.79
N ALA RA 286 -51.35 -89.81 -11.56
CA ALA RA 286 -50.49 -90.96 -11.30
C ALA RA 286 -51.24 -92.26 -11.55
N ASP RA 287 -50.52 -93.26 -12.03
CA ASP RA 287 -51.11 -94.58 -12.20
C ASP RA 287 -51.11 -95.33 -10.88
N SER RA 288 -49.92 -95.62 -10.35
CA SER RA 288 -49.79 -96.31 -9.08
C SER RA 288 -48.41 -96.00 -8.52
N VAL RA 289 -48.33 -95.64 -7.24
CA VAL RA 289 -47.08 -95.21 -6.64
C VAL RA 289 -46.18 -96.41 -6.41
N ASN RA 290 -44.93 -96.31 -6.87
CA ASN RA 290 -43.94 -97.37 -6.72
C ASN RA 290 -43.15 -97.08 -5.45
N ILE RA 291 -43.68 -97.56 -4.32
CA ILE RA 291 -43.01 -97.37 -3.03
C ILE RA 291 -41.85 -98.35 -2.92
N THR RA 292 -40.64 -97.81 -2.77
CA THR RA 292 -39.48 -98.64 -2.48
C THR RA 292 -38.81 -98.14 -1.21
N LEU RA 293 -37.78 -98.86 -0.80
CA LEU RA 293 -37.12 -98.64 0.48
C LEU RA 293 -35.64 -98.40 0.21
N MET RA 294 -35.05 -97.44 0.93
CA MET RA 294 -33.63 -97.17 0.82
C MET RA 294 -33.04 -97.18 2.22
N ASP RA 295 -31.87 -97.79 2.37
CA ASP RA 295 -31.23 -97.84 3.68
C ASP RA 295 -30.65 -96.48 4.03
N ASP RA 296 -30.78 -96.11 5.31
CA ASP RA 296 -30.31 -94.81 5.76
C ASP RA 296 -28.80 -94.72 5.79
N VAL RA 297 -28.10 -95.86 5.89
CA VAL RA 297 -26.65 -95.81 5.85
C VAL RA 297 -26.14 -95.58 4.42
N THR RA 298 -26.94 -95.94 3.42
CA THR RA 298 -26.57 -95.63 2.05
C THR RA 298 -26.79 -94.17 1.72
N ALA RA 299 -27.80 -93.56 2.34
CA ALA RA 299 -28.08 -92.15 2.11
C ALA RA 299 -26.99 -91.28 2.70
N ALA RA 300 -26.65 -91.52 3.96
CA ALA RA 300 -25.57 -90.77 4.58
C ALA RA 300 -24.21 -91.19 4.07
N GLY RA 301 -24.11 -92.38 3.46
CA GLY RA 301 -22.84 -92.82 2.92
C GLY RA 301 -22.42 -91.99 1.72
N GLN RA 302 -23.28 -91.95 0.70
CA GLN RA 302 -22.97 -91.22 -0.53
C GLN RA 302 -22.86 -89.73 -0.30
N ALA RA 303 -23.56 -89.20 0.70
CA ALA RA 303 -23.38 -87.81 1.07
C ALA RA 303 -22.01 -87.60 1.69
N GLU RA 304 -21.55 -88.56 2.49
CA GLU RA 304 -20.21 -88.44 3.05
C GLU RA 304 -19.15 -88.83 2.02
N ALA RA 305 -19.41 -89.88 1.24
CA ALA RA 305 -18.44 -90.33 0.25
C ALA RA 305 -18.36 -89.42 -0.97
N GLY RA 306 -19.18 -88.38 -1.04
CA GLY RA 306 -19.00 -87.38 -2.05
C GLY RA 306 -18.35 -86.14 -1.47
N LEU RA 307 -18.70 -85.82 -0.22
CA LEU RA 307 -18.25 -84.56 0.36
C LEU RA 307 -16.79 -84.63 0.76
N LYS RA 308 -16.26 -85.81 1.02
CA LYS RA 308 -14.82 -85.95 1.14
C LYS RA 308 -14.18 -86.27 -0.20
N GLN RA 309 -14.98 -86.64 -1.21
CA GLN RA 309 -14.45 -86.81 -2.56
C GLN RA 309 -14.29 -85.47 -3.25
N GLN RA 310 -14.99 -84.45 -2.79
CA GLN RA 310 -14.76 -83.08 -3.22
C GLN RA 310 -13.66 -82.40 -2.43
N ALA RA 311 -13.06 -83.10 -1.47
CA ALA RA 311 -12.03 -82.60 -0.56
C ALA RA 311 -12.52 -81.36 0.20
N LEU RA 312 -13.52 -81.59 1.04
CA LEU RA 312 -14.11 -80.52 1.83
C LEU RA 312 -13.99 -80.83 3.31
N PRO RA 313 -13.63 -79.85 4.13
CA PRO RA 313 -13.60 -80.08 5.58
C PRO RA 313 -15.01 -80.14 6.13
N TYR RA 314 -15.25 -81.09 7.04
CA TYR RA 314 -16.59 -81.26 7.58
C TYR RA 314 -16.49 -81.92 8.95
N SER RA 315 -17.64 -82.21 9.53
CA SER RA 315 -17.71 -83.07 10.71
C SER RA 315 -19.09 -83.72 10.72
N ARG RA 316 -19.14 -85.02 10.49
CA ARG RA 316 -20.39 -85.75 10.55
C ARG RA 316 -20.86 -85.87 11.98
N ARG RA 317 -21.96 -85.20 12.30
CA ARG RA 317 -22.63 -85.41 13.57
C ARG RA 317 -23.91 -86.17 13.31
N ASN RA 318 -24.11 -87.27 14.03
CA ASN RA 318 -25.28 -88.09 13.84
C ASN RA 318 -26.36 -87.70 14.84
N HIS RA 319 -27.59 -88.08 14.53
CA HIS RA 319 -28.68 -87.91 15.46
C HIS RA 319 -29.61 -89.10 15.33
N LYS RA 320 -30.60 -89.15 16.21
CA LYS RA 320 -31.63 -90.18 16.17
C LYS RA 320 -32.64 -89.74 15.11
N GLY RA 321 -32.42 -90.15 13.87
CA GLY RA 321 -33.31 -89.80 12.80
C GLY RA 321 -32.79 -88.70 11.90
N GLY RA 322 -31.52 -88.78 11.54
CA GLY RA 322 -30.92 -87.83 10.62
C GLY RA 322 -29.47 -87.57 10.97
N VAL RA 323 -28.71 -87.15 9.96
CA VAL RA 323 -27.32 -86.76 10.14
C VAL RA 323 -27.19 -85.31 9.73
N THR RA 324 -26.01 -84.75 9.97
CA THR RA 324 -25.78 -83.33 9.68
C THR RA 324 -24.31 -83.14 9.35
N PHE RA 325 -24.04 -82.54 8.20
CA PHE RA 325 -22.67 -82.30 7.74
C PHE RA 325 -22.41 -80.80 7.82
N VAL RA 326 -21.94 -80.33 8.95
CA VAL RA 326 -21.57 -78.93 9.03
C VAL RA 326 -20.20 -78.74 8.39
N ILE RA 327 -20.09 -77.72 7.55
CA ILE RA 327 -18.90 -77.43 6.77
C ILE RA 327 -18.46 -76.04 7.16
N GLN RA 328 -17.28 -75.91 7.75
CA GLN RA 328 -16.85 -74.59 8.17
C GLN RA 328 -15.39 -74.32 7.81
N GLY RA 329 -14.92 -73.14 8.17
CA GLY RA 329 -13.63 -72.65 7.74
C GLY RA 329 -13.78 -71.55 6.71
N ALA RA 330 -12.65 -70.92 6.40
CA ALA RA 330 -12.62 -69.88 5.37
C ALA RA 330 -12.46 -70.56 4.02
N LEU RA 331 -13.57 -71.08 3.52
CA LEU RA 331 -13.59 -71.75 2.23
C LEU RA 331 -13.48 -70.73 1.12
N ASP RA 332 -12.50 -70.88 0.24
CA ASP RA 332 -12.39 -69.99 -0.90
C ASP RA 332 -13.23 -70.52 -2.06
N ASP RA 333 -13.05 -69.95 -3.24
CA ASP RA 333 -14.07 -70.03 -4.27
C ASP RA 333 -14.10 -71.38 -4.96
N VAL RA 334 -12.97 -72.08 -5.01
CA VAL RA 334 -12.90 -73.33 -5.75
C VAL RA 334 -13.68 -74.40 -5.01
N GLU RA 335 -13.65 -74.36 -3.69
CA GLU RA 335 -14.35 -75.34 -2.87
C GLU RA 335 -15.74 -74.89 -2.48
N ILE RA 336 -16.05 -73.60 -2.55
CA ILE RA 336 -17.41 -73.14 -2.28
C ILE RA 336 -18.33 -73.46 -3.45
N LEU RA 337 -17.77 -73.73 -4.62
CA LEU RA 337 -18.55 -74.06 -5.81
C LEU RA 337 -18.54 -75.54 -6.10
N ARG RA 338 -17.55 -76.27 -5.62
CA ARG RA 338 -17.68 -77.72 -5.61
C ARG RA 338 -18.69 -78.16 -4.56
N ALA RA 339 -18.92 -77.34 -3.54
CA ALA RA 339 -19.89 -77.68 -2.52
C ALA RA 339 -21.30 -77.60 -3.05
N ARG RA 340 -21.63 -76.52 -3.76
CA ARG RA 340 -23.02 -76.27 -4.14
C ARG RA 340 -23.47 -77.18 -5.26
N GLN RA 341 -22.59 -77.53 -6.18
CA GLN RA 341 -23.00 -78.50 -7.18
C GLN RA 341 -22.88 -79.94 -6.69
N PHE RA 342 -22.49 -80.15 -5.45
CA PHE RA 342 -22.75 -81.43 -4.82
C PHE RA 342 -24.02 -81.44 -4.00
N VAL RA 343 -24.29 -80.35 -3.27
CA VAL RA 343 -25.49 -80.26 -2.44
C VAL RA 343 -26.73 -80.25 -3.31
N ASP RA 344 -26.75 -79.40 -4.32
CA ASP RA 344 -27.87 -79.34 -5.24
C ASP RA 344 -27.97 -80.58 -6.12
N SER RA 345 -26.89 -81.32 -6.27
CA SER RA 345 -26.96 -82.64 -6.90
C SER RA 345 -27.32 -83.73 -5.91
N TYR RA 346 -27.36 -83.41 -4.61
CA TYR RA 346 -27.80 -84.38 -3.63
C TYR RA 346 -29.28 -84.21 -3.32
N TYR RA 347 -29.71 -82.97 -3.10
CA TYR RA 347 -31.11 -82.71 -2.80
C TYR RA 347 -32.00 -82.95 -3.99
N ARG RA 348 -31.46 -82.91 -5.20
CA ARG RA 348 -32.20 -83.37 -6.36
C ARG RA 348 -32.38 -84.88 -6.33
N THR RA 349 -31.45 -85.60 -5.72
CA THR RA 349 -31.51 -87.05 -5.70
C THR RA 349 -32.26 -87.58 -4.48
N TRP RA 350 -31.87 -87.14 -3.30
CA TRP RA 350 -32.37 -87.72 -2.06
C TRP RA 350 -33.36 -86.86 -1.31
N GLY RA 351 -33.52 -85.61 -1.69
CA GLY RA 351 -34.30 -84.70 -0.89
C GLY RA 351 -33.51 -84.25 0.33
N GLY RA 352 -34.16 -83.43 1.15
CA GLY RA 352 -33.44 -82.88 2.28
C GLY RA 352 -34.05 -83.21 3.62
N ARG RA 353 -34.59 -84.42 3.77
CA ARG RA 353 -35.27 -84.80 5.00
C ARG RA 353 -34.46 -85.73 5.88
N TYR RA 354 -33.26 -86.13 5.45
CA TYR RA 354 -32.46 -87.01 6.30
C TYR RA 354 -31.07 -86.44 6.51
N VAL RA 355 -30.55 -85.72 5.52
CA VAL RA 355 -29.21 -85.16 5.57
C VAL RA 355 -29.32 -83.66 5.40
N GLN RA 356 -28.76 -82.89 6.32
CA GLN RA 356 -28.72 -81.45 6.22
C GLN RA 356 -27.27 -81.01 6.09
N PHE RA 357 -26.99 -80.23 5.05
CA PHE RA 357 -25.66 -79.68 4.84
C PHE RA 357 -25.63 -78.28 5.40
N ALA RA 358 -24.69 -78.02 6.30
CA ALA RA 358 -24.55 -76.71 6.91
C ALA RA 358 -23.25 -76.11 6.39
N ILE RA 359 -23.32 -75.40 5.27
CA ILE RA 359 -22.16 -74.67 4.82
C ILE RA 359 -22.14 -73.33 5.57
N GLU RA 360 -21.58 -73.36 6.77
CA GLU RA 360 -21.51 -72.22 7.67
C GLU RA 360 -20.10 -71.68 7.50
N LEU RA 361 -20.00 -70.47 6.98
CA LEU RA 361 -18.74 -69.94 6.46
C LEU RA 361 -18.28 -68.77 7.31
N LYS RA 362 -17.26 -69.00 8.13
CA LYS RA 362 -16.71 -67.97 9.01
C LYS RA 362 -15.21 -67.91 8.86
N ASP RA 363 -14.59 -67.05 9.67
CA ASP RA 363 -13.15 -66.86 9.68
C ASP RA 363 -12.48 -67.97 10.49
N ASP RA 364 -11.20 -67.76 10.82
CA ASP RA 364 -10.46 -68.68 11.66
C ASP RA 364 -10.45 -68.16 13.10
N ASP SA 20 -51.49 -54.02 -27.37
CA ASP SA 20 -52.75 -53.30 -27.41
C ASP SA 20 -52.79 -52.27 -26.29
N LYS SA 21 -52.59 -52.73 -25.05
CA LYS SA 21 -52.60 -51.85 -23.89
C LYS SA 21 -51.21 -51.31 -23.62
N ASP SA 22 -51.12 -50.00 -23.39
CA ASP SA 22 -49.85 -49.35 -23.16
C ASP SA 22 -49.28 -49.71 -21.80
N LEU SA 23 -47.99 -49.97 -21.75
CA LEU SA 23 -47.36 -50.44 -20.53
C LEU SA 23 -46.14 -49.63 -20.13
N LEU SA 24 -45.32 -49.21 -21.08
CA LEU SA 24 -44.19 -48.34 -20.79
C LEU SA 24 -44.03 -47.38 -21.96
N LYS SA 25 -43.68 -46.14 -21.66
CA LYS SA 25 -43.48 -45.12 -22.67
C LYS SA 25 -42.17 -44.39 -22.38
N GLY SA 26 -41.62 -43.79 -23.43
CA GLY SA 26 -40.47 -42.92 -23.25
C GLY SA 26 -39.19 -43.61 -22.88
N LEU SA 27 -39.09 -44.92 -23.10
CA LEU SA 27 -37.85 -45.63 -22.81
C LEU SA 27 -36.81 -45.30 -23.85
N ASP SA 28 -35.55 -45.30 -23.44
CA ASP SA 28 -34.49 -45.27 -24.43
C ASP SA 28 -34.21 -46.71 -24.86
N GLN SA 29 -33.11 -46.90 -25.59
CA GLN SA 29 -32.94 -48.11 -26.40
C GLN SA 29 -32.60 -49.32 -25.56
N GLU SA 30 -31.50 -49.26 -24.81
CA GLU SA 30 -31.05 -50.39 -24.03
C GLU SA 30 -31.95 -50.69 -22.83
N GLN SA 31 -32.79 -49.76 -22.41
CA GLN SA 31 -33.83 -50.12 -21.45
C GLN SA 31 -34.98 -50.86 -22.10
N ALA SA 32 -35.34 -50.52 -23.33
CA ALA SA 32 -36.46 -51.15 -23.98
C ALA SA 32 -36.14 -52.57 -24.43
N ASN SA 33 -34.89 -52.82 -24.80
CA ASN SA 33 -34.50 -54.15 -25.23
C ASN SA 33 -34.38 -55.10 -24.04
N GLU SA 34 -34.21 -54.57 -22.84
CA GLU SA 34 -34.09 -55.43 -21.67
C GLU SA 34 -35.45 -55.86 -21.18
N VAL SA 35 -36.45 -54.99 -21.27
CA VAL SA 35 -37.79 -55.29 -20.76
C VAL SA 35 -38.42 -56.41 -21.57
N ILE SA 36 -38.33 -56.34 -22.89
CA ILE SA 36 -38.86 -57.39 -23.76
C ILE SA 36 -38.15 -58.70 -23.53
N ALA SA 37 -36.87 -58.66 -23.18
CA ALA SA 37 -36.14 -59.86 -22.85
C ALA SA 37 -36.67 -60.50 -21.58
N VAL SA 38 -37.12 -59.68 -20.64
CA VAL SA 38 -37.72 -60.22 -19.43
C VAL SA 38 -39.11 -60.75 -19.72
N LEU SA 39 -39.87 -60.03 -20.53
CA LEU SA 39 -41.26 -60.38 -20.77
C LEU SA 39 -41.40 -61.65 -21.59
N GLN SA 40 -40.64 -61.76 -22.68
CA GLN SA 40 -40.69 -62.98 -23.49
C GLN SA 40 -40.06 -64.16 -22.79
N MET SA 41 -39.31 -63.95 -21.73
CA MET SA 41 -38.95 -65.07 -20.86
C MET SA 41 -40.18 -65.64 -20.18
N HIS SA 42 -41.09 -64.78 -19.78
CA HIS SA 42 -42.27 -65.19 -19.05
C HIS SA 42 -43.49 -65.28 -19.95
N ASN SA 43 -43.27 -65.63 -21.21
CA ASN SA 43 -44.29 -66.13 -22.15
C ASN SA 43 -45.36 -65.08 -22.47
N ILE SA 44 -45.01 -63.80 -22.50
CA ILE SA 44 -45.94 -62.82 -23.04
C ILE SA 44 -45.20 -61.99 -24.08
N GLU SA 45 -45.81 -61.79 -25.24
CA GLU SA 45 -45.12 -61.06 -26.29
C GLU SA 45 -45.30 -59.57 -26.10
N ALA SA 46 -44.30 -58.81 -26.54
CA ALA SA 46 -44.36 -57.36 -26.50
C ALA SA 46 -44.11 -56.81 -27.89
N ASN SA 47 -44.25 -55.50 -28.03
CA ASN SA 47 -44.09 -54.83 -29.30
C ASN SA 47 -43.31 -53.54 -29.07
N LYS SA 48 -42.03 -53.52 -29.43
CA LYS SA 48 -41.26 -52.30 -29.24
C LYS SA 48 -41.68 -51.27 -30.27
N ILE SA 49 -42.61 -50.40 -29.90
CA ILE SA 49 -43.12 -49.36 -30.77
C ILE SA 49 -42.27 -48.12 -30.56
N ASP SA 50 -41.48 -47.74 -31.55
CA ASP SA 50 -40.77 -46.47 -31.47
C ASP SA 50 -41.75 -45.32 -31.63
N SER SA 51 -41.55 -44.27 -30.83
CA SER SA 51 -42.34 -43.05 -30.93
C SER SA 51 -41.46 -41.86 -31.31
N GLY SA 52 -40.46 -42.09 -32.14
CA GLY SA 52 -39.60 -41.01 -32.58
C GLY SA 52 -38.59 -40.54 -31.55
N LYS SA 53 -38.56 -39.23 -31.33
CA LYS SA 53 -37.69 -38.59 -30.36
C LYS SA 53 -38.24 -38.67 -28.94
N LEU SA 54 -39.47 -39.12 -28.78
CA LEU SA 54 -40.08 -39.35 -27.48
C LEU SA 54 -39.79 -40.73 -26.94
N GLY SA 55 -38.75 -41.40 -27.42
CA GLY SA 55 -38.37 -42.70 -26.92
C GLY SA 55 -39.28 -43.81 -27.43
N TYR SA 56 -38.89 -45.04 -27.08
CA TYR SA 56 -39.63 -46.22 -27.47
C TYR SA 56 -40.89 -46.38 -26.63
N SER SA 57 -41.66 -47.43 -26.92
CA SER SA 57 -42.86 -47.73 -26.15
C SER SA 57 -43.11 -49.22 -26.27
N ILE SA 58 -43.60 -49.83 -25.19
CA ILE SA 58 -43.84 -51.25 -25.14
C ILE SA 58 -45.31 -51.47 -24.84
N THR SA 59 -46.00 -52.18 -25.73
CA THR SA 59 -47.41 -52.47 -25.56
C THR SA 59 -47.61 -53.97 -25.55
N VAL SA 60 -48.41 -54.46 -24.60
CA VAL SA 60 -48.75 -55.86 -24.54
C VAL SA 60 -50.23 -56.02 -24.83
N ALA SA 61 -50.65 -57.26 -25.04
CA ALA SA 61 -52.05 -57.52 -25.31
C ALA SA 61 -52.85 -57.44 -24.02
N GLU SA 62 -54.16 -57.34 -24.18
CA GLU SA 62 -55.07 -57.11 -23.06
C GLU SA 62 -55.14 -58.27 -22.06
N PRO SA 63 -55.18 -59.56 -22.44
CA PRO SA 63 -55.16 -60.59 -21.39
C PRO SA 63 -53.84 -60.72 -20.67
N ASP SA 64 -52.75 -60.23 -21.24
CA ASP SA 64 -51.46 -60.27 -20.56
C ASP SA 64 -51.01 -58.96 -19.97
N PHE SA 65 -51.84 -57.91 -20.00
CA PHE SA 65 -51.45 -56.70 -19.29
C PHE SA 65 -51.43 -56.92 -17.80
N THR SA 66 -52.24 -57.86 -17.31
CA THR SA 66 -52.23 -58.21 -15.89
C THR SA 66 -50.92 -58.86 -15.50
N ALA SA 67 -50.51 -59.87 -16.25
CA ALA SA 67 -49.31 -60.61 -15.90
C ALA SA 67 -48.05 -59.81 -16.15
N ALA SA 68 -48.06 -58.95 -17.16
CA ALA SA 68 -46.84 -58.23 -17.50
C ALA SA 68 -46.53 -57.14 -16.51
N VAL SA 69 -47.55 -56.52 -15.92
CA VAL SA 69 -47.29 -55.48 -14.93
C VAL SA 69 -46.86 -56.08 -13.61
N TYR SA 70 -47.05 -57.38 -13.42
CA TYR SA 70 -46.40 -58.04 -12.30
C TYR SA 70 -44.90 -58.15 -12.53
N TRP SA 71 -44.48 -58.55 -13.72
CA TRP SA 71 -43.06 -58.71 -13.95
C TRP SA 71 -42.33 -57.39 -14.15
N ILE SA 72 -43.06 -56.29 -14.34
CA ILE SA 72 -42.40 -55.00 -14.23
C ILE SA 72 -42.07 -54.73 -12.79
N LYS SA 73 -42.90 -55.21 -11.86
CA LYS SA 73 -42.68 -54.90 -10.46
C LYS SA 73 -41.54 -55.70 -9.88
N THR SA 74 -41.50 -57.02 -10.13
CA THR SA 74 -40.52 -57.87 -9.47
C THR SA 74 -39.11 -57.60 -9.99
N TYR SA 75 -38.96 -57.41 -11.28
CA TYR SA 75 -37.65 -57.13 -11.84
C TYR SA 75 -37.27 -55.67 -11.76
N GLN SA 76 -38.20 -54.83 -11.29
CA GLN SA 76 -38.03 -53.37 -11.18
C GLN SA 76 -37.66 -52.75 -12.52
N LEU SA 77 -38.29 -53.24 -13.57
CA LEU SA 77 -38.11 -52.66 -14.89
C LEU SA 77 -38.79 -51.30 -14.95
N PRO SA 78 -38.30 -50.37 -15.79
CA PRO SA 78 -37.13 -50.36 -16.66
C PRO SA 78 -35.85 -50.26 -15.86
N PRO SA 79 -34.77 -50.85 -16.35
CA PRO SA 79 -33.53 -50.86 -15.59
C PRO SA 79 -32.95 -49.47 -15.46
N ARG SA 80 -32.43 -49.17 -14.27
CA ARG SA 80 -31.69 -47.96 -14.05
C ARG SA 80 -30.41 -47.99 -14.89
N PRO SA 81 -29.88 -46.83 -15.28
CA PRO SA 81 -28.64 -46.83 -16.06
C PRO SA 81 -27.49 -47.35 -15.22
N ARG SA 82 -26.70 -48.25 -15.83
CA ARG SA 82 -25.66 -48.97 -15.11
C ARG SA 82 -24.55 -48.02 -14.69
N VAL SA 83 -24.39 -47.87 -13.38
CA VAL SA 83 -23.59 -46.81 -12.79
C VAL SA 83 -22.22 -47.36 -12.44
N GLU SA 84 -21.18 -46.64 -12.84
CA GLU SA 84 -19.86 -46.82 -12.29
C GLU SA 84 -19.50 -45.59 -11.47
N ILE SA 85 -18.40 -45.71 -10.73
CA ILE SA 85 -18.11 -44.76 -9.66
C ILE SA 85 -17.70 -43.42 -10.25
N ALA SA 86 -17.10 -43.43 -11.42
CA ALA SA 86 -16.54 -42.22 -11.98
C ALA SA 86 -17.57 -41.30 -12.62
N GLN SA 87 -18.84 -41.70 -12.66
CA GLN SA 87 -19.87 -40.79 -13.16
C GLN SA 87 -20.18 -39.69 -12.17
N MET SA 88 -19.76 -39.83 -10.92
CA MET SA 88 -20.07 -38.85 -9.90
C MET SA 88 -18.82 -38.06 -9.50
N PHE SA 89 -17.81 -38.05 -10.36
CA PHE SA 89 -16.65 -37.18 -10.22
C PHE SA 89 -16.28 -36.71 -11.61
N PRO SA 90 -17.03 -35.77 -12.19
CA PRO SA 90 -16.85 -35.49 -13.61
C PRO SA 90 -15.63 -34.64 -13.91
N ALA SA 91 -15.26 -33.75 -13.00
CA ALA SA 91 -14.12 -32.83 -13.11
C ALA SA 91 -14.20 -31.98 -14.38
N ASP SA 92 -15.25 -31.15 -14.46
CA ASP SA 92 -15.39 -30.27 -15.62
C ASP SA 92 -14.43 -29.08 -15.52
N SER SA 93 -14.53 -28.29 -14.46
CA SER SA 93 -13.63 -27.16 -14.26
C SER SA 93 -13.31 -26.97 -12.78
N LEU SA 94 -13.69 -27.92 -11.94
CA LEU SA 94 -13.44 -27.83 -10.51
C LEU SA 94 -12.03 -28.33 -10.22
N VAL SA 95 -11.47 -27.87 -9.10
CA VAL SA 95 -10.07 -28.10 -8.78
C VAL SA 95 -9.77 -29.58 -8.50
N SER SA 96 -10.79 -30.35 -8.11
CA SER SA 96 -10.77 -31.82 -8.07
C SER SA 96 -9.69 -32.35 -7.12
N SER SA 97 -9.99 -32.20 -5.83
CA SER SA 97 -9.27 -32.69 -4.65
C SER SA 97 -8.77 -34.12 -4.82
N PRO SA 98 -7.63 -34.47 -4.21
CA PRO SA 98 -6.96 -35.76 -4.52
C PRO SA 98 -7.75 -37.01 -4.20
N ARG SA 99 -8.84 -36.89 -3.46
CA ARG SA 99 -9.79 -37.99 -3.37
C ARG SA 99 -10.52 -38.22 -4.68
N ALA SA 100 -10.76 -37.17 -5.46
CA ALA SA 100 -11.52 -37.32 -6.68
C ALA SA 100 -10.69 -37.98 -7.77
N GLU SA 101 -9.36 -37.84 -7.72
CA GLU SA 101 -8.53 -38.52 -8.70
C GLU SA 101 -8.51 -40.02 -8.48
N LYS SA 102 -8.36 -40.49 -7.24
CA LYS SA 102 -8.37 -41.94 -7.04
C LYS SA 102 -9.76 -42.52 -7.18
N ALA SA 103 -10.79 -41.69 -7.08
CA ALA SA 103 -12.14 -42.20 -7.30
C ALA SA 103 -12.34 -42.57 -8.76
N ARG SA 104 -12.00 -41.68 -9.68
CA ARG SA 104 -12.19 -42.02 -11.08
C ARG SA 104 -11.00 -42.82 -11.63
N LEU SA 105 -9.91 -42.91 -10.89
CA LEU SA 105 -8.82 -43.79 -11.31
C LEU SA 105 -9.22 -45.24 -11.18
N TYR SA 106 -9.58 -45.65 -9.96
CA TYR SA 106 -9.97 -47.04 -9.71
C TYR SA 106 -11.25 -47.41 -10.42
N SER SA 107 -12.14 -46.44 -10.64
CA SER SA 107 -13.39 -46.72 -11.33
C SER SA 107 -13.15 -47.05 -12.78
N ALA SA 108 -12.20 -46.39 -13.42
CA ALA SA 108 -11.84 -46.77 -14.77
C ALA SA 108 -11.12 -48.10 -14.81
N ILE SA 109 -10.47 -48.49 -13.71
CA ILE SA 109 -9.86 -49.81 -13.67
C ILE SA 109 -10.94 -50.87 -13.45
N GLU SA 110 -12.00 -50.54 -12.70
CA GLU SA 110 -13.13 -51.46 -12.56
C GLU SA 110 -13.78 -51.74 -13.90
N GLN SA 111 -13.91 -50.71 -14.74
CA GLN SA 111 -14.53 -50.90 -16.04
C GLN SA 111 -13.61 -51.69 -16.96
N ARG SA 112 -12.31 -51.42 -16.91
CA ARG SA 112 -11.41 -51.99 -17.91
C ARG SA 112 -11.12 -53.45 -17.64
N LEU SA 113 -11.07 -53.86 -16.37
CA LEU SA 113 -10.98 -55.28 -16.07
C LEU SA 113 -12.27 -56.00 -16.41
N GLU SA 114 -13.40 -55.31 -16.29
CA GLU SA 114 -14.67 -55.87 -16.73
C GLU SA 114 -14.69 -56.08 -18.24
N GLN SA 115 -14.14 -55.14 -19.00
CA GLN SA 115 -14.05 -55.28 -20.44
C GLN SA 115 -13.12 -56.40 -20.86
N SER SA 116 -12.19 -56.80 -20.00
CA SER SA 116 -11.19 -57.79 -20.38
C SER SA 116 -11.58 -59.20 -20.01
N LEU SA 117 -12.25 -59.38 -18.87
CA LEU SA 117 -12.79 -60.69 -18.55
C LEU SA 117 -13.84 -61.12 -19.54
N GLN SA 118 -14.57 -60.15 -20.10
CA GLN SA 118 -15.60 -60.43 -21.08
C GLN SA 118 -15.03 -61.00 -22.37
N THR SA 119 -13.74 -60.76 -22.64
CA THR SA 119 -13.06 -61.32 -23.79
C THR SA 119 -12.16 -62.49 -23.43
N MET SA 120 -12.52 -63.27 -22.41
CA MET SA 120 -11.85 -64.54 -22.19
C MET SA 120 -12.58 -65.63 -22.96
N GLU SA 121 -12.26 -66.88 -22.69
CA GLU SA 121 -12.85 -67.99 -23.40
C GLU SA 121 -14.15 -68.37 -22.71
N GLY SA 122 -15.27 -67.95 -23.28
CA GLY SA 122 -16.57 -68.37 -22.80
C GLY SA 122 -17.26 -67.44 -21.84
N VAL SA 123 -16.60 -66.40 -21.36
CA VAL SA 123 -17.27 -65.47 -20.46
C VAL SA 123 -18.21 -64.61 -21.29
N LEU SA 124 -19.50 -64.68 -20.98
CA LEU SA 124 -20.47 -63.83 -21.67
C LEU SA 124 -20.42 -62.42 -21.11
N SER SA 125 -20.50 -62.29 -19.79
CA SER SA 125 -20.54 -61.00 -19.14
C SER SA 125 -19.72 -61.06 -17.86
N ALA SA 126 -19.35 -59.89 -17.35
CA ALA SA 126 -18.52 -59.85 -16.17
C ALA SA 126 -18.76 -58.56 -15.42
N ARG SA 127 -18.53 -58.60 -14.10
CA ARG SA 127 -18.55 -57.45 -13.23
C ARG SA 127 -17.37 -57.53 -12.30
N VAL SA 128 -16.69 -56.42 -12.07
CA VAL SA 128 -15.51 -56.37 -11.22
C VAL SA 128 -15.64 -55.20 -10.27
N HIS SA 129 -15.46 -55.45 -8.97
CA HIS SA 129 -15.43 -54.41 -7.97
C HIS SA 129 -14.05 -54.36 -7.33
N ILE SA 130 -13.64 -53.16 -6.92
CA ILE SA 130 -12.36 -52.95 -6.27
C ILE SA 130 -12.64 -52.36 -4.90
N SER SA 131 -11.95 -52.86 -3.89
CA SER SA 131 -12.00 -52.24 -2.58
C SER SA 131 -11.35 -50.87 -2.63
N TYR SA 132 -12.07 -49.85 -2.17
CA TYR SA 132 -11.57 -48.48 -2.24
C TYR SA 132 -11.00 -48.10 -0.88
N ASP SA 133 -9.73 -48.37 -0.69
CA ASP SA 133 -8.96 -47.76 0.39
C ASP SA 133 -8.54 -46.40 -0.13
N ILE SA 134 -9.20 -45.36 0.34
CA ILE SA 134 -9.00 -44.02 -0.19
C ILE SA 134 -8.32 -43.11 0.81
N ASP SA 135 -8.69 -43.20 2.09
CA ASP SA 135 -8.20 -42.27 3.09
C ASP SA 135 -6.91 -42.73 3.75
N ALA SA 136 -6.06 -43.45 3.01
CA ALA SA 136 -4.80 -43.94 3.56
C ALA SA 136 -3.83 -42.80 3.83
N GLY SA 137 -3.76 -41.83 2.93
CA GLY SA 137 -2.89 -40.68 3.13
C GLY SA 137 -3.40 -39.68 4.14
N GLU SA 138 -4.73 -39.59 4.30
CA GLU SA 138 -5.31 -38.62 5.23
C GLU SA 138 -5.21 -39.10 6.68
N ASN SA 139 -5.21 -40.41 6.91
CA ASN SA 139 -5.00 -40.93 8.25
C ASN SA 139 -3.54 -41.03 8.63
N GLY SA 140 -2.62 -40.89 7.66
CA GLY SA 140 -1.21 -41.06 7.97
C GLY SA 140 -0.84 -42.51 8.22
N ARG SA 141 -1.33 -43.42 7.41
CA ARG SA 141 -1.17 -44.85 7.61
C ARG SA 141 -0.74 -45.51 6.28
N PRO SA 142 -0.10 -46.68 6.37
CA PRO SA 142 0.09 -47.46 5.15
C PRO SA 142 -1.23 -48.03 4.68
N PRO SA 143 -1.43 -48.13 3.37
CA PRO SA 143 -2.74 -48.51 2.85
C PRO SA 143 -3.03 -49.99 3.05
N LYS SA 144 -4.29 -50.32 2.94
CA LYS SA 144 -4.77 -51.66 3.14
C LYS SA 144 -4.48 -52.48 1.88
N PRO SA 145 -4.47 -53.81 1.99
CA PRO SA 145 -4.38 -54.63 0.79
C PRO SA 145 -5.62 -54.46 -0.06
N VAL SA 146 -5.45 -54.56 -1.37
CA VAL SA 146 -6.54 -54.39 -2.30
C VAL SA 146 -7.34 -55.68 -2.36
N HIS SA 147 -8.64 -55.58 -2.16
CA HIS SA 147 -9.57 -56.68 -2.29
C HIS SA 147 -10.39 -56.46 -3.54
N LEU SA 148 -10.81 -57.55 -4.17
CA LEU SA 148 -11.62 -57.39 -5.37
C LEU SA 148 -12.52 -58.59 -5.59
N SER SA 149 -13.66 -58.32 -6.21
CA SER SA 149 -14.68 -59.33 -6.45
C SER SA 149 -14.97 -59.40 -7.93
N ALA SA 150 -15.43 -60.56 -8.38
CA ALA SA 150 -15.70 -60.75 -9.79
C ALA SA 150 -16.90 -61.65 -10.01
N LEU SA 151 -17.73 -61.30 -10.98
CA LEU SA 151 -18.83 -62.11 -11.44
C LEU SA 151 -18.58 -62.48 -12.89
N ALA SA 152 -19.14 -63.60 -13.32
CA ALA SA 152 -18.85 -64.11 -14.65
C ALA SA 152 -19.92 -65.08 -15.07
N VAL SA 153 -20.41 -64.92 -16.30
CA VAL SA 153 -21.48 -65.74 -16.82
C VAL SA 153 -20.93 -66.59 -17.96
N TYR SA 154 -20.79 -67.88 -17.74
CA TYR SA 154 -20.24 -68.78 -18.73
C TYR SA 154 -21.31 -69.40 -19.59
N GLU SA 155 -20.89 -70.20 -20.57
CA GLU SA 155 -21.85 -70.93 -21.38
C GLU SA 155 -22.43 -72.09 -20.60
N ARG SA 156 -23.41 -72.74 -21.19
CA ARG SA 156 -23.75 -74.09 -20.80
C ARG SA 156 -22.59 -75.03 -21.13
N GLY SA 157 -22.52 -76.14 -20.39
CA GLY SA 157 -21.58 -77.20 -20.69
C GLY SA 157 -20.16 -76.95 -20.26
N SER SA 158 -19.79 -75.74 -19.85
CA SER SA 158 -18.44 -75.52 -19.40
C SER SA 158 -18.25 -76.08 -18.00
N PRO SA 159 -17.12 -76.71 -17.73
CA PRO SA 159 -16.85 -77.18 -16.36
C PRO SA 159 -16.40 -76.06 -15.43
N LEU SA 160 -17.37 -75.37 -14.81
CA LEU SA 160 -17.15 -74.12 -14.08
C LEU SA 160 -16.15 -74.21 -12.94
N ALA SA 161 -15.85 -75.41 -12.43
CA ALA SA 161 -14.92 -75.52 -11.33
C ALA SA 161 -13.46 -75.38 -11.74
N HIS SA 162 -13.17 -75.11 -13.02
CA HIS SA 162 -11.80 -74.98 -13.48
C HIS SA 162 -11.49 -73.65 -14.12
N GLN SA 163 -12.49 -72.93 -14.62
CA GLN SA 163 -12.26 -71.57 -15.05
C GLN SA 163 -12.21 -70.60 -13.89
N ILE SA 164 -12.46 -71.08 -12.67
CA ILE SA 164 -12.31 -70.26 -11.48
C ILE SA 164 -10.84 -69.95 -11.23
N SER SA 165 -9.94 -70.81 -11.69
CA SER SA 165 -8.51 -70.58 -11.47
C SER SA 165 -7.92 -69.60 -12.46
N ASP SA 166 -8.47 -69.54 -13.67
CA ASP SA 166 -7.95 -68.64 -14.69
C ASP SA 166 -8.21 -67.18 -14.32
N ILE SA 167 -9.44 -66.88 -13.92
CA ILE SA 167 -9.78 -65.52 -13.51
C ILE SA 167 -8.97 -65.11 -12.30
N LYS SA 168 -8.94 -65.98 -11.29
CA LYS SA 168 -8.28 -65.71 -10.04
C LYS SA 168 -6.76 -65.60 -10.20
N ARG SA 169 -6.20 -66.21 -11.25
CA ARG SA 169 -4.81 -65.96 -11.60
C ARG SA 169 -4.66 -64.68 -12.39
N PHE SA 170 -5.65 -64.37 -13.23
CA PHE SA 170 -5.57 -63.22 -14.11
C PHE SA 170 -5.51 -61.91 -13.34
N LEU SA 171 -6.52 -61.65 -12.52
CA LEU SA 171 -6.60 -60.33 -11.92
C LEU SA 171 -5.99 -60.29 -10.53
N LYS SA 172 -5.22 -61.31 -10.16
CA LYS SA 172 -4.24 -61.13 -9.09
C LYS SA 172 -3.23 -60.07 -9.49
N ASN SA 173 -2.49 -60.33 -10.55
CA ASN SA 173 -1.43 -59.44 -10.95
C ASN SA 173 -1.91 -58.26 -11.75
N SER SA 174 -3.19 -57.95 -11.71
CA SER SA 174 -3.68 -56.68 -12.23
C SER SA 174 -3.61 -55.59 -11.19
N PHE SA 175 -3.18 -55.90 -9.97
CA PHE SA 175 -3.01 -54.92 -8.92
C PHE SA 175 -1.76 -55.21 -8.13
N ALA SA 176 -1.43 -54.25 -7.24
CA ALA SA 176 -0.10 -54.21 -6.64
C ALA SA 176 0.05 -55.26 -5.54
N ASP SA 177 -0.75 -55.16 -4.49
CA ASP SA 177 -0.60 -56.05 -3.33
C ASP SA 177 -1.92 -56.77 -3.05
N VAL SA 178 -2.18 -57.84 -3.78
CA VAL SA 178 -3.34 -58.67 -3.51
C VAL SA 178 -2.86 -60.10 -3.28
N ASP SA 179 -3.77 -60.93 -2.77
CA ASP SA 179 -3.45 -62.33 -2.56
C ASP SA 179 -4.47 -63.18 -3.28
N TYR SA 180 -4.45 -64.48 -3.03
CA TYR SA 180 -5.49 -65.38 -3.49
C TYR SA 180 -6.60 -65.53 -2.47
N ASP SA 181 -6.61 -64.69 -1.46
CA ASP SA 181 -7.67 -64.64 -0.48
C ASP SA 181 -8.47 -63.36 -0.55
N ASN SA 182 -7.92 -62.33 -1.19
CA ASN SA 182 -8.63 -61.07 -1.37
C ASN SA 182 -9.41 -61.06 -2.68
N ILE SA 183 -9.45 -62.16 -3.38
CA ILE SA 183 -10.14 -62.25 -4.66
C ILE SA 183 -11.32 -63.19 -4.49
N SER SA 184 -12.52 -62.68 -4.75
CA SER SA 184 -13.75 -63.44 -4.54
C SER SA 184 -14.50 -63.52 -5.87
N VAL SA 185 -14.41 -64.65 -6.54
CA VAL SA 185 -15.01 -64.83 -7.84
C VAL SA 185 -16.10 -65.87 -7.71
N VAL SA 186 -17.34 -65.47 -7.96
CA VAL SA 186 -18.48 -66.36 -7.90
C VAL SA 186 -19.10 -66.38 -9.29
N LEU SA 187 -18.70 -67.35 -10.10
CA LEU SA 187 -19.11 -67.44 -11.49
C LEU SA 187 -20.20 -68.48 -11.68
N SER SA 188 -21.16 -68.16 -12.53
CA SER SA 188 -22.39 -68.93 -12.67
C SER SA 188 -22.73 -69.04 -14.15
N GLU SA 189 -23.06 -70.24 -14.59
CA GLU SA 189 -23.37 -70.44 -15.99
C GLU SA 189 -24.70 -69.79 -16.35
N ARG SA 190 -24.90 -69.52 -17.64
CA ARG SA 190 -26.06 -68.76 -18.05
C ARG SA 190 -27.31 -69.62 -17.96
N SER SA 191 -28.45 -68.97 -18.12
CA SER SA 191 -29.73 -69.63 -18.02
C SER SA 191 -30.01 -70.42 -19.29
N ASP SA 192 -31.19 -71.05 -19.33
CA ASP SA 192 -31.61 -71.72 -20.53
C ASP SA 192 -31.90 -70.70 -21.62
N ALA SA 193 -31.65 -71.09 -22.86
CA ALA SA 193 -31.80 -70.17 -23.97
C ALA SA 193 -33.27 -69.95 -24.29
N GLN SA 194 -33.66 -68.69 -24.38
CA GLN SA 194 -35.01 -68.33 -24.81
C GLN SA 194 -34.96 -68.11 -26.32
N LEU SA 195 -35.30 -69.16 -27.05
CA LEU SA 195 -35.26 -69.15 -28.51
C LEU SA 195 -36.65 -69.33 -29.09
N GLN SA 196 -37.67 -69.34 -28.26
CA GLN SA 196 -38.96 -69.93 -28.57
C GLN SA 196 -40.04 -68.86 -28.52
N ALA SA 197 -40.88 -68.85 -29.53
CA ALA SA 197 -41.86 -67.78 -29.67
C ALA SA 197 -42.92 -67.86 -28.57
N PRO SA 198 -43.25 -66.75 -27.91
CA PRO SA 198 -44.23 -66.77 -26.82
C PRO SA 198 -45.64 -67.14 -27.27
N GLY SA 199 -46.16 -66.39 -28.22
CA GLY SA 199 -47.48 -66.71 -28.75
C GLY SA 199 -48.51 -65.64 -28.44
N THR SA 200 -49.26 -65.25 -29.47
CA THR SA 200 -50.39 -64.36 -29.28
C THR SA 200 -51.51 -65.09 -28.54
N PRO SA 201 -52.28 -64.39 -27.71
CA PRO SA 201 -53.41 -65.02 -27.03
C PRO SA 201 -54.51 -65.44 -27.98
N VAL SA 202 -55.38 -66.33 -27.50
CA VAL SA 202 -56.49 -66.82 -28.30
C VAL SA 202 -57.64 -65.84 -28.17
N LYS SA 203 -58.56 -65.91 -29.13
CA LYS SA 203 -59.68 -64.98 -29.18
C LYS SA 203 -60.98 -65.66 -28.73
N ALA TA 171 -39.26 -80.51 -45.36
CA ALA TA 171 -38.05 -80.56 -46.17
C ALA TA 171 -37.00 -81.44 -45.52
N GLU TA 172 -35.87 -81.62 -46.20
CA GLU TA 172 -34.79 -82.43 -45.67
C GLU TA 172 -34.05 -81.64 -44.59
N LEU TA 173 -33.92 -82.25 -43.41
CA LEU TA 173 -33.29 -81.57 -42.28
C LEU TA 173 -31.80 -81.39 -42.48
N ASP TA 174 -31.18 -82.21 -43.33
CA ASP TA 174 -29.78 -82.01 -43.71
C ASP TA 174 -29.57 -80.72 -44.48
N SER TA 175 -30.62 -80.17 -45.11
CA SER TA 175 -30.53 -78.88 -45.76
C SER TA 175 -31.25 -77.79 -44.99
N LEU TA 176 -32.16 -78.12 -44.07
CA LEU TA 176 -32.73 -77.11 -43.19
C LEU TA 176 -31.69 -76.58 -42.20
N LEU TA 177 -30.69 -77.40 -41.88
CA LEU TA 177 -29.54 -76.95 -41.11
C LEU TA 177 -28.58 -76.22 -42.04
N GLY TA 178 -27.36 -75.99 -41.59
CA GLY TA 178 -26.42 -75.20 -42.36
C GLY TA 178 -25.91 -75.90 -43.62
N GLN TA 179 -24.99 -75.20 -44.29
CA GLN TA 179 -24.44 -75.67 -45.56
C GLN TA 179 -23.57 -76.91 -45.37
N GLU TA 180 -22.89 -77.03 -44.23
CA GLU TA 180 -21.95 -78.11 -43.99
C GLU TA 180 -22.70 -79.34 -43.49
N LYS TA 181 -22.60 -80.43 -44.25
CA LYS TA 181 -23.33 -81.63 -43.86
C LYS TA 181 -22.62 -82.41 -42.77
N GLU TA 182 -21.29 -82.29 -42.70
CA GLU TA 182 -20.50 -83.11 -41.78
C GLU TA 182 -20.64 -82.68 -40.33
N ARG TA 183 -21.17 -81.49 -40.06
CA ARG TA 183 -21.22 -81.00 -38.69
C ARG TA 183 -22.31 -81.67 -37.89
N PHE TA 184 -23.43 -82.01 -38.51
CA PHE TA 184 -24.53 -82.66 -37.82
C PHE TA 184 -24.73 -84.05 -38.39
N GLN TA 185 -25.49 -84.86 -37.65
CA GLN TA 185 -25.80 -86.22 -38.10
C GLN TA 185 -27.19 -86.56 -37.62
N VAL TA 186 -28.16 -86.60 -38.54
CA VAL TA 186 -29.53 -86.86 -38.17
C VAL TA 186 -29.70 -88.32 -37.79
N LEU TA 187 -30.65 -88.59 -36.89
CA LEU TA 187 -30.83 -89.91 -36.34
C LEU TA 187 -32.31 -90.27 -36.29
N PRO TA 188 -32.78 -91.15 -37.15
CA PRO TA 188 -34.19 -91.54 -37.11
C PRO TA 188 -34.51 -92.47 -35.95
N GLY TA 189 -34.87 -91.89 -34.81
CA GLY TA 189 -35.20 -92.67 -33.64
C GLY TA 189 -36.44 -93.53 -33.80
N ARG TA 190 -36.62 -94.42 -32.84
CA ARG TA 190 -37.63 -95.46 -32.93
C ARG TA 190 -39.03 -95.01 -32.52
N ASP TA 191 -39.14 -93.89 -31.79
CA ASP TA 191 -40.43 -93.45 -31.24
C ASP TA 191 -41.03 -92.29 -32.01
N LYS TA 192 -40.87 -92.31 -33.34
CA LYS TA 192 -41.40 -91.42 -34.38
C LYS TA 192 -40.74 -90.04 -34.40
N MET TA 193 -39.91 -89.74 -33.40
CA MET TA 193 -39.22 -88.46 -33.34
C MET TA 193 -37.84 -88.61 -33.95
N LEU TA 194 -37.44 -87.62 -34.74
CA LEU TA 194 -36.13 -87.59 -35.35
C LEU TA 194 -35.18 -86.81 -34.45
N TYR TA 195 -33.90 -87.19 -34.46
CA TYR TA 195 -32.90 -86.56 -33.61
C TYR TA 195 -31.72 -86.10 -34.45
N VAL TA 196 -31.11 -85.00 -34.04
CA VAL TA 196 -29.93 -84.46 -34.71
C VAL TA 196 -28.83 -84.24 -33.67
N ALA TA 197 -27.68 -84.86 -33.91
CA ALA TA 197 -26.62 -84.95 -32.92
C ALA TA 197 -25.60 -83.84 -33.17
N ALA TA 198 -25.62 -82.81 -32.33
CA ALA TA 198 -24.61 -81.78 -32.43
C ALA TA 198 -23.31 -82.27 -31.80
N GLN TA 199 -22.27 -81.46 -31.95
CA GLN TA 199 -20.96 -81.82 -31.41
C GLN TA 199 -20.57 -81.02 -30.18
N ASN TA 200 -20.99 -79.76 -30.08
CA ASN TA 200 -20.71 -78.95 -28.92
C ASN TA 200 -21.87 -77.98 -28.71
N GLU TA 201 -21.66 -76.97 -27.85
CA GLU TA 201 -22.74 -76.06 -27.52
C GLU TA 201 -22.85 -74.88 -28.47
N ARG TA 202 -22.01 -74.78 -29.49
CA ARG TA 202 -22.33 -73.85 -30.56
C ARG TA 202 -23.21 -74.51 -31.60
N ASP TA 203 -22.92 -75.76 -31.93
CA ASP TA 203 -23.75 -76.48 -32.89
C ASP TA 203 -25.11 -76.83 -32.32
N THR TA 204 -25.21 -76.97 -31.00
CA THR TA 204 -26.50 -77.22 -30.39
C THR TA 204 -27.39 -75.99 -30.51
N LEU TA 205 -26.86 -74.81 -30.22
CA LEU TA 205 -27.60 -73.58 -30.45
C LEU TA 205 -27.75 -73.26 -31.93
N TRP TA 206 -26.94 -73.87 -32.79
CA TRP TA 206 -27.18 -73.78 -34.21
C TRP TA 206 -28.39 -74.59 -34.62
N ALA TA 207 -28.54 -75.78 -34.05
CA ALA TA 207 -29.61 -76.67 -34.45
C ALA TA 207 -30.86 -76.53 -33.61
N ARG TA 208 -30.74 -76.08 -32.35
CA ARG TA 208 -31.93 -75.71 -31.61
C ARG TA 208 -32.49 -74.37 -32.04
N GLN TA 209 -31.80 -73.64 -32.89
CA GLN TA 209 -32.38 -72.43 -33.43
C GLN TA 209 -33.32 -72.76 -34.58
N VAL TA 210 -32.94 -73.70 -35.44
CA VAL TA 210 -33.74 -74.07 -36.60
C VAL TA 210 -35.06 -74.69 -36.17
N LEU TA 211 -35.02 -75.63 -35.24
CA LEU TA 211 -36.20 -76.40 -34.90
C LEU TA 211 -37.20 -75.62 -34.07
N ALA TA 212 -36.77 -74.53 -33.43
CA ALA TA 212 -37.69 -73.73 -32.62
C ALA TA 212 -38.19 -72.49 -33.34
N ARG TA 213 -37.47 -72.06 -34.38
CA ARG TA 213 -37.89 -70.93 -35.18
C ARG TA 213 -39.04 -71.28 -36.10
N GLY TA 214 -39.04 -72.50 -36.62
CA GLY TA 214 -39.91 -72.77 -37.74
C GLY TA 214 -40.43 -74.17 -37.77
N ASP TA 215 -40.40 -74.81 -38.93
CA ASP TA 215 -41.10 -76.06 -39.14
C ASP TA 215 -40.17 -77.15 -39.66
N TYR TA 216 -40.26 -78.31 -39.04
CA TYR TA 216 -39.98 -79.58 -39.67
C TYR TA 216 -41.29 -80.36 -39.57
N ASP TA 217 -41.65 -81.11 -40.61
CA ASP TA 217 -42.97 -81.73 -40.62
C ASP TA 217 -43.03 -83.03 -39.82
N LYS TA 218 -42.48 -83.01 -38.60
CA LYS TA 218 -42.42 -84.06 -37.61
C LYS TA 218 -41.70 -83.44 -36.42
N ASN TA 219 -41.69 -84.14 -35.29
CA ASN TA 219 -40.98 -83.65 -34.13
C ASN TA 219 -39.47 -83.88 -34.32
N ALA TA 220 -38.68 -82.94 -33.84
CA ALA TA 220 -37.23 -83.03 -33.95
C ALA TA 220 -36.58 -82.45 -32.70
N ARG TA 221 -35.48 -83.06 -32.27
CA ARG TA 221 -34.94 -82.82 -30.94
C ARG TA 221 -33.43 -82.96 -30.97
N VAL TA 222 -32.72 -81.90 -30.61
CA VAL TA 222 -31.26 -81.89 -30.68
C VAL TA 222 -30.72 -82.57 -29.43
N ILE TA 223 -29.83 -83.55 -29.61
CA ILE TA 223 -29.14 -84.17 -28.50
C ILE TA 223 -27.68 -83.81 -28.58
N ASN TA 224 -27.04 -83.70 -27.42
CA ASN TA 224 -25.64 -83.33 -27.33
C ASN TA 224 -24.88 -84.50 -26.73
N GLU TA 225 -23.57 -84.43 -26.73
CA GLU TA 225 -22.78 -85.50 -26.15
C GLU TA 225 -22.64 -85.29 -24.65
N ASN TA 226 -22.46 -84.04 -24.24
CA ASN TA 226 -22.24 -83.74 -22.84
C ASN TA 226 -23.51 -83.35 -22.10
N GLU TA 227 -24.66 -83.34 -22.77
CA GLU TA 227 -25.90 -83.02 -22.06
C GLU TA 227 -26.78 -84.26 -21.96
N GLU TA 228 -26.86 -85.05 -23.03
CA GLU TA 228 -27.59 -86.31 -22.98
C GLU TA 228 -26.91 -87.30 -22.06
N ASN TA 229 -25.59 -87.21 -21.94
CA ASN TA 229 -24.87 -87.92 -20.88
C ASN TA 229 -25.38 -87.52 -19.52
N LYS TA 230 -25.59 -86.23 -19.30
CA LYS TA 230 -26.06 -85.77 -18.00
C LYS TA 230 -27.55 -86.06 -17.82
N ARG TA 231 -28.30 -86.13 -18.91
CA ARG TA 231 -29.74 -86.41 -18.80
C ARG TA 231 -30.00 -87.84 -18.33
N ILE TA 232 -29.17 -88.78 -18.79
CA ILE TA 232 -29.32 -90.18 -18.41
C ILE TA 232 -29.03 -90.35 -16.93
N SER TA 233 -28.03 -89.63 -16.42
CA SER TA 233 -27.67 -89.71 -15.01
C SER TA 233 -28.75 -89.15 -14.09
N ILE TA 234 -29.63 -88.29 -14.60
CA ILE TA 234 -30.79 -87.88 -13.81
C ILE TA 234 -31.80 -89.00 -13.74
N TRP TA 235 -31.87 -89.82 -14.78
CA TRP TA 235 -32.68 -91.03 -14.73
C TRP TA 235 -31.97 -92.15 -13.98
N LEU TA 236 -30.64 -92.21 -14.11
CA LEU TA 236 -29.92 -93.40 -13.69
C LEU TA 236 -29.69 -93.43 -12.20
N ASP TA 237 -29.65 -92.27 -11.54
CA ASP TA 237 -29.41 -92.30 -10.10
C ASP TA 237 -30.66 -92.71 -9.31
N THR TA 238 -31.84 -92.62 -9.92
CA THR TA 238 -33.04 -93.12 -9.27
C THR TA 238 -33.19 -94.62 -9.47
N TYR TA 239 -33.17 -95.07 -10.72
CA TYR TA 239 -33.46 -96.46 -11.02
C TYR TA 239 -32.25 -97.37 -10.85
N TYR TA 240 -31.04 -96.81 -10.79
CA TYR TA 240 -29.85 -97.56 -10.40
C TYR TA 240 -28.93 -96.70 -9.55
N PRO TA 241 -29.26 -96.48 -8.28
CA PRO TA 241 -28.28 -95.89 -7.37
C PRO TA 241 -27.26 -96.95 -7.00
N GLN TA 242 -26.14 -96.48 -6.43
CA GLN TA 242 -24.94 -97.30 -6.19
C GLN TA 242 -24.44 -97.98 -7.46
N LEU TA 243 -24.58 -97.32 -8.60
CA LEU TA 243 -24.03 -97.80 -9.85
C LEU TA 243 -22.74 -97.06 -10.12
N ALA TA 244 -21.68 -97.80 -10.38
CA ALA TA 244 -20.38 -97.21 -10.66
C ALA TA 244 -20.15 -97.24 -12.16
N TYR TA 245 -20.22 -96.07 -12.77
CA TYR TA 245 -20.06 -95.91 -14.20
C TYR TA 245 -19.29 -94.63 -14.42
N TYR TA 246 -18.71 -94.50 -15.61
CA TYR TA 246 -17.89 -93.33 -15.90
C TYR TA 246 -18.63 -92.31 -16.74
N ARG TA 247 -19.05 -92.70 -17.94
CA ARG TA 247 -19.44 -91.76 -18.98
C ARG TA 247 -20.01 -92.55 -20.15
N ILE TA 248 -21.03 -92.02 -20.79
CA ILE TA 248 -21.54 -92.59 -22.03
C ILE TA 248 -20.90 -91.82 -23.18
N HIS TA 249 -20.75 -92.48 -24.33
CA HIS TA 249 -19.96 -91.92 -25.42
C HIS TA 249 -20.72 -91.99 -26.74
N PHE TA 250 -20.79 -90.85 -27.41
CA PHE TA 250 -21.61 -90.66 -28.60
C PHE TA 250 -20.76 -90.37 -29.83
N ASP TA 251 -19.65 -91.09 -29.98
CA ASP TA 251 -18.82 -90.90 -31.17
C ASP TA 251 -19.50 -91.48 -32.39
N GLU TA 252 -19.99 -92.71 -32.28
CA GLU TA 252 -20.94 -93.27 -33.23
C GLU TA 252 -22.30 -93.25 -32.56
N PRO TA 253 -23.13 -92.24 -32.81
CA PRO TA 253 -24.36 -92.08 -32.03
C PRO TA 253 -25.44 -93.10 -32.33
N ARG TA 254 -25.25 -93.94 -33.35
CA ARG TA 254 -26.17 -95.05 -33.55
C ARG TA 254 -26.06 -96.07 -32.42
N LYS TA 255 -24.87 -96.27 -31.88
CA LYS TA 255 -24.76 -97.12 -30.70
C LYS TA 255 -23.72 -96.59 -29.73
N PRO TA 256 -24.12 -96.23 -28.52
CA PRO TA 256 -23.18 -95.65 -27.57
C PRO TA 256 -22.43 -96.70 -26.77
N VAL TA 257 -21.23 -96.31 -26.33
CA VAL TA 257 -20.39 -97.14 -25.50
C VAL TA 257 -20.43 -96.57 -24.10
N PHE TA 258 -21.03 -97.31 -23.18
CA PHE TA 258 -21.30 -96.84 -21.83
C PHE TA 258 -20.39 -97.60 -20.86
N TRP TA 259 -19.33 -96.93 -20.42
CA TRP TA 259 -18.33 -97.56 -19.58
C TRP TA 259 -18.87 -97.79 -18.18
N LEU TA 260 -18.42 -98.87 -17.55
CA LEU TA 260 -18.71 -99.13 -16.15
C LEU TA 260 -17.43 -99.52 -15.43
N SER TA 261 -17.50 -99.44 -14.10
CA SER TA 261 -16.43 -99.95 -13.27
C SER TA 261 -16.50 -101.46 -13.24
N ARG TA 262 -15.42 -102.13 -13.65
CA ARG TA 262 -15.36 -103.57 -13.49
C ARG TA 262 -15.28 -103.96 -12.02
N GLN TA 263 -14.64 -103.12 -11.21
CA GLN TA 263 -14.38 -103.48 -9.83
C GLN TA 263 -15.59 -103.23 -8.94
N ARG TA 264 -16.22 -102.07 -9.08
CA ARG TA 264 -17.24 -101.65 -8.13
C ARG TA 264 -18.66 -102.00 -8.57
N ASN TA 265 -18.82 -102.93 -9.51
CA ASN TA 265 -20.14 -103.34 -9.95
C ASN TA 265 -20.34 -104.81 -9.65
N THR TA 266 -21.34 -105.09 -8.82
CA THR TA 266 -21.72 -106.45 -8.46
C THR TA 266 -22.86 -106.97 -9.32
N MET TA 267 -23.21 -106.25 -10.38
CA MET TA 267 -24.26 -106.69 -11.28
C MET TA 267 -23.80 -107.90 -12.08
N SER TA 268 -24.68 -108.88 -12.21
CA SER TA 268 -24.37 -110.07 -12.98
C SER TA 268 -24.68 -109.79 -14.45
N LYS TA 269 -24.32 -110.73 -15.33
CA LYS TA 269 -24.45 -110.51 -16.76
C LYS TA 269 -25.89 -110.64 -17.23
N LYS TA 270 -26.77 -111.14 -16.36
CA LYS TA 270 -28.19 -111.19 -16.68
C LYS TA 270 -28.79 -109.79 -16.75
N GLU TA 271 -28.79 -109.08 -15.63
CA GLU TA 271 -29.41 -107.76 -15.57
C GLU TA 271 -28.55 -106.68 -16.21
N LEU TA 272 -27.29 -106.97 -16.52
CA LEU TA 272 -26.50 -106.02 -17.30
C LEU TA 272 -27.01 -105.94 -18.73
N GLU TA 273 -27.56 -107.04 -19.25
CA GLU TA 273 -28.23 -107.00 -20.53
C GLU TA 273 -29.60 -106.33 -20.42
N VAL TA 274 -30.22 -106.41 -19.24
CA VAL TA 274 -31.39 -105.60 -18.97
C VAL TA 274 -31.01 -104.12 -18.93
N LEU TA 275 -29.83 -103.82 -18.39
CA LEU TA 275 -29.35 -102.45 -18.35
C LEU TA 275 -29.00 -101.92 -19.74
N SER TA 276 -28.65 -102.81 -20.67
CA SER TA 276 -28.52 -102.40 -22.07
C SER TA 276 -29.86 -102.24 -22.76
N GLN TA 277 -30.95 -102.60 -22.10
CA GLN TA 277 -32.29 -102.37 -22.64
C GLN TA 277 -33.07 -101.29 -21.91
N LYS TA 278 -32.72 -100.99 -20.65
CA LYS TA 278 -33.31 -99.84 -19.98
C LYS TA 278 -32.81 -98.54 -20.57
N LEU TA 279 -31.56 -98.50 -21.01
CA LEU TA 279 -31.02 -97.27 -21.59
C LEU TA 279 -31.57 -97.01 -22.98
N ARG TA 280 -31.95 -98.06 -23.72
CA ARG TA 280 -32.54 -97.87 -25.04
C ARG TA 280 -33.92 -97.24 -24.97
N ALA TA 281 -34.61 -97.35 -23.83
CA ALA TA 281 -35.85 -96.62 -23.67
C ALA TA 281 -35.63 -95.13 -23.49
N LEU TA 282 -34.40 -94.73 -23.12
CA LEU TA 282 -34.07 -93.31 -23.01
C LEU TA 282 -33.45 -92.75 -24.28
N MET TA 283 -32.81 -93.59 -25.07
CA MET TA 283 -32.14 -93.18 -26.30
C MET TA 283 -32.80 -93.91 -27.46
N PRO TA 284 -33.89 -93.37 -28.02
CA PRO TA 284 -34.57 -94.06 -29.12
C PRO TA 284 -33.75 -94.10 -30.39
N TYR TA 285 -32.89 -93.10 -30.60
CA TYR TA 285 -31.97 -93.07 -31.72
C TYR TA 285 -30.91 -94.17 -31.62
N ALA TA 286 -30.66 -94.69 -30.44
CA ALA TA 286 -29.62 -95.68 -30.26
C ALA TA 286 -30.05 -97.04 -30.78
N ASP TA 287 -29.09 -97.79 -31.31
CA ASP TA 287 -29.37 -99.15 -31.74
C ASP TA 287 -29.34 -100.10 -30.54
N SER TA 288 -28.16 -100.24 -29.94
CA SER TA 288 -27.98 -101.09 -28.76
C SER TA 288 -26.75 -100.61 -28.02
N VAL TA 289 -26.87 -100.48 -26.70
CA VAL TA 289 -25.79 -99.90 -25.90
C VAL TA 289 -24.67 -100.93 -25.75
N ASN TA 290 -23.44 -100.51 -26.04
CA ASN TA 290 -22.26 -101.37 -25.93
C ASN TA 290 -21.67 -101.15 -24.54
N ILE TA 291 -22.16 -101.90 -23.57
CA ILE TA 291 -21.67 -101.81 -22.20
C ILE TA 291 -20.34 -102.54 -22.10
N THR TA 292 -19.29 -101.82 -21.73
CA THR TA 292 -18.01 -102.43 -21.43
C THR TA 292 -17.57 -102.04 -20.04
N LEU TA 293 -16.45 -102.61 -19.61
CA LEU TA 293 -15.96 -102.46 -18.26
C LEU TA 293 -14.55 -101.90 -18.31
N MET TA 294 -14.24 -100.98 -17.40
CA MET TA 294 -12.90 -100.43 -17.29
C MET TA 294 -12.44 -100.56 -15.85
N ASP TA 295 -11.19 -100.95 -15.66
CA ASP TA 295 -10.67 -101.09 -14.30
C ASP TA 295 -10.41 -99.73 -13.69
N ASP TA 296 -10.73 -99.61 -12.40
CA ASP TA 296 -10.58 -98.33 -11.71
C ASP TA 296 -9.13 -97.96 -11.49
N VAL TA 297 -8.22 -98.93 -11.48
CA VAL TA 297 -6.81 -98.60 -11.33
C VAL TA 297 -6.25 -98.04 -12.64
N THR TA 298 -6.86 -98.37 -13.78
CA THR TA 298 -6.45 -97.78 -15.04
C THR TA 298 -6.95 -96.35 -15.17
N ALA TA 299 -8.12 -96.06 -14.60
CA ALA TA 299 -8.67 -94.72 -14.65
C ALA TA 299 -7.83 -93.76 -13.81
N ALA TA 300 -7.55 -94.13 -12.57
CA ALA TA 300 -6.72 -93.30 -11.71
C ALA TA 300 -5.26 -93.36 -12.12
N GLY TA 301 -4.86 -94.38 -12.88
CA GLY TA 301 -3.49 -94.47 -13.33
C GLY TA 301 -3.15 -93.40 -14.34
N GLN TA 302 -3.91 -93.35 -15.44
CA GLN TA 302 -3.65 -92.38 -16.51
C GLN TA 302 -3.89 -90.95 -16.05
N ALA TA 303 -4.77 -90.75 -15.07
CA ALA TA 303 -4.91 -89.43 -14.48
C ALA TA 303 -3.67 -89.07 -13.67
N GLU TA 304 -3.09 -90.03 -12.97
CA GLU TA 304 -1.86 -89.75 -12.26
C GLU TA 304 -0.66 -89.75 -13.20
N ALA TA 305 -0.62 -90.69 -14.15
CA ALA TA 305 0.50 -90.77 -15.08
C ALA TA 305 0.49 -89.66 -16.13
N GLY TA 306 -0.52 -88.81 -16.14
CA GLY TA 306 -0.48 -87.63 -16.97
C GLY TA 306 -0.16 -86.41 -16.14
N LEU TA 307 -0.67 -86.37 -14.91
CA LEU TA 307 -0.55 -85.17 -14.10
C LEU TA 307 0.86 -85.01 -13.55
N LYS TA 308 1.59 -86.10 -13.40
CA LYS TA 308 3.02 -85.98 -13.15
C LYS TA 308 3.83 -85.94 -14.43
N GLN TA 309 3.22 -86.28 -15.57
CA GLN TA 309 3.88 -86.11 -16.85
C GLN TA 309 3.81 -84.67 -17.32
N GLN TA 310 2.87 -83.89 -16.80
CA GLN TA 310 2.84 -82.46 -16.99
C GLN TA 310 3.70 -81.71 -15.99
N ALA TA 311 4.36 -82.44 -15.08
CA ALA TA 311 5.18 -81.90 -13.99
C ALA TA 311 4.38 -80.94 -13.12
N LEU TA 312 3.38 -81.49 -12.44
CA LEU TA 312 2.52 -80.71 -11.59
C LEU TA 312 2.56 -81.23 -10.15
N PRO TA 313 2.64 -80.35 -9.16
CA PRO TA 313 2.60 -80.81 -7.77
C PRO TA 313 1.20 -81.24 -7.40
N TYR TA 314 1.09 -82.35 -6.68
CA TYR TA 314 -0.23 -82.86 -6.32
C TYR TA 314 -0.09 -83.71 -5.07
N SER TA 315 -1.22 -84.32 -4.68
CA SER TA 315 -1.20 -85.36 -3.65
C SER TA 315 -2.41 -86.25 -3.89
N ARG TA 316 -2.16 -87.49 -4.32
CA ARG TA 316 -3.23 -88.45 -4.52
C ARG TA 316 -3.79 -88.89 -3.19
N ARG TA 317 -5.02 -88.52 -2.91
CA ARG TA 317 -5.74 -89.06 -1.76
C ARG TA 317 -6.81 -90.01 -2.28
N ASN TA 318 -6.83 -91.21 -1.75
CA ASN TA 318 -7.77 -92.21 -2.19
C ASN TA 318 -8.98 -92.21 -1.29
N HIS TA 319 -10.08 -92.76 -1.79
CA HIS TA 319 -11.27 -92.97 -0.98
C HIS TA 319 -11.90 -94.28 -1.39
N LYS TA 320 -12.93 -94.68 -0.64
CA LYS TA 320 -13.71 -95.85 -0.96
C LYS TA 320 -14.71 -95.45 -2.05
N GLY TA 321 -14.29 -95.60 -3.30
CA GLY TA 321 -15.15 -95.26 -4.41
C GLY TA 321 -14.80 -93.94 -5.07
N GLY TA 322 -13.52 -93.71 -5.29
CA GLY TA 322 -13.06 -92.52 -5.98
C GLY TA 322 -11.73 -92.05 -5.43
N VAL TA 323 -10.99 -91.33 -6.27
CA VAL TA 323 -9.74 -90.71 -5.88
C VAL TA 323 -9.88 -89.21 -6.04
N THR TA 324 -8.87 -88.47 -5.60
CA THR TA 324 -8.91 -87.02 -5.64
C THR TA 324 -7.50 -86.48 -5.77
N PHE TA 325 -7.26 -85.66 -6.78
CA PHE TA 325 -5.95 -85.08 -7.03
C PHE TA 325 -6.02 -83.60 -6.71
N VAL TA 326 -5.75 -83.24 -5.47
CA VAL TA 326 -5.70 -81.82 -5.14
C VAL TA 326 -4.35 -81.27 -5.59
N ILE TA 327 -4.38 -80.13 -6.25
CA ILE TA 327 -3.21 -79.48 -6.84
C ILE TA 327 -3.12 -78.11 -6.20
N GLN TA 328 -2.04 -77.86 -5.45
CA GLN TA 328 -1.93 -76.57 -4.80
C GLN TA 328 -0.55 -75.96 -4.94
N GLY TA 329 -0.37 -74.79 -4.37
CA GLY TA 329 0.82 -73.99 -4.57
C GLY TA 329 0.53 -72.79 -5.43
N ALA TA 330 1.53 -71.90 -5.52
CA ALA TA 330 1.43 -70.73 -6.36
C ALA TA 330 1.83 -71.13 -7.78
N LEU TA 331 0.90 -71.77 -8.47
CA LEU TA 331 1.14 -72.20 -9.83
C LEU TA 331 1.12 -71.00 -10.76
N ASP TA 332 2.18 -70.82 -11.54
CA ASP TA 332 2.19 -69.74 -12.52
C ASP TA 332 1.58 -70.22 -13.82
N ASP TA 333 1.74 -69.43 -14.89
CA ASP TA 333 0.85 -69.54 -16.03
C ASP TA 333 1.17 -70.73 -16.91
N VAL TA 334 2.42 -71.17 -16.94
CA VAL TA 334 2.81 -72.25 -17.83
C VAL TA 334 2.21 -73.56 -17.35
N GLU TA 335 2.13 -73.73 -16.04
CA GLU TA 335 1.59 -74.95 -15.46
C GLU TA 335 0.10 -74.86 -15.18
N ILE TA 336 -0.47 -73.66 -15.10
CA ILE TA 336 -1.91 -73.54 -14.91
C ILE TA 336 -2.65 -73.82 -16.21
N LEU TA 337 -1.95 -73.77 -17.34
CA LEU TA 337 -2.53 -74.04 -18.65
C LEU TA 337 -2.19 -75.43 -19.16
N ARG TA 338 -1.10 -76.02 -18.67
CA ARG TA 338 -0.94 -77.45 -18.90
C ARG TA 338 -1.91 -78.25 -18.04
N ALA TA 339 -2.39 -77.66 -16.95
CA ALA TA 339 -3.35 -78.36 -16.11
C ALA TA 339 -4.70 -78.46 -16.78
N ARG TA 340 -5.18 -77.36 -17.36
CA ARG TA 340 -6.56 -77.33 -17.86
C ARG TA 340 -6.72 -78.11 -19.14
N GLN TA 341 -5.70 -78.12 -20.00
CA GLN TA 341 -5.81 -78.98 -21.17
C GLN TA 341 -5.43 -80.42 -20.89
N PHE TA 342 -5.12 -80.76 -19.65
CA PHE TA 342 -5.15 -82.16 -19.25
C PHE TA 342 -6.46 -82.55 -18.60
N VAL TA 343 -7.00 -81.67 -17.76
CA VAL TA 343 -8.26 -81.95 -17.06
C VAL TA 343 -9.41 -82.04 -18.06
N ASP TA 344 -9.52 -81.05 -18.93
CA ASP TA 344 -10.55 -81.06 -19.96
C ASP TA 344 -10.31 -82.13 -21.01
N SER TA 345 -9.08 -82.62 -21.15
CA SER TA 345 -8.82 -83.80 -21.95
C SER TA 345 -9.02 -85.08 -21.18
N TYR TA 346 -9.24 -85.00 -19.88
CA TYR TA 346 -9.54 -86.19 -19.11
C TYR TA 346 -11.05 -86.37 -18.96
N TYR TA 347 -11.75 -85.29 -18.60
CA TYR TA 347 -13.20 -85.35 -18.43
C TYR TA 347 -13.92 -85.57 -19.75
N ARG TA 348 -13.28 -85.21 -20.87
CA ARG TA 348 -13.82 -85.61 -22.16
C ARG TA 348 -13.68 -87.11 -22.37
N THR TA 349 -12.67 -87.73 -21.76
CA THR TA 349 -12.43 -89.14 -21.97
C THR TA 349 -13.14 -90.00 -20.93
N TRP TA 350 -12.96 -89.70 -19.65
CA TRP TA 350 -13.43 -90.58 -18.59
C TRP TA 350 -14.64 -90.06 -17.84
N GLY TA 351 -15.03 -88.81 -18.05
CA GLY TA 351 -16.04 -88.22 -17.22
C GLY TA 351 -15.47 -87.83 -15.86
N GLY TA 352 -16.33 -87.31 -15.01
CA GLY TA 352 -15.85 -86.83 -13.74
C GLY TA 352 -16.48 -87.49 -12.54
N ARG TA 353 -16.76 -88.79 -12.64
CA ARG TA 353 -17.45 -89.49 -11.56
C ARG TA 353 -16.54 -90.38 -10.74
N TYR TA 354 -15.26 -90.47 -11.08
CA TYR TA 354 -14.37 -91.30 -10.28
C TYR TA 354 -13.15 -90.51 -9.82
N VAL TA 355 -12.70 -89.56 -10.64
CA VAL TA 355 -11.53 -88.76 -10.35
C VAL TA 355 -11.94 -87.30 -10.31
N GLN TA 356 -11.63 -86.61 -9.23
CA GLN TA 356 -11.90 -85.19 -9.10
C GLN TA 356 -10.56 -84.46 -9.00
N PHE TA 357 -10.36 -83.48 -9.88
CA PHE TA 357 -9.16 -82.65 -9.84
C PHE TA 357 -9.48 -81.38 -9.09
N ALA TA 358 -8.70 -81.10 -8.05
CA ALA TA 358 -8.89 -79.91 -7.24
C ALA TA 358 -7.70 -78.98 -7.50
N ILE TA 359 -7.83 -78.14 -8.52
CA ILE TA 359 -6.82 -77.11 -8.72
C ILE TA 359 -7.14 -75.95 -7.79
N GLU TA 360 -6.69 -76.07 -6.55
CA GLU TA 360 -6.94 -75.11 -5.49
C GLU TA 360 -5.67 -74.28 -5.41
N LEU TA 361 -5.77 -73.00 -5.74
CA LEU TA 361 -4.61 -72.16 -6.02
C LEU TA 361 -4.49 -71.08 -4.96
N LYS TA 362 -3.51 -71.23 -4.07
CA LYS TA 362 -3.28 -70.29 -2.99
C LYS TA 362 -1.80 -69.91 -2.95
N ASP TA 363 -1.46 -69.10 -1.95
CA ASP TA 363 -0.09 -68.64 -1.75
C ASP TA 363 0.72 -69.70 -1.03
N ASP TA 364 1.90 -69.31 -0.54
CA ASP TA 364 2.74 -70.20 0.24
C ASP TA 364 2.52 -69.94 1.74
#